data_7LFH
#
_entry.id   7LFH
#
_cell.length_a   1.00
_cell.length_b   1.00
_cell.length_c   1.00
_cell.angle_alpha   90.00
_cell.angle_beta   90.00
_cell.angle_gamma   90.00
#
_symmetry.space_group_name_H-M   'P 1'
#
_entity_poly.entity_id   1
_entity_poly.type   'polypeptide(L)'
_entity_poly.pdbx_seq_one_letter_code
;GRSAMTSVRCKLAQYLEDLEDVDLKKFKMHLEDYPPEKGCIPVPRGQMEKADHLDLATLMIDFNGEEKAWAMAVWIFAAI
NRRDLWEKAKKDQPEWNDTCTSHSSMVCQEDSLEEEWMGLLGYLSRISICKKKKDYCKMYRRHVRSRFYSIKDRNARLGE
SVDLNSRYTQLQLVKEHPSKQEREHELLTIGRTKMRDSPMSSLKLELLFEPEDGHSEPVHTVVFQGAAGIGKTILARKIM
LDWALGKLFKDKFDYLFFIHCREVSLRTPRSLADLIVSCWPDPNPPVCKILRKPSRILFLMDGFDELQGAFDEHIGEVCT
DWQKAVRGDILLSSLIRKKLLPKASLLITTRPVALEKLQHLLDHPRHVEILGFSEAKRKEYFFKYFSNELQAREAFRLIQ
ENEVLFTMCFIPLVCWIVCTGLKQQMETGKSLAQTSKTTTAVYVFFLSSLLQSRGGIEEHLFSDYLQGLCSLAADGIWNQ
KILFEECDLRKHGLQKTDVSAFLRMNVFQKEVDCERFYSFSHMTFQEFFAAMYYLLEEEAEGETVRKGPGGCSDLLNRDV
KVLLENYGKFEKGYLIFVVRFLFGLVNQERTSYLEKKLSCKISQQVRLELLKWIEVKAKAKKLQWQPSQLELFYCLYEMQ
EEDFVQSAMDHFPKIEINLSTRMDHVVSSFCIKNCHRVKTLSLGFFHNSPKEEEEERRGGRPLDQVQCVFPDTHVACSSR
LVNCCLTSSFCRGLFSSLSTNRSLTELDLSDNTLGDPGMRVLCEALQHPGCNIQRLWLGRCGLSHQCCFDISSVLSSSQK
LVELDLSDNALGDFGIRLLCVGLKHLLCNLQKLWLVSCCLTSACCQDLALVLSSNHSLTRLYIGENALGDSGVQVLCEKM
KDPQCNLQKLGLVNSGLTSICCSALTSVLKTNQNFTHLYLRSNALGDTGLRLLCEGLLHPDCKLQMLELDNCSLTSHSCW
NLSTILTHNHSLRKLNLGNNDLGDLCVVTLCEVLKQQGCLLQSLQLGEMYLNRETKRALEALQEEKPELTIVFEISW
;
_entity_poly.pdbx_strand_id   A,B,C,D,E,F,G,H,I,J,K,L
#
# COMPACT_ATOMS: atom_id res chain seq x y z
N ASP A 135 1.41 -4.80 -50.79
CA ASP A 135 1.66 -6.01 -51.56
C ASP A 135 1.63 -5.73 -53.06
N TYR A 136 0.45 -5.39 -53.58
CA TYR A 136 0.34 -5.01 -54.98
C TYR A 136 1.08 -3.72 -55.30
N CYS A 137 1.39 -2.91 -54.30
CA CYS A 137 1.96 -1.59 -54.56
C CYS A 137 3.29 -1.71 -55.30
N LYS A 138 4.15 -2.61 -54.82
CA LYS A 138 5.54 -2.65 -55.26
C LYS A 138 5.73 -2.96 -56.75
N MET A 139 5.03 -3.98 -57.29
CA MET A 139 5.30 -4.34 -58.68
C MET A 139 4.85 -3.24 -59.63
N TYR A 140 3.72 -2.60 -59.33
CA TYR A 140 3.30 -1.52 -60.21
C TYR A 140 4.05 -0.22 -59.94
N ARG A 141 4.58 -0.01 -58.73
CA ARG A 141 5.44 1.16 -58.60
C ARG A 141 6.70 0.97 -59.43
N ARG A 142 7.09 -0.29 -59.69
CA ARG A 142 8.23 -0.46 -60.58
C ARG A 142 7.77 -0.36 -62.03
N HIS A 143 6.54 -0.76 -62.31
CA HIS A 143 6.01 -0.62 -63.66
C HIS A 143 5.94 0.86 -64.04
N VAL A 144 5.47 1.69 -63.12
CA VAL A 144 5.39 3.13 -63.41
C VAL A 144 6.79 3.74 -63.46
N ARG A 145 7.74 3.22 -62.67
CA ARG A 145 9.12 3.68 -62.79
C ARG A 145 9.67 3.40 -64.18
N SER A 146 9.44 2.18 -64.68
CA SER A 146 9.90 1.84 -66.02
C SER A 146 9.21 2.70 -67.06
N ARG A 147 7.94 3.02 -66.83
CA ARG A 147 7.19 3.81 -67.80
C ARG A 147 7.74 5.23 -67.89
N PHE A 148 7.96 5.87 -66.74
CA PHE A 148 8.28 7.29 -66.70
C PHE A 148 9.77 7.59 -66.56
N TYR A 149 10.64 6.58 -66.43
CA TYR A 149 12.07 6.84 -66.47
C TYR A 149 12.54 7.05 -67.91
N SER A 150 12.03 6.24 -68.84
CA SER A 150 12.49 6.29 -70.22
C SER A 150 11.94 7.48 -70.99
N ILE A 151 10.86 8.10 -70.51
CA ILE A 151 10.26 9.21 -71.25
C ILE A 151 11.18 10.42 -71.20
N LYS A 152 11.39 11.03 -72.35
CA LYS A 152 12.29 12.17 -72.47
C LYS A 152 11.69 13.26 -73.36
N ASP A 163 14.38 9.31 -69.80
CA ASP A 163 15.19 10.39 -69.27
C ASP A 163 14.33 11.41 -68.55
N LEU A 164 14.57 12.70 -68.85
CA LEU A 164 13.82 13.82 -68.28
C LEU A 164 14.02 13.93 -66.77
N ASN A 165 14.90 13.09 -66.22
CA ASN A 165 15.21 13.17 -64.80
C ASN A 165 16.20 14.29 -64.51
N SER A 166 17.37 14.25 -65.18
CA SER A 166 18.32 15.34 -65.15
C SER A 166 18.06 16.37 -66.25
N ARG A 167 16.82 16.46 -66.73
CA ARG A 167 16.46 17.34 -67.82
C ARG A 167 15.25 18.19 -67.44
N TYR A 168 15.09 18.46 -66.14
CA TYR A 168 13.91 19.12 -65.59
C TYR A 168 14.30 20.28 -64.70
N THR A 169 13.59 21.40 -64.84
CA THR A 169 13.69 22.54 -63.95
C THR A 169 12.31 22.85 -63.40
N GLN A 170 12.25 23.14 -62.11
CA GLN A 170 10.98 23.30 -61.43
C GLN A 170 10.17 24.46 -62.00
N LEU A 171 8.89 24.19 -62.24
CA LEU A 171 7.95 25.22 -62.66
C LEU A 171 7.26 25.78 -61.43
N GLN A 172 6.46 26.82 -61.62
CA GLN A 172 5.89 27.55 -60.49
C GLN A 172 4.45 27.15 -60.25
N LEU A 173 4.13 26.82 -58.99
CA LEU A 173 2.76 26.56 -58.57
C LEU A 173 2.27 27.76 -57.77
N VAL A 174 1.10 28.27 -58.14
CA VAL A 174 0.58 29.50 -57.54
C VAL A 174 -0.89 29.33 -57.21
N LYS A 175 -1.27 29.65 -55.97
CA LYS A 175 -2.67 29.89 -55.63
C LYS A 175 -2.74 31.20 -54.87
N GLU A 176 -3.24 32.25 -55.52
CA GLU A 176 -3.33 33.54 -54.85
C GLU A 176 -4.60 33.63 -54.01
N HIS A 177 -5.76 33.56 -54.67
CA HIS A 177 -7.06 33.70 -54.03
C HIS A 177 -7.12 34.90 -53.08
N PRO A 178 -6.92 36.13 -53.60
CA PRO A 178 -6.89 37.33 -52.77
C PRO A 178 -8.27 37.95 -52.57
N LEU A 203 4.39 27.08 -55.46
CA LEU A 203 4.06 26.65 -54.10
C LEU A 203 4.92 25.47 -53.67
N LYS A 204 4.35 24.60 -52.84
CA LYS A 204 5.04 23.43 -52.32
C LYS A 204 4.19 22.20 -52.59
N LEU A 205 4.62 21.37 -53.54
CA LEU A 205 3.90 20.13 -53.82
C LEU A 205 3.87 19.22 -52.61
N GLU A 206 4.88 19.31 -51.75
CA GLU A 206 4.84 18.60 -50.47
C GLU A 206 3.68 19.11 -49.64
N LEU A 207 2.92 18.16 -49.07
CA LEU A 207 1.72 18.47 -48.29
C LEU A 207 0.78 19.36 -49.09
N LEU A 208 0.60 19.01 -50.37
CA LEU A 208 -0.29 19.80 -51.23
C LEU A 208 -1.73 19.72 -50.76
N PHE A 209 -2.10 18.66 -50.05
CA PHE A 209 -3.50 18.36 -49.76
C PHE A 209 -3.82 18.52 -48.29
N GLU A 210 -3.38 19.61 -47.68
CA GLU A 210 -3.84 19.90 -46.33
C GLU A 210 -5.36 20.05 -46.34
N PRO A 211 -6.09 19.26 -45.54
CA PRO A 211 -7.50 19.56 -45.30
C PRO A 211 -7.68 20.49 -44.12
N GLU A 212 -6.59 21.16 -43.73
CA GLU A 212 -6.57 21.99 -42.54
C GLU A 212 -7.70 23.01 -42.56
N ASP A 213 -8.16 23.39 -41.37
CA ASP A 213 -9.36 24.22 -41.26
C ASP A 213 -9.02 25.70 -41.26
N GLY A 214 -8.24 26.13 -42.24
CA GLY A 214 -8.08 27.55 -42.51
C GLY A 214 -9.13 28.04 -43.48
N HIS A 215 -9.10 27.47 -44.69
CA HIS A 215 -10.14 27.72 -45.68
C HIS A 215 -10.49 26.48 -46.49
N SER A 216 -9.97 25.31 -46.14
CA SER A 216 -10.06 24.12 -46.97
C SER A 216 -10.46 22.90 -46.13
N GLU A 217 -11.52 23.04 -45.33
CA GLU A 217 -11.92 21.98 -44.41
C GLU A 217 -12.33 20.70 -45.14
N PRO A 218 -13.38 20.70 -45.97
CA PRO A 218 -13.86 19.45 -46.56
C PRO A 218 -13.32 19.13 -47.94
N VAL A 219 -12.29 19.83 -48.41
CA VAL A 219 -11.88 19.70 -49.80
C VAL A 219 -11.21 18.35 -50.03
N HIS A 220 -11.32 17.85 -51.27
CA HIS A 220 -10.67 16.61 -51.67
C HIS A 220 -9.93 16.69 -53.00
N THR A 221 -9.87 17.84 -53.66
CA THR A 221 -9.38 17.86 -55.03
C THR A 221 -8.76 19.20 -55.40
N VAL A 222 -7.81 19.13 -56.34
CA VAL A 222 -7.14 20.28 -56.92
C VAL A 222 -7.12 20.16 -58.44
N VAL A 223 -7.16 21.33 -59.10
CA VAL A 223 -7.09 21.42 -60.55
C VAL A 223 -5.81 22.17 -60.90
N PHE A 224 -5.04 21.62 -61.82
CA PHE A 224 -3.83 22.27 -62.30
C PHE A 224 -4.20 23.17 -63.48
N GLN A 225 -3.71 24.40 -63.46
CA GLN A 225 -3.90 25.32 -64.56
C GLN A 225 -2.57 25.96 -64.92
N GLY A 226 -2.61 26.88 -65.88
CA GLY A 226 -1.41 27.60 -66.27
C GLY A 226 -1.56 28.18 -67.66
N ALA A 227 -0.42 28.56 -68.23
CA ALA A 227 -0.41 29.15 -69.57
C ALA A 227 -0.67 28.08 -70.62
N ALA A 228 -1.05 28.54 -71.82
CA ALA A 228 -1.45 27.63 -72.89
C ALA A 228 -0.30 26.74 -73.31
N GLY A 229 -0.43 25.43 -73.09
CA GLY A 229 0.56 24.47 -73.57
C GLY A 229 1.82 24.38 -72.74
N ILE A 230 1.70 23.95 -71.48
CA ILE A 230 2.86 23.70 -70.64
C ILE A 230 3.43 22.29 -70.82
N GLY A 231 2.77 21.44 -71.59
CA GLY A 231 3.11 20.03 -71.59
C GLY A 231 2.57 19.33 -70.37
N LYS A 232 1.59 19.95 -69.72
CA LYS A 232 1.09 19.66 -68.37
C LYS A 232 1.12 18.18 -67.98
N THR A 233 0.78 17.32 -68.94
CA THR A 233 0.94 15.88 -68.72
C THR A 233 2.36 15.56 -68.28
N ILE A 234 3.35 16.33 -68.74
CA ILE A 234 4.73 16.08 -68.31
C ILE A 234 4.85 16.30 -66.81
N LEU A 235 4.20 17.34 -66.29
CA LEU A 235 4.27 17.60 -64.85
C LEU A 235 3.52 16.53 -64.08
N ALA A 236 2.40 16.06 -64.62
CA ALA A 236 1.72 14.94 -63.99
C ALA A 236 2.64 13.73 -63.91
N ARG A 237 3.37 13.45 -65.00
CA ARG A 237 4.30 12.33 -65.01
C ARG A 237 5.44 12.55 -64.01
N LYS A 238 5.92 13.80 -63.89
CA LYS A 238 6.96 14.06 -62.91
C LYS A 238 6.49 13.80 -61.49
N ILE A 239 5.27 14.22 -61.16
CA ILE A 239 4.74 13.94 -59.82
C ILE A 239 4.61 12.42 -59.61
N MET A 240 4.09 11.72 -60.62
CA MET A 240 3.94 10.27 -60.53
C MET A 240 5.27 9.60 -60.27
N LEU A 241 6.28 9.92 -61.07
CA LEU A 241 7.59 9.30 -60.92
C LEU A 241 8.24 9.71 -59.60
N ASP A 242 8.02 10.94 -59.17
CA ASP A 242 8.61 11.38 -57.90
C ASP A 242 8.07 10.56 -56.75
N TRP A 243 6.75 10.30 -56.74
CA TRP A 243 6.25 9.40 -55.69
C TRP A 243 6.79 8.00 -55.88
N ALA A 244 6.80 7.49 -57.11
CA ALA A 244 7.24 6.13 -57.36
C ALA A 244 8.66 5.89 -56.86
N LEU A 245 9.54 6.87 -57.06
CA LEU A 245 10.89 6.80 -56.52
C LEU A 245 10.95 7.19 -55.05
N GLY A 246 9.90 7.78 -54.50
CA GLY A 246 9.95 8.25 -53.13
C GLY A 246 10.50 9.66 -53.05
N LYS A 247 11.81 9.79 -52.79
CA LYS A 247 12.49 11.08 -52.70
C LYS A 247 11.87 11.94 -51.60
N LEU A 248 11.98 11.44 -50.37
CA LEU A 248 11.47 12.08 -49.16
C LEU A 248 9.95 12.25 -49.19
N PHE A 249 9.26 11.47 -50.00
CA PHE A 249 7.80 11.50 -50.06
C PHE A 249 7.24 10.69 -48.92
N LYS A 250 6.83 11.36 -47.84
CA LYS A 250 6.02 10.69 -46.84
C LYS A 250 4.74 10.19 -47.48
N ASP A 251 4.58 8.87 -47.49
CA ASP A 251 3.49 8.26 -48.25
C ASP A 251 2.16 8.48 -47.55
N LYS A 252 1.51 9.60 -47.85
CA LYS A 252 0.12 9.79 -47.45
C LYS A 252 -0.83 8.86 -48.18
N PHE A 253 -0.38 8.18 -49.23
CA PHE A 253 -1.24 7.40 -50.10
C PHE A 253 -0.55 6.09 -50.45
N ASP A 254 -1.35 5.07 -50.71
CA ASP A 254 -0.84 3.76 -51.11
C ASP A 254 -0.78 3.60 -52.61
N TYR A 255 -1.56 4.37 -53.36
CA TYR A 255 -1.54 4.28 -54.81
C TYR A 255 -1.90 5.63 -55.41
N LEU A 256 -1.15 6.02 -56.43
CA LEU A 256 -1.49 7.14 -57.29
C LEU A 256 -1.54 6.57 -58.70
N PHE A 257 -2.72 6.60 -59.31
CA PHE A 257 -2.91 5.99 -60.61
C PHE A 257 -2.89 7.05 -61.69
N PHE A 258 -2.04 6.86 -62.68
CA PHE A 258 -1.96 7.75 -63.82
C PHE A 258 -2.98 7.31 -64.85
N ILE A 259 -3.99 8.13 -65.08
CA ILE A 259 -5.00 7.88 -66.09
C ILE A 259 -4.63 8.69 -67.31
N HIS A 260 -4.45 8.02 -68.44
CA HIS A 260 -4.15 8.70 -69.69
C HIS A 260 -5.46 8.77 -70.47
N CYS A 261 -6.28 9.75 -70.09
CA CYS A 261 -7.61 9.91 -70.65
C CYS A 261 -7.59 10.09 -72.15
N ARG A 262 -6.44 10.50 -72.70
CA ARG A 262 -6.27 10.56 -74.14
C ARG A 262 -6.55 9.19 -74.77
N GLU A 263 -6.36 8.11 -74.01
CA GLU A 263 -6.81 6.78 -74.40
C GLU A 263 -8.19 6.41 -73.84
N VAL A 264 -8.53 6.86 -72.63
CA VAL A 264 -9.76 6.43 -71.98
C VAL A 264 -10.94 7.11 -72.67
N SER A 265 -10.64 7.98 -73.63
CA SER A 265 -11.61 8.81 -74.34
C SER A 265 -12.72 8.01 -75.01
N LEU A 266 -12.62 6.69 -75.07
CA LEU A 266 -13.59 5.86 -75.76
C LEU A 266 -14.95 5.88 -75.07
N ARG A 267 -15.98 5.56 -75.86
CA ARG A 267 -17.37 5.50 -75.44
C ARG A 267 -17.72 4.19 -74.76
N THR A 268 -16.78 3.24 -74.70
CA THR A 268 -17.06 1.93 -74.16
C THR A 268 -17.35 2.01 -72.65
N PRO A 269 -18.40 1.33 -72.16
CA PRO A 269 -18.67 1.35 -70.73
C PRO A 269 -17.67 0.47 -70.01
N ARG A 270 -16.75 1.06 -69.25
CA ARG A 270 -15.69 0.31 -68.60
C ARG A 270 -15.75 0.48 -67.09
N SER A 271 -15.47 -0.60 -66.38
CA SER A 271 -15.45 -0.63 -64.92
C SER A 271 -14.15 0.01 -64.42
N LEU A 272 -13.86 -0.18 -63.14
CA LEU A 272 -12.58 0.22 -62.60
C LEU A 272 -11.45 -0.36 -63.45
N ALA A 273 -10.62 0.53 -63.99
CA ALA A 273 -9.63 0.17 -65.00
C ALA A 273 -8.26 0.53 -64.46
N ASP A 274 -7.70 -0.39 -63.66
CA ASP A 274 -6.35 -0.25 -63.15
C ASP A 274 -5.32 -0.99 -63.99
N LEU A 275 -5.76 -1.89 -64.87
CA LEU A 275 -4.86 -2.46 -65.86
C LEU A 275 -4.72 -1.54 -67.06
N ILE A 276 -3.52 -1.45 -67.61
CA ILE A 276 -3.24 -0.65 -68.80
C ILE A 276 -2.64 -1.50 -69.92
N VAL A 277 -1.60 -2.28 -69.59
CA VAL A 277 -0.93 -3.12 -70.58
C VAL A 277 -1.62 -4.47 -70.75
N SER A 278 -2.76 -4.67 -70.08
CA SER A 278 -3.49 -5.94 -70.10
C SER A 278 -2.62 -7.08 -69.59
N CYS A 279 -1.98 -6.84 -68.45
CA CYS A 279 -1.19 -7.85 -67.76
C CYS A 279 -2.14 -8.77 -67.00
N TRP A 280 -1.60 -9.60 -66.11
CA TRP A 280 -2.46 -10.42 -65.27
C TRP A 280 -3.31 -9.52 -64.37
N PRO A 281 -4.57 -9.87 -64.14
CA PRO A 281 -5.50 -8.92 -63.51
C PRO A 281 -5.01 -8.48 -62.14
N ASP A 282 -5.19 -7.19 -61.84
CA ASP A 282 -4.85 -6.70 -60.53
C ASP A 282 -5.80 -7.29 -59.48
N PRO A 283 -5.37 -7.33 -58.21
CA PRO A 283 -6.24 -7.87 -57.16
C PRO A 283 -7.44 -6.99 -56.89
N ASN A 284 -8.31 -6.81 -57.89
CA ASN A 284 -9.32 -5.77 -57.83
C ASN A 284 -10.26 -5.89 -56.63
N PRO A 285 -10.80 -7.06 -56.27
CA PRO A 285 -11.66 -7.14 -55.07
C PRO A 285 -10.93 -6.82 -53.78
N PRO A 286 -9.75 -7.41 -53.49
CA PRO A 286 -9.01 -6.94 -52.30
C PRO A 286 -8.57 -5.48 -52.36
N VAL A 287 -8.33 -4.93 -53.55
CA VAL A 287 -8.14 -3.48 -53.68
C VAL A 287 -9.38 -2.73 -53.23
N CYS A 288 -10.56 -3.21 -53.60
CA CYS A 288 -11.80 -2.63 -53.08
C CYS A 288 -11.92 -2.83 -51.57
N LYS A 289 -11.38 -3.91 -51.04
CA LYS A 289 -11.43 -4.17 -49.60
C LYS A 289 -10.43 -3.35 -48.81
N ILE A 290 -9.34 -2.88 -49.43
CA ILE A 290 -8.38 -2.03 -48.76
C ILE A 290 -8.78 -0.57 -48.98
N LEU A 291 -10.02 -0.36 -49.42
CA LEU A 291 -10.59 0.98 -49.54
C LEU A 291 -11.19 1.47 -48.23
N ARG A 292 -12.10 0.69 -47.64
CA ARG A 292 -13.01 1.22 -46.62
C ARG A 292 -12.26 1.91 -45.49
N LYS A 293 -11.30 1.23 -44.88
CA LYS A 293 -10.58 1.90 -43.80
C LYS A 293 -9.57 2.90 -44.35
N PRO A 294 -8.59 2.49 -45.19
CA PRO A 294 -7.61 3.48 -45.69
C PRO A 294 -8.04 4.15 -46.99
N SER A 295 -8.17 5.48 -46.98
CA SER A 295 -8.41 6.24 -48.21
C SER A 295 -7.10 6.61 -48.88
N ARG A 296 -6.22 5.61 -49.02
CA ARG A 296 -4.87 5.78 -49.54
C ARG A 296 -4.78 5.41 -51.01
N ILE A 297 -5.91 5.35 -51.70
CA ILE A 297 -5.96 5.25 -53.15
C ILE A 297 -6.17 6.63 -53.73
N LEU A 298 -5.44 6.95 -54.80
CA LEU A 298 -5.63 8.19 -55.52
C LEU A 298 -5.43 7.94 -57.01
N PHE A 299 -6.16 8.71 -57.81
CA PHE A 299 -6.19 8.56 -59.26
C PHE A 299 -5.73 9.90 -59.84
N LEU A 300 -4.48 9.95 -60.30
CA LEU A 300 -4.02 11.10 -61.08
C LEU A 300 -4.52 10.93 -62.50
N MET A 301 -5.72 11.44 -62.76
CA MET A 301 -6.26 11.49 -64.11
C MET A 301 -5.83 12.76 -64.81
N ASP A 302 -5.49 12.61 -66.09
CA ASP A 302 -4.90 13.68 -66.89
C ASP A 302 -5.52 13.68 -68.27
N GLY A 303 -5.32 14.77 -68.98
CA GLY A 303 -5.92 14.97 -70.30
C GLY A 303 -7.43 15.04 -70.31
N PHE A 304 -8.01 15.80 -69.37
CA PHE A 304 -9.47 15.89 -69.30
C PHE A 304 -10.00 16.53 -70.57
N ASP A 305 -9.18 17.35 -71.22
CA ASP A 305 -9.54 18.05 -72.44
C ASP A 305 -9.95 17.07 -73.52
N GLU A 306 -9.46 15.83 -73.43
CA GLU A 306 -9.66 14.82 -74.46
C GLU A 306 -10.76 13.83 -74.11
N LEU A 307 -11.62 14.15 -73.14
CA LEU A 307 -12.85 13.35 -73.01
C LEU A 307 -13.79 13.65 -74.16
N GLN A 308 -13.79 12.77 -75.16
CA GLN A 308 -14.48 13.02 -76.42
C GLN A 308 -15.88 12.43 -76.31
N GLY A 309 -16.57 12.30 -77.44
CA GLY A 309 -17.97 11.91 -77.40
C GLY A 309 -18.93 12.79 -78.16
N ALA A 310 -19.79 13.50 -77.43
CA ALA A 310 -20.68 14.49 -78.03
C ALA A 310 -20.70 15.79 -77.21
N PHE A 311 -19.58 16.15 -76.59
CA PHE A 311 -19.47 17.26 -75.64
C PHE A 311 -20.55 17.19 -74.56
N ASP A 312 -20.78 15.99 -74.04
CA ASP A 312 -21.82 15.72 -73.05
C ASP A 312 -21.15 15.37 -71.74
N GLU A 313 -20.83 16.40 -70.95
CA GLU A 313 -20.26 16.17 -69.62
C GLU A 313 -21.08 16.88 -68.55
N HIS A 314 -22.40 16.86 -68.70
CA HIS A 314 -23.30 17.49 -67.76
C HIS A 314 -23.49 16.57 -66.55
N ILE A 315 -24.49 16.88 -65.70
CA ILE A 315 -24.72 16.09 -64.51
C ILE A 315 -25.11 14.67 -64.90
N GLY A 316 -24.51 13.68 -64.25
CA GLY A 316 -24.74 12.30 -64.63
C GLY A 316 -26.18 11.88 -64.35
N GLU A 317 -26.80 11.24 -65.35
CA GLU A 317 -28.16 10.76 -65.18
C GLU A 317 -28.26 9.61 -64.17
N VAL A 318 -27.32 8.67 -64.21
CA VAL A 318 -27.36 7.48 -63.39
C VAL A 318 -26.03 7.31 -62.68
N CYS A 319 -26.09 6.99 -61.39
CA CYS A 319 -24.91 6.74 -60.57
C CYS A 319 -24.37 5.32 -60.81
N THR A 320 -23.32 4.97 -60.06
CA THR A 320 -22.68 3.68 -60.17
C THR A 320 -22.52 3.07 -58.78
N ASP A 321 -22.17 1.79 -58.75
CA ASP A 321 -21.97 1.07 -57.51
C ASP A 321 -20.64 1.44 -56.87
N TRP A 322 -20.59 1.32 -55.54
CA TRP A 322 -19.37 1.66 -54.81
C TRP A 322 -18.24 0.66 -55.09
N GLN A 323 -18.60 -0.60 -55.35
CA GLN A 323 -17.58 -1.61 -55.67
C GLN A 323 -16.85 -1.28 -56.96
N LYS A 324 -17.49 -0.52 -57.86
CA LYS A 324 -16.92 -0.07 -59.12
C LYS A 324 -16.59 -1.25 -60.04
N ALA A 325 -16.95 -2.46 -59.62
CA ALA A 325 -16.75 -3.64 -60.45
C ALA A 325 -17.72 -3.68 -61.63
N VAL A 326 -18.74 -2.84 -61.63
CA VAL A 326 -19.69 -2.77 -62.74
C VAL A 326 -19.04 -2.02 -63.90
N ARG A 327 -19.14 -2.61 -65.10
CA ARG A 327 -18.55 -2.02 -66.29
C ARG A 327 -19.45 -0.92 -66.86
N GLY A 328 -19.83 0.04 -66.03
CA GLY A 328 -20.67 1.12 -66.49
C GLY A 328 -19.91 2.11 -67.36
N ASP A 329 -20.68 2.98 -68.01
CA ASP A 329 -20.09 4.03 -68.81
C ASP A 329 -19.28 4.98 -67.92
N ILE A 330 -18.09 5.35 -68.39
CA ILE A 330 -17.30 6.34 -67.66
C ILE A 330 -18.05 7.64 -67.52
N LEU A 331 -18.93 7.95 -68.48
CA LEU A 331 -19.85 9.07 -68.30
C LEU A 331 -20.81 8.82 -67.15
N LEU A 332 -21.31 7.59 -67.01
CA LEU A 332 -22.30 7.27 -66.01
C LEU A 332 -21.74 6.56 -64.78
N SER A 333 -20.47 6.14 -64.81
CA SER A 333 -19.85 5.51 -63.65
C SER A 333 -18.70 6.33 -63.10
N SER A 334 -17.74 6.70 -63.95
CA SER A 334 -16.57 7.43 -63.47
C SER A 334 -16.94 8.85 -63.06
N LEU A 335 -17.70 9.55 -63.91
CA LEU A 335 -18.01 10.95 -63.62
C LEU A 335 -18.78 11.06 -62.31
N ILE A 336 -19.77 10.19 -62.10
CA ILE A 336 -20.50 10.22 -60.84
C ILE A 336 -19.61 9.78 -59.69
N ARG A 337 -18.67 8.87 -59.93
CA ARG A 337 -17.70 8.54 -58.88
C ARG A 337 -16.93 9.79 -58.45
N LYS A 338 -16.53 10.62 -59.40
CA LYS A 338 -15.99 11.94 -59.05
C LYS A 338 -17.03 12.80 -58.33
N LYS A 339 -18.28 12.75 -58.78
CA LYS A 339 -19.30 13.67 -58.29
C LYS A 339 -19.65 13.41 -56.83
N LEU A 340 -20.14 12.22 -56.53
CA LEU A 340 -20.61 11.86 -55.21
C LEU A 340 -19.94 10.57 -54.78
N LEU A 341 -19.76 10.43 -53.47
CA LEU A 341 -19.04 9.30 -52.87
C LEU A 341 -17.72 9.04 -53.58
N PRO A 342 -16.84 10.05 -53.69
CA PRO A 342 -15.54 9.77 -54.32
C PRO A 342 -14.62 8.98 -53.41
N LYS A 343 -14.57 9.34 -52.13
CA LYS A 343 -13.81 8.64 -51.08
C LYS A 343 -12.30 8.75 -51.28
N ALA A 344 -11.84 9.36 -52.37
CA ALA A 344 -10.40 9.48 -52.63
C ALA A 344 -10.10 10.88 -53.12
N SER A 345 -8.82 11.25 -53.03
CA SER A 345 -8.41 12.59 -53.43
C SER A 345 -8.51 12.70 -54.95
N LEU A 346 -8.22 13.88 -55.48
CA LEU A 346 -8.41 14.06 -56.91
C LEU A 346 -7.57 15.24 -57.40
N LEU A 347 -6.90 15.04 -58.54
CA LEU A 347 -6.10 16.09 -59.16
C LEU A 347 -6.34 16.01 -60.66
N ILE A 348 -6.90 17.07 -61.25
CA ILE A 348 -7.18 17.06 -62.68
C ILE A 348 -6.46 18.19 -63.40
N THR A 349 -6.05 17.90 -64.63
CA THR A 349 -5.21 18.78 -65.43
C THR A 349 -5.93 19.07 -66.74
N THR A 350 -6.05 20.36 -67.09
CA THR A 350 -6.77 20.80 -68.27
C THR A 350 -6.59 22.31 -68.40
N ARG A 351 -6.94 22.85 -69.59
CA ARG A 351 -6.80 24.31 -69.68
C ARG A 351 -8.13 25.02 -69.40
N PRO A 352 -8.07 26.32 -69.00
CA PRO A 352 -9.29 27.05 -68.61
C PRO A 352 -10.26 27.44 -69.72
N VAL A 353 -10.07 26.90 -70.92
CA VAL A 353 -10.95 27.16 -72.06
C VAL A 353 -12.46 26.98 -71.80
N ALA A 354 -12.88 25.75 -71.54
CA ALA A 354 -14.30 25.41 -71.46
C ALA A 354 -14.53 24.32 -70.43
N LEU A 355 -14.02 24.52 -69.22
CA LEU A 355 -14.16 23.51 -68.18
C LEU A 355 -15.39 23.65 -67.30
N GLU A 356 -16.02 24.82 -67.23
CA GLU A 356 -17.05 25.07 -66.22
C GLU A 356 -18.11 23.96 -66.12
N LYS A 357 -18.29 23.14 -67.17
CA LYS A 357 -19.10 21.93 -67.10
C LYS A 357 -18.86 21.10 -65.84
N LEU A 358 -17.60 20.99 -65.43
CA LEU A 358 -17.16 20.21 -64.30
C LEU A 358 -17.10 21.04 -63.02
N GLN A 359 -17.21 22.36 -63.14
CA GLN A 359 -17.12 23.26 -62.00
C GLN A 359 -18.47 23.77 -61.54
N HIS A 360 -19.39 24.06 -62.47
CA HIS A 360 -20.79 24.15 -62.05
C HIS A 360 -21.28 22.81 -61.53
N LEU A 361 -20.68 21.73 -62.03
CA LEU A 361 -20.68 20.46 -61.31
C LEU A 361 -19.98 20.63 -59.98
N LEU A 362 -20.72 20.40 -58.89
CA LEU A 362 -20.18 20.67 -57.56
C LEU A 362 -19.04 19.73 -57.24
N ASP A 363 -17.90 20.32 -56.83
CA ASP A 363 -16.72 19.57 -56.43
C ASP A 363 -16.09 20.09 -55.15
N HIS A 364 -16.32 21.34 -54.76
CA HIS A 364 -15.56 22.00 -53.70
C HIS A 364 -14.07 21.82 -53.95
N PRO A 365 -13.55 22.21 -55.13
CA PRO A 365 -12.12 22.02 -55.40
C PRO A 365 -11.27 23.22 -55.04
N ARG A 366 -9.96 23.10 -55.25
CA ARG A 366 -9.10 24.25 -55.41
C ARG A 366 -8.54 24.25 -56.84
N HIS A 367 -7.80 25.30 -57.15
CA HIS A 367 -7.11 25.40 -58.43
C HIS A 367 -5.72 25.95 -58.18
N VAL A 368 -4.76 25.49 -58.97
CA VAL A 368 -3.39 26.01 -58.89
C VAL A 368 -2.88 26.24 -60.30
N GLU A 369 -2.20 27.37 -60.49
CA GLU A 369 -1.63 27.73 -61.78
C GLU A 369 -0.19 27.26 -61.86
N ILE A 370 0.20 26.82 -63.05
CA ILE A 370 1.57 26.42 -63.34
C ILE A 370 2.19 27.48 -64.25
N LEU A 371 3.43 27.87 -63.92
CA LEU A 371 4.13 28.91 -64.63
C LEU A 371 5.45 28.35 -65.15
N GLY A 372 5.77 28.69 -66.40
CA GLY A 372 6.92 28.12 -67.06
C GLY A 372 8.25 28.74 -66.71
N PHE A 373 9.09 28.91 -67.72
CA PHE A 373 10.51 29.22 -67.51
C PHE A 373 10.70 30.70 -67.19
N SER A 374 11.13 30.99 -65.97
CA SER A 374 11.72 32.28 -65.68
C SER A 374 13.13 32.31 -66.25
N GLU A 375 13.75 33.49 -66.22
CA GLU A 375 15.04 33.66 -66.88
C GLU A 375 16.09 32.71 -66.31
N ALA A 376 16.27 32.73 -64.98
CA ALA A 376 17.38 32.01 -64.37
C ALA A 376 17.24 30.50 -64.54
N LYS A 377 16.08 29.94 -64.20
CA LYS A 377 15.99 28.49 -64.33
C LYS A 377 15.68 28.05 -65.76
N ARG A 378 15.28 28.98 -66.63
CA ARG A 378 15.33 28.70 -68.06
C ARG A 378 16.77 28.54 -68.53
N LYS A 379 17.69 29.39 -68.03
CA LYS A 379 19.10 29.20 -68.30
C LYS A 379 19.58 27.87 -67.74
N GLU A 380 19.09 27.50 -66.55
CA GLU A 380 19.43 26.20 -65.97
C GLU A 380 18.95 25.06 -66.87
N TYR A 381 17.73 25.17 -67.40
CA TYR A 381 17.21 24.16 -68.31
C TYR A 381 18.05 24.09 -69.58
N PHE A 382 18.49 25.25 -70.08
CA PHE A 382 19.33 25.27 -71.27
C PHE A 382 20.66 24.57 -71.00
N PHE A 383 21.23 24.81 -69.82
CA PHE A 383 22.47 24.13 -69.44
C PHE A 383 22.25 22.63 -69.31
N LYS A 384 21.12 22.21 -68.73
CA LYS A 384 20.89 20.79 -68.52
C LYS A 384 20.58 20.06 -69.82
N TYR A 385 19.89 20.73 -70.74
CA TYR A 385 19.56 20.10 -72.02
C TYR A 385 20.79 20.05 -72.92
N PHE A 386 21.36 21.22 -73.23
CA PHE A 386 22.57 21.25 -74.02
C PHE A 386 23.71 20.59 -73.24
N SER A 387 24.77 20.22 -73.97
CA SER A 387 26.00 19.87 -73.29
C SER A 387 26.58 21.12 -72.64
N ASN A 388 27.37 20.92 -71.59
CA ASN A 388 27.78 22.05 -70.76
C ASN A 388 28.70 23.01 -71.49
N GLU A 389 29.20 22.64 -72.67
CA GLU A 389 30.13 23.51 -73.41
C GLU A 389 29.80 23.69 -74.88
N LEU A 390 29.07 22.77 -75.53
CA LEU A 390 28.90 22.88 -76.97
C LEU A 390 27.98 24.05 -77.35
N GLN A 391 26.81 24.15 -76.71
CA GLN A 391 25.88 25.21 -77.05
C GLN A 391 25.20 25.80 -75.81
N ALA A 392 25.79 25.63 -74.63
CA ALA A 392 25.10 26.01 -73.40
C ALA A 392 24.96 27.53 -73.27
N ARG A 393 25.96 28.29 -73.73
CA ARG A 393 25.95 29.74 -73.52
C ARG A 393 25.70 30.57 -74.77
N GLU A 394 26.45 30.35 -75.85
CA GLU A 394 26.38 31.28 -76.99
C GLU A 394 24.99 31.31 -77.62
N ALA A 395 24.35 30.16 -77.80
CA ALA A 395 22.98 30.13 -78.28
C ALA A 395 22.03 30.81 -77.30
N PHE A 396 22.19 30.52 -76.01
CA PHE A 396 21.37 31.17 -75.00
C PHE A 396 21.45 32.69 -75.12
N ARG A 397 22.67 33.23 -75.17
CA ARG A 397 22.82 34.68 -75.17
C ARG A 397 22.41 35.30 -76.51
N LEU A 398 22.61 34.59 -77.63
CA LEU A 398 22.17 35.16 -78.89
C LEU A 398 20.65 35.21 -78.98
N ILE A 399 19.95 34.24 -78.36
CA ILE A 399 18.49 34.39 -78.34
C ILE A 399 18.05 35.30 -77.20
N GLN A 400 18.93 35.57 -76.22
CA GLN A 400 18.65 36.64 -75.27
C GLN A 400 18.63 37.99 -75.98
N GLU A 401 19.57 38.20 -76.91
CA GLU A 401 19.67 39.48 -77.59
C GLU A 401 18.46 39.76 -78.47
N ASN A 402 17.63 38.75 -78.72
CA ASN A 402 16.39 38.95 -79.45
C ASN A 402 15.38 39.67 -78.57
N GLU A 403 14.74 40.70 -79.11
CA GLU A 403 13.70 41.41 -78.37
C GLU A 403 12.49 40.54 -78.11
N VAL A 404 12.40 39.39 -78.77
CA VAL A 404 11.33 38.43 -78.62
C VAL A 404 11.98 37.08 -78.36
N LEU A 405 11.16 36.02 -78.22
CA LEU A 405 11.63 34.67 -77.90
C LEU A 405 12.08 34.61 -76.45
N PHE A 406 12.16 35.77 -75.81
CA PHE A 406 12.21 35.86 -74.36
C PHE A 406 10.83 36.14 -73.77
N THR A 407 9.95 36.77 -74.54
CA THR A 407 8.52 36.71 -74.22
C THR A 407 8.00 35.28 -74.22
N MET A 408 8.38 34.48 -75.21
CA MET A 408 7.93 33.09 -75.25
C MET A 408 8.84 32.16 -74.49
N CYS A 409 10.06 32.57 -74.14
CA CYS A 409 10.89 31.65 -73.37
C CYS A 409 10.22 31.28 -72.06
N PHE A 410 9.31 32.13 -71.56
CA PHE A 410 8.52 31.73 -70.40
C PHE A 410 7.74 30.44 -70.64
N ILE A 411 7.10 30.30 -71.80
CA ILE A 411 6.34 29.08 -72.09
C ILE A 411 7.22 27.85 -72.32
N PRO A 412 6.98 26.80 -71.54
CA PRO A 412 7.80 25.58 -71.64
C PRO A 412 7.77 24.91 -72.99
N LEU A 413 6.63 24.89 -73.70
CA LEU A 413 6.66 24.23 -75.01
C LEU A 413 7.60 24.95 -75.95
N VAL A 414 7.68 26.28 -75.87
CA VAL A 414 8.63 27.02 -76.70
C VAL A 414 10.05 26.66 -76.31
N CYS A 415 10.34 26.58 -75.00
CA CYS A 415 11.71 26.19 -74.64
C CYS A 415 12.05 24.78 -75.10
N TRP A 416 11.12 23.83 -74.95
CA TRP A 416 11.40 22.46 -75.40
C TRP A 416 11.55 22.39 -76.90
N ILE A 417 10.86 23.27 -77.63
CA ILE A 417 10.91 23.17 -79.07
C ILE A 417 12.09 23.93 -79.63
N VAL A 418 12.63 24.90 -78.89
CA VAL A 418 13.82 25.56 -79.38
C VAL A 418 15.06 24.75 -78.98
N CYS A 419 14.99 24.06 -77.84
CA CYS A 419 16.10 23.20 -77.44
C CYS A 419 16.22 22.03 -78.40
N THR A 420 15.11 21.36 -78.71
CA THR A 420 15.21 20.27 -79.69
C THR A 420 15.39 20.81 -81.11
N GLY A 421 14.87 22.00 -81.42
CA GLY A 421 14.93 22.60 -82.73
C GLY A 421 16.24 23.24 -83.11
N LEU A 422 17.21 23.33 -82.20
CA LEU A 422 18.48 23.95 -82.56
C LEU A 422 19.67 23.00 -82.60
N LYS A 423 19.52 21.76 -82.13
CA LYS A 423 20.61 20.79 -82.27
C LYS A 423 20.85 20.35 -83.71
N GLN A 424 19.92 20.62 -84.62
CA GLN A 424 20.18 20.36 -86.03
C GLN A 424 20.91 21.50 -86.75
N GLN A 425 21.24 22.60 -86.06
CA GLN A 425 21.67 23.80 -86.76
C GLN A 425 23.18 24.06 -86.68
N MET A 426 23.91 23.34 -85.83
CA MET A 426 25.36 23.49 -85.86
C MET A 426 25.96 22.85 -87.11
N GLU A 427 25.30 21.82 -87.65
CA GLU A 427 25.71 21.28 -88.94
C GLU A 427 25.56 22.31 -90.04
N THR A 428 24.57 23.20 -89.93
CA THR A 428 24.43 24.32 -90.85
C THR A 428 25.25 25.52 -90.39
N GLY A 429 25.00 26.00 -89.18
CA GLY A 429 25.79 27.06 -88.59
C GLY A 429 25.19 28.43 -88.77
N LYS A 430 25.05 29.17 -87.66
CA LYS A 430 24.63 30.57 -87.67
C LYS A 430 23.27 30.74 -88.35
N SER A 431 22.31 29.93 -87.91
CA SER A 431 20.94 30.02 -88.40
C SER A 431 19.95 29.86 -87.25
N LEU A 432 20.23 30.51 -86.12
CA LEU A 432 19.52 30.26 -84.87
C LEU A 432 18.38 31.25 -84.66
N ALA A 433 18.71 32.54 -84.61
CA ALA A 433 17.75 33.58 -84.23
C ALA A 433 16.94 34.10 -85.40
N GLN A 434 17.17 33.60 -86.61
CA GLN A 434 16.47 34.11 -87.78
C GLN A 434 15.00 33.67 -87.77
N THR A 435 14.17 34.47 -88.45
CA THR A 435 12.73 34.23 -88.67
C THR A 435 12.07 33.62 -87.43
N SER A 436 12.31 34.26 -86.29
CA SER A 436 11.75 33.86 -85.01
C SER A 436 10.99 35.05 -84.43
N LYS A 437 9.67 35.08 -84.67
CA LYS A 437 8.83 36.17 -84.18
C LYS A 437 7.78 35.68 -83.19
N THR A 438 6.93 34.74 -83.58
CA THR A 438 5.74 34.37 -82.83
C THR A 438 5.68 32.85 -82.71
N THR A 439 4.67 32.36 -81.97
CA THR A 439 4.54 30.92 -81.80
C THR A 439 4.32 30.21 -83.13
N THR A 440 3.46 30.75 -83.97
CA THR A 440 3.29 30.21 -85.32
C THR A 440 4.59 30.29 -86.10
N ALA A 441 5.32 31.39 -85.98
CA ALA A 441 6.57 31.55 -86.72
C ALA A 441 7.59 30.49 -86.32
N VAL A 442 7.74 30.26 -85.01
CA VAL A 442 8.73 29.30 -84.56
C VAL A 442 8.29 27.88 -84.90
N TYR A 443 6.98 27.61 -84.83
CA TYR A 443 6.50 26.28 -85.24
C TYR A 443 6.77 26.03 -86.72
N VAL A 444 6.52 27.03 -87.57
CA VAL A 444 6.78 26.87 -89.00
C VAL A 444 8.27 26.69 -89.26
N PHE A 445 9.11 27.46 -88.56
CA PHE A 445 10.56 27.32 -88.73
C PHE A 445 11.03 25.94 -88.32
N PHE A 446 10.54 25.45 -87.18
CA PHE A 446 10.93 24.12 -86.71
C PHE A 446 10.48 23.04 -87.67
N LEU A 447 9.24 23.13 -88.18
CA LEU A 447 8.77 22.13 -89.13
C LEU A 447 9.59 22.16 -90.40
N SER A 448 9.92 23.36 -90.90
CA SER A 448 10.74 23.47 -92.10
C SER A 448 12.13 22.91 -91.87
N SER A 449 12.70 23.15 -90.69
CA SER A 449 14.01 22.59 -90.34
C SER A 449 13.97 21.06 -90.32
N LEU A 450 12.91 20.49 -89.74
CA LEU A 450 12.77 19.03 -89.75
C LEU A 450 12.59 18.51 -91.18
N LEU A 451 11.78 19.20 -91.98
CA LEU A 451 11.44 18.78 -93.32
C LEU A 451 12.27 19.50 -94.39
N GLN A 452 13.53 19.79 -94.08
CA GLN A 452 14.37 20.51 -95.02
C GLN A 452 14.93 19.59 -96.09
N SER A 453 15.49 18.45 -95.69
CA SER A 453 16.13 17.53 -96.62
C SER A 453 15.16 16.53 -97.23
N ARG A 454 13.85 16.76 -97.09
CA ARG A 454 12.84 15.88 -97.67
C ARG A 454 12.35 16.36 -99.03
N GLY A 455 12.83 17.51 -99.50
CA GLY A 455 12.40 18.04 -100.79
C GLY A 455 12.76 19.50 -100.99
N LEU A 461 7.48 13.91 -104.13
CA LEU A 461 7.83 12.91 -103.12
C LEU A 461 7.15 13.21 -101.79
N PHE A 462 7.84 13.97 -100.94
CA PHE A 462 7.28 14.32 -99.64
C PHE A 462 6.18 15.37 -99.74
N SER A 463 6.07 16.06 -100.88
CA SER A 463 5.01 17.03 -101.05
C SER A 463 3.64 16.38 -100.94
N ASP A 464 3.51 15.14 -101.42
CA ASP A 464 2.26 14.41 -101.25
C ASP A 464 2.17 13.75 -99.87
N TYR A 465 3.30 13.34 -99.29
CA TYR A 465 3.27 12.71 -97.98
C TYR A 465 2.80 13.67 -96.90
N LEU A 466 3.29 14.91 -96.93
CA LEU A 466 2.85 15.90 -95.97
C LEU A 466 1.37 16.20 -96.11
N GLN A 467 0.89 16.30 -97.35
CA GLN A 467 -0.54 16.53 -97.59
C GLN A 467 -1.38 15.36 -97.09
N GLY A 468 -0.91 14.13 -97.34
CA GLY A 468 -1.67 12.97 -96.88
C GLY A 468 -1.75 12.88 -95.36
N LEU A 469 -0.65 13.12 -94.66
CA LEU A 469 -0.68 13.15 -93.21
C LEU A 469 -1.54 14.30 -92.70
N CYS A 470 -1.43 15.46 -93.36
CA CYS A 470 -2.18 16.64 -92.98
C CYS A 470 -3.68 16.41 -93.10
N SER A 471 -4.13 15.88 -94.24
CA SER A 471 -5.56 15.76 -94.51
C SER A 471 -6.22 14.70 -93.68
N LEU A 472 -5.47 14.18 -92.71
CA LEU A 472 -5.96 13.15 -91.81
C LEU A 472 -5.70 13.48 -90.36
N ALA A 473 -4.71 14.33 -90.06
CA ALA A 473 -4.35 14.59 -88.67
C ALA A 473 -5.48 15.37 -88.00
N ALA A 474 -5.99 16.40 -88.69
CA ALA A 474 -6.96 17.31 -88.11
C ALA A 474 -8.26 16.59 -87.76
N ASP A 475 -8.62 15.56 -88.54
CA ASP A 475 -9.80 14.76 -88.24
C ASP A 475 -9.74 14.09 -86.88
N GLY A 476 -8.53 13.96 -86.30
CA GLY A 476 -8.43 13.48 -84.93
C GLY A 476 -9.24 14.29 -83.95
N ILE A 477 -9.32 15.61 -84.17
CA ILE A 477 -10.16 16.45 -83.35
C ILE A 477 -11.41 16.90 -84.07
N TRP A 478 -11.42 16.92 -85.40
CA TRP A 478 -12.61 17.27 -86.15
C TRP A 478 -13.70 16.21 -85.99
N ASN A 479 -13.42 14.99 -86.45
CA ASN A 479 -14.34 13.89 -86.14
C ASN A 479 -14.25 13.48 -84.68
N GLN A 480 -13.32 14.07 -83.93
CA GLN A 480 -13.14 13.82 -82.51
C GLN A 480 -12.80 12.37 -82.24
N LYS A 481 -11.86 11.85 -83.01
CA LYS A 481 -11.19 10.58 -82.72
C LYS A 481 -9.71 10.92 -82.65
N ILE A 482 -9.31 11.49 -81.52
CA ILE A 482 -7.92 11.92 -81.34
C ILE A 482 -6.97 10.73 -81.46
N LEU A 483 -7.44 9.54 -81.13
CA LEU A 483 -6.63 8.34 -81.24
C LEU A 483 -6.77 7.77 -82.65
N PHE A 484 -5.63 7.51 -83.29
CA PHE A 484 -5.55 7.06 -84.68
C PHE A 484 -5.68 5.56 -84.85
N GLU A 485 -5.79 4.79 -83.76
CA GLU A 485 -5.85 3.33 -83.79
C GLU A 485 -4.60 2.77 -84.50
N GLU A 486 -3.46 2.99 -83.82
CA GLU A 486 -2.13 2.64 -84.31
C GLU A 486 -1.92 3.15 -85.74
N CYS A 487 -2.63 4.22 -86.07
CA CYS A 487 -2.56 4.88 -87.38
C CYS A 487 -3.04 3.96 -88.49
N ASP A 488 -4.20 3.33 -88.27
CA ASP A 488 -4.85 2.57 -89.33
C ASP A 488 -5.57 3.48 -90.32
N LEU A 489 -6.12 4.60 -89.83
CA LEU A 489 -6.58 5.63 -90.75
C LEU A 489 -5.42 6.13 -91.61
N ARG A 490 -4.25 6.30 -91.01
CA ARG A 490 -3.05 6.61 -91.79
C ARG A 490 -2.68 5.47 -92.75
N LYS A 491 -2.85 4.22 -92.31
CA LYS A 491 -2.68 3.08 -93.21
C LYS A 491 -3.57 3.21 -94.43
N HIS A 492 -4.76 3.78 -94.26
CA HIS A 492 -5.58 4.14 -95.41
C HIS A 492 -4.99 5.33 -96.17
N GLY A 493 -4.56 6.37 -95.45
CA GLY A 493 -4.05 7.58 -96.07
C GLY A 493 -2.54 7.72 -96.01
N LEU A 494 -1.85 7.43 -97.12
CA LEU A 494 -0.43 7.71 -97.28
C LEU A 494 0.41 7.00 -96.22
N GLN A 495 0.40 5.68 -96.31
CA GLN A 495 1.24 4.82 -95.48
C GLN A 495 2.41 4.34 -96.34
N LYS A 496 3.59 4.91 -96.10
CA LYS A 496 4.82 4.50 -96.77
C LYS A 496 5.94 4.49 -95.73
N THR A 497 7.18 4.42 -96.22
CA THR A 497 8.34 4.58 -95.34
C THR A 497 8.44 5.99 -94.78
N ASP A 498 7.73 6.95 -95.38
CA ASP A 498 7.64 8.29 -94.81
C ASP A 498 7.09 8.23 -93.38
N VAL A 499 6.17 7.30 -93.11
CA VAL A 499 5.65 7.14 -91.75
C VAL A 499 6.75 6.71 -90.80
N SER A 500 7.59 5.77 -91.24
CA SER A 500 8.73 5.37 -90.42
C SER A 500 9.66 6.53 -90.16
N ALA A 501 9.92 7.35 -91.18
CA ALA A 501 10.76 8.53 -90.99
C ALA A 501 10.13 9.51 -90.01
N PHE A 502 8.82 9.73 -90.11
CA PHE A 502 8.13 10.63 -89.19
C PHE A 502 8.24 10.13 -87.76
N LEU A 503 8.02 8.82 -87.56
CA LEU A 503 8.14 8.26 -86.22
C LEU A 503 9.56 8.35 -85.71
N ARG A 504 10.55 8.16 -86.58
CA ARG A 504 11.94 8.23 -86.16
C ARG A 504 12.32 9.64 -85.73
N MET A 505 11.85 10.66 -86.44
CA MET A 505 12.13 12.03 -86.00
C MET A 505 11.16 12.51 -84.92
N ASN A 506 10.12 11.75 -84.62
CA ASN A 506 9.10 12.08 -83.64
C ASN A 506 8.95 10.95 -82.63
N VAL A 507 10.08 10.55 -82.05
CA VAL A 507 10.17 9.36 -81.18
C VAL A 507 9.04 9.31 -80.16
N PHE A 508 8.51 10.46 -79.76
CA PHE A 508 7.45 10.51 -78.76
C PHE A 508 6.05 10.29 -79.35
N GLN A 509 5.95 9.65 -80.51
CA GLN A 509 4.66 9.38 -81.14
C GLN A 509 4.08 8.05 -80.68
N LYS A 510 4.81 6.96 -80.90
CA LYS A 510 4.32 5.62 -80.59
C LYS A 510 4.75 5.15 -79.20
N GLU A 511 5.93 5.59 -78.74
CA GLU A 511 6.52 5.03 -77.53
C GLU A 511 5.70 5.34 -76.29
N VAL A 512 4.93 6.44 -76.29
CA VAL A 512 4.16 6.80 -75.11
C VAL A 512 3.06 5.77 -74.83
N ASP A 513 2.52 5.15 -75.87
CA ASP A 513 1.48 4.14 -75.68
C ASP A 513 2.04 2.80 -75.23
N CYS A 514 3.26 2.48 -75.64
CA CYS A 514 4.14 1.44 -75.11
C CYS A 514 3.73 0.02 -75.52
N GLU A 515 2.59 -0.18 -76.18
CA GLU A 515 2.23 -1.53 -76.62
C GLU A 515 2.12 -1.65 -78.13
N ARG A 516 1.20 -0.92 -78.77
CA ARG A 516 1.05 -0.96 -80.22
C ARG A 516 0.78 0.39 -80.86
N PHE A 517 0.43 1.41 -80.09
CA PHE A 517 -0.43 2.48 -80.57
C PHE A 517 0.40 3.70 -80.97
N TYR A 518 -0.15 4.47 -81.92
CA TYR A 518 0.53 5.61 -82.51
C TYR A 518 -0.29 6.88 -82.29
N SER A 519 0.39 7.98 -82.04
CA SER A 519 -0.27 9.24 -81.71
C SER A 519 0.71 10.38 -81.96
N PHE A 520 0.41 11.57 -81.42
CA PHE A 520 1.29 12.72 -81.49
C PHE A 520 1.80 13.07 -80.10
N SER A 521 2.72 14.03 -80.03
CA SER A 521 3.38 14.33 -78.77
C SER A 521 2.45 15.03 -77.78
N HIS A 522 2.04 16.26 -78.09
CA HIS A 522 1.09 17.00 -77.26
C HIS A 522 0.06 17.70 -78.12
N MET A 523 -0.34 17.06 -79.22
CA MET A 523 -1.45 17.50 -80.08
C MET A 523 -1.28 18.93 -80.59
N THR A 524 -0.13 19.54 -80.32
CA THR A 524 0.09 20.91 -80.77
C THR A 524 0.57 20.92 -82.21
N PHE A 525 1.51 20.04 -82.54
CA PHE A 525 1.82 19.83 -83.95
C PHE A 525 0.60 19.30 -84.69
N GLN A 526 -0.26 18.54 -84.00
CA GLN A 526 -1.50 18.11 -84.62
C GLN A 526 -2.40 19.28 -84.99
N GLU A 527 -2.53 20.27 -84.09
CA GLU A 527 -3.33 21.44 -84.45
C GLU A 527 -2.61 22.29 -85.49
N PHE A 528 -1.28 22.26 -85.50
CA PHE A 528 -0.55 22.94 -86.57
C PHE A 528 -0.84 22.29 -87.92
N PHE A 529 -0.90 20.97 -87.96
CA PHE A 529 -1.30 20.26 -89.17
C PHE A 529 -2.75 20.53 -89.51
N ALA A 530 -3.60 20.77 -88.52
CA ALA A 530 -4.98 21.16 -88.82
C ALA A 530 -5.03 22.52 -89.50
N ALA A 531 -4.19 23.45 -89.07
CA ALA A 531 -4.04 24.73 -89.77
C ALA A 531 -3.51 24.51 -91.19
N MET A 532 -2.54 23.62 -91.32
CA MET A 532 -2.05 23.22 -92.64
C MET A 532 -3.16 22.71 -93.53
N TYR A 533 -4.07 21.90 -92.98
CA TYR A 533 -5.20 21.38 -93.76
C TYR A 533 -5.92 22.49 -94.51
N TYR A 534 -6.47 23.46 -93.77
CA TYR A 534 -7.16 24.57 -94.44
C TYR A 534 -6.22 25.38 -95.30
N LEU A 535 -4.91 25.33 -95.01
CA LEU A 535 -3.95 25.99 -95.88
C LEU A 535 -3.90 25.30 -97.25
N LEU A 536 -4.03 23.99 -97.26
CA LEU A 536 -4.00 23.18 -98.47
C LEU A 536 -5.41 22.88 -98.95
N GLU A 537 -5.52 22.31 -100.14
CA GLU A 537 -6.80 21.92 -100.69
C GLU A 537 -6.65 20.83 -101.74
N ARG A 558 -11.54 22.94 -95.90
CA ARG A 558 -12.94 22.89 -96.34
C ARG A 558 -13.68 24.20 -96.04
N ASP A 559 -14.91 24.08 -95.57
CA ASP A 559 -15.72 25.23 -95.21
C ASP A 559 -15.28 25.83 -93.87
N VAL A 560 -15.18 27.16 -93.84
CA VAL A 560 -14.82 27.88 -92.62
C VAL A 560 -16.03 28.20 -91.75
N LYS A 561 -17.24 28.09 -92.28
CA LYS A 561 -18.45 28.50 -91.57
C LYS A 561 -18.63 27.68 -90.30
N VAL A 562 -18.65 26.36 -90.45
CA VAL A 562 -18.88 25.49 -89.32
C VAL A 562 -17.75 25.56 -88.31
N LEU A 563 -16.50 25.71 -88.75
CA LEU A 563 -15.41 25.83 -87.78
C LEU A 563 -15.58 27.08 -86.92
N LEU A 564 -15.78 28.25 -87.56
CA LEU A 564 -15.95 29.46 -86.76
C LEU A 564 -17.21 29.43 -85.91
N GLU A 565 -18.27 28.77 -86.37
CA GLU A 565 -19.42 28.53 -85.51
C GLU A 565 -19.07 27.68 -84.29
N ASN A 566 -18.29 26.63 -84.50
CA ASN A 566 -17.87 25.68 -83.48
C ASN A 566 -16.66 26.19 -82.66
N TYR A 567 -16.35 27.48 -82.71
CA TYR A 567 -15.16 28.01 -82.05
C TYR A 567 -15.21 27.84 -80.54
N GLY A 568 -14.27 27.07 -80.00
CA GLY A 568 -14.03 26.98 -78.58
C GLY A 568 -14.88 25.98 -77.85
N LYS A 569 -15.64 25.18 -78.58
CA LYS A 569 -16.59 24.20 -78.08
C LYS A 569 -15.78 23.02 -77.56
N PHE A 570 -16.40 21.85 -77.52
CA PHE A 570 -15.89 20.71 -76.77
C PHE A 570 -16.15 19.46 -77.59
N GLU A 571 -16.24 19.64 -78.90
CA GLU A 571 -16.56 18.63 -79.91
C GLU A 571 -15.43 18.51 -80.91
N LYS A 572 -14.88 19.62 -81.37
CA LYS A 572 -13.71 19.62 -82.24
C LYS A 572 -12.42 19.94 -81.50
N GLY A 573 -12.49 20.19 -80.19
CA GLY A 573 -11.31 20.35 -79.34
C GLY A 573 -10.83 21.76 -79.11
N TYR A 574 -11.72 22.60 -78.60
CA TYR A 574 -11.45 23.98 -78.19
C TYR A 574 -11.03 24.90 -79.33
N LEU A 575 -10.50 24.34 -80.43
CA LEU A 575 -10.05 25.13 -81.56
C LEU A 575 -9.11 26.27 -81.19
N ILE A 576 -8.66 26.33 -79.93
CA ILE A 576 -7.82 27.44 -79.49
C ILE A 576 -6.54 27.51 -80.32
N PHE A 577 -5.69 26.49 -80.21
CA PHE A 577 -4.43 26.54 -80.94
C PHE A 577 -4.67 26.44 -82.44
N VAL A 578 -5.80 25.85 -82.85
CA VAL A 578 -6.14 25.78 -84.26
C VAL A 578 -6.24 27.19 -84.83
N VAL A 579 -7.15 27.98 -84.28
CA VAL A 579 -7.33 29.35 -84.75
C VAL A 579 -6.08 30.17 -84.49
N ARG A 580 -5.35 29.88 -83.41
CA ARG A 580 -4.11 30.59 -83.15
C ARG A 580 -3.14 30.44 -84.33
N PHE A 581 -2.91 29.20 -84.75
CA PHE A 581 -2.02 28.99 -85.90
C PHE A 581 -2.65 29.51 -87.19
N LEU A 582 -3.98 29.43 -87.32
CA LEU A 582 -4.63 30.02 -88.48
C LEU A 582 -4.29 31.49 -88.63
N PHE A 583 -4.44 32.25 -87.53
CA PHE A 583 -4.07 33.67 -87.57
C PHE A 583 -2.58 33.84 -87.81
N GLY A 584 -1.75 32.99 -87.20
CA GLY A 584 -0.33 33.16 -87.39
C GLY A 584 0.06 32.99 -88.84
N LEU A 585 -0.60 32.07 -89.53
CA LEU A 585 -0.29 31.77 -90.92
C LEU A 585 -0.87 32.82 -91.87
N VAL A 586 -2.08 33.31 -91.61
CA VAL A 586 -2.80 34.10 -92.62
C VAL A 586 -2.08 35.43 -92.87
N ASN A 587 -0.99 35.68 -92.15
CA ASN A 587 -0.17 36.85 -92.42
C ASN A 587 0.25 36.77 -93.88
N GLN A 588 0.12 37.88 -94.61
CA GLN A 588 0.27 37.85 -96.06
C GLN A 588 1.66 37.39 -96.52
N GLU A 589 2.71 37.83 -95.85
CA GLU A 589 4.05 37.33 -96.18
C GLU A 589 4.16 35.82 -95.98
N ARG A 590 3.65 35.30 -94.85
CA ARG A 590 3.64 33.85 -94.66
C ARG A 590 2.74 33.15 -95.66
N THR A 591 1.64 33.79 -96.05
CA THR A 591 0.77 33.27 -97.09
C THR A 591 1.53 33.04 -98.38
N SER A 592 2.25 34.07 -98.85
CA SER A 592 3.03 33.91 -100.07
C SER A 592 4.11 32.86 -99.91
N TYR A 593 4.81 32.87 -98.76
CA TYR A 593 5.89 31.91 -98.55
C TYR A 593 5.36 30.48 -98.59
N LEU A 594 4.22 30.23 -97.95
CA LEU A 594 3.68 28.87 -97.90
C LEU A 594 3.05 28.47 -99.22
N GLU A 595 2.38 29.40 -99.91
CA GLU A 595 1.82 29.09 -101.22
C GLU A 595 2.91 28.79 -102.23
N LYS A 596 4.13 29.30 -102.00
CA LYS A 596 5.25 28.94 -102.85
C LYS A 596 5.93 27.65 -102.40
N LYS A 597 6.05 27.45 -101.08
CA LYS A 597 6.77 26.30 -100.55
C LYS A 597 5.98 25.01 -100.75
N LEU A 598 4.68 25.04 -100.45
CA LEU A 598 3.85 23.85 -100.44
C LEU A 598 3.09 23.62 -101.75
N SER A 599 3.26 24.50 -102.74
CA SER A 599 2.52 24.41 -104.00
C SER A 599 1.01 24.33 -103.76
N CYS A 600 0.52 25.14 -102.83
CA CYS A 600 -0.86 25.06 -102.39
C CYS A 600 -1.55 26.41 -102.51
N LYS A 601 -2.84 26.37 -102.85
CA LYS A 601 -3.69 27.55 -102.90
C LYS A 601 -4.37 27.75 -101.56
N ILE A 602 -4.37 28.99 -101.07
CA ILE A 602 -5.03 29.33 -99.82
C ILE A 602 -6.01 30.45 -100.09
N SER A 603 -7.16 30.39 -99.43
CA SER A 603 -8.26 31.31 -99.65
C SER A 603 -8.07 32.56 -98.80
N GLN A 604 -8.41 33.71 -99.35
CA GLN A 604 -8.35 34.96 -98.60
C GLN A 604 -9.68 35.30 -97.95
N GLN A 605 -10.74 34.57 -98.32
CA GLN A 605 -12.06 34.79 -97.73
C GLN A 605 -12.00 34.63 -96.21
N VAL A 606 -11.18 33.69 -95.74
CA VAL A 606 -11.06 33.44 -94.30
C VAL A 606 -10.68 34.71 -93.56
N ARG A 607 -9.84 35.55 -94.16
CA ARG A 607 -9.49 36.83 -93.53
C ARG A 607 -10.74 37.63 -93.21
N LEU A 608 -11.65 37.72 -94.19
CA LEU A 608 -12.91 38.42 -93.97
C LEU A 608 -13.73 37.69 -92.91
N GLU A 609 -13.71 36.36 -92.95
CA GLU A 609 -14.46 35.58 -91.98
C GLU A 609 -14.04 35.95 -90.56
N LEU A 610 -12.72 35.97 -90.33
CA LEU A 610 -12.16 36.42 -89.05
C LEU A 610 -12.67 37.80 -88.69
N LEU A 611 -12.61 38.74 -89.65
CA LEU A 611 -13.22 40.05 -89.48
C LEU A 611 -14.64 39.97 -88.93
N LYS A 612 -15.51 39.27 -89.66
CA LYS A 612 -16.89 39.05 -89.23
C LYS A 612 -16.96 38.52 -87.81
N TRP A 613 -16.15 37.51 -87.54
CA TRP A 613 -16.05 36.95 -86.20
C TRP A 613 -15.77 38.02 -85.17
N ILE A 614 -14.79 38.89 -85.45
CA ILE A 614 -14.47 39.98 -84.54
C ILE A 614 -15.67 40.89 -84.26
N GLU A 615 -16.41 41.34 -85.29
CA GLU A 615 -17.62 42.11 -84.93
C GLU A 615 -18.58 41.29 -84.08
N VAL A 616 -18.75 40.00 -84.40
CA VAL A 616 -19.65 39.16 -83.59
C VAL A 616 -19.20 39.13 -82.13
N LYS A 617 -17.92 38.86 -81.87
CA LYS A 617 -17.52 38.85 -80.47
C LYS A 617 -17.45 40.26 -79.88
N ALA A 618 -17.49 41.29 -80.74
CA ALA A 618 -17.70 42.65 -80.26
C ALA A 618 -19.09 42.79 -79.68
N LYS A 619 -20.06 42.15 -80.33
CA LYS A 619 -21.46 42.29 -79.95
C LYS A 619 -21.89 41.21 -78.96
N ALA A 620 -21.01 40.27 -78.63
CA ALA A 620 -21.32 39.22 -77.67
C ALA A 620 -21.21 39.82 -76.28
N LYS A 621 -22.36 40.03 -75.63
CA LYS A 621 -22.38 40.60 -74.29
C LYS A 621 -21.99 39.62 -73.20
N LYS A 622 -22.04 38.31 -73.47
CA LYS A 622 -21.66 37.30 -72.48
C LYS A 622 -20.17 36.97 -72.62
N LEU A 623 -19.35 37.97 -72.29
CA LEU A 623 -17.90 37.79 -72.37
C LEU A 623 -17.31 37.09 -71.15
N GLN A 624 -18.08 36.89 -70.08
CA GLN A 624 -17.52 36.24 -68.89
C GLN A 624 -17.38 34.73 -69.08
N TRP A 625 -18.33 34.09 -69.76
CA TRP A 625 -18.31 32.66 -69.97
C TRP A 625 -18.01 32.28 -71.42
N GLN A 626 -17.53 33.22 -72.21
CA GLN A 626 -17.13 32.99 -73.59
C GLN A 626 -15.67 33.41 -73.74
N PRO A 627 -14.99 33.06 -74.82
CA PRO A 627 -13.58 33.42 -74.94
C PRO A 627 -13.35 34.93 -74.83
N SER A 628 -12.29 35.29 -74.12
CA SER A 628 -12.05 36.67 -73.70
C SER A 628 -11.58 37.52 -74.88
N GLN A 629 -11.15 38.75 -74.56
CA GLN A 629 -10.44 39.60 -75.49
C GLN A 629 -8.96 39.23 -75.60
N LEU A 630 -8.46 38.42 -74.68
CA LEU A 630 -7.02 38.16 -74.63
C LEU A 630 -6.56 37.27 -75.78
N GLU A 631 -7.33 36.22 -76.10
CA GLU A 631 -6.95 35.39 -77.23
C GLU A 631 -7.23 36.06 -78.56
N LEU A 632 -8.22 36.95 -78.62
CA LEU A 632 -8.35 37.79 -79.81
C LEU A 632 -7.10 38.64 -79.99
N PHE A 633 -6.58 39.22 -78.90
CA PHE A 633 -5.35 39.98 -78.98
C PHE A 633 -4.20 39.08 -79.44
N TYR A 634 -4.14 37.86 -78.89
CA TYR A 634 -3.16 36.87 -79.32
C TYR A 634 -3.20 36.70 -80.83
N CYS A 635 -4.40 36.50 -81.38
CA CYS A 635 -4.53 36.21 -82.80
C CYS A 635 -4.13 37.41 -83.65
N LEU A 636 -4.66 38.60 -83.33
CA LEU A 636 -4.31 39.77 -84.12
C LEU A 636 -2.82 40.06 -84.08
N TYR A 637 -2.19 39.86 -82.92
CA TYR A 637 -0.73 39.95 -82.86
C TYR A 637 -0.08 38.88 -83.71
N GLU A 638 -0.59 37.65 -83.67
CA GLU A 638 0.03 36.57 -84.40
C GLU A 638 -0.10 36.76 -85.90
N MET A 639 -1.03 37.62 -86.34
CA MET A 639 -1.23 37.84 -87.76
C MET A 639 -0.70 39.18 -88.26
N GLN A 640 -0.23 40.06 -87.37
CA GLN A 640 0.59 41.21 -87.75
C GLN A 640 0.13 41.98 -88.99
N GLU A 641 -1.16 42.28 -89.13
CA GLU A 641 -1.60 43.14 -90.23
C GLU A 641 -2.14 44.44 -89.66
N GLU A 642 -1.64 45.55 -90.19
CA GLU A 642 -1.98 46.87 -89.65
C GLU A 642 -3.48 47.15 -89.80
N ASP A 643 -3.96 47.20 -91.05
CA ASP A 643 -5.35 47.60 -91.28
C ASP A 643 -6.30 46.60 -90.65
N PHE A 644 -5.96 45.31 -90.69
CA PHE A 644 -6.81 44.29 -90.08
C PHE A 644 -6.90 44.47 -88.58
N VAL A 645 -5.78 44.73 -87.92
CA VAL A 645 -5.81 44.96 -86.47
C VAL A 645 -6.60 46.22 -86.16
N GLN A 646 -6.44 47.26 -86.99
CA GLN A 646 -7.21 48.49 -86.80
C GLN A 646 -8.71 48.21 -86.88
N SER A 647 -9.14 47.50 -87.92
CA SER A 647 -10.56 47.20 -88.09
C SER A 647 -11.07 46.32 -86.95
N ALA A 648 -10.24 45.37 -86.51
CA ALA A 648 -10.63 44.51 -85.39
C ALA A 648 -10.83 45.33 -84.13
N MET A 649 -9.95 46.29 -83.87
CA MET A 649 -10.07 47.11 -82.68
C MET A 649 -11.19 48.12 -82.78
N ASP A 650 -11.57 48.51 -84.01
CA ASP A 650 -12.64 49.48 -84.19
C ASP A 650 -13.94 48.99 -83.58
N HIS A 651 -14.19 47.68 -83.64
CA HIS A 651 -15.41 47.11 -83.10
C HIS A 651 -15.45 47.14 -81.57
N PHE A 652 -14.34 47.47 -80.93
CA PHE A 652 -14.26 47.43 -79.46
C PHE A 652 -13.93 48.83 -78.97
N PRO A 653 -14.87 49.54 -78.33
CA PRO A 653 -14.54 50.85 -77.77
C PRO A 653 -13.90 50.80 -76.40
N LYS A 654 -13.95 49.66 -75.74
CA LYS A 654 -13.44 49.52 -74.38
C LYS A 654 -12.81 48.14 -74.23
N ILE A 655 -11.70 48.09 -73.52
CA ILE A 655 -10.89 46.87 -73.40
C ILE A 655 -10.87 46.45 -71.94
N GLU A 656 -11.07 45.16 -71.70
CA GLU A 656 -10.96 44.58 -70.37
C GLU A 656 -10.13 43.32 -70.50
N ILE A 657 -8.88 43.39 -70.04
CA ILE A 657 -7.99 42.24 -70.03
C ILE A 657 -7.28 42.19 -68.68
N ASN A 658 -6.62 41.06 -68.43
CA ASN A 658 -5.91 40.85 -67.18
C ASN A 658 -4.60 40.14 -67.53
N LEU A 659 -3.50 40.86 -67.43
CA LEU A 659 -2.22 40.35 -67.89
C LEU A 659 -1.68 39.30 -66.93
N SER A 660 -1.23 38.18 -67.47
CA SER A 660 -0.55 37.14 -66.74
C SER A 660 0.83 36.83 -67.27
N THR A 661 0.99 36.80 -68.59
CA THR A 661 2.29 36.60 -69.21
C THR A 661 2.83 37.88 -69.82
N ARG A 662 4.16 37.91 -69.98
CA ARG A 662 4.74 38.99 -70.75
C ARG A 662 4.28 38.89 -72.20
N MET A 663 3.93 37.68 -72.65
CA MET A 663 3.28 37.54 -73.93
C MET A 663 1.96 38.29 -73.95
N ASP A 664 1.25 38.26 -72.82
CA ASP A 664 0.04 39.08 -72.70
C ASP A 664 0.38 40.55 -72.81
N HIS A 665 1.45 40.98 -72.15
CA HIS A 665 1.87 42.37 -72.24
C HIS A 665 2.19 42.76 -73.69
N VAL A 666 2.92 41.92 -74.40
CA VAL A 666 3.31 42.27 -75.76
C VAL A 666 2.10 42.32 -76.68
N VAL A 667 1.22 41.33 -76.60
CA VAL A 667 0.07 41.33 -77.49
C VAL A 667 -0.84 42.51 -77.19
N SER A 668 -0.99 42.85 -75.90
CA SER A 668 -1.77 44.03 -75.54
C SER A 668 -1.14 45.28 -76.10
N SER A 669 0.19 45.42 -75.98
CA SER A 669 0.86 46.58 -76.56
C SER A 669 0.62 46.66 -78.06
N PHE A 670 0.77 45.53 -78.75
CA PHE A 670 0.62 45.52 -80.19
C PHE A 670 -0.79 45.95 -80.59
N CYS A 671 -1.81 45.34 -79.99
CA CYS A 671 -3.17 45.70 -80.38
C CYS A 671 -3.48 47.14 -80.03
N ILE A 672 -3.10 47.58 -78.81
CA ILE A 672 -3.49 48.89 -78.36
C ILE A 672 -2.77 49.99 -79.14
N LYS A 673 -1.54 49.74 -79.59
CA LYS A 673 -0.91 50.77 -80.42
C LYS A 673 -1.52 50.87 -81.81
N ASN A 674 -2.57 50.11 -82.10
CA ASN A 674 -3.26 50.16 -83.38
C ASN A 674 -4.76 50.30 -83.16
N CYS A 675 -5.13 51.23 -82.29
CA CYS A 675 -6.53 51.47 -81.96
C CYS A 675 -6.88 52.92 -82.27
N HIS A 676 -8.08 53.12 -82.81
CA HIS A 676 -8.60 54.46 -83.04
C HIS A 676 -10.03 54.60 -82.55
N ARG A 677 -10.78 53.50 -82.53
CA ARG A 677 -12.14 53.46 -82.01
C ARG A 677 -12.21 52.78 -80.63
N VAL A 678 -11.19 52.97 -79.80
CA VAL A 678 -11.19 52.47 -78.44
C VAL A 678 -11.18 53.66 -77.50
N LYS A 679 -12.18 53.75 -76.64
CA LYS A 679 -12.28 54.87 -75.72
C LYS A 679 -11.62 54.56 -74.38
N THR A 680 -12.13 53.56 -73.66
CA THR A 680 -11.66 53.26 -72.32
C THR A 680 -10.70 52.08 -72.36
N LEU A 681 -9.63 52.16 -71.58
CA LEU A 681 -8.60 51.12 -71.52
C LEU A 681 -8.43 50.71 -70.06
N SER A 682 -9.17 49.68 -69.66
CA SER A 682 -9.03 49.10 -68.34
C SER A 682 -8.11 47.91 -68.44
N LEU A 683 -7.13 47.83 -67.53
CA LEU A 683 -6.11 46.80 -67.57
C LEU A 683 -6.01 46.13 -66.22
N GLY A 684 -5.95 44.80 -66.24
CA GLY A 684 -5.77 44.02 -65.04
C GLY A 684 -4.37 43.47 -64.85
N PHE A 685 -3.58 44.08 -63.97
CA PHE A 685 -2.21 43.63 -63.78
C PHE A 685 -2.24 42.51 -62.76
N PHE A 686 -1.62 41.38 -63.10
CA PHE A 686 -1.49 40.23 -62.20
C PHE A 686 -0.03 39.79 -62.16
N HIS A 687 0.76 40.40 -61.28
CA HIS A 687 2.17 40.05 -61.15
C HIS A 687 2.34 38.83 -60.25
N LEU A 726 10.66 46.23 -63.51
CA LEU A 726 10.21 45.30 -64.54
C LEU A 726 8.92 45.81 -65.20
N THR A 727 7.89 46.03 -64.39
CA THR A 727 6.62 46.52 -64.92
C THR A 727 6.76 47.93 -65.49
N SER A 728 7.84 48.63 -65.14
CA SER A 728 8.08 49.97 -65.66
C SER A 728 8.02 49.97 -67.19
N SER A 729 8.93 49.24 -67.85
CA SER A 729 8.95 49.24 -69.30
C SER A 729 7.71 48.61 -69.90
N PHE A 730 7.15 47.58 -69.25
CA PHE A 730 5.92 46.97 -69.77
C PHE A 730 4.81 48.01 -69.91
N CYS A 731 4.38 48.58 -68.78
CA CYS A 731 3.31 49.57 -68.85
C CYS A 731 3.72 50.80 -69.64
N ARG A 732 5.02 51.12 -69.66
CA ARG A 732 5.48 52.23 -70.50
C ARG A 732 5.16 51.97 -71.96
N GLY A 733 5.39 50.74 -72.42
CA GLY A 733 4.95 50.37 -73.75
C GLY A 733 3.43 50.39 -73.87
N LEU A 734 2.75 49.86 -72.85
CA LEU A 734 1.30 49.78 -72.88
C LEU A 734 0.67 51.14 -73.08
N PHE A 735 1.32 52.20 -72.60
CA PHE A 735 0.74 53.53 -72.67
C PHE A 735 1.47 54.44 -73.65
N SER A 736 2.61 54.02 -74.19
CA SER A 736 3.07 54.58 -75.44
C SER A 736 2.16 54.16 -76.58
N SER A 737 1.55 52.98 -76.46
CA SER A 737 0.40 52.67 -77.30
C SER A 737 -0.70 53.72 -77.15
N LEU A 738 -0.90 54.24 -75.94
CA LEU A 738 -1.84 55.35 -75.79
C LEU A 738 -1.31 56.62 -76.39
N SER A 739 0.01 56.81 -76.37
CA SER A 739 0.63 57.90 -77.09
C SER A 739 0.40 57.82 -78.58
N THR A 740 0.14 56.63 -79.11
CA THR A 740 -0.35 56.49 -80.48
C THR A 740 -1.86 56.47 -80.57
N ASN A 741 -2.56 56.31 -79.46
CA ASN A 741 -4.01 56.39 -79.37
C ASN A 741 -4.53 57.83 -79.27
N ARG A 742 -3.73 58.80 -79.69
CA ARG A 742 -4.09 60.22 -79.70
C ARG A 742 -5.39 60.51 -80.43
N SER A 743 -5.90 59.54 -81.21
CA SER A 743 -7.23 59.72 -81.78
C SER A 743 -8.27 59.93 -80.69
N LEU A 744 -8.31 59.03 -79.71
CA LEU A 744 -9.17 59.17 -78.54
C LEU A 744 -8.84 58.04 -77.57
N THR A 745 -8.92 58.34 -76.28
CA THR A 745 -8.64 57.32 -75.27
C THR A 745 -9.23 57.78 -73.94
N GLU A 746 -9.42 56.80 -73.05
CA GLU A 746 -9.81 56.97 -71.66
C GLU A 746 -9.17 55.82 -70.90
N LEU A 747 -8.85 56.04 -69.63
CA LEU A 747 -8.02 55.08 -68.91
C LEU A 747 -8.62 54.74 -67.55
N ASP A 748 -8.47 53.47 -67.17
CA ASP A 748 -8.74 53.00 -65.82
C ASP A 748 -7.63 52.04 -65.42
N LEU A 749 -7.14 52.22 -64.19
CA LEU A 749 -6.27 51.25 -63.54
C LEU A 749 -6.72 51.19 -62.08
N SER A 750 -7.66 50.28 -61.81
CA SER A 750 -8.25 50.17 -60.48
C SER A 750 -8.10 48.75 -59.97
N ASP A 751 -8.06 48.62 -58.65
CA ASP A 751 -7.95 47.33 -57.97
C ASP A 751 -6.72 46.57 -58.45
N ASN A 752 -5.65 47.30 -58.77
CA ASN A 752 -4.40 46.71 -59.20
C ASN A 752 -3.23 47.41 -58.52
N THR A 753 -2.30 46.62 -58.00
CA THR A 753 -1.21 47.15 -57.17
C THR A 753 -0.09 47.67 -58.05
N LEU A 754 -0.08 48.96 -58.31
CA LEU A 754 1.05 49.58 -59.01
C LEU A 754 2.20 49.74 -58.02
N GLY A 755 3.32 49.07 -58.30
CA GLY A 755 4.43 49.06 -57.37
C GLY A 755 5.10 50.42 -57.25
N ASP A 756 6.27 50.42 -56.62
CA ASP A 756 7.05 51.66 -56.50
C ASP A 756 7.32 52.30 -57.86
N PRO A 757 7.77 51.57 -58.89
CA PRO A 757 7.71 52.13 -60.24
C PRO A 757 6.37 51.95 -60.91
N GLY A 758 5.44 51.22 -60.30
CA GLY A 758 4.06 51.24 -60.78
C GLY A 758 3.45 52.61 -60.70
N MET A 759 3.81 53.37 -59.66
CA MET A 759 3.54 54.80 -59.68
C MET A 759 4.27 55.48 -60.82
N ARG A 760 5.51 55.06 -61.08
CA ARG A 760 6.34 55.75 -62.07
C ARG A 760 5.81 55.55 -63.48
N VAL A 761 5.08 54.48 -63.75
CA VAL A 761 4.51 54.36 -65.08
C VAL A 761 3.37 55.36 -65.22
N LEU A 762 3.08 55.71 -66.47
CA LEU A 762 1.97 56.58 -66.82
C LEU A 762 2.24 58.02 -66.41
N CYS A 763 3.31 58.24 -65.66
CA CYS A 763 3.73 59.63 -65.43
C CYS A 763 4.56 60.11 -66.60
N GLU A 764 5.66 59.44 -66.91
CA GLU A 764 6.38 59.75 -68.13
C GLU A 764 5.47 59.66 -69.36
N ALA A 765 4.49 58.76 -69.33
CA ALA A 765 3.50 58.70 -70.41
C ALA A 765 2.67 59.97 -70.49
N LEU A 766 2.15 60.44 -69.36
CA LEU A 766 1.43 61.71 -69.45
C LEU A 766 2.35 62.90 -69.66
N GLN A 767 3.65 62.73 -69.49
CA GLN A 767 4.60 63.83 -69.58
C GLN A 767 4.95 64.23 -71.01
N HIS A 768 4.34 63.62 -72.01
CA HIS A 768 4.56 64.18 -73.33
C HIS A 768 3.29 64.79 -73.87
N PRO A 769 3.38 65.89 -74.61
CA PRO A 769 2.16 66.53 -75.10
C PRO A 769 1.45 65.70 -76.14
N GLY A 770 0.36 66.23 -76.70
CA GLY A 770 -0.44 65.51 -77.65
C GLY A 770 -1.89 65.44 -77.19
N CYS A 771 -2.54 64.33 -77.53
CA CYS A 771 -3.87 64.00 -77.04
C CYS A 771 -3.72 62.85 -76.06
N ASN A 772 -4.04 63.11 -74.80
CA ASN A 772 -3.87 62.14 -73.72
C ASN A 772 -5.21 61.92 -73.01
N ILE A 773 -5.15 61.24 -71.87
CA ILE A 773 -6.35 60.76 -71.21
C ILE A 773 -7.15 61.92 -70.66
N GLN A 774 -8.44 61.95 -70.99
CA GLN A 774 -9.33 62.94 -70.38
C GLN A 774 -9.57 62.67 -68.91
N ARG A 775 -9.48 61.41 -68.48
CA ARG A 775 -9.94 61.08 -67.13
C ARG A 775 -9.18 59.88 -66.58
N LEU A 776 -8.37 60.13 -65.56
CA LEU A 776 -7.47 59.12 -65.01
C LEU A 776 -8.07 58.53 -63.75
N TRP A 777 -8.04 57.21 -63.63
CA TRP A 777 -8.60 56.50 -62.48
C TRP A 777 -7.52 55.69 -61.79
N LEU A 778 -7.34 55.92 -60.49
CA LEU A 778 -6.49 55.07 -59.65
C LEU A 778 -7.29 54.82 -58.37
N GLY A 779 -8.13 53.79 -58.40
CA GLY A 779 -8.98 53.55 -57.26
C GLY A 779 -8.74 52.18 -56.66
N ARG A 780 -8.60 52.13 -55.33
CA ARG A 780 -8.26 50.92 -54.59
C ARG A 780 -6.94 50.31 -55.07
N CYS A 781 -6.20 51.01 -55.91
CA CYS A 781 -4.95 50.49 -56.42
C CYS A 781 -3.89 50.48 -55.32
N GLY A 782 -2.97 49.53 -55.41
CA GLY A 782 -1.80 49.56 -54.56
C GLY A 782 -1.05 50.84 -54.82
N LEU A 783 -1.13 51.79 -53.90
CA LEU A 783 -0.59 53.11 -54.15
C LEU A 783 -0.18 53.71 -52.82
N SER A 784 0.76 54.65 -52.88
CA SER A 784 1.32 55.21 -51.65
C SER A 784 1.71 56.66 -51.90
N HIS A 785 2.50 57.22 -50.99
CA HIS A 785 2.85 58.63 -51.05
C HIS A 785 3.65 58.96 -52.30
N GLN A 786 4.43 58.01 -52.80
CA GLN A 786 5.39 58.29 -53.88
C GLN A 786 4.69 58.87 -55.11
N CYS A 787 3.51 58.34 -55.43
CA CYS A 787 2.79 58.79 -56.62
C CYS A 787 2.52 60.28 -56.60
N CYS A 788 2.44 60.87 -55.41
CA CYS A 788 1.96 62.23 -55.27
C CYS A 788 2.75 63.23 -56.10
N PHE A 789 4.05 63.36 -55.83
CA PHE A 789 4.90 64.22 -56.67
C PHE A 789 4.79 63.90 -58.16
N ASP A 790 4.89 62.62 -58.52
CA ASP A 790 4.70 62.18 -59.90
C ASP A 790 3.43 62.78 -60.51
N ILE A 791 2.28 62.50 -59.89
CA ILE A 791 1.03 62.95 -60.45
C ILE A 791 0.97 64.47 -60.43
N SER A 792 1.54 65.12 -59.43
CA SER A 792 1.61 66.59 -59.46
C SER A 792 2.31 67.07 -60.72
N SER A 793 3.43 66.43 -61.05
CA SER A 793 4.17 66.75 -62.26
C SER A 793 3.29 66.60 -63.50
N VAL A 794 2.61 65.45 -63.61
CA VAL A 794 1.79 65.27 -64.81
C VAL A 794 0.56 66.15 -64.79
N LEU A 795 0.01 66.46 -63.62
CA LEU A 795 -1.07 67.44 -63.52
C LEU A 795 -0.62 68.82 -63.96
N SER A 796 0.67 69.09 -63.84
CA SER A 796 1.22 70.33 -64.39
C SER A 796 1.40 70.25 -65.90
N SER A 797 1.94 69.15 -66.39
CA SER A 797 2.31 69.06 -67.80
C SER A 797 1.17 68.60 -68.70
N SER A 798 0.06 68.17 -68.11
CA SER A 798 -1.10 67.67 -68.84
C SER A 798 -2.06 68.79 -69.17
N GLN A 799 -2.43 68.88 -70.44
CA GLN A 799 -3.50 69.77 -70.89
C GLN A 799 -4.72 69.00 -71.38
N LYS A 800 -4.81 67.70 -71.09
CA LYS A 800 -5.95 66.91 -71.53
C LYS A 800 -6.73 66.28 -70.39
N LEU A 801 -6.11 66.01 -69.25
CA LEU A 801 -6.81 65.42 -68.13
C LEU A 801 -7.89 66.38 -67.64
N VAL A 802 -9.09 65.85 -67.36
CA VAL A 802 -10.11 66.72 -66.81
C VAL A 802 -10.51 66.20 -65.43
N GLU A 803 -10.37 64.90 -65.20
CA GLU A 803 -10.56 64.41 -63.84
C GLU A 803 -9.48 63.42 -63.51
N LEU A 804 -9.18 63.29 -62.22
CA LEU A 804 -8.24 62.30 -61.73
C LEU A 804 -8.74 61.78 -60.40
N ASP A 805 -8.85 60.46 -60.29
CA ASP A 805 -9.37 59.80 -59.11
C ASP A 805 -8.26 59.10 -58.36
N LEU A 806 -8.30 59.23 -57.04
CA LEU A 806 -7.37 58.59 -56.12
C LEU A 806 -8.23 58.00 -55.01
N SER A 807 -8.69 56.77 -55.21
CA SER A 807 -9.65 56.15 -54.31
C SER A 807 -9.03 54.99 -53.55
N ASP A 808 -9.37 54.89 -52.26
CA ASP A 808 -9.03 53.73 -51.43
C ASP A 808 -7.54 53.45 -51.42
N ASN A 809 -6.75 54.43 -51.83
CA ASN A 809 -5.31 54.31 -51.97
C ASN A 809 -4.60 55.09 -50.86
N ALA A 810 -3.55 54.49 -50.31
CA ALA A 810 -2.93 54.99 -49.09
C ALA A 810 -2.08 56.22 -49.37
N LEU A 811 -2.76 57.28 -49.83
CA LEU A 811 -2.15 58.60 -49.96
C LEU A 811 -2.34 59.34 -48.65
N GLY A 812 -1.54 58.95 -47.66
CA GLY A 812 -1.78 59.35 -46.30
C GLY A 812 -1.86 60.84 -46.07
N ASP A 813 -0.73 61.55 -46.17
CA ASP A 813 -0.76 62.99 -45.99
C ASP A 813 0.54 63.52 -46.55
N PHE A 814 0.56 64.83 -46.82
CA PHE A 814 1.73 65.55 -47.34
C PHE A 814 1.95 65.15 -48.78
N GLY A 815 1.25 64.11 -49.20
CA GLY A 815 1.16 63.78 -50.59
C GLY A 815 -0.04 64.50 -51.11
N ILE A 816 -0.97 64.79 -50.20
CA ILE A 816 -2.03 65.72 -50.56
C ILE A 816 -1.41 67.10 -50.77
N ARG A 817 -0.35 67.43 -50.02
CA ARG A 817 0.38 68.64 -50.32
C ARG A 817 1.03 68.57 -51.69
N LEU A 818 1.66 67.45 -52.03
CA LEU A 818 2.26 67.37 -53.36
C LEU A 818 1.19 67.51 -54.44
N LEU A 819 0.04 66.86 -54.23
CA LEU A 819 -1.11 67.00 -55.12
C LEU A 819 -1.50 68.46 -55.29
N CYS A 820 -1.67 69.18 -54.18
CA CYS A 820 -2.21 70.52 -54.28
C CYS A 820 -1.20 71.47 -54.90
N VAL A 821 0.08 71.30 -54.61
CA VAL A 821 1.06 72.17 -55.24
C VAL A 821 1.12 71.90 -56.73
N GLY A 822 1.02 70.62 -57.13
CA GLY A 822 0.94 70.32 -58.55
C GLY A 822 -0.29 70.92 -59.20
N LEU A 823 -1.42 70.92 -58.50
CA LEU A 823 -2.63 71.51 -59.06
C LEU A 823 -2.48 73.01 -59.24
N LYS A 824 -2.05 73.72 -58.19
CA LYS A 824 -2.10 75.17 -58.25
C LYS A 824 -0.97 75.76 -59.06
N HIS A 825 0.21 75.13 -59.07
CA HIS A 825 1.40 75.80 -59.59
C HIS A 825 1.23 76.18 -61.06
N LEU A 826 0.70 75.26 -61.86
CA LEU A 826 0.43 75.53 -63.25
C LEU A 826 -1.06 75.75 -63.46
N LEU A 827 -1.46 75.92 -64.71
CA LEU A 827 -2.87 76.04 -65.09
C LEU A 827 -3.35 74.73 -65.68
N CYS A 828 -4.18 74.01 -64.94
CA CYS A 828 -4.65 72.69 -65.33
C CYS A 828 -6.17 72.69 -65.44
N ASN A 829 -6.69 71.96 -66.42
CA ASN A 829 -8.12 71.89 -66.68
C ASN A 829 -8.75 70.69 -65.95
N LEU A 830 -8.55 70.66 -64.63
CA LEU A 830 -9.05 69.58 -63.80
C LEU A 830 -10.47 69.88 -63.35
N GLN A 831 -11.32 68.86 -63.38
CA GLN A 831 -12.74 69.00 -63.08
C GLN A 831 -13.14 68.24 -61.83
N LYS A 832 -12.84 66.95 -61.74
CA LYS A 832 -13.09 66.18 -60.54
C LYS A 832 -11.80 66.08 -59.74
N LEU A 833 -11.95 65.74 -58.46
CA LEU A 833 -10.81 65.44 -57.61
C LEU A 833 -11.36 64.65 -56.44
N TRP A 834 -11.03 63.37 -56.40
CA TRP A 834 -11.57 62.46 -55.41
C TRP A 834 -10.46 62.04 -54.46
N LEU A 835 -10.59 62.42 -53.19
CA LEU A 835 -9.68 61.95 -52.14
C LEU A 835 -10.41 61.02 -51.20
N VAL A 836 -11.39 60.28 -51.73
CA VAL A 836 -12.25 59.45 -50.90
C VAL A 836 -11.44 58.35 -50.25
N SER A 837 -11.60 58.20 -48.93
CA SER A 837 -11.01 57.10 -48.18
C SER A 837 -9.49 57.12 -48.26
N CYS A 838 -8.89 58.26 -48.57
CA CYS A 838 -7.45 58.44 -48.46
C CYS A 838 -7.13 58.88 -47.04
N CYS A 839 -6.27 58.13 -46.36
CA CYS A 839 -6.13 58.27 -44.91
C CYS A 839 -5.39 59.57 -44.62
N LEU A 840 -6.09 60.68 -44.74
CA LEU A 840 -5.53 61.98 -44.43
C LEU A 840 -6.18 62.55 -43.17
N THR A 841 -5.65 63.69 -42.73
CA THR A 841 -6.13 64.39 -41.56
C THR A 841 -6.41 65.85 -41.92
N SER A 842 -6.90 66.59 -40.93
CA SER A 842 -7.20 68.00 -41.12
C SER A 842 -5.96 68.80 -41.45
N ALA A 843 -4.77 68.27 -41.17
CA ALA A 843 -3.53 69.02 -41.33
C ALA A 843 -3.20 69.33 -42.78
N CYS A 844 -3.96 68.79 -43.73
CA CYS A 844 -3.79 69.13 -45.14
C CYS A 844 -4.96 69.90 -45.71
N CYS A 845 -6.08 69.97 -44.97
CA CYS A 845 -7.25 70.67 -45.48
C CYS A 845 -6.93 72.12 -45.82
N GLN A 846 -6.02 72.75 -45.08
CA GLN A 846 -5.68 74.14 -45.38
C GLN A 846 -5.09 74.23 -46.78
N ASP A 847 -4.21 73.29 -47.12
CA ASP A 847 -3.64 73.24 -48.46
C ASP A 847 -4.71 72.97 -49.50
N LEU A 848 -5.67 72.10 -49.18
CA LEU A 848 -6.78 71.89 -50.10
C LEU A 848 -7.51 73.21 -50.34
N ALA A 849 -7.73 73.99 -49.29
CA ALA A 849 -8.42 75.26 -49.45
C ALA A 849 -7.60 76.24 -50.28
N LEU A 850 -6.28 76.26 -50.07
CA LEU A 850 -5.43 77.13 -50.87
C LEU A 850 -5.54 76.79 -52.34
N VAL A 851 -5.40 75.51 -52.68
CA VAL A 851 -5.46 75.15 -54.09
C VAL A 851 -6.86 75.39 -54.65
N LEU A 852 -7.90 75.17 -53.84
CA LEU A 852 -9.25 75.44 -54.29
C LEU A 852 -9.46 76.93 -54.58
N SER A 853 -8.91 77.78 -53.72
CA SER A 853 -9.00 79.22 -53.96
C SER A 853 -8.24 79.62 -55.21
N SER A 854 -7.04 79.07 -55.40
CA SER A 854 -6.23 79.44 -56.55
C SER A 854 -6.89 79.00 -57.85
N ASN A 855 -7.19 77.72 -57.96
CA ASN A 855 -7.76 77.18 -59.18
C ASN A 855 -9.26 77.47 -59.26
N HIS A 856 -9.75 77.54 -60.49
CA HIS A 856 -11.18 77.64 -60.75
C HIS A 856 -11.72 76.52 -61.61
N SER A 857 -10.85 75.82 -62.35
CA SER A 857 -11.29 74.69 -63.16
C SER A 857 -11.89 73.59 -62.30
N LEU A 858 -11.23 73.29 -61.17
CA LEU A 858 -11.74 72.25 -60.29
C LEU A 858 -13.03 72.72 -59.64
N THR A 859 -14.08 71.90 -59.78
CA THR A 859 -15.38 72.24 -59.23
C THR A 859 -16.09 71.07 -58.58
N ARG A 860 -15.46 69.90 -58.49
CA ARG A 860 -16.11 68.68 -58.02
C ARG A 860 -15.09 67.95 -57.15
N LEU A 861 -15.19 68.11 -55.83
CA LEU A 861 -14.11 67.75 -54.93
C LEU A 861 -14.63 66.82 -53.84
N TYR A 862 -14.64 65.51 -54.14
CA TYR A 862 -14.97 64.53 -53.11
C TYR A 862 -13.79 64.34 -52.17
N ILE A 863 -14.07 64.37 -50.87
CA ILE A 863 -13.09 64.04 -49.84
C ILE A 863 -13.68 62.88 -49.03
N GLY A 864 -14.44 62.02 -49.70
CA GLY A 864 -15.40 61.16 -49.05
C GLY A 864 -14.95 60.37 -47.84
N GLU A 865 -15.50 60.76 -46.69
CA GLU A 865 -15.48 60.00 -45.43
C GLU A 865 -14.13 59.33 -45.19
N ASN A 866 -13.07 60.11 -45.38
CA ASN A 866 -11.73 59.75 -44.95
C ASN A 866 -11.54 60.14 -43.49
N ALA A 867 -10.29 60.19 -43.02
CA ALA A 867 -10.03 60.40 -41.59
C ALA A 867 -9.84 61.87 -41.23
N LEU A 868 -10.76 62.75 -41.62
CA LEU A 868 -10.74 64.13 -41.15
C LEU A 868 -12.03 64.45 -40.40
N GLY A 869 -12.16 65.71 -40.00
CA GLY A 869 -13.37 66.17 -39.35
C GLY A 869 -13.27 67.60 -38.85
N ASP A 870 -13.64 67.80 -37.59
CA ASP A 870 -13.48 69.09 -36.94
C ASP A 870 -12.01 69.52 -36.94
N SER A 871 -11.79 70.78 -36.58
CA SER A 871 -10.49 71.44 -36.48
C SER A 871 -9.92 71.75 -37.85
N GLY A 872 -10.53 71.19 -38.89
CA GLY A 872 -10.42 71.71 -40.23
C GLY A 872 -11.52 72.69 -40.56
N VAL A 873 -12.41 72.93 -39.59
CA VAL A 873 -13.69 73.60 -39.85
C VAL A 873 -13.48 75.01 -40.39
N GLN A 874 -12.56 75.78 -39.79
CA GLN A 874 -12.28 77.11 -40.30
C GLN A 874 -11.81 77.05 -41.75
N VAL A 875 -10.96 76.09 -42.07
CA VAL A 875 -10.53 75.89 -43.46
C VAL A 875 -11.72 75.53 -44.34
N LEU A 876 -12.56 74.61 -43.87
CA LEU A 876 -13.75 74.20 -44.62
C LEU A 876 -14.57 75.41 -45.02
N CYS A 877 -14.79 76.32 -44.07
CA CYS A 877 -15.52 77.54 -44.38
C CYS A 877 -14.74 78.40 -45.37
N GLU A 878 -13.48 78.72 -45.05
CA GLU A 878 -12.79 79.73 -45.84
C GLU A 878 -12.42 79.23 -47.23
N LYS A 879 -12.61 77.95 -47.54
CA LYS A 879 -12.57 77.53 -48.93
C LYS A 879 -13.50 78.40 -49.77
N MET A 880 -14.75 78.53 -49.33
CA MET A 880 -15.80 79.18 -50.11
C MET A 880 -16.24 80.49 -49.50
N LYS A 881 -15.38 81.14 -48.72
CA LYS A 881 -15.77 82.33 -47.98
C LYS A 881 -16.23 83.45 -48.90
N ASP A 882 -15.86 83.39 -50.17
CA ASP A 882 -16.27 84.38 -51.16
C ASP A 882 -16.99 83.67 -52.31
N PRO A 883 -17.67 84.41 -53.18
CA PRO A 883 -18.21 83.79 -54.39
C PRO A 883 -17.12 83.41 -55.39
N GLN A 884 -17.53 83.05 -56.60
CA GLN A 884 -16.65 82.69 -57.71
C GLN A 884 -15.64 81.59 -57.33
N CYS A 885 -15.98 80.79 -56.32
CA CYS A 885 -15.15 79.65 -55.98
C CYS A 885 -15.29 78.54 -57.02
N ASN A 886 -16.51 78.35 -57.54
CA ASN A 886 -16.80 77.34 -58.57
C ASN A 886 -16.47 75.94 -58.07
N LEU A 887 -17.20 75.51 -57.05
CA LEU A 887 -17.13 74.15 -56.51
C LEU A 887 -18.54 73.59 -56.42
N GLN A 888 -19.02 72.94 -57.48
CA GLN A 888 -20.42 72.53 -57.53
C GLN A 888 -20.74 71.57 -56.41
N LYS A 889 -20.18 70.37 -56.45
CA LYS A 889 -20.43 69.37 -55.41
C LYS A 889 -19.25 69.30 -54.45
N LEU A 890 -19.57 68.94 -53.21
CA LEU A 890 -18.54 68.82 -52.17
C LEU A 890 -19.02 67.69 -51.25
N GLY A 891 -18.55 66.48 -51.53
CA GLY A 891 -18.80 65.38 -50.62
C GLY A 891 -18.07 65.60 -49.31
N LEU A 892 -18.67 65.10 -48.24
CA LEU A 892 -18.11 65.31 -46.91
C LEU A 892 -17.82 63.98 -46.23
N VAL A 893 -17.41 64.10 -44.96
CA VAL A 893 -16.60 63.12 -44.27
C VAL A 893 -17.30 62.74 -42.97
N ASN A 894 -16.94 61.56 -42.47
CA ASN A 894 -17.34 61.22 -41.10
C ASN A 894 -16.58 62.15 -40.18
N SER A 895 -17.26 63.18 -39.69
CA SER A 895 -16.62 64.27 -38.98
C SER A 895 -16.70 64.03 -37.47
N GLY A 896 -16.23 65.01 -36.70
CA GLY A 896 -16.24 64.91 -35.26
C GLY A 896 -17.24 65.83 -34.60
N LEU A 897 -16.77 66.91 -33.98
CA LEU A 897 -17.67 67.86 -33.34
C LEU A 897 -18.54 68.52 -34.40
N THR A 898 -19.85 68.27 -34.30
CA THR A 898 -20.79 68.74 -35.32
C THR A 898 -20.84 70.25 -35.41
N SER A 899 -21.06 70.92 -34.27
CA SER A 899 -21.50 72.31 -34.26
C SER A 899 -20.64 73.21 -35.13
N ILE A 900 -19.32 73.14 -34.97
CA ILE A 900 -18.48 74.10 -35.69
C ILE A 900 -18.44 73.78 -37.18
N CYS A 901 -18.34 72.50 -37.53
CA CYS A 901 -18.27 72.15 -38.95
C CYS A 901 -19.58 72.50 -39.66
N CYS A 902 -20.71 72.23 -39.03
CA CYS A 902 -21.97 72.61 -39.64
C CYS A 902 -22.15 74.12 -39.65
N SER A 903 -21.51 74.83 -38.72
CA SER A 903 -21.51 76.29 -38.80
C SER A 903 -20.75 76.77 -40.04
N ALA A 904 -19.60 76.16 -40.30
CA ALA A 904 -18.87 76.45 -41.53
C ALA A 904 -19.73 76.11 -42.74
N LEU A 905 -20.48 75.03 -42.66
CA LEU A 905 -21.39 74.66 -43.73
C LEU A 905 -22.46 75.72 -43.93
N THR A 906 -22.95 76.30 -42.83
CA THR A 906 -23.92 77.39 -42.97
C THR A 906 -23.28 78.58 -43.64
N SER A 907 -22.04 78.90 -43.28
CA SER A 907 -21.35 80.01 -43.92
C SER A 907 -21.24 79.79 -45.42
N VAL A 908 -20.79 78.61 -45.83
CA VAL A 908 -20.67 78.33 -47.27
C VAL A 908 -22.04 78.38 -47.93
N LEU A 909 -23.06 77.82 -47.29
CA LEU A 909 -24.38 77.80 -47.90
C LEU A 909 -24.92 79.21 -48.09
N LYS A 910 -24.76 80.08 -47.09
CA LYS A 910 -25.26 81.44 -47.21
C LYS A 910 -24.42 82.33 -48.13
N THR A 911 -23.14 82.02 -48.33
CA THR A 911 -22.31 82.92 -49.12
C THR A 911 -22.05 82.40 -50.52
N ASN A 912 -21.58 81.16 -50.64
CA ASN A 912 -21.06 80.64 -51.89
C ASN A 912 -22.19 80.42 -52.89
N GLN A 913 -21.97 80.86 -54.13
CA GLN A 913 -22.85 80.52 -55.23
C GLN A 913 -22.54 79.12 -55.74
N ASN A 914 -23.35 78.67 -56.69
CA ASN A 914 -23.26 77.41 -57.45
C ASN A 914 -22.65 76.28 -56.63
N PHE A 915 -23.16 76.07 -55.43
CA PHE A 915 -22.73 74.99 -54.54
C PHE A 915 -23.88 74.00 -54.54
N THR A 916 -23.82 73.05 -55.47
CA THR A 916 -25.02 72.28 -55.81
C THR A 916 -25.28 71.12 -54.84
N HIS A 917 -24.24 70.45 -54.34
CA HIS A 917 -24.45 69.33 -53.44
C HIS A 917 -23.65 69.52 -52.16
N LEU A 918 -24.08 68.80 -51.13
CA LEU A 918 -23.39 68.78 -49.84
C LEU A 918 -23.68 67.41 -49.22
N TYR A 919 -22.76 66.47 -49.44
CA TYR A 919 -23.00 65.06 -49.14
C TYR A 919 -22.46 64.68 -47.76
N LEU A 920 -23.03 65.31 -46.73
CA LEU A 920 -22.83 64.81 -45.38
C LEU A 920 -23.50 63.47 -45.23
N ARG A 921 -22.72 62.44 -44.90
CA ARG A 921 -23.25 61.09 -44.82
C ARG A 921 -22.52 60.32 -43.73
N SER A 922 -23.25 59.48 -43.00
CA SER A 922 -22.72 58.67 -41.91
C SER A 922 -21.91 59.51 -40.93
N ASN A 923 -22.47 60.65 -40.56
CA ASN A 923 -21.81 61.63 -39.71
C ASN A 923 -22.54 61.77 -38.39
N ALA A 924 -21.78 61.90 -37.31
CA ALA A 924 -22.37 62.15 -35.99
C ALA A 924 -22.76 63.61 -35.89
N LEU A 925 -23.87 63.95 -36.53
CA LEU A 925 -24.41 65.30 -36.55
C LEU A 925 -25.63 65.35 -35.65
N GLY A 926 -25.72 66.38 -34.81
CA GLY A 926 -26.78 66.47 -33.83
C GLY A 926 -27.94 67.35 -34.26
N ASP A 927 -28.97 67.35 -33.43
CA ASP A 927 -30.16 68.14 -33.71
C ASP A 927 -29.84 69.62 -33.78
N THR A 928 -28.97 70.11 -32.87
CA THR A 928 -28.54 71.50 -32.93
C THR A 928 -27.77 71.76 -34.21
N GLY A 929 -26.95 70.80 -34.63
CA GLY A 929 -26.19 70.91 -35.86
C GLY A 929 -27.09 71.13 -37.05
N LEU A 930 -27.97 70.17 -37.31
CA LEU A 930 -28.90 70.31 -38.43
C LEU A 930 -29.83 71.50 -38.26
N ARG A 931 -30.13 71.90 -37.03
CA ARG A 931 -30.92 73.10 -36.80
C ARG A 931 -30.20 74.33 -37.33
N LEU A 932 -28.95 74.50 -36.95
CA LEU A 932 -28.23 75.64 -37.48
C LEU A 932 -27.98 75.49 -38.97
N LEU A 933 -27.95 74.25 -39.48
CA LEU A 933 -27.89 74.06 -40.92
C LEU A 933 -29.11 74.65 -41.61
N CYS A 934 -30.31 74.32 -41.13
CA CYS A 934 -31.49 74.93 -41.75
C CYS A 934 -31.50 76.43 -41.53
N GLU A 935 -30.92 76.90 -40.42
CA GLU A 935 -30.70 78.34 -40.27
C GLU A 935 -29.78 78.88 -41.36
N GLY A 936 -28.80 78.08 -41.78
CA GLY A 936 -28.00 78.46 -42.94
C GLY A 936 -28.84 78.50 -44.21
N LEU A 937 -29.77 77.57 -44.33
CA LEU A 937 -30.73 77.61 -45.43
C LEU A 937 -31.63 78.83 -45.36
N LEU A 938 -31.73 79.47 -44.19
CA LEU A 938 -32.60 80.63 -44.05
C LEU A 938 -32.16 81.78 -44.95
N HIS A 939 -30.88 81.86 -45.28
CA HIS A 939 -30.44 82.83 -46.26
C HIS A 939 -31.11 82.53 -47.59
N PRO A 940 -31.98 83.41 -48.07
CA PRO A 940 -32.60 83.17 -49.38
C PRO A 940 -31.61 83.37 -50.50
N ASP A 941 -32.03 83.09 -51.73
CA ASP A 941 -31.23 83.25 -52.95
C ASP A 941 -29.98 82.36 -52.90
N CYS A 942 -29.89 81.45 -51.95
CA CYS A 942 -28.82 80.47 -51.89
C CYS A 942 -29.20 79.27 -52.75
N LYS A 943 -28.45 79.04 -53.81
CA LYS A 943 -28.79 77.96 -54.75
C LYS A 943 -28.06 76.71 -54.29
N LEU A 944 -28.77 75.85 -53.58
CA LEU A 944 -28.24 74.57 -53.11
C LEU A 944 -29.18 73.50 -53.63
N GLN A 945 -28.69 72.66 -54.54
CA GLN A 945 -29.46 71.51 -55.00
C GLN A 945 -29.38 70.37 -53.99
N MET A 946 -29.59 69.15 -54.49
CA MET A 946 -29.73 67.91 -53.74
C MET A 946 -28.86 67.94 -52.49
N LEU A 947 -29.44 67.61 -51.33
CA LEU A 947 -28.76 67.63 -50.06
C LEU A 947 -29.06 66.34 -49.31
N GLU A 948 -28.22 66.04 -48.31
CA GLU A 948 -28.38 64.80 -47.55
C GLU A 948 -27.93 65.00 -46.12
N LEU A 949 -28.71 64.42 -45.20
CA LEU A 949 -28.36 64.28 -43.79
C LEU A 949 -28.63 62.82 -43.43
N ASP A 950 -27.56 62.03 -43.26
CA ASP A 950 -27.72 60.58 -43.17
C ASP A 950 -28.04 60.12 -41.75
N ASN A 951 -27.16 60.43 -40.81
CA ASN A 951 -27.25 59.87 -39.47
C ASN A 951 -27.35 61.01 -38.45
N CYS A 952 -28.35 60.93 -37.58
CA CYS A 952 -28.63 61.97 -36.59
C CYS A 952 -29.78 61.48 -35.72
N SER A 953 -30.01 62.21 -34.63
CA SER A 953 -31.12 61.94 -33.73
C SER A 953 -31.76 63.28 -33.39
N LEU A 954 -32.84 63.63 -34.08
CA LEU A 954 -33.43 64.95 -34.01
C LEU A 954 -34.80 64.88 -33.35
N THR A 955 -35.24 66.03 -32.85
CA THR A 955 -36.62 66.20 -32.46
C THR A 955 -37.45 66.51 -33.70
N SER A 956 -38.67 65.97 -33.74
CA SER A 956 -39.45 66.03 -34.97
C SER A 956 -40.13 67.37 -35.12
N HIS A 957 -39.35 68.45 -34.99
CA HIS A 957 -39.76 69.78 -35.40
C HIS A 957 -38.68 70.34 -36.31
N SER A 958 -37.46 69.84 -36.14
CA SER A 958 -36.35 70.23 -37.00
C SER A 958 -36.64 69.94 -38.47
N CYS A 959 -37.06 68.70 -38.76
CA CYS A 959 -37.52 68.37 -40.11
C CYS A 959 -38.64 69.31 -40.54
N TRP A 960 -39.52 69.69 -39.61
CA TRP A 960 -40.55 70.64 -39.93
C TRP A 960 -39.95 71.98 -40.34
N ASN A 961 -38.89 72.42 -39.65
CA ASN A 961 -38.24 73.67 -40.00
C ASN A 961 -37.65 73.60 -41.40
N LEU A 962 -36.99 72.49 -41.73
CA LEU A 962 -36.41 72.38 -43.06
C LEU A 962 -37.49 72.35 -44.13
N SER A 963 -38.58 71.62 -43.88
CA SER A 963 -39.67 71.60 -44.86
C SER A 963 -40.28 72.99 -45.03
N THR A 964 -40.53 73.69 -43.92
CA THR A 964 -41.11 75.02 -44.01
C THR A 964 -40.17 75.98 -44.74
N ILE A 965 -38.87 75.81 -44.55
CA ILE A 965 -37.96 76.75 -45.19
C ILE A 965 -37.85 76.44 -46.68
N LEU A 966 -38.00 75.17 -47.06
CA LEU A 966 -38.18 74.84 -48.48
C LEU A 966 -39.46 75.46 -49.02
N THR A 967 -40.53 75.44 -48.24
CA THR A 967 -41.78 76.06 -48.70
C THR A 967 -41.59 77.56 -48.91
N HIS A 968 -40.87 78.20 -47.98
CA HIS A 968 -40.59 79.63 -48.12
C HIS A 968 -39.75 79.90 -49.35
N ASN A 969 -38.76 79.04 -49.63
CA ASN A 969 -37.92 79.22 -50.81
C ASN A 969 -37.50 77.85 -51.31
N HIS A 970 -37.70 77.62 -52.61
CA HIS A 970 -37.42 76.31 -53.21
C HIS A 970 -35.90 76.15 -53.26
N SER A 971 -35.32 75.84 -52.11
CA SER A 971 -33.88 75.74 -51.98
C SER A 971 -33.33 74.55 -52.75
N LEU A 972 -33.77 73.35 -52.39
CA LEU A 972 -33.20 72.12 -52.93
C LEU A 972 -34.26 71.35 -53.72
N ARG A 973 -33.88 70.15 -54.17
CA ARG A 973 -34.75 69.30 -54.95
C ARG A 973 -35.12 68.01 -54.23
N LYS A 974 -34.15 67.25 -53.74
CA LYS A 974 -34.48 66.11 -52.89
C LYS A 974 -33.55 66.09 -51.70
N LEU A 975 -33.74 65.08 -50.85
CA LEU A 975 -33.08 64.95 -49.58
C LEU A 975 -33.17 63.48 -49.20
N ASN A 976 -32.24 63.04 -48.36
CA ASN A 976 -32.30 61.70 -47.80
C ASN A 976 -32.24 61.77 -46.29
N LEU A 977 -32.97 60.87 -45.64
CA LEU A 977 -32.84 60.63 -44.21
C LEU A 977 -32.58 59.15 -44.05
N GLY A 978 -31.43 58.81 -43.48
CA GLY A 978 -30.97 57.43 -43.52
C GLY A 978 -31.27 56.69 -42.24
N ASN A 979 -30.27 56.51 -41.39
CA ASN A 979 -30.47 55.82 -40.13
C ASN A 979 -31.04 56.74 -39.05
N ASN A 980 -31.72 57.79 -39.46
CA ASN A 980 -32.26 58.78 -38.54
C ASN A 980 -33.47 58.21 -37.80
N ASP A 981 -33.34 58.07 -36.49
CA ASP A 981 -34.47 57.68 -35.65
C ASP A 981 -35.32 58.92 -35.38
N LEU A 982 -36.49 58.99 -36.02
CA LEU A 982 -37.27 60.20 -36.08
C LEU A 982 -38.66 60.10 -35.46
N GLY A 983 -39.22 58.90 -35.32
CA GLY A 983 -40.54 58.76 -34.76
C GLY A 983 -41.64 58.96 -35.77
N ASP A 984 -42.82 58.43 -35.44
CA ASP A 984 -43.96 58.52 -36.33
C ASP A 984 -44.32 59.98 -36.61
N LEU A 985 -44.37 60.79 -35.55
CA LEU A 985 -44.78 62.18 -35.69
C LEU A 985 -43.91 62.92 -36.68
N CYS A 986 -42.65 62.53 -36.81
CA CYS A 986 -41.77 63.17 -37.77
C CYS A 986 -42.31 63.05 -39.18
N VAL A 987 -42.47 61.81 -39.65
CA VAL A 987 -42.98 61.62 -41.00
C VAL A 987 -44.42 62.12 -41.11
N VAL A 988 -45.16 62.16 -40.00
CA VAL A 988 -46.50 62.74 -40.06
C VAL A 988 -46.44 64.22 -40.41
N THR A 989 -45.57 64.95 -39.72
CA THR A 989 -45.37 66.36 -40.05
C THR A 989 -44.83 66.51 -41.46
N LEU A 990 -43.93 65.60 -41.85
CA LEU A 990 -43.38 65.63 -43.19
C LEU A 990 -44.48 65.50 -44.24
N CYS A 991 -45.34 64.50 -44.08
CA CYS A 991 -46.38 64.28 -45.07
C CYS A 991 -47.43 65.37 -45.05
N GLU A 992 -47.75 65.97 -43.89
CA GLU A 992 -48.66 67.10 -43.91
C GLU A 992 -48.06 68.29 -44.68
N VAL A 993 -46.84 68.67 -44.34
CA VAL A 993 -46.27 69.86 -44.96
C VAL A 993 -46.05 69.64 -46.45
N LEU A 994 -45.69 68.42 -46.86
CA LEU A 994 -45.60 68.19 -48.30
C LEU A 994 -46.99 68.11 -48.90
N LYS A 995 -47.99 67.70 -48.10
CA LYS A 995 -49.34 67.55 -48.61
C LYS A 995 -49.88 68.90 -49.05
N GLN A 996 -49.60 69.95 -48.27
CA GLN A 996 -50.06 71.28 -48.60
C GLN A 996 -48.92 71.99 -49.32
N GLN A 997 -48.99 72.00 -50.66
CA GLN A 997 -48.03 72.68 -51.51
C GLN A 997 -46.60 72.30 -51.14
N GLY A 998 -46.31 71.01 -51.40
CA GLY A 998 -45.08 70.37 -50.97
C GLY A 998 -43.79 71.15 -50.98
N CYS A 999 -43.05 71.04 -49.88
CA CYS A 999 -41.83 71.80 -49.69
C CYS A 999 -40.82 71.51 -50.80
N LEU A 1000 -40.34 70.27 -50.86
CA LEU A 1000 -39.50 69.84 -51.94
C LEU A 1000 -40.31 69.69 -53.22
N LEU A 1001 -39.61 69.56 -54.34
CA LEU A 1001 -40.25 69.47 -55.63
C LEU A 1001 -39.85 68.25 -56.44
N GLN A 1002 -38.81 67.52 -56.04
CA GLN A 1002 -38.34 66.38 -56.83
C GLN A 1002 -38.50 65.05 -56.09
N SER A 1003 -37.90 64.87 -54.93
CA SER A 1003 -37.88 63.55 -54.32
C SER A 1003 -37.54 63.64 -52.84
N LEU A 1004 -37.57 62.49 -52.17
CA LEU A 1004 -37.22 62.34 -50.77
C LEU A 1004 -37.01 60.85 -50.53
N GLN A 1005 -35.97 60.52 -49.76
CA GLN A 1005 -35.61 59.13 -49.55
C GLN A 1005 -35.55 58.83 -48.06
N LEU A 1006 -36.30 57.80 -47.64
CA LEU A 1006 -36.35 57.36 -46.26
C LEU A 1006 -36.01 55.88 -46.22
N GLY A 1007 -35.11 55.48 -45.33
CA GLY A 1007 -34.78 54.07 -45.22
C GLY A 1007 -34.66 53.63 -43.77
N GLU A 1008 -34.86 52.33 -43.57
CA GLU A 1008 -34.69 51.62 -42.29
C GLU A 1008 -35.39 52.31 -41.11
N MET A 1009 -36.72 52.34 -41.19
CA MET A 1009 -37.56 52.59 -40.03
C MET A 1009 -38.53 51.44 -39.80
N TYR A 1010 -38.84 51.20 -38.53
CA TYR A 1010 -39.87 50.25 -38.10
C TYR A 1010 -41.09 50.98 -37.57
N LEU A 1011 -41.44 52.08 -38.21
CA LEU A 1011 -42.50 52.96 -37.74
C LEU A 1011 -43.88 52.33 -37.98
N ASN A 1012 -44.87 52.84 -37.27
CA ASN A 1012 -46.22 52.31 -37.40
C ASN A 1012 -46.78 52.63 -38.79
N ARG A 1013 -47.83 51.90 -39.16
CA ARG A 1013 -48.18 51.79 -40.57
C ARG A 1013 -49.11 52.90 -41.06
N GLU A 1014 -49.83 53.60 -40.17
CA GLU A 1014 -50.63 54.72 -40.67
C GLU A 1014 -49.74 55.81 -41.26
N THR A 1015 -48.47 55.83 -40.89
CA THR A 1015 -47.52 56.65 -41.61
C THR A 1015 -47.40 56.17 -43.05
N LYS A 1016 -47.33 54.86 -43.24
CA LYS A 1016 -47.24 54.33 -44.59
C LYS A 1016 -48.49 54.68 -45.38
N ARG A 1017 -49.67 54.59 -44.75
CA ARG A 1017 -50.89 54.91 -45.49
C ARG A 1017 -50.88 56.36 -45.93
N ALA A 1018 -50.47 57.27 -45.04
CA ALA A 1018 -50.44 58.68 -45.43
C ALA A 1018 -49.45 58.92 -46.56
N LEU A 1019 -48.27 58.30 -46.46
CA LEU A 1019 -47.26 58.54 -47.49
C LEU A 1019 -47.67 57.93 -48.81
N GLU A 1020 -48.26 56.73 -48.79
CA GLU A 1020 -48.66 56.11 -50.04
C GLU A 1020 -49.83 56.86 -50.66
N ALA A 1021 -50.67 57.46 -49.81
CA ALA A 1021 -51.76 58.28 -50.33
C ALA A 1021 -51.22 59.48 -51.12
N LEU A 1022 -50.40 60.31 -50.45
CA LEU A 1022 -50.10 61.63 -50.96
C LEU A 1022 -49.49 61.69 -52.37
N GLN A 1023 -48.68 60.70 -52.77
CA GLN A 1023 -48.01 60.84 -54.08
C GLN A 1023 -48.98 60.72 -55.24
N GLU A 1024 -50.02 59.91 -55.11
CA GLU A 1024 -50.92 59.70 -56.24
C GLU A 1024 -51.80 60.92 -56.48
N GLU A 1025 -52.21 61.62 -55.42
CA GLU A 1025 -52.91 62.88 -55.63
C GLU A 1025 -51.95 63.98 -56.06
N LYS A 1026 -50.78 64.06 -55.42
CA LYS A 1026 -49.75 65.03 -55.80
C LYS A 1026 -48.47 64.32 -56.20
N PRO A 1027 -48.15 64.24 -57.49
CA PRO A 1027 -46.86 63.67 -57.91
C PRO A 1027 -45.70 64.65 -57.83
N GLU A 1028 -45.89 65.80 -57.19
CA GLU A 1028 -44.79 66.75 -56.99
C GLU A 1028 -43.65 66.09 -56.23
N LEU A 1029 -43.98 65.46 -55.09
CA LEU A 1029 -43.06 64.54 -54.44
C LEU A 1029 -43.08 63.23 -55.22
N THR A 1030 -42.19 63.16 -56.21
CA THR A 1030 -42.25 62.04 -57.16
C THR A 1030 -42.09 60.71 -56.46
N ILE A 1031 -41.29 60.64 -55.41
CA ILE A 1031 -41.06 59.36 -54.74
C ILE A 1031 -40.61 59.61 -53.31
N VAL A 1032 -41.05 58.71 -52.43
CA VAL A 1032 -40.43 58.47 -51.14
C VAL A 1032 -39.94 57.04 -51.15
N PHE A 1033 -38.67 56.83 -50.82
CA PHE A 1033 -38.15 55.48 -50.80
C PHE A 1033 -38.89 54.70 -49.73
N GLU A 1034 -39.71 53.75 -50.18
CA GLU A 1034 -40.41 52.85 -49.27
C GLU A 1034 -39.41 52.04 -48.45
N ILE A 1035 -39.73 51.87 -47.16
CA ILE A 1035 -38.78 51.26 -46.24
C ILE A 1035 -38.59 49.80 -46.59
N SER A 1036 -39.64 49.01 -46.47
CA SER A 1036 -39.59 47.59 -46.78
C SER A 1036 -40.82 47.10 -47.52
N TRP A 1037 -41.91 47.87 -47.55
CA TRP A 1037 -43.18 47.38 -48.08
C TRP A 1037 -43.72 48.33 -49.14
N ASP B 135 2.68 47.78 15.72
CA ASP B 135 2.36 48.28 17.05
C ASP B 135 2.60 49.78 17.14
N TYR B 136 3.87 50.18 17.07
CA TYR B 136 4.22 51.59 17.06
C TYR B 136 3.72 52.31 15.81
N CYS B 137 3.41 51.57 14.75
CA CYS B 137 3.08 52.21 13.48
C CYS B 137 1.85 53.09 13.63
N LYS B 138 0.81 52.57 14.29
CA LYS B 138 -0.52 53.19 14.27
C LYS B 138 -0.55 54.58 14.91
N MET B 139 0.04 54.76 16.09
CA MET B 139 -0.11 56.07 16.75
C MET B 139 0.63 57.16 15.97
N TYR B 140 1.78 56.84 15.41
CA TYR B 140 2.45 57.86 14.63
C TYR B 140 1.88 58.00 13.23
N ARG B 141 1.25 56.97 12.67
CA ARG B 141 0.57 57.25 11.41
C ARG B 141 -0.61 58.19 11.66
N ARG B 142 -1.14 58.21 12.89
CA ARG B 142 -2.17 59.22 13.13
C ARG B 142 -1.54 60.55 13.44
N HIS B 143 -0.35 60.55 14.05
CA HIS B 143 0.35 61.80 14.28
C HIS B 143 0.69 62.49 12.97
N VAL B 144 1.16 61.72 11.99
CA VAL B 144 1.49 62.31 10.69
C VAL B 144 0.21 62.70 9.95
N ARG B 145 -0.90 61.97 10.15
CA ARG B 145 -2.17 62.41 9.58
C ARG B 145 -2.58 63.77 10.13
N SER B 146 -2.48 63.93 11.45
CA SER B 146 -2.81 65.22 12.05
C SER B 146 -1.88 66.30 11.55
N ARG B 147 -0.61 65.96 11.33
CA ARG B 147 0.36 66.96 10.89
C ARG B 147 0.03 67.45 9.48
N PHE B 148 -0.23 66.52 8.56
CA PHE B 148 -0.35 66.85 7.14
C PHE B 148 -1.79 67.01 6.65
N TYR B 149 -2.79 66.79 7.50
CA TYR B 149 -4.15 67.10 7.09
C TYR B 149 -4.41 68.61 7.19
N SER B 150 -3.92 69.24 8.25
CA SER B 150 -4.18 70.65 8.49
C SER B 150 -3.38 71.58 7.59
N ILE B 151 -2.29 71.09 6.99
CA ILE B 151 -1.45 71.96 6.18
C ILE B 151 -2.17 72.32 4.89
N LYS B 152 -2.15 73.61 4.56
CA LYS B 152 -2.86 74.11 3.39
C LYS B 152 -2.00 75.11 2.62
N ASP B 163 -5.65 71.21 5.26
CA ASP B 163 -6.36 71.08 3.99
C ASP B 163 -5.45 70.47 2.93
N LEU B 164 -5.46 71.09 1.74
CA LEU B 164 -4.63 70.68 0.62
C LEU B 164 -5.00 69.28 0.12
N ASN B 165 -6.05 68.70 0.69
CA ASN B 165 -6.51 67.39 0.24
C ASN B 165 -7.37 67.53 -1.02
N SER B 166 -8.43 68.33 -0.95
CA SER B 166 -9.21 68.69 -2.12
C SER B 166 -8.67 69.94 -2.82
N ARG B 167 -7.39 70.24 -2.65
CA ARG B 167 -6.76 71.43 -3.20
C ARG B 167 -5.50 71.07 -3.98
N TYR B 168 -5.47 69.85 -4.52
CA TYR B 168 -4.28 69.30 -5.16
C TYR B 168 -4.60 68.76 -6.54
N THR B 169 -3.71 69.03 -7.49
CA THR B 169 -3.77 68.44 -8.83
C THR B 169 -2.43 67.77 -9.10
N GLN B 170 -2.49 66.58 -9.69
CA GLN B 170 -1.29 65.77 -9.87
C GLN B 170 -0.26 66.45 -10.75
N LEU B 171 0.98 66.43 -10.29
CA LEU B 171 2.11 66.92 -11.08
C LEU B 171 2.72 65.75 -11.83
N GLN B 172 3.68 66.04 -12.70
CA GLN B 172 4.20 65.03 -13.62
C GLN B 172 5.53 64.49 -13.13
N LEU B 173 5.65 63.16 -13.08
CA LEU B 173 6.89 62.48 -12.77
C LEU B 173 7.46 61.91 -14.06
N VAL B 174 8.73 62.21 -14.34
CA VAL B 174 9.34 61.82 -15.61
C VAL B 174 10.72 61.23 -15.35
N LYS B 175 10.98 60.06 -15.91
CA LYS B 175 12.35 59.57 -16.07
C LYS B 175 12.52 59.12 -17.52
N GLU B 176 13.25 59.90 -18.32
CA GLU B 176 13.44 59.53 -19.72
C GLU B 176 14.60 58.54 -19.86
N HIS B 177 15.80 58.99 -19.50
CA HIS B 177 17.03 58.20 -19.63
C HIS B 177 17.14 57.55 -21.02
N PRO B 178 17.19 58.35 -22.10
CA PRO B 178 17.23 57.83 -23.46
C PRO B 178 18.65 57.57 -23.94
N LEU B 203 5.00 59.85 -14.20
CA LEU B 203 5.10 58.40 -14.09
C LEU B 203 4.01 57.85 -13.15
N LYS B 204 4.35 56.77 -12.45
CA LYS B 204 3.43 56.11 -11.52
C LYS B 204 4.13 55.97 -10.18
N LEU B 205 3.69 56.76 -9.19
CA LEU B 205 4.25 56.65 -7.86
C LEU B 205 4.00 55.26 -7.27
N GLU B 206 2.92 54.62 -7.68
CA GLU B 206 2.70 53.23 -7.29
C GLU B 206 3.80 52.36 -7.85
N LEU B 207 4.35 51.48 -7.00
CA LEU B 207 5.47 50.62 -7.36
C LEU B 207 6.63 51.45 -7.90
N LEU B 208 6.91 52.57 -7.24
CA LEU B 208 8.00 53.44 -7.68
C LEU B 208 9.36 52.74 -7.56
N PHE B 209 9.47 51.77 -6.67
CA PHE B 209 10.76 51.22 -6.28
C PHE B 209 10.91 49.78 -6.76
N GLU B 210 10.57 49.51 -8.01
CA GLU B 210 10.90 48.20 -8.57
C GLU B 210 12.42 48.00 -8.53
N PRO B 211 12.92 46.96 -7.89
CA PRO B 211 14.32 46.57 -8.08
C PRO B 211 14.47 45.61 -9.24
N GLU B 212 13.46 45.55 -10.09
CA GLU B 212 13.42 44.59 -11.19
C GLU B 212 14.68 44.68 -12.04
N ASP B 213 15.05 43.55 -12.63
CA ASP B 213 16.32 43.43 -13.33
C ASP B 213 16.22 43.83 -14.80
N GLY B 214 15.63 44.99 -15.06
CA GLY B 214 15.72 45.58 -16.38
C GLY B 214 16.93 46.47 -16.50
N HIS B 215 16.97 47.52 -15.66
CA HIS B 215 18.16 48.36 -15.54
C HIS B 215 18.41 48.81 -14.11
N SER B 216 17.68 48.28 -13.13
CA SER B 216 17.71 48.80 -11.76
C SER B 216 17.81 47.66 -10.75
N GLU B 217 18.78 46.76 -10.97
CA GLU B 217 18.90 45.57 -10.12
C GLU B 217 19.21 45.94 -8.67
N PRO B 218 20.33 46.56 -8.34
CA PRO B 218 20.70 46.78 -6.94
C PRO B 218 20.28 48.12 -6.36
N VAL B 219 19.44 48.89 -7.04
CA VAL B 219 19.19 50.27 -6.63
C VAL B 219 18.36 50.29 -5.34
N HIS B 220 18.55 51.35 -4.54
CA HIS B 220 17.79 51.56 -3.33
C HIS B 220 17.22 52.97 -3.16
N THR B 221 17.41 53.87 -4.12
CA THR B 221 17.10 55.26 -3.87
C THR B 221 16.73 56.02 -5.13
N VAL B 222 15.92 57.05 -4.94
CA VAL B 222 15.50 57.97 -6.00
C VAL B 222 15.64 59.41 -5.53
N VAL B 223 15.93 60.30 -6.47
CA VAL B 223 16.06 61.73 -6.22
C VAL B 223 14.96 62.42 -7.01
N PHE B 224 14.23 63.31 -6.34
CA PHE B 224 13.20 64.11 -6.98
C PHE B 224 13.84 65.39 -7.52
N GLN B 225 13.53 65.71 -8.77
CA GLN B 225 14.00 66.95 -9.37
C GLN B 225 12.83 67.64 -10.05
N GLY B 226 13.10 68.76 -10.69
CA GLY B 226 12.08 69.49 -11.43
C GLY B 226 12.49 70.93 -11.65
N ALA B 227 11.50 71.74 -12.00
CA ALA B 227 11.73 73.16 -12.23
C ALA B 227 11.97 73.90 -10.92
N ALA B 228 12.55 75.09 -11.04
CA ALA B 228 12.95 75.86 -9.86
C ALA B 228 11.73 76.25 -9.02
N GLY B 229 11.63 75.71 -7.80
CA GLY B 229 10.60 76.12 -6.87
C GLY B 229 9.23 75.50 -7.13
N ILE B 230 9.14 74.17 -7.00
CA ILE B 230 7.86 73.48 -7.10
C ILE B 230 7.12 73.42 -5.77
N GLY B 231 7.74 73.88 -4.68
CA GLY B 231 7.19 73.61 -3.36
C GLY B 231 7.48 72.19 -2.92
N LYS B 232 8.45 71.55 -3.57
CA LYS B 232 8.73 70.11 -3.56
C LYS B 232 8.43 69.42 -2.23
N THR B 233 8.76 70.10 -1.12
CA THR B 233 8.37 69.59 0.18
C THR B 233 6.87 69.30 0.23
N ILE B 234 6.07 70.08 -0.50
CA ILE B 234 4.63 69.82 -0.53
C ILE B 234 4.36 68.44 -1.11
N LEU B 235 5.08 68.07 -2.17
CA LEU B 235 4.88 66.76 -2.78
C LEU B 235 5.36 65.66 -1.86
N ALA B 236 6.46 65.90 -1.15
CA ALA B 236 6.88 64.94 -0.13
C ALA B 236 5.79 64.74 0.91
N ARG B 237 5.17 65.83 1.36
CA ARG B 237 4.09 65.74 2.33
C ARG B 237 2.89 65.00 1.75
N LYS B 238 2.58 65.23 0.47
CA LYS B 238 1.48 64.51 -0.15
C LYS B 238 1.73 63.01 -0.19
N ILE B 239 2.95 62.60 -0.53
CA ILE B 239 3.27 61.17 -0.52
C ILE B 239 3.14 60.61 0.90
N MET B 240 3.68 61.35 1.88
CA MET B 240 3.60 60.90 3.27
C MET B 240 2.16 60.70 3.70
N LEU B 241 1.31 61.72 3.48
CA LEU B 241 -0.08 61.62 3.88
C LEU B 241 -0.82 60.55 3.11
N ASP B 242 -0.48 60.37 1.83
CA ASP B 242 -1.14 59.34 1.03
C ASP B 242 -0.87 57.96 1.61
N TRP B 243 0.37 57.68 2.01
CA TRP B 243 0.62 56.41 2.67
C TRP B 243 -0.09 56.35 4.01
N ALA B 244 -0.03 57.44 4.80
CA ALA B 244 -0.63 57.44 6.12
C ALA B 244 -2.12 57.12 6.06
N LEU B 245 -2.83 57.66 5.07
CA LEU B 245 -4.22 57.33 4.86
C LEU B 245 -4.41 56.02 4.12
N GLY B 246 -3.36 55.46 3.53
CA GLY B 246 -3.51 54.26 2.74
C GLY B 246 -3.84 54.58 1.30
N LYS B 247 -5.14 54.55 0.97
CA LYS B 247 -5.63 54.86 -0.36
C LYS B 247 -5.03 53.91 -1.40
N LEU B 248 -5.37 52.63 -1.22
CA LEU B 248 -4.92 51.53 -2.09
C LEU B 248 -3.41 51.36 -2.07
N PHE B 249 -2.75 51.85 -1.03
CA PHE B 249 -1.29 51.70 -0.89
C PHE B 249 -1.01 50.32 -0.32
N LYS B 250 -0.64 49.38 -1.18
CA LYS B 250 -0.06 48.14 -0.69
C LYS B 250 1.20 48.45 0.11
N ASP B 251 1.17 48.15 1.40
CA ASP B 251 2.24 48.56 2.29
C ASP B 251 3.49 47.74 2.05
N LYS B 252 4.33 48.18 1.12
CA LYS B 252 5.68 47.62 1.00
C LYS B 252 6.57 47.98 2.18
N PHE B 253 6.15 48.90 3.03
CA PHE B 253 6.98 49.43 4.09
C PHE B 253 6.15 49.58 5.36
N ASP B 254 6.83 49.48 6.51
CA ASP B 254 6.19 49.65 7.80
C ASP B 254 6.29 51.07 8.32
N TYR B 255 7.25 51.85 7.84
CA TYR B 255 7.40 53.22 8.28
C TYR B 255 8.03 54.04 7.17
N LEU B 256 7.47 55.23 6.95
CA LEU B 256 8.08 56.25 6.12
C LEU B 256 8.22 57.47 7.02
N PHE B 257 9.46 57.87 7.27
CA PHE B 257 9.71 58.97 8.20
C PHE B 257 9.98 60.25 7.43
N PHE B 258 9.23 61.29 7.76
CA PHE B 258 9.42 62.60 7.16
C PHE B 258 10.49 63.34 7.96
N ILE B 259 11.62 63.59 7.33
CA ILE B 259 12.70 64.35 7.94
C ILE B 259 12.61 65.76 7.41
N HIS B 260 12.48 66.72 8.30
CA HIS B 260 12.43 68.13 7.91
C HIS B 260 13.82 68.70 8.19
N CYS B 261 14.72 68.43 7.24
CA CYS B 261 16.12 68.79 7.38
C CYS B 261 16.31 70.28 7.56
N ARG B 262 15.32 71.08 7.18
CA ARG B 262 15.33 72.51 7.45
C ARG B 262 15.48 72.76 8.95
N GLU B 263 15.04 71.82 9.78
CA GLU B 263 15.35 71.82 11.21
C GLU B 263 16.57 70.99 11.59
N VAL B 264 16.83 69.87 10.89
CA VAL B 264 17.89 68.97 11.29
C VAL B 264 19.23 69.60 10.94
N SER B 265 19.18 70.77 10.30
CA SER B 265 20.34 71.48 9.79
C SER B 265 21.40 71.78 10.84
N LEU B 266 21.11 71.55 12.13
CA LEU B 266 22.02 71.89 13.19
C LEU B 266 23.29 71.02 13.16
N ARG B 267 24.34 71.55 13.77
CA ARG B 267 25.65 70.92 13.90
C ARG B 267 25.72 69.91 15.03
N THR B 268 24.65 69.80 15.82
CA THR B 268 24.66 68.93 16.99
C THR B 268 24.78 67.46 16.58
N PRO B 269 25.65 66.68 17.23
CA PRO B 269 25.74 65.26 16.89
C PRO B 269 24.53 64.52 17.46
N ARG B 270 23.63 64.07 16.60
CA ARG B 270 22.40 63.43 17.04
C ARG B 270 22.31 62.00 16.53
N SER B 271 21.77 61.12 17.37
CA SER B 271 21.58 59.72 17.03
C SER B 271 20.33 59.58 16.15
N LEU B 272 19.86 58.35 15.98
CA LEU B 272 18.59 58.11 15.32
C LEU B 272 17.51 58.98 15.96
N ALA B 273 16.90 59.83 15.15
CA ALA B 273 15.99 60.87 15.63
C ALA B 273 14.63 60.63 15.00
N ASP B 274 13.86 59.74 15.62
CA ASP B 274 12.49 59.50 15.21
C ASP B 274 11.47 60.30 16.01
N LEU B 275 11.87 60.88 17.14
CA LEU B 275 11.02 61.83 17.84
C LEU B 275 11.18 63.22 17.21
N ILE B 276 10.08 63.96 17.13
CA ILE B 276 10.06 65.32 16.61
C ILE B 276 9.49 66.29 17.63
N VAL B 277 8.32 65.98 18.19
CA VAL B 277 7.65 66.85 19.16
C VAL B 277 8.16 66.59 20.58
N SER B 278 9.17 65.73 20.74
CA SER B 278 9.70 65.36 22.05
C SER B 278 8.61 64.74 22.93
N CYS B 279 7.88 63.79 22.34
CA CYS B 279 6.87 63.03 23.06
C CYS B 279 7.58 61.94 23.87
N TRP B 280 6.81 60.98 24.40
CA TRP B 280 7.44 59.86 25.08
C TRP B 280 8.29 59.07 24.09
N PRO B 281 9.46 58.56 24.52
CA PRO B 281 10.42 58.03 23.55
C PRO B 281 9.84 56.89 22.75
N ASP B 282 10.17 56.86 21.46
CA ASP B 282 9.74 55.76 20.62
C ASP B 282 10.46 54.48 21.04
N PRO B 283 9.89 53.31 20.72
CA PRO B 283 10.53 52.04 21.09
C PRO B 283 11.80 51.80 20.31
N ASN B 284 12.79 52.67 20.47
CA ASN B 284 13.94 52.68 19.58
C ASN B 284 14.69 51.36 19.50
N PRO B 285 15.01 50.66 20.60
CA PRO B 285 15.70 49.36 20.49
C PRO B 285 14.87 48.29 19.79
N PRO B 286 13.59 48.07 20.15
CA PRO B 286 12.79 47.15 19.33
C PRO B 286 12.57 47.59 17.89
N VAL B 287 12.57 48.90 17.61
CA VAL B 287 12.60 49.38 16.24
C VAL B 287 13.87 48.92 15.54
N CYS B 288 15.01 48.98 16.23
CA CYS B 288 16.25 48.43 15.69
C CYS B 288 16.16 46.91 15.52
N LYS B 289 15.40 46.25 16.37
CA LYS B 289 15.24 44.80 16.28
C LYS B 289 14.28 44.37 15.19
N ILE B 290 13.36 45.24 14.77
CA ILE B 290 12.45 44.94 13.66
C ILE B 290 13.08 45.41 12.36
N LEU B 291 14.38 45.68 12.41
CA LEU B 291 15.15 46.02 11.21
C LEU B 291 15.66 44.78 10.49
N ARG B 292 16.37 43.89 11.20
CA ARG B 292 17.21 42.90 10.54
C ARG B 292 16.43 42.07 9.52
N LYS B 293 15.32 41.48 9.92
CA LYS B 293 14.58 40.70 8.94
C LYS B 293 13.80 41.62 7.99
N PRO B 294 12.88 42.48 8.47
CA PRO B 294 12.13 43.33 7.53
C PRO B 294 12.81 44.67 7.25
N SER B 295 13.13 44.93 5.99
CA SER B 295 13.62 46.25 5.58
C SER B 295 12.47 47.18 5.24
N ARG B 296 11.48 47.22 6.13
CA ARG B 296 10.24 47.98 5.93
C ARG B 296 10.28 49.33 6.64
N ILE B 297 11.46 49.80 6.98
CA ILE B 297 11.68 51.17 7.45
C ILE B 297 12.16 51.99 6.27
N LEU B 298 11.62 53.21 6.15
CA LEU B 298 12.08 54.15 5.15
C LEU B 298 12.02 55.56 5.71
N PHE B 299 12.95 56.38 5.27
CA PHE B 299 13.13 57.75 5.76
C PHE B 299 12.95 58.67 4.56
N LEU B 300 11.79 59.32 4.48
CA LEU B 300 11.60 60.39 3.51
C LEU B 300 12.24 61.65 4.08
N MET B 301 13.53 61.83 3.77
CA MET B 301 14.23 63.06 4.13
C MET B 301 14.08 64.09 3.01
N ASP B 302 13.88 65.33 3.43
CA ASP B 302 13.55 66.43 2.52
C ASP B 302 14.33 67.66 2.94
N GLY B 303 14.39 68.63 2.03
CA GLY B 303 15.16 69.85 2.23
C GLY B 303 16.66 69.64 2.33
N PHE B 304 17.22 68.82 1.44
CA PHE B 304 18.65 68.54 1.50
C PHE B 304 19.43 69.83 1.24
N ASP B 305 18.82 70.77 0.52
CA ASP B 305 19.44 72.04 0.19
C ASP B 305 19.81 72.80 1.43
N GLU B 306 19.14 72.51 2.55
CA GLU B 306 19.33 73.25 3.80
C GLU B 306 20.22 72.52 4.79
N LEU B 307 20.99 71.51 4.35
CA LEU B 307 22.06 71.03 5.23
C LEU B 307 23.17 72.05 5.32
N GLN B 308 23.17 72.83 6.41
CA GLN B 308 24.03 73.99 6.55
C GLN B 308 25.32 73.53 7.25
N GLY B 309 26.10 74.49 7.74
CA GLY B 309 27.41 74.15 8.27
C GLY B 309 28.58 74.93 7.70
N ALA B 310 29.44 74.26 6.93
CA ALA B 310 30.53 74.92 6.22
C ALA B 310 30.64 74.42 4.78
N PHE B 311 29.52 74.07 4.16
CA PHE B 311 29.45 73.42 2.84
C PHE B 311 30.37 72.21 2.77
N ASP B 312 30.35 71.40 3.82
CA ASP B 312 31.22 70.23 3.96
C ASP B 312 30.35 68.99 3.90
N GLU B 313 30.08 68.50 2.69
CA GLU B 313 29.32 67.27 2.53
C GLU B 313 30.11 66.27 1.67
N HIS B 314 31.42 66.20 1.89
CA HIS B 314 32.28 65.29 1.14
C HIS B 314 32.18 63.90 1.77
N ILE B 315 33.10 63.00 1.38
CA ILE B 315 33.07 61.64 1.87
C ILE B 315 33.30 61.65 3.38
N GLY B 316 32.48 60.89 4.10
CA GLY B 316 32.56 60.91 5.56
C GLY B 316 33.86 60.31 6.06
N GLU B 317 34.51 61.04 6.98
CA GLU B 317 35.76 60.56 7.56
C GLU B 317 35.56 59.32 8.43
N VAL B 318 34.50 59.30 9.24
CA VAL B 318 34.27 58.22 10.20
C VAL B 318 32.85 57.71 10.05
N CYS B 319 32.70 56.39 10.04
CA CYS B 319 31.41 55.73 9.95
C CYS B 319 30.70 55.72 11.31
N THR B 320 29.53 55.09 11.35
CA THR B 320 28.72 54.99 12.55
C THR B 320 28.31 53.55 12.79
N ASP B 321 27.77 53.30 13.98
CA ASP B 321 27.31 51.96 14.35
C ASP B 321 25.99 51.63 13.68
N TRP B 322 25.75 50.34 13.47
CA TRP B 322 24.51 49.89 12.83
C TRP B 322 23.31 50.12 13.73
N GLN B 323 23.49 50.02 15.05
CA GLN B 323 22.39 50.26 15.98
C GLN B 323 21.89 51.70 15.89
N LYS B 324 22.73 52.63 15.45
CA LYS B 324 22.38 54.03 15.26
C LYS B 324 22.00 54.71 16.57
N ALA B 325 22.13 53.98 17.69
CA ALA B 325 21.87 54.55 19.00
C ALA B 325 22.95 55.53 19.43
N VAL B 326 24.08 55.55 18.75
CA VAL B 326 25.15 56.49 19.05
C VAL B 326 24.78 57.87 18.54
N ARG B 327 24.93 58.88 19.40
CA ARG B 327 24.58 60.25 19.05
C ARG B 327 25.70 60.90 18.25
N GLY B 328 26.11 60.26 17.16
CA GLY B 328 27.15 60.81 16.31
C GLY B 328 26.66 61.98 15.49
N ASP B 329 27.62 62.69 14.89
CA ASP B 329 27.29 63.78 14.01
C ASP B 329 26.53 63.27 12.79
N ILE B 330 25.46 63.98 12.41
CA ILE B 330 24.74 63.63 11.19
C ILE B 330 25.66 63.67 9.98
N LEU B 331 26.68 64.53 10.01
CA LEU B 331 27.73 64.47 9.01
C LEU B 331 28.49 63.16 9.08
N LEU B 332 28.78 62.68 10.28
CA LEU B 332 29.59 61.48 10.46
C LEU B 332 28.78 60.23 10.79
N SER B 333 27.48 60.36 11.05
CA SER B 333 26.63 59.20 11.30
C SER B 333 25.56 59.02 10.25
N SER B 334 24.77 60.06 9.99
CA SER B 334 23.67 59.95 9.05
C SER B 334 24.19 59.82 7.62
N LEU B 335 25.15 60.68 7.24
CA LEU B 335 25.63 60.66 5.86
C LEU B 335 26.23 59.31 5.51
N ILE B 336 27.05 58.76 6.41
CA ILE B 336 27.62 57.44 6.16
C ILE B 336 26.54 56.38 6.21
N ARG B 337 25.52 56.55 7.04
CA ARG B 337 24.39 55.61 6.98
C ARG B 337 23.77 55.59 5.60
N LYS B 338 23.60 56.76 4.98
CA LYS B 338 23.23 56.80 3.56
C LYS B 338 24.28 56.14 2.67
N LYS B 339 25.56 56.36 2.98
CA LYS B 339 26.63 55.94 2.08
C LYS B 339 26.76 54.43 2.01
N LEU B 340 27.03 53.80 3.15
CA LEU B 340 27.28 52.38 3.24
C LEU B 340 26.38 51.77 4.30
N LEU B 341 26.03 50.51 4.09
CA LEU B 341 25.09 49.79 4.95
C LEU B 341 23.83 50.61 5.23
N PRO B 342 23.13 51.08 4.19
CA PRO B 342 21.89 51.83 4.46
C PRO B 342 20.75 50.91 4.89
N LYS B 343 20.59 49.77 4.23
CA LYS B 343 19.63 48.73 4.56
C LYS B 343 18.19 49.18 4.34
N ALA B 344 17.95 50.43 3.96
CA ALA B 344 16.60 50.93 3.75
C ALA B 344 16.56 51.76 2.48
N SER B 345 15.35 51.95 1.95
CA SER B 345 15.20 52.69 0.72
C SER B 345 15.49 54.17 0.99
N LEU B 346 15.45 54.99 -0.06
CA LEU B 346 15.83 56.38 0.14
C LEU B 346 15.24 57.23 -0.97
N LEU B 347 14.70 58.38 -0.58
CA LEU B 347 14.14 59.35 -1.53
C LEU B 347 14.54 60.75 -1.07
N ILE B 348 15.32 61.45 -1.88
CA ILE B 348 15.77 62.80 -1.49
C ILE B 348 15.32 63.84 -2.48
N THR B 349 15.03 65.03 -1.95
CA THR B 349 14.42 66.13 -2.70
C THR B 349 15.34 67.34 -2.59
N THR B 350 15.67 67.94 -3.72
CA THR B 350 16.61 69.07 -3.79
C THR B 350 16.65 69.56 -5.23
N ARG B 351 17.23 70.78 -5.43
CA ARG B 351 17.32 71.21 -6.83
C ARG B 351 18.69 70.90 -7.43
N PRO B 352 18.78 70.81 -8.78
CA PRO B 352 20.03 70.40 -9.44
C PRO B 352 21.17 71.41 -9.45
N VAL B 353 21.05 72.47 -8.66
CA VAL B 353 22.10 73.49 -8.52
C VAL B 353 23.51 72.98 -8.25
N ALA B 354 23.72 72.38 -7.08
CA ALA B 354 25.06 72.02 -6.61
C ALA B 354 24.99 70.74 -5.77
N LEU B 355 24.37 69.69 -6.33
CA LEU B 355 24.23 68.45 -5.58
C LEU B 355 25.36 67.45 -5.78
N GLU B 356 26.13 67.55 -6.87
CA GLU B 356 27.06 66.48 -7.22
C GLU B 356 27.93 65.97 -6.07
N LYS B 357 28.12 66.76 -5.00
CA LYS B 357 28.73 66.30 -3.76
C LYS B 357 28.22 64.94 -3.30
N LEU B 358 26.91 64.72 -3.44
CA LEU B 358 26.23 63.52 -3.01
C LEU B 358 26.14 62.49 -4.12
N GLN B 359 26.45 62.87 -5.35
CA GLN B 359 26.35 61.99 -6.51
C GLN B 359 27.70 61.46 -6.95
N HIS B 360 28.76 62.27 -6.90
CA HIS B 360 30.10 61.68 -6.94
C HIS B 360 30.32 60.80 -5.72
N LEU B 361 29.63 61.13 -4.62
CA LEU B 361 29.35 60.16 -3.56
C LEU B 361 28.53 59.02 -4.14
N LEU B 362 29.09 57.81 -4.09
CA LEU B 362 28.44 56.68 -4.75
C LEU B 362 27.13 56.33 -4.04
N ASP B 363 26.06 56.24 -4.83
CA ASP B 363 24.74 55.87 -4.35
C ASP B 363 24.03 54.85 -5.22
N HIS B 364 24.40 54.71 -6.49
CA HIS B 364 23.63 53.97 -7.47
C HIS B 364 22.15 54.38 -7.41
N PRO B 365 21.85 55.69 -7.57
CA PRO B 365 20.46 56.13 -7.48
C PRO B 365 19.75 56.19 -8.81
N ARG B 366 18.48 56.56 -8.79
CA ARG B 366 17.82 57.11 -9.96
C ARG B 366 17.45 58.56 -9.68
N HIS B 367 16.90 59.22 -10.70
CA HIS B 367 16.41 60.58 -10.57
C HIS B 367 15.08 60.67 -11.31
N VAL B 368 14.16 61.47 -10.79
CA VAL B 368 12.90 61.72 -11.46
C VAL B 368 12.59 63.22 -11.40
N GLU B 369 12.11 63.74 -12.52
CA GLU B 369 11.77 65.15 -12.62
C GLU B 369 10.29 65.36 -12.32
N ILE B 370 10.00 66.46 -11.64
CA ILE B 370 8.63 66.87 -11.34
C ILE B 370 8.28 68.06 -12.22
N LEU B 371 7.09 68.03 -12.79
CA LEU B 371 6.64 69.05 -13.72
C LEU B 371 5.33 69.63 -13.21
N GLY B 372 5.21 70.96 -13.27
CA GLY B 372 4.09 71.64 -12.69
C GLY B 372 2.83 71.65 -13.52
N PHE B 373 2.14 72.79 -13.53
CA PHE B 373 0.78 72.87 -14.04
C PHE B 373 0.76 72.93 -15.57
N SER B 374 0.24 71.88 -16.19
CA SER B 374 -0.19 71.98 -17.57
C SER B 374 -1.50 72.76 -17.62
N GLU B 375 -1.93 73.08 -18.84
CA GLU B 375 -3.10 73.96 -18.99
C GLU B 375 -4.34 73.35 -18.34
N ALA B 376 -4.67 72.11 -18.69
CA ALA B 376 -5.95 71.53 -18.28
C ALA B 376 -6.01 71.33 -16.76
N LYS B 377 -5.00 70.71 -16.17
CA LYS B 377 -5.10 70.49 -14.74
C LYS B 377 -4.69 71.72 -13.94
N ARG B 378 -4.05 72.71 -14.56
CA ARG B 378 -3.97 74.03 -13.96
C ARG B 378 -5.36 74.67 -13.86
N LYS B 379 -6.17 74.51 -14.89
CA LYS B 379 -7.56 74.95 -14.81
C LYS B 379 -8.30 74.18 -13.71
N GLU B 380 -8.02 72.88 -13.60
CA GLU B 380 -8.62 72.09 -12.52
C GLU B 380 -8.20 72.62 -11.15
N TYR B 381 -6.92 72.97 -10.99
CA TYR B 381 -6.45 73.54 -9.73
C TYR B 381 -7.12 74.88 -9.45
N PHE B 382 -7.32 75.68 -10.50
CA PHE B 382 -8.00 76.96 -10.33
C PHE B 382 -9.44 76.75 -9.88
N PHE B 383 -10.11 75.75 -10.45
CA PHE B 383 -11.47 75.43 -10.03
C PHE B 383 -11.49 74.93 -8.58
N LYS B 384 -10.52 74.11 -8.20
CA LYS B 384 -10.52 73.55 -6.85
C LYS B 384 -10.17 74.59 -5.81
N TYR B 385 -9.27 75.52 -6.14
CA TYR B 385 -8.90 76.56 -5.19
C TYR B 385 -9.99 77.61 -5.07
N PHE B 386 -10.34 78.25 -6.17
CA PHE B 386 -11.44 79.20 -6.15
C PHE B 386 -12.74 78.48 -5.83
N SER B 387 -13.74 79.26 -5.43
CA SER B 387 -15.09 78.72 -5.39
C SER B 387 -15.56 78.47 -6.82
N ASN B 388 -16.48 77.53 -6.97
CA ASN B 388 -16.82 77.05 -8.30
C ASN B 388 -17.50 78.11 -9.15
N GLU B 389 -17.90 79.24 -8.58
CA GLU B 389 -18.59 80.28 -9.32
C GLU B 389 -18.06 81.69 -9.12
N LEU B 390 -17.41 82.00 -7.99
CA LEU B 390 -17.04 83.39 -7.73
C LEU B 390 -15.93 83.87 -8.66
N GLN B 391 -14.85 83.10 -8.78
CA GLN B 391 -13.73 83.51 -9.61
C GLN B 391 -13.12 82.35 -10.40
N ALA B 392 -13.87 81.27 -10.59
CA ALA B 392 -13.30 80.07 -11.18
C ALA B 392 -12.95 80.26 -12.66
N ARG B 393 -13.77 81.03 -13.39
CA ARG B 393 -13.58 81.14 -14.83
C ARG B 393 -13.06 82.49 -15.30
N GLU B 394 -13.68 83.61 -14.92
CA GLU B 394 -13.34 84.89 -15.53
C GLU B 394 -11.90 85.29 -15.25
N ALA B 395 -11.42 85.11 -14.02
CA ALA B 395 -10.00 85.36 -13.73
C ALA B 395 -9.10 84.42 -14.51
N PHE B 396 -9.46 83.14 -14.57
CA PHE B 396 -8.68 82.18 -15.34
C PHE B 396 -8.53 82.64 -16.78
N ARG B 397 -9.64 83.01 -17.43
CA ARG B 397 -9.58 83.36 -18.84
C ARG B 397 -8.92 84.72 -19.07
N LEU B 398 -9.07 85.66 -18.14
CA LEU B 398 -8.40 86.94 -18.33
C LEU B 398 -6.90 86.80 -18.19
N ILE B 399 -6.43 85.89 -17.34
CA ILE B 399 -4.99 85.67 -17.31
C ILE B 399 -4.55 84.71 -18.41
N GLN B 400 -5.49 83.97 -19.00
CA GLN B 400 -5.18 83.25 -20.23
C GLN B 400 -4.88 84.23 -21.37
N GLU B 401 -5.65 85.32 -21.44
CA GLU B 401 -5.48 86.27 -22.53
C GLU B 401 -4.15 87.00 -22.44
N ASN B 402 -3.44 86.89 -21.31
CA ASN B 402 -2.11 87.44 -21.18
C ASN B 402 -1.13 86.60 -21.99
N GLU B 403 -0.28 87.26 -22.77
CA GLU B 403 0.75 86.54 -23.52
C GLU B 403 1.79 85.90 -22.61
N VAL B 404 1.78 86.28 -21.33
CA VAL B 404 2.68 85.75 -20.33
C VAL B 404 1.81 85.30 -19.15
N LEU B 405 2.44 84.81 -18.08
CA LEU B 405 1.74 84.27 -16.91
C LEU B 405 1.11 82.92 -17.25
N PHE B 406 1.13 82.58 -18.52
CA PHE B 406 0.92 81.21 -18.97
C PHE B 406 2.23 80.50 -19.24
N THR B 407 3.29 81.25 -19.55
CA THR B 407 4.64 80.70 -19.41
C THR B 407 4.94 80.30 -17.98
N MET B 408 4.58 81.14 -17.00
CA MET B 408 4.82 80.79 -15.61
C MET B 408 3.70 79.99 -14.98
N CYS B 409 2.52 79.94 -15.61
CA CYS B 409 1.48 79.11 -15.01
C CYS B 409 1.92 77.67 -14.90
N PHE B 410 2.87 77.23 -15.72
CA PHE B 410 3.45 75.91 -15.54
C PHE B 410 4.06 75.74 -14.14
N ILE B 411 4.80 76.72 -13.66
CA ILE B 411 5.41 76.61 -12.32
C ILE B 411 4.39 76.70 -11.19
N PRO B 412 4.38 75.66 -10.33
CA PRO B 412 3.40 75.62 -9.23
C PRO B 412 3.50 76.76 -8.24
N LEU B 413 4.70 77.27 -7.93
CA LEU B 413 4.74 78.39 -6.99
C LEU B 413 4.05 79.60 -7.55
N VAL B 414 4.15 79.83 -8.87
CA VAL B 414 3.43 80.93 -9.48
C VAL B 414 1.93 80.70 -9.39
N CYS B 415 1.47 79.46 -9.67
CA CYS B 415 0.03 79.25 -9.54
C CYS B 415 -0.45 79.42 -8.10
N TRP B 416 0.30 78.92 -7.12
CA TRP B 416 -0.11 79.09 -5.72
C TRP B 416 -0.09 80.55 -5.30
N ILE B 417 0.79 81.33 -5.90
CA ILE B 417 0.93 82.72 -5.46
C ILE B 417 -0.06 83.60 -6.19
N VAL B 418 -0.54 83.19 -7.36
CA VAL B 418 -1.56 83.98 -8.02
C VAL B 418 -2.93 83.61 -7.47
N CYS B 419 -3.11 82.35 -7.08
CA CYS B 419 -4.38 81.94 -6.47
C CYS B 419 -4.55 82.63 -5.12
N THR B 420 -3.52 82.60 -4.28
CA THR B 420 -3.64 83.32 -3.02
C THR B 420 -3.58 84.83 -3.20
N GLY B 421 -2.86 85.31 -4.21
CA GLY B 421 -2.67 86.72 -4.48
C GLY B 421 -3.82 87.42 -5.15
N LEU B 422 -4.86 86.72 -5.57
CA LEU B 422 -5.98 87.40 -6.23
C LEU B 422 -7.28 87.41 -5.44
N LYS B 423 -7.37 86.66 -4.34
CA LYS B 423 -8.56 86.74 -3.49
C LYS B 423 -8.68 88.07 -2.74
N GLN B 424 -7.62 88.87 -2.68
CA GLN B 424 -7.74 90.21 -2.12
C GLN B 424 -8.21 91.26 -3.12
N GLN B 425 -8.45 90.90 -4.39
CA GLN B 425 -8.61 91.90 -5.44
C GLN B 425 -10.06 92.12 -5.87
N MET B 426 -10.99 91.25 -5.46
CA MET B 426 -12.39 91.54 -5.76
C MET B 426 -12.91 92.69 -4.92
N GLU B 427 -12.36 92.87 -3.71
CA GLU B 427 -12.68 94.05 -2.92
C GLU B 427 -12.24 95.33 -3.63
N THR B 428 -11.16 95.27 -4.41
CA THR B 428 -10.74 96.38 -5.26
C THR B 428 -11.43 96.33 -6.62
N GLY B 429 -11.25 95.23 -7.34
CA GLY B 429 -11.95 95.01 -8.59
C GLY B 429 -11.14 95.41 -9.81
N LYS B 430 -11.04 94.49 -10.76
CA LYS B 430 -10.42 94.74 -12.07
C LYS B 430 -8.97 95.22 -11.91
N SER B 431 -8.20 94.48 -11.12
CA SER B 431 -6.78 94.76 -10.94
C SER B 431 -5.98 93.47 -10.95
N LEU B 432 -6.30 92.57 -11.88
CA LEU B 432 -5.78 91.21 -11.86
C LEU B 432 -4.55 91.05 -12.74
N ALA B 433 -4.69 91.32 -14.04
CA ALA B 433 -3.65 91.06 -15.02
C ALA B 433 -2.63 92.17 -15.15
N GLN B 434 -2.78 93.26 -14.39
CA GLN B 434 -1.87 94.39 -14.52
C GLN B 434 -0.50 94.06 -13.94
N THR B 435 0.52 94.77 -14.45
CA THR B 435 1.91 94.70 -14.01
C THR B 435 2.33 93.28 -13.63
N SER B 436 2.04 92.36 -14.56
CA SER B 436 2.37 90.94 -14.42
C SER B 436 3.24 90.54 -15.62
N LYS B 437 4.56 90.58 -15.44
CA LYS B 437 5.48 90.21 -16.51
C LYS B 437 6.33 88.99 -16.16
N THR B 438 7.07 89.03 -15.07
CA THR B 438 8.10 88.03 -14.76
C THR B 438 7.92 87.57 -13.32
N THR B 439 8.73 86.60 -12.90
CA THR B 439 8.63 86.09 -11.54
C THR B 439 8.91 87.17 -10.51
N THR B 440 9.94 87.98 -10.74
CA THR B 440 10.19 89.13 -9.87
C THR B 440 9.02 90.10 -9.90
N ALA B 441 8.45 90.34 -11.07
CA ALA B 441 7.33 91.28 -11.19
C ALA B 441 6.15 90.81 -10.38
N VAL B 442 5.79 89.53 -10.50
CA VAL B 442 4.62 89.03 -9.79
C VAL B 442 4.90 88.97 -8.29
N TYR B 443 6.13 88.64 -7.89
CA TYR B 443 6.45 88.66 -6.47
C TYR B 443 6.34 90.07 -5.90
N VAL B 444 6.83 91.07 -6.62
CA VAL B 444 6.73 92.46 -6.16
C VAL B 444 5.27 92.90 -6.09
N PHE B 445 4.48 92.53 -7.09
CA PHE B 445 3.05 92.88 -7.08
C PHE B 445 2.33 92.24 -5.90
N PHE B 446 2.60 90.96 -5.64
CA PHE B 446 1.97 90.27 -4.53
C PHE B 446 2.37 90.89 -3.20
N LEU B 447 3.66 91.20 -3.03
CA LEU B 447 4.10 91.82 -1.79
C LEU B 447 3.44 93.19 -1.60
N SER B 448 3.37 93.98 -2.67
CA SER B 448 2.73 95.29 -2.58
C SER B 448 1.25 95.16 -2.25
N SER B 449 0.58 94.16 -2.83
CA SER B 449 -0.82 93.90 -2.52
C SER B 449 -1.02 93.53 -1.06
N LEU B 450 -0.14 92.68 -0.52
CA LEU B 450 -0.22 92.35 0.90
C LEU B 450 0.06 93.57 1.77
N LEU B 451 1.06 94.37 1.39
CA LEU B 451 1.50 95.53 2.16
C LEU B 451 0.92 96.83 1.64
N GLN B 452 -0.31 96.80 1.13
CA GLN B 452 -0.92 98.00 0.56
C GLN B 452 -1.47 98.91 1.66
N SER B 453 -2.24 98.35 2.59
CA SER B 453 -2.88 99.13 3.63
C SER B 453 -2.00 99.37 4.85
N ARG B 454 -0.71 99.08 4.74
CA ARG B 454 0.23 99.28 5.84
C ARG B 454 0.95 100.61 5.76
N GLY B 455 0.72 101.40 4.72
CA GLY B 455 1.37 102.68 4.57
C GLY B 455 1.24 103.27 3.17
N LEU B 461 6.00 104.22 9.92
CA LEU B 461 5.39 103.09 10.60
C LEU B 461 5.94 101.77 10.06
N PHE B 462 5.26 101.22 9.05
CA PHE B 462 5.71 99.96 8.46
C PHE B 462 6.95 100.13 7.60
N SER B 463 7.29 101.36 7.23
CA SER B 463 8.51 101.59 6.44
C SER B 463 9.74 101.12 7.20
N ASP B 464 9.75 101.29 8.52
CA ASP B 464 10.84 100.76 9.33
C ASP B 464 10.66 99.28 9.64
N TYR B 465 9.43 98.80 9.76
CA TYR B 465 9.20 97.39 10.06
C TYR B 465 9.68 96.50 8.93
N LEU B 466 9.37 96.89 7.69
CA LEU B 466 9.83 96.10 6.54
C LEU B 466 11.36 96.09 6.47
N GLN B 467 11.99 97.22 6.73
CA GLN B 467 13.45 97.28 6.71
C GLN B 467 14.05 96.43 7.82
N GLY B 468 13.43 96.45 9.01
CA GLY B 468 13.95 95.63 10.10
C GLY B 468 13.84 94.14 9.83
N LEU B 469 12.69 93.69 9.30
CA LEU B 469 12.56 92.29 8.93
C LEU B 469 13.51 91.94 7.79
N CYS B 470 13.65 92.84 6.83
CA CYS B 470 14.52 92.62 5.68
C CYS B 470 15.98 92.46 6.10
N SER B 471 16.47 93.37 6.95
CA SER B 471 17.89 93.38 7.28
C SER B 471 18.28 92.24 8.18
N LEU B 472 17.36 91.31 8.36
CA LEU B 472 17.57 90.14 9.19
C LEU B 472 17.18 88.86 8.49
N ALA B 473 16.30 88.91 7.49
CA ALA B 473 15.82 87.69 6.85
C ALA B 473 16.96 87.05 6.07
N ALA B 474 17.69 87.86 5.31
CA ALA B 474 18.72 87.36 4.40
C ALA B 474 19.83 86.66 5.16
N ASP B 475 20.13 87.12 6.37
CA ASP B 475 21.14 86.47 7.20
C ASP B 475 20.81 85.02 7.51
N GLY B 476 19.54 84.62 7.37
CA GLY B 476 19.20 83.21 7.49
C GLY B 476 19.99 82.33 6.55
N ILE B 477 20.30 82.82 5.36
CA ILE B 477 21.14 82.08 4.44
C ILE B 477 22.52 82.69 4.31
N TRP B 478 22.70 83.97 4.62
CA TRP B 478 24.02 84.60 4.60
C TRP B 478 24.90 84.03 5.71
N ASN B 479 24.51 84.24 6.97
CA ASN B 479 25.21 83.55 8.06
C ASN B 479 24.88 82.08 8.09
N GLN B 480 23.96 81.63 7.23
CA GLN B 480 23.58 80.23 7.10
C GLN B 480 23.00 79.70 8.41
N LYS B 481 22.09 80.47 8.99
CA LYS B 481 21.21 80.01 10.06
C LYS B 481 19.81 80.25 9.54
N ILE B 482 19.35 79.35 8.67
CA ILE B 482 18.03 79.48 8.06
C ILE B 482 16.94 79.48 9.13
N LEU B 483 17.19 78.82 10.26
CA LEU B 483 16.23 78.79 11.35
C LEU B 483 16.45 79.99 12.24
N PHE B 484 15.37 80.72 12.52
CA PHE B 484 15.41 81.98 13.29
C PHE B 484 15.33 81.78 14.79
N GLU B 485 15.20 80.54 15.27
CA GLU B 485 15.04 80.23 16.70
C GLU B 485 13.82 80.98 17.26
N GLU B 486 12.65 80.56 16.76
CA GLU B 486 11.35 81.16 17.08
C GLU B 486 11.39 82.69 16.90
N CYS B 487 12.30 83.13 16.02
CA CYS B 487 12.48 84.54 15.69
C CYS B 487 12.96 85.34 16.90
N ASP B 488 13.96 84.80 17.59
CA ASP B 488 14.63 85.55 18.66
C ASP B 488 15.60 86.59 18.10
N LEU B 489 16.23 86.30 16.97
CA LEU B 489 16.95 87.34 16.25
C LEU B 489 16.00 88.46 15.84
N ARG B 490 14.79 88.10 15.41
CA ARG B 490 13.75 89.10 15.16
C ARG B 490 13.35 89.82 16.44
N LYS B 491 13.28 89.10 17.56
CA LYS B 491 13.05 89.74 18.86
C LYS B 491 14.10 90.81 19.13
N HIS B 492 15.33 90.58 18.68
CA HIS B 492 16.32 91.66 18.70
C HIS B 492 16.01 92.73 17.67
N GLY B 493 15.65 92.34 16.46
CA GLY B 493 15.40 93.28 15.38
C GLY B 493 13.94 93.48 15.06
N LEU B 494 13.35 94.59 15.52
CA LEU B 494 12.02 95.04 15.13
C LEU B 494 10.95 93.99 15.45
N GLN B 495 10.79 93.77 16.77
CA GLN B 495 9.73 92.91 17.29
C GLN B 495 8.62 93.81 17.83
N LYS B 496 7.52 93.88 17.08
CA LYS B 496 6.34 94.63 17.50
C LYS B 496 5.11 93.80 17.14
N THR B 497 3.93 94.45 17.17
CA THR B 497 2.71 93.81 16.68
C THR B 497 2.76 93.60 15.17
N ASP B 498 3.67 94.29 14.48
CA ASP B 498 3.88 94.02 13.07
C ASP B 498 4.25 92.56 12.83
N VAL B 499 4.97 91.95 13.76
CA VAL B 499 5.30 90.52 13.65
C VAL B 499 4.03 89.68 13.71
N SER B 500 3.12 90.02 14.62
CA SER B 500 1.85 89.31 14.69
C SER B 500 1.06 89.46 13.39
N ALA B 501 1.07 90.67 12.82
CA ALA B 501 0.39 90.89 11.55
C ALA B 501 1.02 90.06 10.44
N PHE B 502 2.36 90.00 10.40
CA PHE B 502 3.05 89.22 9.38
C PHE B 502 2.70 87.74 9.51
N LEU B 503 2.70 87.22 10.75
CA LEU B 503 2.34 85.83 10.96
C LEU B 503 0.89 85.57 10.58
N ARG B 504 0.00 86.53 10.86
CA ARG B 504 -1.42 86.35 10.53
C ARG B 504 -1.63 86.30 9.02
N MET B 505 -0.93 87.15 8.26
CA MET B 505 -1.06 87.07 6.81
C MET B 505 -0.18 85.99 6.20
N ASN B 506 0.69 85.38 6.99
CA ASN B 506 1.63 84.35 6.53
C ASN B 506 1.49 83.10 7.39
N VAL B 507 0.25 82.62 7.52
CA VAL B 507 -0.12 81.54 8.45
C VAL B 507 0.86 80.37 8.38
N PHE B 508 1.50 80.15 7.22
CA PHE B 508 2.43 79.04 7.06
C PHE B 508 3.83 79.35 7.57
N GLN B 509 3.98 80.31 8.48
CA GLN B 509 5.29 80.66 9.03
C GLN B 509 5.61 79.82 10.27
N LYS B 510 4.76 79.91 11.30
CA LYS B 510 5.00 79.23 12.56
C LYS B 510 4.34 77.86 12.64
N GLU B 511 3.19 77.69 11.97
CA GLU B 511 2.39 76.49 12.15
C GLU B 511 3.09 75.25 11.64
N VAL B 512 4.00 75.38 10.66
CA VAL B 512 4.66 74.20 10.12
C VAL B 512 5.55 73.53 11.17
N ASP B 513 6.13 74.30 12.08
CA ASP B 513 6.98 73.74 13.12
C ASP B 513 6.17 73.09 14.24
N CYS B 514 4.97 73.61 14.51
CA CYS B 514 3.90 73.00 15.29
C CYS B 514 4.14 73.02 16.80
N GLU B 515 5.32 73.42 17.29
CA GLU B 515 5.53 73.49 18.73
C GLU B 515 5.80 74.90 19.23
N ARG B 516 6.89 75.53 18.78
CA ARG B 516 7.21 76.90 19.18
C ARG B 516 7.75 77.78 18.07
N PHE B 517 8.15 77.20 16.95
CA PHE B 517 9.20 77.78 16.12
C PHE B 517 8.63 78.56 14.95
N TYR B 518 9.39 79.57 14.50
CA TYR B 518 8.96 80.49 13.46
C TYR B 518 9.92 80.44 12.29
N SER B 519 9.38 80.55 11.08
CA SER B 519 10.18 80.41 9.86
C SER B 519 9.41 81.06 8.71
N PHE B 520 9.81 80.76 7.48
CA PHE B 520 9.13 81.22 6.28
C PHE B 520 8.51 80.04 5.55
N SER B 521 7.74 80.34 4.51
CA SER B 521 6.98 79.29 3.84
C SER B 521 7.86 78.35 3.02
N HIS B 522 8.49 78.85 1.97
CA HIS B 522 9.44 78.07 1.16
C HIS B 522 10.66 78.91 0.81
N MET B 523 11.09 79.76 1.74
CA MET B 523 12.34 80.51 1.65
C MET B 523 12.46 81.34 0.37
N THR B 524 11.38 81.40 -0.41
CA THR B 524 11.42 82.18 -1.65
C THR B 524 11.12 83.64 -1.36
N PHE B 525 10.11 83.91 -0.55
CA PHE B 525 9.95 85.26 -0.04
C PHE B 525 11.15 85.67 0.80
N GLN B 526 11.81 84.71 1.46
CA GLN B 526 13.04 85.01 2.17
C GLN B 526 14.14 85.49 1.22
N GLU B 527 14.29 84.83 0.07
CA GLU B 527 15.30 85.32 -0.87
C GLU B 527 14.85 86.62 -1.53
N PHE B 528 13.54 86.83 -1.65
CA PHE B 528 13.05 88.11 -2.12
C PHE B 528 13.41 89.22 -1.14
N PHE B 529 13.28 88.95 0.16
CA PHE B 529 13.70 89.90 1.16
C PHE B 529 15.22 90.07 1.16
N ALA B 530 15.96 89.04 0.78
CA ALA B 530 17.41 89.21 0.64
C ALA B 530 17.75 90.16 -0.50
N ALA B 531 17.00 90.08 -1.60
CA ALA B 531 17.13 91.07 -2.68
C ALA B 531 16.75 92.46 -2.18
N MET B 532 15.67 92.54 -1.40
CA MET B 532 15.30 93.79 -0.77
C MET B 532 16.44 94.37 0.08
N TYR B 533 17.14 93.51 0.83
CA TYR B 533 18.27 93.97 1.64
C TYR B 533 19.23 94.83 0.84
N TYR B 534 19.83 94.26 -0.21
CA TYR B 534 20.74 95.04 -1.03
C TYR B 534 20.04 96.19 -1.73
N LEU B 535 18.71 96.10 -1.90
CA LEU B 535 17.98 97.25 -2.42
C LEU B 535 17.98 98.41 -1.43
N LEU B 536 17.93 98.11 -0.15
CA LEU B 536 17.93 99.11 0.91
C LEU B 536 19.34 99.27 1.47
N GLU B 537 19.49 100.27 2.33
CA GLU B 537 20.78 100.52 2.99
C GLU B 537 20.58 101.32 4.27
N ARG B 558 24.99 95.41 1.39
CA ARG B 558 26.40 95.60 1.68
C ARG B 558 27.28 95.50 0.44
N ASP B 559 28.42 94.83 0.57
CA ASP B 559 29.34 94.62 -0.53
C ASP B 559 28.83 93.53 -1.48
N VAL B 560 28.92 93.81 -2.77
CA VAL B 560 28.52 92.86 -3.81
C VAL B 560 29.65 91.90 -4.19
N LYS B 561 30.89 92.20 -3.80
CA LYS B 561 32.04 91.42 -4.26
C LYS B 561 31.95 89.99 -3.75
N VAL B 562 31.79 89.84 -2.44
CA VAL B 562 31.76 88.50 -1.84
C VAL B 562 30.53 87.73 -2.28
N LEU B 563 29.38 88.38 -2.47
CA LEU B 563 28.21 87.65 -2.93
C LEU B 563 28.45 87.08 -4.33
N LEU B 564 28.90 87.92 -5.28
CA LEU B 564 29.13 87.39 -6.62
C LEU B 564 30.27 86.38 -6.66
N GLU B 565 31.27 86.50 -5.77
CA GLU B 565 32.26 85.45 -5.63
C GLU B 565 31.64 84.14 -5.15
N ASN B 566 30.75 84.22 -4.17
CA ASN B 566 30.07 83.10 -3.55
C ASN B 566 28.86 82.61 -4.37
N TYR B 567 28.76 82.98 -5.65
CA TYR B 567 27.57 82.66 -6.45
C TYR B 567 27.42 81.16 -6.65
N GLY B 568 26.32 80.61 -6.13
CA GLY B 568 25.89 79.26 -6.42
C GLY B 568 26.49 78.20 -5.54
N LYS B 569 27.21 78.61 -4.50
CA LYS B 569 27.93 77.77 -3.58
C LYS B 569 26.90 77.13 -2.66
N PHE B 570 27.34 76.73 -1.48
CA PHE B 570 26.59 75.83 -0.62
C PHE B 570 26.75 76.30 0.81
N GLU B 571 27.03 77.59 0.98
CA GLU B 571 27.32 78.28 2.22
C GLU B 571 26.31 79.39 2.46
N LYS B 572 25.99 80.17 1.44
CA LYS B 572 24.95 81.19 1.51
C LYS B 572 23.64 80.74 0.89
N GLY B 573 23.59 79.53 0.33
CA GLY B 573 22.35 78.92 -0.15
C GLY B 573 22.05 79.09 -1.63
N TYR B 574 22.99 78.65 -2.47
CA TYR B 574 22.87 78.61 -3.93
C TYR B 574 22.74 79.97 -4.58
N LEU B 575 22.27 80.98 -3.83
CA LEU B 575 22.08 82.33 -4.36
C LEU B 575 21.27 82.37 -5.67
N ILE B 576 20.70 81.24 -6.07
CA ILE B 576 19.98 81.19 -7.35
C ILE B 576 18.84 82.20 -7.36
N PHE B 577 17.83 82.00 -6.50
CA PHE B 577 16.69 82.91 -6.51
C PHE B 577 17.10 84.30 -6.03
N VAL B 578 18.18 84.37 -5.24
CA VAL B 578 18.68 85.67 -4.79
C VAL B 578 19.04 86.52 -5.99
N VAL B 579 19.99 86.03 -6.80
CA VAL B 579 20.41 86.76 -7.97
C VAL B 579 19.28 86.88 -8.98
N ARG B 580 18.40 85.90 -9.03
CA ARG B 580 17.23 85.99 -9.92
C ARG B 580 16.42 87.23 -9.60
N PHE B 581 16.05 87.41 -8.34
CA PHE B 581 15.30 88.59 -7.94
C PHE B 581 16.15 89.85 -8.07
N LEU B 582 17.45 89.77 -7.80
CA LEU B 582 18.33 90.91 -8.02
C LEU B 582 18.23 91.43 -9.45
N PHE B 583 18.34 90.53 -10.42
CA PHE B 583 18.19 90.94 -11.82
C PHE B 583 16.79 91.44 -12.09
N GLY B 584 15.78 90.78 -11.53
CA GLY B 584 14.42 91.22 -11.81
C GLY B 584 14.20 92.65 -11.34
N LEU B 585 14.80 93.00 -10.19
CA LEU B 585 14.62 94.32 -9.61
C LEU B 585 15.46 95.38 -10.32
N VAL B 586 16.68 95.05 -10.72
CA VAL B 586 17.62 96.09 -11.16
C VAL B 586 17.15 96.74 -12.46
N ASN B 587 16.03 96.27 -13.00
CA ASN B 587 15.42 96.92 -14.15
C ASN B 587 15.18 98.37 -13.77
N GLN B 588 15.56 99.30 -14.65
CA GLN B 588 15.59 100.72 -14.29
C GLN B 588 14.22 101.27 -13.89
N GLU B 589 13.15 100.87 -14.60
CA GLU B 589 11.82 101.30 -14.18
C GLU B 589 11.46 100.77 -12.79
N ARG B 590 11.75 99.50 -12.51
CA ARG B 590 11.52 98.98 -11.16
C ARG B 590 12.43 99.65 -10.13
N THR B 591 13.65 100.01 -10.54
CA THR B 591 14.56 100.76 -9.69
C THR B 591 13.93 102.06 -9.23
N SER B 592 13.43 102.85 -10.19
CA SER B 592 12.79 104.12 -9.83
C SER B 592 11.55 103.89 -8.99
N TYR B 593 10.74 102.89 -9.35
CA TYR B 593 9.51 102.63 -8.60
C TYR B 593 9.82 102.27 -7.15
N LEU B 594 10.83 101.43 -6.93
CA LEU B 594 11.15 100.99 -5.58
C LEU B 594 11.88 102.08 -4.80
N GLU B 595 12.75 102.85 -5.46
CA GLU B 595 13.41 103.95 -4.78
C GLU B 595 12.42 105.03 -4.37
N LYS B 596 11.27 105.10 -5.04
CA LYS B 596 10.22 106.02 -4.63
C LYS B 596 9.31 105.40 -3.57
N LYS B 597 9.01 104.11 -3.70
CA LYS B 597 8.07 103.45 -2.80
C LYS B 597 8.68 103.23 -1.42
N LEU B 598 9.92 102.75 -1.38
CA LEU B 598 10.56 102.35 -0.14
C LEU B 598 11.44 103.43 0.48
N SER B 599 11.52 104.61 -0.15
CA SER B 599 12.38 105.68 0.33
C SER B 599 13.83 105.22 0.52
N CYS B 600 14.30 104.42 -0.44
CA CYS B 600 15.60 103.76 -0.31
C CYS B 600 16.50 104.08 -1.50
N LYS B 601 17.79 104.20 -1.22
CA LYS B 601 18.80 104.38 -2.25
C LYS B 601 19.34 103.03 -2.70
N ILE B 602 19.46 102.85 -4.01
CA ILE B 602 20.00 101.61 -4.57
C ILE B 602 21.17 101.97 -5.49
N SER B 603 22.21 101.15 -5.45
CA SER B 603 23.44 101.40 -6.17
C SER B 603 23.33 100.87 -7.59
N GLN B 604 23.91 101.61 -8.53
CA GLN B 604 23.94 101.18 -9.91
C GLN B 604 25.22 100.43 -10.23
N GLN B 605 26.19 100.46 -9.33
CA GLN B 605 27.44 99.74 -9.54
C GLN B 605 27.18 98.26 -9.76
N VAL B 606 26.18 97.71 -9.06
CA VAL B 606 25.85 96.28 -9.18
C VAL B 606 25.56 95.92 -10.63
N ARG B 607 24.94 96.82 -11.39
CA ARG B 607 24.71 96.55 -12.80
C ARG B 607 26.01 96.23 -13.52
N LEU B 608 27.04 97.05 -13.28
CA LEU B 608 28.35 96.80 -13.84
C LEU B 608 28.91 95.50 -13.31
N GLU B 609 28.71 95.24 -12.02
CA GLU B 609 29.22 94.01 -11.42
C GLU B 609 28.67 92.80 -12.16
N LEU B 610 27.36 92.78 -12.40
CA LEU B 610 26.73 91.74 -13.19
C LEU B 610 27.38 91.62 -14.57
N LEU B 611 27.57 92.76 -15.24
CA LEU B 611 28.34 92.79 -16.48
C LEU B 611 29.66 92.02 -16.36
N LYS B 612 30.51 92.44 -15.42
CA LYS B 612 31.78 91.77 -15.15
C LYS B 612 31.58 90.27 -14.98
N TRP B 613 30.61 89.90 -14.16
CA TRP B 613 30.27 88.52 -13.95
C TRP B 613 30.02 87.81 -15.27
N ILE B 614 29.23 88.42 -16.15
CA ILE B 614 28.96 87.84 -17.46
C ILE B 614 30.23 87.58 -18.26
N GLU B 615 31.14 88.57 -18.37
CA GLU B 615 32.40 88.21 -19.06
C GLU B 615 33.14 87.06 -18.37
N VAL B 616 33.14 87.05 -17.03
CA VAL B 616 33.80 85.94 -16.32
C VAL B 616 33.18 84.60 -16.70
N LYS B 617 31.86 84.49 -16.63
CA LYS B 617 31.28 83.20 -17.02
C LYS B 617 31.36 82.96 -18.52
N ALA B 618 31.64 84.00 -19.30
CA ALA B 618 31.99 83.82 -20.70
C ALA B 618 33.31 83.08 -20.82
N LYS B 619 34.25 83.41 -19.93
CA LYS B 619 35.60 82.86 -20.00
C LYS B 619 35.74 81.60 -19.16
N ALA B 620 34.70 81.21 -18.43
CA ALA B 620 34.72 80.00 -17.62
C ALA B 620 34.54 78.82 -18.54
N LYS B 621 35.62 78.06 -18.78
CA LYS B 621 35.55 76.90 -19.65
C LYS B 621 34.89 75.68 -19.00
N LYS B 622 34.78 75.65 -17.67
CA LYS B 622 34.14 74.53 -16.98
C LYS B 622 32.66 74.81 -16.81
N LEU B 623 31.95 74.85 -17.94
CA LEU B 623 30.51 75.11 -17.91
C LEU B 623 29.68 73.87 -17.60
N GLN B 624 30.28 72.67 -17.57
CA GLN B 624 29.49 71.47 -17.30
C GLN B 624 29.15 71.34 -15.82
N TRP B 625 30.08 71.71 -14.93
CA TRP B 625 29.87 71.59 -13.50
C TRP B 625 29.69 72.94 -12.81
N GLN B 626 29.46 73.99 -13.58
CA GLN B 626 29.21 75.33 -13.07
C GLN B 626 27.86 75.78 -13.61
N PRO B 627 27.26 76.86 -13.09
CA PRO B 627 25.93 77.26 -13.57
C PRO B 627 25.93 77.53 -15.07
N SER B 628 24.85 77.09 -15.71
CA SER B 628 24.77 77.03 -17.17
C SER B 628 24.58 78.43 -17.76
N GLN B 629 24.30 78.46 -19.07
CA GLN B 629 23.83 79.66 -19.74
C GLN B 629 22.34 79.91 -19.53
N LEU B 630 21.62 78.92 -19.01
CA LEU B 630 20.16 79.03 -18.94
C LEU B 630 19.73 80.02 -17.86
N GLU B 631 20.35 79.97 -16.70
CA GLU B 631 20.01 80.92 -15.66
C GLU B 631 20.54 82.32 -15.95
N LEU B 632 21.65 82.43 -16.68
CA LEU B 632 22.05 83.73 -17.19
C LEU B 632 20.96 84.29 -18.10
N PHE B 633 20.42 83.45 -18.99
CA PHE B 633 19.31 83.90 -19.83
C PHE B 633 18.12 84.30 -18.99
N TYR B 634 17.82 83.52 -17.95
CA TYR B 634 16.77 83.85 -17.00
C TYR B 634 16.96 85.26 -16.47
N CYS B 635 18.17 85.56 -16.02
CA CYS B 635 18.44 86.85 -15.37
C CYS B 635 18.32 88.00 -16.37
N LEU B 636 18.97 87.87 -17.53
CA LEU B 636 18.90 88.95 -18.52
C LEU B 636 17.47 89.20 -18.97
N TYR B 637 16.68 88.13 -19.12
CA TYR B 637 15.26 88.32 -19.39
C TYR B 637 14.57 89.00 -18.23
N GLU B 638 14.89 88.60 -17.00
CA GLU B 638 14.20 89.16 -15.85
C GLU B 638 14.55 90.64 -15.66
N MET B 639 15.63 91.10 -16.28
CA MET B 639 16.04 92.49 -16.12
C MET B 639 15.77 93.35 -17.35
N GLN B 640 15.34 92.76 -18.47
CA GLN B 640 14.76 93.52 -19.57
C GLN B 640 15.47 94.81 -19.96
N GLU B 641 16.79 94.82 -20.07
CA GLU B 641 17.49 95.99 -20.58
C GLU B 641 18.14 95.65 -21.92
N GLU B 642 17.86 96.49 -22.92
CA GLU B 642 18.33 96.21 -24.28
C GLU B 642 19.86 96.19 -24.33
N ASP B 643 20.49 97.32 -24.03
CA ASP B 643 21.94 97.43 -24.21
C ASP B 643 22.66 96.46 -23.29
N PHE B 644 22.13 96.26 -22.07
CA PHE B 644 22.75 95.32 -21.14
C PHE B 644 22.68 93.90 -21.67
N VAL B 645 21.53 93.48 -22.20
CA VAL B 645 21.42 92.15 -22.78
C VAL B 645 22.35 92.01 -23.97
N GLN B 646 22.43 93.05 -24.80
CA GLN B 646 23.35 93.03 -25.93
C GLN B 646 24.79 92.81 -25.47
N SER B 647 25.24 93.60 -24.49
CA SER B 647 26.61 93.47 -24.01
C SER B 647 26.83 92.10 -23.37
N ALA B 648 25.84 91.58 -22.65
CA ALA B 648 25.95 90.26 -22.07
C ALA B 648 26.12 89.19 -23.14
N MET B 649 25.36 89.30 -24.21
CA MET B 649 25.45 88.31 -25.27
C MET B 649 26.72 88.47 -26.10
N ASP B 650 27.29 89.69 -26.13
CA ASP B 650 28.50 89.92 -26.91
C ASP B 650 29.63 89.01 -26.43
N HIS B 651 29.70 88.74 -25.13
CA HIS B 651 30.75 87.90 -24.58
C HIS B 651 30.60 86.43 -24.97
N PHE B 652 29.48 86.05 -25.56
CA PHE B 652 29.22 84.65 -25.90
C PHE B 652 29.03 84.52 -27.40
N PRO B 653 29.98 83.93 -28.12
CA PRO B 653 29.79 83.75 -29.57
C PRO B 653 28.98 82.52 -29.92
N LYS B 654 28.78 81.61 -28.97
CA LYS B 654 28.09 80.35 -29.23
C LYS B 654 27.26 79.99 -28.02
N ILE B 655 26.06 79.46 -28.25
CA ILE B 655 25.09 79.21 -27.21
C ILE B 655 24.82 77.71 -27.15
N GLU B 656 24.80 77.16 -25.94
CA GLU B 656 24.45 75.76 -25.72
C GLU B 656 23.46 75.73 -24.58
N ILE B 657 22.19 75.50 -24.89
CA ILE B 657 21.15 75.37 -23.88
C ILE B 657 20.28 74.17 -24.24
N ASN B 658 19.44 73.77 -23.29
CA ASN B 658 18.55 72.64 -23.47
C ASN B 658 17.21 73.02 -22.85
N LEU B 659 16.21 73.26 -23.70
CA LEU B 659 14.94 73.77 -23.23
C LEU B 659 14.15 72.69 -22.52
N SER B 660 13.61 73.04 -21.35
CA SER B 660 12.70 72.19 -20.60
C SER B 660 11.36 72.86 -20.33
N THR B 661 11.36 74.15 -20.01
CA THR B 661 10.14 74.91 -19.81
C THR B 661 9.86 75.86 -20.96
N ARG B 662 8.59 76.21 -21.11
CA ARG B 662 8.26 77.29 -22.02
C ARG B 662 8.87 78.59 -21.52
N MET B 663 9.09 78.70 -20.21
CA MET B 663 9.87 79.81 -19.69
C MET B 663 11.28 79.79 -20.25
N ASP B 664 11.84 78.58 -20.42
CA ASP B 664 13.13 78.46 -21.10
C ASP B 664 13.03 78.96 -22.53
N HIS B 665 11.95 78.57 -23.23
CA HIS B 665 11.76 79.05 -24.59
C HIS B 665 11.69 80.58 -24.66
N VAL B 666 10.92 81.19 -23.75
CA VAL B 666 10.75 82.64 -23.80
C VAL B 666 12.07 83.35 -23.49
N VAL B 667 12.78 82.90 -22.45
CA VAL B 667 14.02 83.59 -22.11
C VAL B 667 15.04 83.41 -23.23
N SER B 668 15.08 82.22 -23.85
CA SER B 668 15.97 82.03 -24.97
C SER B 668 15.61 82.95 -26.12
N SER B 669 14.32 83.07 -26.43
CA SER B 669 13.90 83.98 -27.48
C SER B 669 14.32 85.40 -27.18
N PHE B 670 14.09 85.84 -25.94
CA PHE B 670 14.42 87.21 -25.56
C PHE B 670 15.91 87.47 -25.72
N CYS B 671 16.75 86.60 -25.17
CA CYS B 671 18.19 86.84 -25.25
C CYS B 671 18.67 86.77 -26.70
N ILE B 672 18.20 85.78 -27.46
CA ILE B 672 18.73 85.57 -28.80
C ILE B 672 18.28 86.67 -29.74
N LYS B 673 17.08 87.25 -29.53
CA LYS B 673 16.71 88.37 -30.39
C LYS B 673 17.50 89.63 -30.07
N ASN B 674 18.45 89.58 -29.16
CA ASN B 674 19.30 90.72 -28.83
C ASN B 674 20.76 90.31 -28.84
N CYS B 675 21.16 89.62 -29.90
CA CYS B 675 22.53 89.14 -30.06
C CYS B 675 23.12 89.70 -31.33
N HIS B 676 24.40 90.09 -31.26
CA HIS B 676 25.13 90.53 -32.44
C HIS B 676 26.50 89.87 -32.54
N ARG B 677 27.06 89.50 -31.38
CA ARG B 677 28.33 88.77 -31.32
C ARG B 677 28.14 87.29 -31.00
N VAL B 678 27.06 86.69 -31.50
CA VAL B 678 26.82 85.26 -31.34
C VAL B 678 26.86 84.62 -32.73
N LYS B 679 27.76 83.66 -32.91
CA LYS B 679 27.90 83.01 -34.20
C LYS B 679 27.04 81.76 -34.28
N THR B 680 27.31 80.76 -33.44
CA THR B 680 26.64 79.48 -33.54
C THR B 680 25.54 79.39 -32.49
N LEU B 681 24.40 78.84 -32.89
CA LEU B 681 23.23 78.69 -32.01
C LEU B 681 22.83 77.23 -31.99
N SER B 682 23.35 76.49 -31.01
CA SER B 682 22.97 75.12 -30.78
C SER B 682 21.89 75.08 -29.72
N LEU B 683 20.83 74.34 -29.98
CA LEU B 683 19.67 74.33 -29.09
C LEU B 683 19.30 72.89 -28.78
N GLY B 684 19.05 72.61 -27.50
CA GLY B 684 18.61 71.31 -27.05
C GLY B 684 17.13 71.22 -26.73
N PHE B 685 16.35 70.63 -27.61
CA PHE B 685 14.92 70.55 -27.39
C PHE B 685 14.65 69.31 -26.56
N PHE B 686 13.92 69.49 -25.46
CA PHE B 686 13.50 68.38 -24.59
C PHE B 686 12.00 68.48 -24.33
N HIS B 687 11.22 67.88 -25.22
CA HIS B 687 9.77 67.89 -25.08
C HIS B 687 9.30 66.79 -24.13
N LEU B 726 2.62 72.85 -31.42
CA LEU B 726 3.06 73.57 -30.22
C LEU B 726 4.48 74.11 -30.40
N THR B 727 5.42 73.22 -30.70
CA THR B 727 6.81 73.66 -30.91
C THR B 727 6.95 74.54 -32.13
N SER B 728 5.94 74.52 -33.02
CA SER B 728 5.97 75.37 -34.21
C SER B 728 6.21 76.83 -33.84
N SER B 729 5.29 77.43 -33.07
CA SER B 729 5.44 78.84 -32.72
C SER B 729 6.66 79.07 -31.82
N PHE B 730 6.97 78.14 -30.92
CA PHE B 730 8.16 78.32 -30.07
C PHE B 730 9.41 78.51 -30.93
N CYS B 731 9.78 77.49 -31.70
CA CYS B 731 10.99 77.61 -32.51
C CYS B 731 10.85 78.71 -33.55
N ARG B 732 9.62 79.00 -34.00
CA ARG B 732 9.44 80.12 -34.92
C ARG B 732 9.90 81.43 -34.28
N GLY B 733 9.56 81.63 -33.01
CA GLY B 733 10.09 82.76 -32.29
C GLY B 733 11.60 82.64 -32.11
N LEU B 734 12.06 81.45 -31.77
CA LEU B 734 13.49 81.23 -31.51
C LEU B 734 14.33 81.63 -32.71
N PHE B 735 13.78 81.50 -33.91
CA PHE B 735 14.55 81.78 -35.12
C PHE B 735 14.08 83.04 -35.83
N SER B 736 12.97 83.63 -35.43
CA SER B 736 12.76 85.04 -35.72
C SER B 736 13.73 85.90 -34.93
N SER B 737 14.14 85.43 -33.77
CA SER B 737 15.33 85.99 -33.13
C SER B 737 16.54 85.91 -34.04
N LEU B 738 16.67 84.83 -34.82
CA LEU B 738 17.73 84.78 -35.82
C LEU B 738 17.47 85.74 -36.97
N SER B 739 16.20 85.96 -37.30
CA SER B 739 15.83 87.00 -38.25
C SER B 739 16.24 88.38 -37.77
N THR B 740 16.39 88.58 -36.47
CA THR B 740 17.00 89.79 -35.95
C THR B 740 18.51 89.65 -35.74
N ASN B 741 19.03 88.42 -35.78
CA ASN B 741 20.45 88.13 -35.72
C ASN B 741 21.16 88.28 -37.06
N ARG B 742 20.57 89.03 -37.99
CA ARG B 742 21.13 89.30 -39.31
C ARG B 742 22.54 89.88 -39.26
N SER B 743 23.00 90.33 -38.09
CA SER B 743 24.40 90.71 -37.98
C SER B 743 25.31 89.54 -38.32
N LEU B 744 25.10 88.40 -37.68
CA LEU B 744 25.82 87.17 -38.00
C LEU B 744 25.22 86.03 -37.19
N THR B 745 25.18 84.84 -37.78
CA THR B 745 24.63 83.69 -37.08
C THR B 745 25.11 82.42 -37.76
N GLU B 746 25.05 81.32 -37.03
CA GLU B 746 25.29 79.95 -37.48
C GLU B 746 24.39 79.07 -36.62
N LEU B 747 23.96 77.93 -37.18
CA LEU B 747 22.92 77.16 -36.52
C LEU B 747 23.28 75.69 -36.45
N ASP B 748 22.92 75.06 -35.35
CA ASP B 748 22.95 73.62 -35.19
C ASP B 748 21.67 73.18 -34.48
N LEU B 749 21.06 72.12 -35.01
CA LEU B 749 19.97 71.41 -34.33
C LEU B 749 20.24 69.92 -34.58
N SER B 750 20.98 69.31 -33.67
CA SER B 750 21.38 67.92 -33.81
C SER B 750 20.97 67.13 -32.58
N ASP B 751 20.76 65.84 -32.78
CA ASP B 751 20.37 64.92 -31.72
C ASP B 751 19.11 65.39 -31.01
N ASN B 752 18.22 66.02 -31.75
CA ASN B 752 16.95 66.50 -31.22
C ASN B 752 15.82 66.18 -32.19
N THR B 753 14.72 65.64 -31.67
CA THR B 753 13.64 65.13 -32.50
C THR B 753 12.72 66.26 -32.91
N LEU B 754 12.92 66.82 -34.10
CA LEU B 754 11.99 67.79 -34.66
C LEU B 754 10.77 67.05 -35.17
N GLY B 755 9.61 67.33 -34.59
CA GLY B 755 8.40 66.62 -34.92
C GLY B 755 7.93 66.91 -36.34
N ASP B 756 6.70 66.47 -36.63
CA ASP B 756 6.11 66.77 -37.94
C ASP B 756 6.10 68.26 -38.26
N PRO B 757 5.67 69.16 -37.36
CA PRO B 757 5.98 70.58 -37.57
C PRO B 757 7.36 70.97 -37.07
N GLY B 758 8.09 70.07 -36.41
CA GLY B 758 9.49 70.33 -36.16
C GLY B 758 10.29 70.45 -37.43
N MET B 759 9.91 69.70 -38.46
CA MET B 759 10.39 69.98 -39.81
C MET B 759 9.91 71.35 -40.27
N ARG B 760 8.67 71.71 -39.95
CA ARG B 760 8.08 72.93 -40.46
C ARG B 760 8.74 74.17 -39.86
N VAL B 761 9.33 74.07 -38.68
CA VAL B 761 10.04 75.23 -38.17
C VAL B 761 11.32 75.42 -38.98
N LEU B 762 11.81 76.66 -38.98
CA LEU B 762 13.08 77.02 -39.61
C LEU B 762 12.97 76.99 -41.13
N CYS B 763 11.85 76.47 -41.64
CA CYS B 763 11.62 76.63 -43.08
C CYS B 763 11.03 78.00 -43.36
N GLU B 764 9.88 78.31 -42.75
CA GLU B 764 9.37 79.67 -42.84
C GLU B 764 10.41 80.69 -42.37
N ALA B 765 11.23 80.32 -41.38
CA ALA B 765 12.32 81.19 -40.96
C ALA B 765 13.33 81.42 -42.07
N LEU B 766 13.78 80.35 -42.73
CA LEU B 766 14.68 80.61 -43.84
C LEU B 766 13.97 81.23 -45.06
N GLN B 767 12.64 81.23 -45.08
CA GLN B 767 11.88 81.70 -46.23
C GLN B 767 11.78 83.22 -46.31
N HIS B 768 12.41 83.95 -45.40
CA HIS B 768 12.43 85.38 -45.64
C HIS B 768 13.84 85.84 -45.97
N PRO B 769 14.00 86.81 -46.85
CA PRO B 769 15.35 87.25 -47.21
C PRO B 769 16.06 87.95 -46.07
N GLY B 770 17.27 88.45 -46.35
CA GLY B 770 18.07 89.07 -45.32
C GLY B 770 19.43 88.39 -45.19
N CYS B 771 19.95 88.37 -43.97
CA CYS B 771 21.14 87.62 -43.63
C CYS B 771 20.71 86.44 -42.76
N ASN B 772 20.90 85.23 -43.29
CA ASN B 772 20.47 84.01 -42.64
C ASN B 772 21.66 83.07 -42.45
N ILE B 773 21.36 81.83 -42.07
CA ILE B 773 22.38 80.90 -41.62
C ILE B 773 23.27 80.51 -42.79
N GLN B 774 24.59 80.64 -42.60
CA GLN B 774 25.53 80.14 -43.60
C GLN B 774 25.54 78.62 -43.66
N ARG B 775 25.22 77.94 -42.57
CA ARG B 775 25.46 76.50 -42.52
C ARG B 775 24.47 75.82 -41.59
N LEU B 776 23.58 75.01 -42.16
CA LEU B 776 22.49 74.40 -41.42
C LEU B 776 22.84 72.96 -41.09
N TRP B 777 22.60 72.55 -39.84
CA TRP B 777 22.91 71.20 -39.39
C TRP B 777 21.64 70.52 -38.90
N LEU B 778 21.34 69.35 -39.45
CA LEU B 778 20.28 68.49 -38.93
C LEU B 778 20.87 67.07 -38.91
N GLY B 779 21.55 66.74 -37.82
CA GLY B 779 22.20 65.45 -37.76
C GLY B 779 21.68 64.61 -36.61
N ARG B 780 21.39 63.35 -36.90
CA ARG B 780 20.78 62.41 -35.97
C ARG B 780 19.46 62.93 -35.40
N CYS B 781 18.95 64.02 -35.96
CA CYS B 781 17.70 64.58 -35.48
C CYS B 781 16.53 63.68 -35.86
N GLY B 782 15.50 63.70 -35.01
CA GLY B 782 14.25 63.08 -35.38
C GLY B 782 13.72 63.72 -36.64
N LEU B 783 13.84 63.03 -37.77
CA LEU B 783 13.53 63.67 -39.04
C LEU B 783 13.04 62.57 -39.98
N SER B 784 12.28 62.98 -40.99
CA SER B 784 11.65 62.02 -41.89
C SER B 784 11.51 62.64 -43.27
N HIS B 785 10.70 62.01 -44.11
CA HIS B 785 10.57 62.44 -45.50
C HIS B 785 9.99 63.84 -45.61
N GLN B 786 9.15 64.23 -44.65
CA GLN B 786 8.38 65.46 -44.79
C GLN B 786 9.29 66.67 -44.95
N CYS B 787 10.42 66.69 -44.24
CA CYS B 787 11.34 67.83 -44.30
C CYS B 787 11.81 68.10 -45.71
N CYS B 788 11.84 67.07 -46.55
CA CYS B 788 12.50 67.16 -47.84
C CYS B 788 11.97 68.31 -48.70
N PHE B 789 10.68 68.28 -49.04
CA PHE B 789 10.06 69.41 -49.76
C PHE B 789 10.31 70.75 -49.08
N ASP B 790 10.06 70.82 -47.77
CA ASP B 790 10.37 72.02 -46.99
C ASP B 790 11.77 72.56 -47.27
N ILE B 791 12.78 71.72 -47.03
CA ILE B 791 14.15 72.17 -47.19
C ILE B 791 14.43 72.48 -48.64
N SER B 792 13.85 71.75 -49.59
CA SER B 792 13.98 72.12 -50.99
C SER B 792 13.53 73.55 -51.23
N SER B 793 12.37 73.89 -50.66
CA SER B 793 11.84 75.25 -50.77
C SER B 793 12.83 76.26 -50.21
N VAL B 794 13.35 76.02 -49.00
CA VAL B 794 14.27 77.00 -48.44
C VAL B 794 15.61 76.99 -49.17
N LEU B 795 16.05 75.86 -49.68
CA LEU B 795 17.24 75.80 -50.52
C LEU B 795 17.05 76.60 -51.81
N SER B 796 15.80 76.76 -52.25
CA SER B 796 15.52 77.64 -53.37
C SER B 796 15.52 79.11 -52.94
N SER B 797 14.89 79.41 -51.81
CA SER B 797 14.68 80.81 -51.44
C SER B 797 15.84 81.39 -50.64
N SER B 798 16.81 80.56 -50.24
CA SER B 798 17.95 80.96 -49.46
C SER B 798 19.10 81.40 -50.35
N GLN B 799 19.64 82.58 -50.09
CA GLN B 799 20.86 83.04 -50.71
C GLN B 799 22.02 83.16 -49.72
N LYS B 800 21.88 82.58 -48.53
CA LYS B 800 22.93 82.65 -47.52
C LYS B 800 23.48 81.29 -47.11
N LEU B 801 22.67 80.23 -47.19
CA LEU B 801 23.16 78.90 -46.81
C LEU B 801 24.29 78.49 -47.73
N VAL B 802 25.34 77.92 -47.16
CA VAL B 802 26.40 77.42 -48.02
C VAL B 802 26.56 75.92 -47.81
N GLU B 803 26.21 75.42 -46.62
CA GLU B 803 26.16 73.98 -46.46
C GLU B 803 24.89 73.61 -45.71
N LEU B 804 24.44 72.38 -45.93
CA LEU B 804 23.32 71.84 -45.19
C LEU B 804 23.56 70.36 -44.96
N ASP B 805 23.46 69.95 -43.70
CA ASP B 805 23.74 68.58 -43.30
C ASP B 805 22.45 67.87 -42.93
N LEU B 806 22.34 66.63 -43.37
CA LEU B 806 21.22 65.74 -43.07
C LEU B 806 21.85 64.40 -42.67
N SER B 807 22.15 64.25 -41.39
CA SER B 807 22.89 63.10 -40.91
C SER B 807 22.01 62.20 -40.05
N ASP B 808 22.18 60.89 -40.22
CA ASP B 808 21.57 59.88 -39.34
C ASP B 808 20.06 60.04 -39.24
N ASN B 809 19.48 60.77 -40.18
CA ASN B 809 18.06 61.10 -40.20
C ASN B 809 17.35 60.31 -41.29
N ALA B 810 16.16 59.81 -40.96
CA ALA B 810 15.47 58.84 -41.82
C ALA B 810 14.86 59.53 -43.03
N LEU B 811 15.73 60.09 -43.87
CA LEU B 811 15.35 60.62 -45.17
C LEU B 811 15.48 59.48 -46.18
N GLY B 812 14.51 58.57 -46.13
CA GLY B 812 14.64 57.30 -46.82
C GLY B 812 14.91 57.41 -48.30
N ASP B 813 13.93 57.84 -49.08
CA ASP B 813 14.14 57.98 -50.52
C ASP B 813 13.00 58.84 -51.04
N PHE B 814 13.21 59.41 -52.24
CA PHE B 814 12.23 60.24 -52.94
C PHE B 814 12.13 61.57 -52.22
N GLY B 815 12.72 61.63 -51.05
CA GLY B 815 12.93 62.89 -50.38
C GLY B 815 14.28 63.36 -50.82
N ILE B 816 15.12 62.41 -51.21
CA ILE B 816 16.33 62.81 -51.90
C ILE B 816 15.96 63.42 -53.25
N ARG B 817 14.88 62.92 -53.86
CA ARG B 817 14.38 63.60 -55.05
C ARG B 817 13.89 65.01 -54.72
N LEU B 818 13.15 65.16 -53.63
CA LEU B 818 12.72 66.52 -53.29
C LEU B 818 13.92 67.43 -53.05
N LEU B 819 14.93 66.90 -52.34
CA LEU B 819 16.18 67.61 -52.13
C LEU B 819 16.81 68.04 -53.45
N CYS B 820 16.94 67.12 -54.39
CA CYS B 820 17.68 67.43 -55.60
C CYS B 820 16.90 68.39 -56.49
N VAL B 821 15.58 68.26 -56.53
CA VAL B 821 14.82 69.22 -57.34
C VAL B 821 14.91 70.61 -56.72
N GLY B 822 14.87 70.69 -55.39
CA GLY B 822 15.08 71.97 -54.74
C GLY B 822 16.46 72.56 -55.02
N LEU B 823 17.48 71.70 -55.05
CA LEU B 823 18.82 72.18 -55.36
C LEU B 823 18.91 72.72 -56.78
N LYS B 824 18.46 71.93 -57.76
CA LYS B 824 18.74 72.30 -59.14
C LYS B 824 17.81 73.40 -59.63
N HIS B 825 16.56 73.45 -59.16
CA HIS B 825 15.56 74.28 -59.81
C HIS B 825 15.96 75.74 -59.80
N LEU B 826 16.44 76.23 -58.66
CA LEU B 826 16.92 77.60 -58.57
C LEU B 826 18.44 77.60 -58.55
N LEU B 827 19.01 78.78 -58.36
CA LEU B 827 20.46 78.96 -58.24
C LEU B 827 20.81 79.17 -56.77
N CYS B 828 21.42 78.17 -56.16
CA CYS B 828 21.75 78.17 -54.74
C CYS B 828 23.25 78.04 -54.55
N ASN B 829 23.77 78.75 -53.55
CA ASN B 829 25.21 78.76 -53.25
C ASN B 829 25.54 77.69 -52.20
N LEU B 830 25.18 76.45 -52.52
CA LEU B 830 25.41 75.34 -51.61
C LEU B 830 26.80 74.75 -51.86
N GLN B 831 27.49 74.42 -50.77
CA GLN B 831 28.86 73.94 -50.81
C GLN B 831 29.00 72.50 -50.34
N LYS B 832 28.51 72.18 -49.15
CA LYS B 832 28.49 70.82 -48.67
C LYS B 832 27.11 70.22 -48.92
N LEU B 833 27.05 68.88 -48.88
CA LEU B 833 25.78 68.17 -48.94
C LEU B 833 26.07 66.79 -48.39
N TRP B 834 25.54 66.51 -47.20
CA TRP B 834 25.82 65.27 -46.50
C TRP B 834 24.55 64.43 -46.46
N LEU B 835 24.57 63.28 -47.11
CA LEU B 835 23.50 62.31 -47.02
C LEU B 835 23.96 61.07 -46.26
N VAL B 836 24.88 61.27 -45.31
CA VAL B 836 25.51 60.15 -44.62
C VAL B 836 24.46 59.41 -43.81
N SER B 837 24.44 58.09 -43.96
CA SER B 837 23.60 57.20 -43.15
C SER B 837 22.12 57.51 -43.32
N CYS B 838 21.75 58.16 -44.42
CA CYS B 838 20.34 58.32 -44.78
C CYS B 838 19.92 57.11 -45.58
N CYS B 839 18.88 56.41 -45.12
CA CYS B 839 18.60 55.07 -45.63
C CYS B 839 18.01 55.18 -47.02
N LEU B 840 18.88 55.45 -47.99
CA LEU B 840 18.48 55.52 -49.39
C LEU B 840 19.04 54.34 -50.16
N THR B 841 18.64 54.25 -51.43
CA THR B 841 19.08 53.21 -52.33
C THR B 841 19.59 53.84 -53.62
N SER B 842 20.07 52.98 -54.51
CA SER B 842 20.60 53.43 -55.79
C SER B 842 19.54 54.12 -56.64
N ALA B 843 18.25 53.90 -56.32
CA ALA B 843 17.17 54.42 -57.14
C ALA B 843 17.07 55.93 -57.13
N CYS B 844 17.85 56.62 -56.29
CA CYS B 844 17.90 58.07 -56.29
C CYS B 844 19.24 58.62 -56.77
N CYS B 845 20.26 57.75 -56.89
CA CYS B 845 21.57 58.22 -57.31
C CYS B 845 21.51 58.92 -58.65
N GLN B 846 20.61 58.49 -59.54
CA GLN B 846 20.52 59.14 -60.85
C GLN B 846 20.13 60.59 -60.67
N ASP B 847 19.17 60.85 -59.78
CA ASP B 847 18.76 62.22 -59.47
C ASP B 847 19.90 62.99 -58.83
N LEU B 848 20.68 62.33 -57.96
CA LEU B 848 21.86 63.01 -57.43
C LEU B 848 22.79 63.43 -58.55
N ALA B 849 22.99 62.56 -59.53
CA ALA B 849 23.88 62.89 -60.64
C ALA B 849 23.31 64.02 -61.48
N LEU B 850 22.00 64.04 -61.69
CA LEU B 850 21.39 65.12 -62.44
C LEU B 850 21.62 66.46 -61.75
N VAL B 851 21.34 66.51 -60.44
CA VAL B 851 21.52 67.79 -59.74
C VAL B 851 22.99 68.16 -59.68
N LEU B 852 23.88 67.17 -59.55
CA LEU B 852 25.31 67.47 -59.55
C LEU B 852 25.76 68.03 -60.88
N SER B 853 25.25 67.49 -61.98
CA SER B 853 25.58 68.03 -63.30
C SER B 853 25.04 69.44 -63.46
N SER B 854 23.81 69.67 -63.03
CA SER B 854 23.20 70.99 -63.19
C SER B 854 23.95 72.04 -62.39
N ASN B 855 24.07 71.82 -61.08
CA ASN B 855 24.70 72.78 -60.20
C ASN B 855 26.22 72.70 -60.30
N HIS B 856 26.87 73.82 -60.00
CA HIS B 856 28.32 73.87 -59.88
C HIS B 856 28.78 74.37 -58.53
N SER B 857 27.92 75.05 -57.77
CA SER B 857 28.29 75.52 -56.45
C SER B 857 28.61 74.34 -55.52
N LEU B 858 27.78 73.30 -55.58
CA LEU B 858 28.02 72.13 -54.74
C LEU B 858 29.28 71.42 -55.19
N THR B 859 30.20 71.21 -54.25
CA THR B 859 31.46 70.54 -54.57
C THR B 859 31.91 69.56 -53.52
N ARG B 860 31.11 69.31 -52.49
CA ARG B 860 31.51 68.49 -51.36
C ARG B 860 30.30 67.64 -50.97
N LEU B 861 30.26 66.40 -51.44
CA LEU B 861 29.03 65.61 -51.43
C LEU B 861 29.28 64.27 -50.73
N TYR B 862 29.14 64.26 -49.41
CA TYR B 862 29.18 63.01 -48.67
C TYR B 862 27.88 62.24 -48.84
N ILE B 863 28.00 60.96 -49.16
CA ILE B 863 26.87 60.03 -49.20
C ILE B 863 27.17 58.91 -48.21
N GLY B 864 27.87 59.25 -47.14
CA GLY B 864 28.61 58.28 -46.35
C GLY B 864 27.91 56.99 -45.94
N GLU B 865 28.37 55.89 -46.53
CA GLU B 865 28.08 54.53 -46.11
C GLU B 865 26.63 54.34 -45.66
N ASN B 866 25.73 54.86 -46.50
CA ASN B 866 24.30 54.58 -46.41
C ASN B 866 23.99 53.29 -47.16
N ALA B 867 22.71 53.04 -47.46
CA ALA B 867 22.32 51.75 -48.04
C ALA B 867 22.30 51.76 -49.57
N LEU B 868 23.39 52.19 -50.22
CA LEU B 868 23.50 52.05 -51.66
C LEU B 868 24.72 51.21 -51.99
N GLY B 869 24.99 51.08 -53.30
CA GLY B 869 26.17 50.37 -53.76
C GLY B 869 26.21 50.22 -55.26
N ASP B 870 26.45 49.00 -55.73
CA ASP B 870 26.40 48.68 -57.14
C ASP B 870 25.02 49.01 -57.72
N SER B 871 24.95 48.98 -59.05
CA SER B 871 23.75 49.23 -59.86
C SER B 871 23.42 50.71 -59.89
N GLY B 872 24.05 51.49 -59.03
CA GLY B 872 24.19 52.91 -59.22
C GLY B 872 25.45 53.27 -59.97
N VAL B 873 26.25 52.26 -60.32
CA VAL B 873 27.62 52.47 -60.76
C VAL B 873 27.70 53.34 -62.01
N GLN B 874 26.84 53.06 -62.99
CA GLN B 874 26.81 53.90 -64.20
C GLN B 874 26.52 55.36 -63.84
N VAL B 875 25.58 55.58 -62.94
CA VAL B 875 25.31 56.93 -62.46
C VAL B 875 26.53 57.52 -61.76
N LEU B 876 27.16 56.73 -60.89
CA LEU B 876 28.36 57.18 -60.18
C LEU B 876 29.38 57.71 -61.17
N CYS B 877 29.61 56.96 -62.24
CA CYS B 877 30.55 57.42 -63.26
C CYS B 877 30.04 58.69 -63.93
N GLU B 878 28.81 58.64 -64.45
CA GLU B 878 28.37 59.73 -65.32
C GLU B 878 28.11 61.02 -64.56
N LYS B 879 28.14 61.00 -63.22
CA LYS B 879 28.22 62.26 -62.48
C LYS B 879 29.36 63.11 -63.00
N MET B 880 30.54 62.53 -63.10
CA MET B 880 31.77 63.26 -63.41
C MET B 880 32.33 62.90 -64.79
N LYS B 881 31.47 62.43 -65.69
CA LYS B 881 31.94 61.92 -66.98
C LYS B 881 32.66 62.99 -67.78
N ASP B 882 32.45 64.26 -67.45
CA ASP B 882 33.12 65.38 -68.12
C ASP B 882 33.87 66.20 -67.08
N PRO B 883 34.75 67.10 -67.50
CA PRO B 883 35.33 68.05 -66.55
C PRO B 883 34.33 69.09 -66.07
N GLN B 884 34.82 70.12 -65.38
CA GLN B 884 34.04 71.24 -64.86
C GLN B 884 32.85 70.78 -64.02
N CYS B 885 32.95 69.57 -63.44
CA CYS B 885 31.91 69.12 -62.52
C CYS B 885 32.02 69.85 -61.18
N ASN B 886 33.25 70.12 -60.74
CA ASN B 886 33.52 70.84 -59.49
C ASN B 886 32.93 70.10 -58.29
N LEU B 887 33.47 68.91 -58.05
CA LEU B 887 33.12 68.09 -56.88
C LEU B 887 34.42 67.66 -56.20
N GLN B 888 34.92 68.47 -55.25
CA GLN B 888 36.24 68.22 -54.69
C GLN B 888 36.28 66.86 -53.99
N LYS B 889 35.56 66.71 -52.89
CA LYS B 889 35.54 65.46 -52.16
C LYS B 889 34.26 64.71 -52.45
N LEU B 890 34.35 63.38 -52.38
CA LEU B 890 33.20 62.51 -52.62
C LEU B 890 33.40 61.30 -51.70
N GLY B 891 32.79 61.37 -50.53
CA GLY B 891 32.76 60.21 -49.66
C GLY B 891 31.91 59.11 -50.27
N LEU B 892 32.29 57.87 -49.98
CA LEU B 892 31.62 56.72 -50.57
C LEU B 892 31.05 55.82 -49.48
N VAL B 893 30.52 54.69 -49.95
CA VAL B 893 29.50 53.93 -49.26
C VAL B 893 29.96 52.49 -49.13
N ASN B 894 29.38 51.78 -48.16
CA ASN B 894 29.55 50.34 -48.11
C ASN B 894 28.83 49.77 -49.33
N SER B 895 29.59 49.44 -50.36
CA SER B 895 29.03 49.08 -51.66
C SER B 895 28.89 47.57 -51.78
N GLY B 896 28.48 47.13 -52.97
CA GLY B 896 28.30 45.71 -53.21
C GLY B 896 29.33 45.13 -54.14
N LEU B 897 28.95 44.85 -55.39
CA LEU B 897 29.90 44.30 -56.36
C LEU B 897 30.98 45.32 -56.65
N THR B 898 32.21 44.99 -56.28
CA THR B 898 33.32 45.92 -56.37
C THR B 898 33.61 46.34 -57.80
N SER B 899 33.79 45.36 -58.70
CA SER B 899 34.42 45.60 -59.99
C SER B 899 33.81 46.78 -60.75
N ILE B 900 32.49 46.81 -60.88
CA ILE B 900 31.88 47.83 -61.71
C ILE B 900 31.99 49.20 -61.06
N CYS B 901 31.75 49.28 -59.74
CA CYS B 901 31.80 50.58 -59.07
C CYS B 901 33.21 51.13 -59.08
N CYS B 902 34.22 50.28 -58.84
CA CYS B 902 35.59 50.77 -58.91
C CYS B 902 35.99 51.09 -60.36
N SER B 903 35.35 50.46 -61.34
CA SER B 903 35.57 50.86 -62.72
C SER B 903 35.04 52.28 -62.98
N ALA B 904 33.85 52.56 -62.45
CA ALA B 904 33.33 53.92 -62.52
C ALA B 904 34.27 54.89 -61.81
N LEU B 905 34.84 54.44 -60.69
CA LEU B 905 35.82 55.26 -59.97
C LEU B 905 37.05 55.52 -60.82
N THR B 906 37.48 54.52 -61.59
CA THR B 906 38.60 54.74 -62.50
C THR B 906 38.24 55.76 -63.57
N SER B 907 37.02 55.67 -64.09
CA SER B 907 36.58 56.64 -65.09
C SER B 907 36.62 58.06 -64.53
N VAL B 908 36.06 58.26 -63.34
CA VAL B 908 36.09 59.59 -62.73
C VAL B 908 37.52 60.03 -62.48
N LEU B 909 38.35 59.13 -61.96
CA LEU B 909 39.73 59.51 -61.65
C LEU B 909 40.48 59.93 -62.91
N LYS B 910 40.32 59.19 -64.00
CA LYS B 910 41.03 59.53 -65.23
C LYS B 910 40.45 60.74 -65.95
N THR B 911 39.18 61.05 -65.76
CA THR B 911 38.59 62.15 -66.53
C THR B 911 38.43 63.43 -65.71
N ASN B 912 37.79 63.34 -64.54
CA ASN B 912 37.37 64.51 -63.80
C ASN B 912 38.57 65.23 -63.21
N GLN B 913 38.57 66.56 -63.37
CA GLN B 913 39.51 67.42 -62.67
C GLN B 913 39.07 67.64 -61.23
N ASN B 914 39.92 68.32 -60.48
CA ASN B 914 39.74 68.78 -59.09
C ASN B 914 38.87 67.85 -58.27
N PHE B 915 39.18 66.56 -58.30
CA PHE B 915 38.49 65.53 -57.52
C PHE B 915 39.49 65.13 -56.44
N THR B 916 39.41 65.82 -55.30
CA THR B 916 40.51 65.78 -54.34
C THR B 916 40.48 64.56 -53.43
N HIS B 917 39.30 64.09 -53.02
CA HIS B 917 39.24 62.94 -52.14
C HIS B 917 38.32 61.87 -52.73
N LEU B 918 38.51 60.64 -52.24
CA LEU B 918 37.67 59.51 -52.61
C LEU B 918 37.68 58.57 -51.40
N TYR B 919 36.67 58.71 -50.54
CA TYR B 919 36.66 58.07 -49.23
C TYR B 919 35.91 56.74 -49.26
N LEU B 920 36.44 55.80 -50.05
CA LEU B 920 35.99 54.43 -49.93
C LEU B 920 36.44 53.87 -48.59
N ARG B 921 35.48 53.43 -47.77
CA ARG B 921 35.79 52.98 -46.42
C ARG B 921 34.82 51.87 -46.04
N SER B 922 35.34 50.87 -45.31
CA SER B 922 34.56 49.72 -44.85
C SER B 922 33.78 49.09 -45.99
N ASN B 923 34.44 48.90 -47.12
CA ASN B 923 33.83 48.41 -48.35
C ASN B 923 34.40 47.05 -48.71
N ALA B 924 33.55 46.16 -49.20
CA ALA B 924 33.99 44.86 -49.68
C ALA B 924 34.58 45.02 -51.07
N LEU B 925 35.80 45.55 -51.11
CA LEU B 925 36.53 45.78 -52.35
C LEU B 925 37.63 44.74 -52.47
N GLY B 926 37.76 44.15 -53.66
CA GLY B 926 38.70 43.07 -53.87
C GLY B 926 40.02 43.51 -54.48
N ASP B 927 40.92 42.53 -54.57
CA ASP B 927 42.25 42.80 -55.13
C ASP B 927 42.15 43.25 -56.57
N THR B 928 41.27 42.63 -57.35
CA THR B 928 41.05 43.06 -58.73
C THR B 928 40.48 44.46 -58.76
N GLY B 929 39.59 44.78 -57.83
CA GLY B 929 39.02 46.10 -57.72
C GLY B 929 40.08 47.16 -57.54
N LEU B 930 40.84 47.06 -56.46
CA LEU B 930 41.91 48.03 -56.21
C LEU B 930 42.97 47.99 -57.30
N ARG B 931 43.18 46.84 -57.95
CA ARG B 931 44.10 46.77 -59.06
C ARG B 931 43.64 47.67 -60.20
N LEU B 932 42.38 47.53 -60.60
CA LEU B 932 41.90 48.40 -61.66
C LEU B 932 41.82 49.84 -61.17
N LEU B 933 41.68 50.07 -59.86
CA LEU B 933 41.76 51.42 -59.33
C LEU B 933 43.13 52.03 -59.60
N CYS B 934 44.21 51.31 -59.26
CA CYS B 934 45.52 51.86 -59.57
C CYS B 934 45.72 51.98 -61.07
N GLU B 935 45.09 51.11 -61.86
CA GLU B 935 45.06 51.32 -63.31
C GLU B 935 44.37 52.63 -63.66
N GLY B 936 43.36 53.01 -62.91
CA GLY B 936 42.77 54.32 -63.07
C GLY B 936 43.74 55.43 -62.72
N LEU B 937 44.54 55.20 -61.68
CA LEU B 937 45.62 56.12 -61.34
C LEU B 937 46.68 56.18 -62.44
N LEU B 938 46.72 55.19 -63.33
CA LEU B 938 47.73 55.18 -64.39
C LEU B 938 47.58 56.36 -65.32
N HIS B 939 46.37 56.90 -65.46
CA HIS B 939 46.19 58.13 -66.21
C HIS B 939 46.98 59.24 -65.51
N PRO B 940 48.01 59.77 -66.16
CA PRO B 940 48.76 60.88 -65.54
C PRO B 940 47.96 62.15 -65.57
N ASP B 941 48.48 63.22 -64.95
CA ASP B 941 47.86 64.53 -64.90
C ASP B 941 46.49 64.48 -64.21
N CYS B 942 46.17 63.37 -63.56
CA CYS B 942 44.95 63.27 -62.77
C CYS B 942 45.26 63.76 -61.35
N LYS B 943 44.63 64.86 -60.95
CA LYS B 943 44.91 65.46 -59.66
C LYS B 943 43.96 64.86 -58.64
N LEU B 944 44.44 63.86 -57.90
CA LEU B 944 43.68 63.22 -56.84
C LEU B 944 44.51 63.33 -55.57
N GLN B 945 44.01 64.08 -54.60
CA GLN B 945 44.66 64.16 -53.30
C GLN B 945 44.29 62.95 -52.45
N MET B 946 44.37 63.12 -51.13
CA MET B 946 44.24 62.10 -50.10
C MET B 946 43.24 61.03 -50.54
N LEU B 947 43.63 59.77 -50.43
CA LEU B 947 42.79 58.64 -50.83
C LEU B 947 42.81 57.58 -49.73
N GLU B 948 41.83 56.69 -49.79
CA GLU B 948 41.70 55.66 -48.75
C GLU B 948 41.12 54.39 -49.34
N LEU B 949 41.68 53.26 -48.92
CA LEU B 949 41.14 51.92 -49.16
C LEU B 949 41.15 51.21 -47.82
N ASP B 950 39.98 51.04 -47.22
CA ASP B 950 39.91 50.59 -45.82
C ASP B 950 39.97 49.08 -45.69
N ASN B 951 39.04 48.37 -46.31
CA ASN B 951 38.88 46.95 -46.09
C ASN B 951 39.02 46.21 -47.43
N CYS B 952 39.89 45.20 -47.44
CA CYS B 952 40.19 44.43 -48.65
C CYS B 952 41.14 43.30 -48.26
N SER B 953 41.35 42.39 -49.20
CA SER B 953 42.28 41.29 -49.03
C SER B 953 43.07 41.16 -50.34
N LEU B 954 44.26 41.75 -50.38
CA LEU B 954 45.03 41.88 -51.60
C LEU B 954 46.27 41.01 -51.55
N THR B 955 46.80 40.72 -52.72
CA THR B 955 48.15 40.18 -52.83
C THR B 955 49.16 41.32 -52.74
N SER B 956 50.28 41.05 -52.06
CA SER B 956 51.21 42.12 -51.72
C SER B 956 52.09 42.47 -52.92
N HIS B 957 51.46 42.70 -54.07
CA HIS B 957 52.12 43.32 -55.20
C HIS B 957 51.26 44.49 -55.65
N SER B 958 49.95 44.40 -55.35
CA SER B 958 49.03 45.49 -55.64
C SER B 958 49.45 46.79 -54.97
N CYS B 959 49.72 46.73 -53.66
CA CYS B 959 50.29 47.88 -52.97
C CYS B 959 51.58 48.33 -53.64
N TRP B 960 52.37 47.38 -54.12
CA TRP B 960 53.58 47.76 -54.86
C TRP B 960 53.23 48.54 -56.11
N ASN B 961 52.17 48.14 -56.82
CA ASN B 961 51.76 48.86 -58.02
C ASN B 961 51.34 50.29 -57.67
N LEU B 962 50.57 50.45 -56.60
CA LEU B 962 50.14 51.80 -56.24
C LEU B 962 51.34 52.65 -55.82
N SER B 963 52.27 52.08 -55.07
CA SER B 963 53.44 52.85 -54.68
C SER B 963 54.27 53.23 -55.90
N THR B 964 54.49 52.28 -56.82
CA THR B 964 55.26 52.59 -58.02
C THR B 964 54.58 53.64 -58.87
N ILE B 965 53.24 53.62 -58.91
CA ILE B 965 52.56 54.58 -59.76
C ILE B 965 52.59 55.97 -59.11
N LEU B 966 52.60 56.02 -57.78
CA LEU B 966 52.91 57.28 -57.11
C LEU B 966 54.32 57.75 -57.42
N THR B 967 55.29 56.83 -57.47
CA THR B 967 56.65 57.22 -57.80
C THR B 967 56.70 57.79 -59.22
N HIS B 968 55.98 57.15 -60.15
CA HIS B 968 55.92 57.65 -61.52
C HIS B 968 55.29 59.03 -61.58
N ASN B 969 54.23 59.25 -60.81
CA ASN B 969 53.58 60.55 -60.79
C ASN B 969 53.02 60.80 -59.40
N HIS B 970 53.34 61.97 -58.83
CA HIS B 970 52.96 62.29 -57.46
C HIS B 970 51.44 62.54 -57.46
N SER B 971 50.70 61.44 -57.51
CA SER B 971 49.24 61.52 -57.60
C SER B 971 48.63 62.08 -56.34
N LEU B 972 48.84 61.41 -55.21
CA LEU B 972 48.18 61.73 -53.96
C LEU B 972 49.19 62.15 -52.91
N ARG B 973 48.70 62.37 -51.69
CA ARG B 973 49.53 62.80 -50.58
C ARG B 973 49.61 61.77 -49.47
N LYS B 974 48.48 61.27 -48.97
CA LYS B 974 48.53 60.15 -48.04
C LYS B 974 47.47 59.13 -48.41
N LEU B 975 47.42 58.08 -47.61
CA LEU B 975 46.59 56.91 -47.87
C LEU B 975 46.41 56.21 -46.54
N ASN B 976 45.34 55.44 -46.43
CA ASN B 976 45.12 54.61 -45.26
C ASN B 976 44.89 53.17 -45.71
N LEU B 977 45.39 52.24 -44.91
CA LEU B 977 45.07 50.82 -45.04
C LEU B 977 44.57 50.37 -43.68
N GLY B 978 43.32 49.92 -43.62
CA GLY B 978 42.68 49.73 -42.34
C GLY B 978 42.71 48.29 -41.90
N ASN B 979 41.59 47.58 -42.05
CA ASN B 979 41.53 46.18 -41.67
C ASN B 979 42.10 45.26 -42.74
N ASN B 980 42.98 45.79 -43.58
CA ASN B 980 43.53 45.04 -44.70
C ASN B 980 44.54 44.01 -44.19
N ASP B 981 44.24 42.73 -44.39
CA ASP B 981 45.18 41.66 -44.09
C ASP B 981 46.16 41.57 -45.25
N LEU B 982 47.40 42.01 -45.03
CA LEU B 982 48.36 42.22 -46.10
C LEU B 982 49.62 41.38 -45.99
N GLY B 983 49.98 40.90 -44.80
CA GLY B 983 51.18 40.12 -44.66
C GLY B 983 52.43 40.97 -44.48
N ASP B 984 53.46 40.35 -43.91
CA ASP B 984 54.71 41.06 -43.66
C ASP B 984 55.31 41.59 -44.94
N LEU B 985 55.35 40.75 -45.98
CA LEU B 985 55.97 41.13 -47.25
C LEU B 985 55.35 42.39 -47.81
N CYS B 986 54.06 42.61 -47.55
CA CYS B 986 53.40 43.82 -48.04
C CYS B 986 54.09 45.06 -47.51
N VAL B 987 54.13 45.22 -46.19
CA VAL B 987 54.77 46.40 -45.63
C VAL B 987 56.26 46.39 -45.91
N VAL B 988 56.87 45.23 -46.13
CA VAL B 988 58.28 45.21 -46.53
C VAL B 988 58.46 45.88 -47.88
N THR B 989 57.64 45.51 -48.86
CA THR B 989 57.69 46.18 -50.15
C THR B 989 57.34 47.66 -50.01
N LEU B 990 56.38 47.97 -49.15
CA LEU B 990 56.01 49.35 -48.91
C LEU B 990 57.20 50.15 -48.41
N CYS B 991 57.88 49.65 -47.39
CA CYS B 991 58.99 50.39 -46.82
C CYS B 991 60.19 50.45 -47.75
N GLU B 992 60.43 49.43 -48.58
CA GLU B 992 61.51 49.55 -49.56
C GLU B 992 61.19 50.65 -50.58
N VAL B 993 59.99 50.60 -51.17
CA VAL B 993 59.69 51.55 -52.23
C VAL B 993 59.63 52.96 -51.68
N LEU B 994 59.13 53.14 -50.46
CA LEU B 994 59.20 54.49 -49.90
C LEU B 994 60.63 54.84 -49.51
N LYS B 995 61.44 53.83 -49.20
CA LYS B 995 62.81 54.07 -48.78
C LYS B 995 63.60 54.71 -49.91
N GLN B 996 63.37 54.24 -51.14
CA GLN B 996 64.07 54.79 -52.29
C GLN B 996 63.14 55.81 -52.93
N GLN B 997 63.37 57.08 -52.61
CA GLN B 997 62.63 58.22 -53.17
C GLN B 997 61.12 57.99 -53.04
N GLY B 998 60.69 58.00 -51.79
CA GLY B 998 59.33 57.62 -51.40
C GLY B 998 58.18 58.01 -52.31
N CYS B 999 57.30 57.04 -52.54
CA CYS B 999 56.19 57.22 -53.47
C CYS B 999 55.30 58.37 -53.03
N LEU B 1000 54.66 58.22 -51.87
CA LEU B 1000 53.89 59.30 -51.29
C LEU B 1000 54.82 60.37 -50.75
N LEU B 1001 54.26 61.52 -50.43
CA LEU B 1001 55.04 62.65 -49.95
C LEU B 1001 54.56 63.23 -48.63
N GLN B 1002 53.38 62.83 -48.14
CA GLN B 1002 52.85 63.41 -46.91
C GLN B 1002 52.74 62.38 -45.78
N SER B 1003 51.96 61.31 -45.97
CA SER B 1003 51.68 60.43 -44.83
C SER B 1003 51.18 59.09 -45.33
N LEU B 1004 50.96 58.18 -44.36
CA LEU B 1004 50.42 56.85 -44.60
C LEU B 1004 49.97 56.31 -43.26
N GLN B 1005 48.80 55.66 -43.23
CA GLN B 1005 48.21 55.20 -41.98
C GLN B 1005 47.94 53.71 -42.07
N LEU B 1006 48.47 52.96 -41.10
CA LEU B 1006 48.28 51.52 -41.00
C LEU B 1006 47.73 51.20 -39.62
N GLY B 1007 46.68 50.40 -39.54
CA GLY B 1007 46.13 50.02 -38.26
C GLY B 1007 45.77 48.55 -38.20
N GLU B 1008 45.77 48.03 -36.97
CA GLU B 1008 45.33 46.68 -36.61
C GLU B 1008 45.97 45.59 -37.49
N MET B 1009 47.29 45.46 -37.34
CA MET B 1009 48.01 44.28 -37.77
C MET B 1009 48.77 43.64 -36.61
N TYR B 1010 48.87 42.32 -36.64
CA TYR B 1010 49.69 41.54 -35.71
C TYR B 1010 50.94 41.01 -36.41
N LEU B 1011 51.53 41.81 -37.28
CA LEU B 1011 52.63 41.40 -38.13
C LEU B 1011 53.92 41.27 -37.31
N ASN B 1012 54.89 40.55 -37.85
CA ASN B 1012 56.15 40.36 -37.16
C ASN B 1012 56.92 41.67 -37.06
N ARG B 1013 57.89 41.70 -36.15
CA ARG B 1013 58.39 42.98 -35.68
C ARG B 1013 59.53 43.56 -36.50
N GLU B 1014 60.21 42.76 -37.32
CA GLU B 1014 61.23 43.36 -38.19
C GLU B 1014 60.59 44.31 -39.19
N THR B 1015 59.29 44.15 -39.45
CA THR B 1015 58.57 45.18 -40.17
C THR B 1015 58.56 46.46 -39.38
N LYS B 1016 58.31 46.37 -38.07
CA LYS B 1016 58.32 47.57 -37.26
C LYS B 1016 59.70 48.21 -37.25
N ARG B 1017 60.77 47.40 -37.18
CA ARG B 1017 62.10 47.99 -37.17
C ARG B 1017 62.36 48.75 -38.47
N ALA B 1018 61.99 48.16 -39.61
CA ALA B 1018 62.21 48.85 -40.87
C ALA B 1018 61.41 50.15 -40.93
N LEU B 1019 60.14 50.10 -40.50
CA LEU B 1019 59.31 51.29 -40.60
C LEU B 1019 59.79 52.37 -39.65
N GLU B 1020 60.20 51.99 -38.43
CA GLU B 1020 60.66 53.00 -37.47
C GLU B 1020 61.98 53.57 -37.93
N ALA B 1021 62.80 52.77 -38.61
CA ALA B 1021 64.04 53.28 -39.15
C ALA B 1021 63.78 54.39 -40.18
N LEU B 1022 63.02 54.05 -41.22
CA LEU B 1022 62.98 54.89 -42.42
C LEU B 1022 62.56 56.36 -42.20
N GLN B 1023 61.67 56.65 -41.24
CA GLN B 1023 61.19 58.04 -41.14
C GLN B 1023 62.26 58.98 -40.64
N GLU B 1024 63.16 58.52 -39.77
CA GLU B 1024 64.15 59.42 -39.19
C GLU B 1024 65.22 59.79 -40.20
N GLU B 1025 65.60 58.86 -41.08
CA GLU B 1025 66.49 59.23 -42.17
C GLU B 1025 65.76 60.04 -43.23
N LYS B 1026 64.55 59.63 -43.60
CA LYS B 1026 63.72 60.36 -44.56
C LYS B 1026 62.41 60.79 -43.93
N PRO B 1027 62.25 62.06 -43.57
CA PRO B 1027 60.96 62.53 -43.07
C PRO B 1027 59.94 62.85 -44.15
N GLU B 1028 60.23 62.47 -45.40
CA GLU B 1028 59.26 62.66 -46.49
C GLU B 1028 57.95 61.95 -46.17
N LEU B 1029 58.03 60.67 -45.79
CA LEU B 1029 56.91 59.96 -45.17
C LEU B 1029 56.85 60.43 -43.73
N THR B 1030 56.09 61.50 -43.51
CA THR B 1030 56.09 62.16 -42.21
C THR B 1030 55.66 61.21 -41.10
N ILE B 1031 54.73 60.31 -41.38
CA ILE B 1031 54.24 59.41 -40.34
C ILE B 1031 53.66 58.16 -40.96
N VAL B 1032 53.86 57.04 -40.28
CA VAL B 1032 53.05 55.84 -40.43
C VAL B 1032 52.36 55.61 -39.09
N PHE B 1033 51.04 55.44 -39.13
CA PHE B 1033 50.32 55.20 -37.89
C PHE B 1033 50.81 53.88 -37.30
N GLU B 1034 51.54 53.97 -36.19
CA GLU B 1034 51.98 52.79 -35.46
C GLU B 1034 50.79 51.96 -35.00
N ILE B 1035 50.91 50.65 -35.11
CA ILE B 1035 49.78 49.77 -34.84
C ILE B 1035 49.41 49.82 -33.38
N SER B 1036 50.32 49.35 -32.53
CA SER B 1036 50.10 49.35 -31.09
C SER B 1036 51.33 49.75 -30.30
N TRP B 1037 52.51 49.79 -30.91
CA TRP B 1037 53.74 49.99 -30.17
C TRP B 1037 54.54 51.14 -30.76
N ASP C 135 28.69 -9.45 -40.33
CA ASP C 135 28.53 -10.54 -41.28
C ASP C 135 29.57 -10.45 -42.39
N TYR C 136 29.46 -9.43 -43.23
CA TYR C 136 30.45 -9.20 -44.28
C TYR C 136 31.82 -8.84 -43.73
N CYS C 137 31.89 -8.40 -42.47
CA CYS C 137 33.15 -7.91 -41.94
C CYS C 137 34.21 -9.00 -41.95
N LYS C 138 33.84 -10.20 -41.50
CA LYS C 138 34.82 -11.24 -41.23
C LYS C 138 35.61 -11.72 -42.46
N MET C 139 34.93 -11.99 -43.59
CA MET C 139 35.67 -12.56 -44.72
C MET C 139 36.65 -11.55 -45.29
N TYR C 140 36.27 -10.27 -45.33
CA TYR C 140 37.22 -9.29 -45.84
C TYR C 140 38.25 -8.89 -44.79
N ARG C 141 37.96 -9.01 -43.49
CA ARG C 141 39.06 -8.78 -42.56
C ARG C 141 40.10 -9.88 -42.71
N ARG C 142 39.68 -11.06 -43.19
CA ARG C 142 40.71 -12.06 -43.46
C ARG C 142 41.38 -11.79 -44.80
N HIS C 143 40.63 -11.23 -45.75
CA HIS C 143 41.24 -10.87 -47.03
C HIS C 143 42.32 -9.82 -46.82
N VAL C 144 42.04 -8.82 -45.99
CA VAL C 144 43.05 -7.79 -45.74
C VAL C 144 44.19 -8.34 -44.90
N ARG C 145 43.91 -9.32 -44.01
CA ARG C 145 45.01 -9.97 -43.30
C ARG C 145 45.94 -10.68 -44.27
N SER C 146 45.37 -11.42 -45.22
CA SER C 146 46.19 -12.10 -46.21
C SER C 146 46.96 -11.10 -47.06
N ARG C 147 46.34 -9.96 -47.35
CA ARG C 147 46.98 -8.96 -48.19
C ARG C 147 48.20 -8.35 -47.47
N PHE C 148 48.03 -7.96 -46.22
CA PHE C 148 49.06 -7.18 -45.51
C PHE C 148 49.95 -8.02 -44.60
N TYR C 149 49.72 -9.32 -44.46
CA TYR C 149 50.66 -10.15 -43.74
C TYR C 149 51.89 -10.47 -44.60
N SER C 150 51.67 -10.76 -45.88
CA SER C 150 52.74 -11.16 -46.77
C SER C 150 53.63 -10.01 -47.21
N ILE C 151 53.16 -8.76 -47.09
CA ILE C 151 53.94 -7.63 -47.56
C ILE C 151 55.14 -7.43 -46.65
N LYS C 152 56.31 -7.25 -47.25
CA LYS C 152 57.55 -7.10 -46.50
C LYS C 152 58.41 -5.99 -47.09
N ASP C 163 55.35 -10.35 -44.44
CA ASP C 163 56.14 -10.13 -43.23
C ASP C 163 55.88 -8.72 -42.67
N LEU C 164 56.97 -8.03 -42.33
CA LEU C 164 56.91 -6.66 -41.82
C LEU C 164 56.20 -6.59 -40.47
N ASN C 165 55.83 -7.76 -39.92
CA ASN C 165 55.22 -7.80 -38.60
C ASN C 165 56.27 -7.70 -37.49
N SER C 166 57.25 -8.59 -37.51
CA SER C 166 58.40 -8.50 -36.64
C SER C 166 59.54 -7.69 -37.26
N ARG C 167 59.22 -6.80 -38.20
CA ARG C 167 60.21 -6.00 -38.92
C ARG C 167 59.85 -4.53 -38.85
N TYR C 168 59.17 -4.11 -37.79
CA TYR C 168 58.62 -2.77 -37.65
C TYR C 168 59.02 -2.15 -36.32
N THR C 169 59.40 -0.87 -36.36
CA THR C 169 59.63 -0.07 -35.17
C THR C 169 58.75 1.17 -35.25
N GLN C 170 58.14 1.52 -34.13
CA GLN C 170 57.16 2.60 -34.12
C GLN C 170 57.77 3.93 -34.52
N LEU C 171 57.08 4.63 -35.41
CA LEU C 171 57.44 5.98 -35.81
C LEU C 171 56.69 6.98 -34.93
N GLN C 172 57.00 8.26 -35.07
CA GLN C 172 56.49 9.27 -34.15
C GLN C 172 55.33 10.02 -34.78
N LEU C 173 54.23 10.13 -34.04
CA LEU C 173 53.09 10.94 -34.43
C LEU C 173 53.08 12.20 -33.57
N VAL C 174 52.99 13.36 -34.22
CA VAL C 174 53.11 14.64 -33.52
C VAL C 174 52.03 15.59 -34.00
N LYS C 175 51.30 16.18 -33.06
CA LYS C 175 50.49 17.37 -33.34
C LYS C 175 50.81 18.42 -32.28
N GLU C 176 51.57 19.45 -32.65
CA GLU C 176 51.91 20.47 -31.68
C GLU C 176 50.80 21.51 -31.55
N HIS C 177 50.52 22.22 -32.64
CA HIS C 177 49.54 23.29 -32.69
C HIS C 177 49.68 24.26 -31.51
N PRO C 178 50.83 24.93 -31.38
CA PRO C 178 51.10 25.83 -30.26
C PRO C 178 50.63 27.26 -30.51
N LEU C 203 52.44 10.43 -30.97
CA LEU C 203 51.22 10.48 -30.19
C LEU C 203 50.70 9.07 -29.87
N LYS C 204 49.39 8.94 -29.79
CA LYS C 204 48.73 7.67 -29.48
C LYS C 204 47.68 7.39 -30.55
N LEU C 205 47.97 6.42 -31.41
CA LEU C 205 46.99 6.03 -32.43
C LEU C 205 45.70 5.52 -31.80
N GLU C 206 45.80 4.95 -30.61
CA GLU C 206 44.60 4.58 -29.86
C GLU C 206 43.80 5.82 -29.54
N LEU C 207 42.49 5.75 -29.78
CA LEU C 207 41.59 6.88 -29.60
C LEU C 207 42.09 8.11 -30.35
N LEU C 208 42.52 7.88 -31.59
CA LEU C 208 43.03 8.98 -32.41
C LEU C 208 41.94 10.00 -32.74
N PHE C 209 40.68 9.57 -32.72
CA PHE C 209 39.58 10.36 -33.26
C PHE C 209 38.65 10.83 -32.15
N GLU C 210 39.19 11.34 -31.06
CA GLU C 210 38.34 12.00 -30.08
C GLU C 210 37.61 13.17 -30.73
N PRO C 211 36.28 13.19 -30.72
CA PRO C 211 35.57 14.43 -31.07
C PRO C 211 35.35 15.30 -29.85
N GLU C 212 36.11 15.03 -28.79
CA GLU C 212 35.93 15.71 -27.51
C GLU C 212 35.95 17.23 -27.68
N ASP C 213 35.25 17.92 -26.80
CA ASP C 213 35.04 19.36 -26.96
C ASP C 213 36.13 20.16 -26.26
N GLY C 214 37.39 19.82 -26.53
CA GLY C 214 38.48 20.68 -26.14
C GLY C 214 38.80 21.67 -27.23
N HIS C 215 39.18 21.16 -28.41
CA HIS C 215 39.35 21.99 -29.59
C HIS C 215 38.89 21.29 -30.87
N SER C 216 38.24 20.14 -30.77
CA SER C 216 37.95 19.29 -31.92
C SER C 216 36.50 18.79 -31.88
N GLU C 217 35.56 19.71 -31.67
CA GLU C 217 34.16 19.32 -31.51
C GLU C 217 33.60 18.66 -32.76
N PRO C 218 33.51 19.32 -33.91
CA PRO C 218 32.83 18.74 -35.07
C PRO C 218 33.74 18.00 -36.05
N VAL C 219 34.99 17.74 -35.70
CA VAL C 219 35.95 17.23 -36.67
C VAL C 219 35.63 15.79 -37.04
N HIS C 220 35.98 15.41 -38.28
CA HIS C 220 35.81 14.05 -38.75
C HIS C 220 37.02 13.46 -39.46
N THR C 221 38.15 14.17 -39.53
CA THR C 221 39.23 13.72 -40.40
C THR C 221 40.59 14.19 -39.92
N VAL C 222 41.61 13.39 -40.27
CA VAL C 222 43.01 13.68 -39.99
C VAL C 222 43.84 13.45 -41.25
N VAL C 223 44.90 14.24 -41.39
CA VAL C 223 45.85 14.13 -42.48
C VAL C 223 47.19 13.72 -41.89
N PHE C 224 47.82 12.71 -42.48
CA PHE C 224 49.14 12.27 -42.07
C PHE C 224 50.18 13.06 -42.85
N GLN C 225 51.17 13.58 -42.16
CA GLN C 225 52.28 14.27 -42.79
C GLN C 225 53.60 13.75 -42.23
N GLY C 226 54.70 14.33 -42.69
CA GLY C 226 56.00 13.96 -42.17
C GLY C 226 57.10 14.35 -43.15
N ALA C 227 58.27 13.77 -42.95
CA ALA C 227 59.41 14.05 -43.80
C ALA C 227 59.24 13.40 -45.18
N ALA C 228 60.02 13.88 -46.14
CA ALA C 228 59.88 13.45 -47.52
C ALA C 228 60.20 11.97 -47.66
N GLY C 229 59.21 11.15 -48.01
CA GLY C 229 59.43 9.75 -48.30
C GLY C 229 59.56 8.85 -47.08
N ILE C 230 58.49 8.75 -46.29
CA ILE C 230 58.46 7.82 -45.16
C ILE C 230 58.02 6.42 -45.55
N GLY C 231 57.61 6.21 -46.80
CA GLY C 231 56.92 4.99 -47.16
C GLY C 231 55.49 4.99 -46.69
N LYS C 232 54.95 6.17 -46.38
CA LYS C 232 53.73 6.44 -45.63
C LYS C 232 52.62 5.41 -45.86
N THR C 233 52.47 4.96 -47.10
CA THR C 233 51.55 3.86 -47.38
C THR C 233 51.85 2.67 -46.48
N ILE C 234 53.12 2.46 -46.11
CA ILE C 234 53.46 1.36 -45.23
C ILE C 234 52.78 1.55 -43.88
N LEU C 235 52.76 2.79 -43.37
CA LEU C 235 52.12 3.04 -42.09
C LEU C 235 50.60 2.89 -42.20
N ALA C 236 50.04 3.30 -43.33
CA ALA C 236 48.62 3.05 -43.56
C ALA C 236 48.33 1.56 -43.50
N ARG C 237 49.19 0.76 -44.16
CA ARG C 237 49.01 -0.69 -44.14
C ARG C 237 49.17 -1.25 -42.73
N LYS C 238 50.10 -0.72 -41.94
CA LYS C 238 50.26 -1.18 -40.57
C LYS C 238 49.01 -0.90 -39.74
N ILE C 239 48.42 0.29 -39.89
CA ILE C 239 47.18 0.57 -39.16
C ILE C 239 46.06 -0.37 -39.61
N MET C 240 45.96 -0.59 -40.93
CA MET C 240 44.94 -1.49 -41.45
C MET C 240 45.08 -2.89 -40.87
N LEU C 241 46.29 -3.44 -40.94
CA LEU C 241 46.52 -4.80 -40.43
C LEU C 241 46.34 -4.86 -38.92
N ASP C 242 46.72 -3.80 -38.21
CA ASP C 242 46.56 -3.78 -36.76
C ASP C 242 45.09 -3.89 -36.38
N TRP C 243 44.23 -3.14 -37.08
CA TRP C 243 42.81 -3.31 -36.81
C TRP C 243 42.34 -4.70 -37.23
N ALA C 244 42.77 -5.17 -38.40
CA ALA C 244 42.32 -6.46 -38.90
C ALA C 244 42.63 -7.59 -37.92
N LEU C 245 43.81 -7.55 -37.32
CA LEU C 245 44.17 -8.50 -36.27
C LEU C 245 43.59 -8.15 -34.92
N GLY C 246 43.07 -6.93 -34.75
CA GLY C 246 42.59 -6.53 -33.45
C GLY C 246 43.69 -5.91 -32.61
N LYS C 247 44.29 -6.72 -31.74
CA LYS C 247 45.40 -6.30 -30.89
C LYS C 247 44.95 -5.16 -29.97
N LEU C 248 43.99 -5.48 -29.12
CA LEU C 248 43.41 -4.57 -28.13
C LEU C 248 42.72 -3.38 -28.80
N PHE C 249 42.34 -3.51 -30.06
CA PHE C 249 41.62 -2.45 -30.78
C PHE C 249 40.14 -2.54 -30.40
N LYS C 250 39.71 -1.68 -29.48
CA LYS C 250 38.28 -1.49 -29.30
C LYS C 250 37.66 -1.00 -30.60
N ASP C 251 36.78 -1.81 -31.17
CA ASP C 251 36.27 -1.54 -32.51
C ASP C 251 35.29 -0.37 -32.48
N LYS C 252 35.80 0.85 -32.61
CA LYS C 252 34.95 2.00 -32.87
C LYS C 252 34.29 1.96 -34.24
N PHE C 253 34.74 1.06 -35.12
CA PHE C 253 34.31 1.05 -36.51
C PHE C 253 34.08 -0.39 -36.95
N ASP C 254 33.18 -0.56 -37.91
CA ASP C 254 32.89 -1.87 -38.48
C ASP C 254 33.71 -2.17 -39.72
N TYR C 255 34.20 -1.13 -40.40
CA TYR C 255 35.00 -1.33 -41.59
C TYR C 255 35.98 -0.18 -41.76
N LEU C 256 37.22 -0.52 -42.07
CA LEU C 256 38.23 0.43 -42.52
C LEU C 256 38.67 -0.05 -43.88
N PHE C 257 38.41 0.74 -44.91
CA PHE C 257 38.70 0.33 -46.27
C PHE C 257 40.00 0.98 -46.75
N PHE C 258 40.92 0.15 -47.22
CA PHE C 258 42.18 0.62 -47.76
C PHE C 258 41.96 0.95 -49.23
N ILE C 259 42.06 2.21 -49.58
CA ILE C 259 41.95 2.67 -50.96
C ILE C 259 43.37 2.88 -51.47
N HIS C 260 43.72 2.17 -52.54
CA HIS C 260 45.03 2.34 -53.17
C HIS C 260 44.83 3.24 -54.37
N CYS C 261 44.76 4.54 -54.09
CA CYS C 261 44.47 5.54 -55.10
C CYS C 261 45.48 5.53 -56.24
N ARG C 262 46.66 4.95 -56.00
CA ARG C 262 47.63 4.75 -57.06
C ARG C 262 47.02 3.94 -58.19
N GLU C 263 46.02 3.11 -57.89
CA GLU C 263 45.19 2.48 -58.91
C GLU C 263 43.91 3.22 -59.22
N VAL C 264 43.28 3.89 -58.24
CA VAL C 264 41.98 4.51 -58.45
C VAL C 264 42.18 5.76 -59.31
N SER C 265 43.43 6.07 -59.62
CA SER C 265 43.83 7.27 -60.34
C SER C 265 43.14 7.44 -61.68
N LEU C 266 42.42 6.44 -62.16
CA LEU C 266 41.81 6.50 -63.48
C LEU C 266 40.69 7.53 -63.54
N ARG C 267 40.41 7.96 -64.78
CA ARG C 267 39.39 8.94 -65.11
C ARG C 267 37.99 8.32 -65.20
N THR C 268 37.89 7.01 -65.07
CA THR C 268 36.62 6.32 -65.24
C THR C 268 35.63 6.72 -64.14
N PRO C 269 34.38 7.02 -64.48
CA PRO C 269 33.40 7.35 -63.44
C PRO C 269 32.97 6.09 -62.72
N ARG C 270 33.38 5.92 -61.47
CA ARG C 270 33.11 4.70 -60.72
C ARG C 270 32.29 4.99 -59.47
N SER C 271 31.37 4.09 -59.17
CA SER C 271 30.52 4.19 -58.00
C SER C 271 31.31 3.76 -56.76
N LEU C 272 30.59 3.54 -55.66
CA LEU C 272 31.20 2.95 -54.48
C LEU C 272 31.94 1.68 -54.86
N ALA C 273 33.25 1.67 -54.58
CA ALA C 273 34.15 0.62 -55.07
C ALA C 273 34.77 -0.05 -53.86
N ASP C 274 34.05 -1.01 -53.31
CA ASP C 274 34.57 -1.82 -52.21
C ASP C 274 35.15 -3.15 -52.69
N LEU C 275 34.89 -3.55 -53.93
CA LEU C 275 35.59 -4.67 -54.52
C LEU C 275 36.93 -4.21 -55.08
N ILE C 276 37.95 -5.06 -54.95
CA ILE C 276 39.28 -4.80 -55.48
C ILE C 276 39.74 -5.91 -56.40
N VAL C 277 39.63 -7.17 -55.96
CA VAL C 277 40.07 -8.32 -56.74
C VAL C 277 38.97 -8.79 -57.70
N SER C 278 37.85 -8.07 -57.76
CA SER C 278 36.69 -8.45 -58.59
C SER C 278 36.16 -9.81 -58.19
N CYS C 279 35.98 -10.00 -56.88
CA CYS C 279 35.39 -11.21 -56.33
C CYS C 279 33.87 -11.12 -56.50
N TRP C 280 33.14 -12.01 -55.84
CA TRP C 280 31.69 -11.90 -55.87
C TRP C 280 31.26 -10.60 -55.20
N PRO C 281 30.23 -9.92 -55.73
CA PRO C 281 29.94 -8.55 -55.30
C PRO C 281 29.67 -8.47 -53.80
N ASP C 282 30.18 -7.41 -53.18
CA ASP C 282 29.89 -7.20 -51.78
C ASP C 282 28.43 -6.85 -51.59
N PRO C 283 27.88 -7.07 -50.39
CA PRO C 283 26.47 -6.75 -50.13
C PRO C 283 26.20 -5.25 -50.16
N ASN C 284 26.43 -4.60 -51.30
CA ASN C 284 26.49 -3.14 -51.33
C ASN C 284 25.22 -2.46 -50.84
N PRO C 285 24.01 -2.87 -51.24
CA PRO C 285 22.79 -2.21 -50.71
C PRO C 285 22.61 -2.40 -49.20
N PRO C 286 22.72 -3.61 -48.64
CA PRO C 286 22.71 -3.70 -47.16
C PRO C 286 23.86 -3.01 -46.47
N VAL C 287 25.03 -2.89 -47.11
CA VAL C 287 26.08 -2.02 -46.61
C VAL C 287 25.62 -0.57 -46.53
N CYS C 288 24.90 -0.11 -47.56
CA CYS C 288 24.30 1.21 -47.49
C CYS C 288 23.23 1.30 -46.41
N LYS C 289 22.55 0.19 -46.13
CA LYS C 289 21.52 0.18 -45.10
C LYS C 289 22.09 0.11 -43.69
N ILE C 290 23.32 -0.38 -43.52
CA ILE C 290 23.97 -0.41 -42.21
C ILE C 290 24.76 0.88 -42.04
N LEU C 291 24.48 1.87 -42.90
CA LEU C 291 25.07 3.19 -42.75
C LEU C 291 24.29 4.08 -41.80
N ARG C 292 22.98 4.23 -42.03
CA ARG C 292 22.22 5.34 -41.44
C ARG C 292 22.37 5.39 -39.93
N LYS C 293 22.11 4.27 -39.25
CA LYS C 293 22.27 4.33 -37.79
C LYS C 293 23.75 4.27 -37.40
N PRO C 294 24.51 3.22 -37.77
CA PRO C 294 25.93 3.19 -37.36
C PRO C 294 26.87 3.85 -38.35
N SER C 295 27.60 4.87 -37.92
CA SER C 295 28.66 5.46 -38.74
C SER C 295 29.98 4.73 -38.54
N ARG C 296 29.92 3.41 -38.61
CA ARG C 296 31.05 2.53 -38.34
C ARG C 296 31.73 2.07 -39.62
N ILE C 297 31.51 2.78 -40.72
CA ILE C 297 32.26 2.61 -41.95
C ILE C 297 33.33 3.69 -42.01
N LEU C 298 34.54 3.30 -42.42
CA LEU C 298 35.61 4.25 -42.62
C LEU C 298 36.45 3.80 -43.81
N PHE C 299 36.99 4.78 -44.52
CA PHE C 299 37.74 4.58 -45.76
C PHE C 299 39.13 5.14 -45.52
N LEU C 300 40.11 4.25 -45.29
CA LEU C 300 41.51 4.66 -45.28
C LEU C 300 41.97 4.78 -46.72
N MET C 301 41.79 5.97 -47.30
CA MET C 301 42.32 6.26 -48.62
C MET C 301 43.75 6.79 -48.52
N ASP C 302 44.59 6.34 -49.44
CA ASP C 302 46.02 6.60 -49.41
C ASP C 302 46.48 6.92 -50.82
N GLY C 303 47.68 7.49 -50.91
CA GLY C 303 48.26 7.94 -52.17
C GLY C 303 47.50 9.05 -52.85
N PHE C 304 47.10 10.07 -52.08
CA PHE C 304 46.34 11.17 -52.67
C PHE C 304 47.19 11.90 -53.69
N ASP C 305 48.51 11.83 -53.54
CA ASP C 305 49.45 12.47 -54.43
C ASP C 305 49.28 11.97 -55.86
N GLU C 306 48.73 10.77 -56.02
CA GLU C 306 48.61 10.12 -57.30
C GLU C 306 47.22 10.24 -57.90
N LEU C 307 46.37 11.14 -57.41
CA LEU C 307 45.16 11.46 -58.16
C LEU C 307 45.51 12.25 -59.41
N GLN C 308 45.56 11.54 -60.54
CA GLN C 308 46.08 12.09 -61.78
C GLN C 308 44.91 12.68 -62.57
N GLY C 309 45.13 12.97 -63.85
CA GLY C 309 44.12 13.69 -64.61
C GLY C 309 44.59 14.93 -65.34
N ALA C 310 44.14 16.09 -64.89
CA ALA C 310 44.62 17.37 -65.41
C ALA C 310 44.91 18.37 -64.30
N PHE C 311 45.36 17.87 -63.14
CA PHE C 311 45.55 18.67 -61.91
C PHE C 311 44.30 19.48 -61.57
N ASP C 312 43.15 18.84 -61.69
CA ASP C 312 41.85 19.47 -61.49
C ASP C 312 41.22 18.86 -60.24
N GLU C 313 41.54 19.42 -59.08
CA GLU C 313 40.94 18.97 -57.83
C GLU C 313 40.31 20.15 -57.09
N HIS C 314 39.68 21.05 -57.83
CA HIS C 314 39.02 22.22 -57.25
C HIS C 314 37.65 21.80 -56.71
N ILE C 315 36.82 22.79 -56.37
CA ILE C 315 35.51 22.51 -55.81
C ILE C 315 34.67 21.76 -56.83
N GLY C 316 34.01 20.70 -56.38
CA GLY C 316 33.26 19.86 -57.32
C GLY C 316 32.07 20.59 -57.90
N GLU C 317 31.93 20.51 -59.23
CA GLU C 317 30.81 21.14 -59.91
C GLU C 317 29.48 20.50 -59.56
N VAL C 318 29.43 19.17 -59.51
CA VAL C 318 28.19 18.43 -59.31
C VAL C 318 28.39 17.42 -58.17
N CYS C 319 27.40 17.35 -57.28
CA CYS C 319 27.41 16.42 -56.17
C CYS C 319 26.97 15.03 -56.62
N THR C 320 26.87 14.10 -55.67
CA THR C 320 26.48 12.72 -55.94
C THR C 320 25.39 12.31 -54.97
N ASP C 321 24.78 11.16 -55.27
CA ASP C 321 23.72 10.62 -54.43
C ASP C 321 24.28 9.99 -53.15
N TRP C 322 23.46 9.99 -52.10
CA TRP C 322 23.89 9.43 -50.83
C TRP C 322 24.04 7.90 -50.90
N GLN C 323 23.23 7.24 -51.74
CA GLN C 323 23.36 5.80 -51.90
C GLN C 323 24.70 5.40 -52.48
N LYS C 324 25.36 6.31 -53.21
CA LYS C 324 26.67 6.11 -53.79
C LYS C 324 26.67 4.97 -54.82
N ALA C 325 25.49 4.42 -55.09
CA ALA C 325 25.37 3.38 -56.11
C ALA C 325 25.51 3.92 -57.52
N VAL C 326 25.48 5.25 -57.68
CA VAL C 326 25.66 5.87 -58.99
C VAL C 326 27.15 5.83 -59.36
N ARG C 327 27.44 5.39 -60.57
CA ARG C 327 28.81 5.29 -61.05
C ARG C 327 29.33 6.64 -61.53
N GLY C 328 29.22 7.65 -60.69
CA GLY C 328 29.71 8.97 -61.03
C GLY C 328 31.22 9.05 -61.02
N ASP C 329 31.72 10.15 -61.57
CA ASP C 329 33.15 10.40 -61.56
C ASP C 329 33.63 10.57 -60.13
N ILE C 330 34.77 9.95 -59.81
CA ILE C 330 35.37 10.14 -58.50
C ILE C 330 35.68 11.62 -58.25
N LEU C 331 35.96 12.36 -59.31
CA LEU C 331 36.06 13.81 -59.20
C LEU C 331 34.71 14.42 -58.80
N LEU C 332 33.62 13.91 -59.37
CA LEU C 332 32.30 14.48 -59.15
C LEU C 332 31.46 13.68 -58.15
N SER C 333 31.90 12.49 -57.75
CA SER C 333 31.16 11.71 -56.75
C SER C 333 31.95 11.52 -55.48
N SER C 334 33.19 11.03 -55.57
CA SER C 334 33.97 10.75 -54.38
C SER C 334 34.41 12.05 -53.70
N LEU C 335 34.92 13.00 -54.48
CA LEU C 335 35.43 14.23 -53.87
C LEU C 335 34.33 14.97 -53.14
N ILE C 336 33.15 15.08 -53.75
CA ILE C 336 32.03 15.72 -53.06
C ILE C 336 31.57 14.88 -51.88
N ARG C 337 31.66 13.55 -51.97
CA ARG C 337 31.36 12.74 -50.80
C ARG C 337 32.28 13.11 -49.63
N LYS C 338 33.56 13.32 -49.91
CA LYS C 338 34.45 13.90 -48.89
C LYS C 338 33.99 15.29 -48.48
N LYS C 339 33.56 16.10 -49.43
CA LYS C 339 33.28 17.52 -49.17
C LYS C 339 32.09 17.71 -48.25
N LEU C 340 30.92 17.24 -48.69
CA LEU C 340 29.68 17.44 -47.97
C LEU C 340 28.99 16.08 -47.79
N LEU C 341 28.24 15.98 -46.70
CA LEU C 341 27.58 14.74 -46.30
C LEU C 341 28.55 13.55 -46.35
N PRO C 342 29.69 13.62 -45.66
CA PRO C 342 30.59 12.46 -45.66
C PRO C 342 30.07 11.33 -44.79
N LYS C 343 29.57 11.65 -43.61
CA LYS C 343 28.93 10.72 -42.67
C LYS C 343 29.92 9.71 -42.09
N ALA C 344 31.18 9.72 -42.53
CA ALA C 344 32.16 8.77 -42.03
C ALA C 344 33.47 9.50 -41.77
N SER C 345 34.32 8.86 -40.97
CA SER C 345 35.58 9.48 -40.61
C SER C 345 36.50 9.49 -41.84
N LEU C 346 37.68 10.08 -41.69
CA LEU C 346 38.54 10.21 -42.87
C LEU C 346 39.98 10.40 -42.44
N LEU C 347 40.88 9.69 -43.12
CA LEU C 347 42.32 9.81 -42.88
C LEU C 347 43.03 9.79 -44.21
N ILE C 348 43.71 10.89 -44.56
CA ILE C 348 44.39 10.94 -45.85
C ILE C 348 45.89 11.16 -45.68
N THR C 349 46.66 10.57 -46.59
CA THR C 349 48.10 10.52 -46.52
C THR C 349 48.67 11.13 -47.80
N THR C 350 49.59 12.08 -47.65
CA THR C 350 50.16 12.81 -48.78
C THR C 350 51.26 13.71 -48.24
N ARG C 351 52.11 14.26 -49.17
CA ARG C 351 53.12 15.17 -48.64
C ARG C 351 52.68 16.63 -48.77
N PRO C 352 53.27 17.53 -47.94
CA PRO C 352 52.83 18.95 -47.91
C PRO C 352 53.20 19.81 -49.11
N VAL C 353 53.68 19.19 -50.20
CA VAL C 353 54.02 19.89 -51.43
C VAL C 353 52.97 20.85 -51.98
N ALA C 354 51.84 20.32 -52.42
CA ALA C 354 50.83 21.09 -53.15
C ALA C 354 49.43 20.57 -52.83
N LEU C 355 49.11 20.46 -51.54
CA LEU C 355 47.82 19.94 -51.14
C LEU C 355 46.73 20.98 -50.95
N GLU C 356 47.06 22.25 -50.75
CA GLU C 356 46.08 23.24 -50.33
C GLU C 356 44.78 23.23 -51.15
N LYS C 357 44.80 22.69 -52.37
CA LYS C 357 43.58 22.41 -53.14
C LYS C 357 42.46 21.77 -52.32
N LEU C 358 42.84 20.84 -51.45
CA LEU C 358 41.94 20.08 -50.61
C LEU C 358 41.73 20.73 -49.25
N GLN C 359 42.54 21.72 -48.92
CA GLN C 359 42.47 22.39 -47.62
C GLN C 359 41.78 23.74 -47.69
N HIS C 360 42.01 24.51 -48.76
CA HIS C 360 41.08 25.61 -49.04
C HIS C 360 39.69 25.05 -49.34
N LEU C 361 39.65 23.83 -49.86
CA LEU C 361 38.46 22.99 -49.76
C LEU C 361 38.15 22.75 -48.29
N LEU C 362 36.98 23.19 -47.83
CA LEU C 362 36.65 23.12 -46.42
C LEU C 362 36.50 21.67 -45.97
N ASP C 363 37.22 21.32 -44.91
CA ASP C 363 37.16 20.00 -44.30
C ASP C 363 37.07 20.01 -42.79
N HIS C 364 37.48 21.09 -42.13
CA HIS C 364 37.67 21.11 -40.68
C HIS C 364 38.50 19.91 -40.24
N PRO C 365 39.71 19.72 -40.80
CA PRO C 365 40.52 18.55 -40.44
C PRO C 365 41.49 18.82 -39.32
N ARG C 366 42.23 17.80 -38.92
CA ARG C 366 43.50 17.98 -38.23
C ARG C 366 44.62 17.46 -39.12
N HIS C 367 45.84 17.64 -38.64
CA HIS C 367 47.03 17.13 -39.33
C HIS C 367 47.95 16.54 -38.26
N VAL C 368 48.65 15.47 -38.62
CA VAL C 368 49.64 14.87 -37.74
C VAL C 368 50.90 14.55 -38.55
N GLU C 369 52.06 14.85 -37.96
CA GLU C 369 53.33 14.59 -38.61
C GLU C 369 53.87 13.24 -38.18
N ILE C 370 54.50 12.54 -39.13
CA ILE C 370 55.16 11.27 -38.87
C ILE C 370 56.66 11.50 -38.92
N LEU C 371 57.37 10.93 -37.95
CA LEU C 371 58.80 11.10 -37.80
C LEU C 371 59.47 9.73 -37.82
N GLY C 372 60.57 9.64 -38.55
CA GLY C 372 61.23 8.36 -38.77
C GLY C 372 62.11 7.89 -37.63
N PHE C 373 63.26 7.32 -37.99
CA PHE C 373 64.08 6.57 -37.06
C PHE C 373 64.90 7.49 -36.17
N SER C 374 64.58 7.50 -34.88
CA SER C 374 65.52 8.01 -33.90
C SER C 374 66.62 6.98 -33.69
N GLU C 375 67.66 7.39 -32.93
CA GLU C 375 68.84 6.53 -32.81
C GLU C 375 68.50 5.18 -32.21
N ALA C 376 67.81 5.18 -31.06
CA ALA C 376 67.62 3.93 -30.31
C ALA C 376 66.72 2.96 -31.06
N LYS C 377 65.56 3.41 -31.53
CA LYS C 377 64.70 2.45 -32.22
C LYS C 377 65.11 2.24 -33.66
N ARG C 378 65.97 3.09 -34.22
CA ARG C 378 66.67 2.74 -35.45
C ARG C 378 67.61 1.56 -35.22
N LYS C 379 68.32 1.57 -34.08
CA LYS C 379 69.11 0.41 -33.72
C LYS C 379 68.23 -0.82 -33.53
N GLU C 380 67.06 -0.63 -32.93
CA GLU C 380 66.11 -1.73 -32.79
C GLU C 380 65.67 -2.27 -34.15
N TYR C 381 65.40 -1.38 -35.11
CA TYR C 381 65.04 -1.81 -36.46
C TYR C 381 66.20 -2.55 -37.12
N PHE C 382 67.43 -2.08 -36.89
CA PHE C 382 68.59 -2.77 -37.44
C PHE C 382 68.71 -4.17 -36.87
N PHE C 383 68.47 -4.32 -35.57
CA PHE C 383 68.49 -5.63 -34.94
C PHE C 383 67.39 -6.53 -35.49
N LYS C 384 66.20 -5.97 -35.70
CA LYS C 384 65.08 -6.79 -36.15
C LYS C 384 65.23 -7.18 -37.62
N TYR C 385 65.81 -6.30 -38.44
CA TYR C 385 66.01 -6.63 -39.84
C TYR C 385 67.15 -7.61 -40.02
N PHE C 386 68.35 -7.22 -39.58
CA PHE C 386 69.47 -8.13 -39.64
C PHE C 386 69.22 -9.32 -38.73
N SER C 387 69.99 -10.38 -38.96
CA SER C 387 70.04 -11.44 -37.97
C SER C 387 70.74 -10.92 -36.72
N ASN C 388 70.41 -11.53 -35.58
CA ASN C 388 70.84 -10.96 -34.31
C ASN C 388 72.35 -11.00 -34.12
N GLU C 389 73.08 -11.71 -34.97
CA GLU C 389 74.53 -11.83 -34.82
C GLU C 389 75.33 -11.59 -36.09
N LEU C 390 74.77 -11.77 -37.28
CA LEU C 390 75.59 -11.70 -38.48
C LEU C 390 76.03 -10.28 -38.78
N GLN C 391 75.09 -9.32 -38.78
CA GLN C 391 75.43 -7.94 -39.08
C GLN C 391 74.70 -6.94 -38.20
N ALA C 392 74.22 -7.37 -37.03
CA ALA C 392 73.37 -6.51 -36.22
C ALA C 392 74.15 -5.33 -35.62
N ARG C 393 75.41 -5.55 -35.25
CA ARG C 393 76.17 -4.52 -34.55
C ARG C 393 77.27 -3.86 -35.35
N GLU C 394 78.17 -4.63 -35.98
CA GLU C 394 79.36 -4.03 -36.58
C GLU C 394 79.01 -3.08 -37.72
N ALA C 395 78.07 -3.46 -38.58
CA ALA C 395 77.61 -2.53 -39.62
C ALA C 395 76.93 -1.30 -39.01
N PHE C 396 76.09 -1.51 -38.01
CA PHE C 396 75.46 -0.39 -37.32
C PHE C 396 76.50 0.61 -36.83
N ARG C 397 77.51 0.12 -36.10
CA ARG C 397 78.48 1.03 -35.51
C ARG C 397 79.41 1.65 -36.55
N LEU C 398 79.74 0.91 -37.61
CA LEU C 398 80.59 1.51 -38.63
C LEU C 398 79.87 2.61 -39.38
N ILE C 399 78.55 2.49 -39.57
CA ILE C 399 77.84 3.61 -40.17
C ILE C 399 77.49 4.67 -39.13
N GLN C 400 77.55 4.33 -37.83
CA GLN C 400 77.50 5.35 -36.80
C GLN C 400 78.72 6.24 -36.88
N GLU C 401 79.89 5.65 -37.12
CA GLU C 401 81.13 6.43 -37.15
C GLU C 401 81.18 7.40 -38.32
N ASN C 402 80.26 7.26 -39.28
CA ASN C 402 80.14 8.20 -40.37
C ASN C 402 79.53 9.50 -39.85
N GLU C 403 80.14 10.63 -40.22
CA GLU C 403 79.58 11.93 -39.83
C GLU C 403 78.25 12.20 -40.50
N VAL C 404 77.89 11.39 -41.51
CA VAL C 404 76.65 11.49 -42.23
C VAL C 404 76.01 10.11 -42.22
N LEU C 405 74.85 9.95 -42.88
CA LEU C 405 74.10 8.70 -42.89
C LEU C 405 73.45 8.47 -41.54
N PHE C 406 73.81 9.28 -40.57
CA PHE C 406 73.05 9.44 -39.34
C PHE C 406 72.15 10.65 -39.40
N THR C 407 72.50 11.65 -40.21
CA THR C 407 71.53 12.65 -40.62
C THR C 407 70.37 12.01 -41.39
N MET C 408 70.66 11.09 -42.32
CA MET C 408 69.60 10.44 -43.07
C MET C 408 69.07 9.20 -42.38
N CYS C 409 69.77 8.66 -41.37
CA CYS C 409 69.21 7.51 -40.70
C CYS C 409 67.85 7.82 -40.10
N PHE C 410 67.58 9.09 -39.81
CA PHE C 410 66.25 9.49 -39.39
C PHE C 410 65.18 9.11 -40.41
N ILE C 411 65.43 9.36 -41.70
CA ILE C 411 64.45 9.02 -42.73
C ILE C 411 64.31 7.51 -42.95
N PRO C 412 63.08 7.01 -42.83
CA PRO C 412 62.84 5.57 -42.97
C PRO C 412 63.21 5.00 -44.34
N LEU C 413 63.00 5.73 -45.43
CA LEU C 413 63.38 5.14 -46.71
C LEU C 413 64.87 4.89 -46.79
N VAL C 414 65.68 5.78 -46.18
CA VAL C 414 67.12 5.55 -46.14
C VAL C 414 67.44 4.33 -45.30
N CYS C 415 66.77 4.19 -44.14
CA CYS C 415 67.05 2.98 -43.35
C CYS C 415 66.64 1.71 -44.09
N TRP C 416 65.48 1.71 -44.76
CA TRP C 416 65.06 0.52 -45.49
C TRP C 416 65.97 0.22 -46.66
N ILE C 417 66.58 1.26 -47.23
CA ILE C 417 67.38 1.05 -48.41
C ILE C 417 68.80 0.69 -48.03
N VAL C 418 69.25 1.05 -46.84
CA VAL C 418 70.58 0.62 -46.43
C VAL C 418 70.50 -0.78 -45.83
N CYS C 419 69.38 -1.12 -45.20
CA CYS C 419 69.22 -2.47 -44.68
C CYS C 419 69.13 -3.46 -45.84
N THR C 420 68.31 -3.17 -46.84
CA THR C 420 68.28 -4.08 -47.98
C THR C 420 69.54 -3.97 -48.84
N GLY C 421 70.15 -2.78 -48.90
CA GLY C 421 71.33 -2.53 -49.70
C GLY C 421 72.64 -3.04 -49.17
N LEU C 422 72.67 -3.58 -47.95
CA LEU C 422 73.94 -4.07 -47.43
C LEU C 422 74.02 -5.58 -47.26
N LYS C 423 72.91 -6.31 -47.40
CA LYS C 423 72.98 -7.77 -47.36
C LYS C 423 73.69 -8.36 -48.58
N GLN C 424 73.89 -7.60 -49.65
CA GLN C 424 74.70 -8.09 -50.76
C GLN C 424 76.20 -7.86 -50.58
N GLN C 425 76.66 -7.27 -49.47
CA GLN C 425 78.03 -6.78 -49.38
C GLN C 425 78.93 -7.66 -48.53
N MET C 426 78.40 -8.61 -47.77
CA MET C 426 79.27 -9.54 -47.07
C MET C 426 79.94 -10.51 -48.02
N GLU C 427 79.27 -10.83 -49.14
CA GLU C 427 79.91 -11.60 -50.20
C GLU C 427 81.11 -10.86 -50.79
N THR C 428 81.06 -9.53 -50.82
CA THR C 428 82.20 -8.73 -51.21
C THR C 428 83.11 -8.42 -50.01
N GLY C 429 82.55 -7.80 -48.98
CA GLY C 429 83.27 -7.57 -47.74
C GLY C 429 83.90 -6.19 -47.67
N LYS C 430 83.62 -5.49 -46.56
CA LYS C 430 84.26 -4.21 -46.25
C LYS C 430 84.03 -3.19 -47.37
N SER C 431 82.77 -3.04 -47.77
CA SER C 431 82.37 -2.04 -48.76
C SER C 431 81.08 -1.37 -48.35
N LEU C 432 80.97 -1.01 -47.06
CA LEU C 432 79.70 -0.58 -46.49
C LEU C 432 79.57 0.95 -46.47
N ALA C 433 80.50 1.63 -45.81
CA ALA C 433 80.40 3.06 -45.56
C ALA C 433 80.97 3.91 -46.69
N GLN C 434 81.50 3.29 -47.74
CA GLN C 434 82.12 4.04 -48.82
C GLN C 434 81.07 4.77 -49.65
N THR C 435 81.51 5.85 -50.30
CA THR C 435 80.73 6.69 -51.23
C THR C 435 79.27 6.83 -50.76
N SER C 436 79.12 7.21 -49.50
CA SER C 436 77.82 7.43 -48.87
C SER C 436 77.80 8.86 -48.33
N LYS C 437 77.27 9.79 -49.12
CA LYS C 437 77.19 11.19 -48.71
C LYS C 437 75.75 11.69 -48.58
N THR C 438 74.95 11.59 -49.64
CA THR C 438 73.64 12.24 -49.71
C THR C 438 72.62 11.22 -50.21
N THR C 439 71.36 11.64 -50.26
CA THR C 439 70.30 10.74 -50.71
C THR C 439 70.53 10.29 -52.14
N THR C 440 70.90 11.21 -53.03
CA THR C 440 71.27 10.84 -54.39
C THR C 440 72.47 9.89 -54.40
N ALA C 441 73.46 10.16 -53.55
CA ALA C 441 74.66 9.33 -53.50
C ALA C 441 74.31 7.90 -53.10
N VAL C 442 73.50 7.74 -52.06
CA VAL C 442 73.17 6.41 -51.59
C VAL C 442 72.28 5.70 -52.59
N TYR C 443 71.37 6.43 -53.24
CA TYR C 443 70.54 5.81 -54.27
C TYR C 443 71.39 5.32 -55.44
N VAL C 444 72.37 6.12 -55.87
CA VAL C 444 73.25 5.70 -56.96
C VAL C 444 74.08 4.50 -56.55
N PHE C 445 74.59 4.51 -55.32
CA PHE C 445 75.38 3.37 -54.84
C PHE C 445 74.55 2.09 -54.78
N PHE C 446 73.32 2.19 -54.28
CA PHE C 446 72.45 1.03 -54.21
C PHE C 446 72.11 0.51 -55.60
N LEU C 447 71.79 1.40 -56.54
CA LEU C 447 71.49 0.96 -57.89
C LEU C 447 72.70 0.29 -58.52
N SER C 448 73.89 0.86 -58.33
CA SER C 448 75.11 0.25 -58.89
C SER C 448 75.38 -1.12 -58.26
N SER C 449 75.13 -1.24 -56.95
CA SER C 449 75.28 -2.52 -56.28
C SER C 449 74.33 -3.57 -56.83
N LEU C 450 73.06 -3.18 -57.07
CA LEU C 450 72.12 -4.11 -57.67
C LEU C 450 72.53 -4.47 -59.10
N LEU C 451 72.99 -3.47 -59.86
CA LEU C 451 73.33 -3.65 -61.28
C LEU C 451 74.84 -3.81 -61.48
N GLN C 452 75.52 -4.48 -60.54
CA GLN C 452 76.96 -4.65 -60.63
C GLN C 452 77.33 -5.78 -61.58
N SER C 453 76.69 -6.95 -61.42
CA SER C 453 77.02 -8.12 -62.21
C SER C 453 76.25 -8.19 -63.53
N ARG C 454 75.61 -7.10 -63.93
CA ARG C 454 74.87 -7.04 -65.18
C ARG C 454 75.69 -6.48 -66.33
N GLY C 455 76.92 -6.04 -66.08
CA GLY C 455 77.77 -5.49 -67.11
C GLY C 455 78.97 -4.74 -66.56
N LEU C 461 74.58 -5.19 -73.61
CA LEU C 461 73.58 -6.06 -73.00
C LEU C 461 72.62 -5.25 -72.13
N PHE C 462 72.94 -5.14 -70.84
CA PHE C 462 72.10 -4.38 -69.93
C PHE C 462 72.22 -2.88 -70.14
N SER C 463 73.24 -2.41 -70.85
CA SER C 463 73.37 -0.98 -71.13
C SER C 463 72.17 -0.47 -71.91
N ASP C 464 71.63 -1.28 -72.82
CA ASP C 464 70.41 -0.90 -73.51
C ASP C 464 69.16 -1.19 -72.69
N TYR C 465 69.18 -2.22 -71.85
CA TYR C 465 68.00 -2.53 -71.04
C TYR C 465 67.71 -1.43 -70.04
N LEU C 466 68.75 -0.91 -69.39
CA LEU C 466 68.56 0.18 -68.43
C LEU C 466 68.02 1.42 -69.14
N GLN C 467 68.55 1.72 -70.32
CA GLN C 467 68.07 2.87 -71.07
C GLN C 467 66.63 2.69 -71.51
N GLY C 468 66.26 1.48 -71.94
CA GLY C 468 64.88 1.23 -72.34
C GLY C 468 63.89 1.36 -71.20
N LEU C 469 64.23 0.81 -70.04
CA LEU C 469 63.36 0.98 -68.87
C LEU C 469 63.32 2.44 -68.43
N CYS C 470 64.47 3.12 -68.49
CA CYS C 470 64.56 4.51 -68.10
C CYS C 470 63.69 5.41 -68.97
N SER C 471 63.79 5.24 -70.30
CA SER C 471 63.11 6.15 -71.22
C SER C 471 61.63 5.95 -71.25
N LEU C 472 61.15 5.14 -70.31
CA LEU C 472 59.73 4.83 -70.19
C LEU C 472 59.22 5.00 -68.77
N ALA C 473 60.09 4.93 -67.77
CA ALA C 473 59.63 4.99 -66.39
C ALA C 473 59.12 6.38 -66.08
N ALA C 474 59.88 7.40 -66.49
CA ALA C 474 59.56 8.78 -66.14
C ALA C 474 58.23 9.22 -66.73
N ASP C 475 57.86 8.69 -67.90
CA ASP C 475 56.57 8.99 -68.50
C ASP C 475 55.40 8.59 -67.62
N GLY C 476 55.61 7.70 -66.65
CA GLY C 476 54.58 7.39 -65.67
C GLY C 476 54.07 8.63 -64.96
N ILE C 477 54.95 9.59 -64.69
CA ILE C 477 54.54 10.85 -64.10
C ILE C 477 54.57 12.00 -65.10
N TRP C 478 55.36 11.89 -66.17
CA TRP C 478 55.38 12.92 -67.20
C TRP C 478 54.05 12.95 -67.96
N ASN C 479 53.72 11.86 -68.66
CA ASN C 479 52.38 11.76 -69.23
C ASN C 479 51.33 11.54 -68.17
N GLN C 480 51.74 11.35 -66.91
CA GLN C 480 50.85 11.18 -65.77
C GLN C 480 49.99 9.94 -65.94
N LYS C 481 50.63 8.84 -66.31
CA LYS C 481 50.05 7.51 -66.24
C LYS C 481 51.01 6.71 -65.37
N ILE C 482 50.91 6.92 -64.06
CA ILE C 482 51.79 6.25 -63.11
C ILE C 482 51.66 4.75 -63.21
N LEU C 483 50.49 4.26 -63.61
CA LEU C 483 50.25 2.84 -63.76
C LEU C 483 50.65 2.42 -65.18
N PHE C 484 51.47 1.37 -65.25
CA PHE C 484 52.06 0.88 -66.49
C PHE C 484 51.17 -0.10 -67.25
N GLU C 485 50.00 -0.45 -66.70
CA GLU C 485 49.11 -1.45 -67.29
C GLU C 485 49.85 -2.78 -67.49
N GLU C 486 50.19 -3.37 -66.33
CA GLU C 486 50.98 -4.61 -66.24
C GLU C 486 52.24 -4.52 -67.11
N CYS C 487 52.70 -3.28 -67.31
CA CYS C 487 53.91 -2.99 -68.08
C CYS C 487 53.75 -3.39 -69.54
N ASP C 488 52.61 -3.01 -70.14
CA ASP C 488 52.42 -3.16 -71.57
C ASP C 488 53.17 -2.09 -72.37
N LEU C 489 53.28 -0.89 -71.81
CA LEU C 489 54.19 0.08 -72.40
C LEU C 489 55.63 -0.45 -72.37
N ARG C 490 56.00 -1.13 -71.27
CA ARG C 490 57.29 -1.82 -71.24
C ARG C 490 57.35 -2.96 -72.25
N LYS C 491 56.24 -3.67 -72.44
CA LYS C 491 56.16 -4.66 -73.50
C LYS C 491 56.49 -4.06 -74.86
N HIS C 492 56.09 -2.80 -75.07
CA HIS C 492 56.55 -2.07 -76.24
C HIS C 492 58.04 -1.71 -76.13
N GLY C 493 58.47 -1.24 -74.97
CA GLY C 493 59.85 -0.80 -74.79
C GLY C 493 60.70 -1.76 -73.98
N LEU C 494 61.54 -2.54 -74.67
CA LEU C 494 62.58 -3.36 -74.04
C LEU C 494 61.97 -4.36 -73.06
N GLN C 495 61.21 -5.29 -73.62
CA GLN C 495 60.65 -6.42 -72.88
C GLN C 495 61.48 -7.66 -73.20
N LYS C 496 62.32 -8.07 -72.24
CA LYS C 496 63.12 -9.28 -72.37
C LYS C 496 63.10 -10.00 -71.02
N THR C 497 64.01 -10.96 -70.86
CA THR C 497 64.21 -11.60 -69.56
C THR C 497 64.79 -10.62 -68.54
N ASP C 498 65.36 -9.50 -69.01
CA ASP C 498 65.78 -8.45 -68.09
C ASP C 498 64.62 -7.97 -67.22
N VAL C 499 63.41 -7.96 -67.76
CA VAL C 499 62.23 -7.58 -66.98
C VAL C 499 61.99 -8.59 -65.86
N SER C 500 62.13 -9.87 -66.17
CA SER C 500 62.01 -10.89 -65.13
C SER C 500 63.07 -10.71 -64.05
N ALA C 501 64.30 -10.40 -64.46
CA ALA C 501 65.37 -10.16 -63.49
C ALA C 501 65.06 -8.94 -62.61
N PHE C 502 64.54 -7.86 -63.23
CA PHE C 502 64.19 -6.67 -62.47
C PHE C 502 63.10 -6.97 -61.46
N LEU C 503 62.07 -7.71 -61.88
CA LEU C 503 61.00 -8.08 -60.96
C LEU C 503 61.51 -8.98 -59.84
N ARG C 504 62.44 -9.89 -60.16
CA ARG C 504 62.98 -10.79 -59.14
C ARG C 504 63.79 -10.02 -58.10
N MET C 505 64.58 -9.04 -58.52
CA MET C 505 65.30 -8.24 -57.54
C MET C 505 64.45 -7.13 -56.93
N ASN C 506 63.24 -6.91 -57.46
CA ASN C 506 62.33 -5.86 -57.01
C ASN C 506 60.97 -6.45 -56.68
N VAL C 507 60.99 -7.50 -55.84
CA VAL C 507 59.80 -8.31 -55.54
C VAL C 507 58.57 -7.46 -55.26
N PHE C 508 58.75 -6.24 -54.76
CA PHE C 508 57.63 -5.38 -54.43
C PHE C 508 57.10 -4.60 -55.63
N GLN C 509 57.34 -5.08 -56.85
CA GLN C 509 56.86 -4.40 -58.06
C GLN C 509 55.46 -4.87 -58.45
N LYS C 510 55.32 -6.18 -58.69
CA LYS C 510 54.06 -6.75 -59.16
C LYS C 510 53.19 -7.27 -58.02
N GLU C 511 53.81 -7.75 -56.94
CA GLU C 511 53.08 -8.46 -55.89
C GLU C 511 52.10 -7.55 -55.15
N VAL C 512 52.36 -6.24 -55.11
CA VAL C 512 51.48 -5.34 -54.38
C VAL C 512 50.10 -5.26 -55.04
N ASP C 513 50.05 -5.41 -56.37
CA ASP C 513 48.76 -5.36 -57.06
C ASP C 513 47.98 -6.66 -56.94
N CYS C 514 48.68 -7.79 -56.81
CA CYS C 514 48.20 -9.08 -56.36
C CYS C 514 47.37 -9.83 -57.42
N GLU C 515 47.00 -9.22 -58.54
CA GLU C 515 46.25 -9.95 -59.56
C GLU C 515 47.01 -10.09 -60.87
N ARG C 516 47.34 -8.98 -61.54
CA ARG C 516 48.09 -9.03 -62.80
C ARG C 516 49.13 -7.94 -62.94
N PHE C 517 49.11 -6.92 -62.11
CA PHE C 517 49.60 -5.60 -62.49
C PHE C 517 51.01 -5.36 -61.99
N TYR C 518 51.74 -4.51 -62.72
CA TYR C 518 53.15 -4.25 -62.46
C TYR C 518 53.35 -2.76 -62.20
N SER C 519 54.24 -2.44 -61.27
CA SER C 519 54.47 -1.06 -60.84
C SER C 519 55.84 -0.97 -60.18
N PHE C 520 56.07 0.11 -59.44
CA PHE C 520 57.30 0.30 -58.67
C PHE C 520 56.96 0.30 -57.19
N SER C 521 58.01 0.33 -56.36
CA SER C 521 57.79 0.19 -54.92
C SER C 521 57.15 1.42 -54.29
N HIS C 522 57.86 2.55 -54.27
CA HIS C 522 57.31 3.81 -53.78
C HIS C 522 57.70 4.96 -54.70
N MET C 523 57.74 4.69 -56.01
CA MET C 523 57.92 5.71 -57.05
C MET C 523 59.18 6.56 -56.85
N THR C 524 60.01 6.19 -55.87
CA THR C 524 61.22 6.95 -55.63
C THR C 524 62.33 6.50 -56.56
N PHE C 525 62.49 5.19 -56.72
CA PHE C 525 63.36 4.70 -57.79
C PHE C 525 62.81 5.12 -59.14
N GLN C 526 61.49 5.26 -59.27
CA GLN C 526 60.92 5.78 -60.50
C GLN C 526 61.38 7.21 -60.78
N GLU C 527 61.38 8.07 -59.76
CA GLU C 527 61.87 9.42 -59.98
C GLU C 527 63.38 9.43 -60.18
N PHE C 528 64.09 8.47 -59.59
CA PHE C 528 65.51 8.33 -59.85
C PHE C 528 65.75 7.97 -61.31
N PHE C 529 64.93 7.07 -61.86
CA PHE C 529 65.02 6.76 -63.28
C PHE C 529 64.60 7.94 -64.15
N ALA C 530 63.71 8.79 -63.64
CA ALA C 530 63.39 10.02 -64.37
C ALA C 530 64.59 10.96 -64.45
N ALA C 531 65.36 11.04 -63.36
CA ALA C 531 66.62 11.77 -63.40
C ALA C 531 67.61 11.13 -64.37
N MET C 532 67.65 9.80 -64.35
CA MET C 532 68.45 9.06 -65.33
C MET C 532 68.06 9.42 -66.76
N TYR C 533 66.75 9.54 -67.04
CA TYR C 533 66.30 9.90 -68.38
C TYR C 533 67.02 11.14 -68.90
N TYR C 534 66.90 12.26 -68.21
CA TYR C 534 67.59 13.47 -68.66
C TYR C 534 69.09 13.30 -68.61
N LEU C 535 69.59 12.37 -67.80
CA LEU C 535 71.03 12.07 -67.82
C LEU C 535 71.43 11.44 -69.14
N LEU C 536 70.56 10.60 -69.70
CA LEU C 536 70.81 9.92 -70.95
C LEU C 536 70.13 10.67 -72.10
N GLU C 537 70.43 10.23 -73.33
CA GLU C 537 69.83 10.82 -74.52
C GLU C 537 69.86 9.85 -75.69
N ARG C 558 65.11 15.30 -72.48
CA ARG C 558 64.59 16.22 -73.49
C ARG C 558 64.83 17.68 -73.10
N ASP C 559 63.82 18.52 -73.34
CA ASP C 559 63.88 19.92 -73.00
C ASP C 559 63.69 20.15 -71.51
N VAL C 560 64.53 21.02 -70.94
CA VAL C 560 64.46 21.37 -69.52
C VAL C 560 63.49 22.53 -69.27
N LYS C 561 63.08 23.26 -70.31
CA LYS C 561 62.29 24.46 -70.12
C LYS C 561 60.94 24.13 -69.50
N VAL C 562 60.21 23.19 -70.11
CA VAL C 562 58.89 22.85 -69.63
C VAL C 562 58.94 22.17 -68.26
N LEU C 563 59.96 21.37 -67.99
CA LEU C 563 60.06 20.77 -66.66
C LEU C 563 60.23 21.83 -65.58
N LEU C 564 61.20 22.74 -65.76
CA LEU C 564 61.38 23.78 -64.75
C LEU C 564 60.18 24.72 -64.66
N GLU C 565 59.49 24.97 -65.77
CA GLU C 565 58.23 25.69 -65.69
C GLU C 565 57.18 24.95 -64.87
N ASN C 566 57.08 23.64 -65.06
CA ASN C 566 56.14 22.77 -64.39
C ASN C 566 56.60 22.34 -62.98
N TYR C 567 57.58 23.03 -62.39
CA TYR C 567 58.16 22.60 -61.13
C TYR C 567 57.15 22.65 -59.99
N GLY C 568 56.86 21.49 -59.41
CA GLY C 568 56.10 21.39 -58.18
C GLY C 568 54.61 21.34 -58.35
N LYS C 569 54.15 21.26 -59.59
CA LYS C 569 52.75 21.28 -59.99
C LYS C 569 52.16 19.93 -59.63
N PHE C 570 51.09 19.56 -60.31
CA PHE C 570 50.22 18.46 -59.89
C PHE C 570 49.80 17.69 -61.13
N GLU C 571 50.63 17.77 -62.17
CA GLU C 571 50.44 17.21 -63.49
C GLU C 571 51.55 16.22 -63.82
N LYS C 572 52.80 16.58 -63.54
CA LYS C 572 53.93 15.67 -63.69
C LYS C 572 54.38 15.04 -62.38
N GLY C 573 53.73 15.39 -61.27
CA GLY C 573 53.95 14.75 -59.98
C GLY C 573 54.94 15.41 -59.04
N TYR C 574 54.68 16.68 -58.72
CA TYR C 574 55.42 17.49 -57.77
C TYR C 574 56.88 17.74 -58.16
N LEU C 575 57.45 16.88 -58.99
CA LEU C 575 58.84 17.02 -59.42
C LEU C 575 59.82 17.17 -58.27
N ILE C 576 59.36 17.01 -57.02
CA ILE C 576 60.22 17.24 -55.87
C ILE C 576 61.44 16.32 -55.91
N PHE C 577 61.21 15.01 -55.81
CA PHE C 577 62.35 14.09 -55.80
C PHE C 577 63.03 14.06 -57.15
N VAL C 578 62.30 14.41 -58.22
CA VAL C 578 62.90 14.49 -59.54
C VAL C 578 64.04 15.48 -59.53
N VAL C 579 63.73 16.74 -59.21
CA VAL C 579 64.74 17.78 -59.17
C VAL C 579 65.76 17.50 -58.08
N ARG C 580 65.33 16.87 -56.98
CA ARG C 580 66.28 16.50 -55.93
C ARG C 580 67.39 15.62 -56.49
N PHE C 581 67.01 14.55 -57.18
CA PHE C 581 68.02 13.68 -57.77
C PHE C 581 68.76 14.37 -58.90
N LEU C 582 68.09 15.24 -59.66
CA LEU C 582 68.77 16.03 -60.68
C LEU C 582 69.94 16.81 -60.09
N PHE C 583 69.68 17.53 -59.00
CA PHE C 583 70.76 18.26 -58.35
C PHE C 583 71.80 17.32 -57.79
N GLY C 584 71.38 16.19 -57.21
CA GLY C 584 72.35 15.28 -56.64
C GLY C 584 73.31 14.76 -57.70
N LEU C 585 72.79 14.53 -58.90
CA LEU C 585 73.58 13.97 -59.99
C LEU C 585 74.48 15.03 -60.64
N VAL C 586 73.97 16.25 -60.81
CA VAL C 586 74.67 17.23 -61.66
C VAL C 586 76.00 17.64 -61.04
N ASN C 587 76.32 17.11 -59.86
CA ASN C 587 77.62 17.32 -59.27
C ASN C 587 78.66 16.85 -60.29
N GLN C 588 79.69 17.66 -60.52
CA GLN C 588 80.60 17.41 -61.63
C GLN C 588 81.33 16.06 -61.53
N GLU C 589 81.77 15.68 -60.33
CA GLU C 589 82.37 14.35 -60.17
C GLU C 589 81.39 13.23 -60.51
N ARG C 590 80.15 13.33 -60.03
CA ARG C 590 79.15 12.33 -60.41
C ARG C 590 78.82 12.39 -61.90
N THR C 591 78.86 13.59 -62.48
CA THR C 591 78.68 13.76 -63.92
C THR C 591 79.71 12.93 -64.69
N SER C 592 80.98 13.10 -64.35
CA SER C 592 82.03 12.34 -65.03
C SER C 592 81.87 10.85 -64.78
N TYR C 593 81.57 10.46 -63.53
CA TYR C 593 81.43 9.05 -63.22
C TYR C 593 80.31 8.41 -64.02
N LEU C 594 79.17 9.09 -64.13
CA LEU C 594 78.02 8.53 -64.83
C LEU C 594 78.22 8.59 -66.34
N GLU C 595 78.83 9.65 -66.86
CA GLU C 595 79.11 9.71 -68.29
C GLU C 595 80.11 8.64 -68.70
N LYS C 596 80.93 8.16 -67.78
CA LYS C 596 81.82 7.04 -68.07
C LYS C 596 81.13 5.69 -67.87
N LYS C 597 80.29 5.58 -66.83
CA LYS C 597 79.67 4.31 -66.49
C LYS C 597 78.58 3.95 -67.49
N LEU C 598 77.72 4.91 -67.84
CA LEU C 598 76.54 4.66 -68.66
C LEU C 598 76.76 4.93 -70.13
N SER C 599 77.97 5.34 -70.54
CA SER C 599 78.26 5.69 -71.94
C SER C 599 77.28 6.73 -72.47
N CYS C 600 76.95 7.72 -71.64
CA CYS C 600 75.91 8.68 -71.96
C CYS C 600 76.44 10.10 -71.88
N LYS C 601 75.92 10.95 -72.77
CA LYS C 601 76.22 12.38 -72.78
C LYS C 601 75.19 13.12 -71.94
N ILE C 602 75.66 14.03 -71.08
CA ILE C 602 74.79 14.85 -70.25
C ILE C 602 75.10 16.31 -70.51
N SER C 603 74.07 17.13 -70.53
CA SER C 603 74.17 18.54 -70.88
C SER C 603 74.53 19.36 -69.64
N GLN C 604 75.37 20.36 -69.84
CA GLN C 604 75.73 21.25 -68.74
C GLN C 604 74.84 22.48 -68.71
N GLN C 605 74.04 22.69 -69.76
CA GLN C 605 73.13 23.82 -69.82
C GLN C 605 72.18 23.81 -68.62
N VAL C 606 71.76 22.60 -68.21
CA VAL C 606 70.83 22.47 -67.09
C VAL C 606 71.37 23.15 -65.84
N ARG C 607 72.69 23.10 -65.63
CA ARG C 607 73.28 23.79 -64.49
C ARG C 607 72.92 25.28 -64.53
N LEU C 608 73.07 25.90 -65.69
CA LEU C 608 72.68 27.30 -65.84
C LEU C 608 71.18 27.45 -65.64
N GLU C 609 70.41 26.51 -66.15
CA GLU C 609 68.97 26.58 -66.01
C GLU C 609 68.58 26.65 -64.53
N LEU C 610 69.17 25.76 -63.72
CA LEU C 610 68.99 25.79 -62.27
C LEU C 610 69.35 27.15 -61.71
N LEU C 611 70.51 27.68 -62.11
CA LEU C 611 70.89 29.05 -61.77
C LEU C 611 69.75 30.05 -62.01
N LYS C 612 69.29 30.11 -63.26
CA LYS C 612 68.16 30.96 -63.65
C LYS C 612 66.97 30.76 -62.73
N TRP C 613 66.63 29.51 -62.51
CA TRP C 613 65.56 29.16 -61.59
C TRP C 613 65.76 29.81 -60.23
N ILE C 614 66.98 29.69 -59.69
CA ILE C 614 67.28 30.31 -58.40
C ILE C 614 67.03 31.81 -58.39
N GLU C 615 67.52 32.57 -59.40
CA GLU C 615 67.14 33.99 -59.40
C GLU C 615 65.61 34.18 -59.45
N VAL C 616 64.92 33.37 -60.25
CA VAL C 616 63.47 33.47 -60.33
C VAL C 616 62.83 33.27 -58.96
N LYS C 617 63.19 32.19 -58.26
CA LYS C 617 62.58 32.02 -56.94
C LYS C 617 63.12 33.02 -55.93
N ALA C 618 64.24 33.69 -56.25
CA ALA C 618 64.68 34.84 -55.46
C ALA C 618 63.68 35.96 -55.60
N LYS C 619 63.15 36.15 -56.80
CA LYS C 619 62.27 37.27 -57.09
C LYS C 619 60.80 36.90 -56.90
N ALA C 620 60.51 35.64 -56.56
CA ALA C 620 59.13 35.21 -56.32
C ALA C 620 58.74 35.68 -54.93
N LYS C 621 57.88 36.69 -54.86
CA LYS C 621 57.44 37.22 -53.57
C LYS C 621 56.40 36.34 -52.88
N LYS C 622 55.74 35.44 -53.60
CA LYS C 622 54.74 34.55 -53.00
C LYS C 622 55.43 33.26 -52.54
N LEU C 623 56.27 33.41 -51.53
CA LEU C 623 56.99 32.25 -50.99
C LEU C 623 56.17 31.45 -49.98
N GLN C 624 55.00 31.93 -49.56
CA GLN C 624 54.21 31.19 -48.58
C GLN C 624 53.48 30.01 -49.22
N TRP C 625 52.98 30.18 -50.44
CA TRP C 625 52.23 29.13 -51.14
C TRP C 625 53.00 28.53 -52.30
N GLN C 626 54.30 28.79 -52.38
CA GLN C 626 55.19 28.22 -53.39
C GLN C 626 56.30 27.48 -52.67
N PRO C 627 57.09 26.66 -53.36
CA PRO C 627 58.14 25.90 -52.65
C PRO C 627 59.11 26.81 -51.91
N SER C 628 59.49 26.38 -50.71
CA SER C 628 60.20 27.21 -49.76
C SER C 628 61.66 27.38 -50.18
N GLN C 629 62.46 27.96 -49.27
CA GLN C 629 63.91 27.97 -49.38
C GLN C 629 64.52 26.66 -48.92
N LEU C 630 63.75 25.80 -48.25
CA LEU C 630 64.33 24.62 -47.63
C LEU C 630 64.72 23.58 -48.67
N GLU C 631 63.86 23.35 -49.66
CA GLU C 631 64.21 22.40 -50.71
C GLU C 631 65.26 22.95 -51.67
N LEU C 632 65.31 24.27 -51.85
CA LEU C 632 66.44 24.85 -52.55
C LEU C 632 67.74 24.54 -51.81
N PHE C 633 67.72 24.69 -50.47
CA PHE C 633 68.90 24.33 -49.70
C PHE C 633 69.23 22.85 -49.85
N TYR C 634 68.19 22.00 -49.84
CA TYR C 634 68.36 20.57 -50.10
C TYR C 634 69.13 20.36 -51.40
N CYS C 635 68.69 21.02 -52.46
CA CYS C 635 69.27 20.79 -53.77
C CYS C 635 70.72 21.26 -53.82
N LEU C 636 70.97 22.50 -53.38
CA LEU C 636 72.34 23.02 -53.43
C LEU C 636 73.29 22.16 -52.59
N TYR C 637 72.82 21.67 -51.44
CA TYR C 637 73.61 20.72 -50.68
C TYR C 637 73.81 19.43 -51.46
N GLU C 638 72.76 18.94 -52.11
CA GLU C 638 72.86 17.68 -52.82
C GLU C 638 73.79 17.78 -54.01
N MET C 639 74.08 19.00 -54.48
CA MET C 639 74.93 19.17 -55.64
C MET C 639 76.32 19.70 -55.31
N GLN C 640 76.59 20.06 -54.05
CA GLN C 640 77.95 20.26 -53.56
C GLN C 640 78.91 21.01 -54.47
N GLU C 641 78.48 22.12 -55.08
CA GLU C 641 79.40 22.94 -55.85
C GLU C 641 79.59 24.29 -55.15
N GLU C 642 80.84 24.67 -54.94
CA GLU C 642 81.14 25.88 -54.19
C GLU C 642 80.60 27.11 -54.90
N ASP C 643 81.11 27.39 -56.11
CA ASP C 643 80.75 28.63 -56.79
C ASP C 643 79.26 28.66 -57.10
N PHE C 644 78.68 27.51 -57.44
CA PHE C 644 77.26 27.45 -57.73
C PHE C 644 76.43 27.77 -56.49
N VAL C 645 76.80 27.21 -55.34
CA VAL C 645 76.08 27.52 -54.11
C VAL C 645 76.24 28.99 -53.76
N GLN C 646 77.44 29.54 -53.97
CA GLN C 646 77.67 30.96 -53.72
C GLN C 646 76.75 31.82 -54.58
N SER C 647 76.69 31.53 -55.88
CA SER C 647 75.85 32.31 -56.78
C SER C 647 74.38 32.15 -56.43
N ALA C 648 73.98 30.93 -56.04
CA ALA C 648 72.60 30.71 -55.63
C ALA C 648 72.24 31.53 -54.41
N MET C 649 73.15 31.60 -53.44
CA MET C 649 72.88 32.36 -52.23
C MET C 649 72.97 33.86 -52.47
N ASP C 650 73.72 34.29 -53.48
CA ASP C 650 73.85 35.71 -53.77
C ASP C 650 72.49 36.33 -54.06
N HIS C 651 71.60 35.59 -54.71
CA HIS C 651 70.28 36.11 -55.05
C HIS C 651 69.38 36.28 -53.82
N PHE C 652 69.80 35.78 -52.66
CA PHE C 652 68.97 35.83 -51.47
C PHE C 652 69.69 36.62 -50.39
N PRO C 653 69.25 37.83 -50.05
CA PRO C 653 69.92 38.57 -48.97
C PRO C 653 69.42 38.21 -47.59
N LYS C 654 68.30 37.49 -47.50
CA LYS C 654 67.69 37.15 -46.23
C LYS C 654 67.10 35.76 -46.32
N ILE C 655 67.25 34.99 -45.24
CA ILE C 655 66.87 33.58 -45.22
C ILE C 655 65.77 33.39 -44.19
N GLU C 656 64.74 32.64 -44.57
CA GLU C 656 63.66 32.28 -43.65
C GLU C 656 63.41 30.79 -43.84
N ILE C 657 63.85 29.99 -42.86
CA ILE C 657 63.62 28.56 -42.86
C ILE C 657 63.18 28.14 -41.47
N ASN C 658 62.70 26.91 -41.38
CA ASN C 658 62.21 26.35 -40.12
C ASN C 658 62.68 24.91 -40.06
N LEU C 659 63.66 24.64 -39.20
CA LEU C 659 64.29 23.34 -39.17
C LEU C 659 63.37 22.31 -38.52
N SER C 660 63.26 21.16 -39.18
CA SER C 660 62.55 20.00 -38.65
C SER C 660 63.41 18.76 -38.55
N THR C 661 64.26 18.52 -39.55
CA THR C 661 65.19 17.41 -39.53
C THR C 661 66.62 17.87 -39.29
N ARG C 662 67.43 16.95 -38.79
CA ARG C 662 68.86 17.22 -38.75
C ARG C 662 69.40 17.35 -40.15
N MET C 663 68.74 16.71 -41.12
CA MET C 663 69.06 16.96 -42.52
C MET C 663 68.81 18.42 -42.87
N ASP C 664 67.75 19.00 -42.30
CA ASP C 664 67.54 20.43 -42.45
C ASP C 664 68.69 21.22 -41.85
N HIS C 665 69.13 20.82 -40.66
CA HIS C 665 70.27 21.49 -40.03
C HIS C 665 71.52 21.42 -40.91
N VAL C 666 71.81 20.25 -41.46
CA VAL C 666 73.03 20.10 -42.24
C VAL C 666 72.95 20.91 -43.52
N VAL C 667 71.83 20.85 -44.23
CA VAL C 667 71.74 21.59 -45.49
C VAL C 667 71.79 23.09 -45.21
N SER C 668 71.17 23.53 -44.13
CA SER C 668 71.25 24.94 -43.76
C SER C 668 72.69 25.33 -43.46
N SER C 669 73.41 24.50 -42.71
CA SER C 669 74.80 24.79 -42.42
C SER C 669 75.60 24.89 -43.71
N PHE C 670 75.41 23.93 -44.62
CA PHE C 670 76.16 23.91 -45.86
C PHE C 670 75.92 25.17 -46.67
N CYS C 671 74.64 25.52 -46.88
CA CYS C 671 74.36 26.69 -47.70
C CYS C 671 74.87 27.95 -47.02
N ILE C 672 74.64 28.09 -45.71
CA ILE C 672 74.96 29.35 -45.04
C ILE C 672 76.47 29.53 -44.93
N LYS C 673 77.23 28.45 -44.82
CA LYS C 673 78.68 28.65 -44.82
C LYS C 673 79.23 29.03 -46.18
N ASN C 674 78.38 29.21 -47.18
CA ASN C 674 78.80 29.63 -48.52
C ASN C 674 77.95 30.80 -48.97
N CYS C 675 77.80 31.81 -48.11
CA CYS C 675 77.02 32.98 -48.40
C CYS C 675 77.88 34.23 -48.29
N HIS C 676 77.68 35.17 -49.20
CA HIS C 676 78.37 36.46 -49.13
C HIS C 676 77.39 37.61 -49.35
N ARG C 677 76.32 37.36 -50.09
CA ARG C 677 75.26 38.34 -50.32
C ARG C 677 74.01 38.05 -49.48
N VAL C 678 74.17 37.52 -48.28
CA VAL C 678 73.06 37.28 -47.36
C VAL C 678 73.26 38.20 -46.16
N LYS C 679 72.26 39.04 -45.89
CA LYS C 679 72.35 39.97 -44.79
C LYS C 679 71.73 39.40 -43.52
N THR C 680 70.44 39.13 -43.54
CA THR C 680 69.72 38.70 -42.36
C THR C 680 69.53 37.19 -42.39
N LEU C 681 69.70 36.56 -41.22
CA LEU C 681 69.58 35.11 -41.08
C LEU C 681 68.56 34.82 -39.98
N SER C 682 67.30 34.65 -40.37
CA SER C 682 66.25 34.27 -39.46
C SER C 682 66.07 32.76 -39.55
N LEU C 683 66.01 32.10 -38.40
CA LEU C 683 65.97 30.64 -38.34
C LEU C 683 64.82 30.21 -37.44
N GLY C 684 64.05 29.25 -37.92
CA GLY C 684 62.96 28.67 -37.16
C GLY C 684 63.27 27.31 -36.57
N PHE C 685 63.54 27.26 -35.27
CA PHE C 685 63.89 26.00 -34.64
C PHE C 685 62.59 25.32 -34.24
N PHE C 686 62.43 24.06 -34.64
CA PHE C 686 61.28 23.23 -34.28
C PHE C 686 61.77 21.89 -33.74
N HIS C 687 62.04 21.84 -32.44
CA HIS C 687 62.51 20.61 -31.80
C HIS C 687 61.33 19.70 -31.46
N LEU C 726 72.19 18.74 -27.49
CA LEU C 726 71.99 18.32 -28.87
C LEU C 726 71.98 19.53 -29.82
N THR C 727 71.10 20.49 -29.57
CA THR C 727 71.03 21.68 -30.39
C THR C 727 72.31 22.52 -30.27
N SER C 728 73.10 22.28 -29.23
CA SER C 728 74.35 23.00 -29.05
C SER C 728 75.22 22.92 -30.30
N SER C 729 75.64 21.70 -30.68
CA SER C 729 76.50 21.56 -31.84
C SER C 729 75.80 21.95 -33.14
N PHE C 730 74.49 21.67 -33.26
CA PHE C 730 73.78 22.08 -34.47
C PHE C 730 73.90 23.58 -34.71
N CYS C 731 73.36 24.38 -33.79
CA CYS C 731 73.42 25.82 -33.98
C CYS C 731 74.86 26.32 -33.96
N ARG C 732 75.77 25.63 -33.27
CA ARG C 732 77.17 26.01 -33.32
C ARG C 732 77.70 25.93 -34.74
N GLY C 733 77.34 24.86 -35.46
CA GLY C 733 77.67 24.80 -36.88
C GLY C 733 76.94 25.88 -37.66
N LEU C 734 75.66 26.07 -37.36
CA LEU C 734 74.84 27.05 -38.08
C LEU C 734 75.46 28.43 -38.04
N PHE C 735 76.16 28.76 -36.96
CA PHE C 735 76.72 30.09 -36.79
C PHE C 735 78.22 30.13 -36.90
N SER C 736 78.89 28.98 -36.97
CA SER C 736 80.22 28.94 -37.55
C SER C 736 80.15 29.20 -39.05
N SER C 737 79.02 28.81 -39.67
CA SER C 737 78.71 29.34 -40.99
C SER C 737 78.68 30.85 -41.00
N LEU C 738 78.17 31.47 -39.93
CA LEU C 738 78.25 32.92 -39.83
C LEU C 738 79.69 33.39 -39.59
N SER C 739 80.49 32.59 -38.90
CA SER C 739 81.91 32.86 -38.79
C SER C 739 82.61 32.83 -40.13
N THR C 740 82.04 32.13 -41.11
CA THR C 740 82.52 32.26 -42.49
C THR C 740 81.75 33.32 -43.28
N ASN C 741 80.62 33.79 -42.76
CA ASN C 741 79.84 34.88 -43.34
C ASN C 741 80.38 36.26 -42.97
N ARG C 742 81.65 36.34 -42.57
CA ARG C 742 82.32 37.59 -42.23
C ARG C 742 82.24 38.65 -43.32
N SER C 743 81.83 38.28 -44.53
CA SER C 743 81.57 39.29 -45.55
C SER C 743 80.50 40.26 -45.06
N LEU C 744 79.35 39.74 -44.63
CA LEU C 744 78.29 40.56 -44.04
C LEU C 744 77.21 39.61 -43.52
N THR C 745 76.60 39.98 -42.40
CA THR C 745 75.54 39.16 -41.84
C THR C 745 74.71 40.02 -40.88
N GLU C 746 73.50 39.54 -40.60
CA GLU C 746 72.59 40.05 -39.59
C GLU C 746 71.77 38.86 -39.12
N LEU C 747 71.33 38.89 -37.86
CA LEU C 747 70.76 37.70 -37.25
C LEU C 747 69.45 37.99 -36.56
N ASP C 748 68.53 37.03 -36.65
CA ASP C 748 67.31 37.02 -35.87
C ASP C 748 67.08 35.59 -35.38
N LEU C 749 66.73 35.47 -34.10
CA LEU C 749 66.23 34.22 -33.52
C LEU C 749 65.09 34.63 -32.58
N SER C 750 63.89 34.68 -33.13
CA SER C 750 62.72 35.13 -32.38
C SER C 750 61.63 34.08 -32.42
N ASP C 751 60.80 34.07 -31.38
CA ASP C 751 59.68 33.15 -31.26
C ASP C 751 60.15 31.70 -31.36
N ASN C 752 61.34 31.43 -30.84
CA ASN C 752 61.91 30.10 -30.83
C ASN C 752 62.58 29.82 -29.48
N THR C 753 62.28 28.65 -28.92
CA THR C 753 62.69 28.34 -27.55
C THR C 753 64.12 27.82 -27.55
N LEU C 754 65.08 28.70 -27.27
CA LEU C 754 66.46 28.27 -27.09
C LEU C 754 66.60 27.65 -25.70
N GLY C 755 66.95 26.38 -25.65
CA GLY C 755 66.98 25.65 -24.39
C GLY C 755 68.10 26.15 -23.49
N ASP C 756 68.36 25.38 -22.43
CA ASP C 756 69.46 25.71 -21.54
C ASP C 756 70.78 25.85 -22.26
N PRO C 757 71.20 24.93 -23.14
CA PRO C 757 72.30 25.25 -24.05
C PRO C 757 71.86 26.02 -25.29
N GLY C 758 70.56 26.21 -25.50
CA GLY C 758 70.12 27.15 -26.51
C GLY C 758 70.58 28.56 -26.22
N MET C 759 70.63 28.92 -24.94
CA MET C 759 71.37 30.12 -24.55
C MET C 759 72.84 29.98 -24.89
N ARG C 760 73.41 28.79 -24.67
CA ARG C 760 74.84 28.61 -24.83
C ARG C 760 75.27 28.71 -26.29
N VAL C 761 74.38 28.45 -27.24
CA VAL C 761 74.77 28.66 -28.62
C VAL C 761 74.86 30.15 -28.90
N LEU C 762 75.66 30.50 -29.91
CA LEU C 762 75.80 31.86 -30.38
C LEU C 762 76.58 32.72 -29.39
N CYS C 763 76.84 32.18 -28.21
CA CYS C 763 77.78 32.88 -27.33
C CYS C 763 79.20 32.54 -27.71
N GLU C 764 79.55 31.25 -27.70
CA GLU C 764 80.86 30.86 -28.23
C GLU C 764 81.03 31.34 -29.67
N ALA C 765 79.94 31.40 -30.44
CA ALA C 765 80.01 31.95 -31.79
C ALA C 765 80.39 33.43 -31.76
N LEU C 766 79.73 34.23 -30.93
CA LEU C 766 80.17 35.62 -30.86
C LEU C 766 81.52 35.79 -30.16
N GLN C 767 82.01 34.76 -29.49
CA GLN C 767 83.24 34.86 -28.71
C GLN C 767 84.51 34.77 -29.55
N HIS C 768 84.40 34.68 -30.87
CA HIS C 768 85.63 34.80 -31.62
C HIS C 768 85.64 36.09 -32.42
N PRO C 769 86.79 36.73 -32.57
CA PRO C 769 86.82 38.00 -33.30
C PRO C 769 86.54 37.84 -34.78
N GLY C 770 86.62 38.93 -35.54
CA GLY C 770 86.30 38.91 -36.94
C GLY C 770 85.21 39.92 -37.27
N CYS C 771 84.39 39.58 -38.26
CA CYS C 771 83.19 40.33 -38.59
C CYS C 771 81.99 39.50 -38.16
N ASN C 772 81.24 40.01 -37.19
CA ASN C 772 80.11 39.31 -36.60
C ASN C 772 78.84 40.16 -36.73
N ILE C 773 77.79 39.74 -36.03
CA ILE C 773 76.47 40.30 -36.24
C ILE C 773 76.43 41.74 -35.74
N GLN C 774 75.96 42.65 -36.59
CA GLN C 774 75.73 44.01 -36.15
C GLN C 774 74.57 44.11 -35.17
N ARG C 775 73.60 43.21 -35.25
CA ARG C 775 72.36 43.42 -34.50
C ARG C 775 71.72 42.09 -34.14
N LEU C 776 71.70 41.77 -32.85
CA LEU C 776 71.24 40.47 -32.36
C LEU C 776 69.82 40.60 -31.85
N TRP C 777 68.96 39.66 -32.22
CA TRP C 777 67.57 39.66 -31.82
C TRP C 777 67.24 38.38 -31.05
N LEU C 778 66.70 38.53 -29.84
CA LEU C 778 66.17 37.41 -29.08
C LEU C 778 64.83 37.90 -28.51
N GLY C 779 63.78 37.77 -29.31
CA GLY C 779 62.49 38.30 -28.87
C GLY C 779 61.44 37.22 -28.78
N ARG C 780 60.71 37.20 -27.67
CA ARG C 780 59.72 36.17 -27.35
C ARG C 780 60.33 34.78 -27.36
N CYS C 781 61.65 34.68 -27.43
CA CYS C 781 62.30 33.38 -27.44
C CYS C 781 62.21 32.72 -26.08
N GLY C 782 62.18 31.39 -26.08
CA GLY C 782 62.32 30.66 -24.85
C GLY C 782 63.66 31.00 -24.22
N LEU C 783 63.65 31.81 -23.17
CA LEU C 783 64.90 32.33 -22.64
C LEU C 783 64.70 32.57 -21.15
N SER C 784 65.81 32.57 -20.42
CA SER C 784 65.73 32.67 -18.96
C SER C 784 66.97 33.39 -18.46
N HIS C 785 67.19 33.29 -17.15
CA HIS C 785 68.28 34.04 -16.51
C HIS C 785 69.64 33.60 -17.01
N GLN C 786 69.77 32.33 -17.43
CA GLN C 786 71.07 31.76 -17.74
C GLN C 786 71.78 32.54 -18.84
N CYS C 787 71.02 32.99 -19.85
CA CYS C 787 71.61 33.72 -20.97
C CYS C 787 72.35 34.95 -20.53
N CYS C 788 71.98 35.52 -19.39
CA CYS C 788 72.47 36.83 -19.00
C CYS C 788 73.98 36.91 -18.93
N PHE C 789 74.61 36.10 -18.07
CA PHE C 789 76.06 36.02 -18.03
C PHE C 789 76.69 35.76 -19.40
N ASP C 790 76.17 34.75 -20.11
CA ASP C 790 76.61 34.47 -21.47
C ASP C 790 76.65 35.73 -22.34
N ILE C 791 75.51 36.39 -22.47
CA ILE C 791 75.45 37.56 -23.33
C ILE C 791 76.33 38.67 -22.79
N SER C 792 76.44 38.80 -21.48
CA SER C 792 77.39 39.78 -20.94
C SER C 792 78.80 39.51 -21.45
N SER C 793 79.20 38.24 -21.43
CA SER C 793 80.50 37.84 -21.94
C SER C 793 80.66 38.25 -23.40
N VAL C 794 79.67 37.92 -24.24
CA VAL C 794 79.81 38.26 -25.64
C VAL C 794 79.69 39.76 -25.88
N LEU C 795 78.90 40.46 -25.08
CA LEU C 795 78.85 41.92 -25.14
C LEU C 795 80.19 42.53 -24.76
N SER C 796 80.99 41.83 -23.97
CA SER C 796 82.36 42.26 -23.71
C SER C 796 83.28 41.94 -24.87
N SER C 797 83.18 40.75 -25.42
CA SER C 797 84.16 40.30 -26.41
C SER C 797 83.80 40.71 -27.84
N SER C 798 82.59 41.24 -28.05
CA SER C 798 82.10 41.64 -29.35
C SER C 798 82.47 43.09 -29.64
N GLN C 799 83.07 43.30 -30.82
CA GLN C 799 83.29 44.64 -31.34
C GLN C 799 82.47 44.93 -32.59
N LYS C 800 81.46 44.10 -32.88
CA LYS C 800 80.62 44.30 -34.05
C LYS C 800 79.15 44.53 -33.72
N LEU C 801 78.65 43.98 -32.61
CA LEU C 801 77.26 44.16 -32.26
C LEU C 801 76.99 45.64 -32.01
N VAL C 802 75.86 46.14 -32.53
CA VAL C 802 75.52 47.52 -32.23
C VAL C 802 74.18 47.56 -31.50
N GLU C 803 73.32 46.57 -31.73
CA GLU C 803 72.13 46.49 -30.91
C GLU C 803 71.92 45.04 -30.49
N LEU C 804 71.24 44.86 -29.37
CA LEU C 804 70.85 43.54 -28.91
C LEU C 804 69.48 43.63 -28.26
N ASP C 805 68.56 42.80 -28.71
CA ASP C 805 67.19 42.82 -28.25
C ASP C 805 66.92 41.60 -27.39
N LEU C 806 66.20 41.83 -26.29
CA LEU C 806 65.77 40.79 -25.35
C LEU C 806 64.30 41.09 -25.08
N SER C 807 63.42 40.53 -25.90
CA SER C 807 61.99 40.86 -25.85
C SER C 807 61.18 39.67 -25.37
N ASP C 808 60.17 39.95 -24.54
CA ASP C 808 59.16 38.97 -24.13
C ASP C 808 59.79 37.71 -23.53
N ASN C 809 61.05 37.81 -23.14
CA ASN C 809 61.83 36.69 -22.62
C ASN C 809 62.03 36.83 -21.12
N ALA C 810 61.89 35.72 -20.41
CA ALA C 810 61.82 35.75 -18.95
C ALA C 810 63.20 35.98 -18.33
N LEU C 811 63.74 37.16 -18.62
CA LEU C 811 64.95 37.65 -17.97
C LEU C 811 64.53 38.41 -16.72
N GLY C 812 64.14 37.65 -15.70
CA GLY C 812 63.46 38.22 -14.55
C GLY C 812 64.20 39.35 -13.87
N ASP C 813 65.28 39.04 -13.17
CA ASP C 813 66.04 40.09 -12.50
C ASP C 813 67.39 39.48 -12.15
N PHE C 814 68.35 40.37 -11.87
CA PHE C 814 69.72 40.01 -11.49
C PHE C 814 70.45 39.44 -12.70
N GLY C 815 69.67 39.18 -13.74
CA GLY C 815 70.24 38.88 -15.03
C GLY C 815 70.35 40.20 -15.73
N ILE C 816 69.50 41.14 -15.33
CA ILE C 816 69.72 42.50 -15.77
C ILE C 816 71.00 43.02 -15.15
N ARG C 817 71.33 42.56 -13.93
CA ARG C 817 72.64 42.88 -13.39
C ARG C 817 73.75 42.25 -14.21
N LEU C 818 73.59 40.98 -14.60
CA LEU C 818 74.64 40.39 -15.43
C LEU C 818 74.78 41.15 -16.75
N LEU C 819 73.65 41.53 -17.35
CA LEU C 819 73.65 42.36 -18.54
C LEU C 819 74.43 43.65 -18.33
N CYS C 820 74.13 44.37 -17.25
CA CYS C 820 74.71 45.69 -17.08
C CYS C 820 76.19 45.59 -16.77
N VAL C 821 76.60 44.58 -16.00
CA VAL C 821 78.03 44.44 -15.73
C VAL C 821 78.78 44.08 -17.00
N GLY C 822 78.18 43.23 -17.84
CA GLY C 822 78.77 42.95 -19.13
C GLY C 822 78.88 44.19 -20.01
N LEU C 823 77.86 45.03 -19.97
CA LEU C 823 77.89 46.27 -20.76
C LEU C 823 79.00 47.19 -20.27
N LYS C 824 79.03 47.48 -18.97
CA LYS C 824 79.93 48.53 -18.51
C LYS C 824 81.38 48.08 -18.44
N HIS C 825 81.63 46.79 -18.12
CA HIS C 825 82.97 46.38 -17.74
C HIS C 825 83.97 46.64 -18.86
N LEU C 826 83.61 46.30 -20.10
CA LEU C 826 84.44 46.57 -21.25
C LEU C 826 83.88 47.75 -22.02
N LEU C 827 84.51 48.04 -23.15
CA LEU C 827 84.06 49.09 -24.05
C LEU C 827 83.36 48.47 -25.25
N CYS C 828 82.04 48.61 -25.30
CA CYS C 828 81.20 47.98 -26.32
C CYS C 828 80.45 49.06 -27.11
N ASN C 829 80.32 48.82 -28.41
CA ASN C 829 79.65 49.77 -29.31
C ASN C 829 78.16 49.42 -29.45
N LEU C 830 77.49 49.37 -28.31
CA LEU C 830 76.07 49.04 -28.27
C LEU C 830 75.23 50.30 -28.45
N GLN C 831 74.18 50.18 -29.25
CA GLN C 831 73.32 51.30 -29.62
C GLN C 831 71.91 51.17 -29.07
N LYS C 832 71.24 50.05 -29.34
CA LYS C 832 69.93 49.79 -28.77
C LYS C 832 70.08 48.88 -27.57
N LEU C 833 69.05 48.86 -26.73
CA LEU C 833 68.98 47.92 -25.62
C LEU C 833 67.52 47.85 -25.23
N TRP C 834 66.89 46.72 -25.51
CA TRP C 834 65.46 46.54 -25.30
C TRP C 834 65.25 45.55 -24.17
N LEU C 835 64.67 46.01 -23.07
CA LEU C 835 64.25 45.13 -21.98
C LEU C 835 62.73 45.07 -21.90
N VAL C 836 62.07 45.21 -23.05
CA VAL C 836 60.62 45.31 -23.08
C VAL C 836 60.01 44.01 -22.59
N SER C 837 59.06 44.13 -21.67
CA SER C 837 58.26 43.01 -21.18
C SER C 837 59.13 41.93 -20.54
N CYS C 838 60.32 42.30 -20.09
CA CYS C 838 61.14 41.41 -19.27
C CYS C 838 60.76 41.61 -17.82
N CYS C 839 60.35 40.54 -17.14
CA CYS C 839 59.66 40.67 -15.86
C CYS C 839 60.67 41.07 -14.80
N LEU C 840 61.06 42.34 -14.82
CA LEU C 840 61.96 42.89 -13.82
C LEU C 840 61.23 43.85 -12.91
N THR C 841 61.95 44.31 -11.88
CA THR C 841 61.43 45.26 -10.91
C THR C 841 62.38 46.44 -10.79
N SER C 842 61.99 47.39 -9.95
CA SER C 842 62.80 48.58 -9.72
C SER C 842 64.16 48.24 -9.11
N ALA C 843 64.29 47.05 -8.53
CA ALA C 843 65.50 46.68 -7.82
C ALA C 843 66.72 46.55 -8.71
N CYS C 844 66.54 46.62 -10.03
CA CYS C 844 67.67 46.61 -10.96
C CYS C 844 67.84 47.94 -11.68
N CYS C 845 66.86 48.83 -11.58
CA CYS C 845 66.96 50.11 -12.27
C CYS C 845 68.22 50.87 -11.87
N GLN C 846 68.65 50.73 -10.61
CA GLN C 846 69.86 51.44 -10.19
C GLN C 846 71.05 50.97 -11.00
N ASP C 847 71.14 49.66 -11.22
CA ASP C 847 72.20 49.10 -12.05
C ASP C 847 72.07 49.58 -13.48
N LEU C 848 70.84 49.67 -14.00
CA LEU C 848 70.65 50.25 -15.33
C LEU C 848 71.22 51.66 -15.38
N ALA C 849 70.95 52.45 -14.34
CA ALA C 849 71.46 53.82 -14.32
C ALA C 849 72.97 53.85 -14.24
N LEU C 850 73.57 52.95 -13.47
CA LEU C 850 75.02 52.90 -13.39
C LEU C 850 75.63 52.61 -14.75
N VAL C 851 75.12 51.58 -15.43
CA VAL C 851 75.69 51.25 -16.73
C VAL C 851 75.42 52.36 -17.74
N LEU C 852 74.26 53.01 -17.65
CA LEU C 852 73.97 54.11 -18.55
C LEU C 852 74.92 55.28 -18.32
N SER C 853 75.23 55.57 -17.07
CA SER C 853 76.21 56.62 -16.77
C SER C 853 77.59 56.25 -17.28
N SER C 854 78.00 55.01 -17.07
CA SER C 854 79.33 54.59 -17.48
C SER C 854 79.47 54.64 -19.00
N ASN C 855 78.60 53.94 -19.71
CA ASN C 855 78.67 53.86 -21.15
C ASN C 855 78.11 55.12 -21.80
N HIS C 856 78.60 55.41 -23.00
CA HIS C 856 78.05 56.47 -23.83
C HIS C 856 77.60 55.98 -25.19
N SER C 857 78.06 54.82 -25.64
CA SER C 857 77.61 54.27 -26.91
C SER C 857 76.11 53.99 -26.89
N LEU C 858 75.62 53.41 -25.80
CA LEU C 858 74.20 53.12 -25.70
C LEU C 858 73.42 54.42 -25.61
N THR C 859 72.45 54.57 -26.51
CA THR C 859 71.63 55.77 -26.54
C THR C 859 70.16 55.51 -26.78
N ARG C 860 69.73 54.25 -26.85
CA ARG C 860 68.36 53.90 -27.22
C ARG C 860 67.95 52.75 -26.32
N LEU C 861 67.23 53.03 -25.24
CA LEU C 861 67.05 52.10 -24.14
C LEU C 861 65.56 51.91 -23.86
N TYR C 862 64.94 50.98 -24.57
CA TYR C 862 63.57 50.59 -24.27
C TYR C 862 63.52 49.71 -23.03
N ILE C 863 62.64 50.05 -22.11
CA ILE C 863 62.35 49.21 -20.95
C ILE C 863 60.86 48.87 -20.98
N GLY C 864 60.32 48.75 -22.20
CA GLY C 864 58.90 48.88 -22.43
C GLY C 864 57.95 48.12 -21.53
N GLU C 865 57.22 48.89 -20.72
CA GLU C 865 56.04 48.45 -19.98
C GLU C 865 56.20 47.04 -19.40
N ASN C 866 57.35 46.82 -18.78
CA ASN C 866 57.60 45.66 -17.94
C ASN C 866 57.09 45.92 -16.52
N ALA C 867 57.51 45.12 -15.56
CA ALA C 867 56.93 45.21 -14.21
C ALA C 867 57.73 46.13 -13.29
N LEU C 868 58.00 47.36 -13.70
CA LEU C 868 58.57 48.36 -12.81
C LEU C 868 57.64 49.56 -12.69
N GLY C 869 58.10 50.57 -11.97
CA GLY C 869 57.36 51.80 -11.82
C GLY C 869 57.99 52.78 -10.85
N ASP C 870 57.18 53.30 -9.93
CA ASP C 870 57.66 54.14 -8.85
C ASP C 870 58.71 53.40 -8.03
N SER C 871 59.39 54.16 -7.16
CA SER C 871 60.43 53.71 -6.23
C SER C 871 61.72 53.42 -6.97
N GLY C 872 61.67 53.35 -8.29
CA GLY C 872 62.82 53.54 -9.13
C GLY C 872 63.03 54.97 -9.54
N VAL C 873 62.13 55.85 -9.09
CA VAL C 873 62.01 57.21 -9.64
C VAL C 873 63.29 58.00 -9.46
N GLN C 874 63.90 57.94 -8.28
CA GLN C 874 65.17 58.63 -8.06
C GLN C 874 66.22 58.14 -9.03
N VAL C 875 66.29 56.83 -9.25
CA VAL C 875 67.21 56.27 -10.24
C VAL C 875 66.87 56.79 -11.64
N LEU C 876 65.58 56.77 -11.98
CA LEU C 876 65.14 57.26 -13.29
C LEU C 876 65.68 58.66 -13.54
N CYS C 877 65.55 59.53 -12.55
CA CYS C 877 66.09 60.87 -12.69
C CYS C 877 67.60 60.84 -12.81
N GLU C 878 68.28 60.20 -11.86
CA GLU C 878 69.72 60.35 -11.80
C GLU C 878 70.44 59.63 -12.92
N LYS C 879 69.74 58.82 -13.73
CA LYS C 879 70.32 58.39 -14.99
C LYS C 879 70.84 59.58 -15.78
N MET C 880 70.00 60.60 -15.96
CA MET C 880 70.29 61.72 -16.83
C MET C 880 70.50 63.02 -16.06
N LYS C 881 70.89 62.93 -14.79
CA LYS C 881 70.98 64.11 -13.94
C LYS C 881 71.96 65.14 -14.48
N ASP C 882 72.87 64.72 -15.36
CA ASP C 882 73.82 65.62 -15.99
C ASP C 882 73.68 65.54 -17.50
N PRO C 883 74.29 66.45 -18.25
CA PRO C 883 74.32 66.30 -19.71
C PRO C 883 75.26 65.18 -20.14
N GLN C 884 75.53 65.11 -21.44
CA GLN C 884 76.44 64.13 -22.05
C GLN C 884 76.08 62.70 -21.69
N CYS C 885 74.82 62.46 -21.33
CA CYS C 885 74.37 61.09 -21.10
C CYS C 885 74.23 60.32 -22.40
N ASN C 886 73.76 61.01 -23.45
CA ASN C 886 73.60 60.43 -24.78
C ASN C 886 72.63 59.24 -24.75
N LEU C 887 71.36 59.55 -24.43
CA LEU C 887 70.27 58.59 -24.45
C LEU C 887 69.12 59.20 -25.25
N GLN C 888 69.09 58.99 -26.56
CA GLN C 888 68.13 59.69 -27.41
C GLN C 888 66.70 59.34 -27.00
N LYS C 889 66.29 58.10 -27.21
CA LYS C 889 64.95 57.66 -26.86
C LYS C 889 64.97 56.86 -25.58
N LEU C 890 63.86 56.93 -24.85
CA LEU C 890 63.71 56.21 -23.59
C LEU C 890 62.24 55.85 -23.48
N GLY C 891 61.92 54.64 -23.93
CA GLY C 891 60.58 54.12 -23.72
C GLY C 891 60.33 53.87 -22.24
N LEU C 892 59.09 54.04 -21.84
CA LEU C 892 58.73 53.90 -20.44
C LEU C 892 57.68 52.82 -20.23
N VAL C 893 57.23 52.73 -18.99
CA VAL C 893 56.66 51.53 -18.42
C VAL C 893 55.30 51.86 -17.84
N ASN C 894 54.46 50.83 -17.69
CA ASN C 894 53.24 50.98 -16.90
C ASN C 894 53.68 51.18 -15.45
N SER C 895 53.66 52.43 -15.01
CA SER C 895 54.24 52.81 -13.73
C SER C 895 53.17 52.83 -12.64
N GLY C 896 53.58 53.24 -11.45
CA GLY C 896 52.66 53.30 -10.33
C GLY C 896 52.30 54.72 -9.92
N LEU C 897 52.85 55.19 -8.81
CA LEU C 897 52.57 56.54 -8.35
C LEU C 897 53.12 57.54 -9.37
N THR C 898 52.22 58.30 -9.99
CA THR C 898 52.60 59.19 -11.08
C THR C 898 53.55 60.30 -10.61
N SER C 899 53.17 61.01 -9.55
CA SER C 899 53.77 62.30 -9.24
C SER C 899 55.29 62.25 -9.21
N ILE C 900 55.87 61.29 -8.48
CA ILE C 900 57.32 61.30 -8.31
C ILE C 900 58.01 60.93 -9.63
N CYS C 901 57.50 59.92 -10.34
CA CYS C 901 58.16 59.52 -11.58
C CYS C 901 58.08 60.61 -12.62
N CYS C 902 56.94 61.28 -12.74
CA CYS C 902 56.86 62.37 -13.69
C CYS C 902 57.69 63.57 -13.21
N SER C 903 57.93 63.70 -11.90
CA SER C 903 58.86 64.72 -11.44
C SER C 903 60.28 64.41 -11.90
N ALA C 904 60.68 63.14 -11.80
CA ALA C 904 61.96 62.72 -12.35
C ALA C 904 62.01 62.99 -13.84
N LEU C 905 60.89 62.76 -14.53
CA LEU C 905 60.82 63.06 -15.96
C LEU C 905 61.00 64.55 -16.22
N THR C 906 60.46 65.39 -15.35
CA THR C 906 60.68 66.82 -15.50
C THR C 906 62.15 67.17 -15.31
N SER C 907 62.79 66.53 -14.32
CA SER C 907 64.21 66.77 -14.11
C SER C 907 65.02 66.41 -15.35
N VAL C 908 64.78 65.22 -15.91
CA VAL C 908 65.51 64.82 -17.12
C VAL C 908 65.20 65.77 -18.27
N LEU C 909 63.93 66.14 -18.43
CA LEU C 909 63.57 67.02 -19.55
C LEU C 909 64.26 68.38 -19.42
N LYS C 910 64.29 68.95 -18.23
CA LYS C 910 64.92 70.26 -18.05
C LYS C 910 66.44 70.20 -18.08
N THR C 911 67.06 69.07 -17.76
CA THR C 911 68.51 69.04 -17.68
C THR C 911 69.17 68.37 -18.88
N ASN C 912 68.73 67.16 -19.21
CA ASN C 912 69.43 66.32 -20.17
C ASN C 912 69.27 66.87 -21.58
N GLN C 913 70.37 66.93 -22.31
CA GLN C 913 70.35 67.21 -23.74
C GLN C 913 69.96 65.96 -24.52
N ASN C 914 69.80 66.14 -25.83
CA ASN C 914 69.53 65.13 -26.86
C ASN C 914 68.69 63.97 -26.34
N PHE C 915 67.59 64.29 -25.67
CA PHE C 915 66.64 63.31 -25.15
C PHE C 915 65.42 63.42 -26.05
N THR C 916 65.41 62.64 -27.13
CA THR C 916 64.50 62.91 -28.24
C THR C 916 63.10 62.36 -28.01
N HIS C 917 62.95 61.20 -27.38
CA HIS C 917 61.62 60.65 -27.16
C HIS C 917 61.42 60.32 -25.68
N LEU C 918 60.14 60.22 -25.31
CA LEU C 918 59.73 59.82 -23.96
C LEU C 918 58.39 59.11 -24.10
N TYR C 919 58.44 57.79 -24.21
CA TYR C 919 57.27 57.00 -24.59
C TYR C 919 56.52 56.47 -23.37
N LEU C 920 56.00 57.40 -22.58
CA LEU C 920 55.01 57.03 -21.57
C LEU C 920 53.74 56.56 -22.26
N ARG C 921 53.34 55.33 -22.00
CA ARG C 921 52.19 54.75 -22.68
C ARG C 921 51.48 53.79 -21.75
N SER C 922 50.14 53.78 -21.82
CA SER C 922 49.30 52.93 -21.00
C SER C 922 49.66 53.04 -19.51
N ASN C 923 49.84 54.27 -19.05
CA ASN C 923 50.30 54.56 -17.70
C ASN C 923 49.21 55.27 -16.93
N ALA C 924 49.07 54.93 -15.66
CA ALA C 924 48.13 55.62 -14.78
C ALA C 924 48.75 56.95 -14.33
N LEU C 925 48.73 57.92 -15.24
CA LEU C 925 49.29 59.24 -15.00
C LEU C 925 48.13 60.21 -14.84
N GLY C 926 48.22 61.07 -13.83
CA GLY C 926 47.15 61.97 -13.49
C GLY C 926 47.31 63.37 -14.06
N ASP C 927 46.28 64.18 -13.86
CA ASP C 927 46.28 65.55 -14.34
C ASP C 927 47.40 66.34 -13.70
N THR C 928 47.62 66.16 -12.39
CA THR C 928 48.74 66.82 -11.73
C THR C 928 50.07 66.36 -12.30
N GLY C 929 50.16 65.07 -12.62
CA GLY C 929 51.35 64.51 -13.22
C GLY C 929 51.70 65.19 -14.51
N LEU C 930 50.80 65.12 -15.48
CA LEU C 930 51.04 65.77 -16.77
C LEU C 930 51.17 67.28 -16.63
N ARG C 931 50.53 67.88 -15.62
CA ARG C 931 50.71 69.31 -15.36
C ARG C 931 52.15 69.61 -15.01
N LEU C 932 52.70 68.88 -14.05
CA LEU C 932 54.10 69.12 -13.71
C LEU C 932 55.01 68.71 -14.87
N LEU C 933 54.57 67.77 -15.72
CA LEU C 933 55.33 67.47 -16.93
C LEU C 933 55.45 68.69 -17.83
N CYS C 934 54.33 69.35 -18.12
CA CYS C 934 54.42 70.56 -18.93
C CYS C 934 55.22 71.63 -18.21
N GLU C 935 55.16 71.65 -16.87
CA GLU C 935 56.06 72.52 -16.11
C GLU C 935 57.52 72.16 -16.38
N GLY C 936 57.81 70.87 -16.55
CA GLY C 936 59.13 70.47 -16.98
C GLY C 936 59.46 70.98 -18.36
N LEU C 937 58.46 70.97 -19.25
CA LEU C 937 58.62 71.58 -20.57
C LEU C 937 58.84 73.08 -20.48
N LEU C 938 58.49 73.70 -19.35
CA LEU C 938 58.66 75.15 -19.21
C LEU C 938 60.12 75.57 -19.31
N HIS C 939 61.04 74.69 -18.95
CA HIS C 939 62.45 74.97 -19.17
C HIS C 939 62.68 75.12 -20.67
N PRO C 940 63.05 76.31 -21.14
CA PRO C 940 63.33 76.48 -22.57
C PRO C 940 64.64 75.81 -22.95
N ASP C 941 64.96 75.81 -24.24
CA ASP C 941 66.19 75.25 -24.78
C ASP C 941 66.30 73.75 -24.48
N CYS C 942 65.22 73.13 -24.01
CA CYS C 942 65.18 71.68 -23.83
C CYS C 942 64.73 71.05 -25.14
N LYS C 943 65.61 70.26 -25.74
CA LYS C 943 65.33 69.66 -27.04
C LYS C 943 64.69 68.30 -26.80
N LEU C 944 63.36 68.27 -26.87
CA LEU C 944 62.61 67.03 -26.72
C LEU C 944 61.75 66.90 -27.97
N GLN C 945 62.03 65.88 -28.78
CA GLN C 945 61.19 65.58 -29.93
C GLN C 945 59.95 64.81 -29.51
N MET C 946 59.38 64.06 -30.45
CA MET C 946 58.12 63.35 -30.37
C MET C 946 57.87 62.87 -28.94
N LEU C 947 56.68 63.15 -28.41
CA LEU C 947 56.30 62.78 -27.06
C LEU C 947 54.91 62.16 -27.06
N GLU C 948 54.59 61.45 -25.98
CA GLU C 948 53.31 60.75 -25.91
C GLU C 948 52.83 60.70 -24.47
N LEU C 949 51.53 60.92 -24.30
CA LEU C 949 50.80 60.69 -23.06
C LEU C 949 49.56 59.89 -23.42
N ASP C 950 49.55 58.59 -23.09
CA ASP C 950 48.52 57.70 -23.62
C ASP C 950 47.25 57.73 -22.80
N ASN C 951 47.34 57.40 -21.51
CA ASN C 951 46.18 57.18 -20.67
C ASN C 951 46.22 58.14 -19.49
N CYS C 952 45.13 58.87 -19.28
CA CYS C 952 45.04 59.88 -18.23
C CYS C 952 43.61 60.42 -18.24
N SER C 953 43.29 61.19 -17.20
CA SER C 953 42.00 61.87 -17.09
C SER C 953 42.28 63.29 -16.61
N LEU C 954 42.33 64.23 -17.54
CA LEU C 954 42.77 65.59 -17.28
C LEU C 954 41.62 66.57 -17.40
N THR C 955 41.79 67.72 -16.78
CA THR C 955 40.92 68.86 -17.05
C THR C 955 41.40 69.56 -18.32
N SER C 956 40.44 70.03 -19.12
CA SER C 956 40.77 70.52 -20.45
C SER C 956 41.32 71.94 -20.39
N HIS C 957 42.32 72.14 -19.52
CA HIS C 957 43.15 73.33 -19.56
C HIS C 957 44.60 72.90 -19.59
N SER C 958 44.85 71.69 -19.07
CA SER C 958 46.19 71.10 -19.10
C SER C 958 46.71 70.97 -20.52
N CYS C 959 45.90 70.38 -21.41
CA CYS C 959 46.25 70.36 -22.82
C CYS C 959 46.47 71.78 -23.35
N TRP C 960 45.69 72.73 -22.86
CA TRP C 960 45.91 74.12 -23.24
C TRP C 960 47.29 74.59 -22.81
N ASN C 961 47.71 74.21 -21.61
CA ASN C 961 49.03 74.60 -21.13
C ASN C 961 50.12 74.01 -22.01
N LEU C 962 49.99 72.73 -22.37
CA LEU C 962 51.02 72.14 -23.22
C LEU C 962 51.05 72.79 -24.60
N SER C 963 49.87 73.07 -25.16
CA SER C 963 49.85 73.74 -26.46
C SER C 963 50.46 75.12 -26.37
N THR C 964 50.12 75.89 -25.33
CA THR C 964 50.67 77.22 -25.19
C THR C 964 52.18 77.18 -24.99
N ILE C 965 52.67 76.16 -24.30
CA ILE C 965 54.10 76.10 -24.04
C ILE C 965 54.85 75.69 -25.31
N LEU C 966 54.21 74.87 -26.15
CA LEU C 966 54.74 74.65 -27.48
C LEU C 966 54.76 75.94 -28.30
N THR C 967 53.71 76.76 -28.17
CA THR C 967 53.69 78.03 -28.89
C THR C 967 54.82 78.93 -28.42
N HIS C 968 55.07 78.95 -27.11
CA HIS C 968 56.16 79.74 -26.56
C HIS C 968 57.50 79.23 -27.07
N ASN C 969 57.67 77.91 -27.14
CA ASN C 969 58.92 77.34 -27.64
C ASN C 969 58.61 76.04 -28.36
N HIS C 970 59.12 75.90 -29.58
CA HIS C 970 58.82 74.74 -30.41
C HIS C 970 59.56 73.55 -29.82
N SER C 971 59.00 73.02 -28.72
CA SER C 971 59.64 71.94 -27.99
C SER C 971 59.66 70.64 -28.80
N LEU C 972 58.49 70.15 -29.15
CA LEU C 972 58.35 68.84 -29.77
C LEU C 972 57.78 68.98 -31.18
N ARG C 973 57.51 67.83 -31.81
CA ARG C 973 56.98 67.78 -33.16
C ARG C 973 55.58 67.19 -33.22
N LYS C 974 55.35 66.02 -32.66
CA LYS C 974 53.99 65.53 -32.54
C LYS C 974 53.77 64.95 -31.16
N LEU C 975 52.55 64.45 -30.95
CA LEU C 975 52.08 64.00 -29.66
C LEU C 975 50.91 63.07 -29.94
N ASN C 976 50.65 62.18 -28.99
CA ASN C 976 49.48 61.32 -29.06
C ASN C 976 48.67 61.46 -27.79
N LEU C 977 47.35 61.40 -27.94
CA LEU C 977 46.43 61.26 -26.82
C LEU C 977 45.57 60.04 -27.11
N GLY C 978 45.65 59.05 -26.23
CA GLY C 978 45.08 57.76 -26.56
C GLY C 978 43.71 57.56 -25.95
N ASN C 979 43.64 56.80 -24.87
CA ASN C 979 42.37 56.56 -24.19
C ASN C 979 41.99 57.70 -23.26
N ASN C 980 42.52 58.89 -23.51
CA ASN C 980 42.29 60.04 -22.65
C ASN C 980 40.87 60.55 -22.83
N ASP C 981 40.08 60.48 -21.76
CA ASP C 981 38.75 61.08 -21.75
C ASP C 981 38.90 62.58 -21.49
N LEU C 982 38.68 63.39 -22.52
CA LEU C 982 39.04 64.80 -22.47
C LEU C 982 37.87 65.76 -22.65
N GLY C 983 36.76 65.32 -23.24
CA GLY C 983 35.64 66.21 -23.46
C GLY C 983 35.77 67.05 -24.71
N ASP C 984 34.63 67.52 -25.18
CA ASP C 984 34.59 68.33 -26.40
C ASP C 984 35.44 69.57 -26.26
N LEU C 985 35.29 70.28 -25.12
CA LEU C 985 36.00 71.53 -24.92
C LEU C 985 37.51 71.35 -25.04
N CYS C 986 38.01 70.16 -24.70
CA CYS C 986 39.44 69.91 -24.82
C CYS C 986 39.89 70.09 -26.26
N VAL C 987 39.34 69.29 -27.17
CA VAL C 987 39.73 69.40 -28.57
C VAL C 987 39.34 70.75 -29.14
N VAL C 988 38.32 71.41 -28.58
CA VAL C 988 37.99 72.76 -29.04
C VAL C 988 39.13 73.72 -28.73
N THR C 989 39.64 73.69 -27.50
CA THR C 989 40.80 74.50 -27.17
C THR C 989 42.01 74.10 -27.99
N LEU C 990 42.16 72.80 -28.22
CA LEU C 990 43.26 72.31 -29.04
C LEU C 990 43.20 72.91 -30.44
N CYS C 991 42.04 72.82 -31.09
CA CYS C 991 41.93 73.32 -32.44
C CYS C 991 42.02 74.85 -32.52
N GLU C 992 41.54 75.57 -31.51
CA GLU C 992 41.75 77.02 -31.53
C GLU C 992 43.24 77.37 -31.43
N VAL C 993 43.93 76.79 -30.44
CA VAL C 993 45.33 77.18 -30.25
C VAL C 993 46.17 76.74 -31.43
N LEU C 994 45.88 75.59 -32.04
CA LEU C 994 46.62 75.24 -33.23
C LEU C 994 46.18 76.12 -34.40
N LYS C 995 44.94 76.59 -34.37
CA LYS C 995 44.42 77.40 -35.46
C LYS C 995 45.20 78.69 -35.57
N GLN C 996 45.53 79.30 -34.43
CA GLN C 996 46.30 80.54 -34.42
C GLN C 996 47.76 80.17 -34.21
N GLN C 997 48.51 80.11 -35.31
CA GLN C 997 49.95 79.84 -35.31
C GLN C 997 50.26 78.58 -34.49
N GLY C 998 49.78 77.46 -35.03
CA GLY C 998 49.79 76.18 -34.35
C GLY C 998 50.97 75.81 -33.46
N CYS C 999 50.64 75.29 -32.28
CA CYS C 999 51.66 74.99 -31.28
C CYS C 999 52.66 73.98 -31.81
N LEU C 1000 52.20 72.77 -32.10
CA LEU C 1000 53.02 71.76 -32.74
C LEU C 1000 53.24 72.13 -34.20
N LEU C 1001 54.20 71.45 -34.82
CA LEU C 1001 54.55 71.73 -36.20
C LEU C 1001 54.50 70.51 -37.11
N GLN C 1002 54.37 69.30 -36.58
CA GLN C 1002 54.38 68.11 -37.42
C GLN C 1002 53.06 67.36 -37.39
N SER C 1003 52.60 66.89 -36.23
CA SER C 1003 51.44 66.01 -36.23
C SER C 1003 50.82 65.97 -34.84
N LEU C 1004 49.71 65.23 -34.75
CA LEU C 1004 48.98 65.00 -33.50
C LEU C 1004 48.05 63.83 -33.75
N GLN C 1005 47.94 62.92 -32.79
CA GLN C 1005 47.16 61.70 -32.95
C GLN C 1005 46.14 61.59 -31.84
N LEU C 1006 44.88 61.42 -32.22
CA LEU C 1006 43.77 61.27 -31.29
C LEU C 1006 43.02 60.00 -31.66
N GLY C 1007 42.73 59.15 -30.67
CA GLY C 1007 41.98 57.94 -30.94
C GLY C 1007 40.93 57.68 -29.88
N GLU C 1008 39.91 56.92 -30.30
CA GLU C 1008 38.83 56.41 -29.45
C GLU C 1008 38.19 57.50 -28.57
N MET C 1009 37.53 58.44 -29.24
CA MET C 1009 36.56 59.31 -28.59
C MET C 1009 35.20 59.22 -29.29
N TYR C 1010 34.15 59.37 -28.49
CA TYR C 1010 32.77 59.46 -28.97
C TYR C 1010 32.25 60.89 -28.85
N LEU C 1011 33.12 61.87 -29.13
CA LEU C 1011 32.80 63.27 -28.90
C LEU C 1011 31.83 63.77 -29.97
N ASN C 1012 31.19 64.90 -29.67
CA ASN C 1012 30.23 65.47 -30.60
C ASN C 1012 30.93 65.96 -31.86
N ARG C 1013 30.15 66.17 -32.91
CA ARG C 1013 30.72 66.22 -34.25
C ARG C 1013 31.18 67.62 -34.68
N GLU C 1014 30.71 68.69 -34.03
CA GLU C 1014 31.25 69.99 -34.38
C GLU C 1014 32.74 70.08 -34.05
N THR C 1015 33.21 69.22 -33.16
CA THR C 1015 34.64 69.07 -32.99
C THR C 1015 35.26 68.53 -34.27
N LYS C 1016 34.61 67.53 -34.87
CA LYS C 1016 35.14 66.99 -36.12
C LYS C 1016 35.12 68.05 -37.20
N ARG C 1017 34.08 68.88 -37.27
CA ARG C 1017 34.05 69.90 -38.32
C ARG C 1017 35.20 70.87 -38.14
N ALA C 1018 35.45 71.31 -36.90
CA ALA C 1018 36.55 72.24 -36.68
C ALA C 1018 37.89 71.60 -37.05
N LEU C 1019 38.09 70.34 -36.64
CA LEU C 1019 39.38 69.71 -36.91
C LEU C 1019 39.56 69.45 -38.40
N GLU C 1020 38.50 69.04 -39.09
CA GLU C 1020 38.64 68.77 -40.52
C GLU C 1020 38.84 70.07 -41.27
N ALA C 1021 38.26 71.17 -40.77
CA ALA C 1021 38.49 72.47 -41.39
C ALA C 1021 39.96 72.85 -41.32
N LEU C 1022 40.51 72.90 -40.11
CA LEU C 1022 41.79 73.59 -39.89
C LEU C 1022 42.96 73.08 -40.72
N GLN C 1023 43.03 71.78 -41.04
CA GLN C 1023 44.24 71.29 -41.72
C GLN C 1023 44.34 71.79 -43.15
N GLU C 1024 43.21 71.97 -43.83
CA GLU C 1024 43.26 72.36 -45.23
C GLU C 1024 43.68 73.82 -45.39
N GLU C 1025 43.26 74.68 -44.47
CA GLU C 1025 43.77 76.05 -44.49
C GLU C 1025 45.21 76.11 -43.99
N LYS C 1026 45.51 75.39 -42.90
CA LYS C 1026 46.87 75.31 -42.37
C LYS C 1026 47.36 73.87 -42.36
N PRO C 1027 48.23 73.48 -43.29
CA PRO C 1027 48.82 72.14 -43.24
C PRO C 1027 49.99 72.00 -42.27
N GLU C 1028 50.23 73.00 -41.43
CA GLU C 1028 51.27 72.91 -40.40
C GLU C 1028 51.02 71.71 -39.49
N LEU C 1029 49.81 71.59 -38.98
CA LEU C 1029 49.35 70.35 -38.35
C LEU C 1029 49.00 69.39 -39.48
N THR C 1030 50.01 68.62 -39.89
CA THR C 1030 49.86 67.80 -41.09
C THR C 1030 48.72 66.80 -40.95
N ILE C 1031 48.48 66.28 -39.75
CA ILE C 1031 47.43 65.28 -39.58
C ILE C 1031 46.98 65.25 -38.13
N VAL C 1032 45.69 65.01 -37.95
CA VAL C 1032 45.12 64.52 -36.71
C VAL C 1032 44.52 63.16 -37.02
N PHE C 1033 44.88 62.16 -36.24
CA PHE C 1033 44.33 60.83 -36.48
C PHE C 1033 42.82 60.90 -36.26
N GLU C 1034 42.07 60.78 -37.34
CA GLU C 1034 40.61 60.72 -37.27
C GLU C 1034 40.17 59.51 -36.44
N ILE C 1035 39.15 59.73 -35.61
CA ILE C 1035 38.73 58.71 -34.66
C ILE C 1035 38.15 57.51 -35.39
N SER C 1036 37.04 57.72 -36.07
CA SER C 1036 36.39 56.66 -36.82
C SER C 1036 35.86 57.12 -38.17
N TRP C 1037 35.77 58.43 -38.41
CA TRP C 1037 35.10 58.93 -39.60
C TRP C 1037 36.01 59.89 -40.37
N ASP D 135 21.15 32.90 32.79
CA ASP D 135 20.51 33.62 33.89
C ASP D 135 21.50 34.50 34.64
N TYR D 136 22.45 33.88 35.33
CA TYR D 136 23.50 34.63 36.01
C TYR D 136 24.43 35.35 35.04
N CYS D 137 24.43 34.95 33.77
CA CYS D 137 25.41 35.50 32.84
C CYS D 137 25.22 37.01 32.70
N LYS D 138 23.96 37.44 32.54
CA LYS D 138 23.67 38.81 32.13
C LYS D 138 24.12 39.88 33.14
N MET D 139 23.83 39.70 34.43
CA MET D 139 24.16 40.78 35.36
C MET D 139 25.67 40.95 35.50
N TYR D 140 26.41 39.85 35.48
CA TYR D 140 27.86 40.01 35.55
C TYR D 140 28.47 40.39 34.22
N ARG D 141 27.85 40.05 33.08
CA ARG D 141 28.41 40.61 31.86
C ARG D 141 28.22 42.12 31.84
N ARG D 142 27.22 42.63 32.58
CA ARG D 142 27.16 44.09 32.66
C ARG D 142 28.13 44.61 33.71
N HIS D 143 28.39 43.81 34.75
CA HIS D 143 29.37 44.22 35.74
C HIS D 143 30.75 44.34 35.10
N VAL D 144 31.12 43.37 34.26
CA VAL D 144 32.41 43.43 33.60
C VAL D 144 32.42 44.54 32.55
N ARG D 145 31.28 44.83 31.91
CA ARG D 145 31.23 45.98 31.01
C ARG D 145 31.51 47.27 31.75
N SER D 146 30.88 47.44 32.92
CA SER D 146 31.14 48.64 33.71
C SER D 146 32.59 48.68 34.16
N ARG D 147 33.17 47.53 34.47
CA ARG D 147 34.55 47.50 34.94
C ARG D 147 35.50 47.93 33.84
N PHE D 148 35.35 47.38 32.64
CA PHE D 148 36.34 47.56 31.58
C PHE D 148 35.99 48.64 30.56
N TYR D 149 34.82 49.28 30.68
CA TYR D 149 34.54 50.43 29.82
C TYR D 149 35.26 51.67 30.33
N SER D 150 35.29 51.86 31.65
CA SER D 150 35.86 53.07 32.24
C SER D 150 37.38 53.05 32.25
N ILE D 151 38.01 51.89 32.10
CA ILE D 151 39.47 51.81 32.18
C ILE D 151 40.07 52.46 30.94
N LYS D 152 41.06 53.32 31.16
CA LYS D 152 41.69 54.05 30.08
C LYS D 152 43.22 54.07 30.24
N ASP D 163 37.35 54.19 29.17
CA ASP D 163 37.65 54.46 27.77
C ASP D 163 38.40 53.30 27.13
N LEU D 164 39.48 53.62 26.41
CA LEU D 164 40.33 52.63 25.74
C LEU D 164 39.57 51.87 24.67
N ASN D 165 38.33 52.26 24.40
CA ASN D 165 37.56 51.63 23.33
C ASN D 165 37.95 52.20 21.98
N SER D 166 37.84 53.52 21.82
CA SER D 166 38.35 54.22 20.65
C SER D 166 39.81 54.64 20.81
N ARG D 167 40.56 53.95 21.67
CA ARG D 167 41.95 54.30 21.97
C ARG D 167 42.84 53.08 21.82
N TYR D 168 42.44 52.15 20.95
CA TYR D 168 43.10 50.86 20.80
C TYR D 168 43.43 50.57 19.34
N THR D 169 44.63 50.05 19.10
CA THR D 169 45.02 49.53 17.80
C THR D 169 45.49 48.09 17.97
N GLN D 170 45.07 47.25 17.03
CA GLN D 170 45.30 45.81 17.16
C GLN D 170 46.78 45.48 17.20
N LEU D 171 47.16 44.63 18.14
CA LEU D 171 48.50 44.09 18.23
C LEU D 171 48.56 42.76 17.49
N GLN D 172 49.76 42.21 17.37
CA GLN D 172 49.96 41.05 16.51
C GLN D 172 50.03 39.77 17.33
N LEU D 173 49.25 38.77 16.93
CA LEU D 173 49.30 37.44 17.52
C LEU D 173 50.02 36.51 16.55
N VAL D 174 51.02 35.79 17.04
CA VAL D 174 51.86 34.97 16.18
C VAL D 174 52.07 33.60 16.82
N LYS D 175 51.82 32.54 16.05
CA LYS D 175 52.33 31.21 16.39
C LYS D 175 53.01 30.64 15.16
N GLU D 176 54.34 30.60 15.16
CA GLU D 176 55.05 30.06 14.01
C GLU D 176 55.13 28.54 14.07
N HIS D 177 55.81 28.04 15.10
CA HIS D 177 56.06 26.61 15.27
C HIS D 177 56.54 25.93 13.99
N PRO D 178 57.70 26.36 13.45
CA PRO D 178 58.21 25.82 12.18
C PRO D 178 59.09 24.59 12.37
N LEU D 203 47.55 36.80 14.50
CA LEU D 203 46.64 35.73 14.10
C LEU D 203 45.19 36.20 14.13
N LYS D 204 44.29 35.28 14.45
CA LYS D 204 42.86 35.55 14.51
C LYS D 204 42.34 35.10 15.86
N LEU D 205 42.01 36.06 16.73
CA LEU D 205 41.43 35.70 18.02
C LEU D 205 40.11 34.97 17.86
N GLU D 206 39.38 35.25 16.78
CA GLU D 206 38.19 34.47 16.46
C GLU D 206 38.57 33.01 16.22
N LEU D 207 37.81 32.11 16.83
CA LEU D 207 38.08 30.68 16.77
C LEU D 207 39.52 30.38 17.19
N LEU D 208 39.96 31.03 18.27
CA LEU D 208 41.32 30.82 18.75
C LEU D 208 41.53 29.39 19.24
N PHE D 209 40.46 28.70 19.64
CA PHE D 209 40.57 27.45 20.36
C PHE D 209 40.06 26.29 19.52
N GLU D 210 40.46 26.22 18.26
CA GLU D 210 40.17 25.03 17.49
C GLU D 210 40.82 23.82 18.16
N PRO D 211 40.05 22.78 18.52
CA PRO D 211 40.66 21.51 18.90
C PRO D 211 40.84 20.62 17.70
N GLU D 212 40.80 21.21 16.50
CA GLU D 212 40.83 20.46 15.26
C GLU D 212 42.05 19.53 15.21
N ASP D 213 41.90 18.44 14.49
CA ASP D 213 42.91 17.38 14.51
C ASP D 213 43.97 17.59 13.42
N GLY D 214 44.53 18.79 13.37
CA GLY D 214 45.72 19.02 12.57
C GLY D 214 46.97 18.77 13.38
N HIS D 215 47.13 19.55 14.46
CA HIS D 215 48.20 19.31 15.43
C HIS D 215 47.75 19.59 16.86
N SER D 216 46.47 19.83 17.10
CA SER D 216 45.99 20.31 18.39
C SER D 216 44.74 19.53 18.83
N GLU D 217 44.83 18.20 18.79
CA GLU D 217 43.66 17.37 19.08
C GLU D 217 43.17 17.54 20.51
N PRO D 218 43.96 17.22 21.55
CA PRO D 218 43.44 17.24 22.92
C PRO D 218 43.69 18.53 23.69
N VAL D 219 44.14 19.60 23.03
CA VAL D 219 44.60 20.78 23.75
C VAL D 219 43.42 21.51 24.38
N HIS D 220 43.69 22.19 25.50
CA HIS D 220 42.69 23.00 26.19
C HIS D 220 43.15 24.40 26.57
N THR D 221 44.37 24.80 26.24
CA THR D 221 44.93 26.03 26.81
C THR D 221 45.95 26.69 25.90
N VAL D 222 46.04 28.01 26.04
CA VAL D 222 47.01 28.85 25.34
C VAL D 222 47.68 29.81 26.33
N VAL D 223 48.94 30.12 26.04
CA VAL D 223 49.73 31.06 26.83
C VAL D 223 50.03 32.25 25.93
N PHE D 224 49.81 33.45 26.45
CA PHE D 224 50.14 34.68 25.73
C PHE D 224 51.57 35.06 26.08
N GLN D 225 52.35 35.38 25.06
CA GLN D 225 53.72 35.87 25.26
C GLN D 225 53.93 37.12 24.42
N GLY D 226 55.15 37.64 24.46
CA GLY D 226 55.49 38.79 23.65
C GLY D 226 56.71 39.49 24.21
N ALA D 227 56.90 40.73 23.76
CA ALA D 227 58.03 41.53 24.21
C ALA D 227 57.82 42.01 25.64
N ALA D 228 58.93 42.42 26.27
CA ALA D 228 58.90 42.79 27.68
C ALA D 228 58.00 44.01 27.91
N GLY D 229 56.91 43.82 28.64
CA GLY D 229 56.06 44.93 29.04
C GLY D 229 55.11 45.43 27.96
N ILE D 230 54.18 44.58 27.52
CA ILE D 230 53.15 44.99 26.58
C ILE D 230 51.93 45.61 27.26
N GLY D 231 51.88 45.60 28.59
CA GLY D 231 50.66 45.92 29.29
C GLY D 231 49.68 44.78 29.25
N LYS D 232 50.17 43.57 28.95
CA LYS D 232 49.44 42.38 28.57
C LYS D 232 48.07 42.23 29.23
N THR D 233 47.99 42.58 30.52
CA THR D 233 46.70 42.62 31.19
C THR D 233 45.72 43.48 30.41
N ILE D 234 46.21 44.52 29.72
CA ILE D 234 45.32 45.36 28.92
C ILE D 234 44.69 44.54 27.82
N LEU D 235 45.46 43.65 27.18
CA LEU D 235 44.92 42.83 26.11
C LEU D 235 43.95 41.81 26.67
N ALA D 236 44.25 41.27 27.85
CA ALA D 236 43.27 40.40 28.51
C ALA D 236 41.96 41.12 28.74
N ARG D 237 42.04 42.37 29.21
CA ARG D 237 40.85 43.17 29.43
C ARG D 237 40.11 43.45 28.12
N LYS D 238 40.85 43.70 27.05
CA LYS D 238 40.20 43.92 25.76
C LYS D 238 39.44 42.68 25.30
N ILE D 239 40.03 41.49 25.45
CA ILE D 239 39.31 40.29 25.07
C ILE D 239 38.07 40.11 25.94
N MET D 240 38.21 40.35 27.25
CA MET D 240 37.08 40.23 28.16
C MET D 240 35.93 41.16 27.75
N LEU D 241 36.25 42.44 27.54
CA LEU D 241 35.22 43.40 27.17
C LEU D 241 34.64 43.09 25.80
N ASP D 242 35.47 42.60 24.87
CA ASP D 242 34.97 42.27 23.54
C ASP D 242 33.93 41.18 23.62
N TRP D 243 34.18 40.14 24.43
CA TRP D 243 33.13 39.15 24.60
C TRP D 243 31.91 39.73 25.31
N ALA D 244 32.15 40.52 26.37
CA ALA D 244 31.04 41.08 27.14
C ALA D 244 30.11 41.90 26.27
N LEU D 245 30.66 42.68 25.35
CA LEU D 245 29.86 43.42 24.39
C LEU D 245 29.40 42.56 23.22
N GLY D 246 29.96 41.37 23.05
CA GLY D 246 29.61 40.57 21.90
C GLY D 246 30.50 40.89 20.71
N LYS D 247 30.00 41.75 19.82
CA LYS D 247 30.72 42.18 18.63
C LYS D 247 31.06 41.00 17.74
N LEU D 248 30.00 40.35 17.24
CA LEU D 248 30.09 39.18 16.36
C LEU D 248 30.76 37.99 17.03
N PHE D 249 30.78 37.97 18.37
CA PHE D 249 31.37 36.85 19.11
C PHE D 249 30.34 35.74 19.19
N LYS D 250 30.47 34.74 18.33
CA LYS D 250 29.71 33.51 18.53
C LYS D 250 30.09 32.91 19.87
N ASP D 251 29.12 32.85 20.78
CA ASP D 251 29.40 32.47 22.17
C ASP D 251 29.70 30.98 22.27
N LYS D 252 30.96 30.59 22.08
CA LYS D 252 31.39 29.24 22.42
C LYS D 252 31.37 28.97 23.92
N PHE D 253 31.20 30.01 24.73
CA PHE D 253 31.33 29.89 26.18
C PHE D 253 30.24 30.70 26.86
N ASP D 254 29.84 30.26 28.05
CA ASP D 254 28.84 30.96 28.84
C ASP D 254 29.46 31.94 29.83
N TYR D 255 30.72 31.75 30.20
CA TYR D 255 31.38 32.65 31.12
C TYR D 255 32.87 32.67 30.85
N LEU D 256 33.43 33.87 30.83
CA LEU D 256 34.88 34.08 30.84
C LEU D 256 35.15 34.91 32.08
N PHE D 257 35.89 34.35 33.02
CA PHE D 257 36.14 35.03 34.28
C PHE D 257 37.53 35.66 34.28
N PHE D 258 37.57 36.95 34.56
CA PHE D 258 38.84 37.68 34.67
C PHE D 258 39.36 37.51 36.08
N ILE D 259 40.48 36.82 36.21
CA ILE D 259 41.15 36.64 37.50
C ILE D 259 42.29 37.64 37.54
N HIS D 260 42.26 38.51 38.56
CA HIS D 260 43.33 39.48 38.75
C HIS D 260 44.24 38.92 39.83
N CYS D 261 45.11 38.01 39.41
CA CYS D 261 45.98 37.28 40.32
C CYS D 261 46.88 38.21 41.12
N ARG D 262 47.08 39.43 40.62
CA ARG D 262 47.80 40.44 41.38
C ARG D 262 47.14 40.66 42.74
N GLU D 263 45.84 40.39 42.84
CA GLU D 263 45.16 40.32 44.13
C GLU D 263 45.06 38.91 44.70
N VAL D 264 44.92 37.88 43.87
CA VAL D 264 44.68 36.53 44.35
C VAL D 264 45.98 35.99 44.94
N SER D 265 47.04 36.79 44.84
CA SER D 265 48.40 36.42 45.25
C SER D 265 48.50 35.97 46.70
N LEU D 266 47.44 36.14 47.50
CA LEU D 266 47.49 35.82 48.91
C LEU D 266 47.64 34.32 49.17
N ARG D 267 48.15 34.01 50.36
CA ARG D 267 48.38 32.66 50.84
C ARG D 267 47.12 32.01 51.40
N THR D 268 46.02 32.76 51.48
CA THR D 268 44.80 32.27 52.10
C THR D 268 44.21 31.11 51.29
N PRO D 269 43.80 30.01 51.93
CA PRO D 269 43.17 28.92 51.18
C PRO D 269 41.77 29.31 50.78
N ARG D 270 41.53 29.56 49.49
CA ARG D 270 40.23 30.02 49.03
C ARG D 270 39.62 29.04 48.04
N SER D 271 38.30 28.88 48.14
CA SER D 271 37.54 28.01 47.25
C SER D 271 37.33 28.71 45.91
N LEU D 272 36.43 28.16 45.10
CA LEU D 272 36.02 28.83 43.88
C LEU D 272 35.61 30.26 44.19
N ALA D 273 36.28 31.22 43.56
CA ALA D 273 36.16 32.63 43.90
C ALA D 273 35.68 33.36 42.67
N ASP D 274 34.37 33.36 42.47
CA ASP D 274 33.74 34.12 41.40
C ASP D 274 33.22 35.47 41.85
N LEU D 275 33.12 35.71 43.15
CA LEU D 275 32.85 37.04 43.65
C LEU D 275 34.15 37.83 43.75
N ILE D 276 34.07 39.12 43.43
CA ILE D 276 35.21 40.04 43.52
C ILE D 276 34.90 41.23 44.42
N VAL D 277 33.76 41.88 44.19
CA VAL D 277 33.36 43.05 44.97
C VAL D 277 32.63 42.66 46.25
N SER D 278 32.53 41.37 46.54
CA SER D 278 31.80 40.85 47.70
C SER D 278 30.33 41.27 47.65
N CYS D 279 29.72 41.08 46.49
CA CYS D 279 28.30 41.32 46.30
C CYS D 279 27.52 40.14 46.87
N TRP D 280 26.22 40.06 46.57
CA TRP D 280 25.46 38.90 47.00
C TRP D 280 26.00 37.65 46.33
N PRO D 281 26.06 36.52 47.04
CA PRO D 281 26.81 35.36 46.53
C PRO D 281 26.28 34.89 45.17
N ASP D 282 27.21 34.52 44.29
CA ASP D 282 26.81 33.97 43.02
C ASP D 282 26.15 32.61 43.22
N PRO D 283 25.32 32.16 42.26
CA PRO D 283 24.66 30.87 42.39
C PRO D 283 25.65 29.71 42.29
N ASN D 284 26.60 29.63 43.22
CA ASN D 284 27.74 28.74 43.05
C ASN D 284 27.37 27.27 42.85
N PRO D 285 26.46 26.67 43.62
CA PRO D 285 26.09 25.27 43.38
C PRO D 285 25.42 25.04 42.03
N PRO D 286 24.40 25.82 41.64
CA PRO D 286 23.91 25.67 40.25
C PRO D 286 24.93 25.98 39.16
N VAL D 287 25.88 26.88 39.42
CA VAL D 287 27.01 27.05 38.52
C VAL D 287 27.81 25.76 38.40
N CYS D 288 28.03 25.07 39.52
CA CYS D 288 28.66 23.76 39.46
C CYS D 288 27.79 22.74 38.73
N LYS D 289 26.47 22.89 38.80
CA LYS D 289 25.56 21.99 38.11
C LYS D 289 25.45 22.27 36.62
N ILE D 290 25.75 23.48 36.18
CA ILE D 290 25.75 23.81 34.75
C ILE D 290 27.14 23.56 34.19
N LEU D 291 27.96 22.83 34.95
CA LEU D 291 29.27 22.41 34.48
C LEU D 291 29.21 21.11 33.68
N ARG D 292 28.62 20.06 34.26
CA ARG D 292 28.85 18.70 33.78
C ARG D 292 28.54 18.58 32.27
N LYS D 293 27.36 19.00 31.85
CA LYS D 293 27.08 18.89 30.42
C LYS D 293 27.80 19.97 29.64
N PRO D 294 27.56 21.27 29.90
CA PRO D 294 28.25 22.31 29.11
C PRO D 294 29.59 22.73 29.70
N SER D 295 30.67 22.58 28.94
CA SER D 295 31.97 23.11 29.34
C SER D 295 32.14 24.54 28.86
N ARG D 296 31.12 25.36 29.12
CA ARG D 296 31.06 26.73 28.66
C ARG D 296 31.47 27.72 29.73
N ILE D 297 32.18 27.25 30.75
CA ILE D 297 32.85 28.09 31.73
C ILE D 297 34.31 28.23 31.33
N LEU D 298 34.84 29.44 31.43
CA LEU D 298 36.26 29.68 31.19
C LEU D 298 36.74 30.76 32.14
N PHE D 299 38.01 30.64 32.53
CA PHE D 299 38.64 31.50 33.51
C PHE D 299 39.82 32.18 32.81
N LEU D 300 39.67 33.44 32.44
CA LEU D 300 40.80 34.23 31.97
C LEU D 300 41.56 34.71 33.19
N MET D 301 42.52 33.90 33.64
CA MET D 301 43.42 34.29 34.69
C MET D 301 44.64 35.01 34.12
N ASP D 302 45.05 36.07 34.81
CA ASP D 302 46.09 36.97 34.35
C ASP D 302 47.00 37.32 35.51
N GLY D 303 48.16 37.87 35.17
CA GLY D 303 49.19 38.19 36.15
C GLY D 303 49.79 37.01 36.86
N PHE D 304 50.10 35.94 36.11
CA PHE D 304 50.65 34.74 36.74
C PHE D 304 52.00 35.06 37.38
N ASP D 305 52.67 36.08 36.87
CA ASP D 305 53.97 36.50 37.36
C ASP D 305 53.90 36.89 38.82
N GLU D 306 52.71 37.26 39.29
CA GLU D 306 52.51 37.78 40.64
C GLU D 306 51.94 36.73 41.58
N LEU D 307 51.99 35.45 41.23
CA LEU D 307 51.73 34.43 42.25
C LEU D 307 52.88 34.37 43.24
N GLN D 308 52.70 35.02 44.39
CA GLN D 308 53.77 35.24 45.34
C GLN D 308 53.75 34.08 46.34
N GLY D 309 54.47 34.23 47.47
CA GLY D 309 54.62 33.12 48.38
C GLY D 309 56.04 32.79 48.77
N ALA D 310 56.53 31.63 48.33
CA ALA D 310 57.93 31.25 48.51
C ALA D 310 58.54 30.68 47.24
N PHE D 311 58.11 31.17 46.08
CA PHE D 311 58.47 30.63 44.76
C PHE D 311 58.25 29.13 44.68
N ASP D 312 57.12 28.69 45.22
CA ASP D 312 56.78 27.27 45.31
C ASP D 312 55.59 27.01 44.38
N GLU D 313 55.88 26.74 43.12
CA GLU D 313 54.83 26.39 42.16
C GLU D 313 55.14 25.06 41.49
N HIS D 314 55.65 24.10 42.25
CA HIS D 314 55.99 22.78 41.73
C HIS D 314 54.72 21.94 41.67
N ILE D 315 54.88 20.63 41.46
CA ILE D 315 53.73 19.74 41.33
C ILE D 315 52.96 19.73 42.65
N GLY D 316 51.64 19.85 42.56
CA GLY D 316 50.82 19.95 43.76
C GLY D 316 50.85 18.66 44.57
N GLU D 317 51.07 18.79 45.87
CA GLU D 317 51.09 17.63 46.76
C GLU D 317 49.72 16.99 46.89
N VAL D 318 48.67 17.81 47.03
CA VAL D 318 47.32 17.31 47.29
C VAL D 318 46.35 17.95 46.30
N CYS D 319 45.47 17.12 45.73
CA CYS D 319 44.44 17.58 44.80
C CYS D 319 43.26 18.19 45.55
N THR D 320 42.24 18.59 44.79
CA THR D 320 41.05 19.22 45.33
C THR D 320 39.81 18.52 44.78
N ASP D 321 38.66 18.83 45.38
CA ASP D 321 37.40 18.26 44.97
C ASP D 321 36.90 18.91 43.68
N TRP D 322 36.10 18.14 42.92
CA TRP D 322 35.57 18.65 41.66
C TRP D 322 34.54 19.75 41.88
N GLN D 323 33.80 19.68 42.99
CA GLN D 323 32.82 20.72 43.30
C GLN D 323 33.48 22.07 43.52
N LYS D 324 34.76 22.08 43.91
CA LYS D 324 35.54 23.29 44.12
C LYS D 324 34.97 24.16 45.23
N ALA D 325 33.93 23.67 45.91
CA ALA D 325 33.36 24.38 47.05
C ALA D 325 34.26 24.34 48.27
N VAL D 326 35.29 23.48 48.26
CA VAL D 326 36.23 23.41 49.37
C VAL D 326 37.19 24.59 49.29
N ARG D 327 37.37 25.28 50.43
CA ARG D 327 38.23 26.45 50.49
C ARG D 327 39.70 26.03 50.62
N GLY D 328 40.17 25.19 49.71
CA GLY D 328 41.54 24.76 49.75
C GLY D 328 42.49 25.85 49.28
N ASP D 329 43.78 25.60 49.52
CA ASP D 329 44.81 26.52 49.06
C ASP D 329 44.82 26.57 47.55
N ILE D 330 44.93 27.79 47.00
CA ILE D 330 45.06 27.93 45.55
C ILE D 330 46.28 27.19 45.04
N LEU D 331 47.32 27.07 45.87
CA LEU D 331 48.43 26.19 45.53
C LEU D 331 47.99 24.74 45.46
N LEU D 332 47.13 24.32 46.39
CA LEU D 332 46.71 22.93 46.47
C LEU D 332 45.34 22.66 45.88
N SER D 333 44.57 23.69 45.53
CA SER D 333 43.27 23.51 44.91
C SER D 333 43.23 24.05 43.48
N SER D 334 43.61 25.31 43.29
CA SER D 334 43.53 25.91 41.96
C SER D 334 44.57 25.31 41.03
N LEU D 335 45.82 25.20 41.49
CA LEU D 335 46.88 24.71 40.62
C LEU D 335 46.58 23.30 40.13
N ILE D 336 46.13 22.43 41.03
CA ILE D 336 45.77 21.07 40.62
C ILE D 336 44.53 21.10 39.75
N ARG D 337 43.60 22.03 39.98
CA ARG D 337 42.48 22.17 39.06
C ARG D 337 42.97 22.46 37.64
N LYS D 338 43.97 23.33 37.51
CA LYS D 338 44.64 23.49 36.21
C LYS D 338 45.31 22.20 35.76
N LYS D 339 45.93 21.47 36.69
CA LYS D 339 46.77 20.33 36.34
C LYS D 339 45.94 19.18 35.78
N LEU D 340 45.03 18.65 36.59
CA LEU D 340 44.24 17.49 36.24
C LEU D 340 42.76 17.81 36.44
N LEU D 341 41.93 17.16 35.63
CA LEU D 341 40.49 17.40 35.60
C LEU D 341 40.17 18.90 35.53
N PRO D 342 40.71 19.62 34.55
CA PRO D 342 40.36 21.05 34.44
C PRO D 342 38.96 21.26 33.91
N LYS D 343 38.56 20.50 32.89
CA LYS D 343 37.23 20.49 32.30
C LYS D 343 36.88 21.80 31.59
N ALA D 344 37.75 22.81 31.66
CA ALA D 344 37.47 24.09 31.04
C ALA D 344 38.72 24.58 30.31
N SER D 345 38.51 25.51 29.39
CA SER D 345 39.63 26.03 28.60
C SER D 345 40.52 26.87 29.50
N LEU D 346 41.61 27.37 28.95
CA LEU D 346 42.55 28.09 29.80
C LEU D 346 43.42 29.01 28.96
N LEU D 347 43.63 30.23 29.43
CA LEU D 347 44.48 31.22 28.77
C LEU D 347 45.26 31.95 29.85
N ILE D 348 46.59 31.82 29.84
CA ILE D 348 47.40 32.47 30.85
C ILE D 348 48.41 33.43 30.24
N THR D 349 48.66 34.52 30.96
CA THR D 349 49.47 35.64 30.48
C THR D 349 50.61 35.85 31.45
N THR D 350 51.84 35.91 30.94
CA THR D 350 53.04 36.04 31.75
C THR D 350 54.23 36.22 30.80
N ARG D 351 55.40 36.62 31.36
CA ARG D 351 56.53 36.73 30.46
C ARG D 351 57.42 35.49 30.50
N PRO D 352 58.21 35.24 29.43
CA PRO D 352 59.01 34.00 29.35
C PRO D 352 60.22 33.90 30.27
N VAL D 353 60.35 34.80 31.24
CA VAL D 353 61.43 34.79 32.22
C VAL D 353 61.70 33.45 32.92
N ALA D 354 60.74 33.00 33.73
CA ALA D 354 60.94 31.85 34.61
C ALA D 354 59.63 31.08 34.78
N LEU D 355 58.99 30.73 33.65
CA LEU D 355 57.73 30.03 33.71
C LEU D 355 57.82 28.52 33.71
N GLU D 356 58.92 27.93 33.26
CA GLU D 356 58.97 26.49 33.01
C GLU D 356 58.42 25.63 34.16
N LYS D 357 58.37 26.16 35.40
CA LYS D 357 57.67 25.53 36.51
C LYS D 357 56.30 24.98 36.13
N LEU D 358 55.56 25.74 35.32
CA LEU D 358 54.21 25.43 34.88
C LEU D 358 54.20 24.66 33.58
N GLN D 359 55.33 24.59 32.89
CA GLN D 359 55.42 23.93 31.59
C GLN D 359 56.07 22.56 31.67
N HIS D 360 57.09 22.38 32.52
CA HIS D 360 57.45 21.02 32.90
C HIS D 360 56.29 20.37 33.67
N LEU D 361 55.48 21.19 34.33
CA LEU D 361 54.13 20.82 34.68
C LEU D 361 53.34 20.53 33.41
N LEU D 362 52.86 19.30 33.26
CA LEU D 362 52.22 18.91 32.02
C LEU D 362 50.90 19.66 31.83
N ASP D 363 50.77 20.28 30.66
CA ASP D 363 49.56 21.00 30.27
C ASP D 363 49.09 20.71 28.86
N HIS D 364 49.96 20.22 27.98
CA HIS D 364 49.68 20.15 26.55
C HIS D 364 49.13 21.49 26.05
N PRO D 365 49.85 22.60 26.27
CA PRO D 365 49.35 23.91 25.85
C PRO D 365 49.81 24.32 24.46
N ARG D 366 49.35 25.48 24.01
CA ARG D 366 50.04 26.22 22.96
C ARG D 366 50.57 27.52 23.56
N HIS D 367 51.29 28.28 22.73
CA HIS D 367 51.79 29.59 23.10
C HIS D 367 51.59 30.52 21.91
N VAL D 368 51.29 31.78 22.18
CA VAL D 368 51.19 32.79 21.13
C VAL D 368 51.91 34.05 21.59
N GLU D 369 52.65 34.65 20.66
CA GLU D 369 53.39 35.86 20.95
C GLU D 369 52.56 37.08 20.56
N ILE D 370 52.68 38.14 21.37
CA ILE D 370 52.03 39.42 21.11
C ILE D 370 53.10 40.42 20.69
N LEU D 371 52.81 41.18 19.65
CA LEU D 371 53.75 42.12 19.08
C LEU D 371 53.11 43.50 19.06
N GLY D 372 53.89 44.50 19.46
CA GLY D 372 53.38 45.84 19.64
C GLY D 372 53.22 46.66 18.38
N PHE D 373 53.58 47.94 18.46
CA PHE D 373 53.21 48.91 17.44
C PHE D 373 54.14 48.81 16.24
N SER D 374 53.60 48.39 15.11
CA SER D 374 54.26 48.63 13.84
C SER D 374 54.08 50.10 13.46
N GLU D 375 54.77 50.51 12.41
CA GLU D 375 54.80 51.93 12.06
C GLU D 375 53.40 52.46 11.76
N ALA D 376 52.67 51.78 10.86
CA ALA D 376 51.41 52.32 10.37
C ALA D 376 50.34 52.38 11.47
N LYS D 377 50.14 51.28 12.20
CA LYS D 377 49.11 51.35 13.21
C LYS D 377 49.59 51.98 14.50
N ARG D 378 50.90 52.17 14.67
CA ARG D 378 51.39 53.10 15.68
C ARG D 378 50.99 54.53 15.34
N LYS D 379 51.09 54.90 14.06
CA LYS D 379 50.58 56.20 13.64
C LYS D 379 49.08 56.29 13.87
N GLU D 380 48.36 55.19 13.62
CA GLU D 380 46.93 55.16 13.91
C GLU D 380 46.65 55.37 15.39
N TYR D 381 47.43 54.72 16.25
CA TYR D 381 47.29 54.92 17.70
C TYR D 381 47.59 56.35 18.09
N PHE D 382 48.60 56.95 17.46
CA PHE D 382 48.92 58.35 17.75
C PHE D 382 47.77 59.26 17.35
N PHE D 383 47.15 58.99 16.20
CA PHE D 383 45.99 59.76 15.77
C PHE D 383 44.82 59.57 16.72
N LYS D 384 44.60 58.35 17.19
CA LYS D 384 43.45 58.09 18.05
C LYS D 384 43.65 58.67 19.45
N TYR D 385 44.88 58.65 19.94
CA TYR D 385 45.15 59.20 21.27
C TYR D 385 45.14 60.73 21.24
N PHE D 386 46.01 61.31 20.42
CA PHE D 386 46.00 62.76 20.28
C PHE D 386 44.70 63.21 19.64
N SER D 387 44.41 64.50 19.78
CA SER D 387 43.36 65.08 18.96
C SER D 387 43.81 65.09 17.51
N ASN D 388 42.84 65.08 16.60
CA ASN D 388 43.16 64.86 15.20
C ASN D 388 43.97 66.00 14.58
N GLU D 389 44.10 67.12 15.27
CA GLU D 389 44.82 68.26 14.73
C GLU D 389 45.84 68.90 15.67
N LEU D 390 45.70 68.76 17.00
CA LEU D 390 46.58 69.50 17.90
C LEU D 390 48.01 68.96 17.86
N GLN D 391 48.17 67.64 18.01
CA GLN D 391 49.51 67.06 18.02
C GLN D 391 49.57 65.74 17.25
N ALA D 392 48.63 65.49 16.34
CA ALA D 392 48.57 64.18 15.70
C ALA D 392 49.74 63.94 14.75
N ARG D 393 50.22 64.97 14.07
CA ARG D 393 51.25 64.79 13.05
C ARG D 393 52.63 65.31 13.42
N GLU D 394 52.74 66.56 13.85
CA GLU D 394 54.08 67.17 14.00
C GLU D 394 54.92 66.45 15.05
N ALA D 395 54.32 66.11 16.20
CA ALA D 395 55.03 65.31 17.19
C ALA D 395 55.40 63.93 16.65
N PHE D 396 54.45 63.29 15.96
CA PHE D 396 54.74 61.99 15.35
C PHE D 396 55.96 62.08 14.45
N ARG D 397 55.99 63.04 13.55
CA ARG D 397 57.08 63.11 12.57
C ARG D 397 58.38 63.57 13.21
N LEU D 398 58.32 64.44 14.23
CA LEU D 398 59.58 64.84 14.87
C LEU D 398 60.19 63.69 15.65
N ILE D 399 59.36 62.79 16.22
CA ILE D 399 59.98 61.62 16.84
C ILE D 399 60.27 60.54 15.82
N GLN D 400 59.68 60.63 14.61
CA GLN D 400 60.14 59.79 13.51
C GLN D 400 61.56 60.15 13.12
N GLU D 401 61.87 61.45 13.09
CA GLU D 401 63.19 61.88 12.66
C GLU D 401 64.28 61.46 13.63
N ASN D 402 63.90 60.99 14.83
CA ASN D 402 64.86 60.45 15.77
C ASN D 402 65.34 59.09 15.28
N GLU D 403 66.65 58.87 15.30
CA GLU D 403 67.20 57.56 14.93
C GLU D 403 66.80 56.48 15.92
N VAL D 404 66.27 56.87 17.07
CA VAL D 404 65.82 55.97 18.11
C VAL D 404 64.39 56.37 18.46
N LEU D 405 63.78 55.69 19.44
CA LEU D 405 62.39 55.91 19.84
C LEU D 405 61.44 55.40 18.76
N PHE D 406 62.00 55.01 17.63
CA PHE D 406 61.33 54.17 16.66
C PHE D 406 61.72 52.72 16.82
N THR D 407 62.92 52.45 17.35
CA THR D 407 63.22 51.13 17.90
C THR D 407 62.27 50.78 19.05
N MET D 408 62.01 51.72 19.96
CA MET D 408 61.10 51.43 21.06
C MET D 408 59.66 51.73 20.72
N CYS D 409 59.38 52.47 19.64
CA CYS D 409 57.97 52.69 19.32
C CYS D 409 57.25 51.38 19.08
N PHE D 410 57.97 50.32 18.72
CA PHE D 410 57.36 48.99 18.65
C PHE D 410 56.74 48.58 19.98
N ILE D 411 57.44 48.79 21.10
CA ILE D 411 56.90 48.42 22.40
C ILE D 411 55.74 49.31 22.85
N PRO D 412 54.59 48.68 23.14
CA PRO D 412 53.40 49.44 23.54
C PRO D 412 53.57 50.26 24.81
N LEU D 413 54.32 49.80 25.81
CA LEU D 413 54.45 50.64 27.00
C LEU D 413 55.17 51.94 26.67
N VAL D 414 56.14 51.90 25.76
CA VAL D 414 56.81 53.12 25.33
C VAL D 414 55.83 54.03 24.59
N CYS D 415 55.00 53.46 23.71
CA CYS D 415 54.03 54.33 23.04
C CYS D 415 53.03 54.94 24.02
N TRP D 416 52.54 54.15 24.98
CA TRP D 416 51.60 54.70 25.96
C TRP D 416 52.25 55.75 26.85
N ILE D 417 53.55 55.62 27.09
CA ILE D 417 54.20 56.53 28.00
C ILE D 417 54.66 57.77 27.28
N VAL D 418 54.86 57.71 25.97
CA VAL D 418 55.20 58.93 25.25
C VAL D 418 53.92 59.69 24.90
N CYS D 419 52.83 58.97 24.66
CA CYS D 419 51.56 59.64 24.39
C CYS D 419 51.09 60.37 25.64
N THR D 420 51.11 59.70 26.80
CA THR D 420 50.72 60.42 28.01
C THR D 420 51.79 61.42 28.45
N GLY D 421 53.06 61.14 28.17
CA GLY D 421 54.18 61.98 28.56
C GLY D 421 54.42 63.21 27.75
N LEU D 422 53.69 63.42 26.65
CA LEU D 422 53.92 64.61 25.85
C LEU D 422 52.77 65.62 25.86
N LYS D 423 51.61 65.27 26.42
CA LYS D 423 50.53 66.25 26.56
C LYS D 423 50.84 67.34 27.58
N GLN D 424 51.84 67.15 28.44
CA GLN D 424 52.26 68.23 29.33
C GLN D 424 53.27 69.19 28.69
N GLN D 425 53.67 69.00 27.43
CA GLN D 425 54.82 69.72 26.90
C GLN D 425 54.45 70.84 25.94
N MET D 426 53.20 70.93 25.50
CA MET D 426 52.82 72.10 24.69
C MET D 426 52.75 73.35 25.55
N GLU D 427 52.42 73.21 26.84
CA GLU D 427 52.52 74.34 27.76
C GLU D 427 53.94 74.85 27.88
N THR D 428 54.93 73.96 27.75
CA THR D 428 56.33 74.37 27.69
C THR D 428 56.75 74.69 26.26
N GLY D 429 56.61 73.72 25.35
CA GLY D 429 56.86 73.95 23.94
C GLY D 429 58.25 73.53 23.50
N LYS D 430 58.31 72.71 22.44
CA LYS D 430 59.56 72.33 21.80
C LYS D 430 60.51 71.66 22.79
N SER D 431 59.99 70.66 23.50
CA SER D 431 60.80 69.87 24.44
C SER D 431 60.42 68.41 24.33
N LEU D 432 60.27 67.91 23.09
CA LEU D 432 59.69 66.59 22.86
C LEU D 432 60.77 65.52 22.68
N ALA D 433 61.63 65.69 21.69
CA ALA D 433 62.59 64.67 21.29
C ALA D 433 63.89 64.72 22.10
N GLN D 434 64.03 65.66 23.02
CA GLN D 434 65.27 65.79 23.77
C GLN D 434 65.43 64.64 24.77
N THR D 435 66.70 64.38 25.11
CA THR D 435 67.12 63.38 26.10
C THR D 435 66.25 62.12 26.06
N SER D 436 66.09 61.58 24.86
CA SER D 436 65.31 60.38 24.60
C SER D 436 66.23 59.38 23.91
N LYS D 437 66.84 58.48 24.68
CA LYS D 437 67.74 57.47 24.14
C LYS D 437 67.22 56.06 24.36
N THR D 438 66.98 55.65 25.61
CA THR D 438 66.72 54.27 25.97
C THR D 438 65.49 54.21 26.86
N THR D 439 65.08 52.99 27.22
CA THR D 439 63.89 52.84 28.07
C THR D 439 64.09 53.51 29.43
N THR D 440 65.26 53.31 30.03
CA THR D 440 65.58 54.02 31.28
C THR D 440 65.58 55.53 31.06
N ALA D 441 66.13 55.98 29.93
CA ALA D 441 66.19 57.42 29.66
C ALA D 441 64.79 58.02 29.56
N VAL D 442 63.90 57.35 28.82
CA VAL D 442 62.56 57.90 28.64
C VAL D 442 61.78 57.82 29.96
N TYR D 443 61.99 56.75 30.73
CA TYR D 443 61.32 56.67 32.03
C TYR D 443 61.77 57.80 32.97
N VAL D 444 63.09 58.08 32.99
CA VAL D 444 63.60 59.16 33.82
C VAL D 444 63.06 60.51 33.35
N PHE D 445 63.02 60.72 32.03
CA PHE D 445 62.49 61.97 31.50
C PHE D 445 61.02 62.16 31.85
N PHE D 446 60.23 61.09 31.72
CA PHE D 446 58.82 61.16 32.04
C PHE D 446 58.60 61.44 33.53
N LEU D 447 59.36 60.76 34.40
CA LEU D 447 59.24 61.00 35.83
C LEU D 447 59.62 62.44 36.18
N SER D 448 60.70 62.95 35.56
CA SER D 448 61.11 64.33 35.82
C SER D 448 60.06 65.32 35.33
N SER D 449 59.45 65.03 34.18
CA SER D 449 58.38 65.88 33.66
C SER D 449 57.18 65.89 34.61
N LEU D 450 56.79 64.73 35.14
CA LEU D 450 55.71 64.69 36.11
C LEU D 450 56.09 65.44 37.38
N LEU D 451 57.32 65.25 37.86
CA LEU D 451 57.79 65.82 39.11
C LEU D 451 58.61 67.09 38.90
N GLN D 452 58.23 67.89 37.90
CA GLN D 452 58.98 69.11 37.60
C GLN D 452 58.61 70.25 38.54
N SER D 453 57.31 70.49 38.72
CA SER D 453 56.83 71.60 39.53
C SER D 453 56.71 71.25 41.00
N ARG D 454 57.27 70.12 41.44
CA ARG D 454 57.23 69.70 42.83
C ARG D 454 58.47 70.12 43.61
N GLY D 455 59.45 70.73 42.95
CA GLY D 455 60.67 71.15 43.62
C GLY D 455 61.78 71.51 42.66
N LEU D 461 60.84 69.48 50.66
CA LEU D 461 59.43 69.18 50.49
C LEU D 461 59.22 67.81 49.83
N PHE D 462 59.14 67.82 48.50
CA PHE D 462 58.96 66.57 47.78
C PHE D 462 60.22 65.72 47.75
N SER D 463 61.37 66.31 48.07
CA SER D 463 62.61 65.52 48.10
C SER D 463 62.52 64.39 49.12
N ASP D 464 61.84 64.63 50.24
CA ASP D 464 61.60 63.57 51.21
C ASP D 464 60.42 62.69 50.83
N TYR D 465 59.41 63.25 50.16
CA TYR D 465 58.25 62.45 49.76
C TYR D 465 58.63 61.38 48.76
N LEU D 466 59.45 61.73 47.77
CA LEU D 466 59.89 60.75 46.78
C LEU D 466 60.72 59.66 47.44
N GLN D 467 61.59 60.04 48.37
CA GLN D 467 62.40 59.04 49.07
C GLN D 467 61.52 58.13 49.93
N GLY D 468 60.51 58.68 50.59
CA GLY D 468 59.64 57.86 51.40
C GLY D 468 58.82 56.87 50.58
N LEU D 469 58.27 57.32 49.45
CA LEU D 469 57.56 56.38 48.57
C LEU D 469 58.51 55.36 47.98
N CYS D 470 59.73 55.80 47.61
CA CYS D 470 60.72 54.92 47.03
C CYS D 470 61.13 53.82 48.00
N SER D 471 61.44 54.18 49.24
CA SER D 471 61.99 53.22 50.19
C SER D 471 60.97 52.22 50.68
N LEU D 472 59.81 52.25 50.03
CA LEU D 472 58.70 51.36 50.36
C LEU D 472 58.13 50.67 49.14
N ALA D 473 58.31 51.23 47.95
CA ALA D 473 57.69 50.66 46.77
C ALA D 473 58.35 49.33 46.43
N ALA D 474 59.69 49.30 46.48
CA ALA D 474 60.45 48.14 46.06
C ALA D 474 60.16 46.93 46.93
N ASP D 475 59.88 47.17 48.22
CA ASP D 475 59.51 46.07 49.12
C ASP D 475 58.27 45.32 48.67
N GLY D 476 57.45 45.93 47.80
CA GLY D 476 56.34 45.20 47.21
C GLY D 476 56.77 43.92 46.52
N ILE D 477 57.93 43.95 45.89
CA ILE D 477 58.48 42.73 45.29
C ILE D 477 59.64 42.17 46.07
N TRP D 478 60.33 42.98 46.88
CA TRP D 478 61.41 42.47 47.71
C TRP D 478 60.87 41.56 48.81
N ASN D 479 60.04 42.11 49.71
CA ASN D 479 59.35 41.25 50.65
C ASN D 479 58.25 40.44 49.98
N GLN D 480 58.00 40.70 48.70
CA GLN D 480 57.03 39.97 47.88
C GLN D 480 55.63 40.14 48.46
N LYS D 481 55.28 41.38 48.77
CA LYS D 481 53.91 41.78 49.04
C LYS D 481 53.62 42.90 48.05
N ILE D 482 53.34 42.50 46.80
CA ILE D 482 53.10 43.48 45.73
C ILE D 482 51.91 44.34 46.06
N LEU D 483 50.96 43.82 46.83
CA LEU D 483 49.80 44.57 47.24
C LEU D 483 50.10 45.35 48.52
N PHE D 484 49.82 46.65 48.49
CA PHE D 484 50.15 47.57 49.58
C PHE D 484 49.09 47.64 50.67
N GLU D 485 47.99 46.91 50.54
CA GLU D 485 46.86 46.97 51.48
C GLU D 485 46.36 48.40 51.63
N GLU D 486 45.78 48.87 50.51
CA GLU D 486 45.28 50.26 50.37
C GLU D 486 46.34 51.26 50.81
N CYS D 487 47.60 50.86 50.72
CA CYS D 487 48.76 51.68 51.06
C CYS D 487 48.77 52.02 52.54
N ASP D 488 48.56 50.99 53.38
CA ASP D 488 48.74 51.16 54.82
C ASP D 488 50.20 51.14 55.22
N LEU D 489 51.04 50.38 54.51
CA LEU D 489 52.47 50.54 54.67
C LEU D 489 52.89 51.94 54.30
N ARG D 490 52.31 52.51 53.25
CA ARG D 490 52.53 53.92 52.93
C ARG D 490 52.00 54.83 54.03
N LYS D 491 50.86 54.48 54.61
CA LYS D 491 50.36 55.22 55.77
C LYS D 491 51.39 55.25 56.89
N HIS D 492 52.16 54.18 57.03
CA HIS D 492 53.32 54.22 57.92
C HIS D 492 54.43 55.11 57.35
N GLY D 493 54.72 54.96 56.06
CA GLY D 493 55.81 55.70 55.43
C GLY D 493 55.37 56.84 54.55
N LEU D 494 55.47 58.07 55.06
CA LEU D 494 55.27 59.30 54.27
C LEU D 494 53.88 59.34 53.65
N GLN D 495 52.88 59.43 54.52
CA GLN D 495 51.49 59.64 54.13
C GLN D 495 51.14 61.11 54.35
N LYS D 496 51.05 61.86 53.26
CA LYS D 496 50.64 63.27 53.31
C LYS D 496 49.70 63.52 52.13
N THR D 497 49.47 64.81 51.84
CA THR D 497 48.74 65.18 50.63
C THR D 497 49.54 64.86 49.37
N ASP D 498 50.84 64.63 49.51
CA ASP D 498 51.62 64.14 48.38
C ASP D 498 51.06 62.84 47.82
N VAL D 499 50.51 61.99 48.69
CA VAL D 499 49.88 60.76 48.23
C VAL D 499 48.66 61.06 47.36
N SER D 500 47.86 62.03 47.78
CA SER D 500 46.72 62.45 46.96
C SER D 500 47.18 62.99 45.61
N ALA D 501 48.26 63.77 45.61
CA ALA D 501 48.79 64.28 44.36
C ALA D 501 49.27 63.14 43.45
N PHE D 502 49.96 62.16 44.03
CA PHE D 502 50.44 61.02 43.26
C PHE D 502 49.29 60.24 42.66
N LEU D 503 48.24 60.01 43.45
CA LEU D 503 47.07 59.30 42.93
C LEU D 503 46.37 60.11 41.85
N ARG D 504 46.33 61.44 42.00
CA ARG D 504 45.68 62.28 41.00
C ARG D 504 46.43 62.26 39.67
N MET D 505 47.77 62.28 39.72
CA MET D 505 48.52 62.18 38.47
C MET D 505 48.68 60.73 38.00
N ASN D 506 48.31 59.76 38.82
CA ASN D 506 48.43 58.33 38.53
C ASN D 506 47.08 57.64 38.66
N VAL D 507 46.06 58.20 38.00
CA VAL D 507 44.67 57.79 38.17
C VAL D 507 44.49 56.27 38.14
N PHE D 508 45.39 55.56 37.46
CA PHE D 508 45.29 54.12 37.35
C PHE D 508 45.90 53.38 38.53
N GLN D 509 46.03 54.04 39.69
CA GLN D 509 46.59 53.41 40.88
C GLN D 509 45.52 52.72 41.71
N LYS D 510 44.51 53.48 42.15
CA LYS D 510 43.47 52.96 43.03
C LYS D 510 42.25 52.47 42.27
N GLU D 511 41.95 53.10 41.13
CA GLU D 511 40.69 52.85 40.44
C GLU D 511 40.59 51.44 39.91
N VAL D 512 41.72 50.78 39.61
CA VAL D 512 41.68 49.44 39.06
C VAL D 512 41.11 48.45 40.07
N ASP D 513 41.34 48.67 41.36
CA ASP D 513 40.81 47.77 42.39
C ASP D 513 39.33 48.00 42.66
N CYS D 514 38.86 49.23 42.49
CA CYS D 514 37.46 49.64 42.37
C CYS D 514 36.70 49.63 43.71
N GLU D 515 37.27 49.13 44.80
CA GLU D 515 36.57 49.18 46.08
C GLU D 515 37.29 50.00 47.13
N ARG D 516 38.50 49.64 47.53
CA ARG D 516 39.26 50.41 48.50
C ARG D 516 40.74 50.53 48.19
N PHE D 517 41.27 49.74 47.28
CA PHE D 517 42.66 49.32 47.33
C PHE D 517 43.54 50.16 46.41
N TYR D 518 44.82 50.27 46.79
CA TYR D 518 45.77 51.13 46.11
C TYR D 518 46.94 50.29 45.60
N SER D 519 47.45 50.63 44.42
CA SER D 519 48.51 49.85 43.78
C SER D 519 49.19 50.75 42.74
N PHE D 520 49.94 50.12 41.83
CA PHE D 520 50.58 50.82 40.73
C PHE D 520 49.97 50.36 39.41
N SER D 521 50.36 51.01 38.32
CA SER D 521 49.73 50.74 37.03
C SER D 521 50.11 49.38 36.46
N HIS D 522 51.38 49.19 36.10
CA HIS D 522 51.86 47.90 35.62
C HIS D 522 53.22 47.59 36.23
N MET D 523 53.42 47.97 37.49
CA MET D 523 54.58 47.59 38.29
C MET D 523 55.91 47.98 37.64
N THR D 524 55.84 48.70 36.52
CA THR D 524 57.07 49.09 35.84
C THR D 524 57.65 50.35 36.47
N PHE D 525 56.79 51.34 36.74
CA PHE D 525 57.23 52.45 37.57
C PHE D 525 57.62 51.96 38.96
N GLN D 526 56.98 50.89 39.44
CA GLN D 526 57.38 50.29 40.71
C GLN D 526 58.81 49.77 40.65
N GLU D 527 59.18 49.08 39.57
CA GLU D 527 60.56 48.62 39.46
C GLU D 527 61.51 49.78 39.22
N PHE D 528 61.03 50.84 38.57
CA PHE D 528 61.83 52.05 38.43
C PHE D 528 62.12 52.66 39.80
N PHE D 529 61.11 52.69 40.68
CA PHE D 529 61.32 53.15 42.04
C PHE D 529 62.21 52.20 42.82
N ALA D 530 62.20 50.91 42.49
CA ALA D 530 63.15 49.98 43.11
C ALA D 530 64.58 50.30 42.72
N ALA D 531 64.79 50.67 41.45
CA ALA D 531 66.11 51.16 41.03
C ALA D 531 66.47 52.46 41.76
N MET D 532 65.49 53.35 41.90
CA MET D 532 65.68 54.56 42.70
C MET D 532 66.12 54.23 44.12
N TYR D 533 65.52 53.21 44.74
CA TYR D 533 65.90 52.82 46.09
C TYR D 533 67.41 52.66 46.23
N TYR D 534 68.00 51.73 45.46
CA TYR D 534 69.44 51.55 45.53
C TYR D 534 70.19 52.79 45.07
N LEU D 535 69.55 53.65 44.27
CA LEU D 535 70.17 54.92 43.92
C LEU D 535 70.30 55.82 45.15
N LEU D 536 69.32 55.77 46.03
CA LEU D 536 69.30 56.57 47.25
C LEU D 536 69.79 55.74 48.43
N GLU D 537 69.98 56.42 49.56
CA GLU D 537 70.42 55.75 50.79
C GLU D 537 70.04 56.56 52.01
N ARG D 558 70.44 49.04 49.62
CA ARG D 558 71.12 48.20 50.60
C ARG D 558 72.26 47.38 49.98
N ASP D 559 72.36 46.11 50.39
CA ASP D 559 73.37 45.22 49.86
C ASP D 559 73.00 44.73 48.47
N VAL D 560 74.00 44.73 47.57
CA VAL D 560 73.82 44.24 46.21
C VAL D 560 74.05 42.73 46.08
N LYS D 561 74.65 42.11 47.10
CA LYS D 561 75.04 40.70 46.99
C LYS D 561 73.82 39.82 46.83
N VAL D 562 72.86 39.95 47.74
CA VAL D 562 71.67 39.11 47.70
C VAL D 562 70.82 39.38 46.49
N LEU D 563 70.73 40.64 46.04
CA LEU D 563 69.95 40.90 44.83
C LEU D 563 70.56 40.20 43.62
N LEU D 564 71.87 40.38 43.39
CA LEU D 564 72.48 39.70 42.24
C LEU D 564 72.47 38.19 42.37
N GLU D 565 72.54 37.66 43.59
CA GLU D 565 72.33 36.23 43.79
C GLU D 565 70.92 35.80 43.40
N ASN D 566 69.93 36.59 43.79
CA ASN D 566 68.51 36.34 43.54
C ASN D 566 68.07 36.78 42.12
N TYR D 567 69.00 36.99 41.19
CA TYR D 567 68.66 37.53 39.87
C TYR D 567 67.78 36.56 39.08
N GLY D 568 66.57 37.02 38.77
CA GLY D 568 65.69 36.34 37.83
C GLY D 568 64.83 35.26 38.43
N LYS D 569 64.84 35.15 39.74
CA LYS D 569 64.15 34.12 40.52
C LYS D 569 62.67 34.50 40.53
N PHE D 570 61.95 34.03 41.54
CA PHE D 570 60.50 34.01 41.52
C PHE D 570 60.02 34.36 42.92
N GLU D 571 60.87 35.08 43.66
CA GLU D 571 60.69 35.48 45.05
C GLU D 571 60.70 37.00 45.17
N LYS D 572 61.63 37.68 44.49
CA LYS D 572 61.66 39.13 44.43
C LYS D 572 61.07 39.68 43.14
N GLY D 573 60.63 38.82 42.23
CA GLY D 573 59.91 39.22 41.03
C GLY D 573 60.73 39.41 39.77
N TYR D 574 61.45 38.35 39.38
CA TYR D 574 62.23 38.26 38.15
C TYR D 574 63.39 39.25 38.07
N LEU D 575 63.31 40.35 38.81
CA LEU D 575 64.36 41.38 38.80
C LEU D 575 64.73 41.86 37.39
N ILE D 576 63.98 41.44 36.37
CA ILE D 576 64.34 41.78 35.00
C ILE D 576 64.36 43.30 34.81
N PHE D 577 63.21 43.96 34.96
CA PHE D 577 63.18 45.39 34.75
C PHE D 577 63.95 46.13 35.83
N VAL D 578 64.09 45.50 37.00
CA VAL D 578 64.87 46.08 38.08
C VAL D 578 66.29 46.31 37.61
N VAL D 579 66.97 45.22 37.23
CA VAL D 579 68.35 45.31 36.77
C VAL D 579 68.42 46.11 35.47
N ARG D 580 67.38 46.03 34.65
CA ARG D 580 67.36 46.83 33.42
C ARG D 580 67.52 48.32 33.75
N PHE D 581 66.67 48.83 34.65
CA PHE D 581 66.77 50.22 35.04
C PHE D 581 68.05 50.49 35.82
N LEU D 582 68.53 49.53 36.61
CA LEU D 582 69.82 49.69 37.28
C LEU D 582 70.93 49.98 36.28
N PHE D 583 71.01 49.18 35.23
CA PHE D 583 72.02 49.43 34.20
C PHE D 583 71.76 50.75 33.50
N GLY D 584 70.49 51.07 33.22
CA GLY D 584 70.22 52.30 32.52
C GLY D 584 70.69 53.51 33.31
N LEU D 585 70.54 53.44 34.64
CA LEU D 585 70.91 54.54 35.51
C LEU D 585 72.42 54.63 35.73
N VAL D 586 73.10 53.49 35.87
CA VAL D 586 74.48 53.51 36.36
C VAL D 586 75.40 54.16 35.34
N ASN D 587 74.85 54.57 34.20
CA ASN D 587 75.62 55.35 33.23
C ASN D 587 76.16 56.57 33.96
N GLN D 588 77.44 56.87 33.77
CA GLN D 588 78.11 57.87 34.61
C GLN D 588 77.49 59.27 34.48
N GLU D 589 77.12 59.68 33.27
CA GLU D 589 76.43 60.96 33.12
C GLU D 589 75.10 60.99 33.86
N ARG D 590 74.30 59.92 33.75
CA ARG D 590 73.06 59.85 34.53
C ARG D 590 73.34 59.77 36.03
N THR D 591 74.44 59.12 36.41
CA THR D 591 74.86 59.08 37.81
C THR D 591 75.05 60.49 38.35
N SER D 592 75.84 61.29 37.64
CA SER D 592 76.07 62.66 38.09
C SER D 592 74.78 63.47 38.10
N TYR D 593 73.96 63.31 37.05
CA TYR D 593 72.72 64.07 36.96
C TYR D 593 71.80 63.74 38.14
N LEU D 594 71.67 62.46 38.47
CA LEU D 594 70.78 62.05 39.55
C LEU D 594 71.36 62.38 40.92
N GLU D 595 72.68 62.23 41.10
CA GLU D 595 73.29 62.61 42.37
C GLU D 595 73.19 64.10 42.61
N LYS D 596 73.03 64.90 41.55
CA LYS D 596 72.80 66.33 41.73
C LYS D 596 71.32 66.65 41.91
N LYS D 597 70.45 65.94 41.18
CA LYS D 597 69.02 66.23 41.20
C LYS D 597 68.38 65.78 42.52
N LEU D 598 68.71 64.57 42.97
CA LEU D 598 68.06 63.95 44.11
C LEU D 598 68.81 64.16 45.42
N SER D 599 69.95 64.86 45.40
CA SER D 599 70.78 65.05 46.59
C SER D 599 71.13 63.71 47.25
N CYS D 600 71.45 62.72 46.43
CA CYS D 600 71.66 61.35 46.90
C CYS D 600 73.02 60.83 46.49
N LYS D 601 73.61 60.02 47.37
CA LYS D 601 74.86 59.34 47.09
C LYS D 601 74.58 57.96 46.50
N ILE D 602 75.31 57.62 45.44
CA ILE D 602 75.17 56.33 44.79
C ILE D 602 76.55 55.67 44.75
N SER D 603 76.56 54.35 44.96
CA SER D 603 77.79 53.58 45.08
C SER D 603 78.26 53.16 43.69
N GLN D 604 79.57 53.17 43.50
CA GLN D 604 80.15 52.72 42.25
C GLN D 604 80.55 51.25 42.31
N GLN D 605 80.54 50.67 43.51
CA GLN D 605 80.86 49.26 43.68
C GLN D 605 79.95 48.39 42.82
N VAL D 606 78.68 48.78 42.70
CA VAL D 606 77.72 48.01 41.92
C VAL D 606 78.20 47.81 40.50
N ARG D 607 78.88 48.81 39.92
CA ARG D 607 79.44 48.65 38.58
C ARG D 607 80.35 47.43 38.52
N LEU D 608 81.24 47.30 39.51
CA LEU D 608 82.11 46.15 39.58
C LEU D 608 81.30 44.89 39.79
N GLU D 609 80.25 44.98 40.63
CA GLU D 609 79.42 43.81 40.90
C GLU D 609 78.84 43.28 39.59
N LEU D 610 78.27 44.18 38.78
CA LEU D 610 77.78 43.82 37.45
C LEU D 610 78.87 43.14 36.63
N LEU D 611 80.06 43.73 36.61
CA LEU D 611 81.23 43.10 36.00
C LEU D 611 81.37 41.63 36.42
N LYS D 612 81.51 41.42 37.74
CA LYS D 612 81.60 40.08 38.31
C LYS D 612 80.49 39.18 37.80
N TRP D 613 79.27 39.69 37.85
CA TRP D 613 78.11 38.99 37.33
C TRP D 613 78.34 38.53 35.90
N ILE D 614 78.82 39.44 35.06
CA ILE D 614 79.10 39.10 33.67
C ILE D 614 80.09 37.94 33.53
N GLU D 615 81.22 37.97 34.25
CA GLU D 615 82.08 36.77 34.17
C GLU D 615 81.35 35.51 34.63
N VAL D 616 80.55 35.62 35.71
CA VAL D 616 79.80 34.46 36.18
C VAL D 616 78.87 33.91 35.08
N LYS D 617 78.08 34.78 34.46
CA LYS D 617 77.21 34.26 33.41
C LYS D 617 78.00 33.88 32.16
N ALA D 618 79.25 34.33 32.05
CA ALA D 618 80.15 33.82 31.03
C ALA D 618 80.46 32.36 31.30
N LYS D 619 80.63 32.01 32.57
CA LYS D 619 81.04 30.67 32.95
C LYS D 619 79.85 29.77 33.23
N ALA D 620 78.62 30.31 33.16
CA ALA D 620 77.42 29.52 33.38
C ALA D 620 77.15 28.72 32.11
N LYS D 621 77.38 27.41 32.17
CA LYS D 621 77.16 26.56 31.01
C LYS D 621 75.69 26.24 30.76
N LYS D 622 74.82 26.43 31.75
CA LYS D 622 73.39 26.16 31.58
C LYS D 622 72.68 27.43 31.12
N LEU D 623 73.01 27.85 29.90
CA LEU D 623 72.39 29.04 29.33
C LEU D 623 71.02 28.80 28.72
N GLN D 624 70.59 27.54 28.59
CA GLN D 624 69.28 27.29 27.99
C GLN D 624 68.15 27.58 28.95
N TRP D 625 68.32 27.27 30.23
CA TRP D 625 67.28 27.47 31.24
C TRP D 625 67.61 28.61 32.21
N GLN D 626 68.59 29.43 31.88
CA GLN D 626 68.97 30.60 32.65
C GLN D 626 68.86 31.82 31.75
N PRO D 627 68.90 33.03 32.28
CA PRO D 627 68.75 34.21 31.42
C PRO D 627 69.80 34.27 30.32
N SER D 628 69.35 34.65 29.13
CA SER D 628 70.13 34.53 27.91
C SER D 628 71.24 35.58 27.86
N GLN D 629 71.89 35.67 26.69
CA GLN D 629 72.79 36.78 26.38
C GLN D 629 72.03 38.03 25.94
N LEU D 630 70.75 37.90 25.63
CA LEU D 630 70.01 39.02 25.04
C LEU D 630 69.74 40.12 26.06
N GLU D 631 69.35 39.75 27.27
CA GLU D 631 69.12 40.77 28.29
C GLU D 631 70.44 41.34 28.82
N LEU D 632 71.51 40.56 28.82
CA LEU D 632 72.82 41.15 29.07
C LEU D 632 73.14 42.22 28.04
N PHE D 633 72.87 41.93 26.76
CA PHE D 633 73.07 42.93 25.73
C PHE D 633 72.18 44.15 25.98
N TYR D 634 70.93 43.91 26.37
CA TYR D 634 70.03 44.99 26.75
C TYR D 634 70.68 45.89 27.79
N CYS D 635 71.22 45.28 28.85
CA CYS D 635 71.77 46.05 29.96
C CYS D 635 73.00 46.85 29.53
N LEU D 636 73.95 46.18 28.87
CA LEU D 636 75.16 46.89 28.45
C LEU D 636 74.83 48.04 27.50
N TYR D 637 73.87 47.84 26.61
CA TYR D 637 73.40 48.94 25.78
C TYR D 637 72.76 50.03 26.64
N GLU D 638 71.95 49.64 27.62
CA GLU D 638 71.25 50.62 28.43
C GLU D 638 72.22 51.43 29.28
N MET D 639 73.44 50.92 29.48
CA MET D 639 74.41 51.63 30.31
C MET D 639 75.53 52.29 29.53
N GLN D 640 75.60 52.08 28.22
CA GLN D 640 76.41 52.92 27.33
C GLN D 640 77.81 53.28 27.83
N GLU D 641 78.57 52.34 28.37
CA GLU D 641 79.95 52.61 28.74
C GLU D 641 80.88 51.79 27.86
N GLU D 642 81.85 52.46 27.24
CA GLU D 642 82.73 51.82 26.28
C GLU D 642 83.55 50.71 26.95
N ASP D 643 84.40 51.09 27.91
CA ASP D 643 85.31 50.12 28.50
C ASP D 643 84.55 49.01 29.22
N PHE D 644 83.44 49.36 29.86
CA PHE D 644 82.62 48.37 30.55
C PHE D 644 82.03 47.36 29.57
N VAL D 645 81.50 47.84 28.44
CA VAL D 645 80.96 46.93 27.44
C VAL D 645 82.08 46.06 26.87
N GLN D 646 83.25 46.65 26.66
CA GLN D 646 84.39 45.88 26.16
C GLN D 646 84.74 44.74 27.13
N SER D 647 84.86 45.07 28.42
CA SER D 647 85.21 44.06 29.41
C SER D 647 84.12 43.01 29.52
N ALA D 648 82.85 43.42 29.43
CA ALA D 648 81.75 42.47 29.47
C ALA D 648 81.82 41.50 28.30
N MET D 649 82.13 42.01 27.11
CA MET D 649 82.21 41.15 25.93
C MET D 649 83.46 40.28 25.95
N ASP D 650 84.52 40.73 26.64
CA ASP D 650 85.76 39.95 26.69
C ASP D 650 85.51 38.56 27.26
N HIS D 651 84.60 38.46 28.24
CA HIS D 651 84.32 37.17 28.86
C HIS D 651 83.57 36.22 27.93
N PHE D 652 83.10 36.69 26.79
CA PHE D 652 82.30 35.87 25.88
C PHE D 652 83.03 35.76 24.55
N PRO D 653 83.60 34.61 24.20
CA PRO D 653 84.25 34.47 22.88
C PRO D 653 83.28 34.14 21.76
N LYS D 654 82.05 33.74 22.10
CA LYS D 654 81.08 33.33 21.09
C LYS D 654 79.70 33.79 21.54
N ILE D 655 78.90 34.24 20.57
CA ILE D 655 77.61 34.85 20.85
C ILE D 655 76.53 34.00 20.21
N GLU D 656 75.45 33.75 20.96
CA GLU D 656 74.29 33.04 20.46
C GLU D 656 73.07 33.83 20.89
N ILE D 657 72.45 34.54 19.95
CA ILE D 657 71.22 35.27 20.20
C ILE D 657 70.26 35.02 19.07
N ASN D 658 69.01 35.44 19.27
CA ASN D 658 67.95 35.25 18.29
C ASN D 658 67.12 36.52 18.29
N LEU D 659 67.25 37.31 17.23
CA LEU D 659 66.63 38.63 17.20
C LEU D 659 65.12 38.51 16.97
N SER D 660 64.37 39.23 17.77
CA SER D 660 62.93 39.36 17.62
C SER D 660 62.48 40.80 17.45
N THR D 661 63.07 41.74 18.18
CA THR D 661 62.77 43.15 18.05
C THR D 661 63.90 43.90 17.35
N ARG D 662 63.53 45.03 16.76
CA ARG D 662 64.57 45.93 16.28
C ARG D 662 65.38 46.45 17.44
N MET D 663 64.78 46.50 18.64
CA MET D 663 65.56 46.78 19.84
C MET D 663 66.61 45.69 20.05
N ASP D 664 66.28 44.45 19.73
CA ASP D 664 67.27 43.39 19.75
C ASP D 664 68.37 43.67 18.75
N HIS D 665 68.00 44.09 17.55
CA HIS D 665 69.00 44.43 16.54
C HIS D 665 69.93 45.54 17.02
N VAL D 666 69.37 46.60 17.60
CA VAL D 666 70.19 47.73 18.02
C VAL D 666 71.13 47.33 19.15
N VAL D 667 70.62 46.60 20.16
CA VAL D 667 71.48 46.24 21.27
C VAL D 667 72.57 45.29 20.81
N SER D 668 72.23 44.38 19.88
CA SER D 668 73.24 43.49 19.34
C SER D 668 74.30 44.28 18.60
N SER D 669 73.89 45.25 17.79
CA SER D 669 74.84 46.08 17.08
C SER D 669 75.76 46.81 18.05
N PHE D 670 75.16 47.40 19.09
CA PHE D 670 75.95 48.16 20.06
C PHE D 670 76.98 47.27 20.74
N CYS D 671 76.56 46.12 21.25
CA CYS D 671 77.51 45.27 21.95
C CYS D 671 78.58 44.74 21.00
N ILE D 672 78.17 44.30 19.81
CA ILE D 672 79.12 43.65 18.91
C ILE D 672 80.12 44.65 18.35
N LYS D 673 79.72 45.92 18.17
CA LYS D 673 80.72 46.87 17.73
C LYS D 673 81.72 47.24 18.82
N ASN D 674 81.65 46.62 19.98
CA ASN D 674 82.58 46.84 21.08
C ASN D 674 83.10 45.52 21.61
N CYS D 675 83.53 44.66 20.69
CA CYS D 675 84.03 43.34 21.04
C CYS D 675 85.46 43.18 20.52
N HIS D 676 86.31 42.55 21.32
CA HIS D 676 87.66 42.24 20.88
C HIS D 676 88.03 40.79 21.23
N ARG D 677 87.41 40.24 22.27
CA ARG D 677 87.59 38.85 22.65
C ARG D 677 86.40 37.97 22.27
N VAL D 678 85.76 38.27 21.14
CA VAL D 678 84.67 37.46 20.61
C VAL D 678 85.13 36.85 19.30
N LYS D 679 85.11 35.52 19.23
CA LYS D 679 85.56 34.83 18.02
C LYS D 679 84.40 34.56 17.08
N THR D 680 83.44 33.76 17.51
CA THR D 680 82.35 33.33 16.64
C THR D 680 81.10 34.15 16.92
N LEU D 681 80.40 34.53 15.86
CA LEU D 681 79.18 35.34 15.95
C LEU D 681 78.07 34.60 15.23
N SER D 682 77.30 33.83 15.99
CA SER D 682 76.14 33.13 15.47
C SER D 682 74.92 33.98 15.80
N LEU D 683 74.05 34.20 14.82
CA LEU D 683 72.91 35.09 14.96
C LEU D 683 71.66 34.37 14.50
N GLY D 684 70.60 34.48 15.29
CA GLY D 684 69.31 33.93 14.96
C GLY D 684 68.30 34.94 14.49
N PHE D 685 68.04 35.00 13.19
CA PHE D 685 67.12 35.98 12.66
C PHE D 685 65.73 35.38 12.74
N PHE D 686 64.80 36.13 13.33
CA PHE D 686 63.40 35.73 13.42
C PHE D 686 62.51 36.89 12.95
N HIS D 687 62.27 36.94 11.64
CA HIS D 687 61.43 38.00 11.07
C HIS D 687 59.95 37.64 11.20
N LEU D 726 64.50 45.91 4.45
CA LEU D 726 64.46 46.21 5.88
C LEU D 726 65.63 45.56 6.61
N THR D 727 65.76 44.25 6.49
CA THR D 727 66.87 43.55 7.15
C THR D 727 68.22 43.95 6.56
N SER D 728 68.22 44.56 5.37
CA SER D 728 69.44 45.03 4.75
C SER D 728 70.24 45.91 5.70
N SER D 729 69.68 47.06 6.09
CA SER D 729 70.42 47.96 6.97
C SER D 729 70.65 47.36 8.35
N PHE D 730 69.72 46.57 8.88
CA PHE D 730 69.94 45.94 10.17
C PHE D 730 71.20 45.11 10.17
N CYS D 731 71.25 44.05 9.35
CA CYS D 731 72.42 43.20 9.31
C CYS D 731 73.65 43.97 8.84
N ARG D 732 73.46 45.00 8.00
CA ARG D 732 74.59 45.82 7.60
C ARG D 732 75.24 46.46 8.80
N GLY D 733 74.43 46.97 9.73
CA GLY D 733 74.97 47.45 10.99
C GLY D 733 75.58 46.33 11.80
N LEU D 734 74.89 45.20 11.85
CA LEU D 734 75.34 44.05 12.65
C LEU D 734 76.74 43.63 12.24
N PHE D 735 77.10 43.81 10.98
CA PHE D 735 78.38 43.34 10.49
C PHE D 735 79.34 44.48 10.16
N SER D 736 78.88 45.73 10.17
CA SER D 736 79.80 46.83 10.36
C SER D 736 80.37 46.82 11.76
N SER D 737 79.59 46.31 12.72
CA SER D 737 80.18 45.93 14.00
C SER D 737 81.32 44.93 13.81
N LEU D 738 81.18 44.00 12.86
CA LEU D 738 82.30 43.12 12.56
C LEU D 738 83.43 43.87 11.86
N SER D 739 83.10 44.89 11.08
CA SER D 739 84.11 45.77 10.53
C SER D 739 84.88 46.50 11.61
N THR D 740 84.30 46.66 12.79
CA THR D 740 85.06 47.13 13.94
C THR D 740 85.63 45.98 14.79
N ASN D 741 85.18 44.75 14.54
CA ASN D 741 85.71 43.56 15.17
C ASN D 741 86.97 43.02 14.49
N ARG D 742 87.66 43.88 13.74
CA ARG D 742 88.90 43.54 13.06
C ARG D 742 89.96 42.94 13.98
N SER D 743 89.78 43.05 15.30
CA SER D 743 90.68 42.33 16.20
C SER D 743 90.65 40.84 15.92
N LEU D 744 89.45 40.25 15.91
CA LEU D 744 89.27 38.85 15.54
C LEU D 744 87.79 38.56 15.49
N THR D 745 87.39 37.70 14.54
CA THR D 745 85.98 37.36 14.42
C THR D 745 85.87 36.05 13.63
N GLU D 746 84.71 35.40 13.78
CA GLU D 746 84.29 34.24 13.02
C GLU D 746 82.76 34.33 12.96
N LEU D 747 82.17 33.79 11.89
CA LEU D 747 80.76 34.04 11.63
C LEU D 747 80.01 32.76 11.31
N ASP D 748 78.77 32.70 11.79
CA ASP D 748 77.82 31.68 11.39
C ASP D 748 76.47 32.35 11.19
N LEU D 749 75.81 31.99 10.09
CA LEU D 749 74.40 32.32 9.84
C LEU D 749 73.78 31.07 9.22
N SER D 750 73.27 30.20 10.08
CA SER D 750 72.71 28.93 9.65
C SER D 750 71.28 28.80 10.13
N ASP D 751 70.49 28.03 9.39
CA ASP D 751 69.10 27.75 9.72
C ASP D 751 68.30 29.04 9.86
N ASN D 752 68.67 30.05 9.08
CA ASN D 752 67.97 31.33 9.07
C ASN D 752 67.77 31.82 7.64
N THR D 753 66.56 32.26 7.34
CA THR D 753 66.18 32.59 5.97
C THR D 753 66.63 34.00 5.62
N LEU D 754 67.79 34.12 4.98
CA LEU D 754 68.23 35.41 4.46
C LEU D 754 67.45 35.71 3.18
N GLY D 755 66.66 36.79 3.20
CA GLY D 755 65.79 37.11 2.09
C GLY D 755 66.57 37.51 0.85
N ASP D 756 65.84 38.04 -0.13
CA ASP D 756 66.48 38.54 -1.34
C ASP D 756 67.58 39.56 -1.06
N PRO D 757 67.37 40.58 -0.21
CA PRO D 757 68.52 41.33 0.30
C PRO D 757 69.19 40.69 1.50
N GLY D 758 68.63 39.61 2.04
CA GLY D 758 69.38 38.81 3.00
C GLY D 758 70.62 38.21 2.41
N MET D 759 70.57 37.84 1.14
CA MET D 759 71.79 37.58 0.40
C MET D 759 72.65 38.83 0.31
N ARG D 760 72.03 39.98 0.10
CA ARG D 760 72.79 41.21 -0.13
C ARG D 760 73.53 41.67 1.11
N VAL D 761 73.07 41.30 2.30
CA VAL D 761 73.85 41.65 3.47
C VAL D 761 75.11 40.80 3.51
N LEU D 762 76.13 41.32 4.20
CA LEU D 762 77.38 40.62 4.44
C LEU D 762 78.21 40.53 3.16
N CYS D 763 77.62 40.91 2.02
CA CYS D 763 78.44 41.04 0.83
C CYS D 763 79.14 42.39 0.83
N GLU D 764 78.38 43.48 0.89
CA GLU D 764 78.99 44.78 1.07
C GLU D 764 79.87 44.80 2.32
N ALA D 765 79.48 44.06 3.35
CA ALA D 765 80.34 43.94 4.54
C ALA D 765 81.67 43.28 4.22
N LEU D 766 81.65 42.15 3.51
CA LEU D 766 82.94 41.58 3.14
C LEU D 766 83.66 42.39 2.07
N GLN D 767 82.98 43.34 1.42
CA GLN D 767 83.56 44.09 0.32
C GLN D 767 84.48 45.22 0.77
N HIS D 768 84.72 45.37 2.06
CA HIS D 768 85.75 46.34 2.41
C HIS D 768 86.95 45.63 3.00
N PRO D 769 88.16 46.11 2.73
CA PRO D 769 89.35 45.42 3.24
C PRO D 769 89.46 45.52 4.75
N GLY D 770 90.56 44.99 5.29
CA GLY D 770 90.75 44.96 6.73
C GLY D 770 90.97 43.53 7.21
N CYS D 771 90.51 43.27 8.43
CA CYS D 771 90.46 41.92 9.00
C CYS D 771 89.00 41.48 9.04
N ASN D 772 88.67 40.47 8.27
CA ASN D 772 87.31 39.97 8.12
C ASN D 772 87.25 38.50 8.49
N ILE D 773 86.10 37.88 8.19
CA ILE D 773 85.81 36.54 8.69
C ILE D 773 86.74 35.53 8.04
N GLN D 774 87.38 34.71 8.87
CA GLN D 774 88.16 33.60 8.33
C GLN D 774 87.28 32.52 7.73
N ARG D 775 86.04 32.37 8.20
CA ARG D 775 85.26 31.20 7.80
C ARG D 775 83.77 31.52 7.84
N LEU D 776 83.16 31.53 6.65
CA LEU D 776 81.77 31.94 6.49
C LEU D 776 80.88 30.71 6.39
N TRP D 777 79.76 30.72 7.12
CA TRP D 777 78.83 29.61 7.13
C TRP D 777 77.46 30.08 6.67
N LEU D 778 76.91 29.41 5.65
CA LEU D 778 75.52 29.62 5.24
C LEU D 778 74.95 28.22 5.01
N GLY D 779 74.46 27.61 6.08
CA GLY D 779 73.97 26.25 5.97
C GLY D 779 72.51 26.13 6.32
N ARG D 780 71.75 25.43 5.48
CA ARG D 780 70.30 25.30 5.60
C ARG D 780 69.61 26.64 5.61
N CYS D 781 70.33 27.72 5.32
CA CYS D 781 69.74 29.05 5.32
C CYS D 781 68.80 29.20 4.13
N GLY D 782 67.77 30.04 4.32
CA GLY D 782 66.96 30.45 3.20
C GLY D 782 67.82 31.15 2.19
N LEU D 783 68.13 30.47 1.08
CA LEU D 783 69.11 31.01 0.15
C LEU D 783 68.76 30.50 -1.24
N SER D 784 69.20 31.23 -2.26
CA SER D 784 68.83 30.91 -3.62
C SER D 784 69.96 31.31 -4.56
N HIS D 785 69.65 31.36 -5.85
CA HIS D 785 70.66 31.62 -6.86
C HIS D 785 71.28 33.00 -6.72
N GLN D 786 70.51 33.96 -6.20
CA GLN D 786 70.94 35.35 -6.20
C GLN D 786 72.26 35.53 -5.46
N CYS D 787 72.44 34.82 -4.35
CA CYS D 787 73.65 34.96 -3.54
C CYS D 787 74.90 34.67 -4.34
N CYS D 788 74.79 33.87 -5.38
CA CYS D 788 75.95 33.33 -6.06
C CYS D 788 76.89 34.43 -6.57
N PHE D 789 76.40 35.29 -7.47
CA PHE D 789 77.19 36.43 -7.92
C PHE D 789 77.74 37.27 -6.76
N ASP D 790 76.88 37.62 -5.80
CA ASP D 790 77.31 38.33 -4.59
C ASP D 790 78.53 37.67 -3.95
N ILE D 791 78.40 36.40 -3.60
CA ILE D 791 79.49 35.73 -2.91
C ILE D 791 80.69 35.60 -3.81
N SER D 792 80.50 35.41 -5.12
CA SER D 792 81.63 35.44 -6.03
C SER D 792 82.40 36.74 -5.91
N SER D 793 81.68 37.86 -5.88
CA SER D 793 82.29 39.17 -5.71
C SER D 793 83.10 39.23 -4.42
N VAL D 794 82.51 38.82 -3.31
CA VAL D 794 83.25 38.90 -2.06
C VAL D 794 84.37 37.88 -1.99
N LEU D 795 84.21 36.71 -2.62
CA LEU D 795 85.31 35.76 -2.73
C LEU D 795 86.45 36.32 -3.56
N SER D 796 86.16 37.27 -4.45
CA SER D 796 87.23 37.98 -5.15
C SER D 796 87.86 39.05 -4.27
N SER D 797 87.05 39.82 -3.55
CA SER D 797 87.57 40.98 -2.84
C SER D 797 88.07 40.64 -1.44
N SER D 798 87.82 39.43 -0.97
CA SER D 798 88.20 38.96 0.36
C SER D 798 89.60 38.37 0.34
N GLN D 799 90.44 38.85 1.26
CA GLN D 799 91.74 38.23 1.52
C GLN D 799 91.81 37.60 2.90
N LYS D 800 90.68 37.41 3.57
CA LYS D 800 90.67 36.81 4.90
C LYS D 800 89.88 35.51 4.98
N LEU D 801 88.86 35.33 4.14
CA LEU D 801 88.08 34.10 4.18
C LEU D 801 88.96 32.92 3.82
N VAL D 802 88.83 31.83 4.58
CA VAL D 802 89.59 30.64 4.22
C VAL D 802 88.62 29.50 3.90
N GLU D 803 87.43 29.51 4.50
CA GLU D 803 86.43 28.56 4.06
C GLU D 803 85.09 29.27 3.93
N LEU D 804 84.24 28.71 3.08
CA LEU D 804 82.88 29.21 2.93
C LEU D 804 81.97 28.02 2.68
N ASP D 805 80.92 27.92 3.49
CA ASP D 805 79.98 26.81 3.44
C ASP D 805 78.67 27.27 2.86
N LEU D 806 78.10 26.42 1.99
CA LEU D 806 76.80 26.62 1.36
C LEU D 806 76.07 25.29 1.48
N SER D 807 75.37 25.09 2.60
CA SER D 807 74.77 23.81 2.91
C SER D 807 73.25 23.88 2.85
N ASP D 808 72.63 22.83 2.30
CA ASP D 808 71.18 22.64 2.34
C ASP D 808 70.43 23.83 1.75
N ASN D 809 71.14 24.66 1.00
CA ASN D 809 70.60 25.89 0.44
C ASN D 809 70.40 25.74 -1.06
N ALA D 810 69.28 26.26 -1.55
CA ALA D 810 68.84 25.99 -2.92
C ALA D 810 69.66 26.79 -3.94
N LEU D 811 70.95 26.49 -3.97
CA LEU D 811 71.85 26.99 -5.00
C LEU D 811 71.83 26.01 -6.16
N GLY D 812 70.73 26.06 -6.92
CA GLY D 812 70.45 25.02 -7.88
C GLY D 812 71.54 24.76 -8.90
N ASP D 813 71.74 25.68 -9.83
CA ASP D 813 72.79 25.49 -10.82
C ASP D 813 73.03 26.84 -11.46
N PHE D 814 74.20 26.97 -12.11
CA PHE D 814 74.62 28.18 -12.82
C PHE D 814 74.96 29.25 -11.81
N GLY D 815 74.60 29.00 -10.56
CA GLY D 815 75.07 29.80 -9.47
C GLY D 815 76.33 29.13 -9.00
N ILE D 816 76.43 27.83 -9.26
CA ILE D 816 77.70 27.17 -9.08
C ILE D 816 78.69 27.73 -10.11
N ARG D 817 78.19 28.10 -11.30
CA ARG D 817 79.04 28.81 -12.24
C ARG D 817 79.45 30.16 -11.68
N LEU D 818 78.51 30.91 -11.10
CA LEU D 818 78.92 32.19 -10.54
C LEU D 818 79.95 32.00 -9.43
N LEU D 819 79.74 30.99 -8.59
CA LEU D 819 80.70 30.62 -7.56
C LEU D 819 82.08 30.36 -8.16
N CYS D 820 82.14 29.51 -9.19
CA CYS D 820 83.44 29.09 -9.69
C CYS D 820 84.15 30.23 -10.41
N VAL D 821 83.40 31.08 -11.12
CA VAL D 821 84.07 32.21 -11.77
C VAL D 821 84.59 33.17 -10.72
N GLY D 822 83.83 33.39 -9.64
CA GLY D 822 84.34 34.20 -8.55
C GLY D 822 85.58 33.61 -7.91
N LEU D 823 85.62 32.28 -7.76
CA LEU D 823 86.80 31.64 -7.19
C LEU D 823 88.01 31.80 -8.08
N LYS D 824 87.87 31.48 -9.37
CA LYS D 824 89.07 31.41 -10.20
C LYS D 824 89.55 32.78 -10.64
N HIS D 825 88.64 33.75 -10.83
CA HIS D 825 89.02 34.98 -11.53
C HIS D 825 90.11 35.72 -10.78
N LEU D 826 89.99 35.83 -9.46
CA LEU D 826 91.01 36.46 -8.64
C LEU D 826 91.80 35.38 -7.90
N LEU D 827 92.71 35.83 -7.04
CA LEU D 827 93.50 34.94 -6.20
C LEU D 827 92.94 34.98 -4.78
N CYS D 828 92.29 33.89 -4.38
CA CYS D 828 91.62 33.81 -3.08
C CYS D 828 92.21 32.67 -2.26
N ASN D 829 92.31 32.89 -0.96
CA ASN D 829 92.89 31.91 -0.04
C ASN D 829 91.80 31.03 0.56
N LEU D 830 91.04 30.40 -0.32
CA LEU D 830 89.94 29.53 0.10
C LEU D 830 90.44 28.12 0.34
N GLN D 831 89.96 27.51 1.42
CA GLN D 831 90.40 26.19 1.87
C GLN D 831 89.32 25.14 1.77
N LYS D 832 88.16 25.39 2.37
CA LYS D 832 87.02 24.49 2.24
C LYS D 832 86.08 25.01 1.16
N LEU D 833 85.22 24.13 0.68
CA LEU D 833 84.16 24.53 -0.24
C LEU D 833 83.13 23.41 -0.18
N TRP D 834 81.99 23.69 0.41
CA TRP D 834 80.96 22.70 0.64
C TRP D 834 79.75 23.03 -0.23
N LEU D 835 79.45 22.14 -1.17
CA LEU D 835 78.24 22.22 -1.97
C LEU D 835 77.28 21.11 -1.60
N VAL D 836 77.31 20.68 -0.34
CA VAL D 836 76.54 19.53 0.10
C VAL D 836 75.06 19.83 -0.03
N SER D 837 74.33 18.90 -0.65
CA SER D 837 72.87 18.96 -0.74
C SER D 837 72.39 20.21 -1.45
N CYS D 838 73.24 20.82 -2.26
CA CYS D 838 72.82 21.89 -3.16
C CYS D 838 72.33 21.26 -4.46
N CYS D 839 71.09 21.55 -4.84
CA CYS D 839 70.42 20.77 -5.87
C CYS D 839 71.03 21.13 -7.23
N LEU D 840 72.22 20.61 -7.48
CA LEU D 840 72.88 20.81 -8.76
C LEU D 840 72.92 19.51 -9.55
N THR D 841 73.41 19.60 -10.78
CA THR D 841 73.53 18.48 -11.68
C THR D 841 74.95 18.42 -12.22
N SER D 842 75.21 17.40 -13.04
CA SER D 842 76.52 17.22 -13.65
C SER D 842 76.88 18.37 -14.57
N ALA D 843 75.90 19.15 -15.00
CA ALA D 843 76.14 20.21 -15.98
C ALA D 843 77.01 21.33 -15.45
N CYS D 844 77.33 21.35 -14.16
CA CYS D 844 78.25 22.33 -13.60
C CYS D 844 79.56 21.71 -13.14
N CYS D 845 79.64 20.38 -13.08
CA CYS D 845 80.85 19.73 -12.61
C CYS D 845 82.06 20.13 -13.46
N GLN D 846 81.86 20.38 -14.75
CA GLN D 846 82.98 20.78 -15.59
C GLN D 846 83.56 22.09 -15.10
N ASP D 847 82.68 23.04 -14.75
CA ASP D 847 83.12 24.30 -14.20
C ASP D 847 83.81 24.10 -12.85
N LEU D 848 83.29 23.19 -12.03
CA LEU D 848 84.00 22.87 -10.80
C LEU D 848 85.41 22.39 -11.09
N ALA D 849 85.57 21.55 -12.10
CA ALA D 849 86.89 21.04 -12.44
C ALA D 849 87.79 22.15 -12.96
N LEU D 850 87.24 23.07 -13.74
CA LEU D 850 88.03 24.19 -14.24
C LEU D 850 88.55 25.02 -13.08
N VAL D 851 87.67 25.39 -12.15
CA VAL D 851 88.13 26.22 -11.03
C VAL D 851 89.09 25.45 -10.14
N LEU D 852 88.87 24.14 -9.99
CA LEU D 852 89.79 23.33 -9.19
C LEU D 852 91.17 23.28 -9.83
N SER D 853 91.23 23.15 -11.16
CA SER D 853 92.50 23.18 -11.85
C SER D 853 93.19 24.52 -11.72
N SER D 854 92.43 25.60 -11.87
CA SER D 854 93.01 26.93 -11.80
C SER D 854 93.57 27.22 -10.41
N ASN D 855 92.71 27.11 -9.39
CA ASN D 855 93.11 27.41 -8.03
C ASN D 855 93.91 26.27 -7.42
N HIS D 856 94.76 26.63 -6.46
CA HIS D 856 95.47 25.66 -5.66
C HIS D 856 95.21 25.81 -4.17
N SER D 857 94.74 26.97 -3.73
CA SER D 857 94.43 27.15 -2.31
C SER D 857 93.33 26.21 -1.87
N LEU D 858 92.29 26.05 -2.69
CA LEU D 858 91.20 25.15 -2.34
C LEU D 858 91.68 23.71 -2.37
N THR D 859 91.49 23.01 -1.26
CA THR D 859 91.93 21.62 -1.15
C THR D 859 90.93 20.71 -0.47
N ARG D 860 89.74 21.21 -0.13
CA ARG D 860 88.77 20.45 0.66
C ARG D 860 87.40 20.76 0.08
N LEU D 861 86.89 19.87 -0.76
CA LEU D 861 85.76 20.19 -1.64
C LEU D 861 84.66 19.14 -1.45
N TYR D 862 83.79 19.37 -0.48
CA TYR D 862 82.61 18.54 -0.32
C TYR D 862 81.57 18.90 -1.37
N ILE D 863 81.03 17.88 -2.03
CA ILE D 863 79.90 18.03 -2.95
C ILE D 863 78.79 17.13 -2.44
N GLY D 864 78.72 16.98 -1.12
CA GLY D 864 78.04 15.86 -0.50
C GLY D 864 76.66 15.50 -0.99
N GLU D 865 76.57 14.34 -1.64
CA GLU D 865 75.33 13.63 -1.95
C GLU D 865 74.20 14.57 -2.36
N ASN D 866 74.54 15.49 -3.25
CA ASN D 866 73.57 16.31 -3.96
C ASN D 866 73.06 15.56 -5.19
N ALA D 867 72.42 16.25 -6.13
CA ALA D 867 71.78 15.58 -7.26
C ALA D 867 72.69 15.45 -8.48
N LEU D 868 73.90 14.93 -8.32
CA LEU D 868 74.73 14.60 -9.47
C LEU D 868 75.06 13.11 -9.46
N GLY D 869 75.89 12.70 -10.43
CA GLY D 869 76.35 11.34 -10.50
C GLY D 869 77.18 11.05 -11.74
N ASP D 870 76.83 9.98 -12.45
CA ASP D 870 77.45 9.65 -13.72
C ASP D 870 77.27 10.81 -14.71
N SER D 871 78.00 10.71 -15.82
CA SER D 871 78.02 11.65 -16.95
C SER D 871 78.77 12.93 -16.58
N GLY D 872 79.06 13.11 -15.30
CA GLY D 872 80.12 13.98 -14.86
C GLY D 872 81.44 13.27 -14.72
N VAL D 873 81.45 11.97 -15.00
CA VAL D 873 82.56 11.08 -14.62
C VAL D 873 83.87 11.51 -15.27
N GLN D 874 83.84 11.84 -16.56
CA GLN D 874 85.05 12.34 -17.22
C GLN D 874 85.58 13.59 -16.53
N VAL D 875 84.69 14.50 -16.17
CA VAL D 875 85.10 15.69 -15.42
C VAL D 875 85.67 15.30 -14.07
N LEU D 876 84.99 14.38 -13.36
CA LEU D 876 85.48 13.91 -12.07
C LEU D 876 86.92 13.47 -12.16
N CYS D 877 87.23 12.67 -13.18
CA CYS D 877 88.60 12.23 -13.38
C CYS D 877 89.51 13.42 -13.70
N GLU D 878 89.15 14.21 -14.70
CA GLU D 878 90.10 15.19 -15.20
C GLU D 878 90.29 16.36 -14.24
N LYS D 879 89.50 16.45 -13.17
CA LYS D 879 89.88 17.35 -12.08
C LYS D 879 91.30 17.09 -11.63
N MET D 880 91.63 15.82 -11.37
CA MET D 880 92.89 15.44 -10.77
C MET D 880 93.78 14.66 -11.73
N LYS D 881 93.59 14.85 -13.03
CA LYS D 881 94.29 14.03 -14.01
C LYS D 881 95.80 14.19 -13.91
N ASP D 882 96.26 15.27 -13.30
CA ASP D 882 97.68 15.50 -13.09
C ASP D 882 97.97 15.66 -11.60
N PRO D 883 99.22 15.62 -11.18
CA PRO D 883 99.54 15.97 -9.79
C PRO D 883 99.37 17.45 -9.50
N GLN D 884 99.85 17.88 -8.33
CA GLN D 884 99.81 19.27 -7.88
C GLN D 884 98.42 19.87 -7.95
N CYS D 885 97.39 19.03 -7.89
CA CYS D 885 96.02 19.53 -7.81
C CYS D 885 95.73 20.09 -6.42
N ASN D 886 96.27 19.45 -5.39
CA ASN D 886 96.10 19.89 -3.99
C ASN D 886 94.63 19.91 -3.60
N LEU D 887 94.03 18.72 -3.58
CA LEU D 887 92.66 18.51 -3.12
C LEU D 887 92.67 17.35 -2.11
N GLN D 888 92.87 17.65 -0.82
CA GLN D 888 93.06 16.59 0.16
C GLN D 888 91.85 15.68 0.23
N LYS D 889 90.73 16.20 0.72
CA LYS D 889 89.51 15.42 0.82
C LYS D 889 88.55 15.76 -0.30
N LEU D 890 87.75 14.77 -0.68
CA LEU D 890 86.76 14.95 -1.75
C LEU D 890 85.58 14.06 -1.38
N GLY D 891 84.60 14.64 -0.70
CA GLY D 891 83.36 13.94 -0.45
C GLY D 891 82.61 13.71 -1.75
N LEU D 892 81.89 12.61 -1.79
CA LEU D 892 81.18 12.24 -3.01
C LEU D 892 79.68 12.10 -2.75
N VAL D 893 79.00 11.64 -3.79
CA VAL D 893 77.58 11.90 -4.01
C VAL D 893 76.87 10.58 -4.22
N ASN D 894 75.56 10.59 -3.98
CA ASN D 894 74.73 9.47 -4.40
C ASN D 894 74.73 9.46 -5.93
N SER D 895 75.54 8.59 -6.51
CA SER D 895 75.80 8.61 -7.94
C SER D 895 74.88 7.63 -8.66
N GLY D 896 75.10 7.50 -9.98
CA GLY D 896 74.29 6.61 -10.78
C GLY D 896 75.02 5.38 -11.25
N LEU D 897 75.39 5.34 -12.52
CA LEU D 897 76.13 4.20 -13.05
C LEU D 897 77.49 4.12 -12.38
N THR D 898 77.71 3.04 -11.64
CA THR D 898 78.92 2.90 -10.83
C THR D 898 80.18 2.85 -11.68
N SER D 899 80.20 1.96 -12.67
CA SER D 899 81.45 1.54 -13.31
C SER D 899 82.30 2.72 -13.77
N ILE D 900 81.70 3.67 -14.49
CA ILE D 900 82.52 4.73 -15.07
C ILE D 900 83.01 5.68 -13.98
N CYS D 901 82.16 6.03 -13.02
CA CYS D 901 82.57 6.96 -11.98
C CYS D 901 83.66 6.35 -11.11
N CYS D 902 83.52 5.07 -10.76
CA CYS D 902 84.58 4.44 -9.99
C CYS D 902 85.84 4.25 -10.83
N SER D 903 85.70 4.15 -12.16
CA SER D 903 86.90 4.14 -13.00
C SER D 903 87.62 5.48 -12.93
N ALA D 904 86.87 6.57 -12.97
CA ALA D 904 87.47 7.89 -12.76
C ALA D 904 88.12 7.97 -11.40
N LEU D 905 87.49 7.36 -10.38
CA LEU D 905 88.07 7.31 -9.06
C LEU D 905 89.38 6.54 -9.07
N THR D 906 89.45 5.47 -9.83
CA THR D 906 90.70 4.73 -9.94
C THR D 906 91.78 5.60 -10.59
N SER D 907 91.39 6.35 -11.62
CA SER D 907 92.35 7.24 -12.27
C SER D 907 92.92 8.26 -11.28
N VAL D 908 92.03 8.92 -10.52
CA VAL D 908 92.50 9.89 -9.53
C VAL D 908 93.36 9.20 -8.48
N LEU D 909 92.95 8.03 -8.00
CA LEU D 909 93.70 7.36 -6.96
C LEU D 909 95.11 6.98 -7.44
N LYS D 910 95.22 6.48 -8.67
CA LYS D 910 96.53 6.09 -9.18
C LYS D 910 97.39 7.28 -9.60
N THR D 911 96.80 8.43 -9.93
CA THR D 911 97.63 9.53 -10.42
C THR D 911 97.83 10.63 -9.37
N ASN D 912 96.75 11.12 -8.77
CA ASN D 912 96.80 12.31 -7.95
C ASN D 912 97.53 12.04 -6.64
N GLN D 913 98.43 12.94 -6.27
CA GLN D 913 99.03 12.94 -4.95
C GLN D 913 98.08 13.55 -3.93
N ASN D 914 98.50 13.50 -2.66
CA ASN D 914 97.86 14.08 -1.48
C ASN D 914 96.34 14.13 -1.58
N PHE D 915 95.74 12.99 -1.94
CA PHE D 915 94.29 12.84 -2.03
C PHE D 915 93.92 11.96 -0.84
N THR D 916 93.61 12.61 0.30
CA THR D 916 93.61 11.90 1.56
C THR D 916 92.30 11.16 1.82
N HIS D 917 91.15 11.71 1.42
CA HIS D 917 89.89 11.03 1.65
C HIS D 917 89.11 10.87 0.37
N LEU D 918 88.16 9.93 0.40
CA LEU D 918 87.25 9.69 -0.72
C LEU D 918 85.96 9.15 -0.11
N TYR D 919 85.01 10.05 0.15
CA TYR D 919 83.83 9.73 0.96
C TYR D 919 82.64 9.33 0.08
N LEU D 920 82.81 8.22 -0.64
CA LEU D 920 81.67 7.58 -1.28
C LEU D 920 80.76 7.01 -0.19
N ARG D 921 79.52 7.46 -0.16
CA ARG D 921 78.60 7.06 0.90
C ARG D 921 77.19 7.01 0.33
N SER D 922 76.42 6.01 0.78
CA SER D 922 75.04 5.80 0.36
C SER D 922 74.91 5.81 -1.16
N ASN D 923 75.82 5.09 -1.82
CA ASN D 923 75.92 5.07 -3.26
C ASN D 923 75.61 3.67 -3.78
N ALA D 924 74.91 3.60 -4.91
CA ALA D 924 74.63 2.33 -5.56
C ALA D 924 75.87 1.90 -6.34
N LEU D 925 76.85 1.39 -5.59
CA LEU D 925 78.12 0.92 -6.15
C LEU D 925 78.13 -0.60 -6.10
N GLY D 926 78.55 -1.22 -7.21
CA GLY D 926 78.50 -2.66 -7.33
C GLY D 926 79.81 -3.35 -7.03
N ASP D 927 79.74 -4.67 -7.03
CA ASP D 927 80.92 -5.48 -6.75
C ASP D 927 82.01 -5.24 -7.79
N THR D 928 81.63 -5.13 -9.06
CA THR D 928 82.61 -4.80 -10.10
C THR D 928 83.20 -3.42 -9.87
N GLY D 929 82.36 -2.49 -9.43
CA GLY D 929 82.81 -1.15 -9.14
C GLY D 929 83.90 -1.13 -8.09
N LEU D 930 83.59 -1.63 -6.90
CA LEU D 930 84.59 -1.68 -5.84
C LEU D 930 85.77 -2.58 -6.21
N ARG D 931 85.56 -3.59 -7.06
CA ARG D 931 86.67 -4.40 -7.54
C ARG D 931 87.65 -3.56 -8.33
N LEU D 932 87.15 -2.81 -9.30
CA LEU D 932 88.06 -1.95 -10.04
C LEU D 932 88.61 -0.84 -9.17
N LEU D 933 87.89 -0.45 -8.11
CA LEU D 933 88.45 0.49 -7.14
C LEU D 933 89.70 -0.09 -6.47
N CYS D 934 89.62 -1.31 -5.97
CA CYS D 934 90.81 -1.89 -5.37
C CYS D 934 91.90 -2.10 -6.44
N GLU D 935 91.50 -2.33 -7.68
CA GLU D 935 92.46 -2.31 -8.78
C GLU D 935 93.13 -0.95 -8.91
N GLY D 936 92.38 0.12 -8.65
CA GLY D 936 92.97 1.44 -8.57
C GLY D 936 93.94 1.55 -7.41
N LEU D 937 93.60 0.93 -6.29
CA LEU D 937 94.52 0.83 -5.17
C LEU D 937 95.77 0.04 -5.51
N LEU D 938 95.71 -0.78 -6.57
CA LEU D 938 96.86 -1.61 -6.94
C LEU D 938 98.07 -0.76 -7.32
N HIS D 939 97.84 0.46 -7.80
CA HIS D 939 98.95 1.36 -8.03
C HIS D 939 99.63 1.65 -6.70
N PRO D 940 100.87 1.23 -6.51
CA PRO D 940 101.57 1.54 -5.26
C PRO D 940 101.95 3.00 -5.19
N ASP D 941 102.50 3.44 -4.06
CA ASP D 941 102.96 4.79 -3.83
C ASP D 941 101.79 5.79 -3.94
N CYS D 942 100.56 5.31 -3.99
CA CYS D 942 99.39 6.18 -3.96
C CYS D 942 99.02 6.44 -2.51
N LYS D 943 99.11 7.70 -2.09
CA LYS D 943 98.86 8.05 -0.70
C LYS D 943 97.39 8.40 -0.56
N LEU D 944 96.60 7.43 -0.11
CA LEU D 944 95.17 7.62 0.12
C LEU D 944 94.92 7.24 1.58
N GLN D 945 94.54 8.21 2.40
CA GLN D 945 94.15 7.94 3.78
C GLN D 945 92.72 7.43 3.82
N MET D 946 92.07 7.62 4.98
CA MET D 946 90.77 7.10 5.36
C MET D 946 89.86 7.01 4.14
N LEU D 947 89.22 5.87 3.94
CA LEU D 947 88.34 5.63 2.81
C LEU D 947 87.05 4.98 3.30
N GLU D 948 86.02 5.04 2.45
CA GLU D 948 84.72 4.52 2.84
C GLU D 948 83.98 3.99 1.63
N LEU D 949 83.33 2.84 1.81
CA LEU D 949 82.38 2.27 0.86
C LEU D 949 81.14 1.89 1.67
N ASP D 950 80.07 2.66 1.53
CA ASP D 950 78.94 2.53 2.45
C ASP D 950 77.96 1.44 2.02
N ASN D 951 77.41 1.55 0.82
CA ASN D 951 76.32 0.67 0.39
C ASN D 951 76.74 -0.06 -0.88
N CYS D 952 76.59 -1.38 -0.86
CA CYS D 952 77.01 -2.25 -1.95
C CYS D 952 76.58 -3.67 -1.61
N SER D 953 76.68 -4.55 -2.60
CA SER D 953 76.39 -5.98 -2.43
C SER D 953 77.51 -6.75 -3.15
N LEU D 954 78.51 -7.18 -2.39
CA LEU D 954 79.72 -7.75 -2.96
C LEU D 954 79.81 -9.23 -2.63
N THR D 955 80.60 -9.93 -3.43
CA THR D 955 81.04 -11.27 -3.08
C THR D 955 82.21 -11.18 -2.10
N SER D 956 82.22 -12.09 -1.13
CA SER D 956 83.17 -11.97 -0.02
C SER D 956 84.54 -12.48 -0.43
N HIS D 957 85.04 -11.98 -1.56
CA HIS D 957 86.45 -12.11 -1.93
C HIS D 957 86.97 -10.73 -2.25
N SER D 958 86.07 -9.83 -2.66
CA SER D 958 86.42 -8.45 -2.94
C SER D 958 87.04 -7.77 -1.72
N CYS D 959 86.36 -7.88 -0.57
CA CYS D 959 86.95 -7.41 0.68
C CYS D 959 88.29 -8.07 0.94
N TRP D 960 88.42 -9.34 0.57
CA TRP D 960 89.71 -10.01 0.69
C TRP D 960 90.76 -9.33 -0.19
N ASN D 961 90.38 -8.93 -1.40
CA ASN D 961 91.32 -8.25 -2.28
C ASN D 961 91.76 -6.93 -1.68
N LEU D 962 90.83 -6.16 -1.14
CA LEU D 962 91.21 -4.88 -0.54
C LEU D 962 92.11 -5.10 0.67
N SER D 963 91.80 -6.08 1.51
CA SER D 963 92.65 -6.34 2.66
C SER D 963 94.04 -6.78 2.22
N THR D 964 94.12 -7.68 1.23
CA THR D 964 95.42 -8.13 0.76
C THR D 964 96.21 -6.99 0.14
N ILE D 965 95.53 -6.07 -0.53
CA ILE D 965 96.27 -4.99 -1.17
C ILE D 965 96.75 -3.99 -0.12
N LEU D 966 95.99 -3.82 0.97
CA LEU D 966 96.52 -3.09 2.11
C LEU D 966 97.73 -3.79 2.71
N THR D 967 97.69 -5.13 2.79
CA THR D 967 98.85 -5.85 3.31
C THR D 967 100.07 -5.63 2.41
N HIS D 968 99.85 -5.65 1.09
CA HIS D 968 100.94 -5.40 0.16
C HIS D 968 101.49 -4.00 0.32
N ASN D 969 100.61 -3.02 0.51
CA ASN D 969 101.06 -1.64 0.70
C ASN D 969 100.10 -0.94 1.65
N HIS D 970 100.64 -0.29 2.68
CA HIS D 970 99.81 0.34 3.71
C HIS D 970 99.18 1.58 3.09
N SER D 971 98.15 1.34 2.28
CA SER D 971 97.49 2.42 1.54
C SER D 971 96.76 3.37 2.47
N LEU D 972 95.79 2.85 3.21
CA LEU D 972 94.89 3.68 4.01
C LEU D 972 95.06 3.36 5.50
N ARG D 973 94.21 3.97 6.31
CA ARG D 973 94.24 3.79 7.76
C ARG D 973 92.99 3.13 8.29
N LYS D 974 91.80 3.63 7.98
CA LYS D 974 90.60 2.89 8.32
C LYS D 974 89.65 2.90 7.15
N LEU D 975 88.50 2.28 7.37
CA LEU D 975 87.50 2.02 6.33
C LEU D 975 86.19 1.78 7.05
N ASN D 976 85.10 2.02 6.35
CA ASN D 976 83.77 1.69 6.87
C ASN D 976 83.04 0.81 5.87
N LEU D 977 82.25 -0.12 6.40
CA LEU D 977 81.30 -0.88 5.62
C LEU D 977 79.95 -0.71 6.29
N GLY D 978 79.00 -0.14 5.57
CA GLY D 978 77.78 0.30 6.22
C GLY D 978 76.65 -0.68 6.06
N ASN D 979 75.72 -0.41 5.15
CA ASN D 979 74.61 -1.31 4.90
C ASN D 979 74.98 -2.45 3.98
N ASN D 980 76.26 -2.78 3.91
CA ASN D 980 76.76 -3.81 3.01
C ASN D 980 76.36 -5.19 3.51
N ASP D 981 75.53 -5.89 2.75
CA ASP D 981 75.20 -7.28 3.03
C ASP D 981 76.34 -8.16 2.53
N LEU D 982 77.13 -8.70 3.48
CA LEU D 982 78.39 -9.34 3.14
C LEU D 982 78.47 -10.80 3.52
N GLY D 983 77.67 -11.28 4.46
CA GLY D 983 77.72 -12.66 4.86
C GLY D 983 78.79 -12.93 5.91
N ASP D 984 78.61 -14.04 6.63
CA ASP D 984 79.55 -14.40 7.68
C ASP D 984 80.95 -14.58 7.14
N LEU D 985 81.08 -15.31 6.02
CA LEU D 985 82.38 -15.60 5.45
C LEU D 985 83.16 -14.33 5.16
N CYS D 986 82.47 -13.23 4.85
CA CYS D 986 83.16 -11.97 4.59
C CYS D 986 83.97 -11.55 5.80
N VAL D 987 83.29 -11.33 6.93
CA VAL D 987 84.01 -10.91 8.12
C VAL D 987 84.96 -11.99 8.60
N VAL D 988 84.69 -13.26 8.27
CA VAL D 988 85.65 -14.31 8.62
C VAL D 988 86.97 -14.10 7.89
N THR D 989 86.90 -13.87 6.58
CA THR D 989 88.09 -13.57 5.82
C THR D 989 88.74 -12.28 6.31
N LEU D 990 87.90 -11.30 6.66
CA LEU D 990 88.42 -10.04 7.18
C LEU D 990 89.23 -10.27 8.44
N CYS D 991 88.67 -11.01 9.40
CA CYS D 991 89.36 -11.22 10.66
C CYS D 991 90.59 -12.12 10.50
N GLU D 992 90.57 -13.09 9.58
CA GLU D 992 91.79 -13.85 9.35
C GLU D 992 92.91 -12.96 8.79
N VAL D 993 92.61 -12.21 7.74
CA VAL D 993 93.66 -11.44 7.09
C VAL D 993 94.16 -10.35 8.03
N LEU D 994 93.28 -9.75 8.84
CA LEU D 994 93.80 -8.80 9.82
C LEU D 994 94.54 -9.53 10.94
N LYS D 995 94.15 -10.78 11.20
CA LYS D 995 94.77 -11.54 12.27
C LYS D 995 96.24 -11.75 11.97
N GLN D 996 96.57 -12.05 10.72
CA GLN D 996 97.95 -12.27 10.33
C GLN D 996 98.47 -10.96 9.76
N GLN D 997 99.18 -10.19 10.60
CA GLN D 997 99.82 -8.94 10.22
C GLN D 997 98.83 -8.02 9.52
N GLY D 998 97.85 -7.58 10.32
CA GLY D 998 96.69 -6.84 9.85
C GLY D 998 96.86 -5.86 8.72
N CYS D 999 95.94 -5.93 7.75
CA CYS D 999 96.02 -5.11 6.55
C CYS D 999 96.00 -3.63 6.90
N LEU D 1000 94.89 -3.16 7.46
CA LEU D 1000 94.80 -1.80 7.96
C LEU D 1000 95.62 -1.67 9.24
N LEU D 1001 95.85 -0.43 9.65
CA LEU D 1001 96.65 -0.14 10.82
C LEU D 1001 95.97 0.72 11.86
N GLN D 1002 94.82 1.33 11.54
CA GLN D 1002 94.16 2.22 12.49
C GLN D 1002 92.80 1.70 12.94
N SER D 1003 91.85 1.48 12.04
CA SER D 1003 90.50 1.17 12.49
C SER D 1003 89.70 0.54 11.35
N LEU D 1004 88.47 0.15 11.68
CA LEU D 1004 87.52 -0.42 10.74
C LEU D 1004 86.15 -0.34 11.39
N GLN D 1005 85.13 0.03 10.63
CA GLN D 1005 83.80 0.24 11.17
C GLN D 1005 82.79 -0.61 10.42
N LEU D 1006 82.04 -1.41 11.17
CA LEU D 1006 81.00 -2.28 10.63
C LEU D 1006 79.70 -1.98 11.35
N GLY D 1007 78.62 -1.79 10.60
CA GLY D 1007 77.33 -1.54 11.23
C GLY D 1007 76.21 -2.31 10.57
N GLU D 1008 75.16 -2.54 11.35
CA GLU D 1008 73.89 -3.15 10.92
C GLU D 1008 74.08 -4.44 10.13
N MET D 1009 74.61 -5.45 10.83
CA MET D 1009 74.51 -6.84 10.38
C MET D 1009 73.83 -7.71 11.44
N TYR D 1010 73.09 -8.71 10.97
CA TYR D 1010 72.49 -9.74 11.81
C TYR D 1010 73.24 -11.07 11.65
N LEU D 1011 74.56 -11.00 11.54
CA LEU D 1011 75.37 -12.17 11.24
C LEU D 1011 75.48 -13.08 12.45
N ASN D 1012 75.87 -14.32 12.21
CA ASN D 1012 76.00 -15.28 13.29
C ASN D 1012 77.15 -14.89 14.22
N ARG D 1013 77.13 -15.48 15.42
CA ARG D 1013 77.88 -14.89 16.51
C ARG D 1013 79.33 -15.37 16.61
N GLU D 1014 79.69 -16.50 15.99
CA GLU D 1014 81.10 -16.88 16.00
C GLU D 1014 81.94 -15.87 15.25
N THR D 1015 81.32 -15.08 14.37
CA THR D 1015 82.01 -13.93 13.82
C THR D 1015 82.31 -12.94 14.94
N LYS D 1016 81.34 -12.71 15.82
CA LYS D 1016 81.60 -11.79 16.93
C LYS D 1016 82.71 -12.32 17.82
N ARG D 1017 82.73 -13.63 18.07
CA ARG D 1017 83.78 -14.16 18.95
C ARG D 1017 85.15 -13.94 18.31
N ALA D 1018 85.27 -14.20 17.01
CA ALA D 1018 86.57 -13.99 16.37
C ALA D 1018 86.98 -12.53 16.41
N LEU D 1019 86.03 -11.62 16.14
CA LEU D 1019 86.38 -10.21 16.10
C LEU D 1019 86.71 -9.70 17.49
N GLU D 1020 85.98 -10.13 18.51
CA GLU D 1020 86.26 -9.67 19.86
C GLU D 1020 87.58 -10.25 20.35
N ALA D 1021 87.92 -11.45 19.90
CA ALA D 1021 89.21 -12.03 20.25
C ALA D 1021 90.36 -11.17 19.72
N LEU D 1022 90.38 -10.96 18.39
CA LEU D 1022 91.58 -10.47 17.73
C LEU D 1022 92.12 -9.12 18.25
N GLN D 1023 91.27 -8.20 18.71
CA GLN D 1023 91.80 -6.88 19.07
C GLN D 1023 92.64 -6.93 20.33
N GLU D 1024 92.31 -7.80 21.28
CA GLU D 1024 93.03 -7.81 22.54
C GLU D 1024 94.42 -8.41 22.38
N GLU D 1025 94.57 -9.41 21.51
CA GLU D 1025 95.91 -9.89 21.21
C GLU D 1025 96.66 -8.91 20.31
N LYS D 1026 95.99 -8.38 19.29
CA LYS D 1026 96.59 -7.38 18.41
C LYS D 1026 95.78 -6.10 18.45
N PRO D 1027 96.26 -5.04 19.12
CA PRO D 1027 95.58 -3.75 19.08
C PRO D 1027 95.88 -2.92 17.85
N GLU D 1028 96.55 -3.50 16.85
CA GLU D 1028 96.80 -2.79 15.59
C GLU D 1028 95.50 -2.34 14.96
N LEU D 1029 94.54 -3.25 14.83
CA LEU D 1029 93.15 -2.89 14.52
C LEU D 1029 92.54 -2.38 15.82
N THR D 1030 92.67 -1.07 16.03
CA THR D 1030 92.30 -0.49 17.31
C THR D 1030 90.83 -0.74 17.65
N ILE D 1031 89.95 -0.74 16.64
CA ILE D 1031 88.54 -0.91 16.90
C ILE D 1031 87.84 -1.44 15.67
N VAL D 1032 86.85 -2.29 15.90
CA VAL D 1032 85.78 -2.57 14.95
C VAL D 1032 84.49 -2.13 15.59
N PHE D 1033 83.72 -1.31 14.88
CA PHE D 1033 82.46 -0.86 15.44
C PHE D 1033 81.56 -2.06 15.65
N GLU D 1034 81.33 -2.40 16.92
CA GLU D 1034 80.41 -3.47 17.27
C GLU D 1034 79.01 -3.15 16.77
N ILE D 1035 78.33 -4.18 16.25
CA ILE D 1035 77.05 -3.97 15.59
C ILE D 1035 76.01 -3.53 16.61
N SER D 1036 75.69 -4.41 17.55
CA SER D 1036 74.72 -4.12 18.59
C SER D 1036 75.15 -4.63 19.96
N TRP D 1037 76.14 -5.50 20.04
CA TRP D 1037 76.48 -6.17 21.30
C TRP D 1037 77.95 -5.99 21.63
N ASP E 135 33.75 -30.44 -22.24
CA ASP E 135 33.58 -31.17 -23.48
C ASP E 135 34.84 -31.98 -23.82
N TYR E 136 35.92 -31.28 -24.13
CA TYR E 136 37.20 -31.94 -24.38
C TYR E 136 37.76 -32.60 -23.13
N CYS E 137 37.29 -32.23 -21.95
CA CYS E 137 37.90 -32.73 -20.72
C CYS E 137 37.77 -34.25 -20.63
N LYS E 138 36.58 -34.77 -20.94
CA LYS E 138 36.26 -36.16 -20.64
C LYS E 138 37.12 -37.18 -21.41
N MET E 139 37.30 -37.00 -22.73
CA MET E 139 38.02 -38.03 -23.47
C MET E 139 39.48 -38.10 -23.05
N TYR E 140 40.10 -36.96 -22.78
CA TYR E 140 41.48 -37.02 -22.32
C TYR E 140 41.59 -37.37 -20.85
N ARG E 141 40.59 -37.09 -20.02
CA ARG E 141 40.70 -37.63 -18.67
C ARG E 141 40.64 -39.15 -18.72
N ARG E 142 40.01 -39.72 -19.75
CA ARG E 142 40.08 -41.17 -19.84
C ARG E 142 41.39 -41.60 -20.46
N HIS E 143 41.95 -40.79 -21.35
CA HIS E 143 43.25 -41.11 -21.91
C HIS E 143 44.31 -41.13 -20.82
N VAL E 144 44.28 -40.15 -19.91
CA VAL E 144 45.25 -40.14 -18.83
C VAL E 144 44.97 -41.25 -17.83
N ARG E 145 43.69 -41.63 -17.64
CA ARG E 145 43.41 -42.80 -16.81
C ARG E 145 44.03 -44.05 -17.39
N SER E 146 43.88 -44.25 -18.70
CA SER E 146 44.48 -45.41 -19.34
C SER E 146 45.99 -45.36 -19.23
N ARG E 147 46.56 -44.16 -19.33
CA ARG E 147 48.00 -44.02 -19.27
C ARG E 147 48.55 -44.40 -17.89
N PHE E 148 47.93 -43.88 -16.83
CA PHE E 148 48.48 -44.00 -15.49
C PHE E 148 47.86 -45.12 -14.65
N TYR E 149 46.86 -45.84 -15.18
CA TYR E 149 46.38 -47.02 -14.47
C TYR E 149 47.33 -48.20 -14.67
N SER E 150 47.83 -48.37 -15.89
CA SER E 150 48.66 -49.52 -16.22
C SER E 150 50.07 -49.40 -15.67
N ILE E 151 50.53 -48.20 -15.33
CA ILE E 151 51.91 -48.02 -14.88
C ILE E 151 52.07 -48.64 -13.50
N LYS E 152 53.14 -49.42 -13.33
CA LYS E 152 53.39 -50.12 -12.09
C LYS E 152 54.86 -50.04 -11.70
N ASP E 163 49.03 -50.58 -12.80
CA ASP E 163 48.82 -50.86 -11.39
C ASP E 163 49.20 -49.66 -10.53
N LEU E 164 49.97 -49.91 -9.47
CA LEU E 164 50.45 -48.88 -8.56
C LEU E 164 49.31 -48.18 -7.82
N ASN E 165 48.09 -48.66 -8.02
CA ASN E 165 46.94 -48.11 -7.32
C ASN E 165 46.86 -48.67 -5.90
N SER E 166 46.80 -50.00 -5.77
CA SER E 166 46.90 -50.67 -4.49
C SER E 166 48.35 -51.00 -4.12
N ARG E 167 49.30 -50.25 -4.65
CA ARG E 167 50.72 -50.48 -4.44
C ARG E 167 51.41 -49.20 -3.99
N TYR E 168 50.67 -48.31 -3.32
CA TYR E 168 51.14 -46.99 -2.96
C TYR E 168 50.89 -46.69 -1.48
N THR E 169 51.89 -46.09 -0.84
CA THR E 169 51.75 -45.58 0.52
C THR E 169 52.13 -44.11 0.51
N GLN E 170 51.35 -43.31 1.22
CA GLN E 170 51.52 -41.85 1.17
C GLN E 170 52.88 -41.41 1.66
N LEU E 171 53.51 -40.52 0.90
CA LEU E 171 54.76 -39.90 1.29
C LEU E 171 54.45 -38.58 1.99
N GLN E 172 55.48 -37.94 2.54
CA GLN E 172 55.28 -36.78 3.40
C GLN E 172 55.55 -35.49 2.64
N LEU E 173 54.60 -34.55 2.72
CA LEU E 173 54.77 -33.21 2.18
C LEU E 173 55.02 -32.26 3.33
N VAL E 174 56.08 -31.46 3.22
CA VAL E 174 56.49 -30.59 4.33
C VAL E 174 56.82 -29.21 3.78
N LYS E 175 56.24 -28.17 4.39
CA LYS E 175 56.73 -26.81 4.24
C LYS E 175 56.88 -26.21 5.63
N GLU E 176 58.12 -26.08 6.11
CA GLU E 176 58.33 -25.51 7.44
C GLU E 176 58.33 -23.98 7.39
N HIS E 177 59.29 -23.41 6.68
CA HIS E 177 59.48 -21.97 6.58
C HIS E 177 59.42 -21.29 7.95
N PRO E 178 60.33 -21.64 8.87
CA PRO E 178 60.31 -21.09 10.23
C PRO E 178 61.11 -19.79 10.35
N LEU E 203 52.01 -32.75 4.37
CA LEU E 203 50.95 -31.76 4.40
C LEU E 203 49.64 -32.32 3.86
N LYS E 204 48.85 -31.46 3.21
CA LYS E 204 47.56 -31.84 2.65
C LYS E 204 47.53 -31.40 1.20
N LEU E 205 47.60 -32.36 0.28
CA LEU E 205 47.51 -32.03 -1.14
C LEU E 205 46.16 -31.40 -1.47
N GLU E 206 45.12 -31.74 -0.71
CA GLU E 206 43.85 -31.06 -0.86
C GLU E 206 44.00 -29.59 -0.51
N LEU E 207 43.45 -28.72 -1.37
CA LEU E 207 43.58 -27.27 -1.23
C LEU E 207 45.04 -26.87 -1.10
N LEU E 208 45.89 -27.47 -1.94
CA LEU E 208 47.31 -27.16 -1.91
C LEU E 208 47.59 -25.71 -2.31
N PHE E 209 46.69 -25.10 -3.07
CA PHE E 209 46.95 -23.82 -3.72
C PHE E 209 46.09 -22.72 -3.13
N GLU E 210 46.01 -22.63 -1.81
CA GLU E 210 45.38 -21.47 -1.21
C GLU E 210 46.14 -20.22 -1.61
N PRO E 211 45.48 -19.23 -2.24
CA PRO E 211 46.08 -17.91 -2.39
C PRO E 211 45.77 -17.03 -1.21
N GLU E 212 45.34 -17.65 -0.11
CA GLU E 212 44.87 -16.91 1.06
C GLU E 212 45.92 -15.91 1.53
N ASP E 213 45.45 -14.82 2.14
CA ASP E 213 46.32 -13.71 2.48
C ASP E 213 46.93 -13.86 3.87
N GLY E 214 47.51 -15.02 4.14
CA GLY E 214 48.35 -15.17 5.31
C GLY E 214 49.79 -14.83 4.99
N HIS E 215 50.37 -15.58 4.06
CA HIS E 215 51.70 -15.25 3.54
C HIS E 215 51.82 -15.53 2.04
N SER E 216 50.73 -15.86 1.36
CA SER E 216 50.78 -16.35 -0.02
C SER E 216 49.73 -15.66 -0.88
N GLU E 217 49.68 -14.32 -0.82
CA GLU E 217 48.65 -13.58 -1.53
C GLU E 217 48.73 -13.76 -3.03
N PRO E 218 49.80 -13.36 -3.73
CA PRO E 218 49.82 -13.40 -5.18
C PRO E 218 50.42 -14.66 -5.79
N VAL E 219 50.66 -15.71 -5.01
CA VAL E 219 51.44 -16.84 -5.51
C VAL E 219 50.62 -17.64 -6.52
N HIS E 220 51.33 -18.29 -7.45
CA HIS E 220 50.70 -19.15 -8.43
C HIS E 220 51.38 -20.50 -8.62
N THR E 221 52.42 -20.82 -7.86
CA THR E 221 53.22 -22.00 -8.19
C THR E 221 53.89 -22.61 -6.96
N VAL E 222 54.12 -23.91 -7.05
CA VAL E 222 54.83 -24.69 -6.04
C VAL E 222 55.87 -25.58 -6.70
N VAL E 223 56.97 -25.81 -5.98
CA VAL E 223 58.05 -26.68 -6.42
C VAL E 223 58.11 -27.86 -5.46
N PHE E 224 58.16 -29.06 -6.01
CA PHE E 224 58.31 -30.28 -5.22
C PHE E 224 59.79 -30.55 -5.02
N GLN E 225 60.18 -30.84 -3.78
CA GLN E 225 61.54 -31.21 -3.48
C GLN E 225 61.53 -32.46 -2.59
N GLY E 226 62.71 -32.89 -2.19
CA GLY E 226 62.83 -34.03 -1.30
C GLY E 226 64.22 -34.64 -1.38
N ALA E 227 64.31 -35.87 -0.88
CA ALA E 227 65.58 -36.58 -0.87
C ALA E 227 65.94 -37.05 -2.29
N ALA E 228 67.22 -37.37 -2.47
CA ALA E 228 67.73 -37.73 -3.79
C ALA E 228 67.07 -39.00 -4.32
N GLY E 229 66.29 -38.87 -5.40
CA GLY E 229 65.72 -40.03 -6.06
C GLY E 229 64.50 -40.62 -5.38
N ILE E 230 63.41 -39.84 -5.33
CA ILE E 230 62.14 -40.34 -4.80
C ILE E 230 61.30 -41.03 -5.88
N GLY E 231 61.73 -41.01 -7.13
CA GLY E 231 60.87 -41.40 -8.22
C GLY E 231 59.86 -40.33 -8.56
N LYS E 232 60.13 -39.10 -8.12
CA LYS E 232 59.22 -37.95 -8.03
C LYS E 232 58.18 -37.91 -9.14
N THR E 233 58.58 -38.23 -10.36
CA THR E 233 57.63 -38.35 -11.45
C THR E 233 56.49 -39.30 -11.07
N ILE E 234 56.78 -40.31 -10.24
CA ILE E 234 55.73 -41.23 -9.81
C ILE E 234 54.68 -40.46 -9.01
N LEU E 235 55.11 -39.54 -8.14
CA LEU E 235 54.16 -38.77 -7.36
C LEU E 235 53.38 -37.80 -8.23
N ALA E 236 54.05 -37.23 -9.24
CA ALA E 236 53.32 -36.41 -10.20
C ALA E 236 52.23 -37.23 -10.89
N ARG E 237 52.56 -38.46 -11.29
CA ARG E 237 51.59 -39.34 -11.91
C ARG E 237 50.46 -39.69 -10.96
N LYS E 238 50.78 -39.91 -9.68
CA LYS E 238 49.72 -40.20 -8.70
C LYS E 238 48.75 -39.03 -8.56
N ILE E 239 49.27 -37.80 -8.50
CA ILE E 239 48.39 -36.64 -8.43
C ILE E 239 47.53 -36.55 -9.69
N MET E 240 48.15 -36.74 -10.85
CA MET E 240 47.41 -36.70 -12.12
C MET E 240 46.28 -37.71 -12.13
N LEU E 241 46.58 -38.96 -11.81
CA LEU E 241 45.56 -40.01 -11.81
C LEU E 241 44.50 -39.76 -10.75
N ASP E 242 44.90 -39.23 -9.59
CA ASP E 242 43.94 -38.95 -8.55
C ASP E 242 42.92 -37.94 -9.00
N TRP E 243 43.37 -36.87 -9.68
CA TRP E 243 42.38 -35.94 -10.22
C TRP E 243 41.56 -36.61 -11.32
N ALA E 244 42.21 -37.36 -12.21
CA ALA E 244 41.49 -37.98 -13.31
C ALA E 244 40.37 -38.89 -12.83
N LEU E 245 40.61 -39.64 -11.76
CA LEU E 245 39.57 -40.44 -11.15
C LEU E 245 38.66 -39.65 -10.23
N GLY E 246 39.04 -38.42 -9.88
CA GLY E 246 38.24 -37.65 -8.94
C GLY E 246 38.66 -37.93 -7.52
N LYS E 247 37.94 -38.83 -6.86
CA LYS E 247 38.22 -39.25 -5.48
C LYS E 247 38.13 -38.04 -4.54
N LEU E 248 36.92 -37.48 -4.47
CA LEU E 248 36.59 -36.33 -3.63
C LEU E 248 37.38 -35.08 -4.03
N PHE E 249 37.88 -35.03 -5.25
CA PHE E 249 38.61 -33.87 -5.75
C PHE E 249 37.60 -32.83 -6.21
N LYS E 250 37.34 -31.83 -5.38
CA LYS E 250 36.63 -30.65 -5.85
C LYS E 250 37.42 -30.01 -6.98
N ASP E 251 36.84 -30.00 -8.17
CA ASP E 251 37.56 -29.58 -9.36
C ASP E 251 37.77 -28.08 -9.37
N LYS E 252 38.85 -27.62 -8.75
CA LYS E 252 39.28 -26.23 -8.92
C LYS E 252 39.78 -25.94 -10.33
N PHE E 253 39.99 -26.97 -11.14
CA PHE E 253 40.62 -26.82 -12.44
C PHE E 253 39.91 -27.69 -13.46
N ASP E 254 39.94 -27.26 -14.71
CA ASP E 254 39.34 -28.02 -15.81
C ASP E 254 40.33 -28.94 -16.49
N TYR E 255 41.63 -28.65 -16.39
CA TYR E 255 42.64 -29.49 -17.01
C TYR E 255 43.93 -29.42 -16.21
N LEU E 256 44.53 -30.57 -15.98
CA LEU E 256 45.89 -30.68 -15.47
C LEU E 256 46.66 -31.48 -16.51
N PHE E 257 47.64 -30.85 -17.14
CA PHE E 257 48.38 -31.48 -18.22
C PHE E 257 49.71 -32.01 -17.71
N PHE E 258 49.95 -33.29 -17.94
CA PHE E 258 51.20 -33.93 -17.58
C PHE E 258 52.19 -33.70 -18.71
N ILE E 259 53.23 -32.93 -18.43
CA ILE E 259 54.30 -32.69 -19.40
C ILE E 259 55.45 -33.61 -19.03
N HIS E 260 55.86 -34.46 -19.96
CA HIS E 260 56.98 -35.34 -19.76
C HIS E 260 58.18 -34.70 -20.45
N CYS E 261 58.77 -33.74 -19.74
CA CYS E 261 59.86 -32.93 -20.29
C CYS E 261 61.04 -33.79 -20.71
N ARG E 262 61.14 -35.00 -20.16
CA ARG E 262 62.16 -35.95 -20.60
C ARG E 262 62.05 -36.19 -22.09
N GLU E 263 60.86 -36.02 -22.66
CA GLU E 263 60.68 -35.98 -24.11
C GLU E 263 60.69 -34.56 -24.69
N VAL E 264 60.18 -33.56 -23.97
CA VAL E 264 60.04 -32.22 -24.53
C VAL E 264 61.43 -31.58 -24.62
N SER E 265 62.44 -32.30 -24.13
CA SER E 265 63.82 -31.83 -24.03
C SER E 265 64.40 -31.36 -25.36
N LEU E 266 63.71 -31.58 -26.47
CA LEU E 266 64.25 -31.25 -27.78
C LEU E 266 64.37 -29.74 -27.98
N ARG E 267 65.25 -29.37 -28.91
CA ARG E 267 65.54 -28.00 -29.30
C ARG E 267 64.52 -27.44 -30.28
N THR E 268 63.58 -28.26 -30.74
CA THR E 268 62.64 -27.84 -31.76
C THR E 268 61.71 -26.74 -31.23
N PRO E 269 61.48 -25.67 -31.99
CA PRO E 269 60.56 -24.64 -31.52
C PRO E 269 59.12 -25.12 -31.66
N ARG E 270 58.46 -25.41 -30.53
CA ARG E 270 57.12 -25.97 -30.56
C ARG E 270 56.13 -25.05 -29.87
N SER E 271 54.92 -24.99 -30.44
CA SER E 271 53.83 -24.19 -29.89
C SER E 271 53.21 -24.92 -28.71
N LEU E 272 52.05 -24.44 -28.28
CA LEU E 272 51.26 -25.16 -27.28
C LEU E 272 51.09 -26.61 -27.71
N ALA E 273 51.57 -27.53 -26.87
CA ALA E 273 51.68 -28.94 -27.21
C ALA E 273 50.84 -29.72 -26.22
N ASP E 274 49.55 -29.82 -26.51
CA ASP E 274 48.63 -30.62 -25.72
C ASP E 274 48.40 -32.00 -26.32
N LEU E 275 48.80 -32.23 -27.57
CA LEU E 275 48.82 -33.57 -28.13
C LEU E 275 50.12 -34.27 -27.74
N ILE E 276 50.02 -35.57 -27.45
CA ILE E 276 51.17 -36.40 -27.12
C ILE E 276 51.30 -37.60 -28.05
N VAL E 277 50.20 -38.33 -28.25
CA VAL E 277 50.19 -39.52 -29.10
C VAL E 277 49.94 -39.16 -30.56
N SER E 278 49.86 -37.86 -30.89
CA SER E 278 49.57 -37.39 -32.23
C SER E 278 48.21 -37.91 -32.71
N CYS E 279 47.21 -37.77 -31.85
CA CYS E 279 45.84 -38.13 -32.17
C CYS E 279 45.23 -36.99 -33.02
N TRP E 280 43.92 -37.01 -33.20
CA TRP E 280 43.28 -35.90 -33.89
C TRP E 280 43.46 -34.62 -33.07
N PRO E 281 43.68 -33.47 -33.72
CA PRO E 281 44.11 -32.28 -32.99
C PRO E 281 43.10 -31.87 -31.93
N ASP E 282 43.62 -31.45 -30.77
CA ASP E 282 42.75 -30.95 -29.73
C ASP E 282 42.11 -29.63 -30.17
N PRO E 283 40.98 -29.26 -29.58
CA PRO E 283 40.31 -28.00 -29.95
C PRO E 283 41.10 -26.78 -29.52
N ASN E 284 42.32 -26.63 -30.04
CA ASN E 284 43.26 -25.66 -29.48
C ASN E 284 42.74 -24.23 -29.45
N PRO E 285 42.12 -23.68 -30.51
CA PRO E 285 41.59 -22.30 -30.43
C PRO E 285 40.47 -22.15 -29.41
N PRO E 286 39.44 -23.01 -29.39
CA PRO E 286 38.46 -22.90 -28.29
C PRO E 286 39.04 -23.18 -26.90
N VAL E 287 40.09 -23.99 -26.80
CA VAL E 287 40.84 -24.10 -25.54
C VAL E 287 41.44 -22.76 -25.15
N CYS E 288 42.00 -22.04 -26.13
CA CYS E 288 42.47 -20.68 -25.87
C CYS E 288 41.32 -19.74 -25.50
N LYS E 289 40.13 -19.99 -26.05
CA LYS E 289 38.98 -19.16 -25.74
C LYS E 289 38.35 -19.46 -24.38
N ILE E 290 38.56 -20.66 -23.84
CA ILE E 290 38.07 -21.01 -22.51
C ILE E 290 39.14 -20.67 -21.49
N LEU E 291 40.13 -19.89 -21.92
CA LEU E 291 41.15 -19.37 -21.01
C LEU E 291 40.72 -18.10 -20.30
N ARG E 292 40.30 -17.08 -21.06
CA ARG E 292 40.24 -15.72 -20.54
C ARG E 292 39.41 -15.63 -19.26
N LYS E 293 38.19 -16.14 -19.28
CA LYS E 293 37.41 -16.07 -18.05
C LYS E 293 37.87 -17.12 -17.04
N PRO E 294 37.83 -18.44 -17.36
CA PRO E 294 38.27 -19.43 -16.36
C PRO E 294 39.75 -19.74 -16.43
N SER E 295 40.48 -19.52 -15.34
CA SER E 295 41.87 -19.96 -15.23
C SER E 295 41.96 -21.38 -14.71
N ARG E 296 41.16 -22.27 -15.32
CA ARG E 296 41.03 -23.65 -14.89
C ARG E 296 41.88 -24.60 -15.74
N ILE E 297 42.86 -24.06 -16.44
CA ILE E 297 43.90 -24.84 -17.09
C ILE E 297 45.12 -24.87 -16.19
N LEU E 298 45.74 -26.04 -16.07
CA LEU E 298 46.99 -26.19 -15.35
C LEU E 298 47.86 -27.21 -16.05
N PHE E 299 49.17 -27.00 -15.96
CA PHE E 299 50.17 -27.81 -16.64
C PHE E 299 51.06 -28.39 -15.56
N LEU E 300 50.87 -29.68 -15.25
CA LEU E 300 51.82 -30.40 -14.40
C LEU E 300 53.00 -30.80 -15.26
N MET E 301 53.99 -29.92 -15.33
CA MET E 301 55.25 -30.23 -16.00
C MET E 301 56.23 -30.86 -15.01
N ASP E 302 56.93 -31.88 -15.50
CA ASP E 302 57.79 -32.73 -14.68
C ASP E 302 59.08 -32.98 -15.43
N GLY E 303 60.08 -33.45 -14.70
CA GLY E 303 61.41 -33.69 -15.23
C GLY E 303 62.14 -32.45 -15.70
N PHE E 304 62.09 -31.37 -14.90
CA PHE E 304 62.74 -30.13 -15.30
C PHE E 304 64.24 -30.35 -15.42
N ASP E 305 64.75 -31.33 -14.67
CA ASP E 305 66.17 -31.65 -14.66
C ASP E 305 66.66 -32.01 -16.05
N GLU E 306 65.75 -32.47 -16.92
CA GLU E 306 66.07 -32.97 -18.23
C GLU E 306 65.83 -31.95 -19.33
N LEU E 307 65.65 -30.68 -19.00
CA LEU E 307 65.70 -29.67 -20.06
C LEU E 307 67.12 -29.51 -20.57
N GLN E 308 67.41 -30.15 -21.70
CA GLN E 308 68.76 -30.27 -22.20
C GLN E 308 69.03 -29.11 -23.16
N GLY E 309 70.10 -29.18 -23.94
CA GLY E 309 70.50 -28.06 -24.75
C GLY E 309 71.94 -27.62 -24.62
N ALA E 310 72.16 -26.44 -24.03
CA ALA E 310 73.50 -25.96 -23.71
C ALA E 310 73.56 -25.36 -22.31
N PHE E 311 72.78 -25.91 -21.37
CA PHE E 311 72.60 -25.36 -20.01
C PHE E 311 72.26 -23.87 -20.04
N ASP E 312 71.37 -23.50 -20.95
CA ASP E 312 70.99 -22.11 -21.18
C ASP E 312 69.53 -21.95 -20.74
N GLU E 313 69.33 -21.68 -19.45
CA GLU E 313 67.98 -21.43 -18.95
C GLU E 313 67.93 -20.08 -18.23
N HIS E 314 68.62 -19.09 -18.76
CA HIS E 314 68.64 -17.75 -18.18
C HIS E 314 67.37 -17.00 -18.58
N ILE E 315 67.37 -15.69 -18.34
CA ILE E 315 66.19 -14.88 -18.65
C ILE E 315 65.94 -14.91 -20.15
N GLY E 316 64.68 -15.11 -20.54
CA GLY E 316 64.37 -15.26 -21.96
C GLY E 316 64.59 -13.96 -22.71
N GLU E 317 65.28 -14.06 -23.85
CA GLU E 317 65.53 -12.88 -24.68
C GLU E 317 64.25 -12.34 -25.30
N VAL E 318 63.39 -13.22 -25.81
CA VAL E 318 62.19 -12.83 -26.53
C VAL E 318 60.98 -13.54 -25.95
N CYS E 319 59.89 -12.79 -25.75
CA CYS E 319 58.64 -13.32 -25.24
C CYS E 319 57.85 -14.02 -26.35
N THR E 320 56.65 -14.49 -26.01
CA THR E 320 55.78 -15.19 -26.93
C THR E 320 54.38 -14.59 -26.88
N ASP E 321 53.56 -14.98 -27.85
CA ASP E 321 52.18 -14.50 -27.91
C ASP E 321 51.30 -15.20 -26.89
N TRP E 322 50.24 -14.51 -26.47
CA TRP E 322 49.33 -15.08 -25.48
C TRP E 322 48.52 -16.23 -26.06
N GLN E 323 48.23 -16.21 -27.36
CA GLN E 323 47.50 -17.31 -27.98
C GLN E 323 48.29 -18.60 -27.94
N LYS E 324 49.62 -18.52 -27.84
CA LYS E 324 50.52 -19.66 -27.74
C LYS E 324 50.45 -20.55 -28.97
N ALA E 325 49.68 -20.12 -29.99
CA ALA E 325 49.61 -20.85 -31.24
C ALA E 325 50.88 -20.73 -32.06
N VAL E 326 51.78 -19.81 -31.70
CA VAL E 326 53.05 -19.65 -32.39
C VAL E 326 53.99 -20.77 -31.96
N ARG E 327 54.62 -21.41 -32.95
CA ARG E 327 55.54 -22.52 -32.68
C ARG E 327 56.91 -22.01 -32.28
N GLY E 328 56.96 -21.15 -31.28
CA GLY E 328 58.23 -20.62 -30.82
C GLY E 328 59.02 -21.65 -30.04
N ASP E 329 60.28 -21.30 -29.80
CA ASP E 329 61.15 -22.15 -28.99
C ASP E 329 60.61 -22.23 -27.56
N ILE E 330 60.60 -23.44 -27.01
CA ILE E 330 60.21 -23.60 -25.61
C ILE E 330 61.11 -22.78 -24.70
N LEU E 331 62.37 -22.58 -25.10
CA LEU E 331 63.23 -21.64 -24.40
C LEU E 331 62.68 -20.21 -24.51
N LEU E 332 62.18 -19.84 -25.69
CA LEU E 332 61.72 -18.48 -25.93
C LEU E 332 60.21 -18.32 -25.88
N SER E 333 59.46 -19.40 -25.81
CA SER E 333 58.00 -19.33 -25.69
C SER E 333 57.49 -19.88 -24.38
N SER E 334 57.87 -21.13 -24.05
CA SER E 334 57.36 -21.75 -22.83
C SER E 334 57.95 -21.09 -21.59
N LEU E 335 59.27 -20.88 -21.57
CA LEU E 335 59.90 -20.34 -20.38
C LEU E 335 59.34 -18.96 -20.05
N ILE E 336 59.19 -18.10 -21.06
CA ILE E 336 58.62 -16.79 -20.83
C ILE E 336 57.14 -16.91 -20.45
N ARG E 337 56.44 -17.90 -21.00
CA ARG E 337 55.07 -18.13 -20.53
C ARG E 337 55.04 -18.41 -19.04
N LYS E 338 55.98 -19.21 -18.54
CA LYS E 338 56.15 -19.34 -17.10
C LYS E 338 56.52 -18.02 -16.44
N LYS E 339 57.38 -17.24 -17.09
CA LYS E 339 57.95 -16.05 -16.47
C LYS E 339 56.90 -14.96 -16.27
N LEU E 340 56.31 -14.49 -17.36
CA LEU E 340 55.37 -13.39 -17.33
C LEU E 340 54.08 -13.81 -18.04
N LEU E 341 52.98 -13.23 -17.60
CA LEU E 341 51.64 -13.57 -18.08
C LEU E 341 51.43 -15.09 -18.11
N PRO E 342 51.62 -15.79 -16.98
CA PRO E 342 51.36 -17.24 -17.01
C PRO E 342 49.89 -17.55 -17.01
N LYS E 343 49.09 -16.84 -16.20
CA LYS E 343 47.64 -16.93 -16.14
C LYS E 343 47.16 -18.28 -15.59
N ALA E 344 48.05 -19.22 -15.32
CA ALA E 344 47.67 -20.52 -14.83
C ALA E 344 48.60 -20.94 -13.70
N SER E 345 48.14 -21.89 -12.90
CA SER E 345 48.93 -22.34 -11.77
C SER E 345 50.15 -23.12 -12.28
N LEU E 346 51.01 -23.54 -11.36
CA LEU E 346 52.24 -24.18 -11.81
C LEU E 346 52.82 -25.04 -10.70
N LEU E 347 53.25 -26.25 -11.06
CA LEU E 347 53.88 -27.18 -10.13
C LEU E 347 55.05 -27.83 -10.84
N ILE E 348 56.27 -27.61 -10.34
CA ILE E 348 57.44 -28.19 -11.00
C ILE E 348 58.22 -29.08 -10.06
N THR E 349 58.80 -30.14 -10.62
CA THR E 349 59.45 -31.20 -9.88
C THR E 349 60.88 -31.32 -10.37
N THR E 350 61.84 -31.32 -9.44
CA THR E 350 63.27 -31.34 -9.76
C THR E 350 64.05 -31.45 -8.45
N ARG E 351 65.35 -31.77 -8.56
CA ARG E 351 66.10 -31.81 -7.29
C ARG E 351 66.85 -30.51 -7.05
N PRO E 352 67.19 -30.20 -5.76
CA PRO E 352 67.81 -28.92 -5.41
C PRO E 352 69.27 -28.73 -5.83
N VAL E 353 69.79 -29.59 -6.69
CA VAL E 353 71.15 -29.49 -7.21
C VAL E 353 71.55 -28.13 -7.78
N ALA E 354 70.93 -27.74 -8.88
CA ALA E 354 71.34 -26.56 -9.64
C ALA E 354 70.12 -25.88 -10.28
N LEU E 355 69.11 -25.60 -9.46
CA LEU E 355 67.89 -24.99 -9.99
C LEU E 355 67.88 -23.47 -9.96
N GLU E 356 68.70 -22.82 -9.15
CA GLU E 356 68.55 -21.38 -8.93
C GLU E 356 68.39 -20.54 -10.20
N LYS E 357 68.83 -21.05 -11.36
CA LYS E 357 68.52 -20.46 -12.67
C LYS E 357 67.07 -20.01 -12.81
N LEU E 358 66.16 -20.83 -12.30
CA LEU E 358 64.72 -20.63 -12.40
C LEU E 358 64.18 -19.88 -11.18
N GLN E 359 64.99 -19.74 -10.13
CA GLN E 359 64.56 -19.10 -8.89
C GLN E 359 65.10 -17.68 -8.76
N HIS E 360 66.33 -17.42 -9.19
CA HIS E 360 66.70 -16.03 -9.43
C HIS E 360 65.87 -15.45 -10.56
N LEU E 361 65.41 -16.31 -11.47
CA LEU E 361 64.24 -16.03 -12.29
C LEU E 361 63.03 -15.83 -11.38
N LEU E 362 62.45 -14.63 -11.43
CA LEU E 362 61.38 -14.30 -10.51
C LEU E 362 60.13 -15.14 -10.79
N ASP E 363 59.63 -15.79 -9.74
CA ASP E 363 58.42 -16.60 -9.81
C ASP E 363 57.46 -16.37 -8.67
N HIS E 364 57.91 -15.83 -7.53
CA HIS E 364 57.14 -15.81 -6.30
C HIS E 364 56.54 -17.19 -6.02
N PRO E 365 57.37 -18.24 -5.95
CA PRO E 365 56.84 -19.59 -5.72
C PRO E 365 56.81 -19.98 -4.26
N ARG E 366 56.30 -21.18 -3.99
CA ARG E 366 56.61 -21.89 -2.76
C ARG E 366 57.41 -23.15 -3.10
N HIS E 367 57.85 -23.85 -2.07
CA HIS E 367 58.53 -25.12 -2.21
C HIS E 367 57.98 -26.08 -1.16
N VAL E 368 57.90 -27.36 -1.52
CA VAL E 368 57.50 -28.39 -0.57
C VAL E 368 58.41 -29.59 -0.72
N GLU E 369 58.82 -30.16 0.42
CA GLU E 369 59.70 -31.31 0.44
C GLU E 369 58.87 -32.58 0.51
N ILE E 370 59.34 -33.62 -0.19
CA ILE E 370 58.74 -34.94 -0.16
C ILE E 370 59.66 -35.86 0.62
N LEU E 371 59.07 -36.66 1.50
CA LEU E 371 59.80 -37.55 2.38
C LEU E 371 59.30 -38.98 2.17
N GLY E 372 60.25 -39.91 2.09
CA GLY E 372 59.93 -41.28 1.76
C GLY E 372 59.38 -42.12 2.88
N PHE E 373 59.84 -43.37 2.94
CA PHE E 373 59.20 -44.38 3.78
C PHE E 373 59.64 -44.24 5.23
N SER E 374 58.69 -43.88 6.10
CA SER E 374 58.86 -44.09 7.52
C SER E 374 58.67 -45.56 7.83
N GLU E 375 58.96 -45.95 9.06
CA GLU E 375 58.95 -47.37 9.42
C GLU E 375 57.58 -48.00 9.19
N ALA E 376 56.54 -47.39 9.76
CA ALA E 376 55.22 -48.02 9.77
C ALA E 376 54.63 -48.14 8.36
N LYS E 377 54.63 -47.04 7.60
CA LYS E 377 54.03 -47.17 6.28
C LYS E 377 54.99 -47.75 5.25
N ARG E 378 56.28 -47.84 5.57
CA ARG E 378 57.17 -48.71 4.82
C ARG E 378 56.78 -50.18 5.00
N LYS E 379 56.44 -50.56 6.24
CA LYS E 379 55.90 -51.89 6.47
C LYS E 379 54.60 -52.08 5.71
N GLU E 380 53.76 -51.05 5.67
CA GLU E 380 52.53 -51.11 4.90
C GLU E 380 52.82 -51.32 3.41
N TYR E 381 53.81 -50.60 2.87
CA TYR E 381 54.19 -50.79 1.48
C TYR E 381 54.72 -52.20 1.25
N PHE E 382 55.48 -52.73 2.20
CA PHE E 382 55.99 -54.10 2.06
C PHE E 382 54.84 -55.09 2.02
N PHE E 383 53.83 -54.88 2.87
CA PHE E 383 52.64 -55.74 2.87
C PHE E 383 51.88 -55.62 1.55
N LYS E 384 51.76 -54.41 1.02
CA LYS E 384 50.98 -54.22 -0.20
C LYS E 384 51.72 -54.75 -1.41
N TYR E 385 53.04 -54.65 -1.44
CA TYR E 385 53.81 -55.16 -2.57
C TYR E 385 53.89 -56.68 -2.53
N PHE E 386 54.45 -57.22 -1.45
CA PHE E 386 54.50 -58.66 -1.31
C PHE E 386 53.09 -59.22 -1.17
N SER E 387 52.96 -60.51 -1.38
CA SER E 387 51.72 -61.18 -1.00
C SER E 387 51.63 -61.18 0.52
N ASN E 388 50.40 -61.25 1.02
CA ASN E 388 50.17 -61.03 2.44
C ASN E 388 50.79 -62.12 3.31
N GLU E 389 51.24 -63.22 2.73
CA GLU E 389 51.81 -64.32 3.51
C GLU E 389 53.13 -64.86 3.00
N LEU E 390 53.46 -64.72 1.72
CA LEU E 390 54.66 -65.38 1.20
C LEU E 390 55.93 -64.75 1.73
N GLN E 391 56.04 -63.41 1.66
CA GLN E 391 57.25 -62.73 2.11
C GLN E 391 56.94 -61.43 2.84
N ALA E 392 55.73 -61.26 3.35
CA ALA E 392 55.34 -59.97 3.90
C ALA E 392 56.07 -59.66 5.20
N ARG E 393 56.34 -60.67 6.03
CA ARG E 393 56.92 -60.42 7.35
C ARG E 393 58.38 -60.84 7.51
N GLU E 394 58.73 -62.09 7.16
CA GLU E 394 60.06 -62.58 7.50
C GLU E 394 61.17 -61.80 6.81
N ALA E 395 61.00 -61.48 5.53
CA ALA E 395 61.96 -60.62 4.85
C ALA E 395 62.01 -59.23 5.46
N PHE E 396 60.84 -58.66 5.77
CA PHE E 396 60.80 -57.35 6.42
C PHE E 396 61.62 -57.37 7.71
N ARG E 397 61.39 -58.35 8.58
CA ARG E 397 62.05 -58.35 9.87
C ARG E 397 63.53 -58.71 9.74
N LEU E 398 63.91 -59.56 8.79
CA LEU E 398 65.32 -59.86 8.64
C LEU E 398 66.09 -58.66 8.13
N ILE E 399 65.47 -57.82 7.29
CA ILE E 399 66.18 -56.60 6.91
C ILE E 399 66.00 -55.52 7.97
N GLN E 400 65.04 -55.66 8.87
CA GLN E 400 65.00 -54.81 10.06
C GLN E 400 66.21 -55.08 10.93
N GLU E 401 66.58 -56.35 11.09
CA GLU E 401 67.69 -56.70 11.97
C GLU E 401 69.02 -56.18 11.45
N ASN E 402 69.06 -55.73 10.21
CA ASN E 402 70.25 -55.11 9.66
C ASN E 402 70.43 -53.72 10.26
N GLU E 403 71.65 -53.40 10.72
CA GLU E 403 71.93 -52.07 11.25
C GLU E 403 71.83 -51.00 10.16
N VAL E 404 71.78 -51.41 8.91
CA VAL E 404 71.67 -50.53 7.77
C VAL E 404 70.49 -51.02 6.93
N LEU E 405 70.23 -50.37 5.79
CA LEU E 405 69.09 -50.70 4.92
C LEU E 405 67.79 -50.25 5.57
N PHE E 406 67.88 -49.85 6.83
CA PHE E 406 66.84 -49.07 7.48
C PHE E 406 67.16 -47.58 7.46
N THR E 407 68.45 -47.24 7.40
CA THR E 407 68.83 -45.89 6.97
C THR E 407 68.33 -45.59 5.57
N MET E 408 68.49 -46.53 4.63
CA MET E 408 68.01 -46.28 3.27
C MET E 408 66.57 -46.69 3.08
N CYS E 409 65.97 -47.46 3.99
CA CYS E 409 64.57 -47.79 3.79
C CYS E 409 63.72 -46.53 3.74
N PHE E 410 64.18 -45.43 4.31
CA PHE E 410 63.50 -44.16 4.14
C PHE E 410 63.36 -43.77 2.67
N ILE E 411 64.44 -43.91 1.89
CA ILE E 411 64.37 -43.55 0.47
C ILE E 411 63.52 -44.52 -0.35
N PRO E 412 62.51 -43.96 -1.05
CA PRO E 412 61.60 -44.80 -1.85
C PRO E 412 62.27 -45.60 -2.95
N LEU E 413 63.29 -45.07 -3.63
CA LEU E 413 63.91 -45.87 -4.67
C LEU E 413 64.55 -47.13 -4.09
N VAL E 414 65.12 -47.03 -2.89
CA VAL E 414 65.67 -48.20 -2.24
C VAL E 414 64.57 -49.19 -1.90
N CYS E 415 63.43 -48.70 -1.37
CA CYS E 415 62.36 -49.64 -1.09
C CYS E 415 61.83 -50.31 -2.36
N TRP E 416 61.65 -49.54 -3.44
CA TRP E 416 61.16 -50.14 -4.68
C TRP E 416 62.16 -51.12 -5.27
N ILE E 417 63.45 -50.90 -5.02
CA ILE E 417 64.45 -51.75 -5.64
C ILE E 417 64.71 -52.97 -4.78
N VAL E 418 64.41 -52.91 -3.49
CA VAL E 418 64.56 -54.12 -2.69
C VAL E 418 63.31 -54.97 -2.80
N CYS E 419 62.15 -54.33 -2.98
CA CYS E 419 60.92 -55.10 -3.18
C CYS E 419 60.98 -55.84 -4.50
N THR E 420 61.37 -55.16 -5.58
CA THR E 420 61.49 -55.88 -6.85
C THR E 420 62.72 -56.79 -6.86
N GLY E 421 63.79 -56.43 -6.14
CA GLY E 421 65.02 -57.17 -6.10
C GLY E 421 65.04 -58.41 -5.24
N LEU E 422 63.98 -58.68 -4.47
CA LEU E 422 63.99 -59.87 -3.64
C LEU E 422 63.00 -60.95 -4.06
N LYS E 423 62.10 -60.68 -4.99
CA LYS E 423 61.22 -61.72 -5.49
C LYS E 423 61.94 -62.77 -6.33
N GLN E 424 63.17 -62.51 -6.77
CA GLN E 424 63.96 -63.54 -7.44
C GLN E 424 64.73 -64.44 -6.47
N GLN E 425 64.65 -64.23 -5.16
CA GLN E 425 65.57 -64.88 -4.23
C GLN E 425 64.97 -66.04 -3.46
N MET E 426 63.64 -66.23 -3.50
CA MET E 426 63.09 -67.42 -2.88
C MET E 426 63.42 -68.67 -3.68
N GLU E 427 63.57 -68.52 -5.01
CA GLU E 427 64.06 -69.64 -5.82
C GLU E 427 65.48 -70.05 -5.41
N THR E 428 66.28 -69.09 -4.94
CA THR E 428 67.59 -69.40 -4.38
C THR E 428 67.50 -69.71 -2.88
N GLY E 429 66.96 -68.78 -2.10
CA GLY E 429 66.71 -69.00 -0.70
C GLY E 429 67.81 -68.49 0.20
N LYS E 430 67.43 -67.69 1.20
CA LYS E 430 68.33 -67.23 2.26
C LYS E 430 69.53 -66.48 1.67
N SER E 431 69.23 -65.51 0.80
CA SER E 431 70.26 -64.65 0.21
C SER E 431 69.77 -63.21 0.17
N LEU E 432 69.14 -62.75 1.25
CA LEU E 432 68.43 -61.48 1.25
C LEU E 432 69.29 -60.34 1.80
N ALA E 433 69.75 -60.46 3.03
CA ALA E 433 70.43 -59.39 3.73
C ALA E 433 71.93 -59.33 3.45
N GLN E 434 72.45 -60.24 2.65
CA GLN E 434 73.89 -60.27 2.39
C GLN E 434 74.32 -59.10 1.51
N THR E 435 75.60 -58.75 1.64
CA THR E 435 76.28 -57.70 0.85
C THR E 435 75.37 -56.51 0.56
N SER E 436 74.74 -56.01 1.63
CA SER E 436 73.84 -54.86 1.58
C SER E 436 74.37 -53.80 2.55
N LYS E 437 75.16 -52.87 2.03
CA LYS E 437 75.72 -51.80 2.85
C LYS E 437 75.23 -50.42 2.44
N THR E 438 75.43 -50.02 1.19
CA THR E 438 75.22 -48.65 0.74
C THR E 438 74.38 -48.66 -0.54
N THR E 439 74.05 -47.47 -1.04
CA THR E 439 73.24 -47.38 -2.25
C THR E 439 73.95 -48.02 -3.44
N THR E 440 75.25 -47.73 -3.59
CA THR E 440 76.04 -48.41 -4.62
C THR E 440 76.07 -49.91 -4.41
N ALA E 441 76.21 -50.34 -3.15
CA ALA E 441 76.27 -51.77 -2.86
C ALA E 441 74.98 -52.47 -3.27
N VAL E 442 73.84 -51.88 -2.91
CA VAL E 442 72.56 -52.52 -3.21
C VAL E 442 72.30 -52.48 -4.72
N TYR E 443 72.70 -51.39 -5.38
CA TYR E 443 72.54 -51.34 -6.83
C TYR E 443 73.37 -52.41 -7.53
N VAL E 444 74.61 -52.60 -7.08
CA VAL E 444 75.47 -53.63 -7.65
C VAL E 444 74.90 -55.01 -7.40
N PHE E 445 74.40 -55.25 -6.17
CA PHE E 445 73.81 -56.55 -5.86
C PHE E 445 72.58 -56.82 -6.72
N PHE E 446 71.72 -55.82 -6.89
CA PHE E 446 70.52 -55.99 -7.70
C PHE E 446 70.88 -56.25 -9.16
N LEU E 447 71.86 -55.51 -9.70
CA LEU E 447 72.26 -55.74 -11.08
C LEU E 447 72.85 -57.14 -11.24
N SER E 448 73.68 -57.58 -10.29
CA SER E 448 74.25 -58.92 -10.36
C SER E 448 73.16 -59.99 -10.27
N SER E 449 72.16 -59.77 -9.42
CA SER E 449 71.03 -60.69 -9.31
C SER E 449 70.26 -60.78 -10.62
N LEU E 450 70.01 -59.64 -11.27
CA LEU E 450 69.35 -59.66 -12.57
C LEU E 450 70.21 -60.36 -13.62
N LEU E 451 71.51 -60.08 -13.61
CA LEU E 451 72.44 -60.59 -14.61
C LEU E 451 73.21 -61.80 -14.10
N GLN E 452 72.57 -62.65 -13.30
CA GLN E 452 73.25 -63.81 -12.73
C GLN E 452 73.32 -64.95 -13.73
N SER E 453 72.20 -65.29 -14.36
CA SER E 453 72.12 -66.42 -15.27
C SER E 453 72.51 -66.05 -16.70
N ARG E 454 73.10 -64.88 -16.92
CA ARG E 454 73.53 -64.44 -18.23
C ARG E 454 75.00 -64.77 -18.51
N GLY E 455 75.71 -65.32 -17.54
CA GLY E 455 77.12 -65.65 -17.73
C GLY E 455 77.84 -65.94 -16.43
N LEU E 461 79.70 -63.85 -24.25
CA LEU E 461 78.29 -63.66 -24.60
C LEU E 461 77.77 -62.31 -24.08
N PHE E 462 77.22 -62.34 -22.87
CA PHE E 462 76.69 -61.12 -22.26
C PHE E 462 77.80 -60.19 -21.79
N SER E 463 79.03 -60.69 -21.67
CA SER E 463 80.14 -59.82 -21.27
C SER E 463 80.33 -58.69 -22.26
N ASP E 464 80.13 -58.95 -23.55
CA ASP E 464 80.18 -57.89 -24.55
C ASP E 464 78.87 -57.10 -24.63
N TYR E 465 77.74 -57.74 -24.36
CA TYR E 465 76.46 -57.03 -24.41
C TYR E 465 76.37 -55.95 -23.36
N LEU E 466 76.80 -56.27 -22.13
CA LEU E 466 76.79 -55.28 -21.07
C LEU E 466 77.72 -54.11 -21.39
N GLN E 467 78.90 -54.41 -21.95
CA GLN E 467 79.83 -53.35 -22.33
C GLN E 467 79.26 -52.49 -23.44
N GLY E 468 78.60 -53.10 -24.42
CA GLY E 468 78.00 -52.33 -25.50
C GLY E 468 76.89 -51.41 -25.04
N LEU E 469 76.00 -51.92 -24.18
CA LEU E 469 74.96 -51.05 -23.63
C LEU E 469 75.56 -49.97 -22.74
N CYS E 470 76.58 -50.33 -21.95
CA CYS E 470 77.24 -49.40 -21.07
C CYS E 470 77.89 -48.25 -21.83
N SER E 471 78.65 -48.57 -22.88
CA SER E 471 79.44 -47.55 -23.58
C SER E 471 78.59 -46.64 -24.40
N LEU E 472 77.27 -46.75 -24.22
CA LEU E 472 76.31 -45.93 -24.94
C LEU E 472 75.29 -45.31 -24.01
N ALA E 473 75.06 -45.87 -22.83
CA ALA E 473 74.02 -45.36 -21.96
C ALA E 473 74.42 -43.99 -21.42
N ALA E 474 75.68 -43.88 -20.98
CA ALA E 474 76.15 -42.67 -20.33
C ALA E 474 76.12 -41.47 -21.27
N ASP E 475 76.33 -41.69 -22.56
CA ASP E 475 76.24 -40.63 -23.55
C ASP E 475 74.87 -39.97 -23.58
N GLY E 476 73.84 -40.64 -23.07
CA GLY E 476 72.53 -40.01 -22.92
C GLY E 476 72.59 -38.71 -22.13
N ILE E 477 73.46 -38.65 -21.12
CA ILE E 477 73.65 -37.42 -20.37
C ILE E 477 74.99 -36.76 -20.70
N TRP E 478 75.97 -37.51 -21.19
CA TRP E 478 77.24 -36.93 -21.59
C TRP E 478 77.07 -36.03 -22.82
N ASN E 479 76.66 -36.62 -23.94
CA ASN E 479 76.29 -35.79 -25.08
C ASN E 479 74.97 -35.08 -24.86
N GLN E 480 74.30 -35.37 -23.74
CA GLN E 480 73.05 -34.73 -23.35
C GLN E 480 71.96 -34.99 -24.39
N LYS E 481 71.83 -36.25 -24.78
CA LYS E 481 70.68 -36.74 -25.53
C LYS E 481 70.14 -37.88 -24.69
N ILE E 482 69.40 -37.54 -23.63
CA ILE E 482 68.88 -38.53 -22.72
C ILE E 482 67.94 -39.49 -23.44
N LEU E 483 67.30 -39.01 -24.52
CA LEU E 483 66.41 -39.85 -25.30
C LEU E 483 67.21 -40.57 -26.37
N PHE E 484 67.03 -41.89 -26.43
CA PHE E 484 67.80 -42.77 -27.32
C PHE E 484 67.21 -42.89 -28.72
N GLU E 485 66.08 -42.26 -29.00
CA GLU E 485 65.38 -42.37 -30.28
C GLU E 485 65.06 -43.83 -30.58
N GLU E 486 64.16 -44.36 -29.75
CA GLU E 486 63.74 -45.77 -29.78
C GLU E 486 64.96 -46.70 -29.80
N CYS E 487 66.07 -46.21 -29.25
CA CYS E 487 67.32 -46.94 -29.15
C CYS E 487 67.89 -47.25 -30.54
N ASP E 488 67.93 -46.23 -31.40
CA ASP E 488 68.62 -46.37 -32.68
C ASP E 488 70.13 -46.24 -32.52
N LEU E 489 70.58 -45.42 -31.57
CA LEU E 489 71.99 -45.47 -31.20
C LEU E 489 72.35 -46.87 -30.69
N ARG E 490 71.47 -47.49 -29.91
CA ARG E 490 71.66 -48.88 -29.52
C ARG E 490 71.63 -49.81 -30.72
N LYS E 491 70.76 -49.54 -31.69
CA LYS E 491 70.76 -50.29 -32.94
C LYS E 491 72.12 -50.23 -33.62
N HIS E 492 72.82 -49.11 -33.47
CA HIS E 492 74.21 -49.05 -33.89
C HIS E 492 75.10 -49.86 -32.95
N GLY E 493 74.91 -49.72 -31.64
CA GLY E 493 75.74 -50.38 -30.66
C GLY E 493 75.09 -51.57 -29.98
N LEU E 494 75.46 -52.79 -30.42
CA LEU E 494 75.09 -54.04 -29.73
C LEU E 494 73.56 -54.19 -29.64
N GLN E 495 72.95 -54.33 -30.82
CA GLN E 495 71.53 -54.64 -30.95
C GLN E 495 71.40 -56.12 -31.27
N LYS E 496 70.97 -56.90 -30.29
CA LYS E 496 70.71 -58.33 -30.45
C LYS E 496 69.43 -58.67 -29.69
N THR E 497 69.20 -59.98 -29.49
CA THR E 497 68.11 -60.42 -28.62
C THR E 497 68.37 -60.05 -27.16
N ASP E 498 69.62 -59.73 -26.82
CA ASP E 498 69.92 -59.20 -25.49
C ASP E 498 69.10 -57.97 -25.19
N VAL E 499 68.84 -57.14 -26.21
CA VAL E 499 68.00 -55.96 -26.01
C VAL E 499 66.57 -56.36 -25.64
N SER E 500 66.04 -57.39 -26.31
CA SER E 500 64.72 -57.89 -25.95
C SER E 500 64.70 -58.41 -24.53
N ALA E 501 65.76 -59.13 -24.12
CA ALA E 501 65.85 -59.61 -22.75
C ALA E 501 65.89 -58.46 -21.74
N PHE E 502 66.67 -57.42 -22.06
CA PHE E 502 66.76 -56.26 -21.17
C PHE E 502 65.41 -55.58 -21.04
N LEU E 503 64.71 -55.40 -22.15
CA LEU E 503 63.38 -54.79 -22.10
C LEU E 503 62.39 -55.66 -21.32
N ARG E 504 62.51 -56.99 -21.46
CA ARG E 504 61.60 -57.88 -20.76
C ARG E 504 61.83 -57.83 -19.25
N MET E 505 63.09 -57.76 -18.81
CA MET E 505 63.33 -57.61 -17.38
C MET E 505 63.21 -56.18 -16.89
N ASN E 506 63.08 -55.22 -17.81
CA ASN E 506 62.98 -53.79 -17.50
C ASN E 506 61.73 -53.20 -18.13
N VAL E 507 60.59 -53.84 -17.87
CA VAL E 507 59.32 -53.52 -18.53
C VAL E 507 59.05 -52.02 -18.59
N PHE E 508 59.58 -51.26 -17.63
CA PHE E 508 59.35 -49.82 -17.59
C PHE E 508 60.29 -49.03 -18.48
N GLN E 509 60.87 -49.66 -19.50
CA GLN E 509 61.78 -48.98 -20.42
C GLN E 509 61.03 -48.35 -21.59
N LYS E 510 60.31 -49.17 -22.35
CA LYS E 510 59.61 -48.71 -23.55
C LYS E 510 58.17 -48.32 -23.28
N GLU E 511 57.53 -48.99 -22.33
CA GLU E 511 56.08 -48.85 -22.15
C GLU E 511 55.70 -47.45 -21.69
N VAL E 512 56.60 -46.73 -21.01
CA VAL E 512 56.27 -45.39 -20.53
C VAL E 512 56.03 -44.42 -21.68
N ASP E 513 56.73 -44.61 -22.81
CA ASP E 513 56.54 -43.74 -23.96
C ASP E 513 55.28 -44.06 -24.75
N CYS E 514 54.87 -45.32 -24.75
CA CYS E 514 53.56 -45.83 -25.13
C CYS E 514 53.32 -45.86 -26.64
N GLU E 515 54.21 -45.30 -27.47
CA GLU E 515 54.02 -45.37 -28.91
C GLU E 515 55.12 -46.15 -29.64
N ARG E 516 56.37 -45.68 -29.57
CA ARG E 516 57.48 -46.39 -30.20
C ARG E 516 58.76 -46.40 -29.38
N PHE E 517 58.87 -45.59 -28.33
CA PHE E 517 60.14 -45.07 -27.90
C PHE E 517 60.69 -45.87 -26.72
N TYR E 518 62.01 -45.88 -26.61
CA TYR E 518 62.73 -46.68 -25.61
C TYR E 518 63.57 -45.77 -24.73
N SER E 519 63.65 -46.09 -23.45
CA SER E 519 64.34 -45.25 -22.48
C SER E 519 64.66 -46.10 -21.25
N PHE E 520 65.00 -45.45 -20.14
CA PHE E 520 65.25 -46.11 -18.87
C PHE E 520 64.17 -45.72 -17.86
N SER E 521 64.20 -46.36 -16.70
CA SER E 521 63.13 -46.15 -15.73
C SER E 521 63.17 -44.78 -15.07
N HIS E 522 64.21 -44.50 -14.28
CA HIS E 522 64.40 -43.19 -13.68
C HIS E 522 65.86 -42.78 -13.76
N MET E 523 66.53 -43.12 -14.87
CA MET E 523 67.87 -42.65 -15.19
C MET E 523 68.90 -42.95 -14.10
N THR E 524 68.49 -43.70 -13.08
CA THR E 524 69.42 -44.01 -12.00
C THR E 524 70.26 -45.21 -12.36
N PHE E 525 69.64 -46.26 -12.91
CA PHE E 525 70.42 -47.31 -13.52
C PHE E 525 71.25 -46.79 -14.68
N GLN E 526 70.74 -45.75 -15.37
CA GLN E 526 71.53 -45.12 -16.41
C GLN E 526 72.81 -44.49 -15.85
N GLU E 527 72.70 -43.79 -14.72
CA GLU E 527 73.92 -43.24 -14.14
C GLU E 527 74.80 -44.33 -13.54
N PHE E 528 74.19 -45.44 -13.11
CA PHE E 528 74.98 -46.59 -12.67
C PHE E 528 75.79 -47.15 -13.84
N PHE E 529 75.17 -47.24 -15.01
CA PHE E 529 75.88 -47.67 -16.21
C PHE E 529 76.93 -46.64 -16.62
N ALA E 530 76.70 -45.36 -16.33
CA ALA E 530 77.73 -44.36 -16.59
C ALA E 530 78.95 -44.58 -15.70
N ALA E 531 78.72 -44.96 -14.45
CA ALA E 531 79.83 -45.36 -13.57
C ALA E 531 80.52 -46.62 -14.11
N MET E 532 79.72 -47.57 -14.59
CA MET E 532 80.27 -48.75 -15.25
C MET E 532 81.17 -48.38 -16.41
N TYR E 533 80.76 -47.39 -17.22
CA TYR E 533 81.57 -46.94 -18.35
C TYR E 533 83.01 -46.67 -17.93
N TYR E 534 83.22 -45.73 -17.02
CA TYR E 534 84.57 -45.44 -16.57
C TYR E 534 85.19 -46.63 -15.86
N LEU E 535 84.37 -47.54 -15.34
CA LEU E 535 84.92 -48.78 -14.77
C LEU E 535 85.55 -49.65 -15.85
N LEU E 536 84.95 -49.65 -17.04
CA LEU E 536 85.42 -50.43 -18.17
C LEU E 536 86.25 -49.56 -19.10
N GLU E 537 86.87 -50.20 -20.08
CA GLU E 537 87.66 -49.49 -21.07
C GLU E 537 87.82 -50.31 -22.36
N ARG E 558 86.80 -42.80 -20.05
CA ARG E 558 87.73 -41.91 -20.73
C ARG E 558 88.50 -41.02 -19.75
N ASP E 559 88.64 -39.75 -20.11
CA ASP E 559 89.33 -38.78 -19.27
C ASP E 559 88.46 -38.34 -18.10
N VAL E 560 89.07 -38.29 -16.91
CA VAL E 560 88.38 -37.83 -15.71
C VAL E 560 88.44 -36.32 -15.53
N LYS E 561 89.32 -35.63 -16.25
CA LYS E 561 89.54 -34.21 -16.04
C LYS E 561 88.29 -33.41 -16.33
N VAL E 562 87.72 -33.61 -17.53
CA VAL E 562 86.55 -32.84 -17.93
C VAL E 562 85.34 -33.19 -17.09
N LEU E 563 85.19 -34.46 -16.70
CA LEU E 563 84.05 -34.80 -15.85
C LEU E 563 84.13 -34.08 -14.50
N LEU E 564 85.27 -34.16 -13.81
CA LEU E 564 85.37 -33.47 -12.54
C LEU E 564 85.30 -31.95 -12.68
N GLU E 565 85.78 -31.40 -13.80
CA GLU E 565 85.55 -29.99 -14.08
C GLU E 565 84.06 -29.67 -14.22
N ASN E 566 83.33 -30.52 -14.93
CA ASN E 566 81.91 -30.37 -15.21
C ASN E 566 81.02 -30.85 -14.05
N TYR E 567 81.58 -31.02 -12.84
CA TYR E 567 80.82 -31.59 -11.72
C TYR E 567 79.64 -30.72 -11.31
N GLY E 568 78.44 -31.25 -11.45
CA GLY E 568 77.25 -30.65 -10.89
C GLY E 568 76.58 -29.63 -11.77
N LYS E 569 77.06 -29.49 -13.01
CA LYS E 569 76.61 -28.52 -13.99
C LYS E 569 75.27 -28.99 -14.52
N PHE E 570 74.93 -28.56 -15.72
CA PHE E 570 73.57 -28.64 -16.23
C PHE E 570 73.65 -29.01 -17.71
N GLU E 571 74.75 -29.65 -18.09
CA GLU E 571 75.12 -30.04 -19.44
C GLU E 571 75.28 -31.55 -19.53
N LYS E 572 75.95 -32.17 -18.56
CA LYS E 572 76.06 -33.62 -18.48
C LYS E 572 75.08 -34.24 -17.47
N GLY E 573 74.29 -33.42 -16.79
CA GLY E 573 73.21 -33.89 -15.92
C GLY E 573 73.53 -34.03 -14.45
N TYR E 574 73.99 -32.93 -13.85
CA TYR E 574 74.27 -32.81 -12.42
C TYR E 574 75.39 -33.71 -11.91
N LEU E 575 75.67 -34.82 -12.63
CA LEU E 575 76.70 -35.76 -12.22
C LEU E 575 76.58 -36.23 -10.77
N ILE E 576 75.49 -35.88 -10.09
CA ILE E 576 75.35 -36.22 -8.68
C ILE E 576 75.41 -37.74 -8.48
N PHE E 577 74.44 -38.48 -9.02
CA PHE E 577 74.44 -39.92 -8.82
C PHE E 577 75.59 -40.57 -9.55
N VAL E 578 76.10 -39.91 -10.60
CA VAL E 578 77.26 -40.43 -11.32
C VAL E 578 78.43 -40.56 -10.37
N VAL E 579 78.85 -39.43 -9.79
CA VAL E 579 79.96 -39.43 -8.85
C VAL E 579 79.63 -40.24 -7.62
N ARG E 580 78.36 -40.25 -7.21
CA ARG E 580 77.96 -41.07 -6.07
C ARG E 580 78.32 -42.53 -6.30
N PHE E 581 77.90 -43.08 -7.44
CA PHE E 581 78.24 -44.47 -7.75
C PHE E 581 79.72 -44.63 -8.00
N LEU E 582 80.38 -43.63 -8.59
CA LEU E 582 81.83 -43.69 -8.75
C LEU E 582 82.52 -43.92 -7.42
N PHE E 583 82.17 -43.13 -6.41
CA PHE E 583 82.76 -43.32 -5.09
C PHE E 583 82.35 -44.66 -4.51
N GLY E 584 81.10 -45.08 -4.71
CA GLY E 584 80.68 -46.35 -4.14
C GLY E 584 81.49 -47.50 -4.70
N LEU E 585 81.83 -47.42 -5.98
CA LEU E 585 82.56 -48.48 -6.66
C LEU E 585 84.05 -48.45 -6.32
N VAL E 586 84.65 -47.27 -6.22
CA VAL E 586 86.11 -47.17 -6.17
C VAL E 586 86.65 -47.78 -4.88
N ASN E 587 85.76 -48.25 -4.01
CA ASN E 587 86.18 -48.99 -2.83
C ASN E 587 87.02 -50.16 -3.31
N GLN E 588 88.18 -50.37 -2.67
CA GLN E 588 89.17 -51.32 -3.19
C GLN E 588 88.64 -52.74 -3.28
N GLU E 589 87.90 -53.21 -2.27
CA GLU E 589 87.29 -54.53 -2.37
C GLU E 589 86.32 -54.64 -3.54
N ARG E 590 85.46 -53.63 -3.74
CA ARG E 590 84.59 -53.64 -4.91
C ARG E 590 85.37 -53.51 -6.20
N THR E 591 86.48 -52.78 -6.19
CA THR E 591 87.38 -52.69 -7.33
C THR E 591 87.86 -54.06 -7.75
N SER E 592 88.40 -54.84 -6.80
CA SER E 592 88.87 -56.18 -7.12
C SER E 592 87.72 -57.07 -7.58
N TYR E 593 86.58 -56.99 -6.90
CA TYR E 593 85.44 -57.84 -7.26
C TYR E 593 84.99 -57.55 -8.68
N LEU E 594 84.90 -56.29 -9.06
CA LEU E 594 84.42 -55.93 -10.39
C LEU E 594 85.48 -56.18 -11.46
N GLU E 595 86.76 -55.94 -11.15
CA GLU E 595 87.80 -56.25 -12.11
C GLU E 595 87.91 -57.74 -12.36
N LYS E 596 87.44 -58.56 -11.42
CA LYS E 596 87.39 -60.00 -11.65
C LYS E 596 86.09 -60.42 -12.34
N LYS E 597 84.98 -59.78 -11.98
CA LYS E 597 83.68 -60.18 -12.52
C LYS E 597 83.52 -59.76 -13.98
N LEU E 598 83.90 -58.52 -14.30
CA LEU E 598 83.66 -57.93 -15.60
C LEU E 598 84.85 -58.06 -16.56
N SER E 599 85.94 -58.68 -16.12
CA SER E 599 87.16 -58.80 -16.92
C SER E 599 87.63 -57.43 -17.43
N CYS E 600 87.57 -56.42 -16.55
CA CYS E 600 87.83 -55.05 -16.94
C CYS E 600 88.91 -54.44 -16.08
N LYS E 601 89.71 -53.57 -16.69
CA LYS E 601 90.74 -52.81 -16.00
C LYS E 601 90.17 -51.46 -15.55
N ILE E 602 90.44 -51.09 -14.30
CA ILE E 602 89.99 -49.81 -13.76
C ILE E 602 91.20 -49.06 -13.24
N SER E 603 91.20 -47.74 -13.46
CA SER E 603 92.33 -46.89 -13.12
C SER E 603 92.24 -46.45 -11.67
N GLN E 604 93.39 -46.38 -11.02
CA GLN E 604 93.44 -45.90 -9.64
C GLN E 604 93.74 -44.42 -9.58
N GLN E 605 94.12 -43.81 -10.70
CA GLN E 605 94.38 -42.39 -10.75
C GLN E 605 93.16 -41.59 -10.30
N VAL E 606 91.97 -42.08 -10.63
CA VAL E 606 90.74 -41.38 -10.27
C VAL E 606 90.65 -41.18 -8.76
N ARG E 607 91.15 -42.12 -7.98
CA ARG E 607 91.17 -41.95 -6.52
C ARG E 607 91.91 -40.68 -6.15
N LEU E 608 93.09 -40.47 -6.76
CA LEU E 608 93.85 -39.25 -6.52
C LEU E 608 93.07 -38.05 -7.03
N GLU E 609 92.41 -38.20 -8.18
CA GLU E 609 91.65 -37.09 -8.74
C GLU E 609 90.59 -36.62 -7.74
N LEU E 610 89.84 -37.57 -7.18
CA LEU E 610 88.88 -37.27 -6.11
C LEU E 610 89.55 -36.53 -4.97
N LEU E 611 90.70 -37.04 -4.51
CA LEU E 611 91.52 -36.33 -3.52
C LEU E 611 91.70 -34.86 -3.89
N LYS E 612 92.29 -34.61 -5.07
CA LYS E 612 92.48 -33.25 -5.59
C LYS E 612 91.20 -32.45 -5.52
N TRP E 613 90.11 -33.04 -6.00
CA TRP E 613 88.80 -32.42 -5.94
C TRP E 613 88.47 -31.98 -4.53
N ILE E 614 88.68 -32.87 -3.55
CA ILE E 614 88.42 -32.52 -2.16
C ILE E 614 89.21 -31.30 -1.70
N GLU E 615 90.53 -31.24 -1.95
CA GLU E 615 91.20 -29.99 -1.58
C GLU E 615 90.60 -28.77 -2.30
N VAL E 616 90.25 -28.92 -3.58
CA VAL E 616 89.63 -27.81 -4.31
C VAL E 616 88.34 -27.35 -3.62
N LYS E 617 87.45 -28.28 -3.32
CA LYS E 617 86.22 -27.83 -2.65
C LYS E 617 86.48 -27.43 -1.21
N ALA E 618 87.64 -27.79 -0.65
CA ALA E 618 88.08 -27.23 0.62
C ALA E 618 88.35 -25.74 0.47
N LYS E 619 88.95 -25.37 -0.66
CA LYS E 619 89.36 -24.00 -0.89
C LYS E 619 88.29 -23.18 -1.59
N ALA E 620 87.16 -23.80 -1.96
CA ALA E 620 86.07 -23.10 -2.60
C ALA E 620 85.30 -22.34 -1.53
N LYS E 621 85.45 -21.02 -1.51
CA LYS E 621 84.76 -20.20 -0.51
C LYS E 621 83.28 -19.99 -0.81
N LYS E 622 82.85 -20.22 -2.05
CA LYS E 622 81.43 -20.06 -2.41
C LYS E 622 80.70 -21.38 -2.22
N LEU E 623 80.59 -21.79 -0.95
CA LEU E 623 79.91 -23.04 -0.63
C LEU E 623 78.40 -22.90 -0.56
N GLN E 624 77.85 -21.68 -0.60
CA GLN E 624 76.41 -21.53 -0.51
C GLN E 624 75.72 -21.88 -1.83
N TRP E 625 76.31 -21.54 -2.97
CA TRP E 625 75.72 -21.80 -4.28
C TRP E 625 76.45 -22.89 -5.04
N GLN E 626 77.31 -23.66 -4.37
CA GLN E 626 78.03 -24.77 -4.94
C GLN E 626 77.69 -26.02 -4.13
N PRO E 627 78.00 -27.22 -4.59
CA PRO E 627 77.63 -28.42 -3.83
C PRO E 627 78.21 -28.42 -2.43
N SER E 628 77.40 -28.86 -1.48
CA SER E 628 77.68 -28.69 -0.05
C SER E 628 78.77 -29.67 0.40
N GLN E 629 78.97 -29.73 1.72
CA GLN E 629 79.76 -30.78 2.35
C GLN E 629 78.99 -32.08 2.50
N LEU E 630 77.68 -32.05 2.32
CA LEU E 630 76.86 -33.22 2.62
C LEU E 630 77.05 -34.32 1.59
N GLU E 631 77.09 -33.96 0.31
CA GLU E 631 77.32 -34.99 -0.71
C GLU E 631 78.77 -35.45 -0.73
N LEU E 632 79.72 -34.59 -0.34
CA LEU E 632 81.07 -35.08 -0.10
C LEU E 632 81.07 -36.14 0.99
N PHE E 633 80.34 -35.90 2.07
CA PHE E 633 80.22 -36.90 3.12
C PHE E 633 79.58 -38.17 2.58
N TYR E 634 78.55 -38.01 1.76
CA TYR E 634 77.91 -39.14 1.10
C TYR E 634 78.96 -39.98 0.37
N CYS E 635 79.79 -39.32 -0.43
CA CYS E 635 80.75 -40.03 -1.26
C CYS E 635 81.80 -40.74 -0.41
N LEU E 636 82.41 -40.03 0.54
CA LEU E 636 83.43 -40.65 1.38
C LEU E 636 82.87 -41.83 2.16
N TYR E 637 81.63 -41.72 2.64
CA TYR E 637 80.97 -42.87 3.25
C TYR E 637 80.77 -43.98 2.24
N GLU E 638 80.34 -43.63 1.03
CA GLU E 638 80.05 -44.66 0.03
C GLU E 638 81.32 -45.37 -0.41
N MET E 639 82.48 -44.79 -0.16
CA MET E 639 83.74 -45.41 -0.58
C MET E 639 84.55 -46.00 0.56
N GLN E 640 84.13 -45.81 1.81
CA GLN E 640 84.62 -46.60 2.94
C GLN E 640 86.13 -46.85 2.98
N GLU E 641 86.97 -45.85 2.72
CA GLU E 641 88.40 -46.02 2.89
C GLU E 641 88.89 -45.15 4.03
N GLU E 642 89.62 -45.76 4.97
CA GLU E 642 90.05 -45.07 6.18
C GLU E 642 90.97 -43.90 5.83
N ASP E 643 92.13 -44.20 5.24
CA ASP E 643 93.12 -43.16 5.01
C ASP E 643 92.60 -42.10 4.06
N PHE E 644 91.82 -42.53 3.06
CA PHE E 644 91.24 -41.57 2.12
C PHE E 644 90.26 -40.63 2.81
N VAL E 645 89.39 -41.16 3.68
CA VAL E 645 88.47 -40.30 4.41
C VAL E 645 89.23 -39.37 5.33
N GLN E 646 90.29 -39.87 5.96
CA GLN E 646 91.13 -39.03 6.81
C GLN E 646 91.72 -37.87 6.02
N SER E 647 92.32 -38.16 4.87
CA SER E 647 92.93 -37.12 4.06
C SER E 647 91.87 -36.13 3.55
N ALA E 648 90.69 -36.64 3.20
CA ALA E 648 89.61 -35.77 2.75
C ALA E 648 89.19 -34.81 3.86
N MET E 649 89.10 -35.32 5.08
CA MET E 649 88.69 -34.47 6.20
C MET E 649 89.78 -33.52 6.62
N ASP E 650 91.05 -33.87 6.36
CA ASP E 650 92.16 -33.01 6.75
C ASP E 650 92.04 -31.64 6.11
N HIS E 651 91.53 -31.59 4.88
CA HIS E 651 91.40 -30.32 4.17
C HIS E 651 90.31 -29.43 4.76
N PHE E 652 89.50 -29.95 5.67
CA PHE E 652 88.37 -29.20 6.22
C PHE E 652 88.56 -29.06 7.72
N PRO E 653 88.88 -27.87 8.25
CA PRO E 653 89.00 -27.72 9.70
C PRO E 653 87.68 -27.48 10.39
N LYS E 654 86.63 -27.16 9.65
CA LYS E 654 85.33 -26.83 10.22
C LYS E 654 84.25 -27.37 9.32
N ILE E 655 83.19 -27.90 9.93
CA ILE E 655 82.13 -28.59 9.22
C ILE E 655 80.83 -27.83 9.42
N GLU E 656 80.09 -27.64 8.32
CA GLU E 656 78.76 -27.03 8.37
C GLU E 656 77.84 -27.90 7.54
N ILE E 657 76.97 -28.65 8.19
CA ILE E 657 75.98 -29.48 7.53
C ILE E 657 74.65 -29.31 8.24
N ASN E 658 73.60 -29.80 7.60
CA ASN E 658 72.24 -29.71 8.14
C ASN E 658 71.56 -31.04 7.86
N LEU E 659 71.35 -31.83 8.91
CA LEU E 659 70.86 -33.18 8.73
C LEU E 659 69.38 -33.17 8.39
N SER E 660 69.01 -33.94 7.37
CA SER E 660 67.63 -34.18 7.00
C SER E 660 67.24 -35.64 7.01
N THR E 661 68.12 -36.53 6.55
CA THR E 661 67.91 -37.95 6.59
C THR E 661 68.76 -38.63 7.65
N ARG E 662 68.29 -39.80 8.09
CA ARG E 662 69.14 -40.63 8.91
C ARG E 662 70.35 -41.07 8.13
N MET E 663 70.23 -41.15 6.80
CA MET E 663 71.39 -41.35 5.96
C MET E 663 72.38 -40.20 6.13
N ASP E 664 71.86 -38.98 6.29
CA ASP E 664 72.72 -37.86 6.61
C ASP E 664 73.40 -38.08 7.96
N HIS E 665 72.65 -38.54 8.95
CA HIS E 665 73.24 -38.83 10.25
C HIS E 665 74.36 -39.85 10.14
N VAL E 666 74.13 -40.93 9.41
CA VAL E 666 75.13 -42.00 9.33
C VAL E 666 76.37 -41.51 8.60
N VAL E 667 76.21 -40.82 7.48
CA VAL E 667 77.38 -40.38 6.74
C VAL E 667 78.16 -39.36 7.56
N SER E 668 77.45 -38.49 8.28
CA SER E 668 78.13 -37.54 9.15
C SER E 668 78.91 -38.27 10.24
N SER E 669 78.29 -39.27 10.85
CA SER E 669 79.00 -40.05 11.86
C SER E 669 80.25 -40.69 11.29
N PHE E 670 80.12 -41.31 10.11
CA PHE E 670 81.24 -41.99 9.50
C PHE E 670 82.39 -41.03 9.23
N CYS E 671 82.10 -39.90 8.58
CA CYS E 671 83.17 -38.97 8.27
C CYS E 671 83.78 -38.39 9.53
N ILE E 672 82.95 -37.99 10.49
CA ILE E 672 83.46 -37.29 11.66
C ILE E 672 84.26 -38.22 12.55
N LYS E 673 83.91 -39.51 12.59
CA LYS E 673 84.75 -40.41 13.38
C LYS E 673 86.10 -40.69 12.73
N ASN E 674 86.41 -40.05 11.61
CA ASN E 674 87.68 -40.21 10.92
C ASN E 674 88.26 -38.84 10.60
N CYS E 675 88.27 -37.95 11.60
CA CYS E 675 88.78 -36.60 11.44
C CYS E 675 89.90 -36.35 12.44
N HIS E 676 90.94 -35.66 11.99
CA HIS E 676 92.02 -35.25 12.88
C HIS E 676 92.38 -33.78 12.68
N ARG E 677 92.14 -33.26 11.47
CA ARG E 677 92.35 -31.84 11.16
C ARG E 677 91.03 -31.07 11.09
N VAL E 678 90.05 -31.42 11.91
CA VAL E 678 88.79 -30.70 12.00
C VAL E 678 88.70 -30.08 13.39
N LYS E 679 88.57 -28.76 13.43
CA LYS E 679 88.51 -28.07 14.71
C LYS E 679 87.07 -27.89 15.18
N THR E 680 86.27 -27.14 14.41
CA THR E 680 84.92 -26.80 14.83
C THR E 680 83.91 -27.71 14.13
N LEU E 681 82.90 -28.15 14.88
CA LEU E 681 81.86 -29.05 14.36
C LEU E 681 80.51 -28.40 14.62
N SER E 682 80.02 -27.66 13.64
CA SER E 682 78.69 -27.07 13.68
C SER E 682 77.74 -27.99 12.94
N LEU E 683 76.60 -28.29 13.57
CA LEU E 683 75.65 -29.25 13.03
C LEU E 683 74.26 -28.64 12.99
N GLY E 684 73.58 -28.80 11.87
CA GLY E 684 72.22 -28.34 11.71
C GLY E 684 71.18 -29.44 11.80
N PHE E 685 70.49 -29.53 12.93
CA PHE E 685 69.50 -30.59 13.10
C PHE E 685 68.19 -30.08 12.52
N PHE E 686 67.59 -30.88 11.64
CA PHE E 686 66.29 -30.59 11.05
C PHE E 686 65.38 -31.81 11.18
N HIS E 687 64.69 -31.90 12.31
CA HIS E 687 63.78 -33.02 12.56
C HIS E 687 62.42 -32.77 11.91
N LEU E 726 64.83 -40.79 19.93
CA LEU E 726 65.32 -41.08 18.59
C LEU E 726 66.63 -40.34 18.32
N THR E 727 66.62 -39.01 18.46
CA THR E 727 67.83 -38.24 18.25
C THR E 727 68.90 -38.55 19.28
N SER E 728 68.51 -39.17 20.39
CA SER E 728 69.47 -39.56 21.42
C SER E 728 70.62 -40.37 20.83
N SER E 729 70.31 -41.55 20.27
CA SER E 729 71.38 -42.39 19.73
C SER E 729 72.05 -41.75 18.52
N PHE E 730 71.30 -41.02 17.68
CA PHE E 730 71.94 -40.36 16.54
C PHE E 730 73.06 -39.43 17.00
N CYS E 731 72.72 -38.39 17.76
CA CYS E 731 73.75 -37.46 18.20
C CYS E 731 74.77 -38.15 19.10
N ARG E 732 74.36 -39.20 19.82
CA ARG E 732 75.33 -39.95 20.62
C ARG E 732 76.42 -40.53 19.73
N GLY E 733 76.03 -41.08 18.59
CA GLY E 733 77.03 -41.51 17.61
C GLY E 733 77.80 -40.32 17.05
N LEU E 734 77.10 -39.24 16.74
CA LEU E 734 77.72 -38.06 16.16
C LEU E 734 78.85 -37.55 17.04
N PHE E 735 78.75 -37.71 18.35
CA PHE E 735 79.73 -37.17 19.26
C PHE E 735 80.58 -38.24 19.92
N SER E 736 80.24 -39.52 19.75
CA SER E 736 81.24 -40.56 19.92
C SER E 736 82.28 -40.48 18.82
N SER E 737 81.86 -40.01 17.64
CA SER E 737 82.84 -39.57 16.65
C SER E 737 83.76 -38.49 17.22
N LEU E 738 83.22 -37.59 18.05
CA LEU E 738 84.10 -36.63 18.73
C LEU E 738 84.95 -37.31 19.79
N SER E 739 84.44 -38.36 20.42
CA SER E 739 85.24 -39.19 21.30
C SER E 739 86.40 -39.85 20.58
N THR E 740 86.30 -40.03 19.27
CA THR E 740 87.46 -40.42 18.47
C THR E 740 88.20 -39.23 17.88
N ASN E 741 87.61 -38.04 17.93
CA ASN E 741 88.24 -36.79 17.52
C ASN E 741 89.13 -36.18 18.60
N ARG E 742 89.56 -37.00 19.57
CA ARG E 742 90.45 -36.58 20.65
C ARG E 742 91.73 -35.90 20.16
N SER E 743 92.04 -35.99 18.87
CA SER E 743 93.16 -35.21 18.33
C SER E 743 92.92 -33.73 18.57
N LEU E 744 91.77 -33.22 18.14
CA LEU E 744 91.36 -31.84 18.41
C LEU E 744 89.93 -31.66 17.93
N THR E 745 89.16 -30.84 18.65
CA THR E 745 87.78 -30.59 18.25
C THR E 745 87.30 -29.32 18.93
N GLU E 746 86.24 -28.75 18.37
CA GLU E 746 85.47 -27.63 18.91
C GLU E 746 84.04 -27.83 18.43
N LEU E 747 83.07 -27.36 19.21
CA LEU E 747 81.69 -27.71 18.94
C LEU E 747 80.79 -26.49 18.96
N ASP E 748 79.80 -26.50 18.07
CA ASP E 748 78.70 -25.56 18.08
C ASP E 748 77.41 -26.32 17.80
N LEU E 749 76.38 -26.02 18.59
CA LEU E 749 75.01 -26.47 18.31
C LEU E 749 74.11 -25.28 18.64
N SER E 750 73.88 -24.42 17.65
CA SER E 750 73.12 -23.21 17.85
C SER E 750 71.95 -23.16 16.87
N ASP E 751 70.90 -22.46 17.28
CA ASP E 751 69.69 -22.27 16.47
C ASP E 751 69.10 -23.62 16.06
N ASN E 752 69.23 -24.62 16.94
CA ASN E 752 68.68 -25.95 16.70
C ASN E 752 68.02 -26.47 17.97
N THR E 753 66.80 -27.00 17.83
CA THR E 753 65.98 -27.38 18.97
C THR E 753 66.38 -28.75 19.48
N LEU E 754 67.23 -28.80 20.49
CA LEU E 754 67.55 -30.06 21.15
C LEU E 754 66.38 -30.44 22.06
N GLY E 755 65.74 -31.57 21.77
CA GLY E 755 64.55 -31.96 22.50
C GLY E 755 64.86 -32.33 23.94
N ASP E 756 63.86 -32.92 24.60
CA ASP E 756 64.06 -33.40 25.96
C ASP E 756 65.26 -34.33 26.11
N PRO E 757 65.44 -35.35 25.25
CA PRO E 757 66.74 -36.01 25.20
C PRO E 757 67.76 -35.30 24.32
N GLY E 758 67.35 -34.25 23.60
CA GLY E 758 68.33 -33.40 22.96
C GLY E 758 69.24 -32.72 23.95
N MET E 759 68.71 -32.38 25.12
CA MET E 759 69.56 -32.04 26.24
C MET E 759 70.42 -33.23 26.65
N ARG E 760 69.84 -34.43 26.63
CA ARG E 760 70.55 -35.60 27.13
C ARG E 760 71.72 -35.99 26.24
N VAL E 761 71.70 -35.63 24.97
CA VAL E 761 72.86 -35.91 24.16
C VAL E 761 73.99 -34.97 24.57
N LEU E 762 75.23 -35.41 24.29
CA LEU E 762 76.43 -34.62 24.51
C LEU E 762 76.73 -34.48 26.00
N CYS E 763 75.80 -34.92 26.86
CA CYS E 763 76.15 -35.01 28.27
C CYS E 763 76.90 -36.31 28.53
N GLU E 764 76.27 -37.45 28.21
CA GLU E 764 77.01 -38.70 28.27
C GLU E 764 78.28 -38.66 27.43
N ALA E 765 78.24 -37.91 26.32
CA ALA E 765 79.44 -37.72 25.51
C ALA E 765 80.52 -36.97 26.28
N LEU E 766 80.17 -35.86 26.92
CA LEU E 766 81.20 -35.21 27.73
C LEU E 766 81.54 -35.98 29.00
N GLN E 767 80.74 -36.98 29.37
CA GLN E 767 80.95 -37.71 30.61
C GLN E 767 82.04 -38.76 30.53
N HIS E 768 82.75 -38.87 29.42
CA HIS E 768 83.90 -39.76 29.47
C HIS E 768 85.17 -38.96 29.36
N PRO E 769 86.23 -39.36 30.05
CA PRO E 769 87.47 -38.58 29.98
C PRO E 769 88.13 -38.65 28.62
N GLY E 770 89.31 -38.03 28.50
CA GLY E 770 90.00 -37.97 27.23
C GLY E 770 90.28 -36.52 26.83
N CYS E 771 90.26 -36.27 25.53
CA CYS E 771 90.33 -34.93 24.97
C CYS E 771 88.96 -34.59 24.40
N ASN E 772 88.30 -33.61 25.00
CA ASN E 772 86.95 -33.22 24.63
C ASN E 772 86.91 -31.74 24.25
N ILE E 773 85.70 -31.20 24.12
CA ILE E 773 85.51 -29.89 23.52
C ILE E 773 86.07 -28.82 24.46
N GLN E 774 86.90 -27.95 23.91
CA GLN E 774 87.35 -26.79 24.67
C GLN E 774 86.24 -25.78 24.91
N ARG E 775 85.25 -25.72 24.03
CA ARG E 775 84.30 -24.62 24.09
C ARG E 775 82.95 -25.03 23.54
N LEU E 776 81.95 -25.11 24.42
CA LEU E 776 80.63 -25.62 24.08
C LEU E 776 79.68 -24.46 23.83
N TRP E 777 78.90 -24.54 22.76
CA TRP E 777 77.96 -23.50 22.40
C TRP E 777 76.55 -24.06 22.34
N LEU E 778 75.63 -23.45 23.10
CA LEU E 778 74.20 -23.76 22.98
C LEU E 778 73.48 -22.40 22.97
N GLY E 779 73.37 -21.81 21.79
CA GLY E 779 72.78 -20.50 21.71
C GLY E 779 71.54 -20.47 20.85
N ARG E 780 70.48 -19.84 21.35
CA ARG E 780 69.16 -19.81 20.72
C ARG E 780 68.62 -21.21 20.47
N CYS E 781 69.26 -22.24 21.01
CA CYS E 781 68.80 -23.60 20.81
C CYS E 781 67.52 -23.84 21.59
N GLY E 782 66.70 -24.74 21.05
CA GLY E 782 65.56 -25.21 21.81
C GLY E 782 66.05 -25.87 23.08
N LEU E 783 65.90 -25.20 24.21
CA LEU E 783 66.51 -25.68 25.44
C LEU E 783 65.64 -25.22 26.60
N SER E 784 65.74 -25.93 27.71
CA SER E 784 64.88 -25.66 28.86
C SER E 784 65.62 -25.99 30.13
N HIS E 785 64.88 -26.09 31.23
CA HIS E 785 65.47 -26.28 32.55
C HIS E 785 66.21 -27.62 32.64
N GLN E 786 65.74 -28.62 31.89
CA GLN E 786 66.24 -29.98 32.07
C GLN E 786 67.75 -30.06 31.85
N CYS E 787 68.26 -29.32 30.87
CA CYS E 787 69.68 -29.35 30.55
C CYS E 787 70.55 -28.99 31.74
N CYS E 788 70.00 -28.21 32.67
CA CYS E 788 70.81 -27.60 33.72
C CYS E 788 71.57 -28.64 34.54
N PHE E 789 70.87 -29.55 35.21
CA PHE E 789 71.52 -30.65 35.92
C PHE E 789 72.50 -31.42 35.05
N ASP E 790 72.07 -31.82 33.86
CA ASP E 790 72.95 -32.47 32.89
C ASP E 790 74.27 -31.73 32.72
N ILE E 791 74.19 -30.46 32.32
CA ILE E 791 75.40 -29.70 32.06
C ILE E 791 76.19 -29.51 33.34
N SER E 792 75.52 -29.36 34.49
CA SER E 792 76.25 -29.31 35.75
C SER E 792 77.11 -30.55 35.92
N SER E 793 76.52 -31.71 35.64
CA SER E 793 77.25 -32.97 35.72
C SER E 793 78.47 -32.97 34.82
N VAL E 794 78.28 -32.57 33.56
CA VAL E 794 79.43 -32.59 32.66
C VAL E 794 80.43 -31.48 32.99
N LEU E 795 79.97 -30.35 33.51
CA LEU E 795 80.88 -29.32 34.00
C LEU E 795 81.69 -29.81 35.19
N SER E 796 81.16 -30.79 35.93
CA SER E 796 81.96 -31.44 36.96
C SER E 796 82.94 -32.44 36.39
N SER E 797 82.50 -33.26 35.44
CA SER E 797 83.32 -34.37 34.97
C SER E 797 84.26 -33.97 33.83
N SER E 798 84.11 -32.77 33.29
CA SER E 798 84.91 -32.27 32.19
C SER E 798 86.16 -31.57 32.69
N GLN E 799 87.31 -31.98 32.15
CA GLN E 799 88.57 -31.27 32.37
C GLN E 799 89.09 -30.61 31.11
N LYS E 800 88.26 -30.49 30.06
CA LYS E 800 88.69 -29.87 28.81
C LYS E 800 87.89 -28.63 28.45
N LEU E 801 86.63 -28.53 28.85
CA LEU E 801 85.82 -27.36 28.53
C LEU E 801 86.44 -26.12 29.15
N VAL E 802 86.51 -25.04 28.39
CA VAL E 802 86.99 -23.81 29.00
C VAL E 802 85.90 -22.75 28.93
N GLU E 803 85.01 -22.84 27.95
CA GLU E 803 83.86 -21.96 27.98
C GLU E 803 82.61 -22.76 27.64
N LEU E 804 81.47 -22.27 28.12
CA LEU E 804 80.19 -22.86 27.77
C LEU E 804 79.16 -21.75 27.66
N ASP E 805 78.46 -21.72 26.53
CA ASP E 805 77.51 -20.67 26.23
C ASP E 805 76.10 -21.23 26.30
N LEU E 806 75.21 -20.44 26.90
CA LEU E 806 73.79 -20.74 27.02
C LEU E 806 73.06 -19.46 26.63
N SER E 807 72.79 -19.30 25.35
CA SER E 807 72.24 -18.05 24.82
C SER E 807 70.82 -18.24 24.34
N ASP E 808 69.98 -17.24 24.60
CA ASP E 808 68.62 -17.15 24.05
C ASP E 808 67.80 -18.40 24.33
N ASN E 809 68.25 -19.20 25.30
CA ASN E 809 67.64 -20.47 25.64
C ASN E 809 66.90 -20.35 26.97
N ALA E 810 65.71 -20.96 27.04
CA ALA E 810 64.79 -20.73 28.15
C ALA E 810 65.25 -21.49 29.40
N LEU E 811 66.41 -21.09 29.89
CA LEU E 811 66.92 -21.56 31.18
C LEU E 811 66.41 -20.60 32.25
N GLY E 812 65.12 -20.74 32.56
CA GLY E 812 64.43 -19.73 33.34
C GLY E 812 65.07 -19.42 34.68
N ASP E 813 64.99 -20.33 35.63
CA ASP E 813 65.60 -20.08 36.93
C ASP E 813 65.69 -21.43 37.64
N PHE E 814 66.55 -21.48 38.66
CA PHE E 814 66.77 -22.67 39.49
C PHE E 814 67.53 -23.71 38.67
N GLY E 815 67.62 -23.44 37.38
CA GLY E 815 68.51 -24.19 36.54
C GLY E 815 69.80 -23.43 36.54
N ILE E 816 69.71 -22.13 36.82
CA ILE E 816 70.92 -21.39 37.11
C ILE E 816 71.50 -21.89 38.41
N ARG E 817 70.63 -22.30 39.35
CA ARG E 817 71.14 -22.98 40.54
C ARG E 817 71.82 -24.29 40.19
N LEU E 818 71.21 -25.09 39.32
CA LEU E 818 71.88 -26.35 38.95
C LEU E 818 73.23 -26.05 38.29
N LEU E 819 73.26 -25.04 37.41
CA LEU E 819 74.50 -24.59 36.80
C LEU E 819 75.54 -24.24 37.84
N CYS E 820 75.17 -23.42 38.82
CA CYS E 820 76.17 -22.90 39.75
C CYS E 820 76.65 -24.00 40.68
N VAL E 821 75.77 -24.92 41.09
CA VAL E 821 76.23 -26.00 41.94
C VAL E 821 77.16 -26.92 41.17
N GLY E 822 76.86 -27.17 39.89
CA GLY E 822 77.78 -27.92 39.06
C GLY E 822 79.13 -27.23 38.90
N LEU E 823 79.11 -25.91 38.77
CA LEU E 823 80.37 -25.17 38.64
C LEU E 823 81.19 -25.26 39.92
N LYS E 824 80.58 -24.97 41.07
CA LYS E 824 81.39 -24.83 42.27
C LYS E 824 81.78 -26.18 42.86
N HIS E 825 80.94 -27.20 42.74
CA HIS E 825 81.12 -28.42 43.52
C HIS E 825 82.47 -29.06 43.24
N LEU E 826 82.83 -29.17 41.96
CA LEU E 826 84.12 -29.70 41.58
C LEU E 826 85.04 -28.57 41.15
N LEU E 827 86.23 -28.93 40.69
CA LEU E 827 87.20 -27.98 40.17
C LEU E 827 87.20 -28.04 38.64
N CYS E 828 86.65 -26.99 38.02
CA CYS E 828 86.49 -26.94 36.57
C CYS E 828 87.25 -25.75 36.01
N ASN E 829 87.84 -25.94 34.83
CA ASN E 829 88.63 -24.91 34.17
C ASN E 829 87.77 -24.11 33.20
N LEU E 830 86.70 -23.53 33.75
CA LEU E 830 85.76 -22.75 32.95
C LEU E 830 86.22 -21.29 32.88
N GLN E 831 86.11 -20.70 31.70
CA GLN E 831 86.60 -19.35 31.43
C GLN E 831 85.47 -18.38 31.12
N LYS E 832 84.62 -18.69 30.15
CA LYS E 832 83.46 -17.88 29.86
C LYS E 832 82.24 -18.49 30.52
N LEU E 833 81.20 -17.68 30.67
CA LEU E 833 79.91 -18.16 31.14
C LEU E 833 78.89 -17.11 30.70
N TRP E 834 78.06 -17.48 29.74
CA TRP E 834 77.11 -16.56 29.14
C TRP E 834 75.71 -16.98 29.53
N LEU E 835 75.02 -16.12 30.29
CA LEU E 835 73.61 -16.31 30.60
C LEU E 835 72.77 -15.26 29.90
N VAL E 836 73.22 -14.82 28.73
CA VAL E 836 72.59 -13.71 28.03
C VAL E 836 71.19 -14.11 27.62
N SER E 837 70.22 -13.24 27.92
CA SER E 837 68.84 -13.41 27.48
C SER E 837 68.21 -14.70 27.99
N CYS E 838 68.76 -15.27 29.06
CA CYS E 838 68.12 -16.37 29.76
C CYS E 838 67.16 -15.81 30.79
N CYS E 839 65.88 -16.18 30.70
CA CYS E 839 64.84 -15.46 31.41
C CYS E 839 64.93 -15.81 32.90
N LEU E 840 65.92 -15.20 33.57
CA LEU E 840 66.08 -15.37 34.99
C LEU E 840 65.74 -14.09 35.73
N THR E 841 65.76 -14.16 37.05
CA THR E 841 65.48 -13.05 37.93
C THR E 841 66.60 -12.90 38.95
N SER E 842 66.48 -11.88 39.79
CA SER E 842 67.47 -11.61 40.82
C SER E 842 67.56 -12.75 41.82
N ALA E 843 66.54 -13.62 41.88
CA ALA E 843 66.48 -14.66 42.90
C ALA E 843 67.57 -15.71 42.73
N CYS E 844 68.33 -15.68 41.64
CA CYS E 844 69.46 -16.58 41.46
C CYS E 844 70.80 -15.87 41.50
N CYS E 845 70.79 -14.54 41.44
CA CYS E 845 72.05 -13.81 41.44
C CYS E 845 72.89 -14.13 42.66
N GLN E 846 72.26 -14.41 43.81
CA GLN E 846 73.02 -14.74 45.00
C GLN E 846 73.83 -16.00 44.76
N ASP E 847 73.22 -17.00 44.13
CA ASP E 847 73.91 -18.23 43.78
C ASP E 847 75.03 -17.95 42.78
N LEU E 848 74.77 -17.06 41.82
CA LEU E 848 75.85 -16.68 40.91
C LEU E 848 77.02 -16.10 41.69
N ALA E 849 76.75 -15.27 42.68
CA ALA E 849 77.81 -14.68 43.47
C ALA E 849 78.55 -15.74 44.28
N LEU E 850 77.81 -16.70 44.83
CA LEU E 850 78.46 -17.77 45.58
C LEU E 850 79.43 -18.55 44.70
N VAL E 851 78.96 -18.96 43.52
CA VAL E 851 79.84 -19.74 42.66
C VAL E 851 81.00 -18.88 42.16
N LEU E 852 80.77 -17.59 41.92
CA LEU E 852 81.85 -16.71 41.50
C LEU E 852 82.90 -16.57 42.59
N SER E 853 82.46 -16.46 43.85
CA SER E 853 83.40 -16.40 44.95
C SER E 853 84.18 -17.70 45.09
N SER E 854 83.50 -18.83 44.97
CA SER E 854 84.17 -20.12 45.14
C SER E 854 85.20 -20.34 44.03
N ASN E 855 84.77 -20.28 42.78
CA ASN E 855 85.64 -20.54 41.65
C ASN E 855 86.53 -19.33 41.37
N HIS E 856 87.68 -19.61 40.78
CA HIS E 856 88.57 -18.57 40.28
C HIS E 856 88.87 -18.72 38.80
N SER E 857 88.67 -19.91 38.22
CA SER E 857 88.90 -20.09 36.79
C SER E 857 87.97 -19.21 35.96
N LEU E 858 86.70 -19.15 36.36
CA LEU E 858 85.74 -18.31 35.63
C LEU E 858 86.09 -16.85 35.82
N THR E 859 86.25 -16.14 34.70
CA THR E 859 86.60 -14.73 34.75
C THR E 859 85.85 -13.89 33.75
N ARG E 860 84.91 -14.45 32.99
CA ARG E 860 84.24 -13.76 31.91
C ARG E 860 82.78 -14.17 31.96
N LEU E 861 81.93 -13.33 32.55
CA LEU E 861 80.59 -13.74 32.97
C LEU E 861 79.56 -12.78 32.39
N TYR E 862 79.12 -13.05 31.17
CA TYR E 862 78.01 -12.29 30.59
C TYR E 862 76.70 -12.75 31.20
N ILE E 863 75.88 -11.78 31.62
CA ILE E 863 74.52 -12.03 32.07
C ILE E 863 73.59 -11.19 31.18
N GLY E 864 73.99 -11.03 29.92
CA GLY E 864 73.51 -9.95 29.08
C GLY E 864 72.01 -9.70 29.03
N GLU E 865 71.62 -8.55 29.61
CA GLU E 865 70.30 -7.94 29.44
C GLU E 865 69.18 -8.96 29.43
N ASN E 866 69.23 -9.87 30.39
CA ASN E 866 68.14 -10.76 30.72
C ASN E 866 67.17 -10.07 31.67
N ALA E 867 66.28 -10.82 32.33
CA ALA E 867 65.24 -10.21 33.13
C ALA E 867 65.63 -10.04 34.61
N LEU E 868 66.77 -9.43 34.89
CA LEU E 868 67.12 -9.06 36.26
C LEU E 868 67.31 -7.56 36.36
N GLY E 869 67.71 -7.11 37.54
CA GLY E 869 68.01 -5.71 37.77
C GLY E 869 68.32 -5.39 39.21
N ASP E 870 67.67 -4.36 39.73
CA ASP E 870 67.76 -4.00 41.14
C ASP E 870 67.32 -5.19 42.02
N SER E 871 67.60 -5.05 43.32
CA SER E 871 67.28 -6.00 44.38
C SER E 871 68.20 -7.22 44.32
N GLY E 872 68.94 -7.36 43.23
CA GLY E 872 70.15 -8.15 43.22
C GLY E 872 71.37 -7.35 43.55
N VAL E 873 71.20 -6.05 43.80
CA VAL E 873 72.29 -5.09 43.84
C VAL E 873 73.32 -5.44 44.91
N GLN E 874 72.85 -5.79 46.11
CA GLN E 874 73.77 -6.20 47.16
C GLN E 874 74.60 -7.40 46.73
N VAL E 875 73.97 -8.37 46.08
CA VAL E 875 74.69 -9.51 45.55
C VAL E 875 75.69 -9.06 44.48
N LEU E 876 75.25 -8.19 43.57
CA LEU E 876 76.13 -7.67 42.52
C LEU E 876 77.41 -7.12 43.13
N CYS E 877 77.27 -6.32 44.19
CA CYS E 877 78.44 -5.79 44.87
C CYS E 877 79.25 -6.91 45.50
N GLU E 878 78.62 -7.74 46.31
CA GLU E 878 79.40 -8.66 47.13
C GLU E 878 80.01 -9.80 46.31
N LYS E 879 79.66 -9.92 45.03
CA LYS E 879 80.46 -10.78 44.16
C LYS E 879 81.93 -10.41 44.25
N MET E 880 82.23 -9.12 44.11
CA MET E 880 83.61 -8.65 44.00
C MET E 880 84.03 -7.83 45.20
N LYS E 881 83.40 -8.04 46.35
CA LYS E 881 83.63 -7.20 47.52
C LYS E 881 85.09 -7.24 47.97
N ASP E 882 85.83 -8.28 47.57
CA ASP E 882 87.24 -8.40 47.89
C ASP E 882 88.05 -8.52 46.60
N PRO E 883 89.37 -8.39 46.67
CA PRO E 883 90.18 -8.69 45.49
C PRO E 883 90.23 -10.17 45.18
N GLN E 884 91.12 -10.55 44.25
CA GLN E 884 91.36 -11.93 43.84
C GLN E 884 90.07 -12.64 43.40
N CYS E 885 89.08 -11.86 42.97
CA CYS E 885 87.87 -12.45 42.41
C CYS E 885 88.14 -13.02 41.01
N ASN E 886 88.97 -12.33 40.23
CA ASN E 886 89.35 -12.75 38.89
C ASN E 886 88.12 -12.86 37.98
N LEU E 887 87.49 -11.72 37.74
CA LEU E 887 86.36 -11.60 36.81
C LEU E 887 86.64 -10.43 35.86
N GLN E 888 87.31 -10.71 34.74
CA GLN E 888 87.78 -9.61 33.87
C GLN E 888 86.60 -8.78 33.37
N LYS E 889 85.77 -9.38 32.52
CA LYS E 889 84.62 -8.67 31.97
C LYS E 889 83.34 -9.11 32.68
N LEU E 890 82.39 -8.18 32.73
CA LEU E 890 81.11 -8.45 33.38
C LEU E 890 80.07 -7.63 32.60
N GLY E 891 79.46 -8.28 31.61
CA GLY E 891 78.34 -7.67 30.94
C GLY E 891 77.16 -7.51 31.86
N LEU E 892 76.38 -6.46 31.64
CA LEU E 892 75.26 -6.15 32.51
C LEU E 892 73.96 -6.12 31.73
N VAL E 893 72.91 -5.72 32.45
CA VAL E 893 71.54 -6.09 32.16
C VAL E 893 70.70 -4.82 32.08
N ASN E 894 69.57 -4.92 31.38
CA ASN E 894 68.57 -3.86 31.47
C ASN E 894 68.02 -3.88 32.89
N SER E 895 68.50 -2.97 33.72
CA SER E 895 68.24 -2.99 35.15
C SER E 895 67.05 -2.10 35.48
N GLY E 896 66.78 -1.96 36.78
CA GLY E 896 65.66 -1.15 37.22
C GLY E 896 66.09 0.12 37.91
N LEU E 897 65.98 0.17 39.24
CA LEU E 897 66.39 1.35 39.98
C LEU E 897 67.89 1.54 39.85
N THR E 898 68.29 2.64 39.22
CA THR E 898 69.69 2.87 38.90
C THR E 898 70.55 3.01 40.14
N SER E 899 70.15 3.88 41.07
CA SER E 899 71.06 4.37 42.11
C SER E 899 71.76 3.25 42.85
N ILE E 900 71.02 2.25 43.33
CA ILE E 900 71.64 1.23 44.17
C ILE E 900 72.56 0.34 43.34
N CYS E 901 72.13 -0.05 42.14
CA CYS E 901 72.97 -0.94 41.33
C CYS E 901 74.25 -0.23 40.91
N CYS E 902 74.15 1.04 40.51
CA CYS E 902 75.37 1.75 40.17
C CYS E 902 76.22 2.02 41.40
N SER E 903 75.62 2.09 42.58
CA SER E 903 76.42 2.16 43.80
C SER E 903 77.21 0.88 44.02
N ALA E 904 76.58 -0.26 43.79
CA ALA E 904 77.30 -1.53 43.83
C ALA E 904 78.42 -1.54 42.78
N LEU E 905 78.14 -0.96 41.62
CA LEU E 905 79.16 -0.86 40.59
C LEU E 905 80.31 0.01 41.05
N THR E 906 80.03 1.08 41.79
CA THR E 906 81.11 1.89 42.33
C THR E 906 81.92 1.09 43.32
N SER E 907 81.26 0.30 44.16
CA SER E 907 81.98 -0.53 45.12
C SER E 907 82.93 -1.49 44.41
N VAL E 908 82.43 -2.19 43.39
CA VAL E 908 83.29 -3.11 42.64
C VAL E 908 84.42 -2.36 41.96
N LEU E 909 84.11 -1.21 41.35
CA LEU E 909 85.16 -0.47 40.66
C LEU E 909 86.26 -0.01 41.60
N LYS E 910 85.89 0.49 42.78
CA LYS E 910 86.89 0.96 43.73
C LYS E 910 87.63 -0.17 44.44
N THR E 911 87.06 -1.36 44.54
CA THR E 911 87.72 -2.42 45.31
C THR E 911 88.36 -3.48 44.42
N ASN E 912 87.61 -4.03 43.48
CA ASN E 912 88.04 -5.21 42.74
C ASN E 912 89.16 -4.86 41.78
N GLN E 913 90.20 -5.68 41.77
CA GLN E 913 91.23 -5.62 40.75
C GLN E 913 90.75 -6.29 39.46
N ASN E 914 91.60 -6.18 38.43
CA ASN E 914 91.47 -6.80 37.10
C ASN E 914 90.01 -6.95 36.66
N PHE E 915 89.26 -5.87 36.76
CA PHE E 915 87.86 -5.82 36.32
C PHE E 915 87.88 -4.95 35.06
N THR E 916 88.05 -5.60 33.91
CA THR E 916 88.44 -4.88 32.70
C THR E 916 87.27 -4.22 31.98
N HIS E 917 86.10 -4.85 31.96
CA HIS E 917 84.96 -4.27 31.27
C HIS E 917 83.76 -4.19 32.20
N LEU E 918 82.83 -3.31 31.83
CA LEU E 918 81.55 -3.15 32.54
C LEU E 918 80.53 -2.69 31.49
N TYR E 919 79.81 -3.65 30.92
CA TYR E 919 78.98 -3.41 29.75
C TYR E 919 77.53 -3.10 30.13
N LEU E 920 77.35 -2.00 30.86
CA LEU E 920 76.02 -1.45 31.02
C LEU E 920 75.52 -0.93 29.67
N ARG E 921 74.40 -1.47 29.20
CA ARG E 921 73.90 -1.12 27.88
C ARG E 921 72.38 -1.17 27.91
N SER E 922 71.76 -0.22 27.20
CA SER E 922 70.30 -0.11 27.09
C SER E 922 69.63 -0.15 28.47
N ASN E 923 70.20 0.61 29.40
CA ASN E 923 69.78 0.63 30.79
C ASN E 923 69.20 1.99 31.15
N ALA E 924 68.13 1.99 31.94
CA ALA E 924 67.55 3.23 32.44
C ALA E 924 68.39 3.74 33.60
N LEU E 925 69.54 4.32 33.25
CA LEU E 925 70.48 4.87 34.22
C LEU E 925 70.40 6.38 34.17
N GLY E 926 70.35 7.02 35.34
CA GLY E 926 70.15 8.44 35.43
C GLY E 926 71.44 9.22 35.61
N ASP E 927 71.28 10.56 35.57
CA ASP E 927 72.43 11.44 35.72
C ASP E 927 73.08 11.26 37.08
N THR E 928 72.27 11.10 38.13
CA THR E 928 72.83 10.83 39.45
C THR E 928 73.56 9.50 39.47
N GLY E 929 73.01 8.51 38.78
CA GLY E 929 73.64 7.21 38.67
C GLY E 929 75.02 7.29 38.09
N LEU E 930 75.12 7.79 36.86
CA LEU E 930 76.43 7.93 36.23
C LEU E 930 77.33 8.90 36.99
N ARG E 931 76.76 9.87 37.69
CA ARG E 931 77.57 10.75 38.53
C ARG E 931 78.25 9.97 39.63
N LEU E 932 77.49 9.18 40.37
CA LEU E 932 78.13 8.38 41.41
C LEU E 932 79.04 7.31 40.79
N LEU E 933 78.77 6.90 39.55
CA LEU E 933 79.71 6.01 38.85
C LEU E 933 81.07 6.68 38.67
N CYS E 934 81.09 7.92 38.16
CA CYS E 934 82.37 8.59 38.03
C CYS E 934 82.99 8.84 39.41
N GLU E 935 82.15 9.03 40.43
CA GLU E 935 82.67 9.07 41.80
C GLU E 935 83.33 7.74 42.17
N GLY E 936 82.80 6.63 41.67
CA GLY E 936 83.48 5.35 41.83
C GLY E 936 84.80 5.33 41.10
N LEU E 937 84.84 5.95 39.92
CA LEU E 937 86.10 6.13 39.20
C LEU E 937 87.08 7.00 39.97
N LEU E 938 86.58 7.80 40.92
CA LEU E 938 87.46 8.70 41.67
C LEU E 938 88.51 7.94 42.46
N HIS E 939 88.21 6.70 42.85
CA HIS E 939 89.23 5.86 43.47
C HIS E 939 90.36 5.64 42.47
N PRO E 940 91.55 6.15 42.74
CA PRO E 940 92.67 5.92 41.83
C PRO E 940 93.16 4.48 41.91
N ASP E 941 94.10 4.11 41.06
CA ASP E 941 94.71 2.79 41.02
C ASP E 941 93.66 1.70 40.72
N CYS E 942 92.46 2.10 40.32
CA CYS E 942 91.44 1.15 39.89
C CYS E 942 91.63 0.89 38.40
N LYS E 943 91.96 -0.35 38.06
CA LYS E 943 92.25 -0.69 36.67
C LYS E 943 90.96 -1.14 36.02
N LEU E 944 90.32 -0.23 35.30
CA LEU E 944 89.09 -0.52 34.57
C LEU E 944 89.34 -0.13 33.12
N GLN E 945 89.36 -1.12 32.23
CA GLN E 945 89.46 -0.84 30.80
C GLN E 945 88.11 -0.44 30.23
N MET E 946 87.95 -0.66 28.93
CA MET E 946 86.83 -0.22 28.10
C MET E 946 85.53 -0.23 28.91
N LEU E 947 84.79 0.87 28.85
CA LEU E 947 83.55 1.03 29.59
C LEU E 947 82.48 1.59 28.66
N GLU E 948 81.22 1.44 29.07
CA GLU E 948 80.11 1.89 28.24
C GLU E 948 78.94 2.34 29.11
N LEU E 949 78.34 3.45 28.69
CA LEU E 949 77.06 3.94 29.22
C LEU E 949 76.17 4.24 28.03
N ASP E 950 75.18 3.39 27.77
CA ASP E 950 74.45 3.45 26.51
C ASP E 950 73.31 4.47 26.54
N ASN E 951 72.37 4.31 27.47
CA ASN E 951 71.15 5.09 27.47
C ASN E 951 71.03 5.84 28.79
N CYS E 952 70.80 7.15 28.70
CA CYS E 952 70.73 8.02 29.88
C CYS E 952 70.35 9.41 29.38
N SER E 953 70.03 10.28 30.34
CA SER E 953 69.73 11.69 30.05
C SER E 953 70.44 12.52 31.11
N LEU E 954 71.62 13.03 30.77
CA LEU E 954 72.50 13.68 31.72
C LEU E 954 72.59 15.17 31.45
N THR E 955 73.01 15.91 32.47
CA THR E 955 73.44 17.28 32.27
C THR E 955 74.88 17.29 31.78
N SER E 956 75.18 18.21 30.87
CA SER E 956 76.46 18.18 30.18
C SER E 956 77.56 18.77 31.05
N HIS E 957 77.66 18.29 32.28
CA HIS E 957 78.83 18.52 33.13
C HIS E 957 79.29 17.17 33.65
N SER E 958 78.36 16.21 33.71
CA SER E 958 78.70 14.85 34.11
C SER E 958 79.76 14.23 33.19
N CYS E 959 79.53 14.31 31.88
CA CYS E 959 80.56 13.90 30.94
C CYS E 959 81.86 14.66 31.18
N TRP E 960 81.76 15.93 31.55
CA TRP E 960 82.95 16.69 31.89
C TRP E 960 83.66 16.08 33.09
N ASN E 961 82.90 15.64 34.09
CA ASN E 961 83.50 15.01 35.26
C ASN E 961 84.23 13.74 34.87
N LEU E 962 83.60 12.90 34.03
CA LEU E 962 84.27 11.67 33.63
C LEU E 962 85.53 11.95 32.82
N SER E 963 85.46 12.93 31.92
CA SER E 963 86.65 13.27 31.15
C SER E 963 87.75 13.80 32.06
N THR E 964 87.42 14.69 32.99
CA THR E 964 88.43 15.22 33.90
C THR E 964 89.02 14.13 34.77
N ILE E 965 88.21 13.15 35.16
CA ILE E 965 88.74 12.12 36.04
C ILE E 965 89.63 11.17 35.24
N LEU E 966 89.34 10.97 33.95
CA LEU E 966 90.29 10.29 33.09
C LEU E 966 91.59 11.09 32.96
N THR E 967 91.48 12.41 32.86
CA THR E 967 92.69 13.23 32.78
C THR E 967 93.51 13.08 34.05
N HIS E 968 92.84 13.06 35.21
CA HIS E 968 93.53 12.88 36.47
C HIS E 968 94.21 11.52 36.53
N ASN E 969 93.53 10.47 36.04
CA ASN E 969 94.11 9.15 36.04
C ASN E 969 93.60 8.39 34.83
N HIS E 970 94.52 7.80 34.06
CA HIS E 970 94.16 7.12 32.82
C HIS E 970 93.45 5.83 33.18
N SER E 971 92.18 5.99 33.56
CA SER E 971 91.38 4.86 34.03
C SER E 971 91.10 3.86 32.91
N LEU E 972 90.43 4.32 31.86
CA LEU E 972 89.94 3.46 30.80
C LEU E 972 90.61 3.81 29.47
N ARG E 973 90.15 3.15 28.41
CA ARG E 973 90.68 3.35 27.08
C ARG E 973 89.68 3.94 26.12
N LYS E 974 88.48 3.35 25.99
CA LYS E 974 87.43 4.01 25.23
C LYS E 974 86.12 3.91 25.97
N LEU E 975 85.09 4.46 25.36
CA LEU E 975 83.78 4.62 25.96
C LEU E 975 82.80 4.78 24.81
N ASN E 976 81.54 4.45 25.08
CA ASN E 976 80.48 4.70 24.12
C ASN E 976 79.37 5.51 24.78
N LEU E 977 78.77 6.39 23.99
CA LEU E 977 77.54 7.08 24.37
C LEU E 977 76.54 6.82 23.25
N GLY E 978 75.44 6.17 23.58
CA GLY E 978 74.57 5.66 22.55
C GLY E 978 73.39 6.56 22.28
N ASN E 979 72.22 6.20 22.81
CA ASN E 979 71.03 7.01 22.63
C ASN E 979 70.96 8.17 23.60
N ASN E 980 72.11 8.59 24.13
CA ASN E 980 72.17 9.63 25.14
C ASN E 980 71.88 10.99 24.50
N ASP E 981 70.79 11.62 24.92
CA ASP E 981 70.48 12.98 24.52
C ASP E 981 71.30 13.93 25.38
N LEU E 982 72.33 14.54 24.78
CA LEU E 982 73.35 15.26 25.54
C LEU E 982 73.45 16.74 25.20
N GLY E 983 73.00 17.17 24.03
CA GLY E 983 73.10 18.56 23.66
C GLY E 983 74.46 18.92 23.06
N ASP E 984 74.47 20.02 22.31
CA ASP E 984 75.69 20.47 21.65
C ASP E 984 76.79 20.73 22.67
N LEU E 985 76.45 21.45 23.76
CA LEU E 985 77.44 21.82 24.75
C LEU E 985 78.15 20.61 25.31
N CYS E 986 77.48 19.46 25.37
CA CYS E 986 78.11 18.25 25.88
C CYS E 986 79.33 17.90 25.04
N VAL E 987 79.13 17.66 23.75
CA VAL E 987 80.25 17.30 22.90
C VAL E 987 81.23 18.46 22.78
N VAL E 988 80.77 19.70 22.97
CA VAL E 988 81.71 20.82 22.97
C VAL E 988 82.68 20.70 24.14
N THR E 989 82.17 20.44 25.34
CA THR E 989 83.04 20.21 26.48
C THR E 989 83.90 18.98 26.26
N LEU E 990 83.32 17.95 25.66
CA LEU E 990 84.08 16.74 25.36
C LEU E 990 85.27 17.04 24.47
N CYS E 991 85.03 17.75 23.37
CA CYS E 991 86.12 18.03 22.45
C CYS E 991 87.14 19.01 23.02
N GLU E 992 86.72 19.96 23.86
CA GLU E 992 87.73 20.80 24.51
C GLU E 992 88.62 19.99 25.44
N VAL E 993 88.01 19.20 26.34
CA VAL E 993 88.82 18.49 27.31
C VAL E 993 89.70 17.46 26.63
N LEU E 994 89.22 16.81 25.56
CA LEU E 994 90.12 15.91 24.86
C LEU E 994 91.15 16.70 24.06
N LYS E 995 90.81 17.93 23.67
CA LYS E 995 91.71 18.75 22.88
C LYS E 995 92.95 19.06 23.68
N GLN E 996 92.79 19.36 24.96
CA GLN E 996 93.93 19.68 25.83
C GLN E 996 94.30 18.39 26.56
N GLN E 997 95.31 17.70 26.04
CA GLN E 997 95.86 16.49 26.64
C GLN E 997 94.75 15.48 26.94
N GLY E 998 94.16 14.98 25.85
CA GLY E 998 92.96 14.17 25.89
C GLY E 998 92.78 13.17 27.01
N CYS E 999 91.58 13.16 27.58
CA CYS E 999 91.28 12.34 28.74
C CYS E 999 91.49 10.87 28.43
N LEU E 1000 90.69 10.33 27.51
CA LEU E 1000 90.89 8.98 27.02
C LEU E 1000 92.12 8.92 26.12
N LEU E 1001 92.56 7.70 25.84
CA LEU E 1001 93.76 7.50 25.04
C LEU E 1001 93.54 6.60 23.84
N GLN E 1002 92.41 5.91 23.72
CA GLN E 1002 92.20 4.99 22.61
C GLN E 1002 91.06 5.42 21.70
N SER E 1003 89.84 5.56 22.20
CA SER E 1003 88.72 5.77 21.28
C SER E 1003 87.52 6.34 22.06
N LEU E 1004 86.47 6.63 21.31
CA LEU E 1004 85.20 7.12 21.83
C LEU E 1004 84.17 6.96 20.72
N GLN E 1005 82.97 6.51 21.08
CA GLN E 1005 81.95 6.21 20.10
C GLN E 1005 80.68 6.98 20.42
N LEU E 1006 80.18 7.73 19.45
CA LEU E 1006 78.96 8.52 19.57
C LEU E 1006 78.03 8.14 18.43
N GLY E 1007 76.77 7.87 18.74
CA GLY E 1007 75.81 7.53 17.70
C GLY E 1007 74.48 8.22 17.90
N GLU E 1008 73.77 8.38 16.80
CA GLU E 1008 72.39 8.90 16.72
C GLU E 1008 72.19 10.19 17.52
N MET E 1009 72.86 11.25 17.05
CA MET E 1009 72.51 12.61 17.41
C MET E 1009 72.20 13.44 16.18
N TYR E 1010 71.28 14.39 16.34
CA TYR E 1010 70.94 15.38 15.33
C TYR E 1010 71.49 16.76 15.72
N LEU E 1011 72.68 16.78 16.31
CA LEU E 1011 73.25 17.99 16.87
C LEU E 1011 73.71 18.93 15.75
N ASN E 1012 73.90 20.20 16.12
CA ASN E 1012 74.34 21.19 15.14
C ASN E 1012 75.77 20.89 14.69
N ARG E 1013 76.15 21.49 13.56
CA ARG E 1013 77.28 20.97 12.82
C ARG E 1013 78.63 21.56 13.25
N GLU E 1014 78.65 22.70 13.94
CA GLU E 1014 79.94 23.17 14.43
C GLU E 1014 80.53 22.21 15.45
N THR E 1015 79.70 21.37 16.05
CA THR E 1015 80.22 20.26 16.82
C THR E 1015 80.97 19.31 15.90
N LYS E 1016 80.41 19.02 14.73
CA LYS E 1016 81.11 18.14 13.81
C LYS E 1016 82.42 18.76 13.36
N ARG E 1017 82.44 20.07 13.12
CA ARG E 1017 83.70 20.69 12.68
C ARG E 1017 84.75 20.56 13.76
N ALA E 1018 84.39 20.80 15.02
CA ALA E 1018 85.37 20.68 16.09
C ALA E 1018 85.87 19.25 16.20
N LEU E 1019 84.96 18.28 16.13
CA LEU E 1019 85.37 16.90 16.31
C LEU E 1019 86.22 16.43 15.13
N GLU E 1020 85.87 16.83 13.91
CA GLU E 1020 86.65 16.40 12.76
C GLU E 1020 88.01 17.08 12.77
N ALA E 1021 88.09 18.30 13.30
CA ALA E 1021 89.36 18.97 13.44
C ALA E 1021 90.29 18.19 14.35
N LEU E 1022 89.86 17.96 15.60
CA LEU E 1022 90.78 17.54 16.65
C LEU E 1022 91.56 16.25 16.38
N GLN E 1023 91.00 15.27 15.66
CA GLN E 1023 91.72 14.00 15.53
C GLN E 1023 92.96 14.12 14.65
N GLU E 1024 92.92 14.99 13.63
CA GLU E 1024 94.05 15.07 12.72
C GLU E 1024 95.23 15.76 13.35
N GLU E 1025 94.99 16.76 14.21
CA GLU E 1025 96.10 17.33 14.98
C GLU E 1025 96.54 16.39 16.08
N LYS E 1026 95.60 15.80 16.81
CA LYS E 1026 95.90 14.83 17.85
C LYS E 1026 95.25 13.48 17.54
N PRO E 1027 96.01 12.49 17.10
CA PRO E 1027 95.46 11.14 16.90
C PRO E 1027 95.37 10.31 18.17
N GLU E 1028 95.58 10.93 19.33
CA GLU E 1028 95.42 10.23 20.61
C GLU E 1028 94.01 9.67 20.73
N LEU E 1029 93.00 10.51 20.51
CA LEU E 1029 91.63 10.05 20.28
C LEU E 1029 91.56 9.51 18.86
N THR E 1030 91.85 8.22 18.73
CA THR E 1030 92.00 7.64 17.41
C THR E 1030 90.74 7.78 16.58
N ILE E 1031 89.57 7.70 17.19
CA ILE E 1031 88.33 7.79 16.43
C ILE E 1031 87.20 8.25 17.34
N VAL E 1032 86.29 9.02 16.75
CA VAL E 1032 84.95 9.22 17.25
C VAL E 1032 84.01 8.69 16.19
N PHE E 1033 83.09 7.81 16.58
CA PHE E 1033 82.16 7.28 15.62
C PHE E 1033 81.30 8.42 15.08
N GLU E 1034 81.52 8.76 13.81
CA GLU E 1034 80.72 9.76 13.15
C GLU E 1034 79.25 9.35 13.11
N ILE E 1035 78.37 10.31 13.35
CA ILE E 1035 76.95 10.01 13.50
C ILE E 1035 76.38 9.51 12.18
N SER E 1036 76.36 10.39 11.17
CA SER E 1036 75.85 10.04 9.87
C SER E 1036 76.70 10.60 8.73
N TRP E 1037 77.60 11.54 9.01
CA TRP E 1037 78.31 12.25 7.95
C TRP E 1037 79.81 12.17 8.16
N ASP F 135 10.46 10.44 48.87
CA ASP F 135 9.90 11.51 49.69
C ASP F 135 10.50 11.50 51.09
N TYR F 136 10.22 10.46 51.86
CA TYR F 136 10.82 10.31 53.18
C TYR F 136 12.32 10.08 53.12
N CYS F 137 12.85 9.68 51.97
CA CYS F 137 14.25 9.29 51.90
C CYS F 137 15.15 10.48 52.23
N LYS F 138 14.84 11.66 51.67
CA LYS F 138 15.76 12.78 51.72
C LYS F 138 16.03 13.32 53.13
N MET F 139 15.00 13.51 53.97
CA MET F 139 15.27 14.13 55.27
C MET F 139 16.09 13.21 56.15
N TYR F 140 15.83 11.91 56.09
CA TYR F 140 16.65 11.01 56.90
C TYR F 140 18.00 10.71 56.26
N ARG F 141 18.14 10.82 54.94
CA ARG F 141 19.50 10.70 54.43
C ARG F 141 20.33 11.90 54.89
N ARG F 142 19.67 13.03 55.20
CA ARG F 142 20.46 14.12 55.76
C ARG F 142 20.67 13.89 57.26
N HIS F 143 19.71 13.25 57.91
CA HIS F 143 19.88 12.93 59.33
C HIS F 143 21.06 11.99 59.51
N VAL F 144 21.17 10.98 58.66
CA VAL F 144 22.29 10.04 58.77
C VAL F 144 23.59 10.72 58.35
N ARG F 145 23.53 11.67 57.40
CA ARG F 145 24.75 12.43 57.09
C ARG F 145 25.23 13.21 58.30
N SER F 146 24.31 13.88 58.98
CA SER F 146 24.68 14.62 60.19
C SER F 146 25.21 13.68 61.25
N ARG F 147 24.64 12.49 61.35
CA ARG F 147 25.07 11.54 62.37
C ARG F 147 26.49 11.07 62.11
N PHE F 148 26.80 10.67 60.88
CA PHE F 148 28.06 10.01 60.57
C PHE F 148 29.13 10.92 59.99
N TYR F 149 28.83 12.21 59.76
CA TYR F 149 29.89 13.14 59.37
C TYR F 149 30.72 13.55 60.58
N SER F 150 30.06 13.80 61.72
CA SER F 150 30.74 14.29 62.90
C SER F 150 31.53 13.22 63.63
N ILE F 151 31.24 11.94 63.39
CA ILE F 151 31.92 10.87 64.11
C ILE F 151 33.37 10.80 63.65
N LYS F 152 34.28 10.72 64.62
CA LYS F 152 35.71 10.69 64.34
C LYS F 152 36.42 9.65 65.19
N ASP F 163 34.03 13.75 61.58
CA ASP F 163 35.19 13.61 60.72
C ASP F 163 35.26 12.21 60.13
N LEU F 164 36.46 11.61 60.19
CA LEU F 164 36.71 10.25 59.71
C LEU F 164 36.50 10.14 58.20
N ASN F 165 36.23 11.26 57.53
CA ASN F 165 36.09 11.27 56.09
C ASN F 165 37.44 11.28 55.40
N SER F 166 38.27 12.26 55.72
CA SER F 166 39.67 12.29 55.28
C SER F 166 40.59 11.58 56.26
N ARG F 167 40.07 10.65 57.06
CA ARG F 167 40.83 9.94 58.09
C ARG F 167 40.64 8.43 57.93
N TYR F 168 40.40 7.97 56.71
CA TYR F 168 40.05 6.59 56.43
C TYR F 168 40.93 6.03 55.31
N THR F 169 41.38 4.79 55.49
CA THR F 169 42.07 4.03 54.46
C THR F 169 41.34 2.71 54.28
N GLN F 170 41.15 2.32 53.03
CA GLN F 170 40.35 1.15 52.71
C GLN F 170 40.90 -0.12 53.32
N LEU F 171 40.02 -0.90 53.94
CA LEU F 171 40.35 -2.21 54.46
C LEU F 171 40.03 -3.26 53.40
N GLN F 172 40.40 -4.50 53.66
CA GLN F 172 40.32 -5.54 52.64
C GLN F 172 39.09 -6.41 52.86
N LEU F 173 38.31 -6.61 51.79
CA LEU F 173 37.18 -7.53 51.79
C LEU F 173 37.58 -8.77 51.02
N VAL F 174 37.38 -9.94 51.62
CA VAL F 174 37.84 -11.20 51.03
C VAL F 174 36.75 -12.25 51.13
N LYS F 175 36.43 -12.90 50.02
CA LYS F 175 35.69 -14.16 50.04
C LYS F 175 36.44 -15.15 49.16
N GLU F 176 37.13 -16.11 49.79
CA GLU F 176 37.87 -17.10 49.01
C GLU F 176 36.95 -18.23 48.54
N HIS F 177 36.39 -18.97 49.48
CA HIS F 177 35.55 -20.14 49.22
C HIS F 177 36.17 -21.07 48.18
N PRO F 178 37.36 -21.63 48.45
CA PRO F 178 38.06 -22.48 47.49
C PRO F 178 37.67 -23.95 47.61
N LEU F 203 37.69 -7.03 48.32
CA LEU F 203 36.80 -7.19 47.17
C LEU F 203 36.29 -5.84 46.67
N LYS F 204 35.07 -5.82 46.16
CA LYS F 204 34.45 -4.62 45.63
C LYS F 204 33.08 -4.45 46.29
N LEU F 205 32.96 -3.46 47.17
CA LEU F 205 31.68 -3.18 47.80
C LEU F 205 30.63 -2.79 46.77
N GLU F 206 31.07 -2.18 45.66
CA GLU F 206 30.16 -1.92 44.55
C GLU F 206 29.62 -3.24 44.00
N LEU F 207 28.31 -3.29 43.80
CA LEU F 207 27.63 -4.49 43.35
C LEU F 207 27.95 -5.68 44.25
N LEU F 208 27.93 -5.43 45.56
CA LEU F 208 28.23 -6.48 46.52
C LEU F 208 27.20 -7.60 46.48
N PHE F 209 25.99 -7.29 46.04
CA PHE F 209 24.84 -8.19 46.19
C PHE F 209 24.38 -8.73 44.86
N GLU F 210 25.31 -9.17 44.02
CA GLU F 210 24.89 -9.89 42.82
C GLU F 210 24.09 -11.13 43.22
N PRO F 211 22.85 -11.28 42.75
CA PRO F 211 22.17 -12.58 42.88
C PRO F 211 22.46 -13.46 41.67
N GLU F 212 23.50 -13.11 40.92
CA GLU F 212 23.81 -13.78 39.66
C GLU F 212 23.93 -15.28 39.87
N ASP F 213 23.61 -16.03 38.82
CA ASP F 213 23.50 -17.49 38.92
C ASP F 213 24.83 -18.18 38.64
N GLY F 214 25.88 -17.73 39.31
CA GLY F 214 27.13 -18.48 39.32
C GLY F 214 27.15 -19.45 40.48
N HIS F 215 27.07 -18.92 41.70
CA HIS F 215 26.90 -19.74 42.88
C HIS F 215 25.99 -19.11 43.92
N SER F 216 25.31 -18.01 43.59
CA SER F 216 24.56 -17.21 44.57
C SER F 216 23.19 -16.85 44.03
N GLU F 217 22.45 -17.84 43.54
CA GLU F 217 21.16 -17.58 42.92
C GLU F 217 20.14 -16.99 43.90
N PRO F 218 19.75 -17.68 44.97
CA PRO F 218 18.67 -17.17 45.82
C PRO F 218 19.13 -16.37 47.04
N VAL F 219 20.40 -15.98 47.12
CA VAL F 219 20.92 -15.40 48.35
C VAL F 219 20.36 -14.00 48.56
N HIS F 220 20.25 -13.61 49.83
CA HIS F 220 19.81 -12.28 50.20
C HIS F 220 20.66 -11.58 51.25
N THR F 221 21.75 -12.19 51.71
CA THR F 221 22.44 -11.65 52.89
C THR F 221 23.92 -12.00 52.89
N VAL F 222 24.68 -11.11 53.54
CA VAL F 222 26.12 -11.26 53.76
C VAL F 222 26.46 -10.96 55.21
N VAL F 223 27.49 -11.66 55.70
CA VAL F 223 28.00 -11.48 57.06
C VAL F 223 29.42 -10.94 56.93
N PHE F 224 29.72 -9.89 57.68
CA PHE F 224 31.06 -9.32 57.73
C PHE F 224 31.84 -10.02 58.83
N GLN F 225 33.06 -10.43 58.51
CA GLN F 225 33.94 -11.03 59.50
C GLN F 225 35.32 -10.38 59.39
N GLY F 226 36.25 -10.86 60.18
CA GLY F 226 37.62 -10.36 60.14
C GLY F 226 38.35 -10.68 61.43
N ALA F 227 39.47 -9.97 61.62
CA ALA F 227 40.28 -10.16 62.81
C ALA F 227 39.61 -9.54 64.03
N ALA F 228 40.06 -9.97 65.20
CA ALA F 228 39.43 -9.55 66.46
C ALA F 228 39.55 -8.05 66.66
N GLY F 229 38.42 -7.35 66.65
CA GLY F 229 38.40 -5.94 66.97
C GLY F 229 38.86 -5.02 65.85
N ILE F 230 38.11 -4.99 64.74
CA ILE F 230 38.37 -4.06 63.65
C ILE F 230 37.70 -2.71 63.85
N GLY F 231 36.87 -2.57 64.88
CA GLY F 231 36.01 -1.41 64.97
C GLY F 231 34.81 -1.53 64.05
N LYS F 232 34.53 -2.76 63.60
CA LYS F 232 33.64 -3.13 62.50
C LYS F 232 32.44 -2.21 62.32
N THR F 233 31.84 -1.79 63.44
CA THR F 233 30.78 -0.79 63.37
C THR F 233 31.25 0.44 62.60
N ILE F 234 32.55 0.77 62.67
CA ILE F 234 33.05 1.91 61.92
C ILE F 234 32.89 1.67 60.43
N LEU F 235 33.15 0.44 59.98
CA LEU F 235 33.00 0.15 58.55
C LEU F 235 31.53 0.15 58.15
N ALA F 236 30.66 -0.32 59.04
CA ALA F 236 29.23 -0.20 58.77
C ALA F 236 28.84 1.26 58.60
N ARG F 237 29.35 2.13 59.48
CA ARG F 237 29.07 3.55 59.38
C ARG F 237 29.64 4.15 58.10
N LYS F 238 30.82 3.70 57.68
CA LYS F 238 31.37 4.19 56.42
C LYS F 238 30.50 3.82 55.23
N ILE F 239 30.01 2.57 55.20
CA ILE F 239 29.12 2.20 54.11
C ILE F 239 27.84 3.02 54.15
N MET F 240 27.27 3.21 55.34
CA MET F 240 26.06 4.00 55.48
C MET F 240 26.26 5.42 54.95
N LEU F 241 27.32 6.08 55.41
CA LEU F 241 27.59 7.45 54.98
C LEU F 241 27.92 7.51 53.50
N ASP F 242 28.61 6.51 52.97
CA ASP F 242 28.94 6.50 51.56
C ASP F 242 27.67 6.47 50.71
N TRP F 243 26.70 5.63 51.09
CA TRP F 243 25.44 5.69 50.36
C TRP F 243 24.74 7.02 50.57
N ALA F 244 24.70 7.51 51.81
CA ALA F 244 23.99 8.74 52.11
C ALA F 244 24.52 9.91 51.27
N LEU F 245 25.83 9.98 51.09
CA LEU F 245 26.43 10.98 50.22
C LEU F 245 26.36 10.59 48.75
N GLY F 246 26.04 9.34 48.44
CA GLY F 246 26.06 8.90 47.05
C GLY F 246 27.43 8.40 46.65
N LYS F 247 28.21 9.29 46.02
CA LYS F 247 29.58 8.96 45.58
C LYS F 247 29.57 7.80 44.59
N LEU F 248 28.92 8.04 43.45
CA LEU F 248 28.78 7.09 42.35
C LEU F 248 28.02 5.83 42.77
N PHE F 249 27.22 5.92 43.83
CA PHE F 249 26.42 4.79 44.30
C PHE F 249 25.15 4.74 43.46
N LYS F 250 25.12 3.86 42.45
CA LYS F 250 23.86 3.54 41.80
C LYS F 250 22.90 2.98 42.83
N ASP F 251 21.80 3.70 43.08
CA ASP F 251 20.90 3.36 44.17
C ASP F 251 20.09 2.11 43.83
N LYS F 252 20.64 0.94 44.16
CA LYS F 252 19.86 -0.29 44.13
C LYS F 252 18.78 -0.32 45.20
N PHE F 253 18.83 0.60 46.16
CA PHE F 253 17.97 0.56 47.33
C PHE F 253 17.47 1.96 47.65
N ASP F 254 16.29 2.03 48.26
CA ASP F 254 15.71 3.30 48.66
C ASP F 254 16.04 3.65 50.10
N TYR F 255 16.37 2.67 50.93
CA TYR F 255 16.71 2.93 52.32
C TYR F 255 17.67 1.87 52.81
N LEU F 256 18.70 2.32 53.52
CA LEU F 256 19.58 1.46 54.29
C LEU F 256 19.50 1.97 55.72
N PHE F 257 18.99 1.14 56.61
CA PHE F 257 18.78 1.55 57.99
C PHE F 257 19.89 1.03 58.87
N PHE F 258 20.52 1.93 59.61
CA PHE F 258 21.57 1.57 60.55
C PHE F 258 20.90 1.22 61.88
N ILE F 259 21.00 -0.06 62.26
CA ILE F 259 20.47 -0.52 63.54
C ILE F 259 21.65 -0.61 64.49
N HIS F 260 21.56 0.10 65.60
CA HIS F 260 22.59 0.06 66.62
C HIS F 260 22.09 -0.87 67.72
N CYS F 261 22.25 -2.17 67.45
CA CYS F 261 21.73 -3.21 68.33
C CYS F 261 22.29 -3.11 69.73
N ARG F 262 23.43 -2.43 69.89
CA ARG F 262 23.97 -2.16 71.21
C ARG F 262 22.94 -1.41 72.07
N GLU F 263 22.03 -0.68 71.43
CA GLU F 263 20.86 -0.13 72.10
C GLU F 263 19.61 -1.00 71.98
N VAL F 264 19.42 -1.71 70.86
CA VAL F 264 18.18 -2.46 70.64
C VAL F 264 18.19 -3.70 71.53
N SER F 265 19.30 -3.88 72.26
CA SER F 265 19.54 -5.06 73.09
C SER F 265 18.46 -5.31 74.14
N LEU F 266 17.53 -4.38 74.32
CA LEU F 266 16.52 -4.51 75.36
C LEU F 266 15.55 -5.64 75.08
N ARG F 267 14.91 -6.11 76.15
CA ARG F 267 13.92 -7.18 76.14
C ARG F 267 12.53 -6.70 75.75
N THR F 268 12.37 -5.40 75.57
CA THR F 268 11.05 -4.83 75.29
C THR F 268 10.52 -5.31 73.94
N PRO F 269 9.26 -5.73 73.84
CA PRO F 269 8.72 -6.14 72.55
C PRO F 269 8.44 -4.91 71.70
N ARG F 270 9.23 -4.69 70.65
CA ARG F 270 9.11 -3.49 69.84
C ARG F 270 8.78 -3.84 68.39
N SER F 271 7.94 -3.02 67.79
CA SER F 271 7.54 -3.18 66.39
C SER F 271 8.64 -2.66 65.48
N LEU F 272 8.33 -2.50 64.20
CA LEU F 272 9.24 -1.85 63.28
C LEU F 272 9.70 -0.52 63.86
N ALA F 273 11.01 -0.37 64.04
CA ALA F 273 11.60 0.73 64.78
C ALA F 273 12.53 1.48 63.84
N ASP F 274 11.94 2.38 63.05
CA ASP F 274 12.72 3.25 62.18
C ASP F 274 12.99 4.62 62.79
N LEU F 275 12.29 4.97 63.87
CA LEU F 275 12.65 6.16 64.63
C LEU F 275 13.76 5.82 65.62
N ILE F 276 14.69 6.75 65.81
CA ILE F 276 15.79 6.61 66.75
C ILE F 276 15.81 7.74 67.77
N VAL F 277 15.74 8.99 67.28
CA VAL F 277 15.78 10.16 68.15
C VAL F 277 14.38 10.52 68.68
N SER F 278 13.38 9.70 68.38
CA SER F 278 11.99 9.95 68.77
C SER F 278 11.49 11.27 68.18
N CYS F 279 11.75 11.46 66.88
CA CYS F 279 11.26 12.61 66.15
C CYS F 279 9.79 12.38 65.80
N TRP F 280 9.24 13.21 64.92
CA TRP F 280 7.88 12.97 64.46
C TRP F 280 7.82 11.63 63.72
N PRO F 281 6.74 10.86 63.89
CA PRO F 281 6.73 9.48 63.42
C PRO F 281 6.99 9.39 61.92
N ASP F 282 7.76 8.40 61.52
CA ASP F 282 7.99 8.17 60.11
C ASP F 282 6.70 7.69 59.44
N PRO F 283 6.57 7.87 58.13
CA PRO F 283 5.36 7.42 57.43
C PRO F 283 5.23 5.91 57.39
N ASN F 284 5.14 5.27 58.55
CA ASN F 284 5.31 3.82 58.64
C ASN F 284 4.34 3.03 57.76
N PRO F 285 3.04 3.33 57.72
CA PRO F 285 2.13 2.57 56.82
C PRO F 285 2.45 2.75 55.35
N PRO F 286 2.63 3.97 54.83
CA PRO F 286 3.10 4.09 53.44
C PRO F 286 4.48 3.50 53.17
N VAL F 287 5.36 3.49 54.17
CA VAL F 287 6.60 2.73 54.06
C VAL F 287 6.32 1.24 53.86
N CYS F 288 5.36 0.71 54.61
CA CYS F 288 4.93 -0.67 54.37
C CYS F 288 4.29 -0.84 53.00
N LYS F 289 3.63 0.20 52.48
CA LYS F 289 3.02 0.14 51.17
C LYS F 289 4.03 0.27 50.02
N ILE F 290 5.18 0.88 50.26
CA ILE F 290 6.23 0.98 49.24
C ILE F 290 7.15 -0.23 49.37
N LEU F 291 6.69 -1.25 50.10
CA LEU F 291 7.41 -2.51 50.19
C LEU F 291 7.07 -3.45 49.05
N ARG F 292 5.77 -3.73 48.84
CA ARG F 292 5.38 -4.89 48.05
C ARG F 292 6.02 -4.90 46.68
N LYS F 293 5.90 -3.82 45.92
CA LYS F 293 6.54 -3.83 44.61
C LYS F 293 8.05 -3.64 44.73
N PRO F 294 8.55 -2.53 45.31
CA PRO F 294 10.01 -2.35 45.38
C PRO F 294 10.62 -2.93 46.65
N SER F 295 11.55 -3.89 46.51
CA SER F 295 12.32 -4.39 47.64
C SER F 295 13.56 -3.54 47.88
N ARG F 296 13.36 -2.22 47.89
CA ARG F 296 14.44 -1.24 48.01
C ARG F 296 14.61 -0.74 49.43
N ILE F 297 14.08 -1.47 50.41
CA ILE F 297 14.37 -1.26 51.81
C ILE F 297 15.47 -2.23 52.24
N LEU F 298 16.42 -1.74 53.02
CA LEU F 298 17.45 -2.58 53.59
C LEU F 298 17.80 -2.07 54.99
N PHE F 299 18.15 -3.01 55.85
CA PHE F 299 18.43 -2.75 57.26
C PHE F 299 19.87 -3.18 57.51
N LEU F 300 20.77 -2.21 57.61
CA LEU F 300 22.13 -2.49 58.07
C LEU F 300 22.09 -2.58 59.58
N MET F 301 21.84 -3.78 60.10
CA MET F 301 21.93 -4.04 61.52
C MET F 301 23.34 -4.45 61.91
N ASP F 302 23.79 -3.92 63.05
CA ASP F 302 25.17 -4.04 63.50
C ASP F 302 25.17 -4.34 65.00
N GLY F 303 26.32 -4.80 65.48
CA GLY F 303 26.47 -5.20 66.87
C GLY F 303 25.64 -6.40 67.29
N PHE F 304 25.61 -7.44 66.44
CA PHE F 304 24.80 -8.62 66.76
C PHE F 304 25.32 -9.27 68.03
N ASP F 305 26.60 -9.07 68.32
CA ASP F 305 27.25 -9.65 69.49
C ASP F 305 26.57 -9.18 70.77
N GLU F 306 25.89 -8.04 70.71
CA GLU F 306 25.29 -7.41 71.87
C GLU F 306 23.79 -7.67 71.97
N LEU F 307 23.25 -8.64 71.25
CA LEU F 307 21.89 -9.08 71.55
C LEU F 307 21.87 -9.84 72.88
N GLN F 308 21.49 -9.15 73.94
CA GLN F 308 21.61 -9.66 75.29
C GLN F 308 20.30 -10.37 75.65
N GLY F 309 20.10 -10.67 76.93
CA GLY F 309 18.97 -11.47 77.33
C GLY F 309 19.28 -12.67 78.20
N ALA F 310 19.11 -13.87 77.64
CA ALA F 310 19.50 -15.10 78.32
C ALA F 310 20.24 -16.05 77.39
N PHE F 311 21.02 -15.51 76.44
CA PHE F 311 21.67 -16.27 75.36
C PHE F 311 20.68 -17.18 74.64
N ASP F 312 19.49 -16.65 74.36
CA ASP F 312 18.41 -17.40 73.74
C ASP F 312 18.17 -16.84 72.35
N GLU F 313 18.92 -17.35 71.37
CA GLU F 313 18.72 -16.94 69.98
C GLU F 313 18.49 -18.16 69.10
N HIS F 314 17.72 -19.13 69.60
CA HIS F 314 17.42 -20.34 68.86
C HIS F 314 16.27 -20.05 67.89
N ILE F 315 15.70 -21.10 67.31
CA ILE F 315 14.62 -20.94 66.33
C ILE F 315 13.43 -20.28 67.02
N GLY F 316 12.85 -19.28 66.35
CA GLY F 316 11.77 -18.53 66.96
C GLY F 316 10.52 -19.37 67.13
N GLU F 317 9.94 -19.32 68.33
CA GLU F 317 8.72 -20.07 68.63
C GLU F 317 7.53 -19.54 67.83
N VAL F 318 7.38 -18.22 67.74
CA VAL F 318 6.21 -17.59 67.12
C VAL F 318 6.68 -16.56 66.11
N CYS F 319 6.05 -16.57 64.93
CA CYS F 319 6.35 -15.62 63.87
C CYS F 319 5.66 -14.29 64.13
N THR F 320 5.80 -13.36 63.19
CA THR F 320 5.22 -12.03 63.27
C THR F 320 4.47 -11.71 61.99
N ASP F 321 3.70 -10.62 62.03
CA ASP F 321 2.93 -10.18 60.89
C ASP F 321 3.83 -9.48 59.86
N TRP F 322 3.41 -9.54 58.60
CA TRP F 322 4.18 -8.92 57.53
C TRP F 322 4.16 -7.40 57.62
N GLN F 323 3.07 -6.83 58.13
CA GLN F 323 3.00 -5.38 58.29
C GLN F 323 4.03 -4.86 59.29
N LYS F 324 4.48 -5.72 60.21
CA LYS F 324 5.50 -5.40 61.20
C LYS F 324 5.06 -4.29 62.12
N ALA F 325 3.81 -3.84 61.99
CA ALA F 325 3.25 -2.83 62.88
C ALA F 325 2.97 -3.38 64.27
N VAL F 326 3.00 -4.70 64.44
CA VAL F 326 2.80 -5.32 65.76
C VAL F 326 4.06 -5.15 66.59
N ARG F 327 3.90 -4.70 67.83
CA ARG F 327 5.02 -4.48 68.72
C ARG F 327 5.47 -5.78 69.37
N GLY F 328 5.75 -6.79 68.56
CA GLY F 328 6.20 -8.06 69.08
C GLY F 328 7.63 -8.00 69.57
N ASP F 329 8.02 -9.05 70.28
CA ASP F 329 9.39 -9.17 70.75
C ASP F 329 10.33 -9.28 69.56
N ILE F 330 11.45 -8.55 69.63
CA ILE F 330 12.47 -8.67 68.59
C ILE F 330 12.97 -10.11 68.49
N LEU F 331 12.96 -10.84 69.60
CA LEU F 331 13.22 -12.27 69.55
C LEU F 331 12.15 -12.99 68.74
N LEU F 332 10.88 -12.60 68.91
CA LEU F 332 9.77 -13.28 68.27
C LEU F 332 9.23 -12.56 67.03
N SER F 333 9.67 -11.33 66.77
CA SER F 333 9.25 -10.61 65.58
C SER F 333 10.40 -10.32 64.63
N SER F 334 11.48 -9.72 65.13
CA SER F 334 12.59 -9.36 64.26
C SER F 334 13.33 -10.60 63.79
N LEU F 335 13.64 -11.51 64.71
CA LEU F 335 14.44 -12.68 64.33
C LEU F 335 13.72 -13.50 63.28
N ILE F 336 12.41 -13.73 63.46
CA ILE F 336 11.65 -14.47 62.46
C ILE F 336 11.54 -13.66 61.18
N ARG F 337 11.47 -12.34 61.27
CA ARG F 337 11.51 -11.53 60.05
C ARG F 337 12.78 -11.80 59.26
N LYS F 338 13.92 -11.90 59.96
CA LYS F 338 15.14 -12.37 59.30
C LYS F 338 14.99 -13.80 58.79
N LYS F 339 14.33 -14.66 59.56
CA LYS F 339 14.29 -16.09 59.25
C LYS F 339 13.49 -16.38 57.99
N LEU F 340 12.21 -16.03 58.00
CA LEU F 340 11.30 -16.33 56.91
C LEU F 340 10.59 -15.05 56.49
N LEU F 341 10.23 -15.00 55.21
CA LEU F 341 9.64 -13.82 54.59
C LEU F 341 10.42 -12.55 54.93
N PRO F 342 11.73 -12.50 54.67
CA PRO F 342 12.46 -11.26 54.95
C PRO F 342 12.16 -10.17 53.93
N LYS F 343 12.11 -10.53 52.65
CA LYS F 343 11.74 -9.65 51.54
C LYS F 343 12.78 -8.55 51.30
N ALA F 344 13.80 -8.44 52.13
CA ALA F 344 14.81 -7.40 51.98
C ALA F 344 16.19 -8.00 52.18
N SER F 345 17.20 -7.28 51.69
CA SER F 345 18.57 -7.77 51.79
C SER F 345 19.01 -7.71 53.25
N LEU F 346 20.22 -8.19 53.51
CA LEU F 346 20.64 -8.25 54.91
C LEU F 346 22.16 -8.30 54.99
N LEU F 347 22.72 -7.53 55.91
CA LEU F 347 24.16 -7.51 56.16
C LEU F 347 24.38 -7.44 57.66
N ILE F 348 25.00 -8.46 58.24
CA ILE F 348 25.23 -8.48 59.69
C ILE F 348 26.71 -8.56 60.02
N THR F 349 27.06 -7.91 61.13
CA THR F 349 28.44 -7.72 61.54
C THR F 349 28.60 -8.29 62.95
N THR F 350 29.60 -9.15 63.14
CA THR F 350 29.83 -9.84 64.41
C THR F 350 31.12 -10.63 64.28
N ARG F 351 31.66 -11.11 65.44
CA ARG F 351 32.86 -11.92 65.30
C ARG F 351 32.55 -13.41 65.30
N PRO F 352 33.45 -14.25 64.73
CA PRO F 352 33.19 -15.69 64.58
C PRO F 352 33.21 -16.52 65.86
N VAL F 353 33.25 -15.89 67.03
CA VAL F 353 33.22 -16.57 68.32
C VAL F 353 32.13 -17.63 68.51
N ALA F 354 30.88 -17.21 68.53
CA ALA F 354 29.76 -18.07 68.90
C ALA F 354 28.51 -17.68 68.12
N LEU F 355 28.63 -17.59 66.79
CA LEU F 355 27.50 -17.18 65.97
C LEU F 355 26.63 -18.32 65.46
N GLU F 356 27.13 -19.55 65.41
CA GLU F 356 26.43 -20.62 64.70
C GLU F 356 24.94 -20.74 65.04
N LYS F 357 24.50 -20.22 66.19
CA LYS F 357 23.08 -20.06 66.51
C LYS F 357 22.25 -19.51 65.35
N LEU F 358 22.80 -18.54 64.64
CA LEU F 358 22.16 -17.85 63.53
C LEU F 358 22.47 -18.50 62.19
N GLN F 359 23.44 -19.42 62.16
CA GLN F 359 23.87 -20.07 60.93
C GLN F 359 23.33 -21.48 60.80
N HIS F 360 23.25 -22.24 61.89
CA HIS F 360 22.39 -23.42 61.87
C HIS F 360 20.94 -23.01 61.68
N LEU F 361 20.61 -21.79 62.13
CA LEU F 361 19.45 -21.07 61.63
C LEU F 361 19.62 -20.83 60.13
N LEU F 362 18.72 -21.38 59.33
CA LEU F 362 18.88 -21.32 57.88
C LEU F 362 18.76 -19.89 57.38
N ASP F 363 19.75 -19.46 56.61
CA ASP F 363 19.78 -18.14 55.99
C ASP F 363 20.20 -18.15 54.54
N HIS F 364 20.90 -19.18 54.07
CA HIS F 364 21.56 -19.16 52.77
C HIS F 364 22.37 -17.88 52.60
N PRO F 365 23.30 -17.58 53.54
CA PRO F 365 24.07 -16.35 53.44
C PRO F 365 25.39 -16.51 52.71
N ARG F 366 26.13 -15.41 52.56
CA ARG F 366 27.55 -15.46 52.33
C ARG F 366 28.27 -14.86 53.54
N HIS F 367 29.60 -14.92 53.50
CA HIS F 367 30.43 -14.31 54.52
C HIS F 367 31.60 -13.62 53.82
N VAL F 368 32.04 -12.49 54.37
CA VAL F 368 33.21 -11.81 53.85
C VAL F 368 34.09 -11.38 55.03
N GLU F 369 35.39 -11.56 54.87
CA GLU F 369 36.35 -11.20 55.90
C GLU F 369 36.88 -9.80 55.65
N ILE F 370 37.09 -9.06 56.73
CA ILE F 370 37.68 -7.73 56.69
C ILE F 370 39.11 -7.81 57.24
N LEU F 371 40.03 -7.17 56.55
CA LEU F 371 41.43 -7.21 56.89
C LEU F 371 41.93 -5.79 57.09
N GLY F 372 42.72 -5.59 58.15
CA GLY F 372 43.15 -4.27 58.56
C GLY F 372 44.31 -3.70 57.77
N PHE F 373 45.22 -3.04 58.48
CA PHE F 373 46.23 -2.19 57.85
C PHE F 373 47.38 -3.02 57.31
N SER F 374 47.51 -3.05 55.98
CA SER F 374 48.76 -3.46 55.38
C SER F 374 49.77 -2.34 55.53
N GLU F 375 51.03 -2.62 55.18
CA GLU F 375 52.11 -1.66 55.44
C GLU F 375 51.85 -0.34 54.73
N ALA F 376 51.60 -0.39 53.41
CA ALA F 376 51.55 0.83 52.62
C ALA F 376 50.37 1.72 53.01
N LYS F 377 49.16 1.16 53.08
CA LYS F 377 48.05 2.02 53.41
C LYS F 377 47.93 2.25 54.92
N ARG F 378 48.63 1.48 55.75
CA ARG F 378 48.84 1.88 57.13
C ARG F 378 49.70 3.13 57.20
N LYS F 379 50.73 3.21 56.36
CA LYS F 379 51.51 4.44 56.26
C LYS F 379 50.63 5.58 55.77
N GLU F 380 49.74 5.30 54.82
CA GLU F 380 48.79 6.30 54.35
C GLU F 380 47.88 6.79 55.48
N TYR F 381 47.39 5.86 56.30
CA TYR F 381 46.58 6.24 57.45
C TYR F 381 47.37 7.06 58.44
N PHE F 382 48.64 6.73 58.64
CA PHE F 382 49.48 7.51 59.54
C PHE F 382 49.66 8.93 59.01
N PHE F 383 49.85 9.06 57.70
CA PHE F 383 49.96 10.38 57.09
C PHE F 383 48.66 11.16 57.22
N LYS F 384 47.52 10.50 57.04
CA LYS F 384 46.24 11.20 57.08
C LYS F 384 45.87 11.59 58.50
N TYR F 385 46.22 10.77 59.49
CA TYR F 385 45.90 11.09 60.87
C TYR F 385 46.84 12.16 61.40
N PHE F 386 48.13 11.89 61.39
CA PHE F 386 49.09 12.91 61.81
C PHE F 386 49.05 14.08 60.84
N SER F 387 49.59 15.21 61.29
CA SER F 387 49.87 16.28 60.35
C SER F 387 50.99 15.84 59.42
N ASN F 388 51.02 16.43 58.22
CA ASN F 388 51.89 15.91 57.18
C ASN F 388 53.36 16.10 57.50
N GLU F 389 53.70 16.87 58.53
CA GLU F 389 55.10 17.11 58.86
C GLU F 389 55.45 16.93 60.33
N LEU F 390 54.51 17.05 61.27
CA LEU F 390 54.88 17.04 62.68
C LEU F 390 55.33 15.65 63.13
N GLN F 391 54.54 14.63 62.83
CA GLN F 391 54.88 13.27 63.26
C GLN F 391 54.58 12.22 62.20
N ALA F 392 54.48 12.62 60.94
CA ALA F 392 54.03 11.69 59.91
C ALA F 392 55.07 10.60 59.62
N ARG F 393 56.35 10.94 59.69
CA ARG F 393 57.39 9.99 59.29
C ARG F 393 58.22 9.42 60.44
N GLU F 394 58.78 10.27 61.31
CA GLU F 394 59.76 9.77 62.27
C GLU F 394 59.14 8.78 63.26
N ALA F 395 57.93 9.06 63.76
CA ALA F 395 57.25 8.08 64.60
C ALA F 395 56.92 6.80 63.83
N PHE F 396 56.45 6.95 62.59
CA PHE F 396 56.18 5.78 61.76
C PHE F 396 57.42 4.89 61.66
N ARG F 397 58.55 5.48 61.30
CA ARG F 397 59.75 4.67 61.08
C ARG F 397 60.33 4.14 62.37
N LEU F 398 60.22 4.88 63.49
CA LEU F 398 60.74 4.35 64.73
C LEU F 398 59.90 3.17 65.23
N ILE F 399 58.59 3.18 64.96
CA ILE F 399 57.84 1.97 65.31
C ILE F 399 57.95 0.91 64.23
N GLN F 400 58.41 1.28 63.02
CA GLN F 400 58.80 0.27 62.05
C GLN F 400 59.99 -0.52 62.56
N GLU F 401 60.96 0.17 63.16
CA GLU F 401 62.19 -0.48 63.61
C GLU F 401 61.92 -1.45 64.75
N ASN F 402 60.74 -1.41 65.34
CA ASN F 402 60.35 -2.38 66.35
C ASN F 402 60.06 -3.73 65.68
N GLU F 403 60.62 -4.80 66.25
CA GLU F 403 60.34 -6.13 65.72
C GLU F 403 58.88 -6.53 65.93
N VAL F 404 58.15 -5.77 66.73
CA VAL F 404 56.75 -6.00 67.00
C VAL F 404 56.03 -4.68 66.75
N LEU F 405 54.71 -4.65 66.99
CA LEU F 405 53.88 -3.47 66.73
C LEU F 405 53.69 -3.27 65.24
N PHE F 406 54.45 -4.04 64.45
CA PHE F 406 54.14 -4.25 63.05
C PHE F 406 53.39 -5.54 62.82
N THR F 407 53.55 -6.52 63.72
CA THR F 407 52.58 -7.60 63.81
C THR F 407 51.19 -7.08 64.14
N MET F 408 51.07 -6.15 65.09
CA MET F 408 49.76 -5.61 65.43
C MET F 408 49.38 -4.42 64.58
N CYS F 409 50.32 -3.81 63.86
CA CYS F 409 49.90 -2.70 63.01
C CYS F 409 48.86 -3.14 62.00
N PHE F 410 48.83 -4.42 61.66
CA PHE F 410 47.75 -4.93 60.83
C PHE F 410 46.37 -4.67 61.44
N ILE F 411 46.21 -4.91 62.73
CA ILE F 411 44.92 -4.66 63.38
C ILE F 411 44.56 -3.18 63.52
N PRO F 412 43.42 -2.79 62.97
CA PRO F 412 43.00 -1.39 63.01
C PRO F 412 42.83 -0.80 64.39
N LEU F 413 42.36 -1.56 65.38
CA LEU F 413 42.23 -0.95 66.70
C LEU F 413 43.59 -0.58 67.27
N VAL F 414 44.62 -1.37 66.98
CA VAL F 414 45.96 -1.02 67.40
C VAL F 414 46.42 0.24 66.70
N CYS F 415 46.18 0.34 65.38
CA CYS F 415 46.59 1.57 64.72
C CYS F 415 45.85 2.80 65.24
N TRP F 416 44.54 2.68 65.48
CA TRP F 416 43.78 3.82 66.01
C TRP F 416 44.23 4.18 67.43
N ILE F 417 44.70 3.19 68.18
CA ILE F 417 45.04 3.48 69.56
C ILE F 417 46.47 3.96 69.66
N VAL F 418 47.31 3.65 68.69
CA VAL F 418 48.66 4.20 68.74
C VAL F 418 48.66 5.60 68.13
N CYS F 419 47.79 5.84 67.14
CA CYS F 419 47.69 7.19 66.58
C CYS F 419 47.13 8.14 67.62
N THR F 420 46.05 7.77 68.30
CA THR F 420 45.55 8.66 69.35
C THR F 420 46.46 8.65 70.58
N GLY F 421 47.13 7.53 70.87
CA GLY F 421 47.99 7.37 72.02
C GLY F 421 49.36 8.01 71.94
N LEU F 422 49.74 8.56 70.79
CA LEU F 422 51.07 9.17 70.70
C LEU F 422 51.06 10.68 70.54
N LYS F 423 49.90 11.31 70.30
CA LYS F 423 49.84 12.77 70.27
C LYS F 423 50.04 13.41 71.62
N GLN F 424 49.95 12.66 72.72
CA GLN F 424 50.30 13.21 74.03
C GLN F 424 51.79 13.13 74.36
N GLN F 425 52.64 12.59 73.48
CA GLN F 425 54.00 12.24 73.86
C GLN F 425 55.05 13.20 73.34
N MET F 426 54.72 14.11 72.42
CA MET F 426 55.69 15.13 72.04
C MET F 426 55.89 16.13 73.15
N GLU F 427 54.87 16.37 73.97
CA GLU F 427 55.05 17.19 75.16
C GLU F 427 56.05 16.56 76.13
N THR F 428 56.12 15.24 76.17
CA THR F 428 57.14 14.53 76.94
C THR F 428 58.41 14.33 76.12
N GLY F 429 58.28 13.67 74.97
CA GLY F 429 59.39 13.52 74.04
C GLY F 429 60.13 12.21 74.20
N LYS F 430 60.30 11.50 73.09
CA LYS F 430 61.13 10.29 73.03
C LYS F 430 60.63 9.23 74.02
N SER F 431 59.33 8.96 73.98
CA SER F 431 58.71 7.92 74.81
C SER F 431 57.70 7.13 74.00
N LEU F 432 58.05 6.78 72.76
CA LEU F 432 57.09 6.23 71.81
C LEU F 432 57.12 4.71 71.78
N ALA F 433 58.28 4.13 71.47
CA ALA F 433 58.39 2.70 71.23
C ALA F 433 58.63 1.90 72.51
N GLN F 434 58.72 2.55 73.66
CA GLN F 434 59.01 1.84 74.90
C GLN F 434 57.81 1.00 75.35
N THR F 435 58.11 -0.03 76.12
CA THR F 435 57.14 -0.96 76.75
C THR F 435 55.94 -1.23 75.84
N SER F 436 56.25 -1.60 74.60
CA SER F 436 55.27 -1.93 73.57
C SER F 436 55.57 -3.35 73.09
N LYS F 437 54.88 -4.33 73.67
CA LYS F 437 55.07 -5.73 73.28
C LYS F 437 53.82 -6.35 72.70
N THR F 438 52.70 -6.35 73.42
CA THR F 438 51.51 -7.11 73.08
C THR F 438 50.29 -6.20 73.18
N THR F 439 49.12 -6.74 72.83
CA THR F 439 47.90 -5.95 72.88
C THR F 439 47.60 -5.49 74.29
N THR F 440 47.74 -6.38 75.27
CA THR F 440 47.59 -5.99 76.66
C THR F 440 48.63 -4.94 77.06
N ALA F 441 49.87 -5.11 76.59
CA ALA F 441 50.93 -4.17 76.93
C ALA F 441 50.61 -2.78 76.41
N VAL F 442 50.18 -2.68 75.16
CA VAL F 442 49.91 -1.38 74.58
C VAL F 442 48.67 -0.76 75.21
N TYR F 443 47.66 -1.59 75.54
CA TYR F 443 46.49 -1.06 76.23
C TYR F 443 46.85 -0.50 77.60
N VAL F 444 47.70 -1.22 78.35
CA VAL F 444 48.13 -0.74 79.66
C VAL F 444 48.93 0.55 79.53
N PHE F 445 49.83 0.61 78.54
CA PHE F 445 50.62 1.81 78.31
C PHE F 445 49.75 3.00 77.96
N PHE F 446 48.77 2.80 77.09
CA PHE F 446 47.86 3.88 76.70
C PHE F 446 47.03 4.35 77.89
N LEU F 447 46.51 3.41 78.69
CA LEU F 447 45.74 3.81 79.86
C LEU F 447 46.61 4.58 80.85
N SER F 448 47.84 4.13 81.07
CA SER F 448 48.74 4.84 81.98
C SER F 448 49.08 6.23 81.45
N SER F 449 49.27 6.35 80.14
CA SER F 449 49.52 7.66 79.52
C SER F 449 48.34 8.60 79.71
N LEU F 450 47.11 8.10 79.53
CA LEU F 450 45.93 8.92 79.77
C LEU F 450 45.82 9.29 81.24
N LEU F 451 46.08 8.35 82.14
CA LEU F 451 45.92 8.53 83.57
C LEU F 451 47.25 8.83 84.26
N GLN F 452 48.13 9.57 83.58
CA GLN F 452 49.44 9.87 84.15
C GLN F 452 49.37 11.02 85.15
N SER F 453 48.72 12.12 84.76
CA SER F 453 48.66 13.32 85.59
C SER F 453 47.49 13.29 86.58
N ARG F 454 46.86 12.14 86.77
CA ARG F 454 45.76 12.00 87.70
C ARG F 454 46.20 11.50 89.07
N GLY F 455 47.47 11.19 89.25
CA GLY F 455 47.98 10.70 90.51
C GLY F 455 49.35 10.07 90.42
N LEU F 461 42.85 10.04 95.59
CA LEU F 461 42.02 10.80 94.67
C LEU F 461 41.48 9.92 93.54
N PHE F 462 42.23 9.86 92.43
CA PHE F 462 41.81 9.04 91.30
C PHE F 462 41.99 7.55 91.57
N SER F 463 42.76 7.18 92.60
CA SER F 463 42.91 5.77 92.93
C SER F 463 41.58 5.13 93.27
N ASP F 464 40.69 5.88 93.93
CA ASP F 464 39.35 5.38 94.19
C ASP F 464 38.43 5.55 93.00
N TYR F 465 38.63 6.60 92.19
CA TYR F 465 37.77 6.82 91.03
C TYR F 465 37.92 5.69 90.01
N LEU F 466 39.17 5.28 89.74
CA LEU F 466 39.40 4.19 88.81
C LEU F 466 38.78 2.90 89.31
N GLN F 467 38.91 2.63 90.62
CA GLN F 467 38.31 1.43 91.18
C GLN F 467 36.79 1.47 91.13
N GLY F 468 36.20 2.64 91.37
CA GLY F 468 34.74 2.75 91.29
C GLY F 468 34.21 2.54 89.89
N LEU F 469 34.86 3.15 88.89
CA LEU F 469 34.46 2.90 87.50
C LEU F 469 34.70 1.46 87.10
N CYS F 470 35.82 0.89 87.56
CA CYS F 470 36.16 -0.49 87.24
C CYS F 470 35.13 -1.47 87.80
N SER F 471 34.77 -1.32 89.08
CA SER F 471 33.92 -2.29 89.74
C SER F 471 32.49 -2.23 89.27
N LEU F 472 32.27 -1.45 88.21
CA LEU F 472 30.95 -1.28 87.62
C LEU F 472 30.96 -1.48 86.12
N ALA F 473 32.11 -1.31 85.46
CA ALA F 473 32.14 -1.39 84.00
C ALA F 473 31.88 -2.83 83.56
N ALA F 474 32.55 -3.78 84.22
CA ALA F 474 32.50 -5.18 83.83
C ALA F 474 31.10 -5.74 83.94
N ASP F 475 30.32 -5.26 84.91
CA ASP F 475 28.93 -5.70 85.05
C ASP F 475 28.09 -5.39 83.83
N GLY F 476 28.54 -4.46 82.97
CA GLY F 476 27.87 -4.26 81.70
C GLY F 476 27.74 -5.53 80.88
N ILE F 477 28.74 -6.39 80.93
CA ILE F 477 28.66 -7.67 80.26
C ILE F 477 28.46 -8.82 81.24
N TRP F 478 28.83 -8.66 82.51
CA TRP F 478 28.60 -9.70 83.50
C TRP F 478 27.12 -9.86 83.78
N ASN F 479 26.46 -8.82 84.31
CA ASN F 479 25.02 -8.85 84.40
C ASN F 479 24.35 -8.71 83.04
N GLN F 480 25.15 -8.48 82.00
CA GLN F 480 24.68 -8.37 80.62
C GLN F 480 23.70 -7.22 80.47
N LYS F 481 24.07 -6.07 81.02
CA LYS F 481 23.43 -4.79 80.72
C LYS F 481 24.55 -3.90 80.21
N ILE F 482 24.90 -4.10 78.94
CA ILE F 482 26.00 -3.35 78.34
C ILE F 482 25.70 -1.86 78.34
N LEU F 483 24.42 -1.49 78.32
CA LEU F 483 24.02 -0.10 78.37
C LEU F 483 23.89 0.35 79.82
N PHE F 484 24.54 1.47 80.15
CA PHE F 484 24.63 1.98 81.50
C PHE F 484 23.45 2.87 81.91
N GLU F 485 22.51 3.13 81.00
CA GLU F 485 21.38 4.03 81.23
C GLU F 485 21.88 5.42 81.63
N GLU F 486 22.54 6.06 80.66
CA GLU F 486 23.20 7.36 80.81
C GLU F 486 24.09 7.38 82.04
N CYS F 487 24.58 6.19 82.41
CA CYS F 487 25.48 6.00 83.54
C CYS F 487 24.80 6.36 84.86
N ASP F 488 23.58 5.86 85.04
CA ASP F 488 22.91 5.99 86.34
C ASP F 488 23.44 4.98 87.35
N LEU F 489 23.83 3.80 86.89
CA LEU F 489 24.60 2.91 87.76
C LEU F 489 25.90 3.58 88.20
N ARG F 490 26.56 4.29 87.28
CA ARG F 490 27.71 5.10 87.66
C ARG F 490 27.33 6.22 88.62
N LYS F 491 26.16 6.83 88.41
CA LYS F 491 25.65 7.81 89.38
C LYS F 491 25.55 7.21 90.77
N HIS F 492 25.23 5.92 90.86
CA HIS F 492 25.33 5.22 92.13
C HIS F 492 26.79 5.01 92.53
N GLY F 493 27.63 4.58 91.59
CA GLY F 493 29.03 4.28 91.88
C GLY F 493 30.01 5.33 91.40
N LEU F 494 30.50 6.17 92.30
CA LEU F 494 31.60 7.09 92.04
C LEU F 494 31.27 8.05 90.89
N GLN F 495 30.28 8.90 91.15
CA GLN F 495 29.90 9.98 90.24
C GLN F 495 30.47 11.28 90.80
N LYS F 496 31.53 11.78 90.17
CA LYS F 496 32.13 13.06 90.53
C LYS F 496 32.50 13.79 89.24
N THR F 497 33.32 14.84 89.37
CA THR F 497 33.88 15.50 88.19
C THR F 497 34.85 14.60 87.45
N ASP F 498 35.32 13.52 88.10
CA ASP F 498 36.12 12.53 87.40
C ASP F 498 35.36 11.96 86.20
N VAL F 499 34.05 11.83 86.31
CA VAL F 499 33.25 11.35 85.18
C VAL F 499 33.30 12.34 84.03
N SER F 500 33.21 13.64 84.34
CA SER F 500 33.35 14.65 83.30
C SER F 500 34.72 14.59 82.64
N ALA F 501 35.77 14.37 83.44
CA ALA F 501 37.11 14.25 82.88
C ALA F 501 37.22 13.02 81.98
N PHE F 502 36.63 11.89 82.40
CA PHE F 502 36.66 10.67 81.60
C PHE F 502 35.94 10.89 80.28
N LEU F 503 34.78 11.53 80.32
CA LEU F 503 34.04 11.81 79.09
C LEU F 503 34.81 12.78 78.19
N ARG F 504 35.50 13.75 78.79
CA ARG F 504 36.27 14.71 77.99
C ARG F 504 37.44 14.04 77.28
N MET F 505 38.13 13.12 77.96
CA MET F 505 39.20 12.40 77.28
C MET F 505 38.71 11.23 76.46
N ASN F 506 37.42 10.89 76.56
CA ASN F 506 36.81 9.77 75.86
C ASN F 506 35.60 10.24 75.08
N VAL F 507 35.79 11.28 74.27
CA VAL F 507 34.70 11.99 73.58
C VAL F 507 33.71 11.04 72.92
N PHE F 508 34.17 9.85 72.53
CA PHE F 508 33.30 8.88 71.86
C PHE F 508 32.47 8.04 72.84
N GLN F 509 32.24 8.53 74.06
CA GLN F 509 31.46 7.80 75.04
C GLN F 509 29.97 8.14 74.94
N LYS F 510 29.64 9.42 75.09
CA LYS F 510 28.25 9.86 75.10
C LYS F 510 27.77 10.32 73.73
N GLU F 511 28.67 10.86 72.92
CA GLU F 511 28.26 11.52 71.67
C GLU F 511 27.67 10.53 70.66
N VAL F 512 28.05 9.26 70.74
CA VAL F 512 27.54 8.28 69.77
C VAL F 512 26.04 8.07 69.94
N ASP F 513 25.53 8.19 71.16
CA ASP F 513 24.10 8.01 71.40
C ASP F 513 23.29 9.25 70.99
N CYS F 514 23.89 10.43 71.09
CA CYS F 514 23.46 11.69 70.48
C CYS F 514 22.27 12.34 71.18
N GLU F 515 21.61 11.69 72.14
CA GLU F 515 20.50 12.33 72.83
C GLU F 515 20.76 12.52 74.32
N ARG F 516 20.94 11.44 75.08
CA ARG F 516 21.23 11.53 76.51
C ARG F 516 22.26 10.55 77.01
N PHE F 517 22.61 9.54 76.24
CA PHE F 517 23.06 8.27 76.79
C PHE F 517 24.58 8.16 76.80
N TYR F 518 25.09 7.38 77.74
CA TYR F 518 26.53 7.24 77.97
C TYR F 518 26.94 5.79 77.82
N SER F 519 28.12 5.57 77.24
CA SER F 519 28.59 4.22 76.94
C SER F 519 30.11 4.26 76.77
N PHE F 520 30.67 3.22 76.18
CA PHE F 520 32.09 3.15 75.86
C PHE F 520 32.27 3.14 74.34
N SER F 521 33.54 3.21 73.91
CA SER F 521 33.80 3.36 72.48
C SER F 521 33.52 2.08 71.70
N HIS F 522 34.29 1.02 71.95
CA HIS F 522 34.06 -0.28 71.31
C HIS F 522 34.23 -1.40 72.34
N MET F 523 33.80 -1.15 73.58
CA MET F 523 33.71 -2.16 74.64
C MET F 523 35.03 -2.89 74.88
N THR F 524 36.11 -2.42 74.24
CA THR F 524 37.39 -3.08 74.43
C THR F 524 38.09 -2.54 75.66
N PHE F 525 38.06 -1.21 75.84
CA PHE F 525 38.48 -0.66 77.12
C PHE F 525 37.55 -1.14 78.23
N GLN F 526 36.29 -1.41 77.91
CA GLN F 526 35.38 -1.99 78.90
C GLN F 526 35.85 -3.37 79.34
N GLU F 527 36.27 -4.22 78.39
CA GLU F 527 36.78 -5.52 78.80
C GLU F 527 38.14 -5.40 79.49
N PHE F 528 38.91 -4.36 79.14
CA PHE F 528 40.14 -4.10 79.86
C PHE F 528 39.85 -3.74 81.31
N PHE F 529 38.82 -2.92 81.53
CA PHE F 529 38.39 -2.62 82.89
C PHE F 529 37.83 -3.85 83.59
N ALA F 530 37.23 -4.78 82.84
CA ALA F 530 36.80 -6.03 83.44
C ALA F 530 37.98 -6.86 83.93
N ALA F 531 39.07 -6.86 83.17
CA ALA F 531 40.31 -7.48 83.63
C ALA F 531 40.85 -6.75 84.87
N MET F 532 40.79 -5.42 84.84
CA MET F 532 41.15 -4.63 86.02
C MET F 532 40.34 -5.04 87.24
N TYR F 533 39.03 -5.28 87.07
CA TYR F 533 38.19 -5.71 88.18
C TYR F 533 38.81 -6.86 88.95
N TYR F 534 39.02 -8.00 88.28
CA TYR F 534 39.63 -9.13 88.94
C TYR F 534 41.04 -8.82 89.41
N LEU F 535 41.70 -7.84 88.79
CA LEU F 535 43.01 -7.41 89.27
C LEU F 535 42.90 -6.76 90.64
N LEU F 536 41.81 -6.02 90.87
CA LEU F 536 41.56 -5.33 92.12
C LEU F 536 40.62 -6.16 93.00
N GLU F 537 40.45 -5.71 94.23
CA GLU F 537 39.55 -6.36 95.17
C GLU F 537 39.10 -5.41 96.27
N ARG F 558 36.20 -11.23 91.76
CA ARG F 558 35.47 -12.21 92.56
C ARG F 558 35.95 -13.64 92.31
N ASP F 559 34.99 -14.56 92.21
CA ASP F 559 35.29 -15.96 91.93
C ASP F 559 35.63 -16.18 90.47
N VAL F 560 36.69 -16.97 90.23
CA VAL F 560 37.12 -17.31 88.88
C VAL F 560 36.42 -18.54 88.34
N LYS F 561 35.75 -19.31 89.19
CA LYS F 561 35.17 -20.58 88.77
C LYS F 561 34.09 -20.37 87.73
N VAL F 562 33.11 -19.51 88.05
CA VAL F 562 32.00 -19.28 87.15
C VAL F 562 32.44 -18.60 85.86
N LEU F 563 33.42 -17.69 85.93
CA LEU F 563 33.89 -17.08 84.70
C LEU F 563 34.51 -18.10 83.76
N LEU F 564 35.45 -18.92 84.27
CA LEU F 564 36.05 -19.93 83.39
C LEU F 564 35.05 -20.98 82.93
N GLU F 565 34.03 -21.30 83.75
CA GLU F 565 32.94 -22.13 83.27
C GLU F 565 32.17 -21.48 82.13
N ASN F 566 31.89 -20.19 82.26
CA ASN F 566 31.15 -19.40 81.29
C ASN F 566 32.02 -18.92 80.11
N TYR F 567 33.20 -19.49 79.90
CA TYR F 567 34.13 -19.00 78.89
C TYR F 567 33.56 -19.14 77.48
N GLY F 568 33.37 -18.00 76.82
CA GLY F 568 33.06 -17.95 75.40
C GLY F 568 31.60 -18.05 75.07
N LYS F 569 30.74 -18.02 76.08
CA LYS F 569 29.30 -18.18 75.99
C LYS F 569 28.74 -16.88 75.43
N PHE F 570 27.48 -16.61 75.71
CA PHE F 570 26.71 -15.60 75.00
C PHE F 570 25.82 -14.89 76.02
N GLU F 571 26.27 -14.90 77.28
CA GLU F 571 25.60 -14.38 78.45
C GLU F 571 26.44 -13.30 79.11
N LYS F 572 27.75 -13.54 79.26
CA LYS F 572 28.66 -12.53 79.77
C LYS F 572 29.46 -11.85 78.66
N GLY F 573 29.26 -12.23 77.41
CA GLY F 573 29.84 -11.56 76.26
C GLY F 573 31.14 -12.12 75.72
N TYR F 574 31.11 -13.40 75.35
CA TYR F 574 32.20 -14.13 74.71
C TYR F 574 33.46 -14.25 75.56
N LEU F 575 33.64 -13.35 76.53
CA LEU F 575 34.83 -13.36 77.40
C LEU F 575 36.14 -13.41 76.64
N ILE F 576 36.10 -13.28 75.31
CA ILE F 576 37.32 -13.42 74.51
C ILE F 576 38.36 -12.38 74.94
N PHE F 577 38.06 -11.09 74.74
CA PHE F 577 39.04 -10.07 75.09
C PHE F 577 39.24 -10.00 76.59
N VAL F 578 38.23 -10.43 77.37
CA VAL F 578 38.36 -10.46 78.82
C VAL F 578 39.53 -11.36 79.20
N VAL F 579 39.45 -12.63 78.83
CA VAL F 579 40.51 -13.57 79.14
C VAL F 579 41.81 -13.19 78.44
N ARG F 580 41.71 -12.59 77.25
CA ARG F 580 42.92 -12.12 76.57
C ARG F 580 43.69 -11.15 77.45
N PHE F 581 43.01 -10.11 77.95
CA PHE F 581 43.67 -9.17 78.83
C PHE F 581 44.07 -9.80 80.16
N LEU F 582 43.25 -10.74 80.66
CA LEU F 582 43.63 -11.47 81.87
C LEU F 582 44.99 -12.14 81.72
N PHE F 583 45.17 -12.87 80.62
CA PHE F 583 46.47 -13.48 80.37
C PHE F 583 47.55 -12.44 80.17
N GLY F 584 47.24 -11.35 79.47
CA GLY F 584 48.27 -10.35 79.24
C GLY F 584 48.76 -9.76 80.54
N LEU F 585 47.85 -9.58 81.50
CA LEU F 585 48.19 -8.98 82.78
C LEU F 585 48.91 -9.95 83.71
N VAL F 586 48.49 -11.23 83.73
CA VAL F 586 48.94 -12.14 84.77
C VAL F 586 50.44 -12.42 84.64
N ASN F 587 51.08 -11.85 83.63
CA ASN F 587 52.53 -11.92 83.51
C ASN F 587 53.12 -11.37 84.80
N GLN F 588 54.08 -12.08 85.38
CA GLN F 588 54.55 -11.76 86.73
C GLN F 588 55.13 -10.36 86.85
N GLU F 589 55.92 -9.92 85.86
CA GLU F 589 56.41 -8.55 85.88
C GLU F 589 55.28 -7.52 85.86
N ARG F 590 54.28 -7.72 84.99
CA ARG F 590 53.11 -6.84 84.99
C ARG F 590 52.32 -6.95 86.28
N THR F 591 52.27 -8.14 86.87
CA THR F 591 51.64 -8.33 88.18
C THR F 591 52.28 -7.43 89.22
N SER F 592 53.60 -7.47 89.34
CA SER F 592 54.28 -6.64 90.31
C SER F 592 54.08 -5.16 90.00
N TYR F 593 54.19 -4.79 88.71
CA TYR F 593 54.03 -3.39 88.33
C TYR F 593 52.66 -2.86 88.71
N LEU F 594 51.61 -3.65 88.45
CA LEU F 594 50.25 -3.21 88.72
C LEU F 594 49.93 -3.26 90.21
N GLU F 595 50.44 -4.28 90.92
CA GLU F 595 50.23 -4.33 92.36
C GLU F 595 50.93 -3.17 93.06
N LYS F 596 51.96 -2.61 92.45
CA LYS F 596 52.59 -1.41 93.00
C LYS F 596 51.89 -0.13 92.55
N LYS F 597 51.45 -0.09 91.30
CA LYS F 597 50.85 1.13 90.75
C LYS F 597 49.46 1.38 91.32
N LEU F 598 48.64 0.33 91.39
CA LEU F 598 47.23 0.46 91.75
C LEU F 598 46.97 0.19 93.23
N SER F 599 48.01 -0.11 94.02
CA SER F 599 47.85 -0.45 95.44
C SER F 599 46.84 -1.58 95.64
N CYS F 600 46.90 -2.58 94.76
CA CYS F 600 45.90 -3.64 94.74
C CYS F 600 46.56 -5.00 94.87
N LYS F 601 45.85 -5.91 95.54
CA LYS F 601 46.26 -7.30 95.68
C LYS F 601 45.64 -8.13 94.56
N ILE F 602 46.45 -8.98 93.94
CA ILE F 602 45.98 -9.86 92.88
C ILE F 602 46.33 -11.29 93.25
N SER F 603 45.42 -12.20 92.94
CA SER F 603 45.54 -13.61 93.33
C SER F 603 46.36 -14.36 92.30
N GLN F 604 47.18 -15.29 92.78
CA GLN F 604 47.95 -16.13 91.88
C GLN F 604 47.24 -17.44 91.59
N GLN F 605 46.17 -17.73 92.31
CA GLN F 605 45.39 -18.94 92.08
C GLN F 605 44.89 -19.00 90.64
N VAL F 606 44.53 -17.83 90.09
CA VAL F 606 44.01 -17.78 88.72
C VAL F 606 45.01 -18.39 87.74
N ARG F 607 46.31 -18.22 87.98
CA ARG F 607 47.31 -18.84 87.12
C ARG F 607 47.09 -20.35 87.05
N LEU F 608 46.90 -20.97 88.22
CA LEU F 608 46.61 -22.40 88.26
C LEU F 608 45.29 -22.68 87.57
N GLU F 609 44.30 -21.83 87.78
CA GLU F 609 43.00 -22.03 87.16
C GLU F 609 43.14 -22.11 85.64
N LEU F 610 43.87 -21.16 85.06
CA LEU F 610 44.18 -21.19 83.63
C LEU F 610 44.84 -22.51 83.25
N LEU F 611 45.85 -22.93 84.01
CA LEU F 611 46.45 -24.26 83.85
C LEU F 611 45.38 -25.36 83.72
N LYS F 612 44.54 -25.48 84.75
CA LYS F 612 43.44 -26.44 84.75
C LYS F 612 42.61 -26.34 83.48
N TRP F 613 42.24 -25.11 83.13
CA TRP F 613 41.51 -24.85 81.91
C TRP F 613 42.21 -25.46 80.71
N ILE F 614 43.53 -25.23 80.60
CA ILE F 614 44.29 -25.80 79.50
C ILE F 614 44.19 -27.33 79.43
N GLU F 615 44.39 -28.04 80.56
CA GLU F 615 44.16 -29.50 80.45
C GLU F 615 42.73 -29.82 80.00
N VAL F 616 41.75 -29.09 80.52
CA VAL F 616 40.36 -29.33 80.11
C VAL F 616 40.19 -29.17 78.60
N LYS F 617 40.67 -28.05 78.04
CA LYS F 617 40.53 -27.92 76.59
C LYS F 617 41.46 -28.85 75.84
N ALA F 618 42.46 -29.42 76.52
CA ALA F 618 43.25 -30.51 75.95
C ALA F 618 42.36 -31.74 75.76
N LYS F 619 41.49 -31.98 76.72
CA LYS F 619 40.66 -33.18 76.73
C LYS F 619 39.31 -32.94 76.05
N ALA F 620 39.04 -31.72 75.61
CA ALA F 620 37.79 -31.40 74.92
C ALA F 620 37.92 -31.90 73.49
N LYS F 621 37.23 -32.98 73.16
CA LYS F 621 37.29 -33.53 71.81
C LYS F 621 36.47 -32.75 70.79
N LYS F 622 35.52 -31.92 71.23
CA LYS F 622 34.71 -31.12 70.32
C LYS F 622 35.39 -29.76 70.09
N LEU F 623 36.53 -29.82 69.41
CA LEU F 623 37.27 -28.59 69.12
C LEU F 623 36.76 -27.85 67.89
N GLN F 624 35.86 -28.45 67.11
CA GLN F 624 35.37 -27.77 65.92
C GLN F 624 34.36 -26.67 66.26
N TRP F 625 33.50 -26.91 67.24
CA TRP F 625 32.48 -25.93 67.62
C TRP F 625 32.75 -25.27 68.97
N GLN F 626 33.97 -25.41 69.47
CA GLN F 626 34.41 -24.79 70.72
C GLN F 626 35.64 -23.93 70.39
N PRO F 627 36.08 -23.05 71.29
CA PRO F 627 37.22 -22.19 70.96
C PRO F 627 38.46 -22.99 70.60
N SER F 628 39.17 -22.51 69.58
CA SER F 628 40.24 -23.26 68.94
C SER F 628 41.50 -23.30 69.81
N GLN F 629 42.58 -23.80 69.24
CA GLN F 629 43.91 -23.67 69.82
C GLN F 629 44.53 -22.30 69.57
N LEU F 630 43.96 -21.52 68.67
CA LEU F 630 44.60 -20.27 68.26
C LEU F 630 44.51 -19.22 69.34
N GLU F 631 43.36 -19.09 69.99
CA GLU F 631 43.25 -18.12 71.07
C GLU F 631 43.97 -18.58 72.34
N LEU F 632 44.07 -19.89 72.55
CA LEU F 632 44.96 -20.37 73.60
C LEU F 632 46.39 -19.95 73.32
N PHE F 633 46.83 -20.07 72.07
CA PHE F 633 48.16 -19.59 71.71
C PHE F 633 48.28 -18.09 71.94
N TYR F 634 47.24 -17.35 71.57
CA TYR F 634 47.18 -15.91 71.85
C TYR F 634 47.46 -15.64 73.31
N CYS F 635 46.74 -16.35 74.18
CA CYS F 635 46.83 -16.09 75.62
C CYS F 635 48.22 -16.43 76.15
N LEU F 636 48.71 -17.63 75.84
CA LEU F 636 50.03 -18.02 76.35
C LEU F 636 51.12 -17.07 75.86
N TYR F 637 51.02 -16.61 74.61
CA TYR F 637 51.93 -15.57 74.14
C TYR F 637 51.74 -14.29 74.92
N GLU F 638 50.49 -13.89 75.17
CA GLU F 638 50.24 -12.64 75.85
C GLU F 638 50.72 -12.67 77.29
N MET F 639 50.94 -13.86 77.85
CA MET F 639 51.38 -13.97 79.23
C MET F 639 52.85 -14.36 79.38
N GLN F 640 53.54 -14.68 78.29
CA GLN F 640 55.00 -14.75 78.28
C GLN F 640 55.66 -15.43 79.48
N GLU F 641 55.16 -16.57 79.93
CA GLU F 641 55.84 -17.32 80.99
C GLU F 641 56.37 -18.63 80.42
N GLU F 642 57.66 -18.89 80.64
CA GLU F 642 58.30 -20.06 80.06
C GLU F 642 57.67 -21.35 80.56
N ASP F 643 57.77 -21.59 81.87
CA ASP F 643 57.31 -22.87 82.42
C ASP F 643 55.82 -23.05 82.22
N PHE F 644 55.06 -21.95 82.34
CA PHE F 644 53.61 -22.02 82.12
C PHE F 644 53.28 -22.41 80.69
N VAL F 645 53.97 -21.79 79.72
CA VAL F 645 53.72 -22.15 78.32
C VAL F 645 54.12 -23.60 78.08
N GLN F 646 55.23 -24.04 78.68
CA GLN F 646 55.65 -25.43 78.55
C GLN F 646 54.59 -26.38 79.07
N SER F 647 54.07 -26.12 80.28
CA SER F 647 53.06 -26.98 80.85
C SER F 647 51.78 -26.95 80.04
N ALA F 648 51.43 -25.78 79.51
CA ALA F 648 50.24 -25.67 78.66
C ALA F 648 50.39 -26.52 77.40
N MET F 649 51.57 -26.48 76.79
CA MET F 649 51.79 -27.26 75.58
C MET F 649 51.92 -28.74 75.86
N ASP F 650 52.33 -29.11 77.09
CA ASP F 650 52.48 -30.52 77.42
C ASP F 650 51.18 -31.28 77.25
N HIS F 651 50.06 -30.62 77.55
CA HIS F 651 48.76 -31.27 77.44
C HIS F 651 48.34 -31.50 75.99
N PHE F 652 49.06 -30.95 75.03
CA PHE F 652 48.69 -31.05 73.63
C PHE F 652 49.79 -31.77 72.87
N PRO F 653 49.61 -33.01 72.43
CA PRO F 653 50.66 -33.67 71.65
C PRO F 653 50.62 -33.33 70.17
N LYS F 654 49.53 -32.72 69.69
CA LYS F 654 49.37 -32.43 68.28
C LYS F 654 48.65 -31.09 68.15
N ILE F 655 49.07 -30.30 67.17
CA ILE F 655 48.59 -28.94 67.01
C ILE F 655 47.88 -28.84 65.66
N GLU F 656 46.72 -28.20 65.65
CA GLU F 656 45.98 -27.91 64.43
C GLU F 656 45.55 -26.46 64.48
N ILE F 657 46.21 -25.61 63.70
CA ILE F 657 45.85 -24.21 63.60
C ILE F 657 45.87 -23.81 62.12
N ASN F 658 45.34 -22.63 61.86
CA ASN F 658 45.26 -22.11 60.49
C ASN F 658 45.59 -20.63 60.57
N LEU F 659 46.76 -20.26 60.08
CA LEU F 659 47.26 -18.90 60.24
C LEU F 659 46.51 -17.95 59.31
N SER F 660 46.08 -16.83 59.85
CA SER F 660 45.48 -15.73 59.10
C SER F 660 46.22 -14.42 59.27
N THR F 661 46.66 -14.11 60.49
CA THR F 661 47.44 -12.92 60.76
C THR F 661 48.90 -13.25 61.02
N ARG F 662 49.75 -12.24 60.79
CA ARG F 662 51.11 -12.38 61.24
C ARG F 662 51.17 -12.48 62.75
N MET F 663 50.17 -11.92 63.43
CA MET F 663 50.03 -12.15 64.86
C MET F 663 49.81 -13.64 65.13
N ASP F 664 49.07 -14.30 64.25
CA ASP F 664 48.95 -15.75 64.35
C ASP F 664 50.29 -16.42 64.19
N HIS F 665 51.07 -15.96 63.20
CA HIS F 665 52.40 -16.52 63.00
C HIS F 665 53.27 -16.35 64.24
N VAL F 666 53.27 -15.15 64.83
CA VAL F 666 54.14 -14.90 65.97
C VAL F 666 53.71 -15.73 67.18
N VAL F 667 52.41 -15.79 67.46
CA VAL F 667 51.98 -16.55 68.64
C VAL F 667 52.25 -18.03 68.43
N SER F 668 52.07 -18.52 67.20
CA SER F 668 52.40 -19.91 66.91
C SER F 668 53.88 -20.17 67.12
N SER F 669 54.73 -19.26 66.63
CA SER F 669 56.17 -19.42 66.84
C SER F 669 56.50 -19.46 68.31
N PHE F 670 55.93 -18.53 69.08
CA PHE F 670 56.22 -18.45 70.51
C PHE F 670 55.83 -19.75 71.21
N CYS F 671 54.60 -20.21 70.99
CA CYS F 671 54.17 -21.42 71.69
C CYS F 671 54.99 -22.62 71.25
N ILE F 672 55.22 -22.76 69.94
CA ILE F 672 55.85 -23.97 69.43
C ILE F 672 57.33 -24.02 69.84
N LYS F 673 57.99 -22.86 69.96
CA LYS F 673 59.36 -22.92 70.45
C LYS F 673 59.46 -23.27 71.93
N ASN F 674 58.34 -23.56 72.59
CA ASN F 674 58.32 -23.94 73.99
C ASN F 674 57.48 -25.19 74.18
N CYS F 675 57.73 -26.18 73.33
CA CYS F 675 57.00 -27.44 73.36
C CYS F 675 57.97 -28.59 73.56
N HIS F 676 57.56 -29.57 74.37
CA HIS F 676 58.34 -30.78 74.56
C HIS F 676 57.46 -32.02 74.47
N ARG F 677 56.18 -31.88 74.81
CA ARG F 677 55.20 -32.96 74.67
C ARG F 677 54.28 -32.77 73.47
N VAL F 678 54.79 -32.22 72.38
CA VAL F 678 54.04 -32.07 71.14
C VAL F 678 54.70 -32.95 70.09
N LYS F 679 53.93 -33.88 69.53
CA LYS F 679 54.47 -34.79 68.53
C LYS F 679 54.26 -34.26 67.12
N THR F 680 53.00 -34.10 66.71
CA THR F 680 52.69 -33.73 65.34
C THR F 680 52.36 -32.24 65.28
N LEU F 681 52.85 -31.59 64.23
CA LEU F 681 52.65 -30.15 64.03
C LEU F 681 52.03 -29.95 62.64
N SER F 682 50.72 -29.90 62.59
CA SER F 682 49.99 -29.60 61.37
C SER F 682 49.65 -28.12 61.37
N LEU F 683 49.92 -27.46 60.25
CA LEU F 683 49.77 -26.01 60.15
C LEU F 683 48.95 -25.67 58.92
N GLY F 684 47.98 -24.78 59.09
CA GLY F 684 47.16 -24.30 58.00
C GLY F 684 47.52 -22.92 57.52
N PHE F 685 48.20 -22.82 56.38
CA PHE F 685 48.62 -21.53 55.88
C PHE F 685 47.48 -20.96 55.06
N PHE F 686 47.08 -19.72 55.36
CA PHE F 686 46.04 -19.01 54.62
C PHE F 686 46.56 -17.62 54.25
N HIS F 687 47.24 -17.53 53.11
CA HIS F 687 47.78 -16.25 52.65
C HIS F 687 46.71 -15.45 51.91
N LEU F 726 58.14 -13.44 51.77
CA LEU F 726 57.44 -13.06 53.00
C LEU F 726 57.24 -14.28 53.90
N THR F 727 56.58 -15.31 53.38
CA THR F 727 56.35 -16.52 54.17
C THR F 727 57.65 -17.23 54.50
N SER F 728 58.73 -16.90 53.78
CA SER F 728 60.03 -17.51 54.04
C SER F 728 60.42 -17.36 55.50
N SER F 729 60.59 -16.12 55.97
CA SER F 729 60.99 -15.91 57.36
C SER F 729 59.93 -16.38 58.35
N PHE F 730 58.64 -16.23 58.02
CA PHE F 730 57.60 -16.70 58.94
C PHE F 730 57.78 -18.19 59.23
N CYS F 731 57.65 -19.03 58.20
CA CYS F 731 57.78 -20.46 58.43
C CYS F 731 59.18 -20.84 58.91
N ARG F 732 60.19 -20.04 58.53
CA ARG F 732 61.53 -20.30 59.05
C ARG F 732 61.54 -20.19 60.57
N GLY F 733 60.87 -19.17 61.11
CA GLY F 733 60.70 -19.09 62.56
C GLY F 733 59.86 -20.25 63.07
N LEU F 734 58.77 -20.55 62.36
CA LEU F 734 57.85 -21.61 62.78
C LEU F 734 58.57 -22.92 62.97
N PHE F 735 59.62 -23.17 62.20
CA PHE F 735 60.32 -24.45 62.25
C PHE F 735 61.70 -24.34 62.86
N SER F 736 62.20 -23.14 63.13
CA SER F 736 63.25 -22.99 64.12
C SER F 736 62.70 -23.27 65.51
N SER F 737 61.41 -23.00 65.71
CA SER F 737 60.73 -23.56 66.86
C SER F 737 60.83 -25.08 66.89
N LEU F 738 60.77 -25.72 65.72
CA LEU F 738 61.01 -27.16 65.69
C LEU F 738 62.48 -27.49 65.95
N SER F 739 63.38 -26.61 65.55
CA SER F 739 64.79 -26.74 65.91
C SER F 739 64.99 -26.67 67.42
N THR F 740 64.06 -26.04 68.15
CA THR F 740 64.06 -26.14 69.61
C THR F 740 63.17 -27.27 70.11
N ASN F 741 62.34 -27.85 69.25
CA ASN F 741 61.51 -29.01 69.56
C ASN F 741 62.27 -30.33 69.42
N ARG F 742 63.60 -30.28 69.47
CA ARG F 742 64.45 -31.46 69.39
C ARG F 742 64.11 -32.54 70.41
N SER F 743 63.30 -32.22 71.41
CA SER F 743 62.80 -33.26 72.30
C SER F 743 62.04 -34.33 71.51
N LEU F 744 61.06 -33.91 70.71
CA LEU F 744 60.34 -34.80 69.81
C LEU F 744 59.42 -33.96 68.95
N THR F 745 59.25 -34.37 67.69
CA THR F 745 58.36 -33.65 66.80
C THR F 745 57.99 -34.56 65.62
N GLU F 746 56.90 -34.19 64.96
CA GLU F 746 56.42 -34.78 63.71
C GLU F 746 55.71 -33.65 62.97
N LEU F 747 55.71 -33.71 61.64
CA LEU F 747 55.27 -32.57 60.86
C LEU F 747 54.29 -32.98 59.77
N ASP F 748 53.31 -32.11 59.53
CA ASP F 748 52.43 -32.20 58.39
C ASP F 748 52.25 -30.80 57.83
N LEU F 749 52.33 -30.69 56.50
CA LEU F 749 51.94 -29.48 55.76
C LEU F 749 51.22 -29.98 54.51
N SER F 750 49.92 -30.16 54.62
CA SER F 750 49.12 -30.71 53.54
C SER F 750 47.99 -29.74 53.19
N ASP F 751 47.55 -29.82 51.93
CA ASP F 751 46.44 -28.99 51.43
C ASP F 751 46.72 -27.51 51.65
N ASN F 752 47.99 -27.13 51.57
CA ASN F 752 48.41 -25.74 51.71
C ASN F 752 49.45 -25.39 50.66
N THR F 753 49.25 -24.25 50.00
CA THR F 753 50.07 -23.87 48.85
C THR F 753 51.37 -23.24 49.31
N LEU F 754 52.44 -24.02 49.39
CA LEU F 754 53.76 -23.47 49.66
C LEU F 754 54.29 -22.82 48.39
N GLY F 755 54.52 -21.51 48.43
CA GLY F 755 54.91 -20.77 47.25
C GLY F 755 56.31 -21.15 46.78
N ASP F 756 56.82 -20.35 45.84
CA ASP F 756 58.19 -20.56 45.37
C ASP F 756 59.21 -20.59 46.50
N PRO F 757 59.22 -19.65 47.45
CA PRO F 757 59.97 -19.88 48.68
C PRO F 757 59.22 -20.69 49.71
N GLY F 758 57.95 -21.01 49.48
CA GLY F 758 57.28 -22.00 50.31
C GLY F 758 57.94 -23.36 50.21
N MET F 759 58.45 -23.70 49.03
CA MET F 759 59.38 -24.81 48.93
C MET F 759 60.64 -24.54 49.74
N ARG F 760 61.13 -23.31 49.70
CA ARG F 760 62.40 -23.00 50.33
C ARG F 760 62.34 -23.08 51.85
N VAL F 761 61.15 -22.91 52.44
CA VAL F 761 61.09 -23.10 53.88
C VAL F 761 61.22 -24.58 54.19
N LEU F 762 61.65 -24.87 55.42
CA LEU F 762 61.76 -26.22 55.94
C LEU F 762 62.89 -26.98 55.28
N CYS F 763 63.50 -26.41 54.24
CA CYS F 763 64.71 -27.00 53.74
C CYS F 763 65.90 -26.54 54.56
N GLU F 764 66.12 -25.22 54.65
CA GLU F 764 67.12 -24.72 55.57
C GLU F 764 66.85 -25.20 57.00
N ALA F 765 65.59 -25.38 57.36
CA ALA F 765 65.25 -25.93 58.66
C ALA F 765 65.75 -27.37 58.80
N LEU F 766 65.48 -28.22 57.81
CA LEU F 766 66.04 -29.56 57.92
C LEU F 766 67.55 -29.60 57.71
N GLN F 767 68.15 -28.52 57.21
CA GLN F 767 69.56 -28.49 56.90
C GLN F 767 70.46 -28.30 58.11
N HIS F 768 69.91 -28.23 59.31
CA HIS F 768 70.84 -28.24 60.44
C HIS F 768 70.69 -29.54 61.21
N PRO F 769 71.78 -30.08 61.75
CA PRO F 769 71.69 -31.34 62.47
C PRO F 769 70.92 -31.22 63.77
N GLY F 770 70.84 -32.32 64.53
CA GLY F 770 70.07 -32.34 65.75
C GLY F 770 69.02 -33.45 65.72
N CYS F 771 67.90 -33.20 66.37
CA CYS F 771 66.73 -34.07 66.30
C CYS F 771 65.67 -33.34 65.48
N ASN F 772 65.34 -33.91 64.32
CA ASN F 772 64.41 -33.30 63.38
C ASN F 772 63.26 -34.27 63.10
N ILE F 773 62.47 -33.94 62.09
CA ILE F 773 61.20 -34.62 61.84
C ILE F 773 61.47 -36.05 61.39
N GLN F 774 60.82 -37.00 62.05
CA GLN F 774 60.88 -38.39 61.59
C GLN F 774 60.12 -38.59 60.28
N ARG F 775 59.11 -37.77 60.02
CA ARG F 775 58.22 -38.09 58.90
C ARG F 775 57.60 -36.82 58.33
N LEU F 776 57.99 -36.49 57.09
CA LEU F 776 57.61 -35.24 56.46
C LEU F 776 56.45 -35.49 55.50
N TRP F 777 55.43 -34.63 55.55
CA TRP F 777 54.26 -34.76 54.71
C TRP F 777 54.09 -33.51 53.85
N LEU F 778 54.01 -33.69 52.54
CA LEU F 778 53.64 -32.60 51.62
C LEU F 778 52.64 -33.21 50.65
N GLY F 779 51.36 -33.20 51.04
CA GLY F 779 50.36 -33.83 50.22
C GLY F 779 49.30 -32.86 49.75
N ARG F 780 48.99 -32.89 48.46
CA ARG F 780 48.07 -31.95 47.82
C ARG F 780 48.50 -30.51 48.00
N CYS F 781 49.71 -30.28 48.51
CA CYS F 781 50.19 -28.94 48.71
C CYS F 781 50.51 -28.27 47.38
N GLY F 782 50.35 -26.95 47.35
CA GLY F 782 50.84 -26.19 46.21
C GLY F 782 52.32 -26.40 46.08
N LEU F 783 52.75 -27.19 45.10
CA LEU F 783 54.14 -27.60 45.02
C LEU F 783 54.47 -27.83 43.56
N SER F 784 55.75 -27.72 43.23
CA SER F 784 56.18 -27.80 41.84
C SER F 784 57.58 -28.41 41.79
N HIS F 785 58.22 -28.27 40.63
CA HIS F 785 59.51 -28.90 40.40
C HIS F 785 60.58 -28.34 41.33
N GLN F 786 60.45 -27.07 41.72
CA GLN F 786 61.53 -26.39 42.45
C GLN F 786 61.88 -27.12 43.73
N CYS F 787 60.88 -27.65 44.44
CA CYS F 787 61.12 -28.33 45.71
C CYS F 787 62.09 -29.49 45.56
N CYS F 788 62.16 -30.08 44.38
CA CYS F 788 62.86 -31.34 44.19
C CYS F 788 64.32 -31.25 44.64
N PHE F 789 65.12 -30.40 44.01
CA PHE F 789 66.50 -30.18 44.46
C PHE F 789 66.60 -29.87 45.95
N ASP F 790 65.79 -28.93 46.43
CA ASP F 790 65.72 -28.63 47.86
C ASP F 790 65.59 -29.88 48.71
N ILE F 791 64.53 -30.66 48.47
CA ILE F 791 64.29 -31.83 49.29
C ILE F 791 65.40 -32.84 49.09
N SER F 792 65.96 -32.96 47.89
CA SER F 792 67.12 -33.83 47.71
C SER F 792 68.23 -33.44 48.66
N SER F 793 68.51 -32.14 48.75
CA SER F 793 69.53 -31.63 49.66
C SER F 793 69.23 -32.04 51.10
N VAL F 794 67.99 -31.81 51.54
CA VAL F 794 67.68 -32.15 52.93
C VAL F 794 67.63 -33.66 53.14
N LEU F 795 67.21 -34.42 52.13
CA LEU F 795 67.29 -35.88 52.20
C LEU F 795 68.72 -36.36 52.30
N SER F 796 69.67 -35.58 51.81
CA SER F 796 71.08 -35.88 52.03
C SER F 796 71.54 -35.49 53.42
N SER F 797 71.15 -34.32 53.90
CA SER F 797 71.69 -33.79 55.14
C SER F 797 70.91 -34.25 56.37
N SER F 798 69.77 -34.89 56.17
CA SER F 798 68.89 -35.36 57.24
C SER F 798 69.28 -36.77 57.68
N GLN F 799 69.47 -36.94 58.98
CA GLN F 799 69.63 -38.26 59.58
C GLN F 799 68.47 -38.63 60.48
N LYS F 800 67.36 -37.91 60.41
CA LYS F 800 66.20 -38.20 61.24
C LYS F 800 64.94 -38.56 60.44
N LEU F 801 64.80 -38.04 59.23
CA LEU F 801 63.62 -38.35 58.43
C LEU F 801 63.58 -39.85 58.13
N VAL F 802 62.40 -40.45 58.26
CA VAL F 802 62.30 -41.85 57.89
C VAL F 802 61.29 -42.01 56.76
N GLU F 803 60.32 -41.11 56.67
CA GLU F 803 59.48 -41.12 55.50
C GLU F 803 59.27 -39.69 55.01
N LEU F 804 59.00 -39.56 53.72
CA LEU F 804 58.66 -38.28 53.14
C LEU F 804 57.61 -38.49 52.07
N ASP F 805 56.51 -37.75 52.17
CA ASP F 805 55.38 -37.88 51.27
C ASP F 805 55.31 -36.69 50.34
N LEU F 806 55.02 -36.97 49.08
CA LEU F 806 54.83 -35.98 48.03
C LEU F 806 53.57 -36.39 47.29
N SER F 807 52.41 -35.93 47.77
CA SER F 807 51.13 -36.39 47.25
C SER F 807 50.42 -35.28 46.50
N ASP F 808 49.78 -35.64 45.39
CA ASP F 808 48.87 -34.75 44.64
C ASP F 808 49.54 -33.44 44.28
N ASN F 809 50.87 -33.41 44.32
CA ASN F 809 51.66 -32.22 44.07
C ASN F 809 52.36 -32.33 42.73
N ALA F 810 52.38 -31.21 41.99
CA ALA F 810 52.79 -31.22 40.58
C ALA F 810 54.31 -31.33 40.46
N LEU F 811 54.83 -32.46 40.94
CA LEU F 811 56.23 -32.82 40.74
C LEU F 811 56.32 -33.60 39.44
N GLY F 812 56.23 -32.87 38.33
CA GLY F 812 56.01 -33.50 37.03
C GLY F 812 57.04 -34.53 36.66
N ASP F 813 58.27 -34.12 36.35
CA ASP F 813 59.30 -35.09 36.00
C ASP F 813 60.63 -34.36 36.10
N PHE F 814 61.71 -35.15 36.18
CA PHE F 814 63.08 -34.65 36.26
C PHE F 814 63.31 -34.04 37.63
N GLY F 815 62.21 -33.86 38.36
CA GLY F 815 62.30 -33.53 39.75
C GLY F 815 62.27 -34.84 40.48
N ILE F 816 61.69 -35.85 39.83
CA ILE F 816 61.88 -37.19 40.34
C ILE F 816 63.33 -37.57 40.19
N ARG F 817 64.00 -37.08 39.15
CA ARG F 817 65.46 -37.26 39.07
C ARG F 817 66.16 -36.54 40.21
N LEU F 818 65.77 -35.30 40.50
CA LEU F 818 66.42 -34.63 41.62
C LEU F 818 66.18 -35.39 42.93
N LEU F 819 64.95 -35.88 43.12
CA LEU F 819 64.63 -36.73 44.26
C LEU F 819 65.55 -37.93 44.35
N CYS F 820 65.70 -38.65 43.25
CA CYS F 820 66.42 -39.92 43.30
C CYS F 820 67.91 -39.68 43.50
N VAL F 821 68.46 -38.63 42.89
CA VAL F 821 69.87 -38.36 43.11
C VAL F 821 70.11 -37.95 44.54
N GLY F 822 69.20 -37.15 45.12
CA GLY F 822 69.30 -36.84 46.54
C GLY F 822 69.22 -38.07 47.42
N LEU F 823 68.34 -39.02 47.06
CA LEU F 823 68.24 -40.25 47.84
C LEU F 823 69.52 -41.06 47.76
N LYS F 824 70.01 -41.32 46.56
CA LYS F 824 71.10 -42.29 46.44
C LYS F 824 72.44 -41.69 46.84
N HIS F 825 72.67 -40.39 46.60
CA HIS F 825 74.02 -39.85 46.68
C HIS F 825 74.60 -40.03 48.07
N LEU F 826 73.82 -39.74 49.11
CA LEU F 826 74.25 -39.94 50.48
C LEU F 826 73.57 -41.19 51.05
N LEU F 827 73.81 -41.43 52.34
CA LEU F 827 73.19 -42.53 53.05
C LEU F 827 72.07 -41.98 53.93
N CYS F 828 70.83 -42.25 53.54
CA CYS F 828 69.65 -41.72 54.22
C CYS F 828 68.79 -42.86 54.73
N ASN F 829 68.20 -42.66 55.91
CA ASN F 829 67.36 -43.67 56.55
C ASN F 829 65.89 -43.46 56.18
N LEU F 830 65.63 -43.47 54.88
CA LEU F 830 64.28 -43.26 54.37
C LEU F 830 63.55 -44.59 54.28
N GLN F 831 62.28 -44.58 54.68
CA GLN F 831 61.45 -45.78 54.76
C GLN F 831 60.30 -45.77 53.78
N LYS F 832 59.48 -44.73 53.79
CA LYS F 832 58.41 -44.58 52.82
C LYS F 832 58.89 -43.65 51.71
N LEU F 833 58.19 -43.72 50.58
CA LEU F 833 58.41 -42.77 49.48
C LEU F 833 57.16 -42.83 48.63
N TRP F 834 56.37 -41.77 48.67
CA TRP F 834 55.08 -41.72 47.98
C TRP F 834 55.17 -40.73 46.83
N LEU F 835 55.03 -41.24 45.62
CA LEU F 835 54.92 -40.39 44.43
C LEU F 835 53.51 -40.47 43.85
N VAL F 836 52.53 -40.68 44.72
CA VAL F 836 51.17 -40.91 44.27
C VAL F 836 50.63 -39.67 43.58
N SER F 837 50.06 -39.87 42.39
CA SER F 837 49.37 -38.82 41.65
C SER F 837 50.30 -37.66 41.31
N CYS F 838 51.61 -37.91 41.29
CA CYS F 838 52.56 -36.93 40.77
C CYS F 838 52.71 -37.16 39.28
N CYS F 839 52.46 -36.12 38.49
CA CYS F 839 52.24 -36.30 37.06
C CYS F 839 53.59 -36.59 36.39
N LEU F 840 54.05 -37.82 36.57
CA LEU F 840 55.29 -38.27 35.94
C LEU F 840 54.99 -39.27 34.85
N THR F 841 56.05 -39.66 34.14
CA THR F 841 55.96 -40.64 33.06
C THR F 841 57.01 -41.72 33.29
N SER F 842 57.01 -42.70 32.37
CA SER F 842 57.95 -43.80 32.45
C SER F 842 59.40 -43.32 32.32
N ALA F 843 59.61 -42.12 31.80
CA ALA F 843 60.96 -41.64 31.52
C ALA F 843 61.78 -41.40 32.77
N CYS F 844 61.19 -41.50 33.95
CA CYS F 844 61.93 -41.40 35.20
C CYS F 844 61.98 -42.72 35.97
N CYS F 845 61.18 -43.70 35.56
CA CYS F 845 61.16 -44.97 36.27
C CYS F 845 62.53 -45.61 36.32
N GLN F 846 63.34 -45.42 35.29
CA GLN F 846 64.68 -46.00 35.30
C GLN F 846 65.48 -45.43 36.45
N ASP F 847 65.38 -44.12 36.66
CA ASP F 847 66.05 -43.48 37.79
C ASP F 847 65.50 -43.99 39.11
N LEU F 848 64.17 -44.20 39.18
CA LEU F 848 63.62 -44.81 40.39
C LEU F 848 64.26 -46.16 40.66
N ALA F 849 64.43 -46.96 39.61
CA ALA F 849 65.03 -48.28 39.77
C ALA F 849 66.48 -48.17 40.21
N LEU F 850 67.22 -47.21 39.65
CA LEU F 850 68.60 -47.02 40.06
C LEU F 850 68.69 -46.69 41.54
N VAL F 851 67.89 -45.73 42.00
CA VAL F 851 67.97 -45.35 43.40
C VAL F 851 67.48 -46.50 44.29
N LEU F 852 66.47 -47.25 43.83
CA LEU F 852 66.00 -48.39 44.59
C LEU F 852 67.08 -49.46 44.73
N SER F 853 67.82 -49.70 43.65
CA SER F 853 68.92 -50.66 43.72
C SER F 853 70.02 -50.17 44.65
N SER F 854 70.36 -48.89 44.56
CA SER F 854 71.44 -48.36 45.39
C SER F 854 71.07 -48.42 46.87
N ASN F 855 69.95 -47.80 47.23
CA ASN F 855 69.53 -47.74 48.62
C ASN F 855 68.91 -49.05 49.06
N HIS F 856 69.00 -49.30 50.37
CA HIS F 856 68.30 -50.41 50.98
C HIS F 856 67.36 -50.00 52.10
N SER F 857 67.55 -48.80 52.65
CA SER F 857 66.65 -48.32 53.70
C SER F 857 65.24 -48.18 53.18
N LEU F 858 65.08 -47.63 51.97
CA LEU F 858 63.75 -47.47 51.40
C LEU F 858 63.16 -48.84 51.08
N THR F 859 61.97 -49.09 51.61
CA THR F 859 61.31 -50.36 51.39
C THR F 859 59.82 -50.24 51.12
N ARG F 860 59.29 -49.02 51.01
CA ARG F 860 57.84 -48.81 50.91
C ARG F 860 57.65 -47.68 49.90
N LEU F 861 57.35 -48.02 48.65
CA LEU F 861 57.46 -47.09 47.53
C LEU F 861 56.15 -47.04 46.77
N TYR F 862 55.24 -46.18 47.22
CA TYR F 862 54.02 -45.91 46.47
C TYR F 862 54.32 -45.03 45.27
N ILE F 863 53.82 -45.43 44.10
CA ILE F 863 53.85 -44.61 42.90
C ILE F 863 52.42 -44.42 42.44
N GLY F 864 51.50 -44.35 43.39
CA GLY F 864 50.09 -44.62 43.15
C GLY F 864 49.43 -43.94 41.98
N GLU F 865 49.08 -44.75 40.98
CA GLU F 865 48.18 -44.41 39.87
C GLU F 865 48.40 -43.00 39.36
N ASN F 866 49.67 -42.67 39.16
CA ASN F 866 50.08 -41.48 38.43
C ASN F 866 50.09 -41.76 36.93
N ALA F 867 50.72 -40.91 36.13
CA ALA F 867 50.65 -41.04 34.68
C ALA F 867 51.79 -41.87 34.09
N LEU F 868 52.01 -43.09 34.59
CA LEU F 868 52.94 -44.01 33.96
C LEU F 868 52.21 -45.29 33.56
N GLY F 869 52.98 -46.25 33.05
CA GLY F 869 52.44 -47.54 32.69
C GLY F 869 53.45 -48.44 32.00
N ASP F 870 53.04 -49.02 30.88
CA ASP F 870 53.92 -49.81 30.04
C ASP F 870 55.12 -48.96 29.59
N SER F 871 56.11 -49.64 29.01
CA SER F 871 57.36 -49.08 28.48
C SER F 871 58.30 -48.68 29.59
N GLY F 872 57.80 -48.64 30.83
CA GLY F 872 58.63 -48.73 32.00
C GLY F 872 58.82 -50.14 32.48
N VAL F 873 58.20 -51.10 31.78
CA VAL F 873 58.02 -52.46 32.28
C VAL F 873 59.36 -53.14 32.56
N GLN F 874 60.32 -53.01 31.64
CA GLN F 874 61.64 -53.57 31.87
C GLN F 874 62.27 -52.99 33.13
N VAL F 875 62.14 -51.69 33.33
CA VAL F 875 62.62 -51.06 34.55
C VAL F 875 61.89 -51.62 35.77
N LEU F 876 60.55 -51.73 35.67
CA LEU F 876 59.76 -52.27 36.76
C LEU F 876 60.30 -53.62 37.20
N CYS F 877 60.59 -54.48 36.25
CA CYS F 877 61.18 -55.77 36.57
C CYS F 877 62.55 -55.60 37.20
N GLU F 878 63.45 -54.89 36.52
CA GLU F 878 64.84 -54.91 36.94
C GLU F 878 65.07 -54.14 38.23
N LYS F 879 64.07 -53.41 38.74
CA LYS F 879 64.15 -52.94 40.12
C LYS F 879 64.49 -54.09 41.06
N MET F 880 63.74 -55.19 40.96
CA MET F 880 63.82 -56.29 41.90
C MET F 880 64.39 -57.54 41.27
N LYS F 881 65.18 -57.40 40.20
CA LYS F 881 65.64 -58.57 39.45
C LYS F 881 66.48 -59.50 40.31
N ASP F 882 67.00 -59.01 41.43
CA ASP F 882 67.78 -59.82 42.36
C ASP F 882 67.13 -59.78 43.74
N PRO F 883 67.53 -60.64 44.65
CA PRO F 883 67.07 -60.50 46.04
C PRO F 883 67.70 -59.31 46.74
N GLN F 884 67.51 -59.23 48.06
CA GLN F 884 68.06 -58.18 48.92
C GLN F 884 67.72 -56.78 48.42
N CYS F 885 66.64 -56.64 47.66
CA CYS F 885 66.17 -55.33 47.26
C CYS F 885 65.53 -54.60 48.44
N ASN F 886 64.81 -55.33 49.29
CA ASN F 886 64.16 -54.79 50.47
C ASN F 886 63.15 -53.70 50.10
N LEU F 887 62.11 -54.12 49.38
CA LEU F 887 60.97 -53.26 49.02
C LEU F 887 59.68 -53.99 49.40
N GLN F 888 59.20 -53.79 50.63
CA GLN F 888 58.08 -54.59 51.12
C GLN F 888 56.85 -54.37 50.25
N LYS F 889 56.27 -53.18 50.30
CA LYS F 889 55.10 -52.87 49.51
C LYS F 889 55.47 -52.04 48.28
N LEU F 890 54.68 -52.21 47.24
CA LEU F 890 54.90 -51.50 45.98
C LEU F 890 53.51 -51.26 45.38
N GLY F 891 52.94 -50.10 45.68
CA GLY F 891 51.72 -49.70 45.01
C GLY F 891 51.96 -49.45 43.55
N LEU F 892 50.94 -49.73 42.75
CA LEU F 892 51.06 -49.60 41.31
C LEU F 892 50.04 -48.64 40.75
N VAL F 893 50.02 -48.57 39.42
CA VAL F 893 49.56 -47.41 38.67
C VAL F 893 48.50 -47.86 37.67
N ASN F 894 47.68 -46.92 37.24
CA ASN F 894 46.82 -47.17 36.10
C ASN F 894 47.71 -47.31 34.88
N SER F 895 47.97 -48.55 34.48
CA SER F 895 48.98 -48.84 33.47
C SER F 895 48.33 -48.95 32.09
N GLY F 896 49.15 -49.32 31.11
CA GLY F 896 48.66 -49.45 29.75
C GLY F 896 48.60 -50.88 29.27
N LEU F 897 49.53 -51.28 28.41
CA LEU F 897 49.53 -52.66 27.92
C LEU F 897 49.81 -53.62 29.07
N THR F 898 48.82 -54.46 29.38
CA THR F 898 48.90 -55.33 30.54
C THR F 898 50.04 -56.33 30.44
N SER F 899 50.11 -57.06 29.33
CA SER F 899 50.89 -58.30 29.26
C SER F 899 52.33 -58.10 29.74
N ILE F 900 53.02 -57.09 29.23
CA ILE F 900 54.44 -56.95 29.55
C ILE F 900 54.63 -56.53 31.01
N CYS F 901 53.81 -55.60 31.49
CA CYS F 901 53.97 -55.14 32.87
C CYS F 901 53.66 -56.25 33.86
N CYS F 902 52.60 -57.03 33.59
CA CYS F 902 52.32 -58.14 34.49
C CYS F 902 53.36 -59.24 34.33
N SER F 903 54.03 -59.34 33.18
CA SER F 903 55.16 -60.26 33.07
C SER F 903 56.30 -59.82 33.98
N ALA F 904 56.60 -58.52 33.99
CA ALA F 904 57.58 -57.99 34.92
C ALA F 904 57.16 -58.27 36.36
N LEU F 905 55.86 -58.16 36.62
CA LEU F 905 55.34 -58.47 37.95
C LEU F 905 55.56 -59.95 38.28
N THR F 906 55.42 -60.82 37.30
CA THR F 906 55.71 -62.23 37.55
C THR F 906 57.18 -62.44 37.86
N SER F 907 58.05 -61.72 37.14
CA SER F 907 59.48 -61.83 37.41
C SER F 907 59.79 -61.42 38.84
N VAL F 908 59.28 -60.26 39.27
CA VAL F 908 59.51 -59.82 40.64
C VAL F 908 58.93 -60.81 41.63
N LEU F 909 57.72 -61.29 41.39
CA LEU F 909 57.10 -62.22 42.32
C LEU F 909 57.90 -63.50 42.46
N LYS F 910 58.38 -64.06 41.36
CA LYS F 910 59.15 -65.29 41.43
C LYS F 910 60.57 -65.10 41.95
N THR F 911 61.15 -63.91 41.83
CA THR F 911 62.54 -63.75 42.25
C THR F 911 62.69 -63.03 43.58
N ASN F 912 62.06 -61.87 43.73
CA ASN F 912 62.31 -60.99 44.85
C ASN F 912 61.75 -61.57 46.14
N GLN F 913 62.55 -61.53 47.19
CA GLN F 913 62.08 -61.83 48.53
C GLN F 913 61.34 -60.64 49.12
N ASN F 914 60.77 -60.85 50.31
CA ASN F 914 60.08 -59.88 51.17
C ASN F 914 59.36 -58.80 50.37
N PHE F 915 58.57 -59.20 49.39
CA PHE F 915 57.77 -58.30 48.58
C PHE F 915 56.32 -58.54 49.02
N THR F 916 55.88 -57.77 50.01
CA THR F 916 54.69 -58.14 50.75
C THR F 916 53.40 -57.73 50.07
N HIS F 917 53.37 -56.58 49.39
CA HIS F 917 52.14 -56.14 48.74
C HIS F 917 52.41 -55.82 47.27
N LEU F 918 51.34 -55.83 46.50
CA LEU F 918 51.37 -55.46 45.09
C LEU F 918 49.99 -54.87 44.75
N TYR F 919 49.88 -53.55 44.85
CA TYR F 919 48.58 -52.88 44.80
C TYR F 919 48.24 -52.41 43.39
N LEU F 920 48.09 -53.38 42.48
CA LEU F 920 47.48 -53.07 41.20
C LEU F 920 46.01 -52.74 41.42
N ARG F 921 45.59 -51.54 41.02
CA ARG F 921 44.25 -51.09 41.27
C ARG F 921 43.80 -50.19 40.13
N SER F 922 42.53 -50.30 39.75
CA SER F 922 41.92 -49.51 38.68
C SER F 922 42.76 -49.58 37.40
N ASN F 923 43.20 -50.78 37.06
CA ASN F 923 44.11 -51.00 35.94
C ASN F 923 43.42 -51.82 34.86
N ALA F 924 43.68 -51.46 33.60
CA ALA F 924 43.15 -52.23 32.48
C ALA F 924 44.00 -53.48 32.29
N LEU F 925 43.77 -54.46 33.17
CA LEU F 925 44.48 -55.73 33.15
C LEU F 925 43.55 -56.81 32.62
N GLY F 926 44.06 -57.64 31.72
CA GLY F 926 43.23 -58.63 31.06
C GLY F 926 43.33 -60.02 31.68
N ASP F 927 42.49 -60.91 31.15
CA ASP F 927 42.47 -62.28 31.64
C ASP F 927 43.80 -62.96 31.42
N THR F 928 44.43 -62.74 30.26
CA THR F 928 45.75 -63.29 30.02
C THR F 928 46.77 -62.70 31.00
N GLY F 929 46.64 -61.42 31.29
CA GLY F 929 47.50 -60.77 32.25
C GLY F 929 47.46 -61.42 33.60
N LEU F 930 46.28 -61.45 34.22
CA LEU F 930 46.15 -62.09 35.52
C LEU F 930 46.45 -63.58 35.46
N ARG F 931 46.23 -64.22 34.31
CA ARG F 931 46.62 -65.62 34.16
C ARG F 931 48.12 -65.79 34.30
N LEU F 932 48.89 -64.99 33.56
CA LEU F 932 50.34 -65.10 33.72
C LEU F 932 50.76 -64.62 35.10
N LEU F 933 49.98 -63.75 35.73
CA LEU F 933 50.27 -63.39 37.13
C LEU F 933 50.19 -64.60 38.04
N CYS F 934 49.10 -65.37 37.95
CA CYS F 934 49.04 -66.58 38.78
C CYS F 934 50.11 -67.57 38.38
N GLU F 935 50.51 -67.57 37.10
CA GLU F 935 51.68 -68.34 36.70
C GLU F 935 52.94 -67.85 37.42
N GLY F 936 53.03 -66.54 37.66
CA GLY F 936 54.09 -66.02 38.50
C GLY F 936 53.98 -66.52 39.93
N LEU F 937 52.76 -66.61 40.42
CA LEU F 937 52.52 -67.23 41.73
C LEU F 937 52.90 -68.69 41.75
N LEU F 938 53.01 -69.33 40.57
CA LEU F 938 53.33 -70.76 40.53
C LEU F 938 54.71 -71.04 41.12
N HIS F 939 55.61 -70.07 41.07
CA HIS F 939 56.88 -70.22 41.75
C HIS F 939 56.62 -70.37 43.25
N PRO F 940 56.91 -71.53 43.84
CA PRO F 940 56.72 -71.69 45.28
C PRO F 940 57.76 -70.92 46.05
N ASP F 941 57.64 -70.90 47.38
CA ASP F 941 58.57 -70.23 48.29
C ASP F 941 58.62 -68.72 48.02
N CYS F 942 57.70 -68.20 47.21
CA CYS F 942 57.60 -66.76 46.99
C CYS F 942 56.69 -66.18 48.07
N LYS F 943 57.25 -65.32 48.91
CA LYS F 943 56.50 -64.78 50.03
C LYS F 943 55.84 -63.47 49.57
N LEU F 944 54.58 -63.56 49.19
CA LEU F 944 53.80 -62.40 48.78
C LEU F 944 52.56 -62.36 49.66
N GLN F 945 52.46 -61.34 50.50
CA GLN F 945 51.27 -61.13 51.31
C GLN F 945 50.17 -60.47 50.47
N MET F 946 49.26 -59.79 51.17
CA MET F 946 48.03 -59.20 50.65
C MET F 946 48.22 -58.73 49.21
N LEU F 947 47.32 -59.11 48.33
CA LEU F 947 47.38 -58.76 46.91
C LEU F 947 46.01 -58.26 46.45
N GLU F 948 46.01 -57.58 45.31
CA GLU F 948 44.78 -57.00 44.80
C GLU F 948 44.79 -56.97 43.27
N LEU F 949 43.64 -57.31 42.70
CA LEU F 949 43.37 -57.13 41.27
C LEU F 949 42.00 -56.46 41.19
N ASP F 950 41.99 -55.17 40.85
CA ASP F 950 40.76 -54.38 40.99
C ASP F 950 39.84 -54.50 39.78
N ASN F 951 40.33 -54.16 38.60
CA ASN F 951 39.49 -54.05 37.42
C ASN F 951 40.01 -54.97 36.33
N CYS F 952 39.12 -55.80 35.79
CA CYS F 952 39.47 -56.80 34.79
C CYS F 952 38.19 -57.47 34.34
N SER F 953 38.31 -58.26 33.26
CA SER F 953 37.19 -59.05 32.74
C SER F 953 37.74 -60.43 32.41
N LEU F 954 37.57 -61.38 33.33
CA LEU F 954 38.20 -62.68 33.25
C LEU F 954 37.15 -63.76 33.00
N THR F 955 37.63 -64.89 32.49
CA THR F 955 36.84 -66.11 32.48
C THR F 955 36.92 -66.77 33.85
N SER F 956 35.81 -67.34 34.29
CA SER F 956 35.71 -67.82 35.66
C SER F 956 36.38 -69.17 35.81
N HIS F 957 37.61 -69.28 35.34
CA HIS F 957 38.50 -70.38 35.66
C HIS F 957 39.80 -69.82 36.16
N SER F 958 40.11 -68.59 35.74
CA SER F 958 41.29 -67.88 36.20
C SER F 958 41.31 -67.72 37.72
N CYS F 959 40.20 -67.21 38.28
CA CYS F 959 40.04 -67.18 39.72
C CYS F 959 40.21 -68.57 40.32
N TRP F 960 39.72 -69.59 39.61
CA TRP F 960 39.92 -70.96 40.08
C TRP F 960 41.41 -71.30 40.14
N ASN F 961 42.18 -70.87 39.13
CA ASN F 961 43.62 -71.12 39.13
C ASN F 961 44.29 -70.45 40.32
N LEU F 962 43.93 -69.19 40.58
CA LEU F 962 44.55 -68.51 41.72
C LEU F 962 44.18 -69.17 43.04
N SER F 963 42.91 -69.58 43.18
CA SER F 963 42.53 -70.25 44.41
C SER F 963 43.26 -71.58 44.56
N THR F 964 43.34 -72.36 43.49
CA THR F 964 44.04 -73.64 43.55
C THR F 964 45.52 -73.44 43.86
N ILE F 965 46.11 -72.38 43.36
CA ILE F 965 47.53 -72.20 43.58
C ILE F 965 47.77 -71.72 45.02
N LEU F 966 46.82 -70.98 45.59
CA LEU F 966 46.86 -70.72 47.03
C LEU F 966 46.72 -72.03 47.82
N THR F 967 45.85 -72.93 47.38
CA THR F 967 45.71 -74.21 48.07
C THR F 967 47.02 -74.98 48.02
N HIS F 968 47.68 -74.97 46.86
CA HIS F 968 48.96 -75.64 46.72
C HIS F 968 50.01 -75.02 47.63
N ASN F 969 50.02 -73.69 47.74
CA ASN F 969 50.97 -73.02 48.60
C ASN F 969 50.32 -71.76 49.16
N HIS F 970 50.38 -71.59 50.48
CA HIS F 970 49.72 -70.47 51.14
C HIS F 970 50.51 -69.21 50.81
N SER F 971 50.29 -68.72 49.58
CA SER F 971 51.04 -67.58 49.07
C SER F 971 50.67 -66.30 49.82
N LEU F 972 49.40 -65.91 49.76
CA LEU F 972 48.95 -64.63 50.27
C LEU F 972 47.96 -64.83 51.41
N ARG F 973 47.39 -63.73 51.90
CA ARG F 973 46.45 -63.74 52.99
C ARG F 973 45.06 -63.29 52.58
N LYS F 974 44.92 -62.13 51.94
CA LYS F 974 43.63 -61.78 51.37
C LYS F 974 43.83 -61.21 49.98
N LEU F 975 42.72 -60.82 49.37
CA LEU F 975 42.66 -60.39 47.98
C LEU F 975 41.40 -59.57 47.85
N ASN F 976 41.37 -58.70 46.85
CA ASN F 976 40.18 -57.96 46.50
C ASN F 976 39.85 -58.16 45.04
N LEU F 977 38.56 -58.22 44.74
CA LEU F 977 38.06 -58.16 43.38
C LEU F 977 37.04 -57.03 43.34
N GLY F 978 37.31 -56.02 42.52
CA GLY F 978 36.55 -54.78 42.61
C GLY F 978 35.45 -54.71 41.58
N ASN F 979 35.68 -53.94 40.52
CA ASN F 979 34.69 -53.82 39.46
C ASN F 979 34.75 -54.98 38.48
N ASN F 980 35.27 -56.11 38.92
CA ASN F 980 35.44 -57.27 38.05
C ASN F 980 34.10 -57.92 37.76
N ASP F 981 33.70 -57.90 36.48
CA ASP F 981 32.51 -58.62 36.04
C ASP F 981 32.88 -60.09 35.86
N LEU F 982 32.41 -60.94 36.78
CA LEU F 982 32.89 -62.30 36.89
C LEU F 982 31.82 -63.37 36.69
N GLY F 983 30.55 -63.05 36.87
CA GLY F 983 29.50 -64.03 36.71
C GLY F 983 29.28 -64.86 37.95
N ASP F 984 28.09 -65.45 38.03
CA ASP F 984 27.73 -66.28 39.19
C ASP F 984 28.70 -67.44 39.35
N LEU F 985 28.99 -68.14 38.25
CA LEU F 985 29.85 -69.32 38.31
C LEU F 985 31.19 -69.00 38.92
N CYS F 986 31.68 -67.76 38.75
CA CYS F 986 32.95 -67.39 39.34
C CYS F 986 32.92 -67.54 40.85
N VAL F 987 32.02 -66.81 41.50
CA VAL F 987 31.93 -66.90 42.96
C VAL F 987 31.50 -68.29 43.39
N VAL F 988 30.78 -69.03 42.53
CA VAL F 988 30.44 -70.41 42.87
C VAL F 988 31.71 -71.26 43.00
N THR F 989 32.59 -71.17 42.00
CA THR F 989 33.87 -71.87 42.08
C THR F 989 34.68 -71.36 43.26
N LEU F 990 34.63 -70.05 43.50
CA LEU F 990 35.35 -69.47 44.63
C LEU F 990 34.89 -70.09 45.94
N CYS F 991 33.58 -70.12 46.15
CA CYS F 991 33.07 -70.65 47.41
C CYS F 991 33.26 -72.15 47.54
N GLU F 992 33.21 -72.92 46.44
CA GLU F 992 33.54 -74.33 46.56
C GLU F 992 35.00 -74.54 46.97
N VAL F 993 35.93 -73.89 46.26
CA VAL F 993 37.33 -74.15 46.55
C VAL F 993 37.70 -73.64 47.94
N LEU F 994 37.11 -72.53 48.38
CA LEU F 994 37.37 -72.13 49.76
C LEU F 994 36.66 -73.06 50.73
N LYS F 995 35.54 -73.66 50.30
CA LYS F 995 34.77 -74.52 51.16
C LYS F 995 35.59 -75.74 51.56
N GLN F 996 36.33 -76.28 50.59
CA GLN F 996 37.17 -77.45 50.87
C GLN F 996 38.58 -76.94 51.15
N GLN F 997 38.91 -76.83 52.43
CA GLN F 997 40.23 -76.43 52.90
C GLN F 997 40.68 -75.14 52.20
N GLY F 998 39.95 -74.07 52.54
CA GLY F 998 40.06 -72.78 51.88
C GLY F 998 41.43 -72.31 51.43
N CYS F 999 41.48 -71.80 50.20
CA CYS F 999 42.74 -71.39 49.59
C CYS F 999 43.41 -70.30 50.40
N LEU F 1000 42.76 -69.15 50.49
CA LEU F 1000 43.23 -68.08 51.35
C LEU F 1000 42.98 -68.44 52.81
N LEU F 1001 43.61 -67.68 53.70
CA LEU F 1001 43.51 -67.95 55.12
C LEU F 1001 43.05 -66.76 55.94
N GLN F 1002 43.00 -65.55 55.38
CA GLN F 1002 42.62 -64.36 56.14
C GLN F 1002 41.32 -63.74 55.65
N SER F 1003 41.22 -63.31 54.41
CA SER F 1003 40.06 -62.53 54.01
C SER F 1003 39.94 -62.53 52.49
N LEU F 1004 38.86 -61.91 52.02
CA LEU F 1004 38.57 -61.72 50.60
C LEU F 1004 37.49 -60.64 50.50
N GLN F 1005 37.65 -59.74 49.53
CA GLN F 1005 36.74 -58.61 49.41
C GLN F 1005 36.14 -58.56 48.02
N LEU F 1006 34.81 -58.53 47.96
CA LEU F 1006 34.07 -58.46 46.71
C LEU F 1006 33.13 -57.27 46.78
N GLY F 1007 33.11 -56.44 45.74
CA GLY F 1007 32.22 -55.31 45.71
C GLY F 1007 31.55 -55.13 44.37
N GLU F 1008 30.38 -54.48 44.41
CA GLU F 1008 29.61 -54.06 43.23
C GLU F 1008 29.40 -55.18 42.22
N MET F 1009 28.65 -56.20 42.64
CA MET F 1009 28.02 -57.14 41.73
C MET F 1009 26.52 -57.19 41.93
N TYR F 1010 25.81 -57.42 40.83
CA TYR F 1010 24.36 -57.65 40.83
C TYR F 1010 24.04 -59.12 40.56
N LEU F 1011 24.85 -60.01 41.13
CA LEU F 1011 24.75 -61.44 40.85
C LEU F 1011 23.54 -62.04 41.53
N ASN F 1012 23.14 -63.23 41.07
CA ASN F 1012 21.98 -63.88 41.64
C ASN F 1012 22.27 -64.33 43.07
N ARG F 1013 21.19 -64.63 43.80
CA ARG F 1013 21.29 -64.64 45.25
C ARG F 1013 21.71 -65.99 45.83
N GLU F 1014 21.58 -67.08 45.09
CA GLU F 1014 22.09 -68.35 45.64
C GLU F 1014 23.61 -68.29 45.81
N THR F 1015 24.27 -67.38 45.11
CA THR F 1015 25.66 -67.10 45.42
C THR F 1015 25.75 -66.52 46.83
N LYS F 1016 24.85 -65.59 47.16
CA LYS F 1016 24.88 -65.02 48.50
C LYS F 1016 24.62 -66.09 49.54
N ARG F 1017 23.68 -67.00 49.27
CA ARG F 1017 23.40 -68.03 50.26
C ARG F 1017 24.63 -68.90 50.50
N ALA F 1018 25.31 -69.29 49.43
CA ALA F 1018 26.51 -70.11 49.60
C ALA F 1018 27.58 -69.36 50.38
N LEU F 1019 27.79 -68.09 50.05
CA LEU F 1019 28.85 -67.34 50.70
C LEU F 1019 28.51 -67.09 52.16
N GLU F 1020 27.24 -66.78 52.46
CA GLU F 1020 26.87 -66.52 53.85
C GLU F 1020 26.93 -67.82 54.65
N ALA F 1021 26.65 -68.94 54.00
CA ALA F 1021 26.78 -70.23 54.68
C ALA F 1021 28.21 -70.47 55.12
N LEU F 1022 29.14 -70.46 54.16
CA LEU F 1022 30.47 -71.02 54.39
C LEU F 1022 31.26 -70.40 55.55
N GLN F 1023 31.10 -69.11 55.86
CA GLN F 1023 31.96 -68.52 56.89
C GLN F 1023 31.62 -69.03 58.28
N GLU F 1024 30.35 -69.32 58.55
CA GLU F 1024 29.98 -69.72 59.90
C GLU F 1024 30.44 -71.14 60.20
N GLU F 1025 30.43 -72.03 59.21
CA GLU F 1025 31.03 -73.34 59.44
C GLU F 1025 32.55 -73.25 59.44
N LYS F 1026 33.13 -72.51 58.51
CA LYS F 1026 34.58 -72.30 58.46
C LYS F 1026 34.91 -70.82 58.58
N PRO F 1027 35.39 -70.35 59.73
CA PRO F 1027 35.83 -68.96 59.85
C PRO F 1027 37.24 -68.70 59.33
N GLU F 1028 37.83 -69.67 58.63
CA GLU F 1028 39.13 -69.47 58.01
C GLU F 1028 39.10 -68.29 57.05
N LEU F 1029 38.13 -68.27 56.16
CA LEU F 1029 37.78 -67.08 55.39
C LEU F 1029 37.00 -66.16 56.31
N THR F 1030 37.74 -65.31 57.03
CA THR F 1030 37.12 -64.53 58.09
C THR F 1030 36.00 -63.63 57.56
N ILE F 1031 36.14 -63.12 56.35
CA ILE F 1031 35.12 -62.22 55.82
C ILE F 1031 35.18 -62.22 54.31
N VAL F 1032 34.00 -62.09 53.70
CA VAL F 1032 33.84 -61.64 52.33
C VAL F 1032 33.04 -60.36 52.40
N PHE F 1033 33.55 -59.31 51.76
CA PHE F 1033 32.83 -58.04 51.77
C PHE F 1033 31.49 -58.24 51.07
N GLU F 1034 30.41 -58.20 51.84
CA GLU F 1034 29.07 -58.28 51.28
C GLU F 1034 28.82 -57.12 50.34
N ILE F 1035 28.15 -57.42 49.21
CA ILE F 1035 27.99 -56.42 48.15
C ILE F 1035 27.10 -55.29 48.64
N SER F 1036 25.83 -55.60 48.91
CA SER F 1036 24.89 -54.63 49.38
C SER F 1036 23.98 -55.16 50.48
N TRP F 1037 23.93 -56.46 50.71
CA TRP F 1037 22.96 -57.04 51.61
C TRP F 1037 23.65 -57.93 52.66
N ASP G 135 12.24 -47.75 -13.16
CA ASP G 135 12.46 -48.28 -14.50
C ASP G 135 12.82 -49.75 -14.46
N TYR G 136 14.00 -50.06 -13.91
CA TYR G 136 14.40 -51.45 -13.73
C TYR G 136 13.54 -52.20 -12.73
N CYS G 137 12.80 -51.49 -11.89
CA CYS G 137 12.07 -52.14 -10.82
C CYS G 137 11.04 -53.11 -11.38
N LYS G 138 10.29 -52.66 -12.39
CA LYS G 138 9.10 -53.38 -12.85
C LYS G 138 9.39 -54.78 -13.42
N MET G 139 10.39 -54.91 -14.30
CA MET G 139 10.58 -56.22 -14.93
C MET G 139 11.04 -57.26 -13.91
N TYR G 140 11.89 -56.85 -12.96
CA TYR G 140 12.29 -57.83 -11.97
C TYR G 140 11.25 -58.01 -10.88
N ARG G 141 10.39 -57.03 -10.61
CA ARG G 141 9.30 -57.35 -9.68
C ARG G 141 8.37 -58.37 -10.32
N ARG G 142 8.33 -58.43 -11.66
CA ARG G 142 7.54 -59.50 -12.24
C ARG G 142 8.34 -60.80 -12.26
N HIS G 143 9.66 -60.71 -12.38
CA HIS G 143 10.48 -61.91 -12.32
C HIS G 143 10.35 -62.57 -10.95
N VAL G 144 10.37 -61.77 -9.88
CA VAL G 144 10.23 -62.34 -8.54
C VAL G 144 8.80 -62.81 -8.32
N ARG G 145 7.80 -62.16 -8.93
CA ARG G 145 6.44 -62.69 -8.85
C ARG G 145 6.36 -64.07 -9.48
N SER G 146 6.94 -64.23 -10.66
CA SER G 146 6.94 -65.54 -11.32
C SER G 146 7.70 -66.56 -10.48
N ARG G 147 8.77 -66.13 -9.82
CA ARG G 147 9.56 -67.05 -9.03
C ARG G 147 8.78 -67.56 -7.82
N PHE G 148 8.13 -66.65 -7.08
CA PHE G 148 7.53 -67.00 -5.80
C PHE G 148 6.03 -67.26 -5.87
N TYR G 149 5.40 -67.11 -7.03
CA TYR G 149 4.00 -67.53 -7.14
C TYR G 149 3.89 -69.04 -7.29
N SER G 150 4.78 -69.63 -8.08
CA SER G 150 4.72 -71.06 -8.37
C SER G 150 5.20 -71.93 -7.22
N ILE G 151 5.95 -71.37 -6.27
CA ILE G 151 6.49 -72.17 -5.18
C ILE G 151 5.36 -72.59 -4.24
N LYS G 152 5.34 -73.86 -3.90
CA LYS G 152 4.29 -74.42 -3.05
C LYS G 152 4.87 -75.35 -2.00
N ASP G 163 2.20 -71.72 -5.90
CA ASP G 163 1.07 -71.64 -4.99
C ASP G 163 1.48 -70.98 -3.68
N LEU G 164 1.08 -71.59 -2.55
CA LEU G 164 1.40 -71.12 -1.22
C LEU G 164 0.79 -69.75 -0.93
N ASN G 165 -0.02 -69.24 -1.85
CA ASN G 165 -0.71 -67.98 -1.64
C ASN G 165 -1.95 -68.17 -0.78
N SER G 166 -2.85 -69.06 -1.21
CA SER G 166 -3.99 -69.47 -0.40
C SER G 166 -3.66 -70.67 0.48
N ARG G 167 -2.38 -70.87 0.79
CA ARG G 167 -1.93 -72.03 1.57
C ARG G 167 -1.08 -71.57 2.74
N TYR G 168 -1.33 -70.35 3.24
CA TYR G 168 -0.50 -69.72 4.25
C TYR G 168 -1.34 -69.20 5.40
N THR G 169 -0.85 -69.42 6.62
CA THR G 169 -1.42 -68.83 7.82
C THR G 169 -0.33 -68.07 8.55
N GLN G 170 -0.68 -66.88 9.04
CA GLN G 170 0.31 -65.99 9.62
C GLN G 170 0.98 -66.60 10.85
N LEU G 171 2.31 -66.49 10.89
CA LEU G 171 3.09 -66.90 12.04
C LEU G 171 3.30 -65.68 12.94
N GLN G 172 3.90 -65.91 14.11
CA GLN G 172 3.97 -64.87 15.12
C GLN G 172 5.35 -64.23 15.13
N LEU G 173 5.39 -62.90 15.10
CA LEU G 173 6.62 -62.13 15.25
C LEU G 173 6.62 -61.53 16.65
N VAL G 174 7.72 -61.72 17.38
CA VAL G 174 7.79 -61.30 18.77
C VAL G 174 9.12 -60.62 19.02
N LYS G 175 9.08 -59.42 19.62
CA LYS G 175 10.26 -58.83 20.25
C LYS G 175 9.86 -58.37 21.65
N GLU G 176 10.28 -59.11 22.68
CA GLU G 176 9.93 -58.73 24.04
C GLU G 176 10.88 -57.66 24.57
N HIS G 177 12.16 -58.01 24.69
CA HIS G 177 13.19 -57.15 25.25
C HIS G 177 12.75 -56.50 26.56
N PRO G 178 12.45 -57.29 27.60
CA PRO G 178 11.94 -56.75 28.87
C PRO G 178 13.07 -56.40 29.84
N LEU G 203 4.15 -59.64 15.83
CA LEU G 203 4.18 -58.19 15.71
C LEU G 203 3.49 -57.72 14.44
N LYS G 204 3.99 -56.62 13.87
CA LYS G 204 3.44 -56.03 12.66
C LYS G 204 4.58 -55.84 11.66
N LEU G 205 4.58 -56.66 10.61
CA LEU G 205 5.59 -56.49 9.56
C LEU G 205 5.48 -55.14 8.89
N GLU G 206 4.28 -54.57 8.86
CA GLU G 206 4.12 -53.20 8.38
C GLU G 206 4.88 -52.25 9.29
N LEU G 207 5.65 -51.34 8.67
CA LEU G 207 6.50 -50.40 9.39
C LEU G 207 7.43 -51.14 10.34
N LEU G 208 8.01 -52.24 9.86
CA LEU G 208 8.91 -53.03 10.70
C LEU G 208 10.17 -52.24 11.07
N PHE G 209 10.54 -51.25 10.26
CA PHE G 209 11.85 -50.62 10.35
C PHE G 209 11.71 -49.17 10.83
N GLU G 210 10.92 -48.93 11.86
CA GLU G 210 10.93 -47.61 12.46
C GLU G 210 12.34 -47.30 12.97
N PRO G 211 12.97 -46.21 12.53
CA PRO G 211 14.17 -45.73 13.21
C PRO G 211 13.83 -44.77 14.32
N GLU G 212 12.56 -44.78 14.75
CA GLU G 212 12.07 -43.83 15.72
C GLU G 212 12.92 -43.82 16.98
N ASP G 213 12.97 -42.67 17.64
CA ASP G 213 13.89 -42.47 18.75
C ASP G 213 13.28 -42.86 20.09
N GLY G 214 12.71 -44.07 20.14
CA GLY G 214 12.34 -44.65 21.42
C GLY G 214 13.48 -45.45 22.00
N HIS G 215 13.89 -46.49 21.26
CA HIS G 215 15.09 -47.24 21.61
C HIS G 215 15.89 -47.68 20.38
N SER G 216 15.54 -47.20 19.20
CA SER G 216 16.10 -47.72 17.94
C SER G 216 16.50 -46.57 17.01
N GLU G 217 17.25 -45.61 17.55
CA GLU G 217 17.59 -44.41 16.76
C GLU G 217 18.44 -44.75 15.55
N PRO G 218 19.65 -45.30 15.67
CA PRO G 218 20.52 -45.48 14.51
C PRO G 218 20.44 -46.85 13.84
N VAL G 219 19.46 -47.69 14.19
CA VAL G 219 19.47 -49.08 13.75
C VAL G 219 19.18 -49.15 12.25
N HIS G 220 19.72 -50.19 11.61
CA HIS G 220 19.46 -50.45 10.21
C HIS G 220 19.11 -51.90 9.87
N THR G 221 18.98 -52.79 10.86
CA THR G 221 18.89 -54.20 10.55
C THR G 221 18.12 -54.98 11.61
N VAL G 222 17.50 -56.08 11.17
CA VAL G 222 16.78 -57.03 12.01
C VAL G 222 17.18 -58.45 11.65
N VAL G 223 17.18 -59.31 12.66
CA VAL G 223 17.47 -60.73 12.51
C VAL G 223 16.21 -61.49 12.85
N PHE G 224 15.84 -62.44 12.00
CA PHE G 224 14.70 -63.31 12.24
C PHE G 224 15.17 -64.53 13.01
N GLN G 225 14.45 -64.88 14.06
CA GLN G 225 14.74 -66.08 14.82
C GLN G 225 13.45 -66.86 15.04
N GLY G 226 13.55 -67.96 15.77
CA GLY G 226 12.38 -68.75 16.11
C GLY G 226 12.77 -70.16 16.49
N ALA G 227 11.78 -71.04 16.47
CA ALA G 227 12.00 -72.44 16.81
C ALA G 227 12.75 -73.16 15.69
N ALA G 228 13.33 -74.31 16.05
CA ALA G 228 14.18 -75.04 15.12
C ALA G 228 13.39 -75.52 13.90
N GLY G 229 13.71 -75.00 12.73
CA GLY G 229 13.12 -75.47 11.48
C GLY G 229 11.73 -74.94 11.21
N ILE G 230 11.60 -73.63 11.02
CA ILE G 230 10.33 -73.02 10.62
C ILE G 230 10.12 -73.03 9.11
N GLY G 231 11.13 -73.44 8.34
CA GLY G 231 11.10 -73.21 6.91
C GLY G 231 11.42 -71.78 6.57
N LYS G 232 12.04 -71.06 7.51
CA LYS G 232 12.22 -69.61 7.56
C LYS G 232 12.39 -68.95 6.20
N THR G 233 13.13 -69.58 5.31
CA THR G 233 13.23 -69.11 3.94
C THR G 233 11.84 -68.92 3.34
N ILE G 234 10.87 -69.76 3.75
CA ILE G 234 9.52 -69.61 3.23
C ILE G 234 8.94 -68.25 3.65
N LEU G 235 9.21 -67.83 4.88
CA LEU G 235 8.70 -66.54 5.34
C LEU G 235 9.43 -65.41 4.63
N ALA G 236 10.72 -65.57 4.38
CA ALA G 236 11.43 -64.58 3.57
C ALA G 236 10.78 -64.46 2.19
N ARG G 237 10.45 -65.59 1.58
CA ARG G 237 9.79 -65.57 0.28
C ARG G 237 8.41 -64.93 0.35
N LYS G 238 7.67 -65.17 1.44
CA LYS G 238 6.37 -64.54 1.58
C LYS G 238 6.49 -63.02 1.68
N ILE G 239 7.47 -62.52 2.43
CA ILE G 239 7.67 -61.08 2.49
C ILE G 239 8.05 -60.53 1.13
N MET G 240 8.95 -61.22 0.42
CA MET G 240 9.37 -60.79 -0.90
C MET G 240 8.18 -60.69 -1.85
N LEU G 241 7.38 -61.76 -1.92
CA LEU G 241 6.23 -61.76 -2.82
C LEU G 241 5.18 -60.75 -2.38
N ASP G 242 5.00 -60.55 -1.08
CA ASP G 242 4.04 -59.56 -0.62
C ASP G 242 4.41 -58.17 -1.09
N TRP G 243 5.69 -57.82 -1.00
CA TRP G 243 6.08 -56.52 -1.57
C TRP G 243 5.91 -56.51 -3.08
N ALA G 244 6.33 -57.59 -3.75
CA ALA G 244 6.26 -57.63 -5.21
C ALA G 244 4.84 -57.42 -5.71
N LEU G 245 3.86 -58.01 -5.03
CA LEU G 245 2.46 -57.78 -5.36
C LEU G 245 1.93 -56.48 -4.77
N GLY G 246 2.66 -55.86 -3.85
CA GLY G 246 2.14 -54.66 -3.20
C GLY G 246 1.32 -55.01 -1.98
N LYS G 247 -0.01 -55.06 -2.15
CA LYS G 247 -0.94 -55.42 -1.08
C LYS G 247 -0.82 -54.43 0.07
N LEU G 248 -1.15 -53.18 -0.24
CA LEU G 248 -1.13 -52.04 0.70
C LEU G 248 0.27 -51.77 1.23
N PHE G 249 1.30 -52.21 0.52
CA PHE G 249 2.68 -51.96 0.92
C PHE G 249 3.07 -50.56 0.46
N LYS G 250 3.03 -49.60 1.38
CA LYS G 250 3.66 -48.32 1.10
C LYS G 250 5.15 -48.54 0.83
N ASP G 251 5.58 -48.23 -0.39
CA ASP G 251 6.93 -48.58 -0.82
C ASP G 251 7.95 -47.67 -0.16
N LYS G 252 8.41 -48.04 1.04
CA LYS G 252 9.57 -47.40 1.63
C LYS G 252 10.86 -47.68 0.87
N PHE G 253 10.84 -48.63 -0.07
CA PHE G 253 12.05 -49.10 -0.73
C PHE G 253 11.75 -49.31 -2.21
N ASP G 254 12.80 -49.16 -3.02
CA ASP G 254 12.69 -49.37 -4.46
C ASP G 254 13.06 -50.79 -4.87
N TYR G 255 13.84 -51.48 -4.05
CA TYR G 255 14.23 -52.85 -4.36
C TYR G 255 14.46 -53.63 -3.08
N LEU G 256 13.94 -54.84 -3.05
CA LEU G 256 14.26 -55.83 -2.02
C LEU G 256 14.80 -57.03 -2.78
N PHE G 257 16.07 -57.35 -2.56
CA PHE G 257 16.72 -58.42 -3.29
C PHE G 257 16.77 -59.68 -2.44
N PHE G 258 16.26 -60.78 -3.00
CA PHE G 258 16.30 -62.07 -2.33
C PHE G 258 17.64 -62.73 -2.67
N ILE G 259 18.48 -62.90 -1.66
CA ILE G 259 19.76 -63.57 -1.81
C ILE G 259 19.57 -64.99 -1.30
N HIS G 260 19.84 -65.96 -2.18
CA HIS G 260 19.75 -67.36 -1.79
C HIS G 260 21.17 -67.83 -1.52
N CYS G 261 21.63 -67.50 -0.31
CA CYS G 261 23.02 -67.76 0.08
C CYS G 261 23.36 -69.23 0.02
N ARG G 262 22.34 -70.10 0.04
CA ARG G 262 22.56 -71.53 -0.18
C ARG G 262 23.27 -71.77 -1.51
N GLU G 263 23.10 -70.86 -2.47
CA GLU G 263 23.91 -70.85 -3.68
C GLU G 263 25.12 -69.93 -3.61
N VAL G 264 25.03 -68.80 -2.90
CA VAL G 264 26.11 -67.80 -2.90
C VAL G 264 27.27 -68.35 -2.06
N SER G 265 27.05 -69.52 -1.46
CA SER G 265 27.99 -70.15 -0.54
C SER G 265 29.38 -70.37 -1.12
N LEU G 266 29.57 -70.16 -2.42
CA LEU G 266 30.84 -70.43 -3.07
C LEU G 266 31.93 -69.47 -2.60
N ARG G 267 33.18 -69.93 -2.77
CA ARG G 267 34.39 -69.21 -2.41
C ARG G 267 34.80 -68.20 -3.47
N THR G 268 34.10 -68.16 -4.60
CA THR G 268 34.48 -67.29 -5.70
C THR G 268 34.35 -65.82 -5.32
N PRO G 269 35.34 -64.98 -5.63
CA PRO G 269 35.21 -63.54 -5.32
C PRO G 269 34.25 -62.89 -6.30
N ARG G 270 33.06 -62.51 -5.85
CA ARG G 270 32.04 -61.97 -6.73
C ARG G 270 31.67 -60.55 -6.32
N SER G 271 31.43 -59.71 -7.32
CA SER G 271 31.02 -58.33 -7.12
C SER G 271 29.54 -58.27 -6.76
N LEU G 272 28.96 -57.08 -6.81
CA LEU G 272 27.53 -56.93 -6.67
C LEU G 272 26.82 -57.87 -7.63
N ALA G 273 26.00 -58.76 -7.09
CA ALA G 273 25.41 -59.87 -7.83
C ALA G 273 23.90 -59.73 -7.76
N ASP G 274 23.35 -58.90 -8.64
CA ASP G 274 21.92 -58.74 -8.77
C ASP G 274 21.32 -59.61 -9.87
N LEU G 275 22.15 -60.17 -10.75
CA LEU G 275 21.67 -61.19 -11.69
C LEU G 275 21.68 -62.55 -11.01
N ILE G 276 20.68 -63.36 -11.34
CA ILE G 276 20.57 -64.73 -10.82
C ILE G 276 20.47 -65.74 -11.95
N VAL G 277 19.58 -65.50 -12.91
CA VAL G 277 19.37 -66.41 -14.03
C VAL G 277 20.35 -66.13 -15.17
N SER G 278 21.29 -65.20 -14.97
CA SER G 278 22.24 -64.78 -16.01
C SER G 278 21.52 -64.24 -17.23
N CYS G 279 20.55 -63.35 -16.98
CA CYS G 279 19.84 -62.66 -18.05
C CYS G 279 20.71 -61.52 -18.57
N TRP G 280 20.15 -60.63 -19.37
CA TRP G 280 20.90 -59.47 -19.80
C TRP G 280 21.27 -58.61 -18.58
N PRO G 281 22.47 -58.04 -18.57
CA PRO G 281 22.98 -57.43 -17.32
C PRO G 281 22.06 -56.33 -16.82
N ASP G 282 21.89 -56.28 -15.50
CA ASP G 282 21.11 -55.21 -14.91
C ASP G 282 21.85 -53.88 -15.07
N PRO G 283 21.12 -52.76 -15.01
CA PRO G 283 21.77 -51.45 -15.16
C PRO G 283 22.66 -51.11 -13.97
N ASN G 284 23.69 -51.91 -13.74
CA ASN G 284 24.42 -51.85 -12.47
C ASN G 284 25.01 -50.47 -12.16
N PRO G 285 25.66 -49.76 -13.08
CA PRO G 285 26.17 -48.41 -12.76
C PRO G 285 25.07 -47.40 -12.45
N PRO G 286 24.01 -47.27 -13.25
CA PRO G 286 22.89 -46.40 -12.81
C PRO G 286 22.20 -46.87 -11.54
N VAL G 287 22.17 -48.17 -11.25
CA VAL G 287 21.73 -48.65 -9.94
C VAL G 287 22.62 -48.10 -8.83
N CYS G 288 23.93 -48.08 -9.07
CA CYS G 288 24.84 -47.44 -8.12
C CYS G 288 24.60 -45.94 -8.03
N LYS G 289 24.17 -45.32 -9.13
CA LYS G 289 23.89 -43.89 -9.14
C LYS G 289 22.56 -43.53 -8.48
N ILE G 290 21.61 -44.46 -8.41
CA ILE G 290 20.35 -44.22 -7.73
C ILE G 290 20.48 -44.65 -6.27
N LEU G 291 21.73 -44.84 -5.83
CA LEU G 291 22.02 -45.11 -4.43
C LEU G 291 22.14 -43.84 -3.60
N ARG G 292 23.00 -42.91 -4.02
CA ARG G 292 23.47 -41.86 -3.13
C ARG G 292 22.32 -41.09 -2.49
N LYS G 293 21.39 -40.58 -3.28
CA LYS G 293 20.29 -39.86 -2.66
C LYS G 293 19.29 -40.83 -2.03
N PRO G 294 18.66 -41.75 -2.81
CA PRO G 294 17.69 -42.65 -2.18
C PRO G 294 18.29 -43.93 -1.63
N SER G 295 18.14 -44.18 -0.33
CA SER G 295 18.53 -45.46 0.26
C SER G 295 17.39 -46.47 0.18
N ARG G 296 16.81 -46.57 -1.02
CA ARG G 296 15.66 -47.42 -1.26
C ARG G 296 16.03 -48.75 -1.88
N ILE G 297 17.29 -49.15 -1.75
CA ILE G 297 17.75 -50.49 -2.07
C ILE G 297 17.82 -51.29 -0.78
N LEU G 298 17.36 -52.53 -0.83
CA LEU G 298 17.47 -53.45 0.30
C LEU G 298 17.73 -54.85 -0.22
N PHE G 299 18.47 -55.61 0.56
CA PHE G 299 18.91 -56.96 0.21
C PHE G 299 18.36 -57.89 1.28
N LEU G 300 17.30 -58.63 0.94
CA LEU G 300 16.83 -59.70 1.80
C LEU G 300 17.73 -60.92 1.54
N MET G 301 18.82 -61.01 2.30
CA MET G 301 19.68 -62.18 2.27
C MET G 301 19.20 -63.22 3.26
N ASP G 302 19.25 -64.48 2.84
CA ASP G 302 18.68 -65.59 3.59
C ASP G 302 19.64 -66.77 3.53
N GLY G 303 19.42 -67.73 4.41
CA GLY G 303 20.30 -68.89 4.55
C GLY G 303 21.71 -68.58 5.00
N PHE G 304 21.84 -67.71 6.01
CA PHE G 304 23.17 -67.34 6.47
C PHE G 304 23.88 -68.56 7.03
N ASP G 305 23.11 -69.55 7.50
CA ASP G 305 23.65 -70.77 8.07
C ASP G 305 24.51 -71.50 7.06
N GLU G 306 24.29 -71.26 5.78
CA GLU G 306 24.95 -71.98 4.70
C GLU G 306 26.11 -71.19 4.10
N LEU G 307 26.59 -70.14 4.76
CA LEU G 307 27.87 -69.57 4.33
C LEU G 307 29.01 -70.52 4.67
N GLN G 308 29.44 -71.29 3.68
CA GLN G 308 30.39 -72.38 3.89
C GLN G 308 31.80 -71.84 3.70
N GLY G 309 32.77 -72.73 3.57
CA GLY G 309 34.16 -72.31 3.55
C GLY G 309 35.09 -73.00 4.52
N ALA G 310 35.56 -72.26 5.53
CA ALA G 310 36.34 -72.84 6.61
C ALA G 310 35.89 -72.34 7.98
N PHE G 311 34.59 -72.08 8.13
CA PHE G 311 34.01 -71.44 9.33
C PHE G 311 34.76 -70.16 9.70
N ASP G 312 35.07 -69.36 8.69
CA ASP G 312 35.85 -68.14 8.85
C ASP G 312 34.94 -66.95 8.55
N GLU G 313 34.21 -66.48 9.57
CA GLU G 313 33.37 -65.30 9.41
C GLU G 313 33.71 -64.25 10.46
N HIS G 314 35.00 -64.10 10.75
CA HIS G 314 35.46 -63.13 11.73
C HIS G 314 35.51 -61.74 11.08
N ILE G 315 36.15 -60.79 11.76
CA ILE G 315 36.22 -59.43 11.25
C ILE G 315 36.98 -59.41 9.94
N GLY G 316 36.45 -58.72 8.94
CA GLY G 316 37.05 -58.73 7.62
C GLY G 316 38.41 -58.04 7.61
N GLU G 317 39.40 -58.72 7.02
CA GLU G 317 40.75 -58.16 6.92
C GLU G 317 40.79 -56.93 6.02
N VAL G 318 40.11 -56.99 4.86
CA VAL G 318 40.18 -55.94 3.87
C VAL G 318 38.77 -55.52 3.47
N CYS G 319 38.55 -54.21 3.38
CA CYS G 319 37.27 -53.65 2.97
C CYS G 319 37.12 -53.69 1.45
N THR G 320 36.01 -53.14 0.96
CA THR G 320 35.69 -53.10 -0.45
C THR G 320 35.29 -51.69 -0.86
N ASP G 321 35.23 -51.47 -2.17
CA ASP G 321 34.84 -50.18 -2.70
C ASP G 321 33.34 -49.95 -2.59
N TRP G 322 32.96 -48.67 -2.51
CA TRP G 322 31.55 -48.32 -2.38
C TRP G 322 30.77 -48.62 -3.66
N GLN G 323 31.43 -48.52 -4.82
CA GLN G 323 30.77 -48.84 -6.08
C GLN G 323 30.36 -50.30 -6.15
N LYS G 324 31.04 -51.17 -5.40
CA LYS G 324 30.75 -52.60 -5.32
C LYS G 324 30.92 -53.30 -6.66
N ALA G 325 31.40 -52.56 -7.67
CA ALA G 325 31.68 -53.13 -8.97
C ALA G 325 32.91 -54.04 -8.95
N VAL G 326 33.71 -53.98 -7.89
CA VAL G 326 34.88 -54.84 -7.77
C VAL G 326 34.43 -56.25 -7.39
N ARG G 327 34.95 -57.24 -8.10
CA ARG G 327 34.60 -58.63 -7.87
C ARG G 327 35.38 -59.21 -6.70
N GLY G 328 35.31 -58.54 -5.56
CA GLY G 328 36.00 -59.01 -4.37
C GLY G 328 35.32 -60.21 -3.76
N ASP G 329 36.03 -60.85 -2.83
CA ASP G 329 35.48 -61.97 -2.10
C ASP G 329 34.30 -61.51 -1.27
N ILE G 330 33.22 -62.30 -1.29
CA ILE G 330 32.07 -61.99 -0.43
C ILE G 330 32.49 -61.97 1.04
N LEU G 331 33.50 -62.76 1.41
CA LEU G 331 34.09 -62.62 2.73
C LEU G 331 34.73 -61.26 2.92
N LEU G 332 35.41 -60.76 1.88
CA LEU G 332 36.15 -59.51 1.98
C LEU G 332 35.44 -58.32 1.36
N SER G 333 34.35 -58.54 0.64
CA SER G 333 33.57 -57.45 0.05
C SER G 333 32.17 -57.35 0.63
N SER G 334 31.42 -58.45 0.61
CA SER G 334 30.04 -58.41 1.09
C SER G 334 30.00 -58.24 2.60
N LEU G 335 30.79 -59.03 3.33
CA LEU G 335 30.73 -58.98 4.78
C LEU G 335 31.07 -57.58 5.29
N ILE G 336 32.13 -56.98 4.74
CA ILE G 336 32.48 -55.62 5.14
C ILE G 336 31.42 -54.63 4.68
N ARG G 337 30.78 -54.88 3.54
CA ARG G 337 29.66 -54.03 3.15
C ARG G 337 28.57 -54.05 4.21
N LYS G 338 28.27 -55.23 4.76
CA LYS G 338 27.41 -55.30 5.93
C LYS G 338 28.00 -54.57 7.13
N LYS G 339 29.31 -54.69 7.33
CA LYS G 339 29.96 -54.21 8.54
C LYS G 339 29.95 -52.68 8.61
N LEU G 340 30.58 -52.04 7.63
CA LEU G 340 30.74 -50.60 7.61
C LEU G 340 30.26 -50.06 6.28
N LEU G 341 29.78 -48.82 6.31
CA LEU G 341 29.16 -48.17 5.15
C LEU G 341 28.16 -49.08 4.44
N PRO G 342 27.16 -49.61 5.17
CA PRO G 342 26.15 -50.43 4.48
C PRO G 342 25.21 -49.61 3.65
N LYS G 343 24.74 -48.47 4.16
CA LYS G 343 23.90 -47.50 3.47
C LYS G 343 22.50 -48.05 3.17
N ALA G 344 22.23 -49.32 3.46
CA ALA G 344 20.93 -49.91 3.18
C ALA G 344 20.48 -50.75 4.35
N SER G 345 19.18 -51.02 4.41
CA SER G 345 18.63 -51.78 5.52
C SER G 345 19.11 -53.22 5.42
N LEU G 346 18.73 -54.04 6.39
CA LEU G 346 19.25 -55.40 6.39
C LEU G 346 18.36 -56.30 7.22
N LEU G 347 18.07 -57.49 6.68
CA LEU G 347 17.28 -58.49 7.39
C LEU G 347 17.90 -59.85 7.14
N ILE G 348 18.37 -60.51 8.21
CA ILE G 348 19.02 -61.80 8.04
C ILE G 348 18.30 -62.89 8.83
N THR G 349 18.31 -64.10 8.26
CA THR G 349 17.54 -65.23 8.76
C THR G 349 18.51 -66.37 9.02
N THR G 350 18.45 -66.95 10.22
CA THR G 350 19.36 -68.01 10.65
C THR G 350 18.90 -68.50 12.01
N ARG G 351 19.45 -69.67 12.45
CA ARG G 351 19.04 -70.09 13.78
C ARG G 351 20.07 -69.68 14.84
N PRO G 352 19.65 -69.59 16.14
CA PRO G 352 20.54 -69.09 17.19
C PRO G 352 21.66 -70.02 17.64
N VAL G 353 21.92 -71.10 16.90
CA VAL G 353 23.00 -72.03 17.19
C VAL G 353 24.38 -71.42 17.43
N ALA G 354 24.96 -70.80 16.41
CA ALA G 354 26.35 -70.35 16.45
C ALA G 354 26.52 -69.09 15.62
N LEU G 355 25.68 -68.09 15.89
CA LEU G 355 25.74 -66.85 15.11
C LEU G 355 26.63 -65.77 15.68
N GLU G 356 26.96 -65.81 16.98
CA GLU G 356 27.62 -64.68 17.62
C GLU G 356 28.81 -64.11 16.86
N LYS G 357 29.44 -64.90 15.96
CA LYS G 357 30.43 -64.38 15.01
C LYS G 357 30.03 -63.06 14.36
N LEU G 358 28.76 -62.94 14.01
CA LEU G 358 28.20 -61.79 13.31
C LEU G 358 27.64 -60.76 14.29
N GLN G 359 27.50 -61.13 15.56
CA GLN G 359 26.92 -60.26 16.57
C GLN G 359 27.97 -59.63 17.48
N HIS G 360 29.04 -60.37 17.83
CA HIS G 360 30.22 -59.69 18.35
C HIS G 360 30.81 -58.79 17.27
N LEU G 361 30.61 -59.16 16.01
CA LEU G 361 30.67 -58.22 14.90
C LEU G 361 29.62 -57.14 15.09
N LEU G 362 30.07 -55.89 15.23
CA LEU G 362 29.16 -54.81 15.56
C LEU G 362 28.18 -54.55 14.42
N ASP G 363 26.89 -54.55 14.76
CA ASP G 363 25.82 -54.26 13.82
C ASP G 363 24.78 -53.31 14.34
N HIS G 364 24.64 -53.14 15.66
CA HIS G 364 23.51 -52.45 16.26
C HIS G 364 22.20 -52.97 15.68
N PRO G 365 21.95 -54.29 15.74
CA PRO G 365 20.72 -54.83 15.16
C PRO G 365 19.57 -54.94 16.15
N ARG G 366 18.42 -55.40 15.67
CA ARG G 366 17.41 -56.00 16.52
C ARG G 366 17.27 -57.47 16.16
N HIS G 367 16.44 -58.17 16.92
CA HIS G 367 16.12 -59.56 16.65
C HIS G 367 14.62 -59.74 16.87
N VAL G 368 14.02 -60.61 16.05
CA VAL G 368 12.61 -60.95 16.22
C VAL G 368 12.45 -62.46 16.10
N GLU G 369 11.62 -63.02 16.97
CA GLU G 369 11.37 -64.45 16.99
C GLU G 369 10.12 -64.75 16.16
N ILE G 370 10.16 -65.88 15.44
CA ILE G 370 9.03 -66.38 14.68
C ILE G 370 8.47 -67.60 15.39
N LEU G 371 7.15 -67.65 15.50
CA LEU G 371 6.46 -68.71 16.21
C LEU G 371 5.47 -69.37 15.27
N GLY G 372 5.43 -70.71 15.32
CA GLY G 372 4.64 -71.47 14.38
C GLY G 372 3.16 -71.57 14.69
N PHE G 373 2.61 -72.76 14.49
CA PHE G 373 1.16 -72.93 14.46
C PHE G 373 0.58 -72.99 15.86
N SER G 374 -0.20 -71.98 16.22
CA SER G 374 -1.10 -72.11 17.36
C SER G 374 -2.29 -72.98 16.94
N GLU G 375 -3.11 -73.34 17.92
CA GLU G 375 -4.18 -74.29 17.65
C GLU G 375 -5.14 -73.78 16.59
N ALA G 376 -5.66 -72.56 16.76
CA ALA G 376 -6.73 -72.07 15.88
C ALA G 376 -6.24 -71.89 14.45
N LYS G 377 -5.12 -71.18 14.26
CA LYS G 377 -4.71 -70.97 12.88
C LYS G 377 -3.95 -72.18 12.31
N ARG G 378 -3.53 -73.12 13.15
CA ARG G 378 -3.14 -74.43 12.66
C ARG G 378 -4.34 -75.16 12.07
N LYS G 379 -5.50 -75.06 12.73
CA LYS G 379 -6.72 -75.59 12.15
C LYS G 379 -7.05 -74.88 10.85
N GLU G 380 -6.83 -73.57 10.80
CA GLU G 380 -7.04 -72.82 9.56
C GLU G 380 -6.11 -73.32 8.45
N TYR G 381 -4.84 -73.57 8.78
CA TYR G 381 -3.91 -74.11 7.80
C TYR G 381 -4.34 -75.50 7.34
N PHE G 382 -4.86 -76.31 8.26
CA PHE G 382 -5.34 -77.63 7.88
C PHE G 382 -6.52 -77.52 6.92
N PHE G 383 -7.42 -76.58 7.18
CA PHE G 383 -8.55 -76.34 6.28
C PHE G 383 -8.07 -75.86 4.92
N LYS G 384 -7.08 -74.97 4.90
CA LYS G 384 -6.63 -74.41 3.63
C LYS G 384 -5.83 -75.42 2.81
N TYR G 385 -5.08 -76.29 3.48
CA TYR G 385 -4.30 -77.30 2.76
C TYR G 385 -5.21 -78.41 2.27
N PHE G 386 -5.90 -79.09 3.20
CA PHE G 386 -6.84 -80.12 2.79
C PHE G 386 -7.98 -79.49 1.99
N SER G 387 -8.70 -80.33 1.28
CA SER G 387 -9.98 -79.89 0.74
C SER G 387 -10.95 -79.67 1.88
N ASN G 388 -11.93 -78.80 1.66
CA ASN G 388 -12.77 -78.35 2.75
C ASN G 388 -13.64 -79.46 3.33
N GLU G 389 -13.73 -80.61 2.67
CA GLU G 389 -14.57 -81.70 3.14
C GLU G 389 -13.91 -83.07 3.18
N LEU G 390 -12.87 -83.32 2.38
CA LEU G 390 -12.34 -84.68 2.31
C LEU G 390 -11.62 -85.08 3.58
N GLN G 391 -10.71 -84.24 4.08
CA GLN G 391 -9.95 -84.57 5.28
C GLN G 391 -9.76 -83.37 6.20
N ALA G 392 -10.60 -82.34 6.07
CA ALA G 392 -10.35 -81.11 6.81
C ALA G 392 -10.57 -81.28 8.30
N ARG G 393 -11.54 -82.10 8.71
CA ARG G 393 -11.89 -82.20 10.13
C ARG G 393 -11.50 -83.51 10.79
N GLU G 394 -11.86 -84.66 10.22
CA GLU G 394 -11.69 -85.92 10.95
C GLU G 394 -10.22 -86.23 11.24
N ALA G 395 -9.33 -86.01 10.26
CA ALA G 395 -7.90 -86.16 10.53
C ALA G 395 -7.41 -85.15 11.55
N PHE G 396 -7.85 -83.90 11.44
CA PHE G 396 -7.48 -82.89 12.43
C PHE G 396 -7.84 -83.35 13.84
N ARG G 397 -9.07 -83.79 14.03
CA ARG G 397 -9.52 -84.14 15.38
C ARG G 397 -8.89 -85.44 15.87
N LEU G 398 -8.64 -86.39 14.97
CA LEU G 398 -8.01 -87.62 15.43
C LEU G 398 -6.57 -87.37 15.84
N ILE G 399 -5.87 -86.43 15.20
CA ILE G 399 -4.54 -86.11 15.71
C ILE G 399 -4.61 -85.12 16.86
N GLN G 400 -5.75 -84.44 17.05
CA GLN G 400 -5.97 -83.71 18.30
C GLN G 400 -6.03 -84.66 19.47
N GLU G 401 -6.70 -85.81 19.29
CA GLU G 401 -6.88 -86.74 20.39
C GLU G 401 -5.57 -87.38 20.82
N ASN G 402 -4.51 -87.21 20.02
CA ASN G 402 -3.18 -87.67 20.41
C ASN G 402 -2.63 -86.76 21.50
N GLU G 403 -2.09 -87.36 22.56
CA GLU G 403 -1.46 -86.57 23.61
C GLU G 403 -0.21 -85.86 23.12
N VAL G 404 0.29 -86.23 21.94
CA VAL G 404 1.46 -85.65 21.33
C VAL G 404 1.05 -85.25 19.90
N LEU G 405 2.00 -84.71 19.13
CA LEU G 405 1.74 -84.23 17.77
C LEU G 405 0.95 -82.94 17.82
N PHE G 406 0.48 -82.59 19.01
CA PHE G 406 0.02 -81.25 19.31
C PHE G 406 1.09 -80.44 20.02
N THR G 407 2.01 -81.11 20.71
CA THR G 407 3.27 -80.47 21.08
C THR G 407 4.06 -80.05 19.84
N MET G 408 4.14 -80.91 18.82
CA MET G 408 4.86 -80.55 17.60
C MET G 408 3.98 -79.82 16.60
N CYS G 409 2.66 -79.86 16.74
CA CYS G 409 1.87 -79.11 15.78
C CYS G 409 2.21 -77.64 15.80
N PHE G 410 2.77 -77.14 16.90
CA PHE G 410 3.29 -75.78 16.91
C PHE G 410 4.35 -75.55 15.83
N ILE G 411 5.29 -76.49 15.68
CA ILE G 411 6.33 -76.34 14.66
C ILE G 411 5.81 -76.48 13.23
N PRO G 412 6.04 -75.46 12.40
CA PRO G 412 5.55 -75.48 11.02
C PRO G 412 6.08 -76.62 10.17
N LEU G 413 7.34 -77.04 10.34
CA LEU G 413 7.80 -78.14 9.50
C LEU G 413 7.02 -79.41 9.80
N VAL G 414 6.65 -79.63 11.06
CA VAL G 414 5.82 -80.78 11.40
C VAL G 414 4.46 -80.65 10.76
N CYS G 415 3.85 -79.46 10.82
CA CYS G 415 2.55 -79.33 10.17
C CYS G 415 2.64 -79.54 8.65
N TRP G 416 3.68 -79.00 8.00
CA TRP G 416 3.80 -79.19 6.55
C TRP G 416 4.08 -80.65 6.21
N ILE G 417 4.74 -81.37 7.11
CA ILE G 417 5.11 -82.73 6.78
C ILE G 417 3.99 -83.69 7.13
N VAL G 418 3.08 -83.31 8.02
CA VAL G 418 1.95 -84.18 8.28
C VAL G 418 0.85 -83.90 7.27
N CYS G 419 0.74 -82.66 6.80
CA CYS G 419 -0.22 -82.34 5.76
C CYS G 419 0.15 -83.04 4.46
N THR G 420 1.42 -82.93 4.05
CA THR G 420 1.82 -83.66 2.84
C THR G 420 1.91 -85.17 3.08
N GLY G 421 2.24 -85.59 4.30
CA GLY G 421 2.40 -86.99 4.66
C GLY G 421 1.14 -87.78 4.88
N LEU G 422 -0.04 -87.14 4.87
CA LEU G 422 -1.26 -87.89 5.08
C LEU G 422 -2.17 -88.00 3.87
N LYS G 423 -1.91 -87.26 2.79
CA LYS G 423 -2.69 -87.43 1.57
C LYS G 423 -2.44 -88.76 0.87
N GLN G 424 -1.37 -89.48 1.21
CA GLN G 424 -1.20 -90.82 0.69
C GLN G 424 -1.93 -91.91 1.48
N GLN G 425 -2.65 -91.57 2.56
CA GLN G 425 -3.12 -92.58 3.50
C GLN G 425 -4.60 -92.90 3.37
N MET G 426 -5.38 -92.10 2.63
CA MET G 426 -6.76 -92.48 2.40
C MET G 426 -6.86 -93.66 1.44
N GLU G 427 -5.89 -93.81 0.54
CA GLU G 427 -5.82 -95.00 -0.28
C GLU G 427 -5.59 -96.25 0.57
N THR G 428 -4.88 -96.11 1.69
CA THR G 428 -4.73 -97.19 2.65
C THR G 428 -5.87 -97.20 3.67
N GLY G 429 -6.05 -96.09 4.38
CA GLY G 429 -7.17 -95.92 5.28
C GLY G 429 -6.84 -96.26 6.72
N LYS G 430 -7.16 -95.33 7.62
CA LYS G 430 -7.04 -95.55 9.07
C LYS G 430 -5.61 -95.91 9.47
N SER G 431 -4.66 -95.12 9.00
CA SER G 431 -3.26 -95.30 9.35
C SER G 431 -2.60 -93.95 9.62
N LEU G 432 -3.31 -93.08 10.35
CA LEU G 432 -2.91 -91.69 10.49
C LEU G 432 -2.10 -91.44 11.76
N ALA G 433 -2.68 -91.73 12.91
CA ALA G 433 -2.10 -91.38 14.20
C ALA G 433 -1.12 -92.43 14.72
N GLN G 434 -0.92 -93.52 14.00
CA GLN G 434 -0.05 -94.58 14.49
C GLN G 434 1.42 -94.16 14.44
N THR G 435 2.21 -94.79 15.30
CA THR G 435 3.67 -94.62 15.41
C THR G 435 4.10 -93.17 15.18
N SER G 436 3.43 -92.27 15.91
CA SER G 436 3.70 -90.84 15.86
C SER G 436 4.03 -90.38 17.28
N LYS G 437 5.32 -90.33 17.61
CA LYS G 437 5.76 -89.89 18.93
C LYS G 437 6.58 -88.62 18.89
N THR G 438 7.69 -88.60 18.15
CA THR G 438 8.68 -87.54 18.20
C THR G 438 9.02 -87.08 16.79
N THR G 439 9.87 -86.06 16.68
CA THR G 439 10.24 -85.55 15.36
C THR G 439 10.93 -86.62 14.53
N THR G 440 11.88 -87.36 15.15
CA THR G 440 12.50 -88.48 14.46
C THR G 440 11.47 -89.53 14.07
N ALA G 441 10.52 -89.81 14.97
CA ALA G 441 9.51 -90.83 14.70
C ALA G 441 8.67 -90.45 13.48
N VAL G 442 8.21 -89.18 13.44
CA VAL G 442 7.36 -88.77 12.33
C VAL G 442 8.16 -88.70 11.04
N TYR G 443 9.43 -88.28 11.11
CA TYR G 443 10.26 -88.28 9.92
C TYR G 443 10.45 -89.69 9.37
N VAL G 444 10.71 -90.65 10.26
CA VAL G 444 10.88 -92.04 9.82
C VAL G 444 9.59 -92.59 9.23
N PHE G 445 8.45 -92.28 9.86
CA PHE G 445 7.16 -92.73 9.34
C PHE G 445 6.88 -92.14 7.97
N PHE G 446 7.15 -90.84 7.79
CA PHE G 446 6.93 -90.21 6.50
C PHE G 446 7.83 -90.79 5.42
N LEU G 447 9.11 -91.00 5.75
CA LEU G 447 10.02 -91.59 4.77
C LEU G 447 9.57 -93.01 4.40
N SER G 448 9.14 -93.80 5.39
CA SER G 448 8.68 -95.15 5.10
C SER G 448 7.41 -95.13 4.24
N SER G 449 6.52 -94.17 4.51
CA SER G 449 5.31 -94.02 3.70
C SER G 449 5.65 -93.66 2.26
N LEU G 450 6.60 -92.75 2.06
CA LEU G 450 7.04 -92.42 0.71
C LEU G 450 7.70 -93.62 0.03
N LEU G 451 8.53 -94.36 0.77
CA LEU G 451 9.31 -95.47 0.25
C LEU G 451 8.66 -96.81 0.55
N GLN G 452 7.33 -96.87 0.57
CA GLN G 452 6.64 -98.11 0.90
C GLN G 452 6.59 -99.06 -0.29
N SER G 453 6.19 -98.56 -1.46
CA SER G 453 6.01 -99.38 -2.64
C SER G 453 7.30 -99.54 -3.44
N ARG G 454 8.45 -99.17 -2.87
CA ARG G 454 9.74 -99.30 -3.55
C ARG G 454 10.46 -100.58 -3.17
N GLY G 455 9.90 -101.38 -2.27
CA GLY G 455 10.54 -102.62 -1.86
C GLY G 455 9.95 -103.20 -0.59
N LEU G 461 16.91 -103.82 -5.08
CA LEU G 461 16.52 -102.74 -5.97
C LEU G 461 16.75 -101.38 -5.31
N PHE G 462 15.70 -100.89 -4.63
CA PHE G 462 15.81 -99.60 -3.94
C PHE G 462 16.66 -99.68 -2.69
N SER G 463 16.92 -100.89 -2.18
CA SER G 463 17.78 -101.02 -1.00
C SER G 463 19.17 -100.46 -1.26
N ASP G 464 19.68 -100.64 -2.48
CA ASP G 464 20.96 -100.02 -2.85
C ASP G 464 20.81 -98.56 -3.25
N TYR G 465 19.67 -98.17 -3.83
CA TYR G 465 19.47 -96.78 -4.22
C TYR G 465 19.45 -95.86 -3.01
N LEU G 466 18.73 -96.27 -1.95
CA LEU G 466 18.68 -95.46 -0.74
C LEU G 466 20.06 -95.33 -0.12
N GLN G 467 20.82 -96.43 -0.10
CA GLN G 467 22.17 -96.37 0.46
C GLN G 467 23.08 -95.48 -0.38
N GLY G 468 22.96 -95.53 -1.70
CA GLY G 468 23.78 -94.68 -2.55
C GLY G 468 23.48 -93.21 -2.38
N LEU G 469 22.20 -92.84 -2.32
CA LEU G 469 21.85 -91.45 -2.06
C LEU G 469 22.27 -91.03 -0.66
N CYS G 470 22.11 -91.93 0.31
CA CYS G 470 22.47 -91.64 1.69
C CYS G 470 23.97 -91.38 1.83
N SER G 471 24.81 -92.25 1.25
CA SER G 471 26.25 -92.17 1.46
C SER G 471 26.87 -91.00 0.74
N LEU G 472 26.01 -90.14 0.21
CA LEU G 472 26.44 -88.95 -0.52
C LEU G 472 25.73 -87.70 -0.05
N ALA G 473 24.55 -87.82 0.56
CA ALA G 473 23.80 -86.63 0.95
C ALA G 473 24.52 -85.91 2.08
N ALA G 474 24.96 -86.67 3.08
CA ALA G 474 25.54 -86.10 4.28
C ALA G 474 26.82 -85.32 3.97
N ASP G 475 27.57 -85.76 2.97
CA ASP G 475 28.78 -85.05 2.55
C ASP G 475 28.48 -83.61 2.10
N GLY G 476 27.23 -83.31 1.76
CA GLY G 476 26.86 -81.93 1.49
C GLY G 476 27.19 -80.99 2.62
N ILE G 477 27.06 -81.46 3.85
CA ILE G 477 27.46 -80.66 5.00
C ILE G 477 28.74 -81.18 5.64
N TRP G 478 29.10 -82.44 5.45
CA TRP G 478 30.35 -82.97 5.97
C TRP G 478 31.54 -82.34 5.25
N ASN G 479 31.67 -82.58 3.95
CA ASN G 479 32.66 -81.85 3.18
C ASN G 479 32.28 -80.39 2.99
N GLN G 480 31.08 -80.02 3.43
CA GLN G 480 30.57 -78.65 3.38
C GLN G 480 30.49 -78.15 1.94
N LYS G 481 29.91 -78.99 1.10
CA LYS G 481 29.46 -78.59 -0.24
C LYS G 481 27.98 -78.93 -0.27
N ILE G 482 27.18 -78.06 0.34
CA ILE G 482 25.74 -78.29 0.42
C ILE G 482 25.12 -78.37 -0.96
N LEU G 483 25.73 -77.69 -1.93
CA LEU G 483 25.24 -77.73 -3.30
C LEU G 483 25.86 -78.91 -4.04
N PHE G 484 25.01 -79.72 -4.67
CA PHE G 484 25.41 -80.95 -5.33
C PHE G 484 25.88 -80.77 -6.76
N GLU G 485 25.85 -79.55 -7.29
CA GLU G 485 26.20 -79.26 -8.69
C GLU G 485 25.33 -80.09 -9.64
N GLU G 486 24.03 -79.75 -9.62
CA GLU G 486 22.99 -80.44 -10.37
C GLU G 486 23.06 -81.95 -10.15
N CYS G 487 23.60 -82.33 -8.99
CA CYS G 487 23.75 -83.73 -8.58
C CYS G 487 24.69 -84.49 -9.51
N ASP G 488 25.84 -83.88 -9.80
CA ASP G 488 26.90 -84.58 -10.52
C ASP G 488 27.66 -85.54 -9.62
N LEU G 489 27.81 -85.21 -8.33
CA LEU G 489 28.28 -86.21 -7.38
C LEU G 489 27.31 -87.38 -7.32
N ARG G 490 26.01 -87.12 -7.37
CA ARG G 490 25.03 -88.18 -7.50
C ARG G 490 25.17 -88.93 -8.82
N LYS G 491 25.48 -88.22 -9.91
CA LYS G 491 25.78 -88.87 -11.17
C LYS G 491 26.93 -89.86 -11.02
N HIS G 492 27.88 -89.55 -10.15
CA HIS G 492 28.89 -90.54 -9.78
C HIS G 492 28.29 -91.65 -8.91
N GLY G 493 27.48 -91.28 -7.92
CA GLY G 493 26.92 -92.23 -6.98
C GLY G 493 25.46 -92.55 -7.22
N LEU G 494 25.16 -93.70 -7.84
CA LEU G 494 23.80 -94.23 -7.95
C LEU G 494 22.87 -93.26 -8.67
N GLN G 495 23.18 -93.05 -9.96
CA GLN G 495 22.34 -92.27 -10.86
C GLN G 495 21.57 -93.25 -11.74
N LYS G 496 20.27 -93.40 -11.46
CA LYS G 496 19.38 -94.23 -12.26
C LYS G 496 18.05 -93.49 -12.40
N THR G 497 17.02 -94.22 -12.84
CA THR G 497 15.67 -93.68 -12.85
C THR G 497 15.14 -93.46 -11.44
N ASP G 498 15.77 -94.08 -10.45
CA ASP G 498 15.43 -93.79 -9.05
C ASP G 498 15.58 -92.31 -8.74
N VAL G 499 16.56 -91.65 -9.36
CA VAL G 499 16.72 -90.20 -9.17
C VAL G 499 15.52 -89.45 -9.71
N SER G 500 15.03 -89.85 -10.88
CA SER G 500 13.83 -89.24 -11.44
C SER G 500 12.64 -89.45 -10.52
N ALA G 501 12.51 -90.65 -9.95
CA ALA G 501 11.42 -90.92 -9.01
C ALA G 501 11.55 -90.05 -7.76
N PHE G 502 12.77 -89.90 -7.24
CA PHE G 502 12.98 -89.07 -6.06
C PHE G 502 12.61 -87.62 -6.35
N LEU G 503 13.03 -87.10 -7.51
CA LEU G 503 12.68 -85.74 -7.88
C LEU G 503 11.18 -85.58 -8.06
N ARG G 504 10.52 -86.60 -8.63
CA ARG G 504 9.08 -86.52 -8.84
C ARG G 504 8.32 -86.49 -7.52
N MET G 505 8.74 -87.29 -6.54
CA MET G 505 8.09 -87.22 -5.24
C MET G 505 8.61 -86.08 -4.37
N ASN G 506 9.67 -85.40 -4.80
CA ASN G 506 10.29 -84.31 -4.06
C ASN G 506 10.40 -83.07 -4.94
N VAL G 507 9.26 -82.68 -5.54
CA VAL G 507 9.20 -81.63 -6.55
C VAL G 507 10.00 -80.39 -6.15
N PHE G 508 10.15 -80.14 -4.86
CA PHE G 508 10.88 -78.96 -4.39
C PHE G 508 12.38 -79.16 -4.34
N GLN G 509 12.92 -80.11 -5.11
CA GLN G 509 14.36 -80.36 -5.13
C GLN G 509 15.06 -79.52 -6.19
N LYS G 510 14.66 -79.66 -7.45
CA LYS G 510 15.31 -78.96 -8.56
C LYS G 510 14.63 -77.65 -8.90
N GLU G 511 13.31 -77.56 -8.71
CA GLU G 511 12.54 -76.42 -9.20
C GLU G 511 12.92 -75.12 -8.50
N VAL G 512 13.42 -75.19 -7.26
CA VAL G 512 13.77 -73.97 -6.54
C VAL G 512 14.92 -73.24 -7.20
N ASP G 513 15.85 -73.98 -7.82
CA ASP G 513 16.98 -73.34 -8.49
C ASP G 513 16.60 -72.76 -9.84
N CYS G 514 15.63 -73.35 -10.53
CA CYS G 514 14.87 -72.82 -11.66
C CYS G 514 15.66 -72.83 -12.97
N GLU G 515 16.95 -73.14 -12.98
CA GLU G 515 17.69 -73.20 -14.25
C GLU G 515 18.22 -74.59 -14.56
N ARG G 516 19.10 -75.14 -13.74
CA ARG G 516 19.63 -76.48 -13.97
C ARG G 516 19.79 -77.31 -12.70
N PHE G 517 19.70 -76.72 -11.53
CA PHE G 517 20.41 -77.22 -10.35
C PHE G 517 19.50 -78.04 -9.46
N TYR G 518 20.11 -78.98 -8.73
CA TYR G 518 19.39 -79.94 -7.90
C TYR G 518 19.84 -79.81 -6.47
N SER G 519 18.91 -79.97 -5.53
CA SER G 519 19.19 -79.77 -4.11
C SER G 519 18.09 -80.48 -3.31
N PHE G 520 17.99 -80.15 -2.03
CA PHE G 520 16.95 -80.67 -1.15
C PHE G 520 16.03 -79.53 -0.73
N SER G 521 14.95 -79.87 -0.04
CA SER G 521 13.92 -78.88 0.28
C SER G 521 14.39 -77.88 1.35
N HIS G 522 14.60 -78.35 2.57
CA HIS G 522 15.14 -77.49 3.64
C HIS G 522 16.19 -78.24 4.44
N MET G 523 16.99 -79.07 3.76
CA MET G 523 18.17 -79.72 4.32
C MET G 523 17.86 -80.54 5.57
N THR G 524 16.57 -80.69 5.90
CA THR G 524 16.21 -81.45 7.08
C THR G 524 16.14 -82.93 6.76
N PHE G 525 15.52 -83.27 5.63
CA PHE G 525 15.65 -84.63 5.13
C PHE G 525 17.09 -84.95 4.81
N GLN G 526 17.88 -83.94 4.41
CA GLN G 526 19.31 -84.16 4.21
C GLN G 526 20.00 -84.57 5.50
N GLU G 527 19.68 -83.90 6.62
CA GLU G 527 20.29 -84.31 7.88
C GLU G 527 19.73 -85.65 8.35
N PHE G 528 18.49 -85.94 7.99
CA PHE G 528 17.94 -87.25 8.28
C PHE G 528 18.70 -88.34 7.53
N PHE G 529 19.04 -88.08 6.27
CA PHE G 529 19.88 -89.00 5.52
C PHE G 529 21.29 -89.06 6.08
N ALA G 530 21.78 -87.97 6.68
CA ALA G 530 23.07 -88.03 7.35
C ALA G 530 23.03 -88.96 8.57
N ALA G 531 21.92 -88.94 9.31
CA ALA G 531 21.72 -89.91 10.37
C ALA G 531 21.63 -91.33 9.82
N MET G 532 20.93 -91.48 8.69
CA MET G 532 20.90 -92.76 7.99
C MET G 532 22.30 -93.25 7.65
N TYR G 533 23.18 -92.35 7.19
CA TYR G 533 24.55 -92.74 6.86
C TYR G 533 25.21 -93.51 7.98
N TYR G 534 25.33 -92.90 9.16
CA TYR G 534 25.93 -93.62 10.29
C TYR G 534 25.10 -94.82 10.69
N LEU G 535 23.81 -94.84 10.36
CA LEU G 535 23.00 -96.02 10.61
C LEU G 535 23.45 -97.18 9.73
N LEU G 536 23.85 -96.89 8.50
CA LEU G 536 24.31 -97.88 7.54
C LEU G 536 25.83 -97.94 7.54
N GLU G 537 26.36 -98.92 6.83
CA GLU G 537 27.81 -99.09 6.69
C GLU G 537 28.17 -99.89 5.45
N ARG G 558 30.79 -93.68 9.60
CA ARG G 558 32.22 -93.78 9.86
C ARG G 558 32.57 -93.62 11.34
N ASP G 559 33.63 -92.86 11.60
CA ASP G 559 34.06 -92.58 12.96
C ASP G 559 33.17 -91.55 13.63
N VAL G 560 32.79 -91.81 14.88
CA VAL G 560 31.98 -90.89 15.67
C VAL G 560 32.82 -89.86 16.42
N LYS G 561 34.13 -90.07 16.51
CA LYS G 561 34.98 -89.21 17.33
C LYS G 561 34.99 -87.79 16.80
N VAL G 562 35.31 -87.64 15.51
CA VAL G 562 35.41 -86.32 14.92
C VAL G 562 34.06 -85.64 14.85
N LEU G 563 32.97 -86.37 14.61
CA LEU G 563 31.66 -85.72 14.61
C LEU G 563 31.33 -85.14 15.97
N LEU G 564 31.46 -85.94 17.04
CA LEU G 564 31.15 -85.40 18.36
C LEU G 564 32.13 -84.31 18.79
N GLU G 565 33.38 -84.36 18.34
CA GLU G 565 34.28 -83.23 18.54
C GLU G 565 33.80 -81.98 17.83
N ASN G 566 33.34 -82.12 16.59
CA ASN G 566 32.86 -81.05 15.75
C ASN G 566 31.40 -80.64 16.05
N TYR G 567 30.86 -81.03 17.21
CA TYR G 567 29.45 -80.79 17.50
C TYR G 567 29.13 -79.30 17.60
N GLY G 568 28.27 -78.84 16.70
CA GLY G 568 27.67 -77.52 16.78
C GLY G 568 28.48 -76.42 16.15
N LYS G 569 29.56 -76.78 15.46
CA LYS G 569 30.52 -75.88 14.84
C LYS G 569 29.86 -75.32 13.59
N PHE G 570 30.68 -74.89 12.64
CA PHE G 570 30.23 -74.04 11.55
C PHE G 570 30.95 -74.50 10.29
N GLU G 571 31.35 -75.76 10.28
CA GLU G 571 32.13 -76.44 9.24
C GLU G 571 31.35 -77.61 8.67
N LYS G 572 30.72 -78.42 9.53
CA LYS G 572 29.85 -79.50 9.10
C LYS G 572 28.37 -79.15 9.19
N GLY G 573 28.05 -77.95 9.65
CA GLY G 573 26.68 -77.43 9.64
C GLY G 573 25.87 -77.61 10.90
N TYR G 574 26.39 -77.11 12.01
CA TYR G 574 25.76 -77.08 13.33
C TYR G 574 25.48 -78.45 13.93
N LEU G 575 25.38 -79.49 13.09
CA LEU G 575 25.10 -80.84 13.55
C LEU G 575 23.87 -80.94 14.45
N ILE G 576 23.12 -79.86 14.59
CA ILE G 576 21.99 -79.86 15.51
C ILE G 576 20.98 -80.94 15.13
N PHE G 577 20.36 -80.83 13.96
CA PHE G 577 19.36 -81.82 13.57
C PHE G 577 20.01 -83.16 13.31
N VAL G 578 21.29 -83.17 12.97
CA VAL G 578 22.01 -84.41 12.77
C VAL G 578 21.97 -85.24 14.05
N VAL G 579 22.51 -84.69 15.13
CA VAL G 579 22.52 -85.38 16.40
C VAL G 579 21.11 -85.60 16.92
N ARG G 580 20.20 -84.67 16.61
CA ARG G 580 18.81 -84.85 17.02
C ARG G 580 18.25 -86.15 16.46
N PHE G 581 18.38 -86.34 15.14
CA PHE G 581 17.91 -87.58 14.54
C PHE G 581 18.74 -88.78 14.99
N LEU G 582 20.03 -88.59 15.23
CA LEU G 582 20.84 -89.68 15.78
C LEU G 582 20.26 -90.20 17.08
N PHE G 583 19.94 -89.29 18.01
CA PHE G 583 19.32 -89.71 19.27
C PHE G 583 17.95 -90.31 19.02
N GLY G 584 17.18 -89.73 18.10
CA GLY G 584 15.85 -90.26 17.88
C GLY G 584 15.90 -91.70 17.39
N LEU G 585 16.90 -92.01 16.56
CA LEU G 585 17.05 -93.34 15.98
C LEU G 585 17.63 -94.34 16.97
N VAL G 586 18.60 -93.93 17.80
CA VAL G 586 19.37 -94.89 18.57
C VAL G 586 18.51 -95.58 19.63
N ASN G 587 17.24 -95.18 19.70
CA ASN G 587 16.29 -95.87 20.56
C ASN G 587 16.30 -97.34 20.16
N GLN G 588 16.38 -98.24 21.14
CA GLN G 588 16.65 -99.66 20.85
C GLN G 588 15.55 -100.30 19.99
N GLU G 589 14.29 -99.99 20.25
CA GLU G 589 13.23 -100.49 19.38
C GLU G 589 13.37 -100.00 17.94
N ARG G 590 13.66 -98.72 17.75
CA ARG G 590 13.91 -98.21 16.41
C ARG G 590 15.17 -98.81 15.80
N THR G 591 16.18 -99.08 16.64
CA THR G 591 17.39 -99.76 16.19
C THR G 591 17.05 -101.11 15.57
N SER G 592 16.29 -101.93 16.30
CA SER G 592 15.92 -103.25 15.77
C SER G 592 15.07 -103.10 14.52
N TYR G 593 14.11 -102.17 14.53
CA TYR G 593 13.23 -102.00 13.38
C TYR G 593 14.03 -101.61 12.14
N LEU G 594 14.98 -100.70 12.28
CA LEU G 594 15.76 -100.24 11.13
C LEU G 594 16.79 -101.27 10.70
N GLU G 595 17.41 -101.97 11.66
CA GLU G 595 18.35 -103.03 11.29
C GLU G 595 17.64 -104.17 10.57
N LYS G 596 16.35 -104.33 10.79
CA LYS G 596 15.58 -105.32 10.03
C LYS G 596 15.09 -104.77 8.70
N LYS G 597 14.67 -103.50 8.68
CA LYS G 597 14.09 -102.91 7.49
C LYS G 597 15.15 -102.65 6.42
N LEU G 598 16.28 -102.08 6.82
CA LEU G 598 17.31 -101.63 5.89
C LEU G 598 18.42 -102.65 5.67
N SER G 599 18.34 -103.82 6.31
CA SER G 599 19.39 -104.84 6.21
C SER G 599 20.76 -104.27 6.56
N CYS G 600 20.81 -103.43 7.60
CA CYS G 600 22.01 -102.68 7.94
C CYS G 600 22.42 -102.94 9.38
N LYS G 601 23.74 -102.96 9.61
CA LYS G 601 24.31 -103.08 10.94
C LYS G 601 24.55 -101.69 11.51
N ILE G 602 24.17 -101.49 12.78
CA ILE G 602 24.38 -100.23 13.47
C ILE G 602 25.15 -100.51 14.75
N SER G 603 26.06 -99.61 15.07
CA SER G 603 26.97 -99.77 16.21
C SER G 603 26.31 -99.26 17.47
N GLN G 604 26.55 -99.96 18.58
CA GLN G 604 26.03 -99.53 19.86
C GLN G 604 27.04 -98.68 20.62
N GLN G 605 28.29 -98.64 20.14
CA GLN G 605 29.32 -97.83 20.77
C GLN G 605 28.90 -96.37 20.84
N VAL G 606 28.19 -95.89 19.81
CA VAL G 606 27.75 -94.50 19.76
C VAL G 606 26.92 -94.15 21.00
N ARG G 607 26.13 -95.10 21.50
CA ARG G 607 25.36 -94.85 22.72
C ARG G 607 26.30 -94.44 23.85
N LEU G 608 27.39 -95.19 24.02
CA LEU G 608 28.38 -94.84 25.04
C LEU G 608 29.01 -93.50 24.70
N GLU G 609 29.28 -93.26 23.43
CA GLU G 609 29.89 -92.00 23.03
C GLU G 609 29.03 -90.82 23.49
N LEU G 610 27.73 -90.90 23.22
CA LEU G 610 26.77 -89.91 23.70
C LEU G 610 26.87 -89.74 25.21
N LEU G 611 26.88 -90.87 25.93
CA LEU G 611 27.13 -90.85 27.38
C LEU G 611 28.35 -89.98 27.73
N LYS G 612 29.51 -90.34 27.18
CA LYS G 612 30.74 -89.59 27.37
C LYS G 612 30.53 -88.10 27.11
N TRP G 613 29.90 -87.80 25.98
CA TRP G 613 29.56 -86.43 25.62
C TRP G 613 28.81 -85.76 26.75
N ILE G 614 27.79 -86.43 27.29
CA ILE G 614 27.01 -85.86 28.39
C ILE G 614 27.89 -85.51 29.59
N GLU G 615 28.75 -86.43 30.05
CA GLU G 615 29.64 -85.99 31.15
C GLU G 615 30.50 -84.78 30.75
N VAL G 616 31.00 -84.77 29.51
CA VAL G 616 31.80 -83.63 29.06
C VAL G 616 31.00 -82.33 29.15
N LYS G 617 29.78 -82.31 28.60
CA LYS G 617 29.03 -81.06 28.71
C LYS G 617 28.53 -80.83 30.12
N ALA G 618 28.57 -81.85 30.98
CA ALA G 618 28.37 -81.63 32.40
C ALA G 618 29.50 -80.80 32.98
N LYS G 619 30.72 -81.07 32.52
CA LYS G 619 31.90 -80.43 33.06
C LYS G 619 32.26 -79.16 32.29
N ALA G 620 31.53 -78.85 31.23
CA ALA G 620 31.78 -77.64 30.45
C ALA G 620 31.20 -76.46 31.22
N LYS G 621 32.06 -75.63 31.80
CA LYS G 621 31.59 -74.48 32.56
C LYS G 621 31.14 -73.31 31.69
N LYS G 622 31.53 -73.28 30.41
CA LYS G 622 31.12 -72.22 29.51
C LYS G 622 29.82 -72.60 28.80
N LEU G 623 28.75 -72.69 29.60
CA LEU G 623 27.45 -73.05 29.04
C LEU G 623 26.71 -71.88 28.43
N GLN G 624 27.20 -70.65 28.58
CA GLN G 624 26.49 -69.50 28.01
C GLN G 624 26.71 -69.39 26.50
N TRP G 625 27.92 -69.69 26.03
CA TRP G 625 28.25 -69.58 24.62
C TRP G 625 28.43 -70.94 23.95
N GLN G 626 28.00 -72.01 24.60
CA GLN G 626 28.04 -73.36 24.07
C GLN G 626 26.62 -73.91 24.09
N PRO G 627 26.34 -75.02 23.42
CA PRO G 627 24.95 -75.53 23.38
C PRO G 627 24.40 -75.80 24.78
N SER G 628 23.14 -75.43 24.98
CA SER G 628 22.52 -75.38 26.30
C SER G 628 22.23 -76.78 26.81
N GLN G 629 21.49 -76.84 27.92
CA GLN G 629 20.88 -78.07 28.41
C GLN G 629 19.60 -78.42 27.67
N LEU G 630 19.05 -77.49 26.90
CA LEU G 630 17.73 -77.70 26.31
C LEU G 630 17.79 -78.71 25.17
N GLU G 631 18.81 -78.62 24.31
CA GLU G 631 18.92 -79.60 23.23
C GLU G 631 19.40 -80.95 23.74
N LEU G 632 20.18 -80.98 24.83
CA LEU G 632 20.43 -82.25 25.49
C LEU G 632 19.13 -82.90 25.95
N PHE G 633 18.24 -82.09 26.55
CA PHE G 633 16.94 -82.61 26.94
C PHE G 633 16.17 -83.10 25.73
N TYR G 634 16.22 -82.33 24.64
CA TYR G 634 15.62 -82.75 23.38
C TYR G 634 16.09 -84.14 22.99
N CYS G 635 17.40 -84.35 23.01
CA CYS G 635 17.97 -85.61 22.56
C CYS G 635 17.56 -86.77 23.47
N LEU G 636 17.73 -86.60 24.77
CA LEU G 636 17.38 -87.69 25.70
C LEU G 636 15.89 -88.03 25.60
N TYR G 637 15.04 -87.03 25.43
CA TYR G 637 13.64 -87.31 25.15
C TYR G 637 13.46 -88.04 23.84
N GLU G 638 14.19 -87.62 22.81
CA GLU G 638 14.02 -88.23 21.49
C GLU G 638 14.50 -89.67 21.48
N MET G 639 15.32 -90.06 22.47
CA MET G 639 15.84 -91.41 22.51
C MET G 639 15.20 -92.30 23.58
N GLN G 640 14.34 -91.74 24.44
CA GLN G 640 13.45 -92.53 25.27
C GLN G 640 14.04 -93.78 25.93
N GLU G 641 15.23 -93.68 26.51
CA GLU G 641 15.77 -94.80 27.28
C GLU G 641 15.85 -94.43 28.74
N GLU G 642 15.29 -95.27 29.61
CA GLU G 642 15.21 -94.97 31.04
C GLU G 642 16.59 -94.85 31.65
N ASP G 643 17.37 -95.92 31.63
CA ASP G 643 18.65 -95.92 32.32
C ASP G 643 19.60 -94.90 31.72
N PHE G 644 19.54 -94.75 30.38
CA PHE G 644 20.39 -93.76 29.72
C PHE G 644 20.05 -92.35 30.14
N VAL G 645 18.75 -92.02 30.21
CA VAL G 645 18.35 -90.69 30.67
C VAL G 645 18.76 -90.49 32.12
N GLN G 646 18.62 -91.53 32.94
CA GLN G 646 19.04 -91.45 34.33
C GLN G 646 20.53 -91.12 34.43
N SER G 647 21.36 -91.86 33.70
CA SER G 647 22.80 -91.64 33.74
C SER G 647 23.15 -90.27 33.22
N ALA G 648 22.45 -89.82 32.17
CA ALA G 648 22.69 -88.49 31.62
C ALA G 648 22.38 -87.41 32.64
N MET G 649 21.28 -87.58 33.38
CA MET G 649 20.91 -86.58 34.38
C MET G 649 21.80 -86.66 35.61
N ASP G 650 22.39 -87.82 35.87
CA ASP G 650 23.25 -87.97 37.05
C ASP G 650 24.41 -86.98 37.01
N HIS G 651 24.93 -86.71 35.81
CA HIS G 651 26.06 -85.79 35.66
C HIS G 651 25.68 -84.35 35.94
N PHE G 652 24.39 -84.04 36.06
CA PHE G 652 23.93 -82.66 36.23
C PHE G 652 23.20 -82.55 37.56
N PRO G 653 23.77 -81.89 38.58
CA PRO G 653 23.05 -81.73 39.85
C PRO G 653 22.10 -80.55 39.84
N LYS G 654 22.20 -79.66 38.86
CA LYS G 654 21.38 -78.46 38.81
C LYS G 654 21.03 -78.16 37.37
N ILE G 655 19.80 -77.71 37.14
CA ILE G 655 19.26 -77.53 35.80
C ILE G 655 18.94 -76.06 35.61
N GLU G 656 19.32 -75.51 34.47
CA GLU G 656 18.99 -74.14 34.10
C GLU G 656 18.49 -74.19 32.66
N ILE G 657 17.18 -74.03 32.48
CA ILE G 657 16.58 -73.98 31.16
C ILE G 657 15.56 -72.84 31.14
N ASN G 658 15.11 -72.51 29.94
CA ASN G 658 14.14 -71.44 29.75
C ASN G 658 13.15 -71.91 28.69
N LEU G 659 11.94 -72.22 29.12
CA LEU G 659 10.97 -72.83 28.23
C LEU G 659 10.41 -71.81 27.24
N SER G 660 10.37 -72.20 25.98
CA SER G 660 9.74 -71.42 24.92
C SER G 660 8.65 -72.17 24.20
N THR G 661 8.84 -73.46 23.93
CA THR G 661 7.84 -74.30 23.31
C THR G 661 7.23 -75.27 24.31
N ARG G 662 6.02 -75.72 23.98
CA ARG G 662 5.45 -76.81 24.74
C ARG G 662 6.28 -78.06 24.53
N MET G 663 6.98 -78.16 23.40
CA MET G 663 7.97 -79.21 23.22
C MET G 663 9.07 -79.08 24.27
N ASP G 664 9.44 -77.84 24.60
CA ASP G 664 10.37 -77.63 25.71
C ASP G 664 9.79 -78.13 27.01
N HIS G 665 8.51 -77.83 27.25
CA HIS G 665 7.85 -78.32 28.46
C HIS G 665 7.87 -79.84 28.53
N VAL G 666 7.54 -80.51 27.43
CA VAL G 666 7.45 -81.97 27.45
C VAL G 666 8.83 -82.58 27.66
N VAL G 667 9.85 -82.09 26.95
CA VAL G 667 11.17 -82.69 27.11
C VAL G 667 11.70 -82.43 28.51
N SER G 668 11.42 -81.26 29.07
CA SER G 668 11.82 -80.98 30.44
C SER G 668 11.13 -81.93 31.40
N SER G 669 9.83 -82.14 31.21
CA SER G 669 9.10 -83.08 32.06
C SER G 669 9.71 -84.47 31.97
N PHE G 670 9.97 -84.93 30.75
CA PHE G 670 10.52 -86.26 30.55
C PHE G 670 11.85 -86.43 31.25
N CYS G 671 12.78 -85.49 31.03
CA CYS G 671 14.09 -85.63 31.65
C CYS G 671 14.00 -85.54 33.16
N ILE G 672 13.22 -84.57 33.67
CA ILE G 672 13.20 -84.32 35.10
C ILE G 672 12.50 -85.46 35.84
N LYS G 673 11.52 -86.12 35.22
CA LYS G 673 10.93 -87.26 35.91
C LYS G 673 11.86 -88.47 35.94
N ASN G 674 13.08 -88.35 35.44
CA ASN G 674 14.06 -89.42 35.47
C ASN G 674 15.38 -88.91 36.00
N CYS G 675 15.32 -88.19 37.12
CA CYS G 675 16.50 -87.62 37.77
C CYS G 675 16.61 -88.15 39.18
N HIS G 676 17.85 -88.43 39.59
CA HIS G 676 18.12 -88.82 40.98
C HIS G 676 19.31 -88.07 41.54
N ARG G 677 20.24 -87.66 40.67
CA ARG G 677 21.38 -86.84 41.07
C ARG G 677 21.22 -85.38 40.66
N VAL G 678 20.01 -84.85 40.70
CA VAL G 678 19.74 -83.45 40.44
C VAL G 678 19.23 -82.82 41.72
N LYS G 679 19.92 -81.78 42.19
CA LYS G 679 19.55 -81.12 43.43
C LYS G 679 18.63 -79.94 43.16
N THR G 680 19.13 -78.93 42.46
CA THR G 680 18.39 -77.70 42.26
C THR G 680 17.75 -77.69 40.88
N LEU G 681 16.51 -77.21 40.82
CA LEU G 681 15.73 -77.15 39.58
C LEU G 681 15.27 -75.72 39.36
N SER G 682 16.06 -74.95 38.62
CA SER G 682 15.71 -73.59 38.24
C SER G 682 15.10 -73.64 36.85
N LEU G 683 13.96 -72.99 36.68
CA LEU G 683 13.22 -73.04 35.43
C LEU G 683 12.89 -71.63 34.97
N GLY G 684 13.12 -71.38 33.69
CA GLY G 684 12.79 -70.11 33.07
C GLY G 684 11.54 -70.13 32.23
N PHE G 685 10.44 -69.59 32.74
CA PHE G 685 9.19 -69.62 32.00
C PHE G 685 9.17 -68.40 31.10
N PHE G 686 8.91 -68.62 29.81
CA PHE G 686 8.78 -67.55 28.83
C PHE G 686 7.49 -67.75 28.04
N HIS G 687 6.38 -67.22 28.55
CA HIS G 687 5.09 -67.33 27.89
C HIS G 687 4.94 -66.27 26.82
N LEU G 726 -3.55 -72.79 31.28
CA LEU G 726 -2.65 -73.48 30.35
C LEU G 726 -1.37 -73.91 31.06
N THR G 727 -0.65 -72.95 31.66
CA THR G 727 0.58 -73.29 32.37
C THR G 727 0.31 -74.17 33.58
N SER G 728 -0.94 -74.22 34.03
CA SER G 728 -1.30 -75.06 35.17
C SER G 728 -0.85 -76.50 34.96
N SER G 729 -1.38 -77.16 33.93
CA SER G 729 -1.01 -78.55 33.69
C SER G 729 0.46 -78.71 33.31
N PHE G 730 1.03 -77.75 32.56
CA PHE G 730 2.44 -77.85 32.21
C PHE G 730 3.31 -77.95 33.47
N CYS G 731 3.30 -76.91 34.30
CA CYS G 731 4.12 -76.93 35.50
C CYS G 731 3.68 -78.04 36.45
N ARG G 732 2.40 -78.43 36.42
CA ARG G 732 1.96 -79.55 37.24
C ARG G 732 2.71 -80.82 36.84
N GLY G 733 2.88 -81.05 35.54
CA GLY G 733 3.72 -82.14 35.09
C GLY G 733 5.17 -81.92 35.47
N LEU G 734 5.66 -80.68 35.30
CA LEU G 734 7.04 -80.37 35.58
C LEU G 734 7.42 -80.72 37.02
N PHE G 735 6.46 -80.63 37.93
CA PHE G 735 6.74 -80.85 39.34
C PHE G 735 6.14 -82.13 39.87
N SER G 736 5.29 -82.81 39.10
CA SER G 736 5.07 -84.23 39.32
C SER G 736 6.33 -85.02 38.98
N SER G 737 7.11 -84.52 38.03
CA SER G 737 8.48 -84.99 37.89
C SER G 737 9.26 -84.82 39.18
N LEU G 738 9.03 -83.73 39.92
CA LEU G 738 9.64 -83.62 41.24
C LEU G 738 9.03 -84.59 42.24
N SER G 739 7.74 -84.90 42.08
CA SER G 739 7.12 -85.97 42.86
C SER G 739 7.77 -87.31 42.60
N THR G 740 8.40 -87.50 41.45
CA THR G 740 9.24 -88.66 41.22
C THR G 740 10.70 -88.41 41.58
N ASN G 741 11.09 -87.16 41.78
CA ASN G 741 12.42 -86.77 42.23
C ASN G 741 12.59 -86.87 43.74
N ARG G 742 11.73 -87.65 44.41
CA ARG G 742 11.80 -87.88 45.85
C ARG G 742 13.16 -88.36 46.34
N SER G 743 14.05 -88.77 45.44
CA SER G 743 15.42 -89.06 45.85
C SER G 743 16.05 -87.82 46.48
N LEU G 744 16.02 -86.69 45.77
CA LEU G 744 16.49 -85.42 46.31
C LEU G 744 16.16 -84.34 45.30
N THR G 745 15.82 -83.15 45.81
CA THR G 745 15.50 -82.04 44.92
C THR G 745 15.61 -80.73 45.71
N GLU G 746 15.74 -79.64 44.96
CA GLU G 746 15.70 -78.26 45.44
C GLU G 746 15.13 -77.44 44.29
N LEU G 747 14.45 -76.34 44.62
CA LEU G 747 13.68 -75.64 43.61
C LEU G 747 13.94 -74.15 43.64
N ASP G 748 13.97 -73.55 42.45
CA ASP G 748 13.96 -72.11 42.29
C ASP G 748 13.00 -71.77 41.15
N LEU G 749 12.18 -70.74 41.38
CA LEU G 749 11.37 -70.11 40.33
C LEU G 749 11.43 -68.62 40.62
N SER G 750 12.42 -67.95 40.04
CA SER G 750 12.65 -66.53 40.29
C SER G 750 12.66 -65.78 38.96
N ASP G 751 12.30 -64.50 39.04
CA ASP G 751 12.28 -63.61 37.89
C ASP G 751 11.40 -64.17 36.77
N ASN G 752 10.34 -64.87 37.15
CA ASN G 752 9.39 -65.43 36.21
C ASN G 752 7.97 -65.20 36.68
N THR G 753 7.11 -64.73 35.78
CA THR G 753 5.77 -64.30 36.14
C THR G 753 4.82 -65.50 36.21
N LEU G 754 4.63 -66.04 37.41
CA LEU G 754 3.62 -67.07 37.61
C LEU G 754 2.24 -66.43 37.62
N GLY G 755 1.40 -66.79 36.66
CA GLY G 755 0.11 -66.16 36.51
C GLY G 755 -0.83 -66.49 37.66
N ASP G 756 -2.10 -66.14 37.47
CA ASP G 756 -3.12 -66.47 38.46
C ASP G 756 -3.14 -67.96 38.80
N PRO G 757 -3.15 -68.89 37.84
CA PRO G 757 -2.85 -70.28 38.18
C PRO G 757 -1.36 -70.58 38.23
N GLY G 758 -0.49 -69.64 37.86
CA GLY G 758 0.92 -69.79 38.15
C GLY G 758 1.20 -69.86 39.64
N MET G 759 0.42 -69.13 40.43
CA MET G 759 0.38 -69.38 41.86
C MET G 759 -0.13 -70.78 42.15
N ARG G 760 -1.15 -71.22 41.41
CA ARG G 760 -1.81 -72.48 41.70
C ARG G 760 -0.89 -73.67 41.42
N VAL G 761 0.08 -73.53 40.53
CA VAL G 761 1.01 -74.64 40.36
C VAL G 761 1.91 -74.73 41.58
N LEU G 762 2.44 -75.94 41.79
CA LEU G 762 3.41 -76.21 42.85
C LEU G 762 2.74 -76.18 44.22
N CYS G 763 1.49 -75.75 44.28
CA CYS G 763 0.76 -75.92 45.53
C CYS G 763 0.19 -77.33 45.60
N GLU G 764 -0.63 -77.72 44.64
CA GLU G 764 -1.04 -79.11 44.56
C GLU G 764 0.15 -80.06 44.52
N ALA G 765 1.26 -79.62 43.91
CA ALA G 765 2.48 -80.42 43.93
C ALA G 765 3.02 -80.58 45.34
N LEU G 766 3.13 -79.48 46.10
CA LEU G 766 3.56 -79.68 47.48
C LEU G 766 2.51 -80.34 48.35
N GLN G 767 1.26 -80.43 47.89
CA GLN G 767 0.17 -80.96 48.69
C GLN G 767 0.15 -82.48 48.76
N HIS G 768 1.12 -83.17 48.18
CA HIS G 768 1.13 -84.60 48.44
C HIS G 768 2.36 -84.95 49.27
N PRO G 769 2.24 -85.91 50.18
CA PRO G 769 3.39 -86.24 51.02
C PRO G 769 4.52 -86.90 50.25
N GLY G 770 5.58 -87.31 50.95
CA GLY G 770 6.74 -87.88 50.31
C GLY G 770 8.00 -87.09 50.68
N CYS G 771 8.92 -87.05 49.73
CA CYS G 771 10.11 -86.21 49.83
C CYS G 771 9.95 -85.06 48.83
N ASN G 772 9.84 -83.84 49.36
CA ASN G 772 9.61 -82.65 48.56
C ASN G 772 10.72 -81.63 48.80
N ILE G 773 10.49 -80.42 48.31
CA ILE G 773 11.55 -79.42 48.25
C ILE G 773 11.93 -78.96 49.65
N GLN G 774 13.22 -79.00 49.96
CA GLN G 774 13.69 -78.43 51.22
C GLN G 774 13.58 -76.92 51.24
N ARG G 775 13.64 -76.27 50.09
CA ARG G 775 13.79 -74.81 50.10
C ARG G 775 13.17 -74.20 48.84
N LEU G 776 12.08 -73.46 49.04
CA LEU G 776 11.30 -72.92 47.93
C LEU G 776 11.65 -71.46 47.72
N TRP G 777 11.85 -71.08 46.46
CA TRP G 777 12.22 -69.71 46.11
C TRP G 777 11.18 -69.11 45.17
N LEU G 778 10.62 -67.96 45.55
CA LEU G 778 9.77 -67.18 44.65
C LEU G 778 10.22 -65.73 44.81
N GLY G 779 11.24 -65.35 44.04
CA GLY G 779 11.79 -64.02 44.19
C GLY G 779 11.67 -63.21 42.92
N ARG G 780 11.20 -61.97 43.05
CA ARG G 780 10.93 -61.09 41.92
C ARG G 780 9.96 -61.70 40.93
N CYS G 781 9.33 -62.82 41.28
CA CYS G 781 8.39 -63.46 40.39
C CYS G 781 7.11 -62.65 40.28
N GLY G 782 6.47 -62.75 39.13
CA GLY G 782 5.14 -62.22 38.99
C GLY G 782 4.23 -62.89 39.99
N LEU G 783 3.86 -62.20 41.06
CA LEU G 783 3.15 -62.84 42.14
C LEU G 783 2.28 -61.80 42.81
N SER G 784 1.22 -62.25 43.48
CA SER G 784 0.25 -61.34 44.06
C SER G 784 -0.34 -61.98 45.31
N HIS G 785 -1.45 -61.40 45.77
CA HIS G 785 -2.06 -61.84 47.03
C HIS G 785 -2.55 -63.27 46.95
N GLN G 786 -2.95 -63.73 45.76
CA GLN G 786 -3.62 -65.02 45.64
C GLN G 786 -2.75 -66.16 46.15
N CYS G 787 -1.44 -66.09 45.90
CA CYS G 787 -0.54 -67.16 46.33
C CYS G 787 -0.60 -67.40 47.83
N CYS G 788 -0.96 -66.37 48.59
CA CYS G 788 -0.82 -66.42 50.04
C CYS G 788 -1.55 -67.60 50.67
N PHE G 789 -2.87 -67.66 50.51
CA PHE G 789 -3.63 -68.83 50.98
C PHE G 789 -3.06 -70.16 50.48
N ASP G 790 -2.81 -70.24 49.17
CA ASP G 790 -2.16 -71.42 48.59
C ASP G 790 -0.92 -71.85 49.38
N ILE G 791 0.04 -70.95 49.50
CA ILE G 791 1.28 -71.29 50.16
C ILE G 791 1.03 -71.59 51.63
N SER G 792 0.09 -70.90 52.27
CA SER G 792 -0.27 -71.25 53.64
C SER G 792 -0.69 -72.71 53.72
N SER G 793 -1.53 -73.14 52.78
CA SER G 793 -1.97 -74.53 52.73
C SER G 793 -0.78 -75.48 52.60
N VAL G 794 0.12 -75.19 51.67
CA VAL G 794 1.25 -76.10 51.50
C VAL G 794 2.23 -76.00 52.67
N LEU G 795 2.37 -74.84 53.28
CA LEU G 795 3.16 -74.70 54.49
C LEU G 795 2.57 -75.51 55.64
N SER G 796 1.26 -75.75 55.60
CA SER G 796 0.65 -76.65 56.56
C SER G 796 0.90 -78.11 56.20
N SER G 797 0.75 -78.48 54.93
CA SER G 797 0.78 -79.87 54.53
C SER G 797 2.19 -80.37 54.24
N SER G 798 3.17 -79.48 54.20
CA SER G 798 4.56 -79.80 53.90
C SER G 798 5.32 -80.15 55.17
N GLN G 799 6.00 -81.30 55.15
CA GLN G 799 6.94 -81.66 56.20
C GLN G 799 8.38 -81.70 55.70
N LYS G 800 8.65 -81.13 54.52
CA LYS G 800 10.00 -81.12 53.97
C LYS G 800 10.56 -79.73 53.76
N LEU G 801 9.73 -78.73 53.51
CA LEU G 801 10.22 -77.38 53.31
C LEU G 801 10.90 -76.87 54.57
N VAL G 802 12.05 -76.24 54.40
CA VAL G 802 12.69 -75.66 55.58
C VAL G 802 12.81 -74.16 55.39
N GLU G 803 12.90 -73.68 54.15
CA GLU G 803 12.82 -72.25 53.95
C GLU G 803 11.89 -71.96 52.78
N LEU G 804 11.31 -70.77 52.79
CA LEU G 804 10.50 -70.32 51.67
C LEU G 804 10.71 -68.82 51.51
N ASP G 805 11.05 -68.41 50.29
CA ASP G 805 11.38 -67.03 49.99
C ASP G 805 10.27 -66.42 49.15
N LEU G 806 9.92 -65.18 49.48
CA LEU G 806 8.94 -64.37 48.78
C LEU G 806 9.57 -63.00 48.60
N SER G 807 10.31 -62.83 47.52
CA SER G 807 11.11 -61.62 47.31
C SER G 807 10.55 -60.79 46.17
N ASP G 808 10.56 -59.47 46.35
CA ASP G 808 10.25 -58.50 45.29
C ASP G 808 8.89 -58.77 44.64
N ASN G 809 8.06 -59.54 45.32
CA ASN G 809 6.76 -59.97 44.82
C ASN G 809 5.65 -59.24 45.56
N ALA G 810 4.63 -58.82 44.81
CA ALA G 810 3.62 -57.91 45.32
C ALA G 810 2.63 -58.63 46.24
N LEU G 811 3.18 -59.13 47.35
CA LEU G 811 2.38 -59.68 48.43
C LEU G 811 2.05 -58.55 49.38
N GLY G 812 1.12 -57.71 48.96
CA GLY G 812 0.89 -56.44 49.63
C GLY G 812 0.60 -56.52 51.10
N ASP G 813 -0.57 -57.02 51.48
CA ASP G 813 -0.89 -57.15 52.89
C ASP G 813 -2.08 -58.08 52.99
N PHE G 814 -2.29 -58.63 54.19
CA PHE G 814 -3.41 -59.53 54.50
C PHE G 814 -3.14 -60.88 53.83
N GLY G 815 -2.16 -60.89 52.96
CA GLY G 815 -1.64 -62.13 52.45
C GLY G 815 -0.52 -62.50 53.36
N ILE G 816 0.05 -61.50 54.01
CA ILE G 816 0.95 -61.80 55.10
C ILE G 816 0.15 -62.43 56.23
N ARG G 817 -1.10 -62.02 56.40
CA ARG G 817 -1.97 -62.73 57.33
C ARG G 817 -2.20 -64.17 56.89
N LEU G 818 -2.47 -64.38 55.60
CA LEU G 818 -2.67 -65.76 55.17
C LEU G 818 -1.40 -66.59 55.41
N LEU G 819 -0.24 -65.99 55.11
CA LEU G 819 1.05 -66.60 55.40
C LEU G 819 1.17 -66.99 56.86
N CYS G 820 0.88 -66.06 57.76
CA CYS G 820 1.15 -66.32 59.17
C CYS G 820 0.16 -67.33 59.73
N VAL G 821 -1.09 -67.31 59.27
CA VAL G 821 -2.03 -68.30 59.77
C VAL G 821 -1.63 -69.69 59.26
N GLY G 822 -1.17 -69.77 58.01
CA GLY G 822 -0.64 -71.03 57.52
C GLY G 822 0.56 -71.51 58.30
N LEU G 823 1.43 -70.60 58.69
CA LEU G 823 2.60 -70.97 59.48
C LEU G 823 2.20 -71.50 60.85
N LYS G 824 1.37 -70.74 61.57
CA LYS G 824 1.14 -71.10 62.96
C LYS G 824 0.17 -72.26 63.11
N HIS G 825 -0.81 -72.39 62.22
CA HIS G 825 -1.93 -73.30 62.48
C HIS G 825 -1.45 -74.74 62.65
N LEU G 826 -0.55 -75.19 61.78
CA LEU G 826 0.02 -76.52 61.90
C LEU G 826 1.44 -76.41 62.44
N LEU G 827 2.12 -77.55 62.51
CA LEU G 827 3.51 -77.63 62.93
C LEU G 827 4.40 -77.81 61.70
N CYS G 828 5.12 -76.76 61.34
CA CYS G 828 5.94 -76.74 60.14
C CYS G 828 7.40 -76.51 60.51
N ASN G 829 8.30 -77.17 59.79
CA ASN G 829 9.74 -77.07 60.04
C ASN G 829 10.37 -76.00 59.17
N LEU G 830 9.83 -74.79 59.29
CA LEU G 830 10.32 -73.65 58.51
C LEU G 830 11.46 -72.97 59.23
N GLN G 831 12.48 -72.60 58.46
CA GLN G 831 13.71 -72.02 59.00
C GLN G 831 13.91 -70.57 58.57
N LYS G 832 13.87 -70.29 57.28
CA LYS G 832 13.94 -68.92 56.79
C LYS G 832 12.54 -68.43 56.49
N LEU G 833 12.41 -67.11 56.40
CA LEU G 833 11.16 -66.48 55.97
C LEU G 833 11.54 -65.08 55.53
N TRP G 834 11.47 -64.84 54.23
CA TRP G 834 11.90 -63.58 53.64
C TRP G 834 10.69 -62.84 53.12
N LEU G 835 10.40 -61.68 53.70
CA LEU G 835 9.37 -60.79 53.19
C LEU G 835 9.99 -59.53 52.63
N VAL G 836 11.21 -59.65 52.09
CA VAL G 836 11.97 -58.50 51.64
C VAL G 836 11.25 -57.83 50.49
N SER G 837 11.10 -56.51 50.59
CA SER G 837 10.55 -55.69 49.50
C SER G 837 9.14 -56.11 49.12
N CYS G 838 8.43 -56.78 50.02
CA CYS G 838 7.00 -57.03 49.84
C CYS G 838 6.23 -55.86 50.41
N CYS G 839 5.39 -55.24 49.58
CA CYS G 839 4.85 -53.92 49.91
C CYS G 839 3.80 -54.08 51.00
N LEU G 840 4.27 -54.28 52.22
CA LEU G 840 3.38 -54.38 53.37
C LEU G 840 3.54 -53.17 54.26
N THR G 841 2.70 -53.11 55.29
CA THR G 841 2.71 -52.04 56.27
C THR G 841 2.75 -52.62 57.67
N SER G 842 2.80 -51.73 58.66
CA SER G 842 2.85 -52.14 60.06
C SER G 842 1.60 -52.91 60.46
N ALA G 843 0.52 -52.79 59.69
CA ALA G 843 -0.75 -53.38 60.07
C ALA G 843 -0.74 -54.90 60.06
N CYS G 844 0.34 -55.52 59.59
CA CYS G 844 0.47 -56.97 59.65
C CYS G 844 1.58 -57.42 60.60
N CYS G 845 2.42 -56.49 61.05
CA CYS G 845 3.51 -56.85 61.94
C CYS G 845 3.00 -57.55 63.19
N GLN G 846 1.81 -57.19 63.68
CA GLN G 846 1.29 -57.86 64.87
C GLN G 846 1.09 -59.33 64.59
N ASP G 847 0.55 -59.65 63.43
CA ASP G 847 0.37 -61.03 63.02
C ASP G 847 1.72 -61.74 62.88
N LEU G 848 2.71 -61.03 62.33
CA LEU G 848 4.06 -61.62 62.28
C LEU G 848 4.54 -61.97 63.68
N ALA G 849 4.30 -61.08 64.64
CA ALA G 849 4.73 -61.35 66.01
C ALA G 849 3.98 -62.52 66.61
N LEU G 850 2.68 -62.63 66.32
CA LEU G 850 1.91 -63.75 66.82
C LEU G 850 2.47 -65.07 66.30
N VAL G 851 2.69 -65.15 64.98
CA VAL G 851 3.20 -66.40 64.44
C VAL G 851 4.61 -66.67 64.93
N LEU G 852 5.42 -65.62 65.10
CA LEU G 852 6.76 -65.81 65.64
C LEU G 852 6.73 -66.35 67.05
N SER G 853 5.82 -65.84 67.88
CA SER G 853 5.66 -66.35 69.24
C SER G 853 5.20 -67.80 69.22
N SER G 854 4.23 -68.13 68.37
CA SER G 854 3.70 -69.48 68.35
C SER G 854 4.76 -70.47 67.90
N ASN G 855 5.34 -70.24 66.72
CA ASN G 855 6.32 -71.16 66.15
C ASN G 855 7.67 -70.97 66.80
N HIS G 856 8.46 -72.05 66.80
CA HIS G 856 9.85 -71.99 67.22
C HIS G 856 10.81 -72.45 66.14
N SER G 857 10.34 -73.20 65.15
CA SER G 857 11.21 -73.63 64.06
C SER G 857 11.76 -72.44 63.29
N LEU G 858 10.91 -71.45 63.01
CA LEU G 858 11.36 -70.28 62.28
C LEU G 858 12.31 -69.47 63.16
N THR G 859 13.50 -69.20 62.62
CA THR G 859 14.50 -68.45 63.35
C THR G 859 15.25 -67.43 62.51
N ARG G 860 14.86 -67.24 61.25
CA ARG G 860 15.60 -66.39 60.34
C ARG G 860 14.57 -65.63 59.52
N LEU G 861 14.28 -64.39 59.89
CA LEU G 861 13.09 -63.68 59.41
C LEU G 861 13.49 -62.34 58.83
N TYR G 862 13.84 -62.34 57.54
CA TYR G 862 14.06 -61.09 56.83
C TYR G 862 12.75 -60.41 56.50
N ILE G 863 12.66 -59.12 56.80
CA ILE G 863 11.54 -58.28 56.40
C ILE G 863 12.11 -57.14 55.57
N GLY G 864 13.17 -57.42 54.83
CA GLY G 864 14.09 -56.41 54.34
C GLY G 864 13.49 -55.18 53.68
N GLU G 865 13.64 -54.05 54.37
CA GLU G 865 13.43 -52.71 53.83
C GLU G 865 12.24 -52.62 52.88
N ASN G 866 11.13 -53.21 53.34
CA ASN G 866 9.83 -53.02 52.73
C ASN G 866 9.17 -51.76 53.27
N ALA G 867 7.86 -51.61 53.08
CA ALA G 867 7.20 -50.34 53.44
C ALA G 867 6.62 -50.36 54.85
N LEU G 868 7.41 -50.72 55.86
CA LEU G 868 6.98 -50.57 57.25
C LEU G 868 7.94 -49.64 57.99
N GLY G 869 7.69 -49.49 59.28
CA GLY G 869 8.56 -48.69 60.14
C GLY G 869 8.03 -48.55 61.55
N ASP G 870 8.01 -47.32 62.03
CA ASP G 870 7.42 -47.00 63.32
C ASP G 870 5.95 -47.42 63.36
N SER G 871 5.38 -47.39 64.57
CA SER G 871 4.00 -47.74 64.88
C SER G 871 3.77 -49.24 64.83
N GLY G 872 4.73 -49.97 64.28
CA GLY G 872 4.88 -51.38 64.55
C GLY G 872 5.80 -51.65 65.71
N VAL G 873 6.34 -50.59 66.31
CA VAL G 873 7.47 -50.68 67.23
C VAL G 873 7.13 -51.55 68.45
N GLN G 874 5.95 -51.35 69.03
CA GLN G 874 5.54 -52.18 70.16
C GLN G 874 5.51 -53.65 69.76
N VAL G 875 4.98 -53.95 68.58
CA VAL G 875 4.99 -55.32 68.08
C VAL G 875 6.42 -55.81 67.89
N LEU G 876 7.27 -54.97 67.29
CA LEU G 876 8.67 -55.34 67.08
C LEU G 876 9.31 -55.80 68.39
N CYS G 877 9.07 -55.03 69.46
CA CYS G 877 9.58 -55.43 70.76
C CYS G 877 8.95 -56.73 71.23
N GLU G 878 7.62 -56.77 71.26
CA GLU G 878 6.97 -57.89 71.93
C GLU G 878 7.09 -59.19 71.15
N LYS G 879 7.61 -59.17 69.92
CA LYS G 879 8.04 -60.42 69.30
C LYS G 879 8.96 -61.19 70.23
N MET G 880 9.98 -60.52 70.74
CA MET G 880 11.05 -61.17 71.49
C MET G 880 11.04 -60.77 72.97
N LYS G 881 9.88 -60.36 73.49
CA LYS G 881 9.81 -59.81 74.84
C LYS G 881 10.26 -60.83 75.88
N ASP G 882 10.25 -62.11 75.54
CA ASP G 882 10.70 -63.17 76.42
C ASP G 882 11.84 -63.95 75.76
N PRO G 883 12.56 -64.79 76.49
CA PRO G 883 13.52 -65.69 75.85
C PRO G 883 12.84 -66.80 75.06
N GLN G 884 13.62 -67.78 74.63
CA GLN G 884 13.16 -68.96 73.89
C GLN G 884 12.34 -68.58 72.65
N CYS G 885 12.55 -67.38 72.13
CA CYS G 885 11.91 -67.00 70.87
C CYS G 885 12.54 -67.72 69.69
N ASN G 886 13.87 -67.90 69.74
CA ASN G 886 14.62 -68.59 68.70
C ASN G 886 14.46 -67.90 67.35
N LEU G 887 14.98 -66.67 67.28
CA LEU G 887 15.03 -65.89 66.04
C LEU G 887 16.47 -65.36 65.87
N GLN G 888 17.32 -66.13 65.21
CA GLN G 888 18.74 -65.79 65.16
C GLN G 888 18.95 -64.43 64.51
N LYS G 889 18.67 -64.34 63.20
CA LYS G 889 18.84 -63.09 62.49
C LYS G 889 17.49 -62.42 62.26
N LEU G 890 17.53 -61.10 62.19
CA LEU G 890 16.32 -60.31 61.97
C LEU G 890 16.74 -59.09 61.16
N GLY G 891 16.62 -59.20 59.85
CA GLY G 891 16.84 -58.04 59.00
C GLY G 891 15.76 -57.01 59.22
N LEU G 892 16.13 -55.75 59.07
CA LEU G 892 15.21 -54.65 59.33
C LEU G 892 15.03 -53.77 58.10
N VAL G 893 14.29 -52.70 58.31
CA VAL G 893 13.54 -52.01 57.27
C VAL G 893 13.92 -50.54 57.28
N ASN G 894 13.70 -49.87 56.15
CA ASN G 894 13.78 -48.42 56.13
C ASN G 894 12.62 -47.91 56.98
N SER G 895 12.93 -47.53 58.21
CA SER G 895 11.91 -47.21 59.20
C SER G 895 11.63 -45.71 59.23
N GLY G 896 10.79 -45.30 60.16
CA GLY G 896 10.43 -43.90 60.28
C GLY G 896 11.01 -43.25 61.52
N LEU G 897 10.17 -43.00 62.53
CA LEU G 897 10.66 -42.38 63.76
C LEU G 897 11.63 -43.33 64.45
N THR G 898 12.89 -42.90 64.56
CA THR G 898 13.94 -43.76 65.07
C THR G 898 13.70 -44.15 66.53
N SER G 899 13.47 -43.16 67.39
CA SER G 899 13.61 -43.35 68.84
C SER G 899 12.84 -44.57 69.34
N ILE G 900 11.57 -44.70 68.98
CA ILE G 900 10.76 -45.76 69.56
C ILE G 900 11.20 -47.13 69.03
N CYS G 901 11.46 -47.22 67.72
CA CYS G 901 11.85 -48.50 67.15
C CYS G 901 13.19 -48.96 67.69
N CYS G 902 14.15 -48.04 67.82
CA CYS G 902 15.42 -48.44 68.40
C CYS G 902 15.28 -48.72 69.89
N SER G 903 14.28 -48.13 70.56
CA SER G 903 14.01 -48.53 71.95
C SER G 903 13.52 -49.96 72.01
N ALA G 904 12.63 -50.34 71.10
CA ALA G 904 12.21 -51.74 71.00
C ALA G 904 13.41 -52.63 70.71
N LEU G 905 14.32 -52.15 69.87
CA LEU G 905 15.54 -52.89 69.58
C LEU G 905 16.39 -53.06 70.84
N THR G 906 16.44 -52.04 71.68
CA THR G 906 17.16 -52.18 72.94
C THR G 906 16.49 -53.21 73.83
N SER G 907 15.16 -53.22 73.87
CA SER G 907 14.45 -54.21 74.66
C SER G 907 14.79 -55.63 74.19
N VAL G 908 14.72 -55.87 72.87
CA VAL G 908 15.06 -57.20 72.36
C VAL G 908 16.51 -57.53 72.65
N LEU G 909 17.42 -56.58 72.47
CA LEU G 909 18.83 -56.86 72.69
C LEU G 909 19.10 -57.21 74.15
N LYS G 910 18.50 -56.49 75.09
CA LYS G 910 18.72 -56.78 76.49
C LYS G 910 18.00 -58.02 76.99
N THR G 911 16.90 -58.43 76.35
CA THR G 911 16.15 -59.57 76.87
C THR G 911 16.38 -60.86 76.08
N ASN G 912 16.22 -60.81 74.77
CA ASN G 912 16.18 -62.01 73.95
C ASN G 912 17.56 -62.65 73.86
N GLN G 913 17.59 -63.96 74.04
CA GLN G 913 18.78 -64.76 73.76
C GLN G 913 18.91 -65.01 72.27
N ASN G 914 20.03 -65.63 71.90
CA ASN G 914 20.39 -66.11 70.56
C ASN G 914 19.83 -65.23 69.44
N PHE G 915 20.03 -63.92 69.56
CA PHE G 915 19.61 -62.95 68.56
C PHE G 915 20.90 -62.48 67.91
N THR G 916 21.30 -63.17 66.83
CA THR G 916 22.66 -63.05 66.35
C THR G 916 22.89 -61.84 65.45
N HIS G 917 21.92 -61.46 64.64
CA HIS G 917 22.10 -60.31 63.76
C HIS G 917 20.97 -59.31 63.94
N LEU G 918 21.25 -58.08 63.52
CA LEU G 918 20.26 -57.00 63.52
C LEU G 918 20.64 -56.05 62.38
N TYR G 919 20.04 -56.27 61.22
CA TYR G 919 20.47 -55.63 59.99
C TYR G 919 19.67 -54.35 59.71
N LEU G 920 19.81 -53.38 60.61
CA LEU G 920 19.35 -52.04 60.29
C LEU G 920 20.22 -51.46 59.19
N ARG G 921 19.61 -51.08 58.07
CA ARG G 921 20.36 -50.62 56.92
C ARG G 921 19.53 -49.58 56.17
N SER G 922 20.22 -48.55 55.67
CA SER G 922 19.58 -47.46 54.92
C SER G 922 18.39 -46.87 55.67
N ASN G 923 18.59 -46.64 56.97
CA ASN G 923 17.53 -46.20 57.87
C ASN G 923 17.85 -44.80 58.38
N ALA G 924 16.81 -43.97 58.49
CA ALA G 924 16.96 -42.64 59.07
C ALA G 924 17.00 -42.76 60.59
N LEU G 925 18.15 -43.20 61.09
CA LEU G 925 18.39 -43.39 62.51
C LEU G 925 19.29 -42.27 63.00
N GLY G 926 18.95 -41.68 64.15
CA GLY G 926 19.65 -40.53 64.66
C GLY G 926 20.69 -40.87 65.72
N ASP G 927 21.43 -39.84 66.11
CA ASP G 927 22.47 -40.01 67.12
C ASP G 927 21.87 -40.46 68.44
N THR G 928 20.73 -39.90 68.83
CA THR G 928 20.05 -40.35 70.04
C THR G 928 19.60 -41.80 69.89
N GLY G 929 19.14 -42.16 68.71
CA GLY G 929 18.74 -43.53 68.43
C GLY G 929 19.85 -44.51 68.68
N LEU G 930 20.95 -44.35 67.94
CA LEU G 930 22.09 -45.24 68.14
C LEU G 930 22.69 -45.14 69.54
N ARG G 931 22.56 -43.98 70.19
CA ARG G 931 22.99 -43.84 71.57
C ARG G 931 22.21 -44.77 72.48
N LEU G 932 20.88 -44.72 72.39
CA LEU G 932 20.11 -45.62 73.21
C LEU G 932 20.31 -47.06 72.76
N LEU G 933 20.67 -47.29 71.51
CA LEU G 933 21.04 -48.64 71.08
C LEU G 933 22.25 -49.16 71.84
N CYS G 934 23.32 -48.36 71.91
CA CYS G 934 24.46 -48.81 72.69
C CYS G 934 24.11 -48.93 74.17
N GLU G 935 23.17 -48.10 74.64
CA GLU G 935 22.62 -48.30 75.98
C GLU G 935 21.95 -49.66 76.10
N GLY G 936 21.30 -50.11 75.03
CA GLY G 936 20.78 -51.47 75.00
C GLY G 936 21.89 -52.50 75.06
N LEU G 937 22.99 -52.21 74.38
CA LEU G 937 24.19 -53.05 74.48
C LEU G 937 24.76 -53.04 75.90
N LEU G 938 24.41 -52.05 76.70
CA LEU G 938 24.96 -51.97 78.06
C LEU G 938 24.55 -53.16 78.91
N HIS G 939 23.42 -53.78 78.61
CA HIS G 939 23.06 -55.02 79.27
C HIS G 939 24.11 -56.07 78.95
N PRO G 940 24.87 -56.53 79.93
CA PRO G 940 25.86 -57.58 79.67
C PRO G 940 25.19 -58.91 79.43
N ASP G 941 25.97 -59.93 79.08
CA ASP G 941 25.50 -61.29 78.84
C ASP G 941 24.50 -61.34 77.68
N CYS G 942 24.35 -60.25 76.93
CA CYS G 942 23.51 -60.24 75.74
C CYS G 942 24.36 -60.71 74.56
N LYS G 943 23.98 -61.84 73.98
CA LYS G 943 24.77 -62.43 72.89
C LYS G 943 24.22 -61.89 71.58
N LEU G 944 24.87 -60.86 71.05
CA LEU G 944 24.52 -60.28 69.77
C LEU G 944 25.76 -60.32 68.90
N GLN G 945 25.70 -61.11 67.83
CA GLN G 945 26.79 -61.14 66.86
C GLN G 945 26.68 -59.96 65.90
N MET G 946 27.25 -60.12 64.72
CA MET G 946 27.45 -59.11 63.68
C MET G 946 26.29 -58.12 63.70
N LEU G 947 26.60 -56.82 63.70
CA LEU G 947 25.61 -55.76 63.74
C LEU G 947 25.96 -54.71 62.70
N GLU G 948 24.97 -53.88 62.37
CA GLU G 948 25.16 -52.87 61.34
C GLU G 948 24.32 -51.64 61.63
N LEU G 949 24.92 -50.47 61.42
CA LEU G 949 24.24 -49.19 61.41
C LEU G 949 24.69 -48.46 60.15
N ASP G 950 23.82 -48.38 59.15
CA ASP G 950 24.24 -47.94 57.82
C ASP G 950 24.25 -46.43 57.68
N ASN G 951 23.11 -45.79 57.90
CA ASN G 951 22.95 -44.37 57.59
C ASN G 951 22.54 -43.63 58.86
N CYS G 952 23.27 -42.56 59.17
CA CYS G 952 23.06 -41.79 60.39
C CYS G 952 24.00 -40.59 60.35
N SER G 953 23.78 -39.66 61.27
CA SER G 953 24.65 -38.49 61.43
C SER G 953 24.88 -38.31 62.94
N LEU G 954 26.01 -38.81 63.43
CA LEU G 954 26.28 -38.89 64.85
C LEU G 954 27.40 -37.94 65.23
N THR G 955 27.44 -37.61 66.51
CA THR G 955 28.61 -36.97 67.09
C THR G 955 29.66 -38.03 67.40
N SER G 956 30.93 -37.69 67.18
CA SER G 956 31.98 -38.68 67.24
C SER G 956 32.39 -38.97 68.68
N HIS G 957 31.39 -39.25 69.52
CA HIS G 957 31.62 -39.82 70.84
C HIS G 957 30.73 -41.06 70.96
N SER G 958 29.65 -41.06 70.21
CA SER G 958 28.74 -42.21 70.16
C SER G 958 29.46 -43.48 69.73
N CYS G 959 30.19 -43.40 68.61
CA CYS G 959 31.05 -44.50 68.21
C CYS G 959 32.03 -44.86 69.31
N TRP G 960 32.52 -43.86 70.04
CA TRP G 960 33.40 -44.14 71.17
C TRP G 960 32.66 -44.95 72.22
N ASN G 961 31.40 -44.63 72.49
CA ASN G 961 30.62 -45.38 73.46
C ASN G 961 30.45 -46.83 73.02
N LEU G 962 30.14 -47.04 71.75
CA LEU G 962 29.97 -48.43 71.29
C LEU G 962 31.29 -49.19 71.37
N SER G 963 32.40 -48.55 71.00
CA SER G 963 33.68 -49.23 71.09
C SER G 963 34.02 -49.55 72.53
N THR G 964 33.81 -48.59 73.45
CA THR G 964 34.11 -48.84 74.85
C THR G 964 33.23 -49.94 75.42
N ILE G 965 31.98 -50.02 74.96
CA ILE G 965 31.10 -51.03 75.52
C ILE G 965 31.46 -52.40 74.97
N LEU G 966 31.97 -52.47 73.74
CA LEU G 966 32.58 -53.69 73.25
C LEU G 966 33.80 -54.06 74.08
N THR G 967 34.61 -53.07 74.46
CA THR G 967 35.79 -53.37 75.28
C THR G 967 35.34 -53.93 76.63
N HIS G 968 34.30 -53.35 77.21
CA HIS G 968 33.77 -53.84 78.48
C HIS G 968 33.25 -55.27 78.34
N ASN G 969 32.57 -55.56 77.23
CA ASN G 969 32.06 -56.91 77.01
C ASN G 969 32.08 -57.20 75.51
N HIS G 970 32.66 -58.33 75.14
CA HIS G 970 32.82 -58.68 73.73
C HIS G 970 31.44 -59.04 73.19
N SER G 971 30.66 -58.00 72.92
CA SER G 971 29.28 -58.18 72.49
C SER G 971 29.21 -58.78 71.09
N LEU G 972 29.77 -58.09 70.11
CA LEU G 972 29.65 -58.46 68.70
C LEU G 972 31.01 -58.82 68.12
N ARG G 973 31.01 -59.07 66.81
CA ARG G 973 32.21 -59.44 66.09
C ARG G 973 32.63 -58.39 65.06
N LYS G 974 31.74 -57.98 64.16
CA LYS G 974 32.06 -56.87 63.30
C LYS G 974 30.87 -55.93 63.22
N LEU G 975 31.05 -54.88 62.44
CA LEU G 975 30.10 -53.77 62.35
C LEU G 975 30.38 -53.08 61.02
N ASN G 976 29.38 -52.40 60.50
CA ASN G 976 29.56 -51.57 59.32
C ASN G 976 29.08 -50.16 59.61
N LEU G 977 29.78 -49.19 59.03
CA LEU G 977 29.33 -47.80 58.99
C LEU G 977 29.34 -47.39 57.53
N GLY G 978 28.17 -47.03 57.01
CA GLY G 978 28.04 -46.88 55.58
C GLY G 978 28.14 -45.44 55.14
N ASN G 979 27.00 -44.81 54.85
CA ASN G 979 26.99 -43.42 54.44
C ASN G 979 27.06 -42.46 55.62
N ASN G 980 27.59 -42.93 56.73
CA ASN G 980 27.65 -42.15 57.95
C ASN G 980 28.70 -41.05 57.83
N ASP G 981 28.26 -39.80 57.87
CA ASP G 981 29.18 -38.65 57.92
C ASP G 981 29.66 -38.50 59.35
N LEU G 982 30.92 -38.86 59.61
CA LEU G 982 31.42 -38.99 60.96
C LEU G 982 32.59 -38.06 61.31
N GLY G 983 33.32 -37.55 60.33
CA GLY G 983 34.44 -36.69 60.61
C GLY G 983 35.71 -37.46 60.93
N ASP G 984 36.84 -36.76 60.76
CA ASP G 984 38.14 -37.38 61.00
C ASP G 984 38.25 -37.86 62.43
N LEU G 985 37.85 -37.02 63.39
CA LEU G 985 37.99 -37.37 64.81
C LEU G 985 37.27 -38.66 65.14
N CYS G 986 36.20 -38.98 64.41
CA CYS G 986 35.49 -40.23 64.67
C CYS G 986 36.41 -41.42 64.46
N VAL G 987 36.94 -41.57 63.25
CA VAL G 987 37.82 -42.69 62.99
C VAL G 987 39.09 -42.59 63.80
N VAL G 988 39.50 -41.38 64.21
CA VAL G 988 40.66 -41.26 65.09
C VAL G 988 40.38 -41.93 66.43
N THR G 989 39.23 -41.61 67.03
CA THR G 989 38.84 -42.27 68.27
C THR G 989 38.67 -43.77 68.05
N LEU G 990 38.12 -44.15 66.90
CA LEU G 990 37.96 -45.56 66.58
C LEU G 990 39.30 -46.27 66.57
N CYS G 991 40.27 -45.72 65.85
CA CYS G 991 41.55 -46.39 65.76
C CYS G 991 42.33 -46.36 67.06
N GLU G 992 42.18 -45.31 67.89
CA GLU G 992 42.82 -45.36 69.21
C GLU G 992 42.22 -46.48 70.07
N VAL G 993 40.90 -46.52 70.18
CA VAL G 993 40.29 -47.49 71.08
C VAL G 993 40.53 -48.91 70.58
N LEU G 994 40.54 -49.12 69.26
CA LEU G 994 40.88 -50.46 68.80
C LEU G 994 42.37 -50.70 68.97
N LYS G 995 43.17 -49.64 68.95
CA LYS G 995 44.61 -49.78 69.08
C LYS G 995 44.96 -50.37 70.43
N GLN G 996 44.28 -49.92 71.47
CA GLN G 996 44.54 -50.42 72.82
C GLN G 996 43.51 -51.50 73.10
N GLN G 997 43.93 -52.76 72.92
CA GLN G 997 43.11 -53.93 73.20
C GLN G 997 41.75 -53.82 72.52
N GLY G 998 41.80 -53.85 71.19
CA GLY G 998 40.67 -53.58 70.33
C GLY G 998 39.28 -54.04 70.75
N CYS G 999 38.31 -53.13 70.62
CA CYS G 999 36.96 -53.40 71.08
C CYS G 999 36.37 -54.61 70.38
N LEU G 1000 36.19 -54.51 69.06
CA LEU G 1000 35.76 -55.63 68.26
C LEU G 1000 36.91 -56.64 68.13
N LEU G 1001 36.57 -57.83 67.66
CA LEU G 1001 37.55 -58.90 67.54
C LEU G 1001 37.62 -59.50 66.14
N GLN G 1002 36.69 -59.20 65.24
CA GLN G 1002 36.70 -59.80 63.91
C GLN G 1002 36.93 -58.78 62.80
N SER G 1003 36.08 -57.76 62.65
CA SER G 1003 36.18 -56.92 61.48
C SER G 1003 35.44 -55.61 61.72
N LEU G 1004 35.53 -54.72 60.73
CA LEU G 1004 34.85 -53.43 60.70
C LEU G 1004 34.89 -52.92 59.28
N GLN G 1005 33.78 -52.36 58.81
CA GLN G 1005 33.67 -51.94 57.43
C GLN G 1005 33.28 -50.48 57.35
N LEU G 1006 34.07 -49.70 56.63
CA LEU G 1006 33.85 -48.27 56.44
C LEU G 1006 33.83 -47.99 54.94
N GLY G 1007 32.83 -47.26 54.47
CA GLY G 1007 32.76 -46.92 53.05
C GLY G 1007 32.36 -45.48 52.83
N GLU G 1008 32.77 -44.97 51.67
CA GLU G 1008 32.41 -43.64 51.15
C GLU G 1008 32.61 -42.52 52.17
N MET G 1009 33.88 -42.29 52.52
CA MET G 1009 34.31 -41.06 53.14
C MET G 1009 35.40 -40.38 52.33
N TYR G 1010 35.39 -39.05 52.37
CA TYR G 1010 36.44 -38.22 51.79
C TYR G 1010 37.31 -37.59 52.88
N LEU G 1011 37.58 -38.36 53.92
CA LEU G 1011 38.27 -37.85 55.10
C LEU G 1011 39.76 -37.65 54.81
N ASN G 1012 40.41 -36.85 55.66
CA ASN G 1012 41.82 -36.58 55.46
C ASN G 1012 42.65 -37.84 55.70
N ARG G 1013 43.89 -37.79 55.21
CA ARG G 1013 44.61 -39.04 54.98
C ARG G 1013 45.40 -39.53 56.19
N GLU G 1014 45.69 -38.68 57.18
CA GLU G 1014 46.35 -39.21 58.38
C GLU G 1014 45.45 -40.20 59.10
N THR G 1015 44.15 -40.13 58.85
CA THR G 1015 43.27 -41.21 59.30
C THR G 1015 43.65 -42.49 58.58
N LYS G 1016 43.89 -42.41 57.27
CA LYS G 1016 44.28 -43.61 56.54
C LYS G 1016 45.60 -44.15 57.07
N ARG G 1017 46.55 -43.26 57.37
CA ARG G 1017 47.84 -43.77 57.86
C ARG G 1017 47.65 -44.51 59.19
N ALA G 1018 46.84 -43.94 60.10
CA ALA G 1018 46.63 -44.62 61.37
C ALA G 1018 45.95 -45.98 61.17
N LEU G 1019 44.94 -46.01 60.30
CA LEU G 1019 44.21 -47.26 60.11
C LEU G 1019 45.08 -48.30 59.43
N GLU G 1020 45.87 -47.89 58.44
CA GLU G 1020 46.72 -48.85 57.75
C GLU G 1020 47.82 -49.34 58.67
N ALA G 1021 48.27 -48.49 59.59
CA ALA G 1021 49.26 -48.91 60.56
C ALA G 1021 48.71 -50.03 61.44
N LEU G 1022 47.59 -49.75 62.13
CA LEU G 1022 47.17 -50.59 63.25
C LEU G 1022 46.97 -52.08 62.93
N GLN G 1023 46.51 -52.44 61.72
CA GLN G 1023 46.20 -53.85 61.48
C GLN G 1023 47.44 -54.72 61.43
N GLU G 1024 48.56 -54.19 60.94
CA GLU G 1024 49.75 -55.03 60.79
C GLU G 1024 50.40 -55.31 62.14
N GLU G 1025 50.35 -54.36 63.07
CA GLU G 1025 50.82 -54.66 64.42
C GLU G 1025 49.79 -55.52 65.16
N LYS G 1026 48.50 -55.20 65.05
CA LYS G 1026 47.44 -55.99 65.66
C LYS G 1026 46.48 -56.50 64.60
N PRO G 1027 46.55 -57.79 64.23
CA PRO G 1027 45.57 -58.35 63.30
C PRO G 1027 44.25 -58.74 63.95
N GLU G 1028 44.02 -58.35 65.20
CA GLU G 1028 42.74 -58.60 65.87
C GLU G 1028 41.60 -57.98 65.07
N LEU G 1029 41.72 -56.71 64.71
CA LEU G 1029 40.88 -56.07 63.71
C LEU G 1029 41.38 -56.55 62.35
N THR G 1030 40.82 -57.67 61.89
CA THR G 1030 41.36 -58.32 60.70
C THR G 1030 41.29 -57.41 59.49
N ILE G 1031 40.27 -56.57 59.39
CA ILE G 1031 40.14 -55.72 58.21
C ILE G 1031 39.29 -54.51 58.56
N VAL G 1032 39.65 -53.37 57.95
CA VAL G 1032 38.77 -52.24 57.77
C VAL G 1032 38.60 -52.06 56.27
N PHE G 1033 37.36 -51.98 55.81
CA PHE G 1033 37.13 -51.79 54.39
C PHE G 1033 37.72 -50.44 53.98
N GLU G 1034 38.80 -50.49 53.22
CA GLU G 1034 39.40 -49.27 52.69
C GLU G 1034 38.41 -48.54 51.79
N ILE G 1035 38.40 -47.21 51.91
CA ILE G 1035 37.39 -46.41 51.22
C ILE G 1035 37.60 -46.48 49.71
N SER G 1036 38.72 -45.95 49.25
CA SER G 1036 39.04 -45.97 47.84
C SER G 1036 40.50 -46.29 47.56
N TRP G 1037 41.38 -46.24 48.56
CA TRP G 1037 42.81 -46.35 48.34
C TRP G 1037 43.41 -47.44 49.21
N ASP H 135 -17.07 4.25 47.54
CA ASP H 135 -17.21 5.47 48.32
C ASP H 135 -17.77 5.18 49.71
N TYR H 136 -19.03 4.74 49.75
CA TYR H 136 -19.63 4.34 51.02
C TYR H 136 -18.98 3.10 51.61
N CYS H 137 -18.26 2.32 50.81
CA CYS H 137 -17.75 1.05 51.29
C CYS H 137 -16.79 1.26 52.45
N LYS H 138 -15.88 2.22 52.33
CA LYS H 138 -14.77 2.35 53.25
C LYS H 138 -15.17 2.66 54.70
N MET H 139 -16.08 3.62 54.93
CA MET H 139 -16.37 3.98 56.31
C MET H 139 -17.07 2.84 57.04
N TYR H 140 -17.95 2.13 56.35
CA TYR H 140 -18.59 1.01 57.03
C TYR H 140 -17.72 -0.22 57.08
N ARG H 141 -16.75 -0.39 56.15
CA ARG H 141 -15.84 -1.50 56.38
C ARG H 141 -14.99 -1.23 57.61
N ARG H 142 -14.81 0.05 57.96
CA ARG H 142 -14.11 0.29 59.23
C ARG H 142 -15.06 0.14 60.40
N HIS H 143 -16.33 0.46 60.19
CA HIS H 143 -17.31 0.25 61.25
C HIS H 143 -17.42 -1.22 61.60
N VAL H 144 -17.45 -2.09 60.59
CA VAL H 144 -17.53 -3.52 60.85
C VAL H 144 -16.21 -4.03 61.42
N ARG H 145 -15.07 -3.43 61.04
CA ARG H 145 -13.81 -3.80 61.67
C ARG H 145 -13.85 -3.50 63.16
N SER H 146 -14.32 -2.30 63.51
CA SER H 146 -14.42 -1.94 64.92
C SER H 146 -15.39 -2.87 65.65
N ARG H 147 -16.46 -3.26 64.96
CA ARG H 147 -17.46 -4.12 65.60
C ARG H 147 -16.88 -5.50 65.91
N PHE H 148 -16.20 -6.11 64.94
CA PHE H 148 -15.79 -7.50 65.05
C PHE H 148 -14.35 -7.70 65.48
N TYR H 149 -13.57 -6.63 65.65
CA TYR H 149 -12.24 -6.79 66.23
C TYR H 149 -12.32 -6.98 67.74
N SER H 150 -13.19 -6.22 68.40
CA SER H 150 -13.29 -6.24 69.86
C SER H 150 -13.99 -7.47 70.39
N ILE H 151 -14.77 -8.17 69.56
CA ILE H 151 -15.53 -9.33 70.03
C ILE H 151 -14.57 -10.47 70.35
N LYS H 152 -14.76 -11.09 71.51
CA LYS H 152 -13.89 -12.15 71.97
C LYS H 152 -14.70 -13.29 72.58
N ASP H 163 -11.16 -9.12 70.22
CA ASP H 163 -10.14 -10.13 70.05
C ASP H 163 -10.60 -11.21 69.08
N LEU H 164 -10.40 -12.47 69.46
CA LEU H 164 -10.80 -13.63 68.67
C LEU H 164 -10.05 -13.72 67.35
N ASN H 165 -9.09 -12.81 67.14
CA ASN H 165 -8.27 -12.86 65.94
C ASN H 165 -7.16 -13.90 66.07
N SER H 166 -6.34 -13.79 67.12
CA SER H 166 -5.37 -14.81 67.46
C SER H 166 -5.94 -15.86 68.40
N ARG H 167 -7.26 -16.04 68.39
CA ARG H 167 -7.95 -16.97 69.28
C ARG H 167 -8.86 -17.90 68.49
N TYR H 168 -8.50 -18.16 67.23
CA TYR H 168 -9.35 -18.89 66.31
C TYR H 168 -8.57 -20.02 65.63
N THR H 169 -9.22 -21.18 65.51
CA THR H 169 -8.70 -22.30 64.75
C THR H 169 -9.76 -22.70 63.73
N GLN H 170 -9.32 -22.98 62.50
CA GLN H 170 -10.23 -23.23 61.40
C GLN H 170 -11.11 -24.44 61.65
N LEU H 171 -12.40 -24.28 61.40
CA LEU H 171 -13.35 -25.37 61.45
C LEU H 171 -13.50 -25.96 60.05
N GLN H 172 -14.24 -27.06 59.95
CA GLN H 172 -14.29 -27.81 58.71
C GLN H 172 -15.56 -27.51 57.93
N LEU H 173 -15.42 -27.20 56.65
CA LEU H 173 -16.55 -27.02 55.75
C LEU H 173 -16.62 -28.24 54.84
N VAL H 174 -17.81 -28.84 54.76
CA VAL H 174 -17.97 -30.09 54.03
C VAL H 174 -19.23 -30.02 53.17
N LYS H 175 -19.09 -30.35 51.88
CA LYS H 175 -20.23 -30.69 51.05
C LYS H 175 -19.93 -32.00 50.33
N GLU H 176 -20.56 -33.09 50.77
CA GLU H 176 -20.32 -34.38 50.14
C GLU H 176 -21.17 -34.55 48.88
N HIS H 177 -22.49 -34.55 49.06
CA HIS H 177 -23.45 -34.77 47.99
C HIS H 177 -23.06 -35.97 47.10
N PRO H 178 -22.99 -37.19 47.69
CA PRO H 178 -22.57 -38.37 46.94
C PRO H 178 -23.72 -39.09 46.26
N LEU H 203 -13.84 -27.39 53.47
CA LEU H 203 -13.67 -26.97 52.08
C LEU H 203 -12.79 -25.73 51.98
N LYS H 204 -13.08 -24.89 50.99
CA LYS H 204 -12.32 -23.67 50.74
C LYS H 204 -13.31 -22.51 50.66
N LEU H 205 -13.31 -21.66 51.68
CA LEU H 205 -14.16 -20.47 51.66
C LEU H 205 -13.80 -19.56 50.50
N GLU H 206 -12.54 -19.57 50.08
CA GLU H 206 -12.15 -18.84 48.88
C GLU H 206 -12.88 -19.41 47.67
N LEU H 207 -13.43 -18.53 46.85
CA LEU H 207 -14.24 -18.91 45.69
C LEU H 207 -15.35 -19.88 46.10
N LEU H 208 -16.02 -19.55 47.21
CA LEU H 208 -17.10 -20.40 47.68
C LEU H 208 -18.27 -20.43 46.71
N PHE H 209 -18.42 -19.38 45.90
CA PHE H 209 -19.63 -19.17 45.12
C PHE H 209 -19.36 -19.35 43.63
N GLU H 210 -18.66 -20.40 43.25
CA GLU H 210 -18.56 -20.71 41.83
C GLU H 210 -19.96 -20.96 41.27
N PRO H 211 -20.38 -20.21 40.25
CA PRO H 211 -21.58 -20.60 39.51
C PRO H 211 -21.24 -21.54 38.36
N GLU H 212 -20.04 -22.12 38.41
CA GLU H 212 -19.53 -22.94 37.32
C GLU H 212 -20.51 -24.04 36.94
N ASP H 213 -20.48 -24.43 35.67
CA ASP H 213 -21.48 -25.34 35.14
C ASP H 213 -21.07 -26.80 35.28
N GLY H 214 -20.68 -27.18 36.50
CA GLY H 214 -20.53 -28.59 36.82
C GLY H 214 -21.82 -29.16 37.35
N HIS H 215 -22.29 -28.61 38.47
CA HIS H 215 -23.61 -28.94 39.00
C HIS H 215 -24.32 -27.74 39.61
N SER H 216 -23.78 -26.52 39.45
CA SER H 216 -24.26 -25.35 40.16
C SER H 216 -24.40 -24.16 39.22
N GLU H 217 -25.08 -24.37 38.09
CA GLU H 217 -25.17 -23.32 37.07
C GLU H 217 -25.91 -22.09 37.58
N PRO H 218 -27.19 -22.17 37.95
CA PRO H 218 -27.95 -20.96 38.30
C PRO H 218 -27.98 -20.61 39.78
N VAL H 219 -27.16 -21.25 40.62
CA VAL H 219 -27.31 -21.11 42.06
C VAL H 219 -26.86 -19.72 42.50
N HIS H 220 -27.47 -19.23 43.59
CA HIS H 220 -27.09 -17.96 44.19
C HIS H 220 -26.90 -18.00 45.70
N THR H 221 -27.01 -19.15 46.35
CA THR H 221 -27.06 -19.15 47.80
C THR H 221 -26.53 -20.46 48.41
N VAL H 222 -26.01 -20.32 49.63
CA VAL H 222 -25.53 -21.44 50.43
C VAL H 222 -26.08 -21.33 51.85
N VAL H 223 -26.29 -22.50 52.46
CA VAL H 223 -26.76 -22.60 53.84
C VAL H 223 -25.65 -23.27 54.64
N PHE H 224 -25.31 -22.68 55.78
CA PHE H 224 -24.33 -23.25 56.69
C PHE H 224 -25.05 -24.17 57.66
N GLN H 225 -24.51 -25.38 57.84
CA GLN H 225 -25.03 -26.32 58.80
C GLN H 225 -23.88 -26.87 59.65
N GLY H 226 -24.21 -27.80 60.54
CA GLY H 226 -23.20 -28.43 61.35
C GLY H 226 -23.81 -29.05 62.60
N ALA H 227 -22.95 -29.35 63.56
CA ALA H 227 -23.39 -29.94 64.81
C ALA H 227 -24.10 -28.91 65.68
N ALA H 228 -24.86 -29.40 66.65
CA ALA H 228 -25.70 -28.55 67.48
C ALA H 228 -24.85 -27.58 68.29
N GLY H 229 -24.97 -26.28 68.01
CA GLY H 229 -24.31 -25.26 68.82
C GLY H 229 -22.84 -25.07 68.52
N ILE H 230 -22.52 -24.63 67.29
CA ILE H 230 -21.14 -24.29 66.94
C ILE H 230 -20.77 -22.86 67.30
N GLY H 231 -21.73 -22.06 67.75
CA GLY H 231 -21.52 -20.63 67.86
C GLY H 231 -21.61 -19.95 66.52
N LYS H 232 -22.24 -20.63 65.54
CA LYS H 232 -22.21 -20.37 64.11
C LYS H 232 -22.14 -18.88 63.75
N THR H 233 -22.88 -18.05 64.49
CA THR H 233 -22.75 -16.61 64.32
C THR H 233 -21.29 -16.19 64.43
N ILE H 234 -20.49 -16.88 65.24
CA ILE H 234 -19.08 -16.53 65.36
C ILE H 234 -18.39 -16.73 64.01
N LEU H 235 -18.73 -17.81 63.30
CA LEU H 235 -18.11 -18.04 62.00
C LEU H 235 -18.58 -17.03 60.97
N ALA H 236 -19.86 -16.64 61.05
CA ALA H 236 -20.33 -15.56 60.21
C ALA H 236 -19.52 -14.28 60.45
N ARG H 237 -19.28 -13.98 61.74
CA ARG H 237 -18.49 -12.79 62.07
C ARG H 237 -17.06 -12.92 61.58
N LYS H 238 -16.48 -14.12 61.65
CA LYS H 238 -15.13 -14.31 61.14
C LYS H 238 -15.06 -14.06 59.64
N ILE H 239 -16.04 -14.56 58.88
CA ILE H 239 -16.05 -14.29 57.45
C ILE H 239 -16.20 -12.80 57.17
N MET H 240 -17.11 -12.15 57.91
CA MET H 240 -17.31 -10.72 57.75
C MET H 240 -16.02 -9.95 57.99
N LEU H 241 -15.37 -10.20 59.12
CA LEU H 241 -14.14 -9.49 59.46
C LEU H 241 -13.02 -9.83 58.48
N ASP H 242 -12.97 -11.09 58.01
CA ASP H 242 -11.94 -11.47 57.07
C ASP H 242 -12.06 -10.67 55.78
N TRP H 243 -13.29 -10.49 55.27
CA TRP H 243 -13.43 -9.63 54.11
C TRP H 243 -13.10 -8.18 54.45
N ALA H 244 -13.59 -7.70 55.60
CA ALA H 244 -13.36 -6.31 55.97
C ALA H 244 -11.88 -5.97 56.03
N LEU H 245 -11.07 -6.88 56.56
CA LEU H 245 -9.63 -6.71 56.56
C LEU H 245 -8.99 -7.08 55.23
N GLY H 246 -9.72 -7.75 54.33
CA GLY H 246 -9.13 -8.19 53.09
C GLY H 246 -8.50 -9.57 53.24
N LYS H 247 -7.18 -9.59 53.48
CA LYS H 247 -6.43 -10.83 53.67
C LYS H 247 -6.54 -11.72 52.44
N LEU H 248 -6.00 -11.20 51.33
CA LEU H 248 -5.98 -11.87 50.03
C LEU H 248 -7.38 -12.14 49.50
N PHE H 249 -8.38 -11.41 49.98
CA PHE H 249 -9.75 -11.56 49.49
C PHE H 249 -9.90 -10.77 48.20
N LYS H 250 -9.84 -11.46 47.07
CA LYS H 250 -10.25 -10.84 45.82
C LYS H 250 -11.71 -10.42 45.94
N ASP H 251 -11.97 -9.11 45.87
CA ASP H 251 -13.29 -8.59 46.15
C ASP H 251 -14.26 -8.91 45.01
N LYS H 252 -14.89 -10.07 45.06
CA LYS H 252 -16.01 -10.36 44.18
C LYS H 252 -17.24 -9.50 44.49
N PHE H 253 -17.24 -8.81 45.62
CA PHE H 253 -18.41 -8.10 46.10
C PHE H 253 -18.00 -6.74 46.65
N ASP H 254 -18.91 -5.78 46.58
CA ASP H 254 -18.67 -4.45 47.12
C ASP H 254 -19.19 -4.30 48.54
N TYR H 255 -20.14 -5.13 48.95
CA TYR H 255 -20.67 -5.05 50.31
C TYR H 255 -21.15 -6.43 50.75
N LEU H 256 -20.79 -6.78 51.98
CA LEU H 256 -21.35 -7.93 52.67
C LEU H 256 -21.96 -7.38 53.94
N PHE H 257 -23.27 -7.50 54.07
CA PHE H 257 -23.98 -6.91 55.21
C PHE H 257 -24.29 -7.99 56.23
N PHE H 258 -23.88 -7.75 57.47
CA PHE H 258 -24.16 -8.65 58.57
C PHE H 258 -25.52 -8.29 59.13
N ILE H 259 -26.49 -9.19 58.98
CA ILE H 259 -27.82 -9.01 59.54
C ILE H 259 -27.88 -9.81 60.82
N HIS H 260 -28.17 -9.14 61.94
CA HIS H 260 -28.31 -9.81 63.22
C HIS H 260 -29.81 -9.98 63.45
N CYS H 261 -30.35 -11.02 62.81
CA CYS H 261 -31.79 -11.27 62.84
C CYS H 261 -32.32 -11.47 64.25
N ARG H 262 -31.44 -11.80 65.18
CA ARG H 262 -31.81 -11.87 66.59
C ARG H 262 -32.40 -10.53 67.05
N GLU H 263 -32.01 -9.43 66.40
CA GLU H 263 -32.67 -8.15 66.57
C GLU H 263 -33.75 -7.86 65.52
N VAL H 264 -33.59 -8.33 64.28
CA VAL H 264 -34.52 -7.97 63.22
C VAL H 264 -35.83 -8.74 63.43
N SER H 265 -35.83 -9.59 64.45
CA SER H 265 -36.94 -10.50 64.76
C SER H 265 -38.28 -9.78 64.95
N LEU H 266 -38.29 -8.46 65.02
CA LEU H 266 -39.51 -7.71 65.28
C LEU H 266 -40.52 -7.83 64.14
N ARG H 267 -41.78 -7.58 64.49
CA ARG H 267 -42.92 -7.62 63.58
C ARG H 267 -43.07 -6.32 62.80
N THR H 268 -42.25 -5.32 63.09
CA THR H 268 -42.39 -4.01 62.44
C THR H 268 -42.11 -4.10 60.95
N PRO H 269 -42.93 -3.49 60.10
CA PRO H 269 -42.65 -3.52 58.66
C PRO H 269 -41.52 -2.55 58.35
N ARG H 270 -40.34 -3.07 58.00
CA ARG H 270 -39.17 -2.24 57.77
C ARG H 270 -38.66 -2.41 56.35
N SER H 271 -38.20 -1.29 55.78
CA SER H 271 -37.64 -1.25 54.44
C SER H 271 -36.22 -1.79 54.47
N LEU H 272 -35.48 -1.57 53.38
CA LEU H 272 -34.06 -1.87 53.36
C LEU H 272 -33.38 -1.22 54.56
N ALA H 273 -32.75 -2.05 55.39
CA ALA H 273 -32.23 -1.64 56.69
C ALA H 273 -30.74 -1.89 56.70
N ASP H 274 -29.99 -0.93 56.16
CA ASP H 274 -28.54 -0.97 56.19
C ASP H 274 -27.95 -0.17 57.33
N LEU H 275 -28.75 0.68 57.98
CA LEU H 275 -28.31 1.32 59.22
C LEU H 275 -28.58 0.38 60.39
N ILE H 276 -27.67 0.38 61.36
CA ILE H 276 -27.79 -0.42 62.58
C ILE H 276 -27.71 0.46 63.83
N VAL H 277 -26.69 1.32 63.90
CA VAL H 277 -26.49 2.19 65.06
C VAL H 277 -27.28 3.49 64.93
N SER H 278 -28.10 3.61 63.88
CA SER H 278 -28.88 4.83 63.62
C SER H 278 -27.95 6.03 63.44
N CYS H 279 -26.92 5.85 62.62
CA CYS H 279 -26.01 6.92 62.27
C CYS H 279 -26.66 7.79 61.19
N TRP H 280 -25.89 8.65 60.56
CA TRP H 280 -26.44 9.43 59.44
C TRP H 280 -26.82 8.48 58.32
N PRO H 281 -27.93 8.74 57.62
CA PRO H 281 -28.48 7.74 56.70
C PRO H 281 -27.49 7.35 55.62
N ASP H 282 -27.46 6.06 55.30
CA ASP H 282 -26.62 5.60 54.21
C ASP H 282 -27.14 6.13 52.88
N PRO H 283 -26.29 6.21 51.86
CA PRO H 283 -26.73 6.71 50.55
C PRO H 283 -27.68 5.75 49.87
N ASN H 284 -28.84 5.50 50.48
CA ASN H 284 -29.69 4.39 50.05
C ASN H 284 -30.12 4.45 48.59
N PRO H 285 -30.57 5.58 48.03
CA PRO H 285 -30.92 5.62 46.61
C PRO H 285 -29.74 5.37 45.67
N PRO H 286 -28.59 6.04 45.84
CA PRO H 286 -27.43 5.63 45.02
C PRO H 286 -26.94 4.22 45.27
N VAL H 287 -27.12 3.67 46.47
CA VAL H 287 -26.89 2.24 46.68
C VAL H 287 -27.81 1.40 45.80
N CYS H 288 -29.08 1.80 45.71
CA CYS H 288 -29.99 1.14 44.78
C CYS H 288 -29.57 1.34 43.32
N LYS H 289 -28.94 2.47 43.02
CA LYS H 289 -28.47 2.74 41.66
C LYS H 289 -27.19 2.00 41.30
N ILE H 290 -26.39 1.60 42.30
CA ILE H 290 -25.18 0.82 42.05
C ILE H 290 -25.54 -0.66 42.13
N LEU H 291 -26.84 -0.96 42.07
CA LEU H 291 -27.30 -2.33 42.00
C LEU H 291 -27.34 -2.85 40.57
N ARG H 292 -28.02 -2.14 39.67
CA ARG H 292 -28.45 -2.72 38.40
C ARG H 292 -27.29 -3.34 37.63
N LYS H 293 -26.21 -2.58 37.41
CA LYS H 293 -25.10 -3.18 36.70
C LYS H 293 -24.31 -4.12 37.59
N PRO H 294 -23.73 -3.66 38.73
CA PRO H 294 -22.95 -4.58 39.57
C PRO H 294 -23.78 -5.30 40.63
N SER H 295 -23.81 -6.63 40.59
CA SER H 295 -24.44 -7.41 41.66
C SER H 295 -23.44 -7.69 42.77
N ARG H 296 -22.75 -6.64 43.21
CA ARG H 296 -21.69 -6.73 44.20
C ARG H 296 -22.17 -6.37 45.59
N ILE H 297 -23.48 -6.40 45.82
CA ILE H 297 -24.08 -6.31 47.14
C ILE H 297 -24.38 -7.72 47.61
N LEU H 298 -24.09 -7.99 48.88
CA LEU H 298 -24.45 -9.25 49.50
C LEU H 298 -24.82 -9.01 50.95
N PHE H 299 -25.75 -9.82 51.44
CA PHE H 299 -26.33 -9.71 52.77
C PHE H 299 -26.02 -11.01 53.50
N LEU H 300 -25.04 -10.99 54.40
CA LEU H 300 -24.82 -12.10 55.31
C LEU H 300 -25.83 -11.98 56.44
N MET H 301 -26.99 -12.58 56.24
CA MET H 301 -28.00 -12.68 57.30
C MET H 301 -27.78 -13.93 58.13
N ASP H 302 -27.94 -13.78 59.44
CA ASP H 302 -27.61 -14.80 60.41
C ASP H 302 -28.72 -14.86 61.46
N GLY H 303 -28.73 -15.95 62.22
CA GLY H 303 -29.75 -16.20 63.22
C GLY H 303 -31.15 -16.38 62.67
N PHE H 304 -31.28 -17.15 61.58
CA PHE H 304 -32.59 -17.36 60.99
C PHE H 304 -33.51 -18.05 61.97
N ASP H 305 -32.93 -18.81 62.90
CA ASP H 305 -33.69 -19.55 63.90
C ASP H 305 -34.53 -18.61 64.75
N GLU H 306 -34.13 -17.34 64.83
CA GLU H 306 -34.76 -16.37 65.68
C GLU H 306 -35.73 -15.45 64.94
N LEU H 307 -36.13 -15.81 63.72
CA LEU H 307 -37.27 -15.10 63.13
C LEU H 307 -38.57 -15.48 63.85
N GLN H 308 -39.00 -14.62 64.77
CA GLN H 308 -40.08 -14.92 65.67
C GLN H 308 -41.38 -14.44 65.05
N GLY H 309 -42.44 -14.36 65.84
CA GLY H 309 -43.75 -14.07 65.28
C GLY H 309 -44.87 -15.03 65.65
N ALA H 310 -45.33 -15.79 64.66
CA ALA H 310 -46.31 -16.84 64.89
C ALA H 310 -45.95 -18.13 64.15
N PHE H 311 -44.65 -18.40 63.99
CA PHE H 311 -44.13 -19.50 63.17
C PHE H 311 -44.73 -19.50 61.76
N ASP H 312 -44.82 -18.32 61.18
CA ASP H 312 -45.43 -18.10 59.88
C ASP H 312 -44.34 -17.69 58.89
N GLU H 313 -43.69 -18.68 58.30
CA GLU H 313 -42.68 -18.40 57.28
C GLU H 313 -43.00 -19.15 55.99
N HIS H 314 -44.27 -19.22 55.63
CA HIS H 314 -44.71 -19.91 54.42
C HIS H 314 -44.50 -18.99 53.23
N ILE H 315 -45.08 -19.35 52.08
CA ILE H 315 -44.91 -18.58 50.87
C ILE H 315 -45.52 -17.20 51.07
N GLY H 316 -44.79 -16.15 50.67
CA GLY H 316 -45.25 -14.80 50.91
C GLY H 316 -46.49 -14.46 50.11
N GLU H 317 -47.49 -13.89 50.79
CA GLU H 317 -48.73 -13.50 50.12
C GLU H 317 -48.51 -12.36 49.13
N VAL H 318 -47.73 -11.35 49.51
CA VAL H 318 -47.54 -10.16 48.71
C VAL H 318 -46.05 -9.88 48.54
N CYS H 319 -45.65 -9.55 47.32
CA CYS H 319 -44.27 -9.21 47.00
C CYS H 319 -43.96 -7.77 47.40
N THR H 320 -42.73 -7.33 47.09
CA THR H 320 -42.27 -5.99 47.40
C THR H 320 -41.65 -5.36 46.17
N ASP H 321 -41.40 -4.06 46.25
CA ASP H 321 -40.80 -3.32 45.16
C ASP H 321 -39.30 -3.59 45.07
N TRP H 322 -38.77 -3.45 43.85
CA TRP H 322 -37.35 -3.68 43.64
C TRP H 322 -36.49 -2.62 44.29
N GLN H 323 -36.99 -1.39 44.39
CA GLN H 323 -36.24 -0.32 45.05
C GLN H 323 -36.02 -0.61 46.52
N LYS H 324 -36.90 -1.42 47.13
CA LYS H 324 -36.81 -1.84 48.52
C LYS H 324 -36.92 -0.66 49.48
N ALA H 325 -37.18 0.53 48.93
CA ALA H 325 -37.40 1.72 49.76
C ALA H 325 -38.73 1.67 50.50
N VAL H 326 -39.62 0.76 50.12
CA VAL H 326 -40.91 0.62 50.80
C VAL H 326 -40.69 -0.10 52.14
N ARG H 327 -41.26 0.46 53.20
CA ARG H 327 -41.12 -0.11 54.53
C ARG H 327 -42.09 -1.25 54.75
N GLY H 328 -42.07 -2.23 53.85
CA GLY H 328 -42.94 -3.38 53.97
C GLY H 328 -42.50 -4.32 55.08
N ASP H 329 -43.38 -5.24 55.41
CA ASP H 329 -43.06 -6.27 56.39
C ASP H 329 -41.92 -7.14 55.88
N ILE H 330 -40.96 -7.43 56.77
CA ILE H 330 -39.89 -8.35 56.40
C ILE H 330 -40.45 -9.72 56.00
N LEU H 331 -41.59 -10.09 56.57
CA LEU H 331 -42.31 -11.27 56.10
C LEU H 331 -42.78 -11.08 54.66
N LEU H 332 -43.28 -9.88 54.33
CA LEU H 332 -43.85 -9.62 53.02
C LEU H 332 -42.92 -8.86 52.09
N SER H 333 -41.78 -8.36 52.57
CA SER H 333 -40.82 -7.67 51.73
C SER H 333 -39.49 -8.39 51.65
N SER H 334 -38.89 -8.71 52.80
CA SER H 334 -37.58 -9.35 52.80
C SER H 334 -37.67 -10.78 52.31
N LEU H 335 -38.65 -11.55 52.82
CA LEU H 335 -38.73 -12.96 52.45
C LEU H 335 -38.94 -13.11 50.96
N ILE H 336 -39.84 -12.31 50.38
CA ILE H 336 -40.05 -12.37 48.94
C ILE H 336 -38.83 -11.86 48.19
N ARG H 337 -38.11 -10.89 48.75
CA ARG H 337 -36.84 -10.49 48.14
C ARG H 337 -35.89 -11.68 48.04
N LYS H 338 -35.81 -12.49 49.10
CA LYS H 338 -35.09 -13.76 48.99
C LYS H 338 -35.72 -14.69 47.95
N LYS H 339 -37.05 -14.72 47.89
CA LYS H 339 -37.75 -15.71 47.08
C LYS H 339 -37.55 -15.46 45.58
N LEU H 340 -37.97 -14.30 45.11
CA LEU H 340 -37.94 -13.95 43.70
C LEU H 340 -37.25 -12.61 43.53
N LEU H 341 -36.61 -12.45 42.38
CA LEU H 341 -35.80 -11.28 42.07
C LEU H 341 -34.85 -10.92 43.22
N PRO H 342 -34.01 -11.87 43.67
CA PRO H 342 -33.06 -11.51 44.73
C PRO H 342 -31.92 -10.65 44.22
N LYS H 343 -31.38 -10.98 43.05
CA LYS H 343 -30.34 -10.23 42.35
C LYS H 343 -29.01 -10.23 43.10
N ALA H 344 -28.93 -10.81 44.29
CA ALA H 344 -27.71 -10.84 45.07
C ALA H 344 -27.50 -12.22 45.66
N SER H 345 -26.26 -12.50 46.05
CA SER H 345 -25.94 -13.80 46.60
C SER H 345 -26.59 -13.95 47.98
N LEU H 346 -26.44 -15.12 48.59
CA LEU H 346 -27.13 -15.32 49.85
C LEU H 346 -26.45 -16.44 50.63
N LEU H 347 -26.27 -16.21 51.93
CA LEU H 347 -25.70 -17.21 52.84
C LEU H 347 -26.48 -17.16 54.14
N ILE H 348 -27.14 -18.26 54.49
CA ILE H 348 -27.93 -18.28 55.71
C ILE H 348 -27.45 -19.37 56.67
N THR H 349 -27.56 -19.07 57.97
CA THR H 349 -27.02 -19.90 59.03
C THR H 349 -28.15 -20.25 59.98
N THR H 350 -28.29 -21.54 60.28
CA THR H 350 -29.38 -22.05 61.11
C THR H 350 -29.14 -23.54 61.33
N ARG H 351 -29.88 -24.13 62.30
CA ARG H 351 -29.69 -25.57 62.47
C ARG H 351 -30.76 -26.37 61.73
N PRO H 352 -30.46 -27.66 61.39
CA PRO H 352 -31.40 -28.46 60.58
C PRO H 352 -32.68 -28.94 61.26
N VAL H 353 -32.99 -28.41 62.44
CA VAL H 353 -34.21 -28.73 63.16
C VAL H 353 -35.52 -28.66 62.37
N ALA H 354 -35.90 -27.45 61.94
CA ALA H 354 -37.22 -27.21 61.35
C ALA H 354 -37.11 -26.13 60.29
N LEU H 355 -36.18 -26.28 59.35
CA LEU H 355 -35.99 -25.27 58.31
C LEU H 355 -36.79 -25.48 57.05
N GLU H 356 -37.26 -26.70 56.76
CA GLU H 356 -37.83 -27.00 55.45
C GLU H 356 -38.85 -25.98 54.95
N LYS H 357 -39.47 -25.19 55.84
CA LYS H 357 -40.28 -24.03 55.45
C LYS H 357 -39.64 -23.17 54.36
N LEU H 358 -38.32 -22.98 54.45
CA LEU H 358 -37.56 -22.15 53.55
C LEU H 358 -36.97 -22.96 52.40
N GLN H 359 -37.02 -24.28 52.49
CA GLN H 359 -36.44 -25.17 51.48
C GLN H 359 -37.49 -25.76 50.56
N HIS H 360 -38.67 -26.12 51.08
CA HIS H 360 -39.80 -26.32 50.18
C HIS H 360 -40.16 -25.00 49.49
N LEU H 361 -39.87 -23.89 50.15
CA LEU H 361 -39.68 -22.61 49.48
C LEU H 361 -38.52 -22.72 48.50
N LEU H 362 -38.81 -22.52 47.21
CA LEU H 362 -37.82 -22.75 46.18
C LEU H 362 -36.69 -21.72 46.29
N ASP H 363 -35.46 -22.22 46.34
CA ASP H 363 -34.26 -21.39 46.41
C ASP H 363 -33.15 -21.84 45.46
N HIS H 364 -33.15 -23.10 45.03
CA HIS H 364 -32.01 -23.70 44.35
C HIS H 364 -30.72 -23.41 45.12
N PRO H 365 -30.66 -23.78 46.41
CA PRO H 365 -29.46 -23.50 47.19
C PRO H 365 -28.45 -24.63 47.20
N ARG H 366 -27.32 -24.42 47.87
CA ARG H 366 -26.50 -25.51 48.36
C ARG H 366 -26.52 -25.49 49.89
N HIS H 367 -25.87 -26.48 50.49
CA HIS H 367 -25.71 -26.56 51.92
C HIS H 367 -24.29 -27.00 52.22
N VAL H 368 -23.72 -26.48 53.30
CA VAL H 368 -22.39 -26.91 53.74
C VAL H 368 -22.42 -27.11 55.25
N GLU H 369 -21.78 -28.19 55.69
CA GLU H 369 -21.72 -28.53 57.09
C GLU H 369 -20.45 -27.97 57.71
N ILE H 370 -20.56 -27.50 58.96
CA ILE H 370 -19.43 -27.02 59.74
C ILE H 370 -19.12 -28.04 60.81
N LEU H 371 -17.83 -28.33 60.98
CA LEU H 371 -17.37 -29.33 61.92
C LEU H 371 -16.37 -28.70 62.88
N GLY H 372 -16.52 -29.02 64.16
CA GLY H 372 -15.75 -28.38 65.20
C GLY H 372 -14.34 -28.89 65.38
N PHE H 373 -13.92 -29.02 66.63
CA PHE H 373 -12.52 -29.23 66.97
C PHE H 373 -12.11 -30.69 66.77
N SER H 374 -11.25 -30.93 65.79
CA SER H 374 -10.50 -32.17 65.76
C SER H 374 -9.40 -32.12 66.82
N GLU H 375 -8.74 -33.25 67.04
CA GLU H 375 -7.79 -33.34 68.14
C GLU H 375 -6.66 -32.31 67.98
N ALA H 376 -6.01 -32.30 66.81
CA ALA H 376 -4.80 -31.50 66.66
C ALA H 376 -5.08 -30.00 66.73
N LYS H 377 -6.07 -29.52 65.99
CA LYS H 377 -6.30 -28.09 66.05
C LYS H 377 -7.15 -27.68 67.25
N ARG H 378 -7.79 -28.64 67.93
CA ARG H 378 -8.29 -28.38 69.27
C ARG H 378 -7.14 -28.12 70.23
N LYS H 379 -6.05 -28.90 70.12
CA LYS H 379 -4.86 -28.61 70.89
C LYS H 379 -4.30 -27.24 70.53
N GLU H 380 -4.34 -26.90 69.24
CA GLU H 380 -3.90 -25.58 68.82
C GLU H 380 -4.75 -24.48 69.45
N TYR H 381 -6.07 -24.68 69.48
CA TYR H 381 -6.95 -23.71 70.13
C TYR H 381 -6.67 -23.61 71.62
N PHE H 382 -6.36 -24.74 72.26
CA PHE H 382 -6.02 -24.72 73.67
C PHE H 382 -4.74 -23.92 73.90
N PHE H 383 -3.75 -24.10 73.03
CA PHE H 383 -2.52 -23.34 73.13
C PHE H 383 -2.77 -21.84 72.91
N LYS H 384 -3.63 -21.51 71.94
CA LYS H 384 -3.86 -20.10 71.64
C LYS H 384 -4.69 -19.42 72.71
N TYR H 385 -5.62 -20.14 73.33
CA TYR H 385 -6.45 -19.55 74.38
C TYR H 385 -5.64 -19.42 75.67
N PHE H 386 -5.16 -20.55 76.19
CA PHE H 386 -4.33 -20.50 77.37
C PHE H 386 -3.03 -19.75 77.06
N SER H 387 -2.35 -19.33 78.12
CA SER H 387 -0.98 -18.89 77.95
C SER H 387 -0.11 -20.08 77.59
N ASN H 388 0.99 -19.82 76.89
CA ASN H 388 1.76 -20.90 76.30
C ASN H 388 2.41 -21.80 77.34
N GLU H 389 2.42 -21.42 78.61
CA GLU H 389 3.04 -22.22 79.65
C GLU H 389 2.21 -22.45 80.90
N LEU H 390 1.24 -21.59 81.22
CA LEU H 390 0.55 -21.72 82.50
C LEU H 390 -0.36 -22.96 82.52
N GLN H 391 -1.20 -23.13 81.50
CA GLN H 391 -2.12 -24.26 81.47
C GLN H 391 -2.25 -24.87 80.08
N ALA H 392 -1.28 -24.66 79.20
CA ALA H 392 -1.43 -25.08 77.82
C ALA H 392 -1.41 -26.60 77.67
N ARG H 393 -0.60 -27.29 78.48
CA ARG H 393 -0.42 -28.73 78.30
C ARG H 393 -1.06 -29.59 79.38
N GLU H 394 -0.80 -29.33 80.66
CA GLU H 394 -1.21 -30.27 81.70
C GLU H 394 -2.73 -30.41 81.77
N ALA H 395 -3.47 -29.30 81.69
CA ALA H 395 -4.93 -29.39 81.62
C ALA H 395 -5.39 -30.11 80.36
N PHE H 396 -4.78 -29.80 79.22
CA PHE H 396 -5.12 -30.50 77.99
C PHE H 396 -4.98 -32.01 78.15
N ARG H 397 -3.83 -32.46 78.66
CA ARG H 397 -3.60 -33.90 78.75
C ARG H 397 -4.43 -34.56 79.85
N LEU H 398 -4.71 -33.84 80.94
CA LEU H 398 -5.55 -34.46 81.96
C LEU H 398 -6.98 -34.62 81.47
N ILE H 399 -7.47 -33.70 80.63
CA ILE H 399 -8.79 -33.96 80.07
C ILE H 399 -8.72 -34.88 78.85
N GLN H 400 -7.53 -35.07 78.28
CA GLN H 400 -7.35 -36.15 77.32
C GLN H 400 -7.54 -37.50 77.99
N GLU H 401 -7.01 -37.65 79.21
CA GLU H 401 -7.08 -38.94 79.89
C GLU H 401 -8.51 -39.31 80.26
N ASN H 402 -9.44 -38.35 80.17
CA ASN H 402 -10.85 -38.65 80.38
C ASN H 402 -11.40 -39.43 79.20
N GLU H 403 -12.13 -40.51 79.49
CA GLU H 403 -12.76 -41.29 78.43
C GLU H 403 -13.84 -40.50 77.72
N VAL H 404 -14.24 -39.37 78.29
CA VAL H 404 -15.25 -38.49 77.73
C VAL H 404 -14.64 -37.08 77.71
N LEU H 405 -15.43 -36.09 77.26
CA LEU H 405 -14.96 -34.71 77.12
C LEU H 405 -14.01 -34.60 75.94
N PHE H 406 -13.63 -35.74 75.38
CA PHE H 406 -13.03 -35.81 74.06
C PHE H 406 -14.05 -36.18 73.01
N THR H 407 -15.13 -36.88 73.41
CA THR H 407 -16.33 -36.92 72.58
C THR H 407 -16.91 -35.52 72.36
N MET H 408 -16.99 -34.71 73.41
CA MET H 408 -17.52 -33.36 73.25
C MET H 408 -16.46 -32.35 72.86
N CYS H 409 -15.17 -32.68 73.01
CA CYS H 409 -14.18 -31.70 72.58
C CYS H 409 -14.34 -31.36 71.11
N PHE H 410 -14.93 -32.26 70.33
CA PHE H 410 -15.26 -31.90 68.95
C PHE H 410 -16.15 -30.67 68.87
N ILE H 411 -17.20 -30.60 69.69
CA ILE H 411 -18.09 -29.44 69.67
C ILE H 411 -17.44 -28.15 70.19
N PRO H 412 -17.45 -27.11 69.36
CA PRO H 412 -16.81 -25.84 69.74
C PRO H 412 -17.39 -25.18 70.97
N LEU H 413 -18.70 -25.25 71.21
CA LEU H 413 -19.22 -24.61 72.41
C LEU H 413 -18.65 -25.27 73.66
N VAL H 414 -18.45 -26.58 73.63
CA VAL H 414 -17.83 -27.26 74.76
C VAL H 414 -16.39 -26.80 74.92
N CYS H 415 -15.64 -26.70 73.82
CA CYS H 415 -14.27 -26.21 73.98
C CYS H 415 -14.22 -24.77 74.51
N TRP H 416 -15.10 -23.89 74.01
CA TRP H 416 -15.09 -22.52 74.51
C TRP H 416 -15.53 -22.44 75.96
N ILE H 417 -16.36 -23.38 76.40
CA ILE H 417 -16.88 -23.30 77.75
C ILE H 417 -15.93 -23.99 78.72
N VAL H 418 -15.10 -24.90 78.25
CA VAL H 418 -14.12 -25.47 79.16
C VAL H 418 -12.88 -24.58 79.23
N CYS H 419 -12.56 -23.88 78.14
CA CYS H 419 -11.46 -22.94 78.17
C CYS H 419 -11.79 -21.78 79.10
N THR H 420 -12.98 -21.19 78.95
CA THR H 420 -13.32 -20.12 79.87
C THR H 420 -13.63 -20.65 81.28
N GLY H 421 -14.16 -21.87 81.38
CA GLY H 421 -14.54 -22.48 82.64
C GLY H 421 -13.42 -23.03 83.48
N LEU H 422 -12.18 -23.05 83.00
CA LEU H 422 -11.10 -23.59 83.82
C LEU H 422 -10.08 -22.55 84.28
N LYS H 423 -10.14 -21.32 83.77
CA LYS H 423 -9.24 -20.28 84.28
C LYS H 423 -9.60 -19.84 85.71
N GLN H 424 -10.77 -20.18 86.22
CA GLN H 424 -11.07 -19.92 87.62
C GLN H 424 -10.59 -21.02 88.57
N GLN H 425 -9.94 -22.09 88.08
CA GLN H 425 -9.72 -23.27 88.91
C GLN H 425 -8.29 -23.41 89.39
N MET H 426 -7.34 -22.63 88.87
CA MET H 426 -6.00 -22.68 89.43
C MET H 426 -5.96 -22.01 90.81
N GLU H 427 -6.83 -21.04 91.05
CA GLU H 427 -6.97 -20.48 92.38
C GLU H 427 -7.45 -21.53 93.37
N THR H 428 -8.26 -22.49 92.92
CA THR H 428 -8.66 -23.63 93.74
C THR H 428 -7.65 -24.77 93.63
N GLY H 429 -7.40 -25.25 92.42
CA GLY H 429 -6.37 -26.24 92.17
C GLY H 429 -6.89 -27.66 92.15
N LYS H 430 -6.56 -28.39 91.08
CA LYS H 430 -6.85 -29.82 90.95
C LYS H 430 -8.35 -30.09 91.07
N SER H 431 -9.14 -29.33 90.30
CA SER H 431 -10.59 -29.53 90.24
C SER H 431 -11.08 -29.43 88.81
N LEU H 432 -10.35 -30.05 87.88
CA LEU H 432 -10.57 -29.83 86.46
C LEU H 432 -11.47 -30.89 85.85
N ALA H 433 -11.06 -32.16 85.93
CA ALA H 433 -11.73 -33.26 85.24
C ALA H 433 -12.89 -33.85 86.04
N GLN H 434 -13.16 -33.35 87.25
CA GLN H 434 -14.22 -33.92 88.07
C GLN H 434 -15.59 -33.59 87.51
N THR H 435 -16.55 -34.44 87.86
CA THR H 435 -17.98 -34.32 87.51
C THR H 435 -18.18 -33.73 86.11
N SER H 436 -17.49 -34.34 85.14
CA SER H 436 -17.55 -33.96 83.73
C SER H 436 -17.97 -35.20 82.94
N LYS H 437 -19.27 -35.33 82.68
CA LYS H 437 -19.80 -36.47 81.92
C LYS H 437 -20.44 -36.04 80.60
N THR H 438 -21.44 -35.17 80.64
CA THR H 438 -22.28 -34.88 79.49
C THR H 438 -22.40 -33.36 79.33
N THR H 439 -23.08 -32.93 78.27
CA THR H 439 -23.24 -31.50 78.03
C THR H 439 -23.98 -30.82 79.18
N THR H 440 -25.06 -31.45 79.65
CA THR H 440 -25.75 -30.92 80.83
C THR H 440 -24.84 -30.91 82.05
N ALA H 441 -24.04 -31.98 82.22
CA ALA H 441 -23.15 -32.05 83.38
C ALA H 441 -22.14 -30.91 83.35
N VAL H 442 -21.52 -30.66 82.20
CA VAL H 442 -20.50 -29.62 82.13
C VAL H 442 -21.14 -28.25 82.26
N TYR H 443 -22.34 -28.06 81.71
CA TYR H 443 -23.03 -26.78 81.88
C TYR H 443 -23.35 -26.52 83.35
N VAL H 444 -23.82 -27.55 84.06
CA VAL H 444 -24.13 -27.40 85.49
C VAL H 444 -22.86 -27.11 86.27
N PHE H 445 -21.77 -27.81 85.96
CA PHE H 445 -20.51 -27.57 86.65
C PHE H 445 -20.00 -26.15 86.42
N PHE H 446 -20.07 -25.68 85.18
CA PHE H 446 -19.62 -24.33 84.86
C PHE H 446 -20.48 -23.28 85.57
N LEU H 447 -21.80 -23.48 85.57
CA LEU H 447 -22.67 -22.52 86.27
C LEU H 447 -22.37 -22.51 87.76
N SER H 448 -22.17 -23.69 88.36
CA SER H 448 -21.86 -23.76 89.78
C SER H 448 -20.52 -23.10 90.09
N SER H 449 -19.54 -23.29 89.20
CA SER H 449 -18.24 -22.63 89.35
C SER H 449 -18.37 -21.11 89.29
N LEU H 450 -19.17 -20.59 88.35
CA LEU H 450 -19.40 -19.16 88.29
C LEU H 450 -20.14 -18.67 89.54
N LEU H 451 -21.13 -19.42 89.99
CA LEU H 451 -21.99 -19.04 91.11
C LEU H 451 -21.57 -19.71 92.41
N GLN H 452 -20.27 -19.91 92.60
CA GLN H 452 -19.78 -20.58 93.80
C GLN H 452 -19.73 -19.63 94.99
N SER H 453 -19.15 -18.46 94.81
CA SER H 453 -18.96 -17.50 95.89
C SER H 453 -20.15 -16.58 96.09
N ARG H 454 -21.30 -16.90 95.47
CA ARG H 454 -22.51 -16.11 95.61
C ARG H 454 -23.44 -16.64 96.70
N GLY H 455 -23.10 -17.75 97.33
CA GLY H 455 -23.93 -18.32 98.37
C GLY H 455 -23.56 -19.75 98.72
N LEU H 461 -30.01 -14.58 99.58
CA LEU H 461 -29.39 -13.56 98.76
C LEU H 461 -29.50 -13.89 97.28
N PHE H 462 -28.49 -14.58 96.76
CA PHE H 462 -28.49 -14.95 95.34
C PHE H 462 -29.48 -16.08 95.05
N SER H 463 -29.95 -16.79 96.08
CA SER H 463 -30.94 -17.84 95.86
C SER H 463 -32.21 -17.28 95.23
N ASP H 464 -32.60 -16.06 95.61
CA ASP H 464 -33.73 -15.41 94.97
C ASP H 464 -33.35 -14.74 93.65
N TYR H 465 -32.11 -14.26 93.53
CA TYR H 465 -31.69 -13.61 92.29
C TYR H 465 -31.67 -14.59 91.12
N LEU H 466 -31.14 -15.80 91.37
CA LEU H 466 -31.11 -16.80 90.32
C LEU H 466 -32.52 -17.20 89.91
N GLN H 467 -33.43 -17.35 90.89
CA GLN H 467 -34.81 -17.69 90.57
C GLN H 467 -35.50 -16.57 89.79
N GLY H 468 -35.23 -15.32 90.16
CA GLY H 468 -35.84 -14.21 89.43
C GLY H 468 -35.36 -14.11 87.99
N LEU H 469 -34.06 -14.26 87.76
CA LEU H 469 -33.55 -14.27 86.40
C LEU H 469 -34.07 -15.48 85.63
N CYS H 470 -34.14 -16.64 86.30
CA CYS H 470 -34.62 -17.86 85.68
C CYS H 470 -36.07 -17.74 85.24
N SER H 471 -36.93 -17.25 86.12
CA SER H 471 -38.36 -17.24 85.83
C SER H 471 -38.75 -16.22 84.80
N LEU H 472 -37.74 -15.64 84.17
CA LEU H 472 -37.91 -14.62 83.14
C LEU H 472 -37.11 -14.92 81.89
N ALA H 473 -36.03 -15.69 82.01
CA ALA H 473 -35.17 -15.93 80.85
C ALA H 473 -35.90 -16.77 79.82
N ALA H 474 -36.55 -17.84 80.29
CA ALA H 474 -37.18 -18.81 79.40
C ALA H 474 -38.30 -18.17 78.59
N ASP H 475 -38.99 -17.18 79.15
CA ASP H 475 -40.03 -16.47 78.42
C ASP H 475 -39.51 -15.78 77.17
N GLY H 476 -38.20 -15.56 77.08
CA GLY H 476 -37.61 -15.05 75.85
C GLY H 476 -37.95 -15.91 74.64
N ILE H 477 -38.01 -17.22 74.84
CA ILE H 477 -38.42 -18.12 73.77
C ILE H 477 -39.82 -18.67 73.99
N TRP H 478 -40.32 -18.69 75.22
CA TRP H 478 -41.68 -19.15 75.48
C TRP H 478 -42.70 -18.16 74.90
N ASN H 479 -42.71 -16.93 75.41
CA ASN H 479 -43.50 -15.89 74.78
C ASN H 479 -42.91 -15.46 73.45
N GLN H 480 -41.73 -15.97 73.11
CA GLN H 480 -41.05 -15.70 71.84
C GLN H 480 -40.74 -14.21 71.69
N LYS H 481 -40.19 -13.65 72.76
CA LYS H 481 -39.56 -12.33 72.72
C LYS H 481 -38.14 -12.57 73.21
N ILE H 482 -37.29 -13.10 72.32
CA ILE H 482 -35.92 -13.42 72.67
C ILE H 482 -35.16 -12.18 73.12
N LEU H 483 -35.57 -11.01 72.62
CA LEU H 483 -34.93 -9.76 73.01
C LEU H 483 -35.63 -9.21 74.26
N PHE H 484 -34.82 -8.88 75.26
CA PHE H 484 -35.31 -8.45 76.57
C PHE H 484 -35.59 -6.95 76.66
N GLU H 485 -35.35 -6.19 75.60
CA GLU H 485 -35.50 -4.73 75.59
C GLU H 485 -34.65 -4.11 76.69
N GLU H 486 -33.34 -4.23 76.49
CA GLU H 486 -32.31 -3.79 77.45
C GLU H 486 -32.61 -4.30 78.86
N CYS H 487 -33.32 -5.43 78.91
CA CYS H 487 -33.69 -6.10 80.16
C CYS H 487 -34.62 -5.22 80.99
N ASP H 488 -35.65 -4.67 80.35
CA ASP H 488 -36.70 -3.97 81.09
C ASP H 488 -37.67 -4.94 81.75
N LEU H 489 -37.92 -6.09 81.11
CA LEU H 489 -38.62 -7.16 81.81
C LEU H 489 -37.84 -7.58 83.04
N ARG H 490 -36.50 -7.66 82.93
CA ARG H 490 -35.67 -7.90 84.11
C ARG H 490 -35.76 -6.76 85.10
N LYS H 491 -35.85 -5.51 84.61
CA LYS H 491 -36.10 -4.38 85.50
C LYS H 491 -37.37 -4.58 86.31
N HIS H 492 -38.37 -5.23 85.71
CA HIS H 492 -39.53 -5.66 86.49
C HIS H 492 -39.19 -6.81 87.42
N GLY H 493 -38.44 -7.80 86.93
CA GLY H 493 -38.12 -8.98 87.71
C GLY H 493 -36.68 -9.02 88.22
N LEU H 494 -36.49 -8.70 89.50
CA LEU H 494 -35.21 -8.88 90.19
C LEU H 494 -34.09 -8.10 89.51
N GLN H 495 -34.22 -6.78 89.56
CA GLN H 495 -33.20 -5.86 89.09
C GLN H 495 -32.46 -5.31 90.31
N LYS H 496 -31.25 -5.78 90.54
CA LYS H 496 -30.38 -5.31 91.61
C LYS H 496 -28.96 -5.20 91.08
N THR H 497 -28.00 -5.05 91.98
CA THR H 497 -26.59 -5.12 91.60
C THR H 497 -26.19 -6.51 91.14
N ASP H 498 -27.01 -7.53 91.45
CA ASP H 498 -26.79 -8.86 90.90
C ASP H 498 -26.77 -8.83 89.38
N VAL H 499 -27.58 -7.97 88.77
CA VAL H 499 -27.57 -7.82 87.32
C VAL H 499 -26.23 -7.30 86.83
N SER H 500 -25.67 -6.31 87.53
CA SER H 500 -24.34 -5.81 87.19
C SER H 500 -23.30 -6.91 87.31
N ALA H 501 -23.40 -7.73 88.37
CA ALA H 501 -22.46 -8.84 88.53
C ALA H 501 -22.60 -9.86 87.39
N PHE H 502 -23.84 -10.16 87.00
CA PHE H 502 -24.07 -11.11 85.92
C PHE H 502 -23.48 -10.58 84.61
N LEU H 503 -23.70 -9.29 84.33
CA LEU H 503 -23.13 -8.69 83.13
C LEU H 503 -21.61 -8.68 83.18
N ARG H 504 -21.04 -8.44 84.36
CA ARG H 504 -19.58 -8.41 84.48
C ARG H 504 -18.97 -9.78 84.24
N MET H 505 -19.60 -10.85 84.75
CA MET H 505 -19.09 -12.18 84.46
C MET H 505 -19.54 -12.71 83.11
N ASN H 506 -20.46 -12.01 82.43
CA ASN H 506 -21.01 -12.42 81.14
C ASN H 506 -20.86 -11.29 80.13
N VAL H 507 -19.61 -10.79 80.01
CA VAL H 507 -19.30 -9.60 79.22
C VAL H 507 -19.97 -9.62 77.85
N PHE H 508 -20.23 -10.80 77.29
CA PHE H 508 -20.84 -10.91 75.97
C PHE H 508 -22.36 -10.79 76.00
N GLN H 509 -22.93 -10.17 77.03
CA GLN H 509 -24.38 -10.01 77.13
C GLN H 509 -24.84 -8.72 76.47
N LYS H 510 -24.32 -7.57 76.93
CA LYS H 510 -24.75 -6.27 76.43
C LYS H 510 -23.87 -5.76 75.30
N GLU H 511 -22.58 -6.11 75.32
CA GLU H 511 -21.62 -5.49 74.40
C GLU H 511 -21.89 -5.85 72.94
N VAL H 512 -22.52 -7.00 72.69
CA VAL H 512 -22.78 -7.40 71.30
C VAL H 512 -23.75 -6.45 70.63
N ASP H 513 -24.69 -5.88 71.38
CA ASP H 513 -25.65 -4.95 70.79
C ASP H 513 -25.06 -3.56 70.57
N CYS H 514 -24.10 -3.16 71.40
CA CYS H 514 -23.17 -2.05 71.21
C CYS H 514 -23.79 -0.67 71.43
N GLU H 515 -25.11 -0.55 71.60
CA GLU H 515 -25.71 0.75 71.86
C GLU H 515 -26.38 0.85 73.22
N ARG H 516 -27.42 0.05 73.48
CA ARG H 516 -28.10 0.06 74.78
C ARG H 516 -28.49 -1.31 75.28
N PHE H 517 -28.46 -2.34 74.45
CA PHE H 517 -29.34 -3.47 74.60
C PHE H 517 -28.65 -4.64 75.29
N TYR H 518 -29.46 -5.45 75.98
CA TYR H 518 -28.96 -6.55 76.80
C TYR H 518 -29.56 -7.86 76.31
N SER H 519 -28.76 -8.92 76.35
CA SER H 519 -29.16 -10.22 75.81
C SER H 519 -28.27 -11.29 76.43
N PHE H 520 -28.26 -12.48 75.84
CA PHE H 520 -27.40 -13.59 76.25
C PHE H 520 -26.38 -13.87 75.15
N SER H 521 -25.44 -14.76 75.46
CA SER H 521 -24.34 -15.01 74.53
C SER H 521 -24.78 -15.76 73.28
N HIS H 522 -25.19 -17.02 73.44
CA HIS H 522 -25.71 -17.81 72.31
C HIS H 522 -26.94 -18.60 72.76
N MET H 523 -27.77 -17.99 73.61
CA MET H 523 -29.07 -18.52 74.01
C MET H 523 -29.01 -19.94 74.54
N THR H 524 -27.80 -20.47 74.75
CA THR H 524 -27.67 -21.82 75.27
C THR H 524 -27.76 -21.82 76.78
N PHE H 525 -27.08 -20.88 77.42
CA PHE H 525 -27.33 -20.66 78.84
C PHE H 525 -28.76 -20.22 79.07
N GLN H 526 -29.35 -19.52 78.10
CA GLN H 526 -30.77 -19.18 78.20
C GLN H 526 -31.65 -20.42 78.23
N GLU H 527 -31.38 -21.40 77.36
CA GLU H 527 -32.16 -22.63 77.42
C GLU H 527 -31.83 -23.44 78.66
N PHE H 528 -30.61 -23.32 79.18
CA PHE H 528 -30.27 -23.95 80.44
C PHE H 528 -31.10 -23.34 81.57
N PHE H 529 -31.25 -22.02 81.57
CA PHE H 529 -32.12 -21.37 82.53
C PHE H 529 -33.58 -21.74 82.33
N ALA H 530 -33.97 -22.03 81.09
CA ALA H 530 -35.33 -22.52 80.85
C ALA H 530 -35.55 -23.89 81.48
N ALA H 531 -34.54 -24.75 81.42
CA ALA H 531 -34.59 -26.02 82.15
C ALA H 531 -34.63 -25.78 83.65
N MET H 532 -33.84 -24.83 84.13
CA MET H 532 -33.90 -24.41 85.53
C MET H 532 -35.31 -23.99 85.93
N TYR H 533 -35.99 -23.24 85.07
CA TYR H 533 -37.36 -22.82 85.36
C TYR H 533 -38.24 -23.98 85.81
N TYR H 534 -38.41 -24.97 84.93
CA TYR H 534 -39.22 -26.12 85.31
C TYR H 534 -38.60 -26.89 86.47
N LEU H 535 -37.29 -26.75 86.69
CA LEU H 535 -36.68 -27.34 87.88
C LEU H 535 -37.19 -26.67 89.15
N LEU H 536 -37.41 -25.37 89.09
CA LEU H 536 -37.89 -24.58 90.21
C LEU H 536 -39.40 -24.39 90.12
N GLU H 537 -39.97 -23.82 91.18
CA GLU H 537 -41.40 -23.54 91.21
C GLU H 537 -41.72 -22.45 92.23
N ARG H 558 -43.93 -24.83 85.01
CA ARG H 558 -45.39 -24.90 84.90
C ARG H 558 -45.86 -26.24 84.37
N ASP H 559 -46.84 -26.20 83.47
CA ASP H 559 -47.37 -27.41 82.86
C ASP H 559 -46.43 -27.96 81.78
N VAL H 560 -46.24 -29.28 81.81
CA VAL H 560 -45.40 -29.96 80.82
C VAL H 560 -46.17 -30.36 79.57
N LYS H 561 -47.51 -30.32 79.61
CA LYS H 561 -48.31 -30.82 78.51
C LYS H 561 -48.07 -30.00 77.26
N VAL H 562 -48.23 -28.68 77.36
CA VAL H 562 -48.09 -27.82 76.21
C VAL H 562 -46.67 -27.79 75.69
N LEU H 563 -45.66 -27.87 76.57
CA LEU H 563 -44.29 -27.90 76.09
C LEU H 563 -44.04 -29.15 75.25
N LEU H 564 -44.38 -30.33 75.78
CA LEU H 564 -44.15 -31.55 74.99
C LEU H 564 -45.01 -31.59 73.74
N GLU H 565 -46.20 -31.01 73.76
CA GLU H 565 -46.97 -30.85 72.52
C GLU H 565 -46.25 -29.96 71.51
N ASN H 566 -45.68 -28.86 71.98
CA ASN H 566 -44.97 -27.88 71.17
C ASN H 566 -43.51 -28.28 70.87
N TYR H 567 -43.15 -29.56 71.05
CA TYR H 567 -41.77 -29.99 70.90
C TYR H 567 -41.26 -29.81 69.47
N GLY H 568 -40.25 -28.96 69.31
CA GLY H 568 -39.50 -28.84 68.07
C GLY H 568 -40.09 -27.90 67.07
N LYS H 569 -41.12 -27.15 67.45
CA LYS H 569 -41.87 -26.24 66.61
C LYS H 569 -41.01 -25.01 66.42
N PHE H 570 -41.65 -23.89 66.13
CA PHE H 570 -40.99 -22.71 65.60
C PHE H 570 -41.61 -21.48 66.25
N GLU H 571 -42.18 -21.68 67.43
CA GLU H 571 -42.92 -20.71 68.23
C GLU H 571 -42.25 -20.51 69.58
N LYS H 572 -41.84 -21.60 70.25
CA LYS H 572 -41.08 -21.52 71.48
C LYS H 572 -39.58 -21.73 71.28
N GLY H 573 -39.14 -21.98 70.04
CA GLY H 573 -37.74 -22.04 69.69
C GLY H 573 -37.09 -23.42 69.67
N TYR H 574 -37.67 -24.31 68.87
CA TYR H 574 -37.18 -25.67 68.62
C TYR H 574 -37.15 -26.56 69.85
N LEU H 575 -37.11 -25.98 71.05
CA LEU H 575 -37.06 -26.75 72.30
C LEU H 575 -35.96 -27.82 72.33
N ILE H 576 -35.08 -27.83 71.32
CA ILE H 576 -34.07 -28.87 71.23
C ILE H 576 -33.18 -28.87 72.48
N PHE H 577 -32.42 -27.79 72.69
CA PHE H 577 -31.54 -27.75 73.84
C PHE H 577 -32.32 -27.69 75.13
N VAL H 578 -33.55 -27.19 75.08
CA VAL H 578 -34.40 -27.15 76.26
C VAL H 578 -34.61 -28.57 76.78
N VAL H 579 -35.19 -29.43 75.94
CA VAL H 579 -35.43 -30.81 76.33
C VAL H 579 -34.12 -31.54 76.57
N ARG H 580 -33.07 -31.18 75.84
CA ARG H 580 -31.76 -31.80 76.07
C ARG H 580 -31.33 -31.60 77.51
N PHE H 581 -31.35 -30.35 77.98
CA PHE H 581 -30.97 -30.08 79.36
C PHE H 581 -31.99 -30.66 80.34
N LEU H 582 -33.28 -30.68 79.97
CA LEU H 582 -34.28 -31.32 80.81
C LEU H 582 -33.91 -32.78 81.09
N PHE H 583 -33.59 -33.53 80.03
CA PHE H 583 -33.17 -34.91 80.22
C PHE H 583 -31.87 -34.99 81.01
N GLY H 584 -30.93 -34.08 80.74
CA GLY H 584 -29.67 -34.15 81.45
C GLY H 584 -29.86 -33.97 82.94
N LEU H 585 -30.79 -33.10 83.32
CA LEU H 585 -31.05 -32.80 84.72
C LEU H 585 -31.86 -33.88 85.40
N VAL H 586 -32.86 -34.46 84.72
CA VAL H 586 -33.83 -35.32 85.40
C VAL H 586 -33.18 -36.59 85.91
N ASN H 587 -31.88 -36.76 85.66
CA ASN H 587 -31.15 -37.87 86.24
C ASN H 587 -31.31 -37.78 87.75
N GLN H 588 -31.61 -38.91 88.39
CA GLN H 588 -32.02 -38.88 89.79
C GLN H 588 -30.95 -38.33 90.72
N GLU H 589 -29.67 -38.68 90.50
CA GLU H 589 -28.60 -38.09 91.31
C GLU H 589 -28.53 -36.58 91.13
N ARG H 590 -28.62 -36.09 89.89
CA ARG H 590 -28.66 -34.64 89.68
C ARG H 590 -29.91 -34.01 90.26
N THR H 591 -31.03 -34.73 90.23
CA THR H 591 -32.27 -34.29 90.86
C THR H 591 -32.05 -34.02 92.35
N SER H 592 -31.48 -34.99 93.05
CA SER H 592 -31.23 -34.80 94.47
C SER H 592 -30.24 -33.67 94.71
N TYR H 593 -29.17 -33.62 93.90
CA TYR H 593 -28.16 -32.58 94.09
C TYR H 593 -28.76 -31.20 93.92
N LEU H 594 -29.59 -31.02 92.89
CA LEU H 594 -30.17 -29.71 92.62
C LEU H 594 -31.28 -29.36 93.61
N GLU H 595 -32.08 -30.35 94.01
CA GLU H 595 -33.11 -30.08 95.01
C GLU H 595 -32.49 -29.73 96.35
N LYS H 596 -31.25 -30.15 96.60
CA LYS H 596 -30.56 -29.72 97.81
C LYS H 596 -29.84 -28.38 97.62
N LYS H 597 -29.26 -28.15 96.44
CA LYS H 597 -28.48 -26.95 96.20
C LYS H 597 -29.37 -25.72 96.07
N LEU H 598 -30.46 -25.84 95.31
CA LEU H 598 -31.30 -24.71 94.97
C LEU H 598 -32.52 -24.55 95.89
N SER H 599 -32.66 -25.42 96.88
CA SER H 599 -33.82 -25.40 97.78
C SER H 599 -35.13 -25.44 97.01
N CYS H 600 -35.19 -26.26 95.96
CA CYS H 600 -36.31 -26.28 95.03
C CYS H 600 -36.90 -27.67 94.92
N LYS H 601 -38.22 -27.71 94.75
CA LYS H 601 -38.94 -28.95 94.51
C LYS H 601 -39.07 -29.19 93.01
N ILE H 602 -38.80 -30.42 92.57
CA ILE H 602 -38.91 -30.79 91.17
C ILE H 602 -39.85 -32.00 91.08
N SER H 603 -40.66 -32.00 90.03
CA SER H 603 -41.70 -33.00 89.85
C SER H 603 -41.12 -34.22 89.14
N GLN H 604 -41.57 -35.41 89.55
CA GLN H 604 -41.15 -36.63 88.90
C GLN H 604 -42.11 -37.05 87.80
N GLN H 605 -43.27 -36.41 87.73
CA GLN H 605 -44.27 -36.71 86.70
C GLN H 605 -43.65 -36.53 85.32
N VAL H 606 -42.79 -35.53 85.16
CA VAL H 606 -42.17 -35.25 83.86
C VAL H 606 -41.43 -36.48 83.34
N ARG H 607 -40.83 -37.27 84.23
CA ARG H 607 -40.18 -38.51 83.79
C ARG H 607 -41.17 -39.41 83.05
N LEU H 608 -42.36 -39.57 83.61
CA LEU H 608 -43.40 -40.35 82.95
C LEU H 608 -43.82 -39.66 81.66
N GLU H 609 -43.90 -38.34 81.68
CA GLU H 609 -44.29 -37.61 80.48
C GLU H 609 -43.34 -37.92 79.34
N LEU H 610 -42.03 -37.85 79.61
CA LEU H 610 -41.02 -38.24 78.64
C LEU H 610 -41.26 -39.66 78.14
N LEU H 611 -41.49 -40.59 79.06
CA LEU H 611 -41.90 -41.95 78.70
C LEU H 611 -43.02 -41.95 77.65
N LYS H 612 -44.15 -41.33 77.99
CA LYS H 612 -45.28 -41.20 77.09
C LYS H 612 -44.85 -40.66 75.73
N TRP H 613 -44.07 -39.60 75.76
CA TRP H 613 -43.52 -39.00 74.55
C TRP H 613 -42.80 -40.06 73.71
N ILE H 614 -41.94 -40.85 74.36
CA ILE H 614 -41.22 -41.91 73.65
C ILE H 614 -42.17 -42.89 72.95
N GLU H 615 -43.20 -43.41 73.65
CA GLU H 615 -44.14 -44.26 72.88
C GLU H 615 -44.77 -43.50 71.71
N VAL H 616 -45.14 -42.23 71.91
CA VAL H 616 -45.72 -41.45 70.83
C VAL H 616 -44.77 -41.38 69.63
N LYS H 617 -43.51 -41.00 69.87
CA LYS H 617 -42.60 -40.94 68.72
C LYS H 617 -42.24 -42.35 68.22
N ALA H 618 -42.51 -43.38 69.01
CA ALA H 618 -42.44 -44.75 68.51
C ALA H 618 -43.50 -44.97 67.46
N LYS H 619 -44.69 -44.42 67.69
CA LYS H 619 -45.83 -44.65 66.82
C LYS H 619 -45.93 -43.59 65.73
N ALA H 620 -45.06 -42.59 65.74
CA ALA H 620 -45.06 -41.56 64.71
C ALA H 620 -44.41 -42.13 63.46
N LYS H 621 -45.21 -42.41 62.44
CA LYS H 621 -44.68 -42.97 61.20
C LYS H 621 -43.98 -41.94 60.32
N LYS H 622 -44.23 -40.65 60.54
CA LYS H 622 -43.57 -39.60 59.74
C LYS H 622 -42.28 -39.18 60.42
N LEU H 623 -41.32 -40.10 60.43
CA LEU H 623 -40.03 -39.83 61.04
C LEU H 623 -39.06 -39.08 60.12
N GLN H 624 -39.41 -38.91 58.84
CA GLN H 624 -38.49 -38.22 57.94
C GLN H 624 -38.53 -36.71 58.14
N TRP H 625 -39.72 -36.14 58.41
CA TRP H 625 -39.87 -34.71 58.59
C TRP H 625 -40.16 -34.32 60.03
N GLN H 626 -39.94 -35.24 60.96
CA GLN H 626 -40.11 -35.00 62.38
C GLN H 626 -38.77 -35.32 63.06
N PRO H 627 -38.57 -34.93 64.32
CA PRO H 627 -37.27 -35.20 64.96
C PRO H 627 -36.92 -36.68 64.97
N SER H 628 -35.66 -36.96 64.72
CA SER H 628 -35.18 -38.31 64.43
C SER H 628 -35.13 -39.14 65.71
N GLN H 629 -34.52 -40.33 65.60
CA GLN H 629 -34.15 -41.14 66.74
C GLN H 629 -32.86 -40.67 67.39
N LEU H 630 -32.10 -39.80 66.71
CA LEU H 630 -30.77 -39.45 67.19
C LEU H 630 -30.84 -38.56 68.42
N GLU H 631 -31.73 -37.56 68.41
CA GLU H 631 -31.86 -36.72 69.59
C GLU H 631 -32.57 -37.42 70.73
N LEU H 632 -33.45 -38.37 70.44
CA LEU H 632 -33.95 -39.24 71.51
C LEU H 632 -32.80 -40.00 72.15
N PHE H 633 -31.89 -40.53 71.34
CA PHE H 633 -30.71 -41.20 71.88
C PHE H 633 -29.89 -40.22 72.72
N TYR H 634 -29.72 -39.00 72.21
CA TYR H 634 -29.04 -37.95 72.97
C TYR H 634 -29.64 -37.81 74.35
N CYS H 635 -30.97 -37.69 74.41
CA CYS H 635 -31.65 -37.44 75.68
C CYS H 635 -31.49 -38.61 76.62
N LEU H 636 -31.79 -39.82 76.16
CA LEU H 636 -31.69 -40.99 77.04
C LEU H 636 -30.26 -41.17 77.55
N TYR H 637 -29.26 -40.90 76.71
CA TYR H 637 -27.88 -40.89 77.19
C TYR H 637 -27.68 -39.80 78.22
N GLU H 638 -28.21 -38.60 77.96
CA GLU H 638 -27.99 -37.48 78.86
C GLU H 638 -28.66 -37.70 80.21
N MET H 639 -29.61 -38.64 80.28
CA MET H 639 -30.31 -38.88 81.53
C MET H 639 -29.92 -40.19 82.21
N GLN H 640 -29.10 -41.03 81.57
CA GLN H 640 -28.41 -42.12 82.25
C GLN H 640 -29.23 -42.93 83.24
N GLU H 641 -30.45 -43.32 82.90
CA GLU H 641 -31.22 -44.22 83.75
C GLU H 641 -31.41 -45.55 83.06
N GLU H 642 -31.07 -46.64 83.75
CA GLU H 642 -31.10 -47.97 83.14
C GLU H 642 -32.51 -48.34 82.73
N ASP H 643 -33.42 -48.45 83.71
CA ASP H 643 -34.76 -48.94 83.41
C ASP H 643 -35.49 -48.01 82.46
N PHE H 644 -35.27 -46.70 82.61
CA PHE H 644 -35.90 -45.74 81.72
C PHE H 644 -35.42 -45.90 80.28
N VAL H 645 -34.11 -46.07 80.09
CA VAL H 645 -33.59 -46.29 78.75
C VAL H 645 -34.11 -47.60 78.18
N GLN H 646 -34.20 -48.63 79.02
CA GLN H 646 -34.76 -49.91 78.59
C GLN H 646 -36.19 -49.74 78.09
N SER H 647 -37.03 -49.07 78.89
CA SER H 647 -38.42 -48.88 78.50
C SER H 647 -38.54 -48.02 77.25
N ALA H 648 -37.67 -47.01 77.13
CA ALA H 648 -37.67 -46.17 75.94
C ALA H 648 -37.33 -46.99 74.70
N MET H 649 -36.35 -47.88 74.81
CA MET H 649 -35.97 -48.68 73.66
C MET H 649 -36.98 -49.78 73.36
N ASP H 650 -37.75 -50.20 74.37
CA ASP H 650 -38.74 -51.25 74.16
C ASP H 650 -39.75 -50.85 73.09
N HIS H 651 -40.10 -49.56 73.03
CA HIS H 651 -41.07 -49.07 72.07
C HIS H 651 -40.53 -49.09 70.65
N PHE H 652 -39.24 -49.32 70.46
CA PHE H 652 -38.62 -49.27 69.13
C PHE H 652 -38.03 -50.63 68.81
N PRO H 653 -38.62 -51.39 67.88
CA PRO H 653 -38.02 -52.68 67.51
C PRO H 653 -36.92 -52.57 66.48
N LYS H 654 -36.80 -51.42 65.82
CA LYS H 654 -35.84 -51.24 64.76
C LYS H 654 -35.29 -49.82 64.83
N ILE H 655 -33.99 -49.67 64.58
CA ILE H 655 -33.30 -48.41 64.75
C ILE H 655 -32.75 -47.97 63.39
N GLU H 656 -32.94 -46.69 63.08
CA GLU H 656 -32.39 -46.09 61.87
C GLU H 656 -31.75 -44.78 62.28
N ILE H 657 -30.42 -44.75 62.32
CA ILE H 657 -29.67 -43.54 62.63
C ILE H 657 -28.52 -43.42 61.64
N ASN H 658 -27.89 -42.25 61.63
CA ASN H 658 -26.77 -41.97 60.74
C ASN H 658 -25.75 -41.18 61.54
N LEU H 659 -24.64 -41.83 61.87
CA LEU H 659 -23.67 -41.22 62.77
C LEU H 659 -22.88 -40.14 62.05
N SER H 660 -22.75 -38.99 62.71
CA SER H 660 -21.92 -37.89 62.26
C SER H 660 -20.85 -37.49 63.26
N THR H 661 -21.20 -37.47 64.55
CA THR H 661 -20.25 -37.18 65.61
C THR H 661 -19.88 -38.44 66.40
N ARG H 662 -18.71 -38.37 67.02
CA ARG H 662 -18.39 -39.42 67.98
C ARG H 662 -19.35 -39.36 69.15
N MET H 663 -19.92 -38.19 69.42
CA MET H 663 -21.02 -38.11 70.38
C MET H 663 -22.19 -38.94 69.90
N ASP H 664 -22.44 -38.96 68.58
CA ASP H 664 -23.44 -39.86 68.04
C ASP H 664 -23.08 -41.30 68.29
N HIS H 665 -21.81 -41.65 68.09
CA HIS H 665 -21.36 -43.01 68.36
C HIS H 665 -21.58 -43.39 69.82
N VAL H 666 -21.22 -42.51 70.74
CA VAL H 666 -21.35 -42.84 72.16
C VAL H 666 -22.80 -42.99 72.57
N VAL H 667 -23.66 -42.07 72.13
CA VAL H 667 -25.06 -42.16 72.54
C VAL H 667 -25.70 -43.39 71.93
N SER H 668 -25.32 -43.73 70.69
CA SER H 668 -25.84 -44.94 70.07
C SER H 668 -25.38 -46.17 70.85
N SER H 669 -24.11 -46.21 71.25
CA SER H 669 -23.61 -47.32 72.04
C SER H 669 -24.38 -47.43 73.34
N PHE H 670 -24.58 -46.31 74.03
CA PHE H 670 -25.27 -46.33 75.31
C PHE H 670 -26.68 -46.86 75.17
N CYS H 671 -27.44 -46.32 74.22
CA CYS H 671 -28.82 -46.77 74.07
C CYS H 671 -28.88 -48.23 73.66
N ILE H 672 -28.04 -48.62 72.70
CA ILE H 672 -28.14 -49.97 72.14
C ILE H 672 -27.70 -51.01 73.15
N LYS H 673 -26.74 -50.68 74.02
CA LYS H 673 -26.39 -51.67 75.04
C LYS H 673 -27.46 -51.83 76.10
N ASN H 674 -28.60 -51.15 75.96
CA ASN H 674 -29.71 -51.26 76.90
C ASN H 674 -31.01 -51.50 76.14
N CYS H 675 -30.97 -52.45 75.21
CA CYS H 675 -32.12 -52.79 74.39
C CYS H 675 -32.47 -54.25 74.56
N HIS H 676 -33.76 -54.54 74.62
CA HIS H 676 -34.23 -55.92 74.66
C HIS H 676 -35.37 -56.16 73.67
N ARG H 677 -36.13 -55.11 73.37
CA ARG H 677 -37.19 -55.16 72.37
C ARG H 677 -36.80 -54.49 71.06
N VAL H 678 -35.53 -54.58 70.67
CA VAL H 678 -35.06 -54.07 69.40
C VAL H 678 -34.61 -55.25 68.55
N LYS H 679 -35.21 -55.39 67.38
CA LYS H 679 -34.89 -56.51 66.51
C LYS H 679 -33.80 -56.13 65.50
N THR H 680 -34.07 -55.17 64.64
CA THR H 680 -33.16 -54.82 63.57
C THR H 680 -32.37 -53.57 63.93
N LEU H 681 -31.08 -53.57 63.62
CA LEU H 681 -30.19 -52.47 63.92
C LEU H 681 -29.51 -52.02 62.62
N SER H 682 -30.11 -51.05 61.96
CA SER H 682 -29.54 -50.45 60.77
C SER H 682 -28.79 -49.18 61.19
N LEU H 683 -27.56 -49.03 60.71
CA LEU H 683 -26.70 -47.93 61.13
C LEU H 683 -26.14 -47.25 59.90
N GLY H 684 -26.19 -45.91 59.91
CA GLY H 684 -25.64 -45.10 58.85
C GLY H 684 -24.31 -44.45 59.19
N PHE H 685 -23.21 -45.00 58.68
CA PHE H 685 -21.90 -44.45 59.00
C PHE H 685 -21.63 -43.33 58.02
N PHE H 686 -21.25 -42.17 58.55
CA PHE H 686 -20.88 -41.00 57.75
C PHE H 686 -19.54 -40.45 58.25
N HIS H 687 -18.45 -40.99 57.73
CA HIS H 687 -17.11 -40.55 58.13
C HIS H 687 -16.70 -39.30 57.35
N LEU H 726 -9.70 -46.14 63.58
CA LEU H 726 -10.57 -45.26 64.36
C LEU H 726 -11.98 -45.86 64.49
N THR H 727 -12.61 -46.14 63.35
CA THR H 727 -13.95 -46.74 63.38
C THR H 727 -13.93 -48.14 64.00
N SER H 728 -12.76 -48.75 64.08
CA SER H 728 -12.63 -50.07 64.68
C SER H 728 -13.26 -50.10 66.06
N SER H 729 -12.70 -49.31 67.01
CA SER H 729 -13.23 -49.33 68.37
C SER H 729 -14.66 -48.79 68.44
N PHE H 730 -15.01 -47.79 67.62
CA PHE H 730 -16.38 -47.28 67.64
C PHE H 730 -17.38 -48.40 67.36
N CYS H 731 -17.31 -48.99 66.17
CA CYS H 731 -18.26 -50.05 65.85
C CYS H 731 -18.09 -51.26 66.76
N ARG H 732 -16.88 -51.48 67.28
CA ARG H 732 -16.68 -52.56 68.22
C ARG H 732 -17.55 -52.35 69.46
N GLY H 733 -17.60 -51.11 69.95
CA GLY H 733 -18.53 -50.79 71.02
C GLY H 733 -19.96 -50.92 70.58
N LEU H 734 -20.25 -50.42 69.37
CA LEU H 734 -21.61 -50.44 68.84
C LEU H 734 -22.17 -51.85 68.82
N PHE H 735 -21.32 -52.85 68.63
CA PHE H 735 -21.79 -54.23 68.50
C PHE H 735 -21.41 -55.09 69.70
N SER H 736 -20.59 -54.59 70.62
CA SER H 736 -20.59 -55.13 71.96
C SER H 736 -21.89 -54.80 72.67
N SER H 737 -22.49 -53.66 72.31
CA SER H 737 -23.88 -53.44 72.65
C SER H 737 -24.78 -54.56 72.13
N LEU H 738 -24.48 -55.08 70.94
CA LEU H 738 -25.22 -56.25 70.46
C LEU H 738 -24.86 -57.50 71.25
N SER H 739 -23.61 -57.58 71.72
CA SER H 739 -23.23 -58.64 72.63
C SER H 739 -24.02 -58.59 73.94
N THR H 740 -24.53 -57.42 74.30
CA THR H 740 -25.49 -57.34 75.39
C THR H 740 -26.94 -57.42 74.92
N ASN H 741 -27.18 -57.30 73.61
CA ASN H 741 -28.48 -57.49 72.99
C ASN H 741 -28.83 -58.95 72.74
N ARG H 742 -28.17 -59.86 73.44
CA ARG H 742 -28.41 -61.30 73.34
C ARG H 742 -29.87 -61.70 73.54
N SER H 743 -30.70 -60.78 74.04
CA SER H 743 -32.13 -61.06 74.08
C SER H 743 -32.67 -61.33 72.69
N LEU H 744 -32.41 -60.42 71.75
CA LEU H 744 -32.76 -60.61 70.35
C LEU H 744 -32.18 -59.45 69.56
N THR H 745 -31.74 -59.74 68.33
CA THR H 745 -31.18 -58.70 67.48
C THR H 745 -31.20 -59.17 66.04
N GLU H 746 -31.11 -58.20 65.13
CA GLU H 746 -30.93 -58.39 63.69
C GLU H 746 -30.14 -57.18 63.21
N LEU H 747 -29.36 -57.36 62.15
CA LEU H 747 -28.40 -56.33 61.78
C LEU H 747 -28.46 -56.02 60.29
N ASP H 748 -28.27 -54.74 59.97
CA ASP H 748 -28.05 -54.28 58.62
C ASP H 748 -26.95 -53.25 58.63
N LEU H 749 -26.03 -53.37 57.68
CA LEU H 749 -25.03 -52.33 57.39
C LEU H 749 -24.92 -52.29 55.87
N SER H 750 -25.74 -51.45 55.25
CA SER H 750 -25.80 -51.37 53.80
C SER H 750 -25.58 -49.93 53.35
N ASP H 751 -25.06 -49.78 52.14
CA ASP H 751 -24.79 -48.48 51.53
C ASP H 751 -23.88 -47.64 52.42
N ASN H 752 -22.97 -48.29 53.12
CA ASN H 752 -22.00 -47.63 53.98
C ASN H 752 -20.62 -48.24 53.81
N THR H 753 -19.62 -47.37 53.64
CA THR H 753 -18.27 -47.82 53.28
C THR H 753 -17.52 -48.27 54.52
N LEU H 754 -17.52 -49.57 54.80
CA LEU H 754 -16.69 -50.10 55.88
C LEU H 754 -15.25 -50.17 55.40
N GLY H 755 -14.36 -49.43 56.05
CA GLY H 755 -12.99 -49.32 55.60
C GLY H 755 -12.23 -50.64 55.77
N ASP H 756 -10.92 -50.55 55.60
CA ASP H 756 -10.07 -51.73 55.81
C ASP H 756 -10.28 -52.37 57.19
N PRO H 757 -10.29 -51.62 58.30
CA PRO H 757 -10.81 -52.20 59.55
C PRO H 757 -12.32 -52.12 59.66
N GLY H 758 -13.00 -51.44 58.74
CA GLY H 758 -14.45 -51.57 58.67
C GLY H 758 -14.90 -52.98 58.38
N MET H 759 -14.11 -53.70 57.57
CA MET H 759 -14.27 -55.15 57.50
C MET H 759 -13.97 -55.79 58.85
N ARG H 760 -12.96 -55.29 59.55
CA ARG H 760 -12.51 -55.93 60.78
C ARG H 760 -13.53 -55.78 61.90
N VAL H 761 -14.38 -54.76 61.86
CA VAL H 761 -15.42 -54.70 62.87
C VAL H 761 -16.45 -55.78 62.59
N LEU H 762 -17.16 -56.16 63.65
CA LEU H 762 -18.27 -57.12 63.58
C LEU H 762 -17.76 -58.52 63.33
N CYS H 763 -16.46 -58.67 63.02
CA CYS H 763 -15.91 -60.01 62.99
C CYS H 763 -15.55 -60.45 64.39
N GLU H 764 -14.69 -59.70 65.08
CA GLU H 764 -14.46 -59.98 66.49
C GLU H 764 -15.76 -59.97 67.29
N ALA H 765 -16.72 -59.13 66.88
CA ALA H 765 -18.03 -59.16 67.52
C ALA H 765 -18.74 -60.49 67.30
N LEU H 766 -18.78 -60.98 66.07
CA LEU H 766 -19.38 -62.29 65.90
C LEU H 766 -18.53 -63.42 66.45
N GLN H 767 -17.27 -63.16 66.78
CA GLN H 767 -16.35 -64.20 67.23
C GLN H 767 -16.53 -64.59 68.69
N HIS H 768 -17.52 -64.03 69.38
CA HIS H 768 -17.75 -64.58 70.71
C HIS H 768 -19.10 -65.29 70.74
N PRO H 769 -19.21 -66.39 71.48
CA PRO H 769 -20.48 -67.12 71.49
C PRO H 769 -21.59 -66.35 72.18
N GLY H 770 -22.76 -66.97 72.31
CA GLY H 770 -23.91 -66.31 72.88
C GLY H 770 -25.09 -66.34 71.90
N CYS H 771 -25.89 -65.28 71.96
CA CYS H 771 -26.96 -65.04 71.00
C CYS H 771 -26.54 -63.87 70.13
N ASN H 772 -26.34 -64.13 68.84
CA ASN H 772 -25.85 -63.15 67.90
C ASN H 772 -26.83 -63.01 66.73
N ILE H 773 -26.40 -62.32 65.69
CA ILE H 773 -27.31 -61.91 64.62
C ILE H 773 -27.76 -63.12 63.83
N GLN H 774 -29.08 -63.25 63.67
CA GLN H 774 -29.60 -64.28 62.78
C GLN H 774 -29.30 -64.02 61.32
N ARG H 775 -29.15 -62.76 60.93
CA ARG H 775 -29.10 -62.44 59.51
C ARG H 775 -28.27 -61.19 59.26
N LEU H 776 -27.12 -61.36 58.62
CA LEU H 776 -26.15 -60.28 58.43
C LEU H 776 -26.28 -59.73 57.03
N TRP H 777 -26.30 -58.40 56.90
CA TRP H 777 -26.44 -57.73 55.62
C TRP H 777 -25.24 -56.84 55.36
N LEU H 778 -24.57 -57.03 54.22
CA LEU H 778 -23.53 -56.12 53.76
C LEU H 778 -23.80 -55.91 52.27
N GLY H 779 -24.66 -54.95 51.97
CA GLY H 779 -25.05 -54.74 50.58
C GLY H 779 -24.69 -53.36 50.09
N ARG H 780 -24.08 -53.29 48.92
CA ARG H 780 -23.57 -52.05 48.33
C ARG H 780 -22.58 -51.35 49.26
N CYS H 781 -22.16 -52.01 50.32
CA CYS H 781 -21.21 -51.41 51.25
C CYS H 781 -19.83 -51.32 50.62
N GLY H 782 -19.09 -50.30 51.04
CA GLY H 782 -17.68 -50.23 50.69
C GLY H 782 -16.98 -51.46 51.23
N LEU H 783 -16.66 -52.40 50.35
CA LEU H 783 -16.16 -53.69 50.81
C LEU H 783 -15.23 -54.24 49.75
N SER H 784 -14.33 -55.12 50.16
CA SER H 784 -13.31 -55.63 49.24
C SER H 784 -12.95 -57.05 49.65
N HIS H 785 -11.83 -57.53 49.10
CA HIS H 785 -11.43 -58.92 49.31
C HIS H 785 -11.13 -59.21 50.76
N GLN H 786 -10.67 -58.20 51.51
CA GLN H 786 -10.17 -58.43 52.86
C GLN H 786 -11.23 -59.06 53.76
N CYS H 787 -12.48 -58.63 53.61
CA CYS H 787 -13.56 -59.14 54.45
C CYS H 787 -13.69 -60.65 54.36
N CYS H 788 -13.28 -61.23 53.24
CA CYS H 788 -13.59 -62.61 52.94
C CYS H 788 -13.09 -63.57 54.03
N PHE H 789 -11.79 -63.61 54.26
CA PHE H 789 -11.23 -64.40 55.37
C PHE H 789 -11.92 -64.12 56.70
N ASP H 790 -12.05 -62.84 57.06
CA ASP H 790 -12.78 -62.43 58.25
C ASP H 790 -14.14 -63.12 58.37
N ILE H 791 -14.98 -62.92 57.36
CA ILE H 791 -16.32 -63.46 57.41
C ILE H 791 -16.27 -64.98 57.41
N SER H 792 -15.31 -65.59 56.69
CA SER H 792 -15.16 -67.03 56.76
C SER H 792 -14.95 -67.47 58.21
N SER H 793 -14.08 -66.76 58.92
CA SER H 793 -13.83 -67.06 60.32
C SER H 793 -15.11 -66.98 61.14
N VAL H 794 -15.86 -65.88 60.99
CA VAL H 794 -17.08 -65.76 61.79
C VAL H 794 -18.16 -66.74 61.32
N LEU H 795 -18.20 -67.06 60.03
CA LEU H 795 -19.10 -68.11 59.56
C LEU H 795 -18.74 -69.46 60.14
N SER H 796 -17.48 -69.66 60.53
CA SER H 796 -17.10 -70.86 61.26
C SER H 796 -17.50 -70.78 62.73
N SER H 797 -17.26 -69.65 63.36
CA SER H 797 -17.44 -69.55 64.81
C SER H 797 -18.87 -69.18 65.21
N SER H 798 -19.72 -68.82 64.25
CA SER H 798 -21.09 -68.41 64.49
C SER H 798 -22.02 -69.60 64.46
N GLN H 799 -22.84 -69.73 65.50
CA GLN H 799 -23.93 -70.69 65.52
C GLN H 799 -25.29 -70.03 65.52
N LYS H 800 -25.36 -68.73 65.20
CA LYS H 800 -26.63 -68.02 65.17
C LYS H 800 -26.98 -67.44 63.80
N LEU H 801 -25.99 -67.11 62.98
CA LEU H 801 -26.27 -66.56 61.66
C LEU H 801 -27.01 -67.58 60.83
N VAL H 802 -28.05 -67.14 60.12
CA VAL H 802 -28.73 -68.08 59.23
C VAL H 802 -28.63 -67.56 57.80
N GLU H 803 -28.51 -66.26 57.61
CA GLU H 803 -28.21 -65.78 56.27
C GLU H 803 -27.15 -64.70 56.36
N LEU H 804 -26.41 -64.54 55.26
CA LEU H 804 -25.43 -63.48 55.15
C LEU H 804 -25.42 -62.98 53.71
N ASP H 805 -25.58 -61.67 53.56
CA ASP H 805 -25.68 -61.04 52.26
C ASP H 805 -24.42 -60.25 51.97
N LEU H 806 -23.94 -60.37 50.73
CA LEU H 806 -22.78 -59.65 50.20
C LEU H 806 -23.20 -59.10 48.85
N SER H 807 -23.79 -57.92 48.85
CA SER H 807 -24.40 -57.36 47.64
C SER H 807 -23.61 -56.15 47.15
N ASP H 808 -23.47 -56.05 45.81
CA ASP H 808 -22.92 -54.86 45.15
C ASP H 808 -21.55 -54.49 45.71
N ASN H 809 -20.90 -55.41 46.39
CA ASN H 809 -19.63 -55.19 47.05
C ASN H 809 -18.52 -55.91 46.30
N ALA H 810 -17.37 -55.23 46.16
CA ALA H 810 -16.30 -55.68 45.27
C ALA H 810 -15.54 -56.85 45.88
N LEU H 811 -16.27 -57.95 46.06
CA LEU H 811 -15.66 -59.22 46.44
C LEU H 811 -15.30 -59.96 45.15
N GLY H 812 -14.21 -59.50 44.53
CA GLY H 812 -13.90 -59.90 43.18
C GLY H 812 -13.79 -61.40 42.97
N ASP H 813 -12.74 -62.02 43.49
CA ASP H 813 -12.60 -63.47 43.33
C ASP H 813 -11.55 -63.91 44.34
N PHE H 814 -11.55 -65.21 44.62
CA PHE H 814 -10.61 -65.85 45.55
C PHE H 814 -10.97 -65.46 46.97
N GLY H 815 -11.85 -64.47 47.08
CA GLY H 815 -12.47 -64.16 48.33
C GLY H 815 -13.73 -64.98 48.38
N ILE H 816 -14.23 -65.32 47.20
CA ILE H 816 -15.27 -66.32 47.15
C ILE H 816 -14.69 -67.66 47.60
N ARG H 817 -13.41 -67.91 47.30
CA ARG H 817 -12.75 -69.07 47.87
C ARG H 817 -12.66 -68.97 49.39
N LEU H 818 -12.28 -67.80 49.91
CA LEU H 818 -12.24 -67.70 51.36
C LEU H 818 -13.62 -67.92 51.97
N LEU H 819 -14.65 -67.36 51.33
CA LEU H 819 -16.04 -67.59 51.73
C LEU H 819 -16.36 -69.07 51.77
N CYS H 820 -16.06 -69.79 50.69
CA CYS H 820 -16.50 -71.17 50.60
C CYS H 820 -15.74 -72.06 51.57
N VAL H 821 -14.45 -71.79 51.77
CA VAL H 821 -13.71 -72.60 52.73
C VAL H 821 -14.23 -72.34 54.14
N GLY H 822 -14.56 -71.08 54.45
CA GLY H 822 -15.20 -70.80 55.73
C GLY H 822 -16.52 -71.49 55.91
N LEU H 823 -17.31 -71.56 54.83
CA LEU H 823 -18.59 -72.24 54.89
C LEU H 823 -18.41 -73.73 55.14
N LYS H 824 -17.58 -74.39 54.34
CA LYS H 824 -17.55 -75.85 54.40
C LYS H 824 -16.77 -76.37 55.59
N HIS H 825 -15.71 -75.65 56.02
CA HIS H 825 -14.77 -76.24 56.95
C HIS H 825 -15.45 -76.64 58.26
N LEU H 826 -16.30 -75.78 58.79
CA LEU H 826 -17.05 -76.09 60.00
C LEU H 826 -18.49 -76.40 59.63
N LEU H 827 -19.32 -76.60 60.65
CA LEU H 827 -20.75 -76.84 60.48
C LEU H 827 -21.51 -75.58 60.83
N CYS H 828 -22.05 -74.91 59.82
CA CYS H 828 -22.72 -73.63 59.98
C CYS H 828 -24.17 -73.74 59.52
N ASN H 829 -25.06 -73.06 60.22
CA ASN H 829 -26.50 -73.09 59.93
C ASN H 829 -26.87 -71.92 59.00
N LEU H 830 -26.19 -71.87 57.86
CA LEU H 830 -26.44 -70.81 56.89
C LEU H 830 -27.56 -71.21 55.94
N GLN H 831 -28.43 -70.26 55.63
CA GLN H 831 -29.62 -70.49 54.82
C GLN H 831 -29.58 -69.75 53.51
N LYS H 832 -29.36 -68.44 53.52
CA LYS H 832 -29.20 -67.67 52.30
C LYS H 832 -27.72 -67.48 52.03
N LEU H 833 -27.40 -67.14 50.79
CA LEU H 833 -26.04 -66.75 50.42
C LEU H 833 -26.18 -65.98 49.11
N TRP H 834 -25.94 -64.68 49.17
CA TRP H 834 -26.14 -63.79 48.04
C TRP H 834 -24.78 -63.29 47.57
N LEU H 835 -24.40 -63.67 46.35
CA LEU H 835 -23.21 -63.12 45.70
C LEU H 835 -23.60 -62.23 44.54
N VAL H 836 -24.75 -61.57 44.65
CA VAL H 836 -25.30 -60.79 43.55
C VAL H 836 -24.37 -59.63 43.24
N SER H 837 -24.06 -59.47 41.95
CA SER H 837 -23.30 -58.34 41.46
C SER H 837 -21.92 -58.24 42.11
N CYS H 838 -21.41 -59.34 42.63
CA CYS H 838 -20.02 -59.42 43.06
C CYS H 838 -19.17 -59.83 41.88
N CYS H 839 -18.17 -59.01 41.55
CA CYS H 839 -17.50 -59.12 40.25
C CYS H 839 -16.60 -60.36 40.28
N LEU H 840 -17.22 -61.52 40.16
CA LEU H 840 -16.49 -62.78 40.09
C LEU H 840 -16.58 -63.38 38.69
N THR H 841 -15.86 -64.46 38.50
CA THR H 841 -15.83 -65.19 37.24
C THR H 841 -16.10 -66.66 37.49
N SER H 842 -16.14 -67.42 36.41
CA SER H 842 -16.39 -68.86 36.50
C SER H 842 -15.31 -69.58 37.28
N ALA H 843 -14.14 -68.96 37.44
CA ALA H 843 -13.01 -69.61 38.06
C ALA H 843 -13.23 -69.92 39.54
N CYS H 844 -14.32 -69.44 40.14
CA CYS H 844 -14.65 -69.79 41.51
C CYS H 844 -15.90 -70.65 41.61
N CYS H 845 -16.65 -70.78 40.52
CA CYS H 845 -17.87 -71.57 40.57
C CYS H 845 -17.60 -73.00 41.02
N GLN H 846 -16.44 -73.56 40.69
CA GLN H 846 -16.14 -74.92 41.12
C GLN H 846 -16.11 -74.99 42.63
N ASP H 847 -15.49 -73.99 43.26
CA ASP H 847 -15.47 -73.92 44.71
C ASP H 847 -16.86 -73.73 45.27
N LEU H 848 -17.69 -72.92 44.61
CA LEU H 848 -19.08 -72.82 45.04
C LEU H 848 -19.76 -74.18 45.03
N ALA H 849 -19.51 -74.96 43.97
CA ALA H 849 -20.12 -76.28 43.89
C ALA H 849 -19.60 -77.21 44.97
N LEU H 850 -18.30 -77.12 45.27
CA LEU H 850 -17.75 -77.95 46.34
C LEU H 850 -18.43 -77.64 47.67
N VAL H 851 -18.51 -76.35 48.01
CA VAL H 851 -19.12 -76.01 49.29
C VAL H 851 -20.60 -76.36 49.29
N LEU H 852 -21.27 -76.20 48.15
CA LEU H 852 -22.68 -76.57 48.08
C LEU H 852 -22.87 -78.07 48.29
N SER H 853 -22.00 -78.88 47.70
CA SER H 853 -22.06 -80.32 47.91
C SER H 853 -21.80 -80.68 49.37
N SER H 854 -20.79 -80.05 49.98
CA SER H 854 -20.44 -80.38 51.35
C SER H 854 -21.57 -80.00 52.31
N ASN H 855 -21.98 -78.74 52.28
CA ASN H 855 -23.00 -78.25 53.19
C ASN H 855 -24.39 -78.65 52.71
N HIS H 856 -25.30 -78.76 53.67
CA HIS H 856 -26.71 -78.97 53.38
C HIS H 856 -27.60 -77.90 53.97
N SER H 857 -27.13 -77.14 54.97
CA SER H 857 -27.93 -76.07 55.53
C SER H 857 -28.22 -75.00 54.49
N LEU H 858 -27.23 -74.64 53.69
CA LEU H 858 -27.43 -73.64 52.66
C LEU H 858 -28.36 -74.18 51.58
N THR H 859 -29.44 -73.44 51.32
CA THR H 859 -30.41 -73.86 50.32
C THR H 859 -30.91 -72.74 49.44
N ARG H 860 -30.37 -71.53 49.58
CA ARG H 860 -30.88 -70.35 48.87
C ARG H 860 -29.67 -69.54 48.44
N LEU H 861 -29.26 -69.69 47.18
CA LEU H 861 -27.95 -69.25 46.74
C LEU H 861 -28.09 -68.34 45.52
N TYR H 862 -28.29 -67.05 45.76
CA TYR H 862 -28.29 -66.08 44.69
C TYR H 862 -26.86 -65.79 44.24
N ILE H 863 -26.63 -65.83 42.93
CA ILE H 863 -25.37 -65.41 42.33
C ILE H 863 -25.69 -64.29 41.35
N GLY H 864 -26.69 -63.50 41.67
CA GLY H 864 -27.41 -62.69 40.71
C GLY H 864 -26.59 -61.87 39.72
N GLU H 865 -26.66 -62.28 38.46
CA GLU H 865 -26.21 -61.52 37.30
C GLU H 865 -24.93 -60.74 37.56
N ASN H 866 -23.96 -61.45 38.13
CA ASN H 866 -22.58 -60.99 38.23
C ASN H 866 -21.82 -61.35 36.96
N ALA H 867 -20.50 -61.31 36.98
CA ALA H 867 -19.72 -61.48 35.76
C ALA H 867 -19.30 -62.93 35.52
N LEU H 868 -20.24 -63.88 35.56
CA LEU H 868 -19.94 -65.25 35.14
C LEU H 868 -20.84 -65.64 33.99
N GLY H 869 -20.73 -66.91 33.58
CA GLY H 869 -21.57 -67.45 32.52
C GLY H 869 -21.19 -68.85 32.12
N ASP H 870 -21.05 -69.07 30.82
CA ASP H 870 -20.57 -70.34 30.29
C ASP H 870 -19.18 -70.65 30.85
N SER H 871 -18.75 -71.90 30.62
CA SER H 871 -17.47 -72.47 31.02
C SER H 871 -17.44 -72.76 32.51
N GLY H 872 -18.42 -72.25 33.24
CA GLY H 872 -18.79 -72.78 34.53
C GLY H 872 -19.85 -73.83 34.44
N VAL H 873 -20.31 -74.12 33.22
CA VAL H 873 -21.53 -74.88 32.99
C VAL H 873 -21.46 -76.28 33.59
N GLN H 874 -20.33 -76.97 33.39
CA GLN H 874 -20.16 -78.29 33.99
C GLN H 874 -20.27 -78.22 35.51
N VAL H 875 -19.66 -77.20 36.11
CA VAL H 875 -19.81 -76.99 37.55
C VAL H 875 -21.25 -76.73 37.91
N LEU H 876 -21.92 -75.85 37.15
CA LEU H 876 -23.32 -75.54 37.40
C LEU H 876 -24.14 -76.82 37.49
N CYS H 877 -23.93 -77.72 36.54
CA CYS H 877 -24.64 -78.99 36.57
C CYS H 877 -24.23 -79.81 37.80
N GLU H 878 -22.93 -80.03 37.98
CA GLU H 878 -22.52 -81.00 38.98
C GLU H 878 -22.72 -80.50 40.40
N LYS H 879 -23.09 -79.23 40.59
CA LYS H 879 -23.61 -78.83 41.89
C LYS H 879 -24.72 -79.77 42.34
N MET H 880 -25.71 -79.99 41.46
CA MET H 880 -26.92 -80.70 41.81
C MET H 880 -27.01 -82.05 41.10
N LYS H 881 -25.87 -82.63 40.71
CA LYS H 881 -25.88 -83.83 39.90
C LYS H 881 -26.57 -85.00 40.60
N ASP H 882 -26.70 -84.92 41.92
CA ASP H 882 -27.38 -85.94 42.70
C ASP H 882 -28.53 -85.30 43.47
N PRO H 883 -29.43 -86.10 44.05
CA PRO H 883 -30.42 -85.53 44.97
C PRO H 883 -29.81 -85.09 46.29
N GLN H 884 -30.67 -84.77 47.26
CA GLN H 884 -30.29 -84.36 48.62
C GLN H 884 -29.30 -83.20 48.60
N CYS H 885 -29.29 -82.40 47.53
CA CYS H 885 -28.47 -81.19 47.52
C CYS H 885 -29.07 -80.12 48.41
N ASN H 886 -30.40 -80.01 48.44
CA ASN H 886 -31.12 -79.05 49.26
C ASN H 886 -30.72 -77.62 48.90
N LEU H 887 -31.07 -77.23 47.68
CA LEU H 887 -30.88 -75.87 47.18
C LEU H 887 -32.19 -75.40 46.55
N GLN H 888 -33.08 -74.79 47.36
CA GLN H 888 -34.43 -74.49 46.88
C GLN H 888 -34.37 -73.54 45.70
N LYS H 889 -33.96 -72.30 45.93
CA LYS H 889 -33.86 -71.32 44.86
C LYS H 889 -32.42 -71.15 44.40
N LEU H 890 -32.27 -70.80 43.14
CA LEU H 890 -30.95 -70.59 42.55
C LEU H 890 -31.13 -69.49 41.50
N GLY H 891 -30.88 -68.25 41.90
CA GLY H 891 -30.84 -67.17 40.95
C GLY H 891 -29.67 -67.31 40.02
N LEU H 892 -29.86 -66.86 38.78
CA LEU H 892 -28.83 -67.00 37.77
C LEU H 892 -28.40 -65.65 37.22
N VAL H 893 -27.54 -65.73 36.20
CA VAL H 893 -26.60 -64.68 35.85
C VAL H 893 -26.79 -64.34 34.38
N ASN H 894 -26.36 -63.13 34.01
CA ASN H 894 -26.24 -62.80 32.59
C ASN H 894 -25.13 -63.67 32.03
N SER H 895 -25.50 -64.75 31.35
CA SER H 895 -24.56 -65.78 30.94
C SER H 895 -24.10 -65.53 29.51
N GLY H 896 -23.32 -66.46 28.99
CA GLY H 896 -22.79 -66.34 27.64
C GLY H 896 -23.41 -67.32 26.67
N LEU H 897 -22.66 -68.36 26.30
CA LEU H 897 -23.19 -69.36 25.37
C LEU H 897 -24.35 -70.09 26.03
N THR H 898 -25.54 -69.94 25.46
CA THR H 898 -26.76 -70.47 26.07
C THR H 898 -26.73 -71.99 26.15
N SER H 899 -26.47 -72.66 25.02
CA SER H 899 -26.78 -74.08 24.87
C SER H 899 -26.24 -74.93 26.02
N ILE H 900 -24.96 -74.78 26.36
CA ILE H 900 -24.37 -75.68 27.35
C ILE H 900 -24.93 -75.37 28.74
N CYS H 901 -25.06 -74.08 29.09
CA CYS H 901 -25.54 -73.76 30.42
C CYS H 901 -26.99 -74.19 30.60
N CYS H 902 -27.82 -73.99 29.59
CA CYS H 902 -29.20 -74.47 29.71
C CYS H 902 -29.25 -75.99 29.67
N SER H 903 -28.27 -76.65 29.05
CA SER H 903 -28.20 -78.11 29.15
C SER H 903 -27.92 -78.55 30.58
N ALA H 904 -26.99 -77.86 31.24
CA ALA H 904 -26.75 -78.11 32.66
C ALA H 904 -28.02 -77.85 33.47
N LEU H 905 -28.77 -76.81 33.09
CA LEU H 905 -30.04 -76.53 33.75
C LEU H 905 -31.02 -77.66 33.54
N THR H 906 -31.04 -78.26 32.35
CA THR H 906 -31.90 -79.41 32.13
C THR H 906 -31.48 -80.58 33.02
N SER H 907 -30.17 -80.79 33.15
CA SER H 907 -29.69 -81.86 34.02
C SER H 907 -30.17 -81.66 35.45
N VAL H 908 -29.98 -80.45 35.98
CA VAL H 908 -30.44 -80.18 37.35
C VAL H 908 -31.95 -80.33 37.45
N LEU H 909 -32.69 -79.82 36.48
CA LEU H 909 -34.14 -79.92 36.55
C LEU H 909 -34.62 -81.36 36.54
N LYS H 910 -34.02 -82.20 35.70
CA LYS H 910 -34.45 -83.60 35.64
C LYS H 910 -33.95 -84.43 36.81
N THR H 911 -32.86 -84.04 37.46
CA THR H 911 -32.32 -84.89 38.53
C THR H 911 -32.63 -84.37 39.93
N ASN H 912 -32.32 -83.10 40.19
CA ASN H 912 -32.36 -82.57 41.54
C ASN H 912 -33.79 -82.43 42.04
N GLN H 913 -34.02 -82.87 43.27
CA GLN H 913 -35.26 -82.60 43.96
C GLN H 913 -35.26 -81.19 44.53
N ASN H 914 -36.41 -80.80 45.10
CA ASN H 914 -36.69 -79.56 45.82
C ASN H 914 -35.89 -78.38 45.28
N PHE H 915 -35.93 -78.18 43.96
CA PHE H 915 -35.27 -77.07 43.28
C PHE H 915 -36.41 -76.16 42.84
N THR H 916 -36.77 -75.21 43.71
CA THR H 916 -38.06 -74.54 43.56
C THR H 916 -38.02 -73.39 42.55
N HIS H 917 -36.92 -72.65 42.47
CA HIS H 917 -36.85 -71.53 41.53
C HIS H 917 -35.62 -71.65 40.64
N LEU H 918 -35.69 -70.96 39.51
CA LEU H 918 -34.57 -70.87 38.58
C LEU H 918 -34.70 -69.52 37.87
N TYR H 919 -34.00 -68.52 38.41
CA TYR H 919 -34.21 -67.12 38.02
C TYR H 919 -33.23 -66.70 36.92
N LEU H 920 -33.32 -67.35 35.77
CA LEU H 920 -32.66 -66.83 34.58
C LEU H 920 -33.33 -65.52 34.17
N ARG H 921 -32.55 -64.45 34.13
CA ARG H 921 -33.10 -63.13 33.85
C ARG H 921 -32.06 -62.31 33.10
N SER H 922 -32.54 -61.51 32.14
CA SER H 922 -31.70 -60.65 31.31
C SER H 922 -30.52 -61.42 30.71
N ASN H 923 -30.83 -62.59 30.18
CA ASN H 923 -29.82 -63.51 29.66
C ASN H 923 -30.01 -63.68 28.15
N ALA H 924 -28.89 -63.76 27.44
CA ALA H 924 -28.92 -64.02 26.00
C ALA H 924 -29.14 -65.51 25.78
N LEU H 925 -30.39 -65.93 25.96
CA LEU H 925 -30.80 -67.32 25.81
C LEU H 925 -31.60 -67.44 24.52
N GLY H 926 -31.30 -68.47 23.72
CA GLY H 926 -31.90 -68.62 22.42
C GLY H 926 -33.08 -69.59 22.41
N ASP H 927 -33.72 -69.65 21.24
CA ASP H 927 -34.88 -70.53 21.07
C ASP H 927 -34.49 -71.97 21.28
N THR H 928 -33.33 -72.39 20.76
CA THR H 928 -32.85 -73.75 21.00
C THR H 928 -32.59 -73.97 22.49
N GLY H 929 -32.06 -72.97 23.16
CA GLY H 929 -31.81 -73.04 24.59
C GLY H 929 -33.07 -73.33 25.37
N LEU H 930 -34.05 -72.43 25.26
CA LEU H 930 -35.32 -72.65 25.96
C LEU H 930 -36.03 -73.91 25.47
N ARG H 931 -35.82 -74.31 24.22
CA ARG H 931 -36.39 -75.56 23.74
C ARG H 931 -35.84 -76.74 24.52
N LEU H 932 -34.52 -76.82 24.63
CA LEU H 932 -33.97 -77.92 25.40
C LEU H 932 -34.30 -77.76 26.88
N LEU H 933 -34.55 -76.53 27.34
CA LEU H 933 -35.05 -76.35 28.71
C LEU H 933 -36.39 -77.03 28.91
N CYS H 934 -37.35 -76.79 28.01
CA CYS H 934 -38.63 -77.48 28.15
C CYS H 934 -38.44 -78.98 27.97
N GLU H 935 -37.46 -79.40 27.17
CA GLU H 935 -37.10 -80.81 27.12
C GLU H 935 -36.63 -81.30 28.48
N GLY H 936 -35.93 -80.44 29.23
CA GLY H 936 -35.60 -80.77 30.61
C GLY H 936 -36.84 -80.89 31.47
N LEU H 937 -37.81 -80.02 31.23
CA LEU H 937 -39.11 -80.14 31.89
C LEU H 937 -39.83 -81.42 31.51
N LEU H 938 -39.44 -82.05 30.40
CA LEU H 938 -40.11 -83.28 29.97
C LEU H 938 -39.97 -84.40 30.98
N HIS H 939 -38.90 -84.38 31.76
CA HIS H 939 -38.78 -85.34 32.85
C HIS H 939 -39.93 -85.10 33.83
N PRO H 940 -40.85 -86.04 33.97
CA PRO H 940 -41.92 -85.87 34.94
C PRO H 940 -41.41 -86.01 36.37
N ASP H 941 -42.28 -85.77 37.34
CA ASP H 941 -41.98 -85.88 38.76
C ASP H 941 -40.86 -84.91 39.17
N CYS H 942 -40.50 -83.98 38.30
CA CYS H 942 -39.54 -82.94 38.65
C CYS H 942 -40.30 -81.77 39.28
N LYS H 943 -40.03 -81.50 40.54
CA LYS H 943 -40.76 -80.47 41.27
C LYS H 943 -40.00 -79.16 41.10
N LEU H 944 -40.45 -78.35 40.15
CA LEU H 944 -39.88 -77.03 39.91
C LEU H 944 -41.01 -76.03 40.02
N GLN H 945 -40.95 -75.16 41.02
CA GLN H 945 -41.91 -74.08 41.15
C GLN H 945 -41.55 -72.92 40.23
N MET H 946 -42.00 -71.73 40.59
CA MET H 946 -41.95 -70.49 39.82
C MET H 946 -40.67 -70.45 38.99
N LEU H 947 -40.81 -70.15 37.69
CA LEU H 947 -39.70 -70.09 36.76
C LEU H 947 -39.78 -68.82 35.94
N GLU H 948 -38.67 -68.46 35.30
CA GLU H 948 -38.61 -67.23 34.54
C GLU H 948 -37.65 -67.37 33.38
N LEU H 949 -38.07 -66.84 32.23
CA LEU H 949 -37.22 -66.66 31.05
C LEU H 949 -37.44 -65.23 30.58
N ASP H 950 -36.45 -64.35 30.82
CA ASP H 950 -36.66 -62.92 30.64
C ASP H 950 -36.46 -62.47 29.20
N ASN H 951 -35.27 -62.71 28.66
CA ASN H 951 -34.89 -62.14 27.37
C ASN H 951 -34.53 -63.26 26.42
N CYS H 952 -35.14 -63.25 25.23
CA CYS H 952 -34.96 -64.29 24.23
C CYS H 952 -35.72 -63.88 22.98
N SER H 953 -35.49 -64.61 21.90
CA SER H 953 -36.21 -64.40 20.63
C SER H 953 -36.57 -65.79 20.10
N LEU H 954 -37.80 -66.22 20.36
CA LEU H 954 -38.24 -67.57 20.09
C LEU H 954 -39.26 -67.59 18.97
N THR H 955 -39.39 -68.76 18.35
CA THR H 955 -40.53 -69.03 17.49
C THR H 955 -41.74 -69.41 18.33
N SER H 956 -42.91 -68.95 17.91
CA SER H 956 -44.09 -69.08 18.75
C SER H 956 -44.68 -70.48 18.66
N HIS H 957 -43.83 -71.49 18.85
CA HIS H 957 -44.27 -72.85 19.10
C HIS H 957 -43.58 -73.34 20.35
N SER H 958 -42.42 -72.76 20.64
CA SER H 958 -41.69 -73.08 21.86
C SER H 958 -42.52 -72.83 23.11
N CYS H 959 -43.11 -71.63 23.21
CA CYS H 959 -44.05 -71.34 24.28
C CYS H 959 -45.18 -72.37 24.27
N TRP H 960 -45.62 -72.79 23.09
CA TRP H 960 -46.63 -73.83 23.02
C TRP H 960 -46.13 -75.12 23.65
N ASN H 961 -44.87 -75.47 23.41
CA ASN H 961 -44.31 -76.69 24.00
C ASN H 961 -44.30 -76.58 25.52
N LEU H 962 -43.88 -75.43 26.05
CA LEU H 962 -43.84 -75.30 27.51
C LEU H 962 -45.26 -75.36 28.08
N SER H 963 -46.21 -74.70 27.44
CA SER H 963 -47.58 -74.77 27.94
C SER H 963 -48.12 -76.20 27.89
N THR H 964 -47.88 -76.90 26.79
CA THR H 964 -48.36 -78.28 26.67
C THR H 964 -47.70 -79.17 27.71
N ILE H 965 -46.43 -78.92 28.02
CA ILE H 965 -45.76 -79.79 28.97
C ILE H 965 -46.24 -79.49 30.38
N LEU H 966 -46.61 -78.23 30.66
CA LEU H 966 -47.32 -77.93 31.90
C LEU H 966 -48.68 -78.65 31.94
N THR H 967 -49.38 -78.70 30.81
CA THR H 967 -50.66 -79.41 30.79
C THR H 967 -50.45 -80.89 31.08
N HIS H 968 -49.41 -81.47 30.50
CA HIS H 968 -49.10 -82.88 30.75
C HIS H 968 -48.76 -83.10 32.22
N ASN H 969 -48.00 -82.19 32.82
CA ASN H 969 -47.65 -82.32 34.22
C ASN H 969 -47.55 -80.93 34.84
N HIS H 970 -48.23 -80.73 35.97
CA HIS H 970 -48.29 -79.41 36.60
C HIS H 970 -46.92 -79.14 37.21
N SER H 971 -45.97 -78.78 36.35
CA SER H 971 -44.59 -78.57 36.77
C SER H 971 -44.45 -77.36 37.67
N LEU H 972 -44.80 -76.19 37.16
CA LEU H 972 -44.57 -74.92 37.85
C LEU H 972 -45.90 -74.24 38.17
N ARG H 973 -45.80 -73.02 38.71
CA ARG H 973 -46.96 -72.24 39.10
C ARG H 973 -47.11 -70.98 38.27
N LYS H 974 -46.08 -70.14 38.17
CA LYS H 974 -46.15 -69.02 37.24
C LYS H 974 -44.84 -68.92 36.48
N LEU H 975 -44.79 -67.92 35.61
CA LEU H 975 -43.71 -67.72 34.66
C LEU H 975 -43.75 -66.26 34.26
N ASN H 976 -42.60 -65.75 33.81
CA ASN H 976 -42.54 -64.41 33.26
C ASN H 976 -41.92 -64.46 31.88
N LEU H 977 -42.42 -63.60 31.00
CA LEU H 977 -41.79 -63.34 29.71
C LEU H 977 -41.58 -61.83 29.63
N GLY H 978 -40.33 -61.41 29.52
CA GLY H 978 -40.02 -60.02 29.71
C GLY H 978 -39.88 -59.27 28.40
N ASN H 979 -38.64 -59.03 27.97
CA ASN H 979 -38.41 -58.33 26.72
C ASN H 979 -38.47 -59.26 25.53
N ASN H 980 -39.18 -60.38 25.67
CA ASN H 980 -39.27 -61.39 24.63
C ASN H 980 -40.14 -60.90 23.48
N ASP H 981 -39.55 -60.73 22.30
CA ASP H 981 -40.31 -60.42 21.10
C ASP H 981 -40.91 -61.71 20.57
N LEU H 982 -42.23 -61.86 20.73
CA LEU H 982 -42.89 -63.14 20.50
C LEU H 982 -43.95 -63.12 19.41
N GLY H 983 -44.50 -61.97 19.06
CA GLY H 983 -45.52 -61.91 18.03
C GLY H 983 -46.91 -62.20 18.58
N ASP H 984 -47.90 -61.75 17.82
CA ASP H 984 -49.30 -61.92 18.22
C ASP H 984 -49.63 -63.41 18.37
N LEU H 985 -49.23 -64.21 17.38
CA LEU H 985 -49.56 -65.63 17.37
C LEU H 985 -49.08 -66.32 18.64
N CYS H 986 -47.97 -65.84 19.22
CA CYS H 986 -47.47 -66.43 20.45
C CYS H 986 -48.51 -66.35 21.55
N VAL H 987 -48.92 -65.14 21.91
CA VAL H 987 -49.90 -65.00 22.97
C VAL H 987 -51.24 -65.60 22.55
N VAL H 988 -51.52 -65.68 21.24
CA VAL H 988 -52.74 -66.35 20.81
C VAL H 988 -52.70 -67.83 21.18
N THR H 989 -51.60 -68.49 20.87
CA THR H 989 -51.44 -69.89 21.28
C THR H 989 -51.44 -70.01 22.79
N LEU H 990 -50.83 -69.06 23.47
CA LEU H 990 -50.81 -69.06 24.92
C LEU H 990 -52.23 -69.01 25.48
N CYS H 991 -53.03 -68.07 25.00
CA CYS H 991 -54.38 -67.94 25.53
C CYS H 991 -55.29 -69.11 25.13
N GLU H 992 -55.09 -69.70 23.96
CA GLU H 992 -55.87 -70.91 23.64
C GLU H 992 -55.52 -72.05 24.60
N VAL H 993 -54.23 -72.35 24.75
CA VAL H 993 -53.86 -73.50 25.55
C VAL H 993 -54.22 -73.28 27.01
N LEU H 994 -54.12 -72.05 27.51
CA LEU H 994 -54.59 -71.83 28.87
C LEU H 994 -56.11 -71.85 28.91
N LYS H 995 -56.76 -71.50 27.80
CA LYS H 995 -58.21 -71.45 27.75
C LYS H 995 -58.78 -72.84 27.98
N GLN H 996 -58.16 -73.85 27.38
CA GLN H 996 -58.63 -75.22 27.54
C GLN H 996 -57.78 -75.86 28.65
N GLN H 997 -58.35 -75.88 29.86
CA GLN H 997 -57.73 -76.52 31.03
C GLN H 997 -56.30 -76.02 31.21
N GLY H 998 -56.20 -74.73 31.53
CA GLY H 998 -54.96 -73.99 31.58
C GLY H 998 -53.71 -74.69 32.07
N CYS H 999 -52.62 -74.49 31.33
CA CYS H 999 -51.36 -75.17 31.63
C CYS H 999 -50.87 -74.83 33.02
N LEU H 1000 -50.53 -73.56 33.23
CA LEU H 1000 -50.18 -73.08 34.55
C LEU H 1000 -51.43 -73.01 35.43
N LEU H 1001 -51.20 -72.84 36.73
CA LEU H 1001 -52.29 -72.80 37.68
C LEU H 1001 -52.30 -71.57 38.57
N GLN H 1002 -51.24 -70.76 38.57
CA GLN H 1002 -51.17 -69.60 39.45
C GLN H 1002 -51.14 -68.28 38.69
N SER H 1003 -50.16 -68.05 37.84
CA SER H 1003 -50.02 -66.71 37.26
C SER H 1003 -49.14 -66.78 36.01
N LEU H 1004 -49.00 -65.62 35.36
CA LEU H 1004 -48.16 -65.43 34.20
C LEU H 1004 -47.98 -63.93 34.02
N GLN H 1005 -46.76 -63.51 33.69
CA GLN H 1005 -46.44 -62.09 33.61
C GLN H 1005 -45.85 -61.77 32.24
N LEU H 1006 -46.46 -60.81 31.56
CA LEU H 1006 -46.02 -60.35 30.25
C LEU H 1006 -45.80 -58.84 30.31
N GLY H 1007 -44.66 -58.37 29.82
CA GLY H 1007 -44.40 -56.95 29.81
C GLY H 1007 -43.79 -56.48 28.51
N GLU H 1008 -44.00 -55.20 28.23
CA GLU H 1008 -43.41 -54.46 27.09
C GLU H 1008 -43.57 -55.19 25.75
N MET H 1009 -44.83 -55.31 25.34
CA MET H 1009 -45.15 -55.60 23.95
C MET H 1009 -46.05 -54.53 23.35
N TYR H 1010 -45.87 -54.28 22.06
CA TYR H 1010 -46.73 -53.40 21.26
C TYR H 1010 -47.63 -54.21 20.32
N LEU H 1011 -48.11 -55.35 20.81
CA LEU H 1011 -48.85 -56.30 19.98
C LEU H 1011 -50.25 -55.76 19.69
N ASN H 1012 -50.88 -56.34 18.66
CA ASN H 1012 -52.21 -55.90 18.28
C ASN H 1012 -53.22 -56.27 19.36
N ARG H 1013 -54.39 -55.63 19.30
CA ARG H 1013 -55.24 -55.56 20.48
C ARG H 1013 -56.22 -56.73 20.61
N GLU H 1014 -56.49 -57.48 19.53
CA GLU H 1014 -57.34 -58.66 19.71
C GLU H 1014 -56.66 -59.68 20.61
N THR H 1015 -55.34 -59.61 20.73
CA THR H 1015 -54.68 -60.38 21.78
C THR H 1015 -55.14 -59.90 23.13
N LYS H 1016 -55.22 -58.58 23.32
CA LYS H 1016 -55.69 -58.08 24.61
C LYS H 1016 -57.12 -58.52 24.87
N ARG H 1017 -57.97 -58.51 23.84
CA ARG H 1017 -59.36 -58.91 24.08
C ARG H 1017 -59.41 -60.37 24.52
N ALA H 1018 -58.64 -61.24 23.86
CA ALA H 1018 -58.66 -62.64 24.26
C ALA H 1018 -58.16 -62.82 25.68
N LEU H 1019 -57.06 -62.12 26.02
CA LEU H 1019 -56.49 -62.30 27.35
C LEU H 1019 -57.41 -61.74 28.42
N GLU H 1020 -58.04 -60.59 28.16
CA GLU H 1020 -58.92 -60.01 29.16
C GLU H 1020 -60.17 -60.85 29.31
N ALA H 1021 -60.60 -61.49 28.23
CA ALA H 1021 -61.74 -62.40 28.31
C ALA H 1021 -61.44 -63.56 29.26
N LEU H 1022 -60.38 -64.31 28.95
CA LEU H 1022 -60.20 -65.63 29.57
C LEU H 1022 -60.15 -65.65 31.10
N GLN H 1023 -59.63 -64.62 31.76
CA GLN H 1023 -59.48 -64.73 33.22
C GLN H 1023 -60.82 -64.69 33.95
N GLU H 1024 -61.79 -63.95 33.42
CA GLU H 1024 -63.05 -63.82 34.13
C GLU H 1024 -63.88 -65.10 34.04
N GLU H 1025 -63.82 -65.81 32.92
CA GLU H 1025 -64.46 -67.12 32.87
C GLU H 1025 -63.64 -68.15 33.65
N LYS H 1026 -62.32 -68.15 33.49
CA LYS H 1026 -61.44 -69.04 34.24
C LYS H 1026 -60.45 -68.25 35.08
N PRO H 1027 -60.65 -68.15 36.39
CA PRO H 1027 -59.65 -67.51 37.25
C PRO H 1027 -58.48 -68.40 37.62
N GLU H 1028 -58.33 -69.56 36.99
CA GLU H 1028 -57.19 -70.42 37.22
C GLU H 1028 -55.88 -69.69 36.92
N LEU H 1029 -55.80 -69.06 35.75
CA LEU H 1029 -54.77 -68.07 35.45
C LEU H 1029 -55.18 -66.78 36.15
N THR H 1030 -54.74 -66.65 37.40
CA THR H 1030 -55.22 -65.56 38.24
C THR H 1030 -54.90 -64.20 37.64
N ILE H 1031 -53.77 -64.07 36.95
CA ILE H 1031 -53.41 -62.77 36.40
C ILE H 1031 -52.43 -62.96 35.25
N VAL H 1032 -52.58 -62.10 34.25
CA VAL H 1032 -51.54 -61.80 33.28
C VAL H 1032 -51.19 -60.33 33.45
N PHE H 1033 -49.90 -60.04 33.61
CA PHE H 1033 -49.50 -58.65 33.77
C PHE H 1033 -49.85 -57.91 32.48
N GLU H 1034 -50.85 -57.03 32.58
CA GLU H 1034 -51.21 -56.17 31.46
C GLU H 1034 -50.04 -55.28 31.06
N ILE H 1035 -49.86 -55.13 29.75
CA ILE H 1035 -48.69 -54.44 29.23
C ILE H 1035 -48.74 -52.96 29.61
N SER H 1036 -49.74 -52.25 29.09
CA SER H 1036 -49.89 -50.84 29.38
C SER H 1036 -51.34 -50.44 29.60
N TRP H 1037 -52.31 -51.28 29.24
CA TRP H 1037 -53.70 -50.89 29.24
C TRP H 1037 -54.54 -51.88 30.04
N ASP I 135 -14.32 -43.34 -22.53
CA ASP I 135 -13.71 -43.99 -23.68
C ASP I 135 -14.45 -45.26 -24.05
N TYR I 136 -14.38 -46.27 -23.18
CA TYR I 136 -15.12 -47.50 -23.40
C TYR I 136 -16.63 -47.30 -23.32
N CYS I 137 -17.08 -46.20 -22.72
CA CYS I 137 -18.51 -46.04 -22.49
C CYS I 137 -19.28 -46.01 -23.80
N LYS I 138 -18.76 -45.25 -24.78
CA LYS I 138 -19.53 -44.95 -25.99
C LYS I 138 -19.88 -46.17 -26.84
N MET I 139 -18.92 -47.06 -27.11
CA MET I 139 -19.23 -48.15 -28.03
C MET I 139 -20.25 -49.11 -27.41
N TYR I 140 -20.16 -49.35 -26.11
CA TYR I 140 -21.16 -50.22 -25.50
C TYR I 140 -22.46 -49.50 -25.22
N ARG I 141 -22.46 -48.17 -25.04
CA ARG I 141 -23.77 -47.54 -24.95
C ARG I 141 -24.47 -47.63 -26.30
N ARG I 142 -23.71 -47.77 -27.40
CA ARG I 142 -24.42 -47.99 -28.66
C ARG I 142 -24.79 -49.46 -28.79
N HIS I 143 -23.98 -50.36 -28.22
CA HIS I 143 -24.34 -51.76 -28.25
C HIS I 143 -25.65 -52.01 -27.49
N VAL I 144 -25.80 -51.37 -26.33
CA VAL I 144 -27.03 -51.53 -25.57
C VAL I 144 -28.19 -50.81 -26.27
N ARG I 145 -27.92 -49.70 -26.97
CA ARG I 145 -28.98 -49.09 -27.77
C ARG I 145 -29.48 -50.04 -28.84
N SER I 146 -28.55 -50.68 -29.55
CA SER I 146 -28.95 -51.64 -30.57
C SER I 146 -29.71 -52.81 -29.95
N ARG I 147 -29.30 -53.22 -28.76
CA ARG I 147 -29.95 -54.35 -28.12
C ARG I 147 -31.39 -54.03 -27.74
N PHE I 148 -31.62 -52.87 -27.11
CA PHE I 148 -32.91 -52.55 -26.54
C PHE I 148 -33.79 -51.67 -27.40
N TYR I 149 -33.31 -51.21 -28.56
CA TYR I 149 -34.20 -50.51 -29.48
C TYR I 149 -35.09 -51.48 -30.24
N SER I 150 -34.53 -52.62 -30.66
CA SER I 150 -35.24 -53.58 -31.48
C SER I 150 -36.23 -54.41 -30.69
N ILE I 151 -36.09 -54.48 -29.37
CA ILE I 151 -36.97 -55.31 -28.56
C ILE I 151 -38.37 -54.71 -28.53
N LYS I 152 -39.37 -55.54 -28.76
CA LYS I 152 -40.75 -55.09 -28.82
C LYS I 152 -41.67 -56.05 -28.09
N ASP I 163 -38.43 -52.00 -31.00
CA ASP I 163 -39.51 -51.04 -30.80
C ASP I 163 -39.70 -50.76 -29.31
N LEU I 164 -40.97 -50.79 -28.86
CA LEU I 164 -41.33 -50.57 -27.46
C LEU I 164 -40.99 -49.16 -27.00
N ASN I 165 -40.51 -48.31 -27.92
CA ASN I 165 -40.22 -46.92 -27.58
C ASN I 165 -41.49 -46.09 -27.57
N SER I 166 -42.22 -46.09 -28.69
CA SER I 166 -43.54 -45.49 -28.76
C SER I 166 -44.65 -46.47 -28.39
N ARG I 167 -44.32 -47.50 -27.60
CA ARG I 167 -45.27 -48.55 -27.23
C ARG I 167 -45.27 -48.74 -25.71
N TYR I 168 -44.96 -47.68 -24.97
CA TYR I 168 -44.78 -47.74 -23.53
C TYR I 168 -45.59 -46.67 -22.83
N THR I 169 -46.21 -47.05 -21.72
CA THR I 169 -46.89 -46.12 -20.82
C THR I 169 -46.31 -46.31 -19.42
N GLN I 170 -46.07 -45.20 -18.74
CA GLN I 170 -45.38 -45.23 -17.46
C GLN I 170 -46.16 -46.02 -16.41
N LEU I 171 -45.44 -46.90 -15.71
CA LEU I 171 -46.00 -47.64 -14.59
C LEU I 171 -45.70 -46.87 -13.31
N GLN I 172 -46.25 -47.34 -12.19
CA GLN I 172 -46.20 -46.59 -10.94
C GLN I 172 -45.12 -47.13 -10.02
N LEU I 173 -44.27 -46.25 -9.52
CA LEU I 173 -43.28 -46.58 -8.50
C LEU I 173 -43.75 -46.03 -7.17
N VAL I 174 -43.77 -46.89 -6.15
CA VAL I 174 -44.32 -46.52 -4.86
C VAL I 174 -43.39 -46.99 -3.75
N LYS I 175 -43.04 -46.08 -2.84
CA LYS I 175 -42.49 -46.45 -1.54
C LYS I 175 -43.25 -45.72 -0.46
N GLU I 176 -44.12 -46.44 0.27
CA GLU I 176 -44.89 -45.79 1.32
C GLU I 176 -44.09 -45.69 2.61
N HIS I 177 -43.73 -46.84 3.18
CA HIS I 177 -43.02 -46.93 4.45
C HIS I 177 -43.64 -46.04 5.53
N PRO I 178 -44.93 -46.28 5.88
CA PRO I 178 -45.63 -45.43 6.86
C PRO I 178 -45.43 -45.91 8.29
N LEU I 203 -43.36 -43.04 -8.27
CA LEU I 203 -42.38 -42.07 -7.77
C LEU I 203 -41.67 -41.37 -8.91
N LYS I 204 -40.40 -41.02 -8.69
CA LYS I 204 -39.58 -40.33 -9.68
C LYS I 204 -38.28 -41.10 -9.84
N LEU I 205 -38.13 -41.78 -10.99
CA LEU I 205 -36.89 -42.49 -11.27
C LEU I 205 -35.70 -41.53 -11.31
N GLU I 206 -35.94 -40.28 -11.70
CA GLU I 206 -34.90 -39.27 -11.61
C GLU I 206 -34.49 -39.08 -10.16
N LEU I 207 -33.17 -39.05 -9.93
CA LEU I 207 -32.61 -38.95 -8.59
C LEU I 207 -33.18 -40.04 -7.67
N LEU I 208 -33.26 -41.26 -8.21
CA LEU I 208 -33.78 -42.37 -7.43
C LEU I 208 -32.90 -42.70 -6.23
N PHE I 209 -31.62 -42.36 -6.30
CA PHE I 209 -30.63 -42.85 -5.35
C PHE I 209 -30.10 -41.71 -4.48
N GLU I 210 -30.99 -40.88 -3.95
CA GLU I 210 -30.54 -39.92 -2.96
C GLU I 210 -29.96 -40.66 -1.76
N PRO I 211 -28.71 -40.41 -1.38
CA PRO I 211 -28.22 -40.89 -0.09
C PRO I 211 -28.48 -39.87 1.01
N GLU I 212 -29.39 -38.94 0.73
CA GLU I 212 -29.66 -37.82 1.63
C GLU I 212 -29.99 -38.32 3.03
N ASP I 213 -29.66 -37.50 4.03
CA ASP I 213 -29.76 -37.91 5.42
C ASP I 213 -31.13 -37.61 6.02
N GLY I 214 -32.18 -38.04 5.32
CA GLY I 214 -33.50 -38.05 5.92
C GLY I 214 -33.76 -39.37 6.61
N HIS I 215 -33.74 -40.45 5.82
CA HIS I 215 -33.81 -41.80 6.38
C HIS I 215 -32.92 -42.78 5.62
N SER I 216 -32.08 -42.32 4.70
CA SER I 216 -31.34 -43.19 3.78
C SER I 216 -29.88 -42.78 3.69
N GLU I 217 -29.23 -42.60 4.85
CA GLU I 217 -27.86 -42.11 4.87
C GLU I 217 -26.89 -43.05 4.18
N PRO I 218 -26.68 -44.29 4.65
CA PRO I 218 -25.65 -45.15 4.07
C PRO I 218 -26.12 -46.10 2.98
N VAL I 219 -27.33 -45.93 2.46
CA VAL I 219 -27.90 -46.93 1.57
C VAL I 219 -27.19 -46.92 0.22
N HIS I 220 -27.15 -48.09 -0.43
CA HIS I 220 -26.58 -48.22 -1.76
C HIS I 220 -27.44 -48.99 -2.76
N THR I 221 -28.65 -49.42 -2.38
CA THR I 221 -29.37 -50.36 -3.23
C THR I 221 -30.88 -50.24 -3.07
N VAL I 222 -31.58 -50.59 -4.14
CA VAL I 222 -33.04 -50.66 -4.19
C VAL I 222 -33.49 -51.96 -4.84
N VAL I 223 -34.64 -52.45 -4.39
CA VAL I 223 -35.26 -53.66 -4.92
C VAL I 223 -36.57 -53.25 -5.56
N PHE I 224 -36.80 -53.72 -6.77
CA PHE I 224 -38.06 -53.47 -7.48
C PHE I 224 -39.03 -54.59 -7.13
N GLN I 225 -40.26 -54.21 -6.77
CA GLN I 225 -41.31 -55.18 -6.51
C GLN I 225 -42.56 -54.77 -7.26
N GLY I 226 -43.63 -55.53 -7.06
CA GLY I 226 -44.91 -55.20 -7.67
C GLY I 226 -45.80 -56.43 -7.74
N ALA I 227 -46.84 -56.32 -8.58
CA ALA I 227 -47.78 -57.42 -8.74
C ALA I 227 -47.16 -58.55 -9.54
N ALA I 228 -47.78 -59.73 -9.44
CA ALA I 228 -47.23 -60.93 -10.05
C ALA I 228 -47.18 -60.80 -11.57
N GLY I 229 -45.97 -60.79 -12.14
CA GLY I 229 -45.81 -60.80 -13.58
C GLY I 229 -46.02 -59.46 -14.26
N ILE I 230 -45.17 -58.48 -13.95
CA ILE I 230 -45.20 -57.19 -14.64
C ILE I 230 -44.38 -57.18 -15.92
N GLY I 231 -43.66 -58.26 -16.21
CA GLY I 231 -42.66 -58.21 -17.25
C GLY I 231 -41.41 -57.50 -16.82
N LYS I 232 -41.23 -57.36 -15.50
CA LYS I 232 -40.30 -56.48 -14.80
C LYS I 232 -38.98 -56.26 -15.54
N THR I 233 -38.44 -57.33 -16.13
CA THR I 233 -37.28 -57.19 -16.97
C THR I 233 -37.50 -56.13 -18.04
N ILE I 234 -38.74 -55.96 -18.50
CA ILE I 234 -39.02 -54.94 -19.50
C ILE I 234 -38.73 -53.56 -18.91
N LEU I 235 -39.10 -53.34 -17.65
CA LEU I 235 -38.85 -52.04 -17.03
C LEU I 235 -37.36 -51.84 -16.80
N ALA I 236 -36.65 -52.91 -16.44
CA ALA I 236 -35.20 -52.82 -16.35
C ALA I 236 -34.61 -52.38 -17.70
N ARG I 237 -35.09 -52.98 -18.78
CA ARG I 237 -34.62 -52.63 -20.11
C ARG I 237 -34.97 -51.18 -20.46
N LYS I 238 -36.15 -50.72 -20.06
CA LYS I 238 -36.52 -49.33 -20.31
C LYS I 238 -35.59 -48.38 -19.59
N ILE I 239 -35.25 -48.66 -18.33
CA ILE I 239 -34.31 -47.79 -17.62
C ILE I 239 -32.94 -47.82 -18.30
N MET I 240 -32.48 -49.00 -18.69
CA MET I 240 -31.19 -49.13 -19.37
C MET I 240 -31.17 -48.29 -20.64
N LEU I 241 -32.17 -48.47 -21.50
CA LEU I 241 -32.21 -47.73 -22.76
C LEU I 241 -32.39 -46.24 -22.52
N ASP I 242 -33.14 -45.86 -21.49
CA ASP I 242 -33.33 -44.44 -21.20
C ASP I 242 -32.00 -43.78 -20.86
N TRP I 243 -31.19 -44.45 -20.04
CA TRP I 243 -29.86 -43.90 -19.79
C TRP I 243 -29.01 -43.90 -21.06
N ALA I 244 -29.05 -45.01 -21.81
CA ALA I 244 -28.22 -45.12 -23.00
C ALA I 244 -28.50 -44.01 -23.99
N LEU I 245 -29.76 -43.65 -24.16
CA LEU I 245 -30.14 -42.52 -24.99
C LEU I 245 -29.98 -41.18 -24.28
N GLY I 246 -29.79 -41.19 -22.96
CA GLY I 246 -29.72 -39.93 -22.24
C GLY I 246 -31.09 -39.47 -21.80
N LYS I 247 -31.70 -38.58 -22.59
CA LYS I 247 -33.03 -38.05 -22.33
C LYS I 247 -33.07 -37.33 -20.98
N LEU I 248 -32.29 -36.26 -20.89
CA LEU I 248 -32.16 -35.42 -19.71
C LEU I 248 -31.61 -36.18 -18.51
N PHE I 249 -30.93 -37.29 -18.75
CA PHE I 249 -30.32 -38.07 -17.67
C PHE I 249 -28.99 -37.43 -17.30
N LYS I 250 -28.98 -36.66 -16.23
CA LYS I 250 -27.71 -36.25 -15.64
C LYS I 250 -26.93 -37.48 -15.23
N ASP I 251 -25.78 -37.71 -15.86
CA ASP I 251 -25.05 -38.95 -15.69
C ASP I 251 -24.38 -38.99 -14.33
N LYS I 252 -25.10 -39.48 -13.31
CA LYS I 252 -24.48 -39.81 -12.03
C LYS I 252 -23.53 -41.00 -12.14
N PHE I 253 -23.56 -41.72 -13.25
CA PHE I 253 -22.83 -42.98 -13.37
C PHE I 253 -22.20 -43.05 -14.76
N ASP I 254 -21.08 -43.77 -14.84
CA ASP I 254 -20.38 -43.97 -16.10
C ASP I 254 -20.81 -45.25 -16.80
N TYR I 255 -21.35 -46.23 -16.06
CA TYR I 255 -21.79 -47.47 -16.66
C TYR I 255 -22.93 -48.05 -15.84
N LEU I 256 -23.96 -48.52 -16.54
CA LEU I 256 -25.02 -49.32 -15.97
C LEU I 256 -25.01 -50.61 -16.77
N PHE I 257 -24.71 -51.73 -16.12
CA PHE I 257 -24.58 -52.99 -16.81
C PHE I 257 -25.83 -53.83 -16.60
N PHE I 258 -26.42 -54.27 -17.71
CA PHE I 258 -27.59 -55.13 -17.68
C PHE I 258 -27.11 -56.57 -17.56
N ILE I 259 -27.41 -57.19 -16.43
CA ILE I 259 -27.08 -58.60 -16.20
C ILE I 259 -28.35 -59.39 -16.45
N HIS I 260 -28.28 -60.34 -17.39
CA HIS I 260 -29.40 -61.20 -17.67
C HIS I 260 -29.14 -62.52 -16.96
N CYS I 261 -29.43 -62.52 -15.67
CA CYS I 261 -29.14 -63.65 -14.79
C CYS I 261 -29.83 -64.92 -15.26
N ARG I 262 -30.88 -64.79 -16.08
CA ARG I 262 -31.51 -65.94 -16.70
C ARG I 262 -30.49 -66.74 -17.51
N GLU I 263 -29.42 -66.08 -17.97
CA GLU I 263 -28.27 -66.76 -18.54
C GLU I 263 -27.14 -67.00 -17.53
N VAL I 264 -26.93 -66.08 -16.58
CA VAL I 264 -25.77 -66.18 -15.68
C VAL I 264 -26.04 -67.31 -14.68
N SER I 265 -27.22 -67.91 -14.76
CA SER I 265 -27.70 -68.93 -13.85
C SER I 265 -26.77 -70.13 -13.73
N LEU I 266 -25.75 -70.24 -14.57
CA LEU I 266 -24.88 -71.40 -14.58
C LEU I 266 -24.03 -71.48 -13.31
N ARG I 267 -23.58 -72.71 -13.03
CA ARG I 267 -22.74 -73.05 -11.89
C ARG I 267 -21.26 -72.74 -12.13
N THR I 268 -20.92 -72.31 -13.34
CA THR I 268 -19.52 -72.09 -13.68
C THR I 268 -18.92 -70.94 -12.86
N PRO I 269 -17.72 -71.10 -12.31
CA PRO I 269 -17.11 -70.00 -11.56
C PRO I 269 -16.59 -68.96 -12.54
N ARG I 270 -17.24 -67.79 -12.60
CA ARG I 270 -16.89 -66.77 -13.56
C ARG I 270 -16.46 -65.48 -12.87
N SER I 271 -15.46 -64.83 -13.44
CA SER I 271 -14.95 -63.56 -12.93
C SER I 271 -15.88 -62.43 -13.34
N LEU I 272 -15.41 -61.19 -13.19
CA LEU I 272 -16.14 -60.05 -13.71
C LEU I 272 -16.48 -60.28 -15.17
N ALA I 273 -17.77 -60.25 -15.48
CA ALA I 273 -18.28 -60.66 -16.79
C ALA I 273 -19.01 -59.47 -17.39
N ASP I 274 -18.24 -58.59 -18.03
CA ASP I 274 -18.80 -57.46 -18.76
C ASP I 274 -18.95 -57.74 -20.25
N LEU I 275 -18.34 -58.80 -20.76
CA LEU I 275 -18.62 -59.25 -22.12
C LEU I 275 -19.85 -60.13 -22.12
N ILE I 276 -20.67 -60.01 -23.17
CA ILE I 276 -21.87 -60.82 -23.35
C ILE I 276 -21.85 -61.55 -24.69
N VAL I 277 -21.57 -60.83 -25.77
CA VAL I 277 -21.54 -61.42 -27.10
C VAL I 277 -20.17 -62.03 -27.43
N SER I 278 -19.25 -62.04 -26.46
CA SER I 278 -17.90 -62.54 -26.66
C SER I 278 -17.18 -61.76 -27.76
N CYS I 279 -17.27 -60.43 -27.67
CA CYS I 279 -16.57 -59.54 -28.58
C CYS I 279 -15.11 -59.44 -28.12
N TRP I 280 -14.37 -58.48 -28.67
CA TRP I 280 -13.01 -58.26 -28.19
C TRP I 280 -13.05 -57.82 -26.73
N PRO I 281 -12.10 -58.28 -25.91
CA PRO I 281 -12.24 -58.12 -24.46
C PRO I 281 -12.33 -56.65 -24.07
N ASP I 282 -13.20 -56.37 -23.10
CA ASP I 282 -13.30 -55.03 -22.59
C ASP I 282 -12.02 -54.65 -21.84
N PRO I 283 -11.74 -53.35 -21.70
CA PRO I 283 -10.53 -52.92 -20.99
C PRO I 283 -10.61 -53.21 -19.50
N ASN I 284 -10.70 -54.48 -19.13
CA ASN I 284 -11.07 -54.85 -17.76
C ASN I 284 -10.13 -54.29 -16.70
N PRO I 285 -8.80 -54.35 -16.84
CA PRO I 285 -7.91 -53.77 -15.81
C PRO I 285 -8.05 -52.25 -15.70
N PRO I 286 -8.01 -51.47 -16.79
CA PRO I 286 -8.33 -50.03 -16.64
C PRO I 286 -9.74 -49.72 -16.15
N VAL I 287 -10.71 -50.59 -16.45
CA VAL I 287 -12.03 -50.48 -15.81
C VAL I 287 -11.91 -50.64 -14.30
N CYS I 288 -11.11 -51.58 -13.85
CA CYS I 288 -10.83 -51.71 -12.42
C CYS I 288 -10.09 -50.49 -11.88
N LYS I 289 -9.27 -49.86 -12.71
CA LYS I 289 -8.52 -48.67 -12.29
C LYS I 289 -9.38 -47.40 -12.27
N ILE I 290 -10.47 -47.36 -13.03
CA ILE I 290 -11.39 -46.22 -13.00
C ILE I 290 -12.46 -46.48 -11.96
N LEU I 291 -12.22 -47.46 -11.09
CA LEU I 291 -13.10 -47.73 -9.96
C LEU I 291 -12.77 -46.86 -8.75
N ARG I 292 -11.51 -46.87 -8.30
CA ARG I 292 -11.17 -46.41 -6.95
C ARG I 292 -11.67 -44.99 -6.71
N LYS I 293 -11.35 -44.06 -7.57
CA LYS I 293 -11.85 -42.70 -7.33
C LYS I 293 -13.32 -42.59 -7.71
N PRO I 294 -13.74 -42.86 -8.97
CA PRO I 294 -15.16 -42.71 -9.30
C PRO I 294 -15.96 -43.98 -9.08
N SER I 295 -16.98 -43.92 -8.22
CA SER I 295 -17.93 -45.03 -8.07
C SER I 295 -19.07 -44.92 -9.08
N ARG I 296 -18.71 -44.69 -10.33
CA ARG I 296 -19.65 -44.46 -11.42
C ARG I 296 -19.90 -45.71 -12.24
N ILE I 297 -19.58 -46.87 -11.70
CA ILE I 297 -19.97 -48.16 -12.25
C ILE I 297 -21.21 -48.64 -11.51
N LEU I 298 -22.17 -49.17 -12.26
CA LEU I 298 -23.35 -49.78 -11.68
C LEU I 298 -23.77 -50.97 -12.51
N PHE I 299 -24.33 -51.97 -11.84
CA PHE I 299 -24.72 -53.24 -12.43
C PHE I 299 -26.21 -53.39 -12.23
N LEU I 300 -26.99 -53.17 -13.28
CA LEU I 300 -28.42 -53.50 -13.24
C LEU I 300 -28.54 -54.99 -13.50
N MET I 301 -28.50 -55.77 -12.42
CA MET I 301 -28.77 -57.20 -12.50
C MET I 301 -30.25 -57.48 -12.33
N ASP I 302 -30.74 -58.42 -13.14
CA ASP I 302 -32.15 -58.71 -13.27
C ASP I 302 -32.34 -60.22 -13.32
N GLY I 303 -33.58 -60.65 -13.09
CA GLY I 303 -33.93 -62.06 -13.03
C GLY I 303 -33.30 -62.81 -11.88
N PHE I 304 -33.32 -62.22 -10.68
CA PHE I 304 -32.71 -62.88 -9.53
C PHE I 304 -33.43 -64.18 -9.23
N ASP I 305 -34.70 -64.26 -9.62
CA ASP I 305 -35.53 -65.43 -9.39
C ASP I 305 -34.92 -66.65 -10.05
N GLU I 306 -34.11 -66.45 -11.08
CA GLU I 306 -33.55 -67.52 -11.88
C GLU I 306 -32.12 -67.86 -11.51
N LEU I 307 -31.63 -67.42 -10.35
CA LEU I 307 -30.38 -67.99 -9.85
C LEU I 307 -30.59 -69.43 -9.40
N GLN I 308 -30.23 -70.37 -10.27
CA GLN I 308 -30.56 -71.77 -10.09
C GLN I 308 -29.39 -72.43 -9.34
N GLY I 309 -29.36 -73.76 -9.33
CA GLY I 309 -28.39 -74.46 -8.51
C GLY I 309 -28.94 -75.52 -7.58
N ALA I 310 -28.87 -75.26 -6.27
CA ALA I 310 -29.48 -76.12 -5.28
C ALA I 310 -30.24 -75.32 -4.23
N PHE I 311 -30.83 -74.19 -4.61
CA PHE I 311 -31.46 -73.22 -3.71
C PHE I 311 -30.54 -72.84 -2.56
N ASP I 312 -29.27 -72.59 -2.89
CA ASP I 312 -28.23 -72.30 -1.91
C ASP I 312 -27.79 -70.85 -2.13
N GLU I 313 -28.49 -69.92 -1.49
CA GLU I 313 -28.11 -68.52 -1.55
C GLU I 313 -27.94 -67.95 -0.15
N HIS I 314 -27.36 -68.73 0.75
CA HIS I 314 -27.14 -68.30 2.13
C HIS I 314 -25.87 -67.44 2.19
N ILE I 315 -25.38 -67.18 3.40
CA ILE I 315 -24.20 -66.33 3.56
C ILE I 315 -23.01 -67.00 2.89
N GLY I 316 -22.24 -66.23 2.13
CA GLY I 316 -21.14 -66.80 1.37
C GLY I 316 -20.03 -67.30 2.28
N GLU I 317 -19.58 -68.53 2.03
CA GLU I 317 -18.50 -69.12 2.81
C GLU I 317 -17.18 -68.39 2.60
N VAL I 318 -16.85 -68.05 1.36
CA VAL I 318 -15.56 -67.46 1.01
C VAL I 318 -15.78 -66.20 0.19
N CYS I 319 -15.04 -65.15 0.53
CA CYS I 319 -15.10 -63.87 -0.19
C CYS I 319 -14.28 -63.94 -1.47
N THR I 320 -14.21 -62.80 -2.17
CA THR I 320 -13.47 -62.69 -3.42
C THR I 320 -12.57 -61.47 -3.37
N ASP I 321 -11.67 -61.39 -4.36
CA ASP I 321 -10.74 -60.27 -4.45
C ASP I 321 -11.43 -59.02 -4.99
N TRP I 322 -10.90 -57.86 -4.61
CA TRP I 322 -11.47 -56.60 -5.05
C TRP I 322 -11.27 -56.37 -6.53
N GLN I 323 -10.17 -56.88 -7.10
CA GLN I 323 -9.93 -56.74 -8.53
C GLN I 323 -10.99 -57.46 -9.35
N LYS I 324 -11.62 -58.48 -8.78
CA LYS I 324 -12.69 -59.24 -9.41
C LYS I 324 -12.21 -59.98 -10.66
N ALA I 325 -10.90 -59.90 -10.93
CA ALA I 325 -10.33 -60.62 -12.05
C ALA I 325 -10.25 -62.12 -11.80
N VAL I 326 -10.47 -62.57 -10.56
CA VAL I 326 -10.49 -63.98 -10.24
C VAL I 326 -11.79 -64.60 -10.72
N ARG I 327 -11.69 -65.73 -11.41
CA ARG I 327 -12.87 -66.41 -11.94
C ARG I 327 -13.54 -67.25 -10.88
N GLY I 328 -13.86 -66.64 -9.74
CA GLY I 328 -14.52 -67.36 -8.67
C GLY I 328 -15.98 -67.64 -8.98
N ASP I 329 -16.56 -68.51 -8.16
CA ASP I 329 -17.98 -68.81 -8.29
C ASP I 329 -18.80 -67.56 -8.01
N ILE I 330 -19.82 -67.33 -8.86
CA ILE I 330 -20.74 -66.22 -8.61
C ILE I 330 -21.41 -66.36 -7.25
N LEU I 331 -21.60 -67.59 -6.79
CA LEU I 331 -22.03 -67.81 -5.41
C LEU I 331 -20.98 -67.31 -4.42
N LEU I 332 -19.71 -67.56 -4.71
CA LEU I 332 -18.63 -67.22 -3.79
C LEU I 332 -17.88 -65.94 -4.16
N SER I 333 -18.13 -65.37 -5.34
CA SER I 333 -17.50 -64.12 -5.74
C SER I 333 -18.50 -62.99 -5.91
N SER I 334 -19.53 -63.21 -6.72
CA SER I 334 -20.50 -62.15 -7.00
C SER I 334 -21.35 -61.86 -5.76
N LEU I 335 -21.87 -62.91 -5.11
CA LEU I 335 -22.76 -62.69 -3.98
C LEU I 335 -22.05 -61.93 -2.87
N ILE I 336 -20.81 -62.32 -2.56
CA ILE I 336 -20.05 -61.60 -1.54
C ILE I 336 -19.70 -60.20 -2.02
N ARG I 337 -19.48 -60.02 -3.33
CA ARG I 337 -19.29 -58.67 -3.83
C ARG I 337 -20.50 -57.79 -3.53
N LYS I 338 -21.71 -58.34 -3.71
CA LYS I 338 -22.91 -57.66 -3.22
C LYS I 338 -22.89 -57.47 -1.71
N LYS I 339 -22.43 -58.49 -0.98
CA LYS I 339 -22.54 -58.50 0.48
C LYS I 339 -21.66 -57.43 1.12
N LEU I 340 -20.35 -57.52 0.91
CA LEU I 340 -19.38 -56.65 1.54
C LEU I 340 -18.47 -56.07 0.47
N LEU I 341 -17.98 -54.86 0.74
CA LEU I 341 -17.19 -54.09 -0.21
C LEU I 341 -17.82 -54.05 -1.60
N PRO I 342 -19.09 -53.62 -1.71
CA PRO I 342 -19.68 -53.54 -3.06
C PRO I 342 -19.15 -52.37 -3.85
N LYS I 343 -19.01 -51.21 -3.21
CA LYS I 343 -18.43 -50.00 -3.78
C LYS I 343 -19.28 -49.39 -4.91
N ALA I 344 -20.37 -50.05 -5.29
CA ALA I 344 -21.21 -49.55 -6.37
C ALA I 344 -22.67 -49.70 -5.99
N SER I 345 -23.53 -48.95 -6.67
CA SER I 345 -24.95 -48.97 -6.36
C SER I 345 -25.52 -50.32 -6.79
N LEU I 346 -26.81 -50.52 -6.51
CA LEU I 346 -27.37 -51.83 -6.80
C LEU I 346 -28.88 -51.73 -6.93
N LEU I 347 -29.43 -52.40 -7.95
CA LEU I 347 -30.87 -52.45 -8.17
C LEU I 347 -31.23 -53.87 -8.60
N ILE I 348 -32.03 -54.56 -7.79
CA ILE I 348 -32.39 -55.93 -8.13
C ILE I 348 -33.90 -56.09 -8.28
N THR I 349 -34.28 -56.98 -9.18
CA THR I 349 -35.66 -57.17 -9.60
C THR I 349 -36.03 -58.63 -9.38
N THR I 350 -37.15 -58.87 -8.69
CA THR I 350 -37.59 -60.22 -8.34
C THR I 350 -38.96 -60.10 -7.67
N ARG I 351 -39.66 -61.25 -7.53
CA ARG I 351 -40.94 -61.13 -6.83
C ARG I 351 -40.82 -61.49 -5.35
N PRO I 352 -41.76 -61.00 -4.51
CA PRO I 352 -41.66 -61.20 -3.05
C PRO I 352 -41.93 -62.60 -2.53
N VAL I 353 -42.00 -63.60 -3.40
CA VAL I 353 -42.19 -64.99 -3.04
C VAL I 353 -41.28 -65.53 -1.93
N ALA I 354 -39.98 -65.63 -2.22
CA ALA I 354 -39.02 -66.31 -1.35
C ALA I 354 -37.66 -65.63 -1.42
N LEU I 355 -37.64 -64.31 -1.23
CA LEU I 355 -36.39 -63.58 -1.33
C LEU I 355 -35.64 -63.42 -0.02
N GLU I 356 -36.28 -63.57 1.13
CA GLU I 356 -35.65 -63.19 2.40
C GLU I 356 -34.22 -63.74 2.59
N LYS I 357 -33.84 -64.79 1.87
CA LYS I 357 -32.45 -65.26 1.80
C LYS I 357 -31.45 -64.12 1.61
N LEU I 358 -31.80 -63.16 0.78
CA LEU I 358 -30.96 -62.02 0.42
C LEU I 358 -31.22 -60.82 1.32
N GLN I 359 -32.29 -60.85 2.11
CA GLN I 359 -32.67 -59.74 2.97
C GLN I 359 -32.30 -59.98 4.43
N HIS I 360 -32.43 -61.21 4.93
CA HIS I 360 -31.73 -61.54 6.17
C HIS I 360 -30.23 -61.47 5.95
N LEU I 361 -29.79 -61.68 4.71
CA LEU I 361 -28.51 -61.18 4.24
C LEU I 361 -28.50 -59.67 4.33
N LEU I 362 -27.59 -59.13 5.13
CA LEU I 362 -27.60 -57.69 5.38
C LEU I 362 -27.24 -56.91 4.13
N ASP I 363 -28.10 -55.95 3.78
CA ASP I 363 -27.89 -55.07 2.62
C ASP I 363 -28.15 -53.61 2.92
N HIS I 364 -28.93 -53.29 3.95
CA HIS I 364 -29.45 -51.94 4.16
C HIS I 364 -30.07 -51.41 2.86
N PRO I 365 -31.04 -52.13 2.27
CA PRO I 365 -31.64 -51.68 1.02
C PRO I 365 -32.89 -50.84 1.20
N ARG I 366 -33.45 -50.38 0.10
CA ARG I 366 -34.85 -49.98 0.06
C ARG I 366 -35.59 -50.93 -0.88
N HIS I 367 -36.91 -50.74 -0.95
CA HIS I 367 -37.76 -51.49 -1.86
C HIS I 367 -38.75 -50.53 -2.48
N VAL I 368 -39.09 -50.77 -3.74
CA VAL I 368 -40.12 -49.97 -4.42
C VAL I 368 -41.04 -50.91 -5.19
N GLU I 369 -42.34 -50.63 -5.11
CA GLU I 369 -43.34 -51.43 -5.78
C GLU I 369 -43.66 -50.82 -7.15
N ILE I 370 -43.88 -51.70 -8.12
CA ILE I 370 -44.29 -51.30 -9.47
C ILE I 370 -45.76 -51.67 -9.66
N LEU I 371 -46.52 -50.75 -10.22
CA LEU I 371 -47.95 -50.91 -10.40
C LEU I 371 -48.28 -50.75 -11.88
N GLY I 372 -49.13 -51.63 -12.38
CA GLY I 372 -49.43 -51.69 -13.79
C GLY I 372 -50.42 -50.67 -14.30
N PHE I 373 -51.30 -51.10 -15.19
CA PHE I 373 -52.13 -50.19 -15.97
C PHE I 373 -53.31 -49.68 -15.16
N SER I 374 -53.32 -48.39 -14.85
CA SER I 374 -54.54 -47.73 -14.44
C SER I 374 -55.42 -47.52 -15.68
N GLU I 375 -56.65 -47.07 -15.45
CA GLU I 375 -57.61 -46.99 -16.54
C GLU I 375 -57.12 -46.05 -17.64
N ALA I 376 -56.75 -44.82 -17.27
CA ALA I 376 -56.46 -43.80 -18.29
C ALA I 376 -55.23 -44.15 -19.11
N LYS I 377 -54.12 -44.49 -18.45
CA LYS I 377 -52.94 -44.77 -19.26
C LYS I 377 -52.94 -46.19 -19.80
N ARG I 378 -53.82 -47.07 -19.30
CA ARG I 378 -54.11 -48.31 -20.02
C ARG I 378 -54.81 -48.00 -21.35
N LYS I 379 -55.73 -47.03 -21.34
CA LYS I 379 -56.33 -46.58 -22.59
C LYS I 379 -55.26 -45.98 -23.49
N GLU I 380 -54.33 -45.23 -22.92
CA GLU I 380 -53.22 -44.68 -23.68
C GLU I 380 -52.37 -45.79 -24.31
N TYR I 381 -52.09 -46.84 -23.55
CA TYR I 381 -51.35 -47.98 -24.09
C TYR I 381 -52.12 -48.67 -25.20
N PHE I 382 -53.45 -48.77 -25.05
CA PHE I 382 -54.27 -49.38 -26.09
C PHE I 382 -54.21 -48.54 -27.36
N PHE I 383 -54.25 -47.22 -27.21
CA PHE I 383 -54.12 -46.34 -28.37
C PHE I 383 -52.75 -46.46 -29.03
N LYS I 384 -51.70 -46.57 -28.22
CA LYS I 384 -50.35 -46.62 -28.79
C LYS I 384 -50.07 -47.97 -29.45
N TYR I 385 -50.63 -49.05 -28.90
CA TYR I 385 -50.41 -50.37 -29.48
C TYR I 385 -51.25 -50.54 -30.74
N PHE I 386 -52.57 -50.41 -30.61
CA PHE I 386 -53.42 -50.49 -31.77
C PHE I 386 -53.13 -49.32 -32.70
N SER I 387 -53.57 -49.44 -33.95
CA SER I 387 -53.61 -48.27 -34.81
C SER I 387 -54.68 -47.31 -34.29
N ASN I 388 -54.51 -46.03 -34.59
CA ASN I 388 -55.32 -45.02 -33.95
C ASN I 388 -56.79 -45.10 -34.35
N GLU I 389 -57.13 -45.90 -35.36
CA GLU I 389 -58.51 -45.99 -35.82
C GLU I 389 -59.04 -47.41 -36.01
N LEU I 390 -58.17 -48.41 -36.24
CA LEU I 390 -58.70 -49.73 -36.58
C LEU I 390 -59.36 -50.41 -35.38
N GLN I 391 -58.68 -50.43 -34.23
CA GLN I 391 -59.24 -51.10 -33.06
C GLN I 391 -58.96 -50.32 -31.77
N ALA I 392 -58.68 -49.02 -31.86
CA ALA I 392 -58.26 -48.28 -30.68
C ALA I 392 -59.39 -48.10 -29.67
N ARG I 393 -60.63 -47.93 -30.14
CA ARG I 393 -61.73 -47.62 -29.25
C ARG I 393 -62.74 -48.74 -29.04
N GLU I 394 -63.27 -49.33 -30.11
CA GLU I 394 -64.39 -50.25 -29.95
C GLU I 394 -64.02 -51.49 -29.14
N ALA I 395 -62.83 -52.07 -29.40
CA ALA I 395 -62.36 -53.17 -28.57
C ALA I 395 -62.12 -52.74 -27.13
N PHE I 396 -61.52 -51.57 -26.94
CA PHE I 396 -61.32 -51.04 -25.59
C PHE I 396 -62.65 -50.98 -24.84
N ARG I 397 -63.66 -50.37 -25.44
CA ARG I 397 -64.92 -50.16 -24.73
C ARG I 397 -65.70 -51.47 -24.57
N LEU I 398 -65.60 -52.39 -25.52
CA LEU I 398 -66.31 -53.64 -25.34
C LEU I 398 -65.68 -54.48 -24.22
N ILE I 399 -64.36 -54.38 -24.03
CA ILE I 399 -63.80 -55.07 -22.87
C ILE I 399 -63.94 -54.23 -21.60
N GLN I 400 -64.23 -52.93 -21.74
CA GLN I 400 -64.64 -52.15 -20.58
C GLN I 400 -65.97 -52.65 -20.06
N GLU I 401 -66.90 -52.97 -20.97
CA GLU I 401 -68.23 -53.40 -20.56
C GLU I 401 -68.21 -54.73 -19.84
N ASN I 402 -67.10 -55.45 -19.90
CA ASN I 402 -66.94 -56.68 -19.14
C ASN I 402 -66.77 -56.35 -17.66
N GLU I 403 -67.51 -57.06 -16.80
CA GLU I 403 -67.36 -56.86 -15.36
C GLU I 403 -65.99 -57.32 -14.87
N VAL I 404 -65.25 -58.04 -15.71
CA VAL I 404 -63.92 -58.53 -15.41
C VAL I 404 -63.02 -58.10 -16.56
N LEU I 405 -61.74 -58.49 -16.50
CA LEU I 405 -60.74 -58.09 -17.51
C LEU I 405 -60.38 -56.63 -17.35
N PHE I 406 -61.13 -55.94 -16.49
CA PHE I 406 -60.73 -54.65 -15.95
C PHE I 406 -60.13 -54.80 -14.57
N THR I 407 -60.50 -55.86 -13.84
CA THR I 407 -59.69 -56.30 -12.71
C THR I 407 -58.28 -56.68 -13.14
N MET I 408 -58.14 -57.42 -14.24
CA MET I 408 -56.82 -57.80 -14.70
C MET I 408 -56.20 -56.77 -15.64
N CYS I 409 -56.98 -55.83 -16.16
CA CYS I 409 -56.34 -54.83 -17.01
C CYS I 409 -55.27 -54.07 -16.25
N PHE I 410 -55.36 -54.02 -14.92
CA PHE I 410 -54.28 -53.45 -14.14
C PHE I 410 -52.95 -54.16 -14.39
N ILE I 411 -52.95 -55.49 -14.42
CA ILE I 411 -51.71 -56.23 -14.67
C ILE I 411 -51.19 -56.09 -16.10
N PRO I 412 -49.94 -55.62 -16.24
CA PRO I 412 -49.36 -55.42 -17.56
C PRO I 412 -49.27 -56.66 -18.43
N LEU I 413 -48.98 -57.84 -17.86
CA LEU I 413 -48.92 -59.01 -18.73
C LEU I 413 -50.26 -59.30 -19.36
N VAL I 414 -51.35 -59.07 -18.63
CA VAL I 414 -52.68 -59.24 -19.22
C VAL I 414 -52.90 -58.22 -20.32
N CYS I 415 -52.52 -56.97 -20.10
CA CYS I 415 -52.70 -56.00 -21.18
C CYS I 415 -51.86 -56.35 -22.42
N TRP I 416 -50.60 -56.77 -22.21
CA TRP I 416 -49.77 -57.14 -23.37
C TRP I 416 -50.31 -58.37 -24.08
N ILE I 417 -50.97 -59.26 -23.34
CA ILE I 417 -51.41 -60.50 -23.95
C ILE I 417 -52.77 -60.32 -24.59
N VAL I 418 -53.55 -59.33 -24.17
CA VAL I 418 -54.80 -59.09 -24.85
C VAL I 418 -54.57 -58.20 -26.07
N CYS I 419 -53.58 -57.30 -26.00
CA CYS I 419 -53.24 -56.49 -27.15
C CYS I 419 -52.69 -57.37 -28.26
N THR I 420 -51.73 -58.25 -27.95
CA THR I 420 -51.23 -59.14 -28.99
C THR I 420 -52.26 -60.22 -29.35
N GLY I 421 -53.09 -60.64 -28.39
CA GLY I 421 -54.07 -61.68 -28.58
C GLY I 421 -55.33 -61.30 -29.32
N LEU I 422 -55.53 -60.02 -29.65
CA LEU I 422 -56.75 -59.65 -30.35
C LEU I 422 -56.52 -59.18 -31.79
N LYS I 423 -55.28 -58.96 -32.21
CA LYS I 423 -55.03 -58.62 -33.61
C LYS I 423 -55.29 -59.78 -34.57
N GLN I 424 -55.40 -61.01 -34.07
CA GLN I 424 -55.81 -62.12 -34.93
C GLN I 424 -57.31 -62.27 -35.08
N GLN I 425 -58.14 -61.42 -34.44
CA GLN I 425 -59.56 -61.69 -34.33
C GLN I 425 -60.42 -60.85 -35.26
N MET I 426 -59.88 -59.82 -35.90
CA MET I 426 -60.67 -59.10 -36.89
C MET I 426 -60.86 -59.94 -38.15
N GLU I 427 -59.91 -60.82 -38.46
CA GLU I 427 -60.10 -61.79 -39.54
C GLU I 427 -61.27 -62.72 -39.25
N THR I 428 -61.50 -63.03 -37.97
CA THR I 428 -62.67 -63.79 -37.56
C THR I 428 -63.87 -62.89 -37.31
N GLY I 429 -63.72 -61.93 -36.41
CA GLY I 429 -64.73 -60.92 -36.17
C GLY I 429 -65.65 -61.26 -35.01
N LYS I 430 -65.80 -60.30 -34.08
CA LYS I 430 -66.76 -60.39 -32.98
C LYS I 430 -66.51 -61.65 -32.13
N SER I 431 -65.25 -61.83 -31.73
CA SER I 431 -64.87 -62.91 -30.85
C SER I 431 -63.88 -62.43 -29.79
N LEU I 432 -64.14 -61.26 -29.22
CA LEU I 432 -63.18 -60.57 -28.37
C LEU I 432 -63.40 -60.87 -26.89
N ALA I 433 -64.58 -60.54 -26.38
CA ALA I 433 -64.85 -60.59 -24.95
C ALA I 433 -65.33 -61.97 -24.48
N GLN I 434 -65.44 -62.94 -25.38
CA GLN I 434 -65.94 -64.25 -25.01
C GLN I 434 -64.91 -65.02 -24.16
N THR I 435 -65.42 -65.94 -23.36
CA THR I 435 -64.65 -66.87 -22.52
C THR I 435 -63.41 -66.19 -21.92
N SER I 436 -63.64 -65.03 -21.32
CA SER I 436 -62.61 -64.23 -20.66
C SER I 436 -63.03 -64.02 -19.21
N LYS I 437 -62.54 -64.88 -18.31
CA LYS I 437 -62.86 -64.77 -16.90
C LYS I 437 -61.65 -64.49 -16.03
N THR I 438 -60.61 -65.34 -16.09
CA THR I 438 -59.50 -65.31 -15.15
C THR I 438 -58.20 -65.38 -15.92
N THR I 439 -57.08 -65.28 -15.20
CA THR I 439 -55.77 -65.33 -15.86
C THR I 439 -55.56 -66.65 -16.59
N THR I 440 -55.91 -67.76 -15.95
CA THR I 440 -55.86 -69.05 -16.63
C THR I 440 -56.79 -69.07 -17.84
N ALA I 441 -57.99 -68.50 -17.69
CA ALA I 441 -58.94 -68.50 -18.80
C ALA I 441 -58.40 -67.74 -20.00
N VAL I 442 -57.83 -66.57 -19.76
CA VAL I 442 -57.34 -65.76 -20.87
C VAL I 442 -56.10 -66.41 -21.48
N TYR I 443 -55.24 -67.02 -20.65
CA TYR I 443 -54.10 -67.73 -21.20
C TYR I 443 -54.52 -68.89 -22.09
N VAL I 444 -55.52 -69.66 -21.64
CA VAL I 444 -56.02 -70.78 -22.45
C VAL I 444 -56.64 -70.28 -23.75
N PHE I 445 -57.41 -69.19 -23.67
CA PHE I 445 -58.02 -68.63 -24.87
C PHE I 445 -56.97 -68.15 -25.86
N PHE I 446 -55.93 -67.47 -25.37
CA PHE I 446 -54.87 -66.98 -26.23
C PHE I 446 -54.11 -68.13 -26.87
N LEU I 447 -53.79 -69.18 -26.09
CA LEU I 447 -53.10 -70.32 -26.65
C LEU I 447 -53.95 -71.01 -27.71
N SER I 448 -55.26 -71.16 -27.45
CA SER I 448 -56.14 -71.79 -28.43
C SER I 448 -56.24 -70.94 -29.70
N SER I 449 -56.27 -69.61 -29.55
CA SER I 449 -56.30 -68.72 -30.70
C SER I 449 -55.03 -68.85 -31.53
N LEU I 450 -53.87 -68.92 -30.87
CA LEU I 450 -52.62 -69.14 -31.60
C LEU I 450 -52.61 -70.50 -32.28
N LEU I 451 -53.09 -71.53 -31.59
CA LEU I 451 -53.04 -72.91 -32.08
C LEU I 451 -54.38 -73.34 -32.66
N GLN I 452 -55.10 -72.43 -33.31
CA GLN I 452 -56.41 -72.74 -33.87
C GLN I 452 -56.28 -73.48 -35.20
N SER I 453 -55.47 -72.95 -36.11
CA SER I 453 -55.34 -73.52 -37.44
C SER I 453 -54.29 -74.62 -37.52
N ARG I 454 -53.83 -75.13 -36.38
CA ARG I 454 -52.85 -76.21 -36.34
C ARG I 454 -53.49 -77.58 -36.21
N GLY I 455 -54.81 -77.65 -36.08
CA GLY I 455 -55.49 -78.92 -35.93
C GLY I 455 -56.93 -78.79 -35.45
N LEU I 461 -51.03 -84.63 -35.90
CA LEU I 461 -50.03 -83.68 -36.35
C LEU I 461 -49.50 -82.84 -35.20
N PHE I 462 -50.13 -81.69 -34.95
CA PHE I 462 -49.71 -80.82 -33.87
C PHE I 462 -50.10 -81.37 -32.50
N SER I 463 -51.01 -82.33 -32.45
CA SER I 463 -51.38 -82.94 -31.17
C SER I 463 -50.18 -83.58 -30.50
N ASP I 464 -49.27 -84.17 -31.28
CA ASP I 464 -48.04 -84.70 -30.72
C ASP I 464 -46.98 -83.62 -30.53
N TYR I 465 -46.97 -82.59 -31.37
CA TYR I 465 -45.97 -81.53 -31.24
C TYR I 465 -46.17 -80.75 -29.94
N LEU I 466 -47.42 -80.42 -29.60
CA LEU I 466 -47.70 -79.72 -28.37
C LEU I 466 -47.30 -80.57 -27.16
N GLN I 467 -47.60 -81.87 -27.21
CA GLN I 467 -47.21 -82.75 -26.11
C GLN I 467 -45.70 -82.86 -25.98
N GLY I 468 -44.99 -82.94 -27.11
CA GLY I 468 -43.54 -83.02 -27.05
C GLY I 468 -42.90 -81.76 -26.48
N LEU I 469 -43.36 -80.59 -26.90
CA LEU I 469 -42.85 -79.35 -26.32
C LEU I 469 -43.23 -79.24 -24.85
N CYS I 470 -44.45 -79.65 -24.51
CA CYS I 470 -44.94 -79.60 -23.14
C CYS I 470 -44.10 -80.47 -22.22
N SER I 471 -43.86 -81.72 -22.62
CA SER I 471 -43.21 -82.67 -21.73
C SER I 471 -41.74 -82.39 -21.54
N LEU I 472 -41.33 -81.23 -22.03
CA LEU I 472 -39.94 -80.78 -21.93
C LEU I 472 -39.83 -79.37 -21.40
N ALA I 473 -40.88 -78.54 -21.54
CA ALA I 473 -40.76 -77.15 -21.13
C ALA I 473 -40.65 -77.06 -19.62
N ALA I 474 -41.50 -77.81 -18.91
CA ALA I 474 -41.59 -77.72 -17.47
C ALA I 474 -40.29 -78.13 -16.79
N ASP I 475 -39.56 -79.08 -17.39
CA ASP I 475 -38.26 -79.49 -16.87
C ASP I 475 -37.27 -78.33 -16.80
N GLY I 476 -37.50 -77.25 -17.55
CA GLY I 476 -36.68 -76.05 -17.40
C GLY I 476 -36.64 -75.54 -15.98
N ILE I 477 -37.74 -75.66 -15.26
CA ILE I 477 -37.76 -75.28 -13.85
C ILE I 477 -37.81 -76.50 -12.94
N TRP I 478 -38.28 -77.65 -13.41
CA TRP I 478 -38.29 -78.86 -12.61
C TRP I 478 -36.87 -79.35 -12.36
N ASN I 479 -36.15 -79.71 -13.42
CA ASN I 479 -34.73 -80.01 -13.26
C ASN I 479 -33.92 -78.74 -13.03
N GLN I 480 -34.57 -77.58 -13.11
CA GLN I 480 -33.96 -76.28 -12.85
C GLN I 480 -32.82 -76.02 -13.83
N LYS I 481 -33.11 -76.25 -15.11
CA LYS I 481 -32.27 -75.78 -16.21
C LYS I 481 -33.21 -74.95 -17.07
N ILE I 482 -33.46 -73.72 -16.64
CA ILE I 482 -34.38 -72.83 -17.35
C ILE I 482 -33.89 -72.58 -18.75
N LEU I 483 -32.59 -72.64 -18.98
CA LEU I 483 -32.01 -72.43 -20.30
C LEU I 483 -31.97 -73.77 -21.04
N PHE I 484 -32.51 -73.77 -22.26
CA PHE I 484 -32.66 -74.97 -23.08
C PHE I 484 -31.44 -75.31 -23.91
N GLU I 485 -30.38 -74.50 -23.86
CA GLU I 485 -29.17 -74.69 -24.67
C GLU I 485 -29.54 -74.72 -26.16
N GLU I 486 -30.00 -73.55 -26.63
CA GLU I 486 -30.49 -73.34 -27.99
C GLU I 486 -31.51 -74.42 -28.38
N CYS I 487 -32.18 -74.98 -27.36
CA CYS I 487 -33.20 -75.99 -27.51
C CYS I 487 -32.61 -77.28 -28.09
N ASP I 488 -31.49 -77.72 -27.52
CA ASP I 488 -30.94 -79.03 -27.86
C ASP I 488 -31.70 -80.16 -27.16
N LEU I 489 -32.20 -79.91 -25.95
CA LEU I 489 -33.15 -80.85 -25.37
C LEU I 489 -34.39 -80.96 -26.24
N ARG I 490 -34.86 -79.85 -26.81
CA ARG I 490 -35.93 -79.90 -27.79
C ARG I 490 -35.51 -80.64 -29.05
N LYS I 491 -34.25 -80.46 -29.48
CA LYS I 491 -33.72 -81.25 -30.58
C LYS I 491 -33.84 -82.74 -30.31
N HIS I 492 -33.70 -83.14 -29.05
CA HIS I 492 -34.02 -84.50 -28.66
C HIS I 492 -35.52 -84.75 -28.70
N GLY I 493 -36.32 -83.83 -28.16
CA GLY I 493 -37.76 -83.99 -28.07
C GLY I 493 -38.55 -83.18 -29.07
N LEU I 494 -39.01 -83.82 -30.14
CA LEU I 494 -39.95 -83.23 -31.10
C LEU I 494 -39.39 -81.95 -31.74
N GLN I 495 -38.33 -82.15 -32.52
CA GLN I 495 -37.73 -81.10 -33.32
C GLN I 495 -38.17 -81.30 -34.76
N LYS I 496 -39.09 -80.44 -35.22
CA LYS I 496 -39.56 -80.45 -36.59
C LYS I 496 -39.70 -79.00 -37.06
N THR I 497 -40.39 -78.80 -38.19
CA THR I 497 -40.74 -77.45 -38.62
C THR I 497 -41.74 -76.80 -37.68
N ASP I 498 -42.40 -77.59 -36.83
CA ASP I 498 -43.25 -77.02 -35.79
C ASP I 498 -42.46 -76.07 -34.90
N VAL I 499 -41.18 -76.38 -34.66
CA VAL I 499 -40.33 -75.48 -33.86
C VAL I 499 -40.15 -74.15 -34.57
N SER I 500 -39.93 -74.19 -35.89
CA SER I 500 -39.83 -72.94 -36.65
C SER I 500 -41.13 -72.15 -36.58
N ALA I 501 -42.26 -72.83 -36.66
CA ALA I 501 -43.55 -72.15 -36.55
C ALA I 501 -43.72 -71.52 -35.17
N PHE I 502 -43.33 -72.24 -34.12
CA PHE I 502 -43.44 -71.72 -32.76
C PHE I 502 -42.57 -70.48 -32.60
N LEU I 503 -41.34 -70.53 -33.11
CA LEU I 503 -40.45 -69.37 -33.03
C LEU I 503 -41.00 -68.20 -33.84
N ARG I 504 -41.62 -68.48 -34.99
CA ARG I 504 -42.16 -67.41 -35.82
C ARG I 504 -43.33 -66.72 -35.14
N MET I 505 -44.21 -67.49 -34.47
CA MET I 505 -45.30 -66.85 -33.73
C MET I 505 -44.86 -66.35 -32.36
N ASN I 506 -43.66 -66.69 -31.92
CA ASN I 506 -43.12 -66.33 -30.61
C ASN I 506 -41.78 -65.62 -30.77
N VAL I 507 -41.75 -64.59 -31.63
CA VAL I 507 -40.53 -63.92 -32.04
C VAL I 507 -39.61 -63.59 -30.87
N PHE I 508 -40.17 -63.41 -29.67
CA PHE I 508 -39.37 -63.07 -28.50
C PHE I 508 -38.77 -64.30 -27.82
N GLN I 509 -38.60 -65.41 -28.54
CA GLN I 509 -38.02 -66.63 -27.97
C GLN I 509 -36.49 -66.63 -28.13
N LYS I 510 -36.01 -66.56 -29.37
CA LYS I 510 -34.59 -66.66 -29.66
C LYS I 510 -33.91 -65.28 -29.74
N GLU I 511 -34.64 -64.27 -30.18
CA GLU I 511 -34.04 -62.97 -30.50
C GLU I 511 -33.48 -62.28 -29.26
N VAL I 512 -34.04 -62.57 -28.07
CA VAL I 512 -33.56 -61.91 -26.86
C VAL I 512 -32.12 -62.30 -26.54
N ASP I 513 -31.72 -63.53 -26.87
CA ASP I 513 -30.36 -63.97 -26.60
C ASP I 513 -29.37 -63.42 -27.63
N CYS I 514 -29.81 -63.18 -28.86
CA CYS I 514 -29.17 -62.38 -29.90
C CYS I 514 -27.97 -63.08 -30.56
N GLU I 515 -27.50 -64.23 -30.08
CA GLU I 515 -26.40 -64.91 -30.74
C GLU I 515 -26.77 -66.28 -31.28
N ARG I 516 -27.17 -67.22 -30.42
CA ARG I 516 -27.59 -68.55 -30.87
C ARG I 516 -28.78 -69.12 -30.14
N PHE I 517 -29.18 -68.53 -29.01
CA PHE I 517 -29.83 -69.28 -27.95
C PHE I 517 -31.35 -69.11 -28.01
N TYR I 518 -32.06 -70.12 -27.51
CA TYR I 518 -33.51 -70.19 -27.58
C TYR I 518 -34.09 -70.29 -26.18
N SER I 519 -35.22 -69.64 -25.95
CA SER I 519 -35.83 -69.58 -24.63
C SER I 519 -37.30 -69.21 -24.80
N PHE I 520 -37.94 -68.78 -23.71
CA PHE I 520 -39.31 -68.31 -23.71
C PHE I 520 -39.34 -66.82 -23.38
N SER I 521 -40.53 -66.22 -23.49
CA SER I 521 -40.63 -64.77 -23.34
C SER I 521 -40.44 -64.32 -21.89
N HIS I 522 -41.36 -64.68 -21.00
CA HIS I 522 -41.23 -64.38 -19.58
C HIS I 522 -41.64 -65.58 -18.75
N MET I 523 -41.32 -66.79 -19.22
CA MET I 523 -41.46 -68.03 -18.47
C MET I 523 -42.89 -68.25 -17.95
N THR I 524 -43.82 -67.40 -18.36
CA THR I 524 -45.20 -67.56 -17.90
C THR I 524 -45.94 -68.56 -18.78
N PHE I 525 -45.76 -68.45 -20.10
CA PHE I 525 -46.23 -69.53 -20.95
C PHE I 525 -45.48 -70.82 -20.65
N GLN I 526 -44.24 -70.73 -20.18
CA GLN I 526 -43.53 -71.92 -19.74
C GLN I 526 -44.21 -72.57 -18.55
N GLU I 527 -44.64 -71.78 -17.56
CA GLU I 527 -45.35 -72.38 -16.45
C GLU I 527 -46.75 -72.85 -16.86
N PHE I 528 -47.34 -72.21 -17.86
CA PHE I 528 -48.59 -72.69 -18.42
C PHE I 528 -48.40 -74.06 -19.06
N PHE I 529 -47.30 -74.23 -19.79
CA PHE I 529 -46.98 -75.54 -20.34
C PHE I 529 -46.64 -76.56 -19.24
N ALA I 530 -46.10 -76.09 -18.12
CA ALA I 530 -45.90 -77.00 -16.99
C ALA I 530 -47.22 -77.49 -16.43
N ALA I 531 -48.23 -76.61 -16.36
CA ALA I 531 -49.57 -77.04 -16.00
C ALA I 531 -50.14 -78.01 -17.03
N MET I 532 -49.90 -77.72 -18.31
CA MET I 532 -50.26 -78.64 -19.38
C MET I 532 -49.64 -80.02 -19.17
N TYR I 533 -48.38 -80.07 -18.76
CA TYR I 533 -47.71 -81.35 -18.52
C TYR I 533 -48.54 -82.26 -17.63
N TYR I 534 -48.83 -81.81 -16.40
CA TYR I 534 -49.64 -82.62 -15.51
C TYR I 534 -51.04 -82.83 -16.05
N LEU I 535 -51.51 -81.93 -16.93
CA LEU I 535 -52.79 -82.14 -17.59
C LEU I 535 -52.74 -83.36 -18.52
N LEU I 536 -51.60 -83.56 -19.18
CA LEU I 536 -51.38 -84.66 -20.10
C LEU I 536 -50.65 -85.80 -19.40
N GLU I 537 -50.54 -86.92 -20.09
CA GLU I 537 -49.83 -88.09 -19.57
C GLU I 537 -49.38 -89.00 -20.70
N ARG I 558 -46.81 -86.22 -13.74
CA ARG I 558 -46.29 -87.30 -12.90
C ARG I 558 -46.93 -87.29 -11.51
N ASP I 559 -46.09 -87.51 -10.49
CA ASP I 559 -46.54 -87.51 -9.11
C ASP I 559 -46.75 -86.08 -8.60
N VAL I 560 -47.88 -85.88 -7.90
CA VAL I 560 -48.21 -84.59 -7.31
C VAL I 560 -47.62 -84.41 -5.92
N LYS I 561 -47.14 -85.49 -5.30
CA LYS I 561 -46.69 -85.43 -3.91
C LYS I 561 -45.49 -84.50 -3.77
N VAL I 562 -44.45 -84.75 -4.57
CA VAL I 562 -43.24 -83.97 -4.47
C VAL I 562 -43.45 -82.53 -4.90
N LEU I 563 -44.31 -82.29 -5.90
CA LEU I 563 -44.57 -80.90 -6.27
C LEU I 563 -45.22 -80.13 -5.13
N LEU I 564 -46.29 -80.67 -4.55
CA LEU I 564 -46.93 -79.96 -3.44
C LEU I 564 -46.03 -79.86 -2.21
N GLU I 565 -45.16 -80.84 -1.98
CA GLU I 565 -44.14 -80.69 -0.94
C GLU I 565 -43.18 -79.55 -1.24
N ASN I 566 -42.75 -79.44 -2.50
CA ASN I 566 -41.81 -78.43 -2.98
C ASN I 566 -42.49 -77.07 -3.27
N TYR I 567 -43.71 -76.84 -2.78
CA TYR I 567 -44.46 -75.64 -3.12
C TYR I 567 -43.77 -74.37 -2.62
N GLY I 568 -43.38 -73.51 -3.56
CA GLY I 568 -42.92 -72.17 -3.26
C GLY I 568 -41.46 -72.05 -2.94
N LYS I 569 -40.71 -73.14 -3.11
CA LYS I 569 -39.31 -73.26 -2.79
C LYS I 569 -38.53 -72.52 -3.85
N PHE I 570 -37.28 -72.89 -4.06
CA PHE I 570 -36.32 -72.09 -4.80
C PHE I 570 -35.46 -73.04 -5.62
N GLU I 571 -36.03 -74.21 -5.93
CA GLU I 571 -35.41 -75.33 -6.63
C GLU I 571 -36.17 -75.63 -7.92
N LYS I 572 -37.50 -75.67 -7.85
CA LYS I 572 -38.33 -75.82 -9.04
C LYS I 572 -38.93 -74.50 -9.53
N GLY I 573 -38.65 -73.40 -8.86
CA GLY I 573 -39.01 -72.07 -9.31
C GLY I 573 -40.31 -71.49 -8.79
N TYR I 574 -40.41 -71.42 -7.46
CA TYR I 574 -41.52 -70.81 -6.72
C TYR I 574 -42.86 -71.50 -6.92
N LEU I 575 -43.02 -72.22 -8.03
CA LEU I 575 -44.27 -72.93 -8.33
C LEU I 575 -45.51 -72.02 -8.25
N ILE I 576 -45.32 -70.72 -8.08
CA ILE I 576 -46.46 -69.82 -7.89
C ILE I 576 -47.39 -69.88 -9.10
N PHE I 577 -46.92 -69.46 -10.27
CA PHE I 577 -47.78 -69.46 -11.44
C PHE I 577 -48.12 -70.87 -11.87
N VAL I 578 -47.26 -71.84 -11.52
CA VAL I 578 -47.54 -73.24 -11.83
C VAL I 578 -48.84 -73.65 -11.16
N VAL I 579 -48.89 -73.57 -9.84
CA VAL I 579 -50.09 -73.93 -9.11
C VAL I 579 -51.24 -73.02 -9.46
N ARG I 580 -50.96 -71.75 -9.77
CA ARG I 580 -52.01 -70.84 -10.18
C ARG I 580 -52.74 -71.39 -11.40
N PHE I 581 -52.00 -71.74 -12.44
CA PHE I 581 -52.62 -72.31 -13.63
C PHE I 581 -53.22 -73.69 -13.35
N LEU I 582 -52.59 -74.47 -12.47
CA LEU I 582 -53.17 -75.75 -12.08
C LEU I 582 -54.59 -75.57 -11.54
N PHE I 583 -54.76 -74.63 -10.60
CA PHE I 583 -56.09 -74.36 -10.08
C PHE I 583 -57.00 -73.80 -11.16
N GLY I 584 -56.48 -72.94 -12.02
CA GLY I 584 -57.34 -72.38 -13.05
C GLY I 584 -57.88 -73.45 -13.97
N LEU I 585 -57.07 -74.46 -14.26
CA LEU I 585 -57.45 -75.53 -15.16
C LEU I 585 -58.37 -76.55 -14.50
N VAL I 586 -58.12 -76.88 -13.22
CA VAL I 586 -58.80 -78.04 -12.62
C VAL I 586 -60.29 -77.78 -12.48
N ASN I 587 -60.75 -76.58 -12.87
CA ASN I 587 -62.18 -76.32 -12.92
C ASN I 587 -62.81 -77.37 -13.79
N GLN I 588 -63.92 -77.96 -13.34
CA GLN I 588 -64.47 -79.15 -14.00
C GLN I 588 -64.89 -78.89 -15.44
N GLU I 589 -65.50 -77.73 -15.73
CA GLU I 589 -65.82 -77.40 -17.12
C GLU I 589 -64.56 -77.31 -17.99
N ARG I 590 -63.51 -76.64 -17.50
CA ARG I 590 -62.26 -76.60 -18.24
C ARG I 590 -61.62 -77.98 -18.34
N THR I 591 -61.78 -78.81 -17.30
CA THR I 591 -61.32 -80.19 -17.34
C THR I 591 -61.93 -80.94 -18.52
N SER I 592 -63.26 -80.89 -18.64
CA SER I 592 -63.92 -81.57 -19.74
C SER I 592 -63.50 -80.97 -21.08
N TYR I 593 -63.42 -79.64 -21.16
CA TYR I 593 -63.06 -79.00 -22.42
C TYR I 593 -61.67 -79.42 -22.87
N LEU I 594 -60.71 -79.48 -21.94
CA LEU I 594 -59.34 -79.82 -22.29
C LEU I 594 -59.18 -81.31 -22.54
N GLU I 595 -59.88 -82.15 -21.77
CA GLU I 595 -59.83 -83.59 -22.02
C GLU I 595 -60.44 -83.94 -23.36
N LYS I 596 -61.33 -83.09 -23.89
CA LYS I 596 -61.86 -83.30 -25.22
C LYS I 596 -60.95 -82.68 -26.30
N LYS I 597 -60.38 -81.51 -26.02
CA LYS I 597 -59.58 -80.79 -27.01
C LYS I 597 -58.24 -81.47 -27.23
N LEU I 598 -57.56 -81.87 -26.15
CA LEU I 598 -56.20 -82.38 -26.22
C LEU I 598 -56.13 -83.90 -26.25
N SER I 599 -57.27 -84.59 -26.25
CA SER I 599 -57.29 -86.05 -26.22
C SER I 599 -56.47 -86.61 -25.07
N CYS I 600 -56.57 -85.98 -23.91
CA CYS I 600 -55.71 -86.30 -22.77
C CYS I 600 -56.54 -86.63 -21.54
N LYS I 601 -56.04 -87.56 -20.75
CA LYS I 601 -56.63 -87.92 -19.47
C LYS I 601 -56.02 -87.09 -18.35
N ILE I 602 -56.86 -86.57 -17.47
CA ILE I 602 -56.40 -85.78 -16.33
C ILE I 602 -56.97 -86.41 -15.06
N SER I 603 -56.15 -86.41 -14.01
CA SER I 603 -56.48 -87.07 -12.77
C SER I 603 -57.28 -86.12 -11.88
N GLN I 604 -58.26 -86.67 -11.18
CA GLN I 604 -59.05 -85.89 -10.23
C GLN I 604 -58.48 -85.97 -8.82
N GLN I 605 -57.53 -86.87 -8.59
CA GLN I 605 -56.90 -86.99 -7.29
C GLN I 605 -56.27 -85.68 -6.87
N VAL I 606 -55.71 -84.93 -7.83
CA VAL I 606 -55.05 -83.67 -7.53
C VAL I 606 -56.01 -82.71 -6.82
N ARG I 607 -57.29 -82.75 -7.18
CA ARG I 607 -58.27 -81.92 -6.48
C ARG I 607 -58.25 -82.20 -4.98
N LEU I 608 -58.25 -83.48 -4.62
CA LEU I 608 -58.16 -83.85 -3.22
C LEU I 608 -56.83 -83.42 -2.65
N GLU I 609 -55.75 -83.56 -3.42
CA GLU I 609 -54.44 -83.17 -2.95
C GLU I 609 -54.44 -81.70 -2.55
N LEU I 610 -54.98 -80.84 -3.41
CA LEU I 610 -55.15 -79.43 -3.10
C LEU I 610 -55.92 -79.24 -1.80
N LEU I 611 -57.04 -79.95 -1.67
CA LEU I 611 -57.78 -79.99 -0.41
C LEU I 611 -56.87 -80.23 0.79
N LYS I 612 -56.15 -81.36 0.76
CA LYS I 612 -55.19 -81.71 1.81
C LYS I 612 -54.23 -80.55 2.08
N TRP I 613 -53.68 -80.01 1.01
CA TRP I 613 -52.80 -78.86 1.10
C TRP I 613 -53.46 -77.73 1.89
N ILE I 614 -54.70 -77.42 1.57
CA ILE I 614 -55.42 -76.37 2.28
C ILE I 614 -55.52 -76.64 3.78
N GLU I 615 -55.91 -77.86 4.20
CA GLU I 615 -55.87 -78.09 5.66
C GLU I 615 -54.45 -77.90 6.23
N VAL I 616 -53.43 -78.38 5.50
CA VAL I 616 -52.06 -78.20 5.98
C VAL I 616 -51.73 -76.73 6.16
N LYS I 617 -51.99 -75.89 5.17
CA LYS I 617 -51.69 -74.48 5.37
C LYS I 617 -52.66 -73.83 6.34
N ALA I 618 -53.78 -74.48 6.64
CA ALA I 618 -54.63 -74.05 7.75
C ALA I 618 -53.90 -74.24 9.06
N LYS I 619 -53.16 -75.33 9.18
CA LYS I 619 -52.50 -75.69 10.42
C LYS I 619 -51.08 -75.15 10.49
N ALA I 620 -50.60 -74.51 9.42
CA ALA I 620 -49.26 -73.93 9.40
C ALA I 620 -49.31 -72.62 10.19
N LYS I 621 -48.74 -72.63 11.38
CA LYS I 621 -48.73 -71.42 12.21
C LYS I 621 -47.72 -70.37 11.76
N LYS I 622 -46.72 -70.75 10.96
CA LYS I 622 -45.73 -69.80 10.47
C LYS I 622 -46.19 -69.20 9.14
N LEU I 623 -47.27 -68.42 9.22
CA LEU I 623 -47.81 -67.78 8.02
C LEU I 623 -47.09 -66.50 7.64
N GLN I 624 -46.19 -65.98 8.48
CA GLN I 624 -45.51 -64.75 8.14
C GLN I 624 -44.41 -64.97 7.10
N TRP I 625 -43.68 -66.08 7.19
CA TRP I 625 -42.59 -66.38 6.28
C TRP I 625 -42.92 -67.51 5.31
N GLN I 626 -44.19 -67.88 5.20
CA GLN I 626 -44.66 -68.89 4.28
C GLN I 626 -45.73 -68.24 3.40
N PRO I 627 -46.14 -68.87 2.28
CA PRO I 627 -47.12 -68.23 1.41
C PRO I 627 -48.42 -67.90 2.14
N SER I 628 -48.95 -66.72 1.83
CA SER I 628 -50.04 -66.11 2.60
C SER I 628 -51.36 -66.82 2.31
N GLN I 629 -52.45 -66.22 2.80
CA GLN I 629 -53.80 -66.59 2.42
C GLN I 629 -54.22 -65.98 1.08
N LEU I 630 -53.46 -65.01 0.57
CA LEU I 630 -53.88 -64.27 -0.60
C LEU I 630 -53.78 -65.12 -1.86
N GLU I 631 -52.68 -65.86 -2.01
CA GLU I 631 -52.56 -66.72 -3.18
C GLU I 631 -53.45 -67.94 -3.08
N LEU I 632 -53.74 -68.43 -1.87
CA LEU I 632 -54.79 -69.43 -1.73
C LEU I 632 -56.12 -68.89 -2.24
N PHE I 633 -56.45 -67.65 -1.87
CA PHE I 633 -57.67 -67.03 -2.40
C PHE I 633 -57.61 -66.93 -3.92
N TYR I 634 -56.45 -66.55 -4.45
CA TYR I 634 -56.24 -66.51 -5.89
C TYR I 634 -56.62 -67.85 -6.51
N CYS I 635 -56.09 -68.93 -5.96
CA CYS I 635 -56.30 -70.24 -6.53
C CYS I 635 -57.76 -70.66 -6.46
N LEU I 636 -58.37 -70.55 -5.29
CA LEU I 636 -59.77 -70.96 -5.15
C LEU I 636 -60.68 -70.15 -6.07
N TYR I 637 -60.39 -68.86 -6.23
CA TYR I 637 -61.11 -68.07 -7.22
C TYR I 637 -60.83 -68.57 -8.62
N GLU I 638 -59.58 -68.90 -8.93
CA GLU I 638 -59.23 -69.33 -10.28
C GLU I 638 -59.86 -70.66 -10.62
N MET I 639 -60.29 -71.42 -9.60
CA MET I 639 -60.88 -72.73 -9.86
C MET I 639 -62.38 -72.78 -9.67
N GLN I 640 -63.00 -71.70 -9.18
CA GLN I 640 -64.46 -71.52 -9.27
C GLN I 640 -65.31 -72.74 -8.94
N GLU I 641 -65.01 -73.48 -7.88
CA GLU I 641 -65.89 -74.57 -7.46
C GLU I 641 -66.51 -74.23 -6.12
N GLU I 642 -67.84 -74.33 -6.05
CA GLU I 642 -68.57 -73.93 -4.84
C GLU I 642 -68.16 -74.78 -3.65
N ASP I 643 -68.42 -76.09 -3.72
CA ASP I 643 -68.19 -76.94 -2.56
C ASP I 643 -66.71 -76.98 -2.19
N PHE I 644 -65.83 -76.95 -3.19
CA PHE I 644 -64.40 -76.95 -2.93
C PHE I 644 -63.98 -75.68 -2.20
N VAL I 645 -64.47 -74.52 -2.64
CA VAL I 645 -64.14 -73.27 -1.95
C VAL I 645 -64.70 -73.29 -0.54
N GLN I 646 -65.91 -73.83 -0.38
CA GLN I 646 -66.50 -73.95 0.96
C GLN I 646 -65.61 -74.78 1.87
N SER I 647 -65.20 -75.96 1.40
CA SER I 647 -64.36 -76.83 2.21
C SER I 647 -63.01 -76.19 2.51
N ALA I 648 -62.45 -75.48 1.52
CA ALA I 648 -61.19 -74.78 1.73
C ALA I 648 -61.32 -73.73 2.81
N MET I 649 -62.42 -72.97 2.80
CA MET I 649 -62.61 -71.93 3.79
C MET I 649 -62.97 -72.50 5.16
N ASP I 650 -63.54 -73.71 5.20
CA ASP I 650 -63.90 -74.31 6.48
C ASP I 650 -62.69 -74.47 7.38
N HIS I 651 -61.53 -74.77 6.79
CA HIS I 651 -60.32 -74.96 7.58
C HIS I 651 -59.79 -73.67 8.17
N PHE I 652 -60.34 -72.52 7.77
CA PHE I 652 -59.84 -71.22 8.24
C PHE I 652 -60.95 -70.50 8.97
N PRO I 653 -60.88 -70.36 10.29
CA PRO I 653 -61.92 -69.60 11.00
C PRO I 653 -61.68 -68.11 11.01
N LYS I 654 -60.49 -67.66 10.64
CA LYS I 654 -60.14 -66.25 10.69
C LYS I 654 -59.25 -65.93 9.50
N ILE I 655 -59.47 -64.76 8.90
CA ILE I 655 -58.81 -64.37 7.66
C ILE I 655 -57.96 -63.14 7.94
N GLU I 656 -56.72 -63.14 7.44
CA GLU I 656 -55.84 -61.99 7.52
C GLU I 656 -55.24 -61.80 6.14
N ILE I 657 -55.70 -60.77 5.43
CA ILE I 657 -55.16 -60.42 4.12
C ILE I 657 -54.98 -58.91 4.07
N ASN I 658 -54.27 -58.47 3.04
CA ASN I 658 -53.99 -57.05 2.84
C ASN I 658 -54.13 -56.77 1.36
N LEU I 659 -55.20 -56.07 0.99
CA LEU I 659 -55.52 -55.88 -0.42
C LEU I 659 -54.57 -54.87 -1.05
N SER I 660 -54.05 -55.22 -2.22
CA SER I 660 -53.25 -54.33 -3.05
C SER I 660 -53.83 -54.13 -4.44
N THR I 661 -54.34 -55.19 -5.05
CA THR I 661 -54.99 -55.10 -6.35
C THR I 661 -56.50 -55.24 -6.24
N ARG I 662 -57.18 -54.71 -7.24
CA ARG I 662 -58.60 -54.99 -7.35
C ARG I 662 -58.82 -56.47 -7.60
N MET I 663 -57.83 -57.13 -8.20
CA MET I 663 -57.87 -58.59 -8.28
C MET I 663 -57.86 -59.20 -6.88
N ASP I 664 -57.13 -58.58 -5.95
CA ASP I 664 -57.20 -59.00 -4.56
C ASP I 664 -58.60 -58.80 -4.02
N HIS I 665 -59.21 -57.65 -4.32
CA HIS I 665 -60.58 -57.41 -3.87
C HIS I 665 -61.54 -58.46 -4.39
N VAL I 666 -61.44 -58.78 -5.68
CA VAL I 666 -62.39 -59.73 -6.28
C VAL I 666 -62.19 -61.12 -5.70
N VAL I 667 -60.94 -61.58 -5.57
CA VAL I 667 -60.72 -62.93 -5.06
C VAL I 667 -61.17 -63.00 -3.60
N SER I 668 -60.93 -61.94 -2.83
CA SER I 668 -61.40 -61.91 -1.45
C SER I 668 -62.92 -61.97 -1.40
N SER I 669 -63.59 -61.20 -2.26
CA SER I 669 -65.05 -61.25 -2.31
C SER I 669 -65.53 -62.65 -2.63
N PHE I 670 -64.92 -63.27 -3.64
CA PHE I 670 -65.34 -64.60 -4.06
C PHE I 670 -65.20 -65.61 -2.94
N CYS I 671 -64.02 -65.65 -2.30
CA CYS I 671 -63.82 -66.64 -1.25
C CYS I 671 -64.73 -66.36 -0.06
N ILE I 672 -64.85 -65.09 0.34
CA ILE I 672 -65.58 -64.77 1.55
C ILE I 672 -67.07 -64.98 1.36
N LYS I 673 -67.60 -64.78 0.15
CA LYS I 673 -69.02 -65.09 -0.04
C LYS I 673 -69.30 -66.59 -0.04
N ASN I 674 -68.30 -67.42 0.20
CA ASN I 674 -68.47 -68.87 0.26
C ASN I 674 -67.82 -69.42 1.52
N CYS I 675 -68.11 -68.77 2.65
CA CYS I 675 -67.55 -69.16 3.93
C CYS I 675 -68.68 -69.47 4.91
N HIS I 676 -68.48 -70.52 5.71
CA HIS I 676 -69.43 -70.86 6.76
C HIS I 676 -68.71 -71.14 8.09
N ARG I 677 -67.45 -71.60 8.01
CA ARG I 677 -66.61 -71.82 9.18
C ARG I 677 -65.56 -70.73 9.36
N VAL I 678 -65.89 -69.49 9.01
CA VAL I 678 -65.00 -68.36 9.22
C VAL I 678 -65.66 -67.44 10.24
N LYS I 679 -64.97 -67.19 11.34
CA LYS I 679 -65.51 -66.34 12.40
C LYS I 679 -65.09 -64.88 12.21
N THR I 680 -63.79 -64.62 12.28
CA THR I 680 -63.29 -63.25 12.26
C THR I 680 -62.77 -62.92 10.88
N LEU I 681 -63.07 -61.71 10.41
CA LEU I 681 -62.67 -61.22 9.09
C LEU I 681 -61.90 -59.93 9.26
N SER I 682 -60.58 -60.03 9.36
CA SER I 682 -59.70 -58.88 9.42
C SER I 682 -59.18 -58.60 8.02
N LEU I 683 -59.25 -57.34 7.60
CA LEU I 683 -58.90 -56.97 6.24
C LEU I 683 -57.92 -55.80 6.28
N GLY I 684 -56.88 -55.91 5.48
CA GLY I 684 -55.89 -54.86 5.34
C GLY I 684 -56.02 -54.05 4.06
N PHE I 685 -56.57 -52.85 4.16
CA PHE I 685 -56.77 -52.04 2.96
C PHE I 685 -55.48 -51.26 2.72
N PHE I 686 -54.97 -51.35 1.50
CA PHE I 686 -53.78 -50.60 1.08
C PHE I 686 -54.07 -49.89 -0.25
N HIS I 687 -54.62 -48.68 -0.15
CA HIS I 687 -54.94 -47.90 -1.33
C HIS I 687 -53.70 -47.15 -1.84
N LEU I 726 -64.70 -45.14 -4.94
CA LEU I 726 -64.10 -46.35 -5.50
C LEU I 726 -64.14 -47.51 -4.51
N THR I 727 -63.56 -47.30 -3.32
CA THR I 727 -63.58 -48.35 -2.30
C THR I 727 -65.00 -48.65 -1.82
N SER I 728 -65.94 -47.75 -2.08
CA SER I 728 -67.32 -47.95 -1.69
C SER I 728 -67.84 -49.30 -2.20
N SER I 729 -67.88 -49.47 -3.53
CA SER I 729 -68.41 -50.72 -4.08
C SER I 729 -67.51 -51.91 -3.74
N PHE I 730 -66.19 -51.73 -3.68
CA PHE I 730 -65.32 -52.85 -3.31
C PHE I 730 -65.71 -53.42 -1.96
N CYS I 731 -65.58 -52.61 -0.90
CA CYS I 731 -65.92 -53.12 0.42
C CYS I 731 -67.40 -53.49 0.53
N ARG I 732 -68.26 -52.83 -0.26
CA ARG I 732 -69.66 -53.22 -0.27
C ARG I 732 -69.82 -54.66 -0.72
N GLY I 733 -69.08 -55.06 -1.75
CA GLY I 733 -69.04 -56.46 -2.13
C GLY I 733 -68.41 -57.31 -1.04
N LEU I 734 -67.31 -56.83 -0.47
CA LEU I 734 -66.58 -57.58 0.54
C LEU I 734 -67.48 -57.95 1.71
N PHE I 735 -68.48 -57.11 2.01
CA PHE I 735 -69.33 -57.35 3.16
C PHE I 735 -70.74 -57.74 2.78
N SER I 736 -71.11 -57.67 1.51
CA SER I 736 -72.21 -58.47 1.03
C SER I 736 -71.86 -59.95 1.04
N SER I 737 -70.57 -60.25 0.88
CA SER I 737 -70.08 -61.57 1.23
C SER I 737 -70.38 -61.91 2.69
N LEU I 738 -70.29 -60.92 3.59
CA LEU I 738 -70.71 -61.16 4.97
C LEU I 738 -72.22 -61.30 5.08
N SER I 739 -72.95 -60.60 4.21
CA SER I 739 -74.39 -60.81 4.12
C SER I 739 -74.73 -62.24 3.69
N THR I 740 -73.82 -62.92 3.01
CA THR I 740 -73.97 -64.35 2.79
C THR I 740 -73.30 -65.19 3.85
N ASN I 741 -72.45 -64.60 4.69
CA ASN I 741 -71.82 -65.23 5.84
C ASN I 741 -72.72 -65.28 7.07
N ARG I 742 -74.03 -65.15 6.87
CA ARG I 742 -75.02 -65.21 7.95
C ARG I 742 -74.93 -66.47 8.80
N SER I 743 -74.18 -67.48 8.35
CA SER I 743 -73.91 -68.62 9.21
C SER I 743 -73.23 -68.18 10.50
N LEU I 744 -72.12 -67.44 10.37
CA LEU I 744 -71.43 -66.84 11.52
C LEU I 744 -70.32 -65.95 10.99
N THR I 745 -70.09 -64.83 11.69
CA THR I 745 -69.03 -63.93 11.28
C THR I 745 -68.66 -63.04 12.45
N GLU I 746 -67.47 -62.44 12.36
CA GLU I 746 -66.94 -61.42 13.25
C GLU I 746 -66.03 -60.55 12.41
N LEU I 747 -65.91 -59.28 12.76
CA LEU I 747 -65.24 -58.33 11.87
C LEU I 747 -64.23 -57.49 12.61
N ASP I 748 -63.13 -57.20 11.92
CA ASP I 748 -62.14 -56.22 12.36
C ASP I 748 -61.73 -55.40 11.14
N LEU I 749 -61.67 -54.09 11.33
CA LEU I 749 -61.05 -53.16 10.36
C LEU I 749 -60.28 -52.14 11.21
N SER I 750 -59.03 -52.45 11.49
CA SER I 750 -58.20 -51.62 12.33
C SER I 750 -56.92 -51.23 11.60
N ASP I 751 -56.37 -50.09 11.99
CA ASP I 751 -55.13 -49.56 11.42
C ASP I 751 -55.24 -49.42 9.91
N ASN I 752 -56.43 -49.10 9.42
CA ASN I 752 -56.68 -48.90 8.01
C ASN I 752 -57.55 -47.67 7.78
N THR I 753 -57.15 -46.82 6.85
CA THR I 753 -57.78 -45.52 6.66
C THR I 753 -59.03 -45.67 5.80
N LEU I 754 -60.20 -45.78 6.44
CA LEU I 754 -61.46 -45.76 5.71
C LEU I 754 -61.77 -44.32 5.31
N GLY I 755 -61.83 -44.05 4.00
CA GLY I 755 -62.00 -42.71 3.51
C GLY I 755 -63.38 -42.16 3.84
N ASP I 756 -63.70 -41.01 3.22
CA ASP I 756 -65.02 -40.43 3.40
C ASP I 756 -66.15 -41.41 3.06
N PRO I 757 -66.13 -42.13 1.94
CA PRO I 757 -67.03 -43.28 1.80
C PRO I 757 -66.50 -44.54 2.44
N GLY I 758 -65.26 -44.55 2.94
CA GLY I 758 -64.81 -45.64 3.78
C GLY I 758 -65.62 -45.75 5.05
N MET I 759 -66.05 -44.62 5.59
CA MET I 759 -67.11 -44.62 6.60
C MET I 759 -68.39 -45.20 6.03
N ARG I 760 -68.72 -44.83 4.79
CA ARG I 760 -70.00 -45.21 4.21
C ARG I 760 -70.09 -46.71 3.95
N VAL I 761 -68.96 -47.40 3.78
CA VAL I 761 -69.07 -48.84 3.65
C VAL I 761 -69.42 -49.44 5.01
N LEU I 762 -70.00 -50.63 4.96
CA LEU I 762 -70.34 -51.42 6.14
C LEU I 762 -71.49 -50.79 6.91
N CYS I 763 -71.90 -49.59 6.54
CA CYS I 763 -73.14 -49.07 7.10
C CYS I 763 -74.33 -49.63 6.33
N GLU I 764 -74.38 -49.40 5.03
CA GLU I 764 -75.40 -50.06 4.23
C GLU I 764 -75.34 -51.58 4.41
N ALA I 765 -74.14 -52.13 4.61
CA ALA I 765 -74.03 -53.56 4.91
C ALA I 765 -74.70 -53.92 6.21
N LEU I 766 -74.46 -53.18 7.28
CA LEU I 766 -75.19 -53.50 8.50
C LEU I 766 -76.66 -53.10 8.43
N GLN I 767 -77.06 -52.33 7.43
CA GLN I 767 -78.43 -51.83 7.34
C GLN I 767 -79.41 -52.86 6.78
N HIS I 768 -78.98 -54.07 6.51
CA HIS I 768 -80.00 -55.06 6.17
C HIS I 768 -80.11 -56.10 7.27
N PRO I 769 -81.30 -56.60 7.56
CA PRO I 769 -81.45 -57.57 8.64
C PRO I 769 -80.80 -58.90 8.30
N GLY I 770 -80.94 -59.87 9.21
CA GLY I 770 -80.30 -61.16 9.04
C GLY I 770 -79.42 -61.49 10.23
N CYS I 771 -78.34 -62.21 9.95
CA CYS I 771 -77.29 -62.48 10.93
C CYS I 771 -76.07 -61.66 10.52
N ASN I 772 -75.70 -60.71 11.36
CA ASN I 772 -74.61 -59.79 11.08
C ASN I 772 -73.57 -59.86 12.20
N ILE I 773 -72.64 -58.89 12.19
CA ILE I 773 -71.46 -58.97 13.03
C ILE I 773 -71.86 -58.80 14.49
N GLN I 774 -71.41 -59.72 15.33
CA GLN I 774 -71.60 -59.56 16.77
C GLN I 774 -70.74 -58.42 17.33
N ARG I 775 -69.61 -58.13 16.71
CA ARG I 775 -68.65 -57.23 17.36
C ARG I 775 -67.84 -56.47 16.32
N LEU I 776 -68.05 -55.17 16.23
CA LEU I 776 -67.44 -54.34 15.20
C LEU I 776 -66.24 -53.61 15.78
N TRP I 777 -65.14 -53.60 15.03
CA TRP I 777 -63.91 -52.96 15.47
C TRP I 777 -63.49 -51.89 14.47
N LEU I 778 -63.30 -50.66 14.95
CA LEU I 778 -62.71 -49.59 14.14
C LEU I 778 -61.70 -48.91 15.05
N GLY I 779 -60.48 -49.43 15.08
CA GLY I 779 -59.49 -48.90 15.98
C GLY I 779 -58.27 -48.38 15.24
N ARG I 780 -57.83 -47.18 15.60
CA ARG I 780 -56.74 -46.47 14.92
C ARG I 780 -57.00 -46.29 13.44
N CYS I 781 -58.22 -46.58 12.99
CA CYS I 781 -58.55 -46.44 11.58
C CYS I 781 -58.63 -44.96 11.21
N GLY I 782 -58.31 -44.68 9.95
CA GLY I 782 -58.58 -43.36 9.42
C GLY I 782 -60.07 -43.09 9.50
N LEU I 783 -60.47 -42.25 10.45
CA LEU I 783 -61.89 -42.08 10.70
C LEU I 783 -62.10 -40.67 11.22
N SER I 784 -63.32 -40.17 11.06
CA SER I 784 -63.61 -38.78 11.40
C SER I 784 -65.06 -38.68 11.86
N HIS I 785 -65.56 -37.45 11.93
CA HIS I 785 -66.89 -37.19 12.45
C HIS I 785 -67.97 -37.84 11.59
N GLN I 786 -67.72 -37.98 10.28
CA GLN I 786 -68.77 -38.39 9.36
C GLN I 786 -69.34 -39.76 9.74
N CYS I 787 -68.49 -40.68 10.19
CA CYS I 787 -68.94 -42.02 10.54
C CYS I 787 -70.03 -42.00 11.60
N CYS I 788 -70.06 -40.97 12.42
CA CYS I 788 -70.90 -40.96 13.61
C CYS I 788 -72.38 -41.20 13.29
N PHE I 789 -72.99 -40.30 12.52
CA PHE I 789 -74.36 -40.51 12.06
C PHE I 789 -74.58 -41.89 11.42
N ASP I 790 -73.70 -42.25 10.48
CA ASP I 790 -73.74 -43.58 9.87
C ASP I 790 -73.86 -44.69 10.92
N ILE I 791 -72.89 -44.75 11.82
CA ILE I 791 -72.89 -45.82 12.81
C ILE I 791 -74.08 -45.70 13.72
N SER I 792 -74.53 -44.49 14.05
CA SER I 792 -75.76 -44.35 14.81
C SER I 792 -76.91 -45.06 14.11
N SER I 793 -77.03 -44.83 12.80
CA SER I 793 -78.05 -45.49 12.00
C SER I 793 -77.96 -47.00 12.09
N VAL I 794 -76.76 -47.54 11.91
CA VAL I 794 -76.64 -48.99 11.96
C VAL I 794 -76.79 -49.52 13.38
N LEU I 795 -76.39 -48.76 14.38
CA LEU I 795 -76.65 -49.12 15.77
C LEU I 795 -78.14 -49.14 16.07
N SER I 796 -78.92 -48.38 15.32
CA SER I 796 -80.37 -48.47 15.42
C SER I 796 -80.92 -49.69 14.69
N SER I 797 -80.43 -49.94 13.48
CA SER I 797 -81.03 -50.97 12.65
C SER I 797 -80.44 -52.36 12.89
N SER I 798 -79.37 -52.45 13.68
CA SER I 798 -78.68 -53.70 13.99
C SER I 798 -79.29 -54.37 15.20
N GLN I 799 -79.63 -55.64 15.06
CA GLN I 799 -80.02 -56.47 16.19
C GLN I 799 -79.01 -57.57 16.47
N LYS I 800 -77.80 -57.50 15.90
CA LYS I 800 -76.79 -58.50 16.12
C LYS I 800 -75.52 -57.97 16.77
N LEU I 801 -75.18 -56.70 16.56
CA LEU I 801 -73.97 -56.14 17.17
C LEU I 801 -74.10 -56.17 18.68
N VAL I 802 -73.03 -56.57 19.36
CA VAL I 802 -73.07 -56.52 20.81
C VAL I 802 -71.99 -55.59 21.31
N GLU I 803 -70.90 -55.43 20.56
CA GLU I 803 -69.95 -54.40 20.92
C GLU I 803 -69.52 -53.66 19.67
N LEU I 804 -69.09 -52.41 19.86
CA LEU I 804 -68.54 -51.62 18.78
C LEU I 804 -67.43 -50.76 19.34
N ASP I 805 -66.26 -50.85 18.71
CA ASP I 805 -65.07 -50.15 19.16
C ASP I 805 -64.75 -49.00 18.21
N LEU I 806 -64.37 -47.87 18.79
CA LEU I 806 -63.94 -46.67 18.08
C LEU I 806 -62.68 -46.19 18.78
N SER I 807 -61.54 -46.70 18.35
CA SER I 807 -60.27 -46.47 19.04
C SER I 807 -59.35 -45.60 18.20
N ASP I 808 -58.66 -44.68 18.87
CA ASP I 808 -57.58 -43.89 18.26
C ASP I 808 -58.03 -43.16 17.00
N ASN I 809 -59.34 -43.04 16.83
CA ASN I 809 -59.95 -42.44 15.66
C ASN I 809 -60.52 -41.06 15.99
N ALA I 810 -60.31 -40.12 15.07
CA ALA I 810 -60.58 -38.71 15.35
C ALA I 810 -62.09 -38.42 15.32
N LEU I 811 -62.79 -39.05 16.26
CA LEU I 811 -64.20 -38.76 16.51
C LEU I 811 -64.25 -37.66 17.55
N GLY I 812 -63.96 -36.44 17.10
CA GLY I 812 -63.70 -35.34 18.01
C GLY I 812 -64.81 -35.06 19.01
N ASP I 813 -65.92 -34.52 18.54
CA ASP I 813 -67.03 -34.24 19.45
C ASP I 813 -68.26 -34.03 18.58
N PHE I 814 -69.43 -34.14 19.21
CA PHE I 814 -70.73 -33.94 18.58
C PHE I 814 -71.02 -35.11 17.65
N GLY I 815 -69.99 -35.91 17.42
CA GLY I 815 -70.17 -37.18 16.79
C GLY I 815 -70.39 -38.16 17.90
N ILE I 816 -69.88 -37.82 19.08
CA ILE I 816 -70.29 -38.58 20.25
C ILE I 816 -71.77 -38.33 20.51
N ARG I 817 -72.25 -37.13 20.19
CA ARG I 817 -73.69 -36.91 20.23
C ARG I 817 -74.41 -37.77 19.21
N LEU I 818 -73.90 -37.85 17.99
CA LEU I 818 -74.57 -38.71 17.02
C LEU I 818 -74.57 -40.16 17.49
N LEU I 819 -73.44 -40.61 18.04
CA LEU I 819 -73.34 -41.94 18.64
C LEU I 819 -74.40 -42.15 19.70
N CYS I 820 -74.53 -41.21 20.64
CA CYS I 820 -75.42 -41.45 21.77
C CYS I 820 -76.88 -41.39 21.34
N VAL I 821 -77.22 -40.51 20.40
CA VAL I 821 -78.60 -40.49 19.95
C VAL I 821 -78.93 -41.78 19.19
N GLY I 822 -77.98 -42.28 18.40
CA GLY I 822 -78.18 -43.58 17.77
C GLY I 822 -78.35 -44.70 18.77
N LEU I 823 -77.58 -44.66 19.86
CA LEU I 823 -77.71 -45.68 20.88
C LEU I 823 -79.06 -45.63 21.56
N LYS I 824 -79.47 -44.44 22.03
CA LYS I 824 -80.65 -44.40 22.87
C LYS I 824 -81.94 -44.49 22.07
N HIS I 825 -81.97 -43.96 20.84
CA HIS I 825 -83.25 -43.75 20.17
C HIS I 825 -83.98 -45.07 19.96
N LEU I 826 -83.27 -46.11 19.54
CA LEU I 826 -83.87 -47.42 19.38
C LEU I 826 -83.41 -48.32 20.53
N LEU I 827 -83.81 -49.59 20.46
CA LEU I 827 -83.41 -50.60 21.43
C LEU I 827 -82.32 -51.48 20.81
N CYS I 828 -81.09 -51.31 21.29
CA CYS I 828 -79.93 -52.00 20.74
C CYS I 828 -79.28 -52.84 21.82
N ASN I 829 -78.79 -54.02 21.43
CA ASN I 829 -78.15 -54.96 22.35
C ASN I 829 -76.64 -54.75 22.38
N LEU I 830 -76.26 -53.52 22.70
CA LEU I 830 -74.84 -53.15 22.76
C LEU I 830 -74.29 -53.44 24.14
N GLN I 831 -73.07 -53.99 24.17
CA GLN I 831 -72.42 -54.42 25.41
C GLN I 831 -71.18 -53.61 25.74
N LYS I 832 -70.24 -53.50 24.81
CA LYS I 832 -69.07 -52.66 24.99
C LYS I 832 -69.30 -51.33 24.28
N LEU I 833 -68.51 -50.34 24.68
CA LEU I 833 -68.50 -49.05 23.98
C LEU I 833 -67.18 -48.40 24.36
N TRP I 834 -66.27 -48.31 23.40
CA TRP I 834 -64.93 -47.80 23.64
C TRP I 834 -64.78 -46.46 22.93
N LEU I 835 -64.58 -45.41 23.71
CA LEU I 835 -64.24 -44.10 23.16
C LEU I 835 -62.81 -43.73 23.51
N VAL I 836 -61.95 -44.74 23.62
CA VAL I 836 -60.59 -44.52 24.09
C VAL I 836 -59.84 -43.66 23.09
N SER I 837 -59.17 -42.63 23.61
CA SER I 837 -58.29 -41.76 22.82
C SER I 837 -59.02 -41.08 21.68
N CYS I 838 -60.34 -40.95 21.79
CA CYS I 838 -61.11 -40.13 20.87
C CYS I 838 -61.13 -38.70 21.41
N CYS I 839 -60.66 -37.75 20.60
CA CYS I 839 -60.33 -36.42 21.11
C CYS I 839 -61.63 -35.68 21.41
N LEU I 840 -62.27 -36.03 22.51
CA LEU I 840 -63.48 -35.36 22.95
C LEU I 840 -63.20 -34.55 24.21
N THR I 841 -64.22 -33.82 24.64
CA THR I 841 -64.16 -32.99 25.83
C THR I 841 -65.35 -33.30 26.71
N SER I 842 -65.38 -32.63 27.87
CA SER I 842 -66.47 -32.82 28.83
C SER I 842 -67.81 -32.41 28.25
N ALA I 843 -67.82 -31.62 27.18
CA ALA I 843 -69.05 -31.07 26.63
C ALA I 843 -69.97 -32.14 26.04
N CYS I 844 -69.52 -33.39 25.93
CA CYS I 844 -70.37 -34.48 25.48
C CYS I 844 -70.65 -35.49 26.58
N CYS I 845 -69.94 -35.40 27.70
CA CYS I 845 -70.15 -36.35 28.78
C CYS I 845 -71.60 -36.37 29.24
N GLN I 846 -72.27 -35.22 29.21
CA GLN I 846 -73.67 -35.18 29.63
C GLN I 846 -74.51 -36.08 28.74
N ASP I 847 -74.26 -36.03 27.44
CA ASP I 847 -74.96 -36.90 26.50
C ASP I 847 -74.60 -38.36 26.74
N LEU I 848 -73.33 -38.64 27.07
CA LEU I 848 -72.99 -40.01 27.44
C LEU I 848 -73.81 -40.46 28.63
N ALA I 849 -73.98 -39.59 29.63
CA ALA I 849 -74.76 -39.96 30.80
C ALA I 849 -76.22 -40.17 30.45
N LEU I 850 -76.76 -39.34 29.57
CA LEU I 850 -78.15 -39.52 29.15
C LEU I 850 -78.35 -40.88 28.49
N VAL I 851 -77.48 -41.21 27.54
CA VAL I 851 -77.65 -42.49 26.86
C VAL I 851 -77.39 -43.65 27.82
N LEU I 852 -76.46 -43.49 28.76
CA LEU I 852 -76.21 -44.54 29.73
C LEU I 852 -77.44 -44.75 30.63
N SER I 853 -78.08 -43.66 31.03
CA SER I 853 -79.30 -43.79 31.83
C SER I 853 -80.42 -44.45 31.03
N SER I 854 -80.59 -44.05 29.78
CA SER I 854 -81.66 -44.62 28.97
C SER I 854 -81.45 -46.10 28.74
N ASN I 855 -80.31 -46.47 28.17
CA ASN I 855 -80.02 -47.85 27.84
C ASN I 855 -79.61 -48.64 29.08
N HIS I 856 -79.86 -49.94 29.03
CA HIS I 856 -79.38 -50.87 30.04
C HIS I 856 -78.53 -51.97 29.47
N SER I 857 -78.62 -52.24 28.17
CA SER I 857 -77.77 -53.27 27.56
C SER I 857 -76.30 -52.91 27.68
N LEU I 858 -75.95 -51.64 27.44
CA LEU I 858 -74.56 -51.22 27.56
C LEU I 858 -74.13 -51.27 29.01
N THR I 859 -73.03 -51.98 29.26
CA THR I 859 -72.52 -52.13 30.61
C THR I 859 -71.00 -52.03 30.70
N ARG I 860 -70.31 -51.74 29.61
CA ARG I 860 -68.85 -51.77 29.57
C ARG I 860 -68.42 -50.59 28.72
N LEU I 861 -68.04 -49.48 29.37
CA LEU I 861 -67.93 -48.19 28.70
C LEU I 861 -66.54 -47.60 28.95
N TYR I 862 -65.58 -47.97 28.12
CA TYR I 862 -64.27 -47.34 28.15
C TYR I 862 -64.32 -45.96 27.53
N ILE I 863 -63.76 -44.97 28.23
CA ILE I 863 -63.57 -43.63 27.70
C ILE I 863 -62.09 -43.32 27.77
N GLY I 864 -61.27 -44.35 27.59
CA GLY I 864 -59.89 -44.36 28.04
C GLY I 864 -59.04 -43.15 27.71
N GLU I 865 -58.69 -42.41 28.76
CA GLU I 865 -57.65 -41.37 28.78
C GLU I 865 -57.63 -40.56 27.49
N ASN I 866 -58.82 -40.12 27.09
CA ASN I 866 -58.99 -39.11 26.06
C ASN I 866 -58.89 -37.71 26.66
N ALA I 867 -59.34 -36.69 25.96
CA ALA I 867 -59.13 -35.31 26.41
C ALA I 867 -60.29 -34.77 27.23
N LEU I 868 -60.72 -35.49 28.27
CA LEU I 868 -61.70 -34.95 29.21
C LEU I 868 -61.10 -34.93 30.61
N GLY I 869 -61.93 -34.53 31.57
CA GLY I 869 -61.52 -34.53 32.97
C GLY I 869 -62.56 -33.92 33.89
N ASP I 870 -62.12 -33.00 34.74
CA ASP I 870 -63.02 -32.24 35.59
C ASP I 870 -64.03 -31.48 34.75
N SER I 871 -65.04 -30.94 35.44
CA SER I 871 -66.15 -30.15 34.90
C SER I 871 -67.15 -31.03 34.16
N GLY I 872 -66.77 -32.27 33.89
CA GLY I 872 -67.72 -33.33 33.63
C GLY I 872 -68.13 -34.06 34.88
N VAL I 873 -67.58 -33.67 36.02
CA VAL I 873 -67.63 -34.46 37.25
C VAL I 873 -69.07 -34.70 37.71
N GLN I 874 -69.90 -33.66 37.68
CA GLN I 874 -71.29 -33.83 38.04
C GLN I 874 -71.97 -34.85 37.14
N VAL I 875 -71.69 -34.79 35.84
CA VAL I 875 -72.21 -35.79 34.92
C VAL I 875 -71.68 -37.18 35.26
N LEU I 876 -70.37 -37.27 35.52
CA LEU I 876 -69.76 -38.54 35.89
C LEU I 876 -70.52 -39.19 37.04
N CYS I 877 -70.82 -38.40 38.06
CA CYS I 877 -71.59 -38.92 39.18
C CYS I 877 -73.00 -39.32 38.74
N GLU I 878 -73.72 -38.39 38.10
CA GLU I 878 -75.13 -38.63 37.88
C GLU I 878 -75.40 -39.69 36.82
N LYS I 879 -74.36 -40.16 36.12
CA LYS I 879 -74.52 -41.38 35.34
C LYS I 879 -75.10 -42.49 36.20
N MET I 880 -74.48 -42.72 37.37
CA MET I 880 -74.80 -43.86 38.22
C MET I 880 -75.46 -43.44 39.52
N LYS I 881 -76.12 -42.27 39.53
CA LYS I 881 -76.65 -41.73 40.78
C LYS I 881 -77.68 -42.65 41.41
N ASP I 882 -78.25 -43.56 40.63
CA ASP I 882 -79.20 -44.54 41.13
C ASP I 882 -78.70 -45.95 40.84
N PRO I 883 -79.29 -46.97 41.45
CA PRO I 883 -78.97 -48.34 41.04
C PRO I 883 -79.51 -48.69 39.66
N GLN I 884 -79.44 -49.98 39.32
CA GLN I 884 -79.95 -50.52 38.05
C GLN I 884 -79.38 -49.78 36.83
N CYS I 885 -78.21 -49.17 36.99
CA CYS I 885 -77.54 -48.55 35.85
C CYS I 885 -76.93 -49.62 34.94
N ASN I 886 -76.40 -50.69 35.54
CA ASN I 886 -75.80 -51.81 34.81
C ASN I 886 -74.64 -51.34 33.94
N LEU I 887 -73.58 -50.87 34.62
CA LEU I 887 -72.33 -50.49 33.99
C LEU I 887 -71.18 -51.17 34.74
N GLN I 888 -70.80 -52.38 34.32
CA GLN I 888 -69.86 -53.16 35.10
C GLN I 888 -68.52 -52.43 35.21
N LYS I 889 -67.81 -52.30 34.10
CA LYS I 889 -66.52 -51.62 34.10
C LYS I 889 -66.66 -50.21 33.54
N LEU I 890 -65.80 -49.33 34.02
CA LEU I 890 -65.79 -47.93 33.58
C LEU I 890 -64.34 -47.47 33.63
N GLY I 891 -63.67 -47.59 32.49
CA GLY I 891 -62.34 -47.03 32.38
C GLY I 891 -62.39 -45.51 32.45
N LEU I 892 -61.34 -44.93 33.00
CA LEU I 892 -61.30 -43.49 33.19
C LEU I 892 -60.10 -42.87 32.47
N VAL I 893 -59.95 -41.58 32.70
CA VAL I 893 -59.27 -40.66 31.80
C VAL I 893 -58.19 -39.91 32.57
N ASN I 894 -57.21 -39.41 31.83
CA ASN I 894 -56.27 -38.46 32.42
C ASN I 894 -57.06 -37.20 32.74
N SER I 895 -57.43 -37.03 34.00
CA SER I 895 -58.36 -35.99 34.41
C SER I 895 -57.60 -34.76 34.90
N GLY I 896 -58.35 -33.78 35.39
CA GLY I 896 -57.75 -32.54 35.86
C GLY I 896 -57.81 -32.40 37.37
N LEU I 897 -58.70 -31.53 37.86
CA LEU I 897 -58.83 -31.34 39.29
C LEU I 897 -59.34 -32.63 39.94
N THR I 898 -58.51 -33.22 40.79
CA THR I 898 -58.81 -34.53 41.36
C THR I 898 -60.05 -34.49 42.23
N SER I 899 -60.10 -33.56 43.19
CA SER I 899 -61.03 -33.65 44.31
C SER I 899 -62.47 -33.90 43.88
N ILE I 900 -62.97 -33.10 42.93
CA ILE I 900 -64.39 -33.21 42.59
C ILE I 900 -64.66 -34.51 41.83
N CYS I 901 -63.78 -34.89 40.90
CA CYS I 901 -64.03 -36.10 40.13
C CYS I 901 -63.96 -37.33 41.03
N CYS I 902 -62.99 -37.38 41.94
CA CYS I 902 -62.95 -38.51 42.85
C CYS I 902 -64.11 -38.46 43.84
N SER I 903 -64.66 -37.28 44.13
CA SER I 903 -65.88 -37.22 44.93
C SER I 903 -67.04 -37.86 44.18
N ALA I 904 -67.17 -37.56 42.89
CA ALA I 904 -68.17 -38.24 42.07
C ALA I 904 -67.92 -39.74 42.07
N LEU I 905 -66.66 -40.15 42.03
CA LEU I 905 -66.32 -41.56 42.10
C LEU I 905 -66.76 -42.16 43.42
N THR I 906 -66.63 -41.42 44.51
CA THR I 906 -67.13 -41.91 45.79
C THR I 906 -68.63 -42.07 45.76
N SER I 907 -69.33 -41.11 45.15
CA SER I 907 -70.78 -41.22 45.04
C SER I 907 -71.17 -42.48 44.29
N VAL I 908 -70.56 -42.71 43.13
CA VAL I 908 -70.89 -43.92 42.37
C VAL I 908 -70.54 -45.17 43.16
N LEU I 909 -69.37 -45.17 43.81
CA LEU I 909 -68.97 -46.36 44.56
C LEU I 909 -69.94 -46.67 45.70
N LYS I 910 -70.38 -45.65 46.43
CA LYS I 910 -71.30 -45.88 47.53
C LYS I 910 -72.72 -46.17 47.08
N THR I 911 -73.14 -45.73 45.89
CA THR I 911 -74.53 -45.92 45.50
C THR I 911 -74.72 -47.05 44.49
N ASN I 912 -73.96 -47.02 43.40
CA ASN I 912 -74.21 -47.90 42.27
C ASN I 912 -73.86 -49.33 42.61
N GLN I 913 -74.75 -50.25 42.25
CA GLN I 913 -74.46 -51.68 42.28
C GLN I 913 -73.63 -52.08 41.07
N ASN I 914 -73.22 -53.35 41.07
CA ASN I 914 -72.50 -54.06 40.01
C ASN I 914 -71.58 -53.15 39.21
N PHE I 915 -70.75 -52.39 39.91
CA PHE I 915 -69.76 -51.51 39.30
C PHE I 915 -68.42 -52.17 39.59
N THR I 916 -67.99 -53.03 38.66
CA THR I 916 -66.93 -53.98 38.98
C THR I 916 -65.53 -53.38 38.86
N HIS I 917 -65.29 -52.50 37.90
CA HIS I 917 -63.96 -51.93 37.76
C HIS I 917 -64.03 -50.41 37.74
N LEU I 918 -62.89 -49.78 38.03
CA LEU I 918 -62.73 -48.34 37.98
C LEU I 918 -61.27 -48.06 37.63
N TYR I 919 -61.00 -47.90 36.35
CA TYR I 919 -59.63 -47.88 35.83
C TYR I 919 -59.08 -46.46 35.73
N LEU I 920 -58.98 -45.79 36.87
CA LEU I 920 -58.19 -44.57 36.95
C LEU I 920 -56.73 -44.90 36.72
N ARG I 921 -56.13 -44.31 35.69
CA ARG I 921 -54.76 -44.62 35.33
C ARG I 921 -54.09 -43.38 34.76
N SER I 922 -52.81 -43.21 35.08
CA SER I 922 -52.01 -42.08 34.63
C SER I 922 -52.72 -40.75 34.88
N ASN I 923 -53.27 -40.61 36.08
CA ASN I 923 -54.09 -39.46 36.45
C ASN I 923 -53.39 -38.67 37.55
N ALA I 924 -53.47 -37.34 37.47
CA ALA I 924 -52.94 -36.48 38.52
C ALA I 924 -53.92 -36.45 39.69
N LEU I 925 -53.91 -37.53 40.46
CA LEU I 925 -54.78 -37.69 41.62
C LEU I 925 -53.94 -37.53 42.87
N GLY I 926 -54.45 -36.77 43.84
CA GLY I 926 -53.70 -36.44 45.03
C GLY I 926 -54.04 -37.31 46.23
N ASP I 927 -53.27 -37.10 47.30
CA ASP I 927 -53.46 -37.86 48.51
C ASP I 927 -54.85 -37.63 49.09
N THR I 928 -55.32 -36.38 49.06
CA THR I 928 -56.68 -36.09 49.51
C THR I 928 -57.70 -36.79 48.63
N GLY I 929 -57.44 -36.82 47.33
CA GLY I 929 -58.30 -37.50 46.38
C GLY I 929 -58.49 -38.96 46.73
N LEU I 930 -57.39 -39.70 46.74
CA LEU I 930 -57.47 -41.11 47.08
C LEU I 930 -57.96 -41.34 48.51
N ARG I 931 -57.71 -40.38 49.41
CA ARG I 931 -58.25 -40.48 50.76
C ARG I 931 -59.77 -40.46 50.74
N LEU I 932 -60.35 -39.49 50.05
CA LEU I 932 -61.80 -39.48 49.98
C LEU I 932 -62.31 -40.66 49.16
N LEU I 933 -61.49 -41.19 48.24
CA LEU I 933 -61.86 -42.43 47.56
C LEU I 933 -62.03 -43.59 48.55
N CYS I 934 -61.04 -43.79 49.42
CA CYS I 934 -61.22 -44.86 50.40
C CYS I 934 -62.37 -44.54 51.34
N GLU I 935 -62.63 -43.25 51.59
CA GLU I 935 -63.85 -42.88 52.30
C GLU I 935 -65.10 -43.31 51.54
N GLY I 936 -65.04 -43.26 50.21
CA GLY I 936 -66.12 -43.83 49.42
C GLY I 936 -66.21 -45.34 49.58
N LEU I 937 -65.07 -46.00 49.70
CA LEU I 937 -65.04 -47.41 50.02
C LEU I 937 -65.61 -47.69 51.40
N LEU I 938 -65.68 -46.68 52.26
CA LEU I 938 -66.17 -46.89 53.63
C LEU I 938 -67.63 -47.35 53.63
N HIS I 939 -68.39 -46.98 52.61
CA HIS I 939 -69.74 -47.51 52.47
C HIS I 939 -69.64 -49.03 52.31
N PRO I 940 -70.13 -49.80 53.27
CA PRO I 940 -70.11 -51.26 53.12
C PRO I 940 -71.12 -51.71 52.09
N ASP I 941 -71.12 -53.01 51.79
CA ASP I 941 -72.04 -53.64 50.84
C ASP I 941 -71.88 -53.05 49.44
N CYS I 942 -70.84 -52.27 49.21
CA CYS I 942 -70.52 -51.78 47.88
C CYS I 942 -69.66 -52.81 47.17
N LYS I 943 -70.18 -53.38 46.09
CA LYS I 943 -69.48 -54.45 45.39
C LYS I 943 -68.63 -53.80 44.30
N LEU I 944 -67.35 -53.62 44.59
CA LEU I 944 -66.39 -53.07 43.64
C LEU I 944 -65.26 -54.08 43.53
N GLN I 945 -65.12 -54.69 42.36
CA GLN I 945 -63.99 -55.57 42.10
C GLN I 945 -62.75 -54.77 41.76
N MET I 946 -61.83 -55.41 41.04
CA MET I 946 -60.48 -54.95 40.71
C MET I 946 -60.47 -53.42 40.56
N LEU I 947 -59.53 -52.76 41.22
CA LEU I 947 -59.41 -51.31 41.18
C LEU I 947 -57.95 -50.92 40.95
N GLU I 948 -57.74 -49.68 40.54
CA GLU I 948 -56.40 -49.22 40.22
C GLU I 948 -56.26 -47.74 40.53
N LEU I 949 -55.11 -47.38 41.11
CA LEU I 949 -54.67 -46.00 41.28
C LEU I 949 -53.23 -45.96 40.78
N ASP I 950 -53.01 -45.35 39.62
CA ASP I 950 -51.72 -45.48 38.94
C ASP I 950 -50.70 -44.46 39.43
N ASN I 951 -51.03 -43.18 39.30
CA ASN I 951 -50.06 -42.11 39.54
C ASN I 951 -50.59 -41.18 40.64
N CYS I 952 -49.76 -40.95 41.65
CA CYS I 952 -50.13 -40.14 42.81
C CYS I 952 -48.90 -40.00 43.70
N SER I 953 -49.02 -39.12 44.68
CA SER I 953 -47.96 -38.92 45.68
C SER I 953 -48.65 -38.82 47.04
N LEU I 954 -48.69 -39.93 47.77
CA LEU I 954 -49.47 -40.05 48.99
C LEU I 954 -48.56 -40.16 50.20
N THR I 955 -49.12 -39.84 51.36
CA THR I 955 -48.49 -40.19 52.62
C THR I 955 -48.80 -41.65 52.95
N SER I 956 -47.81 -42.34 53.51
CA SER I 956 -47.92 -43.78 53.67
C SER I 956 -48.77 -44.13 54.89
N HIS I 957 -49.95 -43.53 54.97
CA HIS I 957 -50.99 -43.96 55.89
C HIS I 957 -52.27 -44.17 55.08
N SER I 958 -52.36 -43.45 53.96
CA SER I 958 -53.49 -43.61 53.05
C SER I 958 -53.64 -45.04 52.55
N CYS I 959 -52.53 -45.62 52.05
CA CYS I 959 -52.52 -47.03 51.71
C CYS I 959 -52.92 -47.88 52.91
N TRP I 960 -52.51 -47.48 54.11
CA TRP I 960 -52.93 -48.20 55.30
C TRP I 960 -54.44 -48.13 55.46
N ASN I 961 -55.03 -46.97 55.19
CA ASN I 961 -56.49 -46.84 55.29
C ASN I 961 -57.18 -47.76 54.30
N LEU I 962 -56.69 -47.80 53.07
CA LEU I 962 -57.34 -48.68 52.08
C LEU I 962 -57.18 -50.14 52.48
N SER I 963 -56.01 -50.53 52.96
CA SER I 963 -55.84 -51.91 53.38
C SER I 963 -56.75 -52.25 54.56
N THR I 964 -56.82 -51.35 55.55
CA THR I 964 -57.68 -51.60 56.70
C THR I 964 -59.13 -51.68 56.30
N ILE I 965 -59.55 -50.88 55.31
CA ILE I 965 -60.94 -50.89 54.93
C ILE I 965 -61.27 -52.15 54.14
N LEU I 966 -60.29 -52.66 53.38
CA LEU I 966 -60.43 -54.00 52.81
C LEU I 966 -60.55 -55.06 53.91
N THR I 967 -59.76 -54.92 54.97
CA THR I 967 -59.85 -55.88 56.07
C THR I 967 -61.23 -55.83 56.70
N HIS I 968 -61.77 -54.63 56.88
CA HIS I 968 -63.11 -54.48 57.43
C HIS I 968 -64.15 -55.09 56.51
N ASN I 969 -64.01 -54.92 55.21
CA ASN I 969 -64.95 -55.49 54.26
C ASN I 969 -64.19 -55.84 52.98
N HIS I 970 -64.37 -57.08 52.52
CA HIS I 970 -63.63 -57.57 51.35
C HIS I 970 -64.22 -56.88 50.12
N SER I 971 -63.82 -55.61 49.95
CA SER I 971 -64.36 -54.80 48.87
C SER I 971 -63.91 -55.29 47.51
N LEU I 972 -62.61 -55.31 47.27
CA LEU I 972 -62.05 -55.60 45.97
C LEU I 972 -61.22 -56.88 46.01
N ARG I 973 -60.56 -57.18 44.89
CA ARG I 973 -59.74 -58.36 44.76
C ARG I 973 -58.27 -58.05 44.56
N LYS I 974 -57.92 -57.20 43.58
CA LYS I 974 -56.54 -56.73 43.49
C LYS I 974 -56.53 -55.24 43.24
N LEU I 975 -55.32 -54.72 43.12
CA LEU I 975 -55.06 -53.29 43.01
C LEU I 975 -53.70 -53.14 42.38
N ASN I 976 -53.47 -51.99 41.77
CA ASN I 976 -52.16 -51.65 41.24
C ASN I 976 -51.71 -50.32 41.81
N LEU I 977 -50.42 -50.21 42.05
CA LEU I 977 -49.77 -48.94 42.36
C LEU I 977 -48.62 -48.79 41.37
N GLY I 978 -48.67 -47.76 40.54
CA GLY I 978 -47.78 -47.68 39.41
C GLY I 978 -46.58 -46.80 39.68
N ASN I 979 -46.60 -45.58 39.15
CA ASN I 979 -45.50 -44.65 39.37
C ASN I 979 -45.61 -43.93 40.69
N ASN I 980 -46.31 -44.53 41.65
CA ASN I 980 -46.55 -43.91 42.94
C ASN I 980 -45.27 -43.93 43.78
N ASP I 981 -44.75 -42.75 44.09
CA ASP I 981 -43.63 -42.61 45.02
C ASP I 981 -44.16 -42.71 46.43
N LEU I 982 -43.90 -43.84 47.10
CA LEU I 982 -44.55 -44.17 48.35
C LEU I 982 -43.62 -44.33 49.54
N GLY I 983 -42.33 -44.60 49.32
CA GLY I 983 -41.41 -44.78 50.41
C GLY I 983 -41.43 -46.19 50.97
N ASP I 984 -40.33 -46.54 51.65
CA ASP I 984 -40.20 -47.88 52.22
C ASP I 984 -41.32 -48.16 53.21
N LEU I 985 -41.59 -47.20 54.10
CA LEU I 985 -42.58 -47.40 55.15
C LEU I 985 -43.94 -47.75 54.56
N CYS I 986 -44.24 -47.27 53.35
CA CYS I 986 -45.52 -47.60 52.72
C CYS I 986 -45.65 -49.09 52.54
N VAL I 987 -44.73 -49.70 51.78
CA VAL I 987 -44.81 -51.13 51.55
C VAL I 987 -44.60 -51.90 52.85
N VAL I 988 -43.91 -51.31 53.83
CA VAL I 988 -43.79 -51.99 55.12
C VAL I 988 -45.15 -52.11 55.79
N THR I 989 -45.90 -51.02 55.82
CA THR I 989 -47.26 -51.09 56.36
C THR I 989 -48.12 -52.01 55.52
N LEU I 990 -47.94 -51.98 54.20
CA LEU I 990 -48.68 -52.87 53.32
C LEU I 990 -48.44 -54.32 53.68
N CYS I 991 -47.16 -54.71 53.79
CA CYS I 991 -46.85 -56.11 54.07
C CYS I 991 -47.25 -56.51 55.48
N GLU I 992 -47.20 -55.62 56.47
CA GLU I 992 -47.71 -55.98 57.79
C GLU I 992 -49.21 -56.24 57.74
N VAL I 993 -49.97 -55.30 57.18
CA VAL I 993 -51.42 -55.45 57.21
C VAL I 993 -51.86 -56.65 56.38
N LEU I 994 -51.18 -56.93 55.26
CA LEU I 994 -51.53 -58.14 54.54
C LEU I 994 -51.04 -59.37 55.30
N LYS I 995 -49.97 -59.21 56.08
CA LYS I 995 -49.40 -60.33 56.81
C LYS I 995 -50.41 -60.86 57.82
N GLN I 996 -51.12 -59.95 58.49
CA GLN I 996 -52.12 -60.36 59.47
C GLN I 996 -53.48 -60.34 58.77
N GLN I 997 -53.91 -61.53 58.34
CA GLN I 997 -55.22 -61.73 57.72
C GLN I 997 -55.42 -60.73 56.57
N GLY I 998 -54.61 -60.92 55.54
CA GLY I 998 -54.48 -59.99 54.42
C GLY I 998 -55.72 -59.29 53.92
N CYS I 999 -55.58 -57.98 53.70
CA CYS I 999 -56.71 -57.14 53.31
C CYS I 999 -57.32 -57.61 52.01
N LEU I 1000 -56.54 -57.54 50.92
CA LEU I 1000 -56.95 -58.09 49.65
C LEU I 1000 -56.91 -59.62 49.70
N LEU I 1001 -57.51 -60.24 48.70
CA LEU I 1001 -57.59 -61.69 48.65
C LEU I 1001 -57.06 -62.29 47.36
N GLN I 1002 -56.80 -61.49 46.33
CA GLN I 1002 -56.36 -62.03 45.04
C GLN I 1002 -54.94 -61.60 44.69
N SER I 1003 -54.67 -60.31 44.55
CA SER I 1003 -53.37 -59.90 44.01
C SER I 1003 -53.10 -58.44 44.36
N LEU I 1004 -51.91 -57.99 43.97
CA LEU I 1004 -51.46 -56.62 44.13
C LEU I 1004 -50.26 -56.43 43.23
N GLN I 1005 -50.19 -55.29 42.55
CA GLN I 1005 -49.15 -55.04 41.57
C GLN I 1005 -48.40 -53.76 41.91
N LEU I 1006 -47.08 -53.86 42.03
CA LEU I 1006 -46.22 -52.73 42.31
C LEU I 1006 -45.14 -52.66 41.24
N GLY I 1007 -44.91 -51.49 40.67
CA GLY I 1007 -43.88 -51.34 39.68
C GLY I 1007 -43.06 -50.08 39.87
N GLU I 1008 -41.84 -50.12 39.35
CA GLU I 1008 -40.89 -49.01 39.28
C GLU I 1008 -40.73 -48.27 40.61
N MET I 1009 -40.17 -49.00 41.59
CA MET I 1009 -39.58 -48.39 42.78
C MET I 1009 -38.12 -48.78 42.93
N TYR I 1010 -37.33 -47.86 43.47
CA TYR I 1010 -35.94 -48.09 43.84
C TYR I 1010 -35.78 -48.18 45.35
N LEU I 1011 -36.75 -48.81 46.01
CA LEU I 1011 -36.82 -48.85 47.46
C LEU I 1011 -35.76 -49.80 48.02
N ASN I 1012 -35.47 -49.64 49.31
CA ASN I 1012 -34.46 -50.48 49.95
C ASN I 1012 -34.95 -51.92 50.03
N ARG I 1013 -34.01 -52.83 50.26
CA ARG I 1013 -34.25 -54.23 49.94
C ARG I 1013 -34.89 -55.02 51.07
N GLU I 1014 -34.83 -54.55 52.32
CA GLU I 1014 -35.55 -55.28 53.37
C GLU I 1014 -37.06 -55.25 53.12
N THR I 1015 -37.52 -54.28 52.32
CA THR I 1015 -38.89 -54.36 51.83
C THR I 1015 -39.05 -55.59 50.95
N LYS I 1016 -38.07 -55.83 50.07
CA LYS I 1016 -38.16 -57.00 49.21
C LYS I 1016 -38.14 -58.27 50.04
N ARG I 1017 -37.31 -58.32 51.09
CA ARG I 1017 -37.27 -59.54 51.89
C ARG I 1017 -38.62 -59.79 52.55
N ALA I 1018 -39.23 -58.74 53.10
CA ALA I 1018 -40.54 -58.94 53.74
C ALA I 1018 -41.58 -59.40 52.73
N LEU I 1019 -41.59 -58.77 51.55
CA LEU I 1019 -42.61 -59.13 50.56
C LEU I 1019 -42.38 -60.53 50.03
N GLU I 1020 -41.13 -60.92 49.79
CA GLU I 1020 -40.86 -62.25 49.27
C GLU I 1020 -41.17 -63.29 50.34
N ALA I 1021 -40.97 -62.94 51.60
CA ALA I 1021 -41.32 -63.85 52.68
C ALA I 1021 -42.82 -64.15 52.67
N LEU I 1022 -43.64 -63.10 52.78
CA LEU I 1022 -45.05 -63.27 53.14
C LEU I 1022 -45.87 -64.17 52.20
N GLN I 1023 -45.56 -64.21 50.89
CA GLN I 1023 -46.44 -64.98 50.01
C GLN I 1023 -46.31 -66.48 50.22
N GLU I 1024 -45.13 -66.96 50.57
CA GLU I 1024 -44.94 -68.40 50.70
C GLU I 1024 -45.61 -68.94 51.95
N GLU I 1025 -45.62 -68.17 53.05
CA GLU I 1025 -46.40 -68.58 54.20
C GLU I 1025 -47.90 -68.38 53.97
N LYS I 1026 -48.27 -67.24 53.39
CA LYS I 1026 -49.67 -66.96 53.04
C LYS I 1026 -49.82 -66.72 51.55
N PRO I 1027 -50.35 -67.69 50.79
CA PRO I 1027 -50.62 -67.46 49.37
C PRO I 1027 -51.92 -66.73 49.10
N GLU I 1028 -52.57 -66.18 50.13
CA GLU I 1028 -53.76 -65.36 49.94
C GLU I 1028 -53.48 -64.19 49.01
N LEU I 1029 -52.42 -63.44 49.30
CA LEU I 1029 -51.85 -62.49 48.34
C LEU I 1029 -51.06 -63.29 47.33
N THR I 1030 -51.74 -63.72 46.27
CA THR I 1030 -51.15 -64.65 45.33
C THR I 1030 -49.88 -64.10 44.70
N ILE I 1031 -49.82 -62.79 44.46
CA ILE I 1031 -48.66 -62.22 43.81
C ILE I 1031 -48.55 -60.74 44.14
N VAL I 1032 -47.32 -60.28 44.28
CA VAL I 1032 -46.95 -58.87 44.17
C VAL I 1032 -46.01 -58.77 42.98
N PHE I 1033 -46.32 -57.88 42.05
CA PHE I 1033 -45.45 -57.71 40.90
C PHE I 1033 -44.09 -57.24 41.39
N GLU I 1034 -43.09 -58.11 41.29
CA GLU I 1034 -41.72 -57.77 41.63
C GLU I 1034 -41.22 -56.62 40.74
N ILE I 1035 -40.50 -55.69 41.34
CA ILE I 1035 -40.10 -54.47 40.64
C ILE I 1035 -39.12 -54.82 39.53
N SER I 1036 -37.95 -55.30 39.90
CA SER I 1036 -36.92 -55.68 38.94
C SER I 1036 -36.22 -56.97 39.30
N TRP I 1037 -36.36 -57.47 40.53
CA TRP I 1037 -35.56 -58.59 40.99
C TRP I 1037 -36.46 -59.70 41.53
N ASP J 135 -34.97 19.63 30.48
CA ASP J 135 -34.76 20.65 31.49
C ASP J 135 -36.07 20.96 32.22
N TYR J 136 -37.02 21.57 31.51
CA TYR J 136 -38.34 21.83 32.09
C TYR J 136 -39.10 20.56 32.39
N CYS J 137 -38.72 19.43 31.80
CA CYS J 137 -39.51 18.21 31.94
C CYS J 137 -39.59 17.79 33.40
N LYS J 138 -38.44 17.81 34.09
CA LYS J 138 -38.33 17.18 35.40
C LYS J 138 -39.22 17.82 36.48
N MET J 139 -39.24 19.15 36.60
CA MET J 139 -39.99 19.74 37.70
C MET J 139 -41.49 19.51 37.53
N TYR J 140 -41.98 19.58 36.29
CA TYR J 140 -43.41 19.31 36.10
C TYR J 140 -43.72 17.83 36.10
N ARG J 141 -42.77 16.95 35.74
CA ARG J 141 -43.11 15.54 35.93
C ARG J 141 -43.22 15.24 37.43
N ARG J 142 -42.56 16.03 38.27
CA ARG J 142 -42.80 15.81 39.71
C ARG J 142 -44.09 16.50 40.13
N HIS J 143 -44.44 17.61 39.48
CA HIS J 143 -45.71 18.25 39.80
C HIS J 143 -46.88 17.33 39.47
N VAL J 144 -46.81 16.66 38.32
CA VAL J 144 -47.88 15.74 37.95
C VAL J 144 -47.85 14.50 38.84
N ARG J 145 -46.66 14.07 39.28
CA ARG J 145 -46.62 12.97 40.24
C ARG J 145 -47.32 13.35 41.53
N SER J 146 -47.06 14.54 42.04
CA SER J 146 -47.73 14.99 43.26
C SER J 146 -49.23 15.10 43.03
N ARG J 147 -49.63 15.52 41.84
CA ARG J 147 -51.05 15.69 41.55
C ARG J 147 -51.77 14.35 41.55
N PHE J 148 -51.21 13.36 40.85
CA PHE J 148 -51.91 12.10 40.61
C PHE J 148 -51.52 10.97 41.56
N TYR J 149 -50.58 11.19 42.47
CA TYR J 149 -50.33 10.18 43.50
C TYR J 149 -51.38 10.24 44.60
N SER J 150 -51.77 11.45 45.00
CA SER J 150 -52.70 11.63 46.11
C SER J 150 -54.14 11.32 45.73
N ILE J 151 -54.47 11.31 44.44
CA ILE J 151 -55.85 11.09 44.03
C ILE J 151 -56.24 9.64 44.30
N LYS J 152 -57.41 9.46 44.91
CA LYS J 152 -57.87 8.13 45.28
C LYS J 152 -59.36 7.97 44.96
N ASP J 163 -53.56 8.15 46.31
CA ASP J 163 -53.54 6.69 46.28
C ASP J 163 -53.85 6.18 44.87
N LEU J 164 -54.75 5.19 44.80
CA LEU J 164 -55.21 4.61 43.54
C LEU J 164 -54.07 3.89 42.82
N ASN J 165 -52.90 3.81 43.44
CA ASN J 165 -51.77 3.09 42.85
C ASN J 165 -51.91 1.59 43.08
N SER J 166 -52.03 1.19 44.35
CA SER J 166 -52.35 -0.19 44.69
C SER J 166 -53.86 -0.43 44.77
N ARG J 167 -54.65 0.38 44.08
CA ARG J 167 -56.10 0.30 44.11
C ARG J 167 -56.67 0.23 42.70
N TYR J 168 -55.90 -0.32 41.77
CA TYR J 168 -56.24 -0.31 40.36
C TYR J 168 -56.11 -1.71 39.76
N THR J 169 -57.08 -2.07 38.93
CA THR J 169 -57.04 -3.28 38.13
C THR J 169 -57.23 -2.91 36.68
N GLN J 170 -56.44 -3.52 35.81
CA GLN J 170 -56.40 -3.14 34.40
C GLN J 170 -57.76 -3.35 33.73
N LEU J 171 -58.19 -2.34 32.98
CA LEU J 171 -59.38 -2.41 32.16
C LEU J 171 -58.98 -2.85 30.75
N GLN J 172 -59.98 -3.09 29.91
CA GLN J 172 -59.72 -3.70 28.61
C GLN J 172 -59.74 -2.65 27.50
N LEU J 173 -58.71 -2.66 26.67
CA LEU J 173 -58.65 -1.81 25.48
C LEU J 173 -58.90 -2.69 24.27
N VAL J 174 -59.83 -2.27 23.42
CA VAL J 174 -60.25 -3.10 22.28
C VAL J 174 -60.35 -2.23 21.03
N LYS J 175 -59.71 -2.67 19.95
CA LYS J 175 -60.01 -2.17 18.62
C LYS J 175 -60.23 -3.36 17.70
N GLU J 176 -61.49 -3.63 17.34
CA GLU J 176 -61.76 -4.77 16.45
C GLU J 176 -61.55 -4.39 14.99
N HIS J 177 -62.36 -3.45 14.51
CA HIS J 177 -62.36 -3.02 13.12
C HIS J 177 -62.36 -4.20 12.15
N PRO J 178 -63.40 -5.05 12.18
CA PRO J 178 -63.46 -6.24 11.34
C PRO J 178 -64.10 -5.98 9.98
N LEU J 203 -56.11 -4.20 24.80
CA LEU J 203 -54.93 -4.15 23.93
C LEU J 203 -53.66 -3.92 24.73
N LYS J 204 -52.70 -3.22 24.12
CA LYS J 204 -51.42 -2.93 24.74
C LYS J 204 -51.18 -1.43 24.65
N LEU J 205 -51.27 -0.74 25.79
CA LEU J 205 -50.98 0.69 25.81
C LEU J 205 -49.54 0.97 25.40
N GLU J 206 -48.63 0.03 25.66
CA GLU J 206 -47.28 0.15 25.15
C GLU J 206 -47.29 0.15 23.64
N LEU J 207 -46.55 1.10 23.05
CA LEU J 207 -46.51 1.30 21.60
C LEU J 207 -47.92 1.45 21.04
N LEU J 208 -48.73 2.25 21.74
CA LEU J 208 -50.11 2.48 21.29
C LEU J 208 -50.15 3.20 19.95
N PHE J 209 -49.11 3.96 19.62
CA PHE J 209 -49.14 4.90 18.52
C PHE J 209 -48.22 4.46 17.39
N GLU J 210 -48.27 3.18 17.02
CA GLU J 210 -47.56 2.78 15.81
C GLU J 210 -48.11 3.53 14.61
N PRO J 211 -47.27 4.27 13.88
CA PRO J 211 -47.69 4.78 12.57
C PRO J 211 -47.39 3.78 11.47
N GLU J 212 -47.16 2.54 11.86
CA GLU J 212 -46.74 1.50 10.92
C GLU J 212 -47.69 1.41 9.74
N ASP J 213 -47.16 0.99 8.60
CA ASP J 213 -47.91 1.02 7.35
C ASP J 213 -48.68 -0.28 7.11
N GLY J 214 -49.43 -0.72 8.12
CA GLY J 214 -50.40 -1.77 7.92
C GLY J 214 -51.74 -1.20 7.51
N HIS J 215 -52.32 -0.39 8.40
CA HIS J 215 -53.52 0.37 8.07
C HIS J 215 -53.52 1.77 8.68
N SER J 216 -52.41 2.22 9.27
CA SER J 216 -52.37 3.44 10.05
C SER J 216 -51.15 4.29 9.68
N GLU J 217 -50.96 4.52 8.38
CA GLU J 217 -49.76 5.22 7.92
C GLU J 217 -49.70 6.66 8.44
N PRO J 218 -50.64 7.55 8.11
CA PRO J 218 -50.51 8.96 8.48
C PRO J 218 -51.20 9.36 9.78
N VAL J 219 -51.66 8.39 10.59
CA VAL J 219 -52.50 8.73 11.73
C VAL J 219 -51.69 9.43 12.81
N HIS J 220 -52.37 10.29 13.58
CA HIS J 220 -51.75 10.97 14.71
C HIS J 220 -52.57 10.94 15.99
N THR J 221 -53.72 10.27 16.03
CA THR J 221 -54.61 10.44 17.16
C THR J 221 -55.48 9.21 17.40
N VAL J 222 -55.86 9.04 18.67
CA VAL J 222 -56.78 7.99 19.12
C VAL J 222 -57.84 8.58 20.04
N VAL J 223 -59.04 7.98 19.98
CA VAL J 223 -60.16 8.35 20.82
C VAL J 223 -60.46 7.18 21.73
N PHE J 224 -60.60 7.46 23.02
CA PHE J 224 -60.98 6.45 23.99
C PHE J 224 -62.50 6.39 24.08
N GLN J 225 -63.05 5.18 24.03
CA GLN J 225 -64.48 4.98 24.20
C GLN J 225 -64.71 3.86 25.20
N GLY J 226 -65.99 3.53 25.41
CA GLY J 226 -66.33 2.43 26.30
C GLY J 226 -67.77 2.56 26.77
N ALA J 227 -68.07 1.82 27.83
CA ALA J 227 -69.41 1.83 28.39
C ALA J 227 -69.68 3.14 29.14
N ALA J 228 -70.95 3.42 29.37
CA ALA J 228 -71.36 4.68 29.97
C ALA J 228 -70.82 4.84 31.38
N GLY J 229 -69.92 5.80 31.59
CA GLY J 229 -69.43 6.11 32.91
C GLY J 229 -68.37 5.18 33.44
N ILE J 230 -67.20 5.14 32.78
CA ILE J 230 -66.06 4.37 33.27
C ILE J 230 -65.21 5.14 34.27
N GLY J 231 -65.49 6.42 34.50
CA GLY J 231 -64.57 7.27 35.21
C GLY J 231 -63.42 7.69 34.36
N LYS J 232 -63.57 7.57 33.03
CA LYS J 232 -62.54 7.61 32.00
C LYS J 232 -61.38 8.56 32.30
N THR J 233 -61.70 9.73 32.86
CA THR J 233 -60.66 10.62 33.33
C THR J 233 -59.70 9.91 34.26
N ILE J 234 -60.20 8.92 35.02
CA ILE J 234 -59.32 8.17 35.91
C ILE J 234 -58.27 7.42 35.09
N LEU J 235 -58.67 6.85 33.96
CA LEU J 235 -57.73 6.12 33.12
C LEU J 235 -56.74 7.08 32.46
N ALA J 236 -57.22 8.26 32.08
CA ALA J 236 -56.30 9.27 31.58
C ALA J 236 -55.25 9.61 32.64
N ARG J 237 -55.70 9.77 33.89
CA ARG J 237 -54.78 10.06 34.98
C ARG J 237 -53.81 8.91 35.21
N LYS J 238 -54.28 7.67 35.09
CA LYS J 238 -53.38 6.53 35.24
C LYS J 238 -52.30 6.52 34.17
N ILE J 239 -52.67 6.80 32.92
CA ILE J 239 -51.65 6.87 31.87
C ILE J 239 -50.66 7.98 32.15
N MET J 240 -51.17 9.15 32.55
CA MET J 240 -50.30 10.28 32.86
C MET J 240 -49.30 9.93 33.95
N LEU J 241 -49.80 9.39 35.07
CA LEU J 241 -48.92 9.03 36.18
C LEU J 241 -47.96 7.91 35.80
N ASP J 242 -48.42 6.97 34.98
CA ASP J 242 -47.54 5.88 34.57
C ASP J 242 -46.35 6.41 33.78
N TRP J 243 -46.60 7.35 32.87
CA TRP J 243 -45.45 7.96 32.19
C TRP J 243 -44.60 8.76 33.17
N ALA J 244 -45.24 9.54 34.03
CA ALA J 244 -44.50 10.39 34.97
C ALA J 244 -43.55 9.58 35.84
N LEU J 245 -44.00 8.41 36.29
CA LEU J 245 -43.14 7.51 37.04
C LEU J 245 -42.24 6.67 36.14
N GLY J 246 -42.49 6.65 34.83
CA GLY J 246 -41.72 5.80 33.95
C GLY J 246 -42.31 4.41 33.86
N LYS J 247 -41.78 3.48 34.65
CA LYS J 247 -42.26 2.10 34.70
C LYS J 247 -42.12 1.45 33.32
N LEU J 248 -40.87 1.33 32.89
CA LEU J 248 -40.49 0.73 31.60
C LEU J 248 -41.06 1.49 30.42
N PHE J 249 -41.43 2.76 30.61
CA PHE J 249 -41.94 3.58 29.52
C PHE J 249 -40.77 4.12 28.72
N LYS J 250 -40.48 3.49 27.59
CA LYS J 250 -39.58 4.11 26.62
C LYS J 250 -40.16 5.44 26.18
N ASP J 251 -39.46 6.53 26.50
CA ASP J 251 -40.00 7.87 26.30
C ASP J 251 -40.01 8.23 24.82
N LYS J 252 -41.09 7.87 24.13
CA LYS J 252 -41.32 8.39 22.78
C LYS J 252 -41.62 9.89 22.78
N PHE J 253 -41.88 10.48 23.95
CA PHE J 253 -42.34 11.86 24.04
C PHE J 253 -41.63 12.54 25.19
N ASP J 254 -41.48 13.86 25.06
CA ASP J 254 -40.86 14.68 26.11
C ASP J 254 -41.89 15.27 27.06
N TYR J 255 -43.14 15.40 26.62
CA TYR J 255 -44.18 15.95 27.48
C TYR J 255 -45.52 15.37 27.09
N LEU J 256 -46.29 14.98 28.11
CA LEU J 256 -47.69 14.64 27.96
C LEU J 256 -48.43 15.57 28.90
N PHE J 257 -49.27 16.44 28.34
CA PHE J 257 -49.96 17.45 29.13
C PHE J 257 -51.38 17.02 29.40
N PHE J 258 -51.76 17.00 30.67
CA PHE J 258 -53.11 16.67 31.08
C PHE J 258 -53.94 17.94 31.02
N ILE J 259 -54.90 17.98 30.11
CA ILE J 259 -55.83 19.11 29.99
C ILE J 259 -57.12 18.70 30.68
N HIS J 260 -57.51 19.48 31.68
CA HIS J 260 -58.76 19.22 32.39
C HIS J 260 -59.79 20.19 31.81
N CYS J 261 -60.33 19.80 30.65
CA CYS J 261 -61.25 20.65 29.89
C CYS J 261 -62.48 21.01 30.70
N ARG J 262 -62.78 20.24 31.74
CA ARG J 262 -63.85 20.58 32.67
C ARG J 262 -63.62 21.97 33.26
N GLU J 263 -62.36 22.41 33.34
CA GLU J 263 -62.02 23.79 33.64
C GLU J 263 -61.80 24.66 32.41
N VAL J 264 -61.25 24.11 31.32
CA VAL J 264 -60.88 24.93 30.16
C VAL J 264 -62.17 25.34 29.43
N SER J 265 -63.30 24.84 29.92
CA SER J 265 -64.61 25.03 29.30
C SER J 265 -64.99 26.49 29.09
N LEU J 266 -64.23 27.43 29.64
CA LEU J 266 -64.57 28.84 29.56
C LEU J 266 -64.47 29.37 28.14
N ARG J 267 -65.20 30.47 27.91
CA ARG J 267 -65.28 31.18 26.64
C ARG J 267 -64.10 32.12 26.42
N THR J 268 -63.23 32.26 27.42
CA THR J 268 -62.12 33.21 27.34
C THR J 268 -61.14 32.82 26.24
N PRO J 269 -60.70 33.75 25.40
CA PRO J 269 -59.71 33.41 24.38
C PRO J 269 -58.34 33.24 25.03
N ARG J 270 -57.84 32.01 25.11
CA ARG J 270 -56.58 31.74 25.79
C ARG J 270 -55.56 31.14 24.83
N SER J 271 -54.31 31.53 25.02
CA SER J 271 -53.19 31.04 24.23
C SER J 271 -52.79 29.65 24.72
N LEU J 272 -51.62 29.19 24.28
CA LEU J 272 -51.05 27.96 24.82
C LEU J 272 -51.02 28.04 26.35
N ALA J 273 -51.69 27.09 26.98
CA ALA J 273 -51.94 27.14 28.42
C ALA J 273 -51.31 25.90 29.03
N ASP J 274 -50.01 25.98 29.31
CA ASP J 274 -49.30 24.93 30.01
C ASP J 274 -49.19 25.17 31.50
N LEU J 275 -49.47 26.38 31.97
CA LEU J 275 -49.60 26.63 33.40
C LEU J 275 -51.01 26.28 33.85
N ILE J 276 -51.11 25.71 35.06
CA ILE J 276 -52.38 25.35 35.68
C ILE J 276 -52.55 26.02 37.04
N VAL J 277 -51.53 25.90 37.90
CA VAL J 277 -51.60 26.47 39.24
C VAL J 277 -51.15 27.93 39.26
N SER J 278 -50.87 28.51 38.08
CA SER J 278 -50.37 29.88 37.97
C SER J 278 -49.05 30.05 38.71
N CYS J 279 -48.14 29.11 38.48
CA CYS J 279 -46.79 29.17 39.03
C CYS J 279 -45.97 30.15 38.18
N TRP J 280 -44.66 30.15 38.38
CA TRP J 280 -43.81 30.97 37.52
C TRP J 280 -43.92 30.48 36.07
N PRO J 281 -43.92 31.39 35.10
CA PRO J 281 -44.28 31.01 33.72
C PRO J 281 -43.35 29.93 33.19
N ASP J 282 -43.92 28.98 32.46
CA ASP J 282 -43.11 27.97 31.82
C ASP J 282 -42.28 28.59 30.70
N PRO J 283 -41.16 27.94 30.33
CA PRO J 283 -40.32 28.49 29.26
C PRO J 283 -40.99 28.44 27.90
N ASN J 284 -42.11 29.14 27.75
CA ASN J 284 -42.98 28.93 26.59
C ASN J 284 -42.29 29.14 25.24
N PRO J 285 -41.51 30.20 25.03
CA PRO J 285 -40.82 30.36 23.73
C PRO J 285 -39.80 29.26 23.45
N PRO J 286 -38.89 28.92 24.37
CA PRO J 286 -38.03 27.74 24.11
C PRO J 286 -38.79 26.41 24.00
N VAL J 287 -39.93 26.27 24.67
CA VAL J 287 -40.82 25.13 24.41
C VAL J 287 -41.29 25.13 22.97
N CYS J 288 -41.65 26.30 22.44
CA CYS J 288 -41.97 26.41 21.01
C CYS J 288 -40.76 26.11 20.14
N LYS J 289 -39.56 26.43 20.62
CA LYS J 289 -38.34 26.16 19.86
C LYS J 289 -37.92 24.69 19.90
N ILE J 290 -38.32 23.94 20.91
CA ILE J 290 -38.03 22.51 20.99
C ILE J 290 -39.15 21.74 20.32
N LEU J 291 -39.99 22.46 19.56
CA LEU J 291 -41.03 21.82 18.76
C LEU J 291 -40.51 21.36 17.40
N ARG J 292 -39.89 22.26 16.63
CA ARG J 292 -39.72 22.04 15.20
C ARG J 292 -39.03 20.72 14.90
N LYS J 293 -37.88 20.46 15.52
CA LYS J 293 -37.24 19.18 15.24
C LYS J 293 -37.93 18.05 15.98
N PRO J 294 -38.03 18.06 17.33
CA PRO J 294 -38.67 16.94 18.02
C PRO J 294 -40.17 17.13 18.20
N SER J 295 -40.98 16.21 17.66
CA SER J 295 -42.42 16.21 17.92
C SER J 295 -42.74 15.40 19.17
N ARG J 296 -42.00 15.69 20.24
CA ARG J 296 -42.09 14.95 21.50
C ARG J 296 -42.95 15.69 22.53
N ILE J 297 -43.79 16.61 22.07
CA ILE J 297 -44.83 17.22 22.88
C ILE J 297 -46.14 16.49 22.58
N LEU J 298 -46.90 16.21 23.63
CA LEU J 298 -48.22 15.64 23.48
C LEU J 298 -49.15 16.21 24.55
N PHE J 299 -50.41 16.34 24.19
CA PHE J 299 -51.44 16.96 25.03
C PHE J 299 -52.50 15.90 25.26
N LEU J 300 -52.51 15.29 26.45
CA LEU J 300 -53.62 14.44 26.86
C LEU J 300 -54.75 15.34 27.34
N MET J 301 -55.61 15.74 26.40
CA MET J 301 -56.82 16.48 26.73
C MET J 301 -57.96 15.52 27.03
N ASP J 302 -58.73 15.86 28.06
CA ASP J 302 -59.76 15.00 28.60
C ASP J 302 -61.00 15.84 28.90
N GLY J 303 -62.13 15.15 29.09
CA GLY J 303 -63.41 15.79 29.31
C GLY J 303 -63.92 16.61 28.14
N PHE J 304 -63.82 16.07 26.93
CA PHE J 304 -64.27 16.81 25.75
C PHE J 304 -65.76 17.08 25.84
N ASP J 305 -66.47 16.21 26.57
CA ASP J 305 -67.92 16.32 26.74
C ASP J 305 -68.29 17.65 27.37
N GLU J 306 -67.35 18.26 28.09
CA GLU J 306 -67.60 19.47 28.85
C GLU J 306 -67.11 20.72 28.15
N LEU J 307 -66.81 20.66 26.84
CA LEU J 307 -66.62 21.91 26.11
C LEU J 307 -67.96 22.62 25.94
N GLN J 308 -68.20 23.61 26.79
CA GLN J 308 -69.50 24.26 26.89
C GLN J 308 -69.50 25.46 25.96
N GLY J 309 -70.49 26.34 26.11
CA GLY J 309 -70.65 27.43 25.17
C GLY J 309 -72.03 27.58 24.57
N ALA J 310 -72.17 27.30 23.27
CA ALA J 310 -73.45 27.27 22.61
C ALA J 310 -73.61 26.05 21.70
N PHE J 311 -73.00 24.92 22.09
CA PHE J 311 -72.90 23.71 21.26
C PHE J 311 -72.38 24.01 19.86
N ASP J 312 -71.36 24.85 19.80
CA ASP J 312 -70.77 25.33 18.54
C ASP J 312 -69.37 24.74 18.42
N GLU J 313 -69.26 23.53 17.89
CA GLU J 313 -67.97 22.93 17.65
C GLU J 313 -67.83 22.50 16.20
N HIS J 314 -68.32 23.34 15.28
CA HIS J 314 -68.24 23.05 13.85
C HIS J 314 -66.86 23.44 13.34
N ILE J 315 -66.70 23.50 12.02
CA ILE J 315 -65.41 23.81 11.43
C ILE J 315 -65.01 25.23 11.82
N GLY J 316 -63.76 25.39 12.24
CA GLY J 316 -63.31 26.68 12.73
C GLY J 316 -63.28 27.73 11.63
N GLU J 317 -63.86 28.90 11.92
CA GLU J 317 -63.88 29.99 10.95
C GLU J 317 -62.48 30.54 10.69
N VAL J 318 -61.68 30.72 11.74
CA VAL J 318 -60.37 31.36 11.64
C VAL J 318 -59.33 30.47 12.32
N CYS J 319 -58.19 30.31 11.64
CA CYS J 319 -57.07 29.53 12.18
C CYS J 319 -56.26 30.35 13.18
N THR J 320 -55.17 29.77 13.67
CA THR J 320 -54.30 30.39 14.65
C THR J 320 -52.85 30.28 14.18
N ASP J 321 -51.98 31.03 14.87
CA ASP J 321 -50.57 31.01 14.56
C ASP J 321 -49.89 29.75 15.09
N TRP J 322 -48.80 29.36 14.42
CA TRP J 322 -48.08 28.16 14.83
C TRP J 322 -47.37 28.36 16.16
N GLN J 323 -46.94 29.58 16.46
CA GLN J 323 -46.28 29.85 17.75
C GLN J 323 -47.23 29.63 18.92
N LYS J 324 -48.54 29.73 18.68
CA LYS J 324 -49.58 29.50 19.67
C LYS J 324 -49.49 30.50 20.82
N ALA J 325 -48.58 31.46 20.72
CA ALA J 325 -48.46 32.51 21.72
C ALA J 325 -49.62 33.50 21.67
N VAL J 326 -50.42 33.47 20.61
CA VAL J 326 -51.59 34.33 20.49
C VAL J 326 -52.70 33.81 21.38
N ARG J 327 -53.30 34.71 22.18
CA ARG J 327 -54.36 34.32 23.10
C ARG J 327 -55.70 34.23 22.38
N GLY J 328 -55.74 33.45 21.30
CA GLY J 328 -56.97 33.28 20.56
C GLY J 328 -57.97 32.42 21.29
N ASP J 329 -59.20 32.42 20.79
CA ASP J 329 -60.24 31.57 21.34
C ASP J 329 -59.88 30.11 21.14
N ILE J 330 -60.08 29.31 22.19
CA ILE J 330 -59.87 27.86 22.06
C ILE J 330 -60.75 27.28 20.96
N LEU J 331 -61.92 27.87 20.74
CA LEU J 331 -62.72 27.52 19.57
C LEU J 331 -62.00 27.86 18.28
N LEU J 332 -61.33 29.02 18.24
CA LEU J 332 -60.68 29.49 17.02
C LEU J 332 -59.18 29.27 16.99
N SER J 333 -58.57 28.86 18.11
CA SER J 333 -57.14 28.58 18.14
C SER J 333 -56.84 27.12 18.44
N SER J 334 -57.41 26.58 19.52
CA SER J 334 -57.12 25.20 19.90
C SER J 334 -57.75 24.23 18.92
N LEU J 335 -59.02 24.43 18.58
CA LEU J 335 -59.70 23.48 17.72
C LEU J 335 -59.02 23.39 16.36
N ILE J 336 -58.66 24.52 15.78
CA ILE J 336 -57.95 24.50 14.51
C ILE J 336 -56.56 23.93 14.69
N ARG J 337 -55.92 24.14 15.84
CA ARG J 337 -54.66 23.47 16.09
C ARG J 337 -54.81 21.95 16.02
N LYS J 338 -55.90 21.43 16.59
CA LYS J 338 -56.23 20.01 16.36
C LYS J 338 -56.50 19.72 14.89
N LYS J 339 -57.19 20.64 14.21
CA LYS J 339 -57.67 20.38 12.85
C LYS J 339 -56.52 20.27 11.85
N LEU J 340 -55.75 21.34 11.71
CA LEU J 340 -54.69 21.43 10.72
C LEU J 340 -53.41 21.86 11.42
N LEU J 341 -52.28 21.41 10.87
CA LEU J 341 -50.96 21.63 11.45
C LEU J 341 -50.93 21.31 12.94
N PRO J 342 -51.33 20.09 13.34
CA PRO J 342 -51.26 19.76 14.77
C PRO J 342 -49.83 19.51 15.21
N LYS J 343 -49.05 18.78 14.42
CA LYS J 343 -47.64 18.50 14.64
C LYS J 343 -47.39 17.62 15.86
N ALA J 344 -48.42 17.26 16.62
CA ALA J 344 -48.25 16.45 17.81
C ALA J 344 -49.34 15.40 17.86
N SER J 345 -49.10 14.35 18.66
CA SER J 345 -50.05 13.26 18.74
C SER J 345 -51.30 13.75 19.48
N LEU J 346 -52.30 12.88 19.60
CA LEU J 346 -53.54 13.35 20.21
C LEU J 346 -54.33 12.15 20.73
N LEU J 347 -54.87 12.31 21.94
CA LEU J 347 -55.72 11.29 22.55
C LEU J 347 -56.87 11.98 23.25
N ILE J 348 -58.10 11.71 22.79
CA ILE J 348 -59.26 12.38 23.39
C ILE J 348 -60.23 11.37 23.97
N THR J 349 -60.88 11.76 25.07
CA THR J 349 -61.74 10.90 25.86
C THR J 349 -63.12 11.54 25.95
N THR J 350 -64.15 10.77 25.64
CA THR J 350 -65.52 11.26 25.60
C THR J 350 -66.44 10.07 25.32
N ARG J 351 -67.77 10.28 25.53
CA ARG J 351 -68.64 9.15 25.20
C ARG J 351 -69.24 9.28 23.81
N PRO J 352 -69.68 8.15 23.19
CA PRO J 352 -70.17 8.17 21.80
C PRO J 352 -71.53 8.82 21.56
N VAL J 353 -72.08 9.52 22.56
CA VAL J 353 -73.35 10.23 22.45
C VAL J 353 -73.51 11.13 21.22
N ALA J 354 -72.72 12.21 21.15
CA ALA J 354 -72.90 13.25 20.15
C ALA J 354 -71.56 13.85 19.76
N LEU J 355 -70.61 12.98 19.39
CA LEU J 355 -69.28 13.47 19.04
C LEU J 355 -69.07 13.77 17.57
N GLU J 356 -69.88 13.23 16.67
CA GLU J 356 -69.59 13.31 15.24
C GLU J 356 -69.19 14.70 14.74
N LYS J 357 -69.56 15.77 15.46
CA LYS J 357 -69.05 17.13 15.21
C LYS J 357 -67.55 17.17 14.96
N LEU J 358 -66.80 16.38 15.73
CA LEU J 358 -65.34 16.32 15.68
C LEU J 358 -64.85 15.24 14.74
N GLN J 359 -65.74 14.36 14.28
CA GLN J 359 -65.38 13.24 13.41
C GLN J 359 -65.73 13.49 11.96
N HIS J 360 -66.88 14.13 11.68
CA HIS J 360 -67.05 14.71 10.36
C HIS J 360 -66.02 15.82 10.14
N LEU J 361 -65.58 16.45 11.23
CA LEU J 361 -64.31 17.15 11.26
C LEU J 361 -63.19 16.16 10.97
N LEU J 362 -62.46 16.40 9.89
CA LEU J 362 -61.46 15.43 9.46
C LEU J 362 -60.31 15.36 10.45
N ASP J 363 -60.00 14.14 10.89
CA ASP J 363 -58.91 13.87 11.80
C ASP J 363 -58.04 12.69 11.40
N HIS J 364 -58.54 11.77 10.59
CA HIS J 364 -57.91 10.48 10.36
C HIS J 364 -57.53 9.83 11.69
N PRO J 365 -58.48 9.64 12.61
CA PRO J 365 -58.15 9.05 13.91
C PRO J 365 -58.32 7.55 13.96
N ARG J 366 -58.00 6.95 15.10
CA ARG J 366 -58.53 5.66 15.49
C ARG J 366 -59.44 5.83 16.69
N HIS J 367 -60.06 4.73 17.10
CA HIS J 367 -60.88 4.69 18.30
C HIS J 367 -60.58 3.39 19.03
N VAL J 368 -60.61 3.44 20.36
CA VAL J 368 -60.44 2.25 21.18
C VAL J 368 -61.48 2.25 22.29
N GLU J 369 -62.07 1.09 22.52
CA GLU J 369 -63.09 0.93 23.55
C GLU J 369 -62.44 0.48 24.86
N ILE J 370 -62.96 1.00 25.97
CA ILE J 370 -62.53 0.59 27.31
C ILE J 370 -63.63 -0.24 27.93
N LEU J 371 -63.24 -1.34 28.55
CA LEU J 371 -64.17 -2.29 29.15
C LEU J 371 -63.84 -2.46 30.62
N GLY J 372 -64.88 -2.47 31.45
CA GLY J 372 -64.70 -2.47 32.88
C GLY J 372 -64.39 -3.82 33.50
N PHE J 373 -65.00 -4.09 34.65
CA PHE J 373 -64.58 -5.21 35.49
C PHE J 373 -65.15 -6.53 34.98
N SER J 374 -64.26 -7.40 34.51
CA SER J 374 -64.61 -8.80 34.38
C SER J 374 -64.64 -9.45 35.76
N GLU J 375 -65.10 -10.69 35.82
CA GLU J 375 -65.31 -11.33 37.12
C GLU J 375 -64.00 -11.44 37.90
N ALA J 376 -62.96 -11.99 37.29
CA ALA J 376 -61.75 -12.31 38.03
C ALA J 376 -61.03 -11.05 38.52
N LYS J 377 -60.81 -10.08 37.64
CA LYS J 377 -60.09 -8.91 38.12
C LYS J 377 -61.00 -7.92 38.82
N ARG J 378 -62.33 -8.08 38.71
CA ARG J 378 -63.23 -7.41 39.65
C ARG J 378 -63.04 -7.97 41.05
N LYS J 379 -62.88 -9.29 41.17
CA LYS J 379 -62.54 -9.87 42.47
C LYS J 379 -61.20 -9.35 42.96
N GLU J 380 -60.25 -9.20 42.04
CA GLU J 380 -58.95 -8.62 42.40
C GLU J 380 -59.11 -7.20 42.92
N TYR J 381 -59.94 -6.39 42.25
CA TYR J 381 -60.21 -5.03 42.72
C TYR J 381 -60.87 -5.04 44.09
N PHE J 382 -61.79 -5.98 44.30
CA PHE J 382 -62.44 -6.07 45.60
C PHE J 382 -61.43 -6.41 46.70
N PHE J 383 -60.49 -7.32 46.38
CA PHE J 383 -59.44 -7.65 47.34
C PHE J 383 -58.53 -6.45 47.60
N LYS J 384 -58.20 -5.69 46.55
CA LYS J 384 -57.28 -4.58 46.73
C LYS J 384 -57.94 -3.42 47.46
N TYR J 385 -59.24 -3.19 47.24
CA TYR J 385 -59.93 -2.11 47.91
C TYR J 385 -60.21 -2.48 49.36
N PHE J 386 -60.94 -3.57 49.59
CA PHE J 386 -61.19 -4.01 50.95
C PHE J 386 -59.87 -4.44 51.59
N SER J 387 -59.88 -4.53 52.91
CA SER J 387 -58.80 -5.22 53.58
C SER J 387 -58.86 -6.69 53.25
N ASN J 388 -57.71 -7.35 53.32
CA ASN J 388 -57.61 -8.71 52.80
C ASN J 388 -58.45 -9.71 53.59
N GLU J 389 -58.97 -9.33 54.76
CA GLU J 389 -59.74 -10.25 55.58
C GLU J 389 -61.07 -9.69 56.10
N LEU J 390 -61.23 -8.38 56.21
CA LEU J 390 -62.44 -7.86 56.86
C LEU J 390 -63.68 -8.08 55.99
N GLN J 391 -63.61 -7.70 54.72
CA GLN J 391 -64.78 -7.83 53.84
C GLN J 391 -64.38 -8.29 52.43
N ALA J 392 -63.21 -8.91 52.27
CA ALA J 392 -62.73 -9.22 50.93
C ALA J 392 -63.56 -10.31 50.26
N ARG J 393 -64.04 -11.30 51.02
CA ARG J 393 -64.71 -12.44 50.42
C ARG J 393 -66.21 -12.49 50.65
N GLU J 394 -66.68 -12.38 51.90
CA GLU J 394 -68.09 -12.65 52.18
C GLU J 394 -69.02 -11.66 51.47
N ALA J 395 -68.67 -10.37 51.46
CA ALA J 395 -69.45 -9.40 50.70
C ALA J 395 -69.39 -9.69 49.20
N PHE J 396 -68.19 -10.01 48.70
CA PHE J 396 -68.06 -10.37 47.29
C PHE J 396 -69.00 -11.50 46.92
N ARG J 397 -68.99 -12.58 47.70
CA ARG J 397 -69.79 -13.75 47.34
C ARG J 397 -71.28 -13.51 47.56
N LEU J 398 -71.65 -12.72 48.58
CA LEU J 398 -73.07 -12.47 48.76
C LEU J 398 -73.63 -11.60 47.64
N ILE J 399 -72.82 -10.69 47.08
CA ILE J 399 -73.33 -9.97 45.92
C ILE J 399 -73.13 -10.78 44.64
N GLN J 400 -72.28 -11.81 44.67
CA GLN J 400 -72.27 -12.77 43.57
C GLN J 400 -73.59 -13.52 43.51
N GLU J 401 -74.14 -13.90 44.67
CA GLU J 401 -75.37 -14.68 44.70
C GLU J 401 -76.56 -13.89 44.19
N ASN J 402 -76.41 -12.58 44.04
CA ASN J 402 -77.45 -11.75 43.44
C ASN J 402 -77.51 -12.02 41.94
N GLU J 403 -78.73 -12.23 41.42
CA GLU J 403 -78.88 -12.42 39.98
C GLU J 403 -78.55 -11.16 39.20
N VAL J 404 -78.41 -10.03 39.89
CA VAL J 404 -78.07 -8.76 39.30
C VAL J 404 -76.88 -8.21 40.10
N LEU J 405 -76.42 -7.01 39.75
CA LEU J 405 -75.25 -6.38 40.37
C LEU J 405 -73.98 -7.08 39.93
N PHE J 406 -74.15 -8.20 39.24
CA PHE J 406 -73.10 -8.79 38.43
C PHE J 406 -73.23 -8.41 36.97
N THR J 407 -74.45 -8.11 36.52
CA THR J 407 -74.60 -7.36 35.28
C THR J 407 -73.93 -5.99 35.36
N MET J 408 -74.10 -5.27 36.47
CA MET J 408 -73.46 -3.96 36.60
C MET J 408 -72.06 -4.06 37.18
N CYS J 409 -71.67 -5.18 37.76
CA CYS J 409 -70.30 -5.24 38.27
C CYS J 409 -69.30 -5.03 37.15
N PHE J 410 -69.69 -5.30 35.90
CA PHE J 410 -68.83 -4.95 34.78
C PHE J 410 -68.49 -3.45 34.76
N ILE J 411 -69.48 -2.59 34.96
CA ILE J 411 -69.22 -1.14 34.95
C ILE J 411 -68.42 -0.67 36.16
N PRO J 412 -67.28 -0.01 35.88
CA PRO J 412 -66.41 0.46 36.96
C PRO J 412 -67.04 1.44 37.92
N LEU J 413 -67.91 2.35 37.47
CA LEU J 413 -68.52 3.27 38.43
C LEU J 413 -69.36 2.52 39.44
N VAL J 414 -70.04 1.45 39.01
CA VAL J 414 -70.80 0.64 39.96
C VAL J 414 -69.87 -0.05 40.94
N CYS J 415 -68.75 -0.61 40.45
CA CYS J 415 -67.84 -1.23 41.41
C CYS J 415 -67.26 -0.21 42.39
N TRP J 416 -66.88 0.98 41.92
CA TRP J 416 -66.33 1.99 42.83
C TRP J 416 -67.39 2.47 43.81
N ILE J 417 -68.65 2.46 43.42
CA ILE J 417 -69.67 3.00 44.28
C ILE J 417 -70.17 1.93 45.25
N VAL J 418 -70.01 0.66 44.92
CA VAL J 418 -70.40 -0.36 45.88
C VAL J 418 -69.25 -0.60 46.86
N CYS J 419 -68.02 -0.44 46.40
CA CYS J 419 -66.88 -0.58 47.30
C CYS J 419 -66.89 0.55 48.33
N THR J 420 -67.07 1.80 47.88
CA THR J 420 -67.15 2.88 48.85
C THR J 420 -68.47 2.86 49.61
N GLY J 421 -69.55 2.39 49.00
CA GLY J 421 -70.86 2.34 49.59
C GLY J 421 -71.13 1.24 50.58
N LEU J 422 -70.20 0.31 50.77
CA LEU J 422 -70.45 -0.76 51.73
C LEU J 422 -69.57 -0.72 52.97
N LYS J 423 -68.54 0.12 53.01
CA LYS J 423 -67.75 0.27 54.23
C LYS J 423 -68.51 0.94 55.36
N GLN J 424 -69.63 1.60 55.09
CA GLN J 424 -70.47 2.11 56.16
C GLN J 424 -71.45 1.09 56.75
N GLN J 425 -71.48 -0.15 56.24
CA GLN J 425 -72.57 -1.07 56.56
C GLN J 425 -72.20 -2.14 57.57
N MET J 426 -70.92 -2.32 57.89
CA MET J 426 -70.58 -3.26 58.96
C MET J 426 -70.97 -2.70 60.32
N GLU J 427 -70.97 -1.37 60.47
CA GLU J 427 -71.51 -0.76 61.68
C GLU J 427 -73.00 -1.06 61.85
N THR J 428 -73.72 -1.20 60.74
CA THR J 428 -75.11 -1.64 60.78
C THR J 428 -75.21 -3.16 60.75
N GLY J 429 -74.65 -3.78 59.71
CA GLY J 429 -74.58 -5.23 59.63
C GLY J 429 -75.70 -5.85 58.82
N LYS J 430 -75.33 -6.69 57.85
CA LYS J 430 -76.28 -7.49 57.07
C LYS J 430 -77.30 -6.60 56.36
N SER J 431 -76.80 -5.58 55.66
CA SER J 431 -77.64 -4.70 54.87
C SER J 431 -76.97 -4.40 53.52
N LEU J 432 -76.42 -5.43 52.89
CA LEU J 432 -75.55 -5.26 51.73
C LEU J 432 -76.31 -5.42 50.42
N ALA J 433 -76.91 -6.58 50.21
CA ALA J 433 -77.52 -6.93 48.93
C ALA J 433 -78.97 -6.46 48.80
N GLN J 434 -79.52 -5.80 49.82
CA GLN J 434 -80.91 -5.38 49.77
C GLN J 434 -81.09 -4.22 48.80
N THR J 435 -82.32 -4.10 48.30
CA THR J 435 -82.79 -3.02 47.40
C THR J 435 -81.70 -2.61 46.40
N SER J 436 -81.14 -3.60 45.73
CA SER J 436 -80.10 -3.42 44.72
C SER J 436 -80.59 -4.05 43.43
N LYS J 437 -81.19 -3.24 42.55
CA LYS J 437 -81.71 -3.74 41.28
C LYS J 437 -81.01 -3.10 40.09
N THR J 438 -81.01 -1.78 39.97
CA THR J 438 -80.59 -1.08 38.76
C THR J 438 -79.64 0.05 39.15
N THR J 439 -79.10 0.74 38.15
CA THR J 439 -78.17 1.83 38.42
C THR J 439 -78.83 2.93 39.24
N THR J 440 -80.05 3.31 38.87
CA THR J 440 -80.80 4.27 39.68
C THR J 440 -81.04 3.73 41.09
N ALA J 441 -81.37 2.45 41.21
CA ALA J 441 -81.63 1.87 42.52
C ALA J 441 -80.40 1.93 43.41
N VAL J 442 -79.24 1.57 42.87
CA VAL J 442 -78.03 1.55 43.69
C VAL J 442 -77.61 2.99 44.01
N TYR J 443 -77.79 3.92 43.07
CA TYR J 443 -77.48 5.31 43.38
C TYR J 443 -78.36 5.85 44.49
N VAL J 444 -79.66 5.55 44.45
CA VAL J 444 -80.57 5.99 45.50
C VAL J 444 -80.21 5.37 46.84
N PHE J 445 -79.87 4.07 46.83
CA PHE J 445 -79.48 3.40 48.06
C PHE J 445 -78.21 4.01 48.66
N PHE J 446 -77.23 4.27 47.80
CA PHE J 446 -75.98 4.87 48.27
C PHE J 446 -76.21 6.27 48.83
N LEU J 447 -77.02 7.09 48.14
CA LEU J 447 -77.31 8.42 48.64
C LEU J 447 -78.04 8.35 49.97
N SER J 448 -79.01 7.43 50.10
CA SER J 448 -79.73 7.30 51.37
C SER J 448 -78.80 6.83 52.48
N SER J 449 -77.88 5.93 52.17
CA SER J 449 -76.90 5.48 53.15
C SER J 449 -76.00 6.62 53.62
N LEU J 450 -75.55 7.46 52.68
CA LEU J 450 -74.76 8.63 53.07
C LEU J 450 -75.58 9.60 53.90
N LEU J 451 -76.84 9.82 53.50
CA LEU J 451 -77.72 10.80 54.14
C LEU J 451 -78.68 10.16 55.12
N GLN J 452 -78.23 9.10 55.81
CA GLN J 452 -79.11 8.40 56.75
C GLN J 452 -79.21 9.13 58.08
N SER J 453 -78.08 9.53 58.65
CA SER J 453 -78.04 10.15 59.96
C SER J 453 -78.23 11.66 59.90
N ARG J 454 -78.65 12.19 58.75
CA ARG J 454 -78.88 13.62 58.60
C ARG J 454 -80.34 14.01 58.82
N GLY J 455 -81.22 13.05 59.07
CA GLY J 455 -82.62 13.33 59.30
C GLY J 455 -83.51 12.11 59.21
N LEU J 461 -84.24 20.38 58.80
CA LEU J 461 -82.80 20.58 58.84
C LEU J 461 -82.18 20.29 57.47
N PHE J 462 -81.76 19.04 57.27
CA PHE J 462 -81.15 18.66 56.00
C PHE J 462 -82.18 18.55 54.88
N SER J 463 -83.47 18.48 55.21
CA SER J 463 -84.50 18.44 54.17
C SER J 463 -84.44 19.66 53.28
N ASP J 464 -84.13 20.82 53.87
CA ASP J 464 -83.94 22.03 53.06
C ASP J 464 -82.55 22.10 52.45
N TYR J 465 -81.53 21.55 53.12
CA TYR J 465 -80.19 21.60 52.56
C TYR J 465 -80.07 20.79 51.27
N LEU J 466 -80.67 19.60 51.26
CA LEU J 466 -80.65 18.78 50.05
C LEU J 466 -81.38 19.47 48.92
N GLN J 467 -82.53 20.09 49.21
CA GLN J 467 -83.27 20.81 48.18
C GLN J 467 -82.48 22.01 47.66
N GLY J 468 -81.80 22.74 48.55
CA GLY J 468 -81.01 23.87 48.11
C GLY J 468 -79.84 23.48 47.22
N LEU J 469 -79.12 22.42 47.59
CA LEU J 469 -78.04 21.93 46.74
C LEU J 469 -78.59 21.38 45.42
N CYS J 470 -79.73 20.69 45.49
CA CYS J 470 -80.36 20.12 44.31
C CYS J 470 -80.77 21.19 43.33
N SER J 471 -81.46 22.23 43.80
CA SER J 471 -82.03 23.23 42.91
C SER J 471 -80.99 24.12 42.29
N LEU J 472 -79.72 23.74 42.48
CA LEU J 472 -78.60 24.49 41.95
C LEU J 472 -77.61 23.59 41.23
N ALA J 473 -77.59 22.30 41.53
CA ALA J 473 -76.58 21.42 40.93
C ALA J 473 -76.87 21.26 39.44
N ALA J 474 -78.15 21.02 39.11
CA ALA J 474 -78.53 20.71 37.74
C ALA J 474 -78.24 21.88 36.80
N ASP J 475 -78.34 23.11 37.30
CA ASP J 475 -78.01 24.29 36.50
C ASP J 475 -76.57 24.28 36.00
N GLY J 476 -75.70 23.50 36.64
CA GLY J 476 -74.34 23.32 36.11
C GLY J 476 -74.33 22.85 34.68
N ILE J 477 -75.28 22.00 34.30
CA ILE J 477 -75.41 21.57 32.92
C ILE J 477 -76.60 22.20 32.23
N TRP J 478 -77.61 22.64 32.97
CA TRP J 478 -78.75 23.33 32.36
C TRP J 478 -78.34 24.68 31.80
N ASN J 479 -77.88 25.60 32.67
CA ASN J 479 -77.29 26.83 32.17
C ASN J 479 -75.93 26.59 31.55
N GLN J 480 -75.42 25.36 31.65
CA GLN J 480 -74.15 24.95 31.06
C GLN J 480 -73.00 25.76 31.64
N LYS J 481 -72.99 25.85 32.97
CA LYS J 481 -71.84 26.31 33.73
C LYS J 481 -71.53 25.18 34.70
N ILE J 482 -70.88 24.14 34.18
CA ILE J 482 -70.57 22.97 35.00
C ILE J 482 -69.69 23.34 36.18
N LEU J 483 -68.89 24.39 36.03
CA LEU J 483 -68.03 24.86 37.10
C LEU J 483 -68.81 25.84 37.98
N PHE J 484 -68.79 25.60 39.29
CA PHE J 484 -69.55 26.36 40.27
C PHE J 484 -68.84 27.61 40.78
N GLU J 485 -67.61 27.86 40.32
CA GLU J 485 -66.80 28.99 40.79
C GLU J 485 -66.63 28.92 42.31
N GLU J 486 -65.91 27.89 42.73
CA GLU J 486 -65.67 27.55 44.14
C GLU J 486 -66.97 27.53 44.93
N CYS J 487 -68.07 27.26 44.21
CA CYS J 487 -69.41 27.16 44.77
C CYS J 487 -69.87 28.51 45.34
N ASP J 488 -69.67 29.57 44.55
CA ASP J 488 -70.24 30.87 44.90
C ASP J 488 -71.73 30.95 44.60
N LEU J 489 -72.18 30.26 43.54
CA LEU J 489 -73.62 30.08 43.38
C LEU J 489 -74.21 29.33 44.57
N ARG J 490 -73.49 28.32 45.07
CA ARG J 490 -73.89 27.67 46.32
C ARG J 490 -73.84 28.63 47.50
N LYS J 491 -72.84 29.51 47.54
CA LYS J 491 -72.81 30.55 48.55
C LYS J 491 -74.08 31.39 48.52
N HIS J 492 -74.64 31.60 47.33
CA HIS J 492 -75.97 32.19 47.24
C HIS J 492 -77.05 31.22 47.72
N GLY J 493 -76.97 29.97 47.30
CA GLY J 493 -77.99 28.98 47.63
C GLY J 493 -77.56 27.98 48.69
N LEU J 494 -78.03 28.18 49.93
CA LEU J 494 -77.89 27.21 51.02
C LEU J 494 -76.42 26.89 51.29
N GLN J 495 -75.71 27.92 51.77
CA GLN J 495 -74.34 27.79 52.23
C GLN J 495 -74.35 27.76 53.75
N LYS J 496 -74.14 26.57 54.33
CA LYS J 496 -74.03 26.40 55.77
C LYS J 496 -72.90 25.41 56.04
N THR J 497 -72.85 24.91 57.28
CA THR J 497 -71.93 23.82 57.61
C THR J 497 -72.30 22.53 56.90
N ASP J 498 -73.53 22.44 56.39
CA ASP J 498 -73.89 21.30 55.55
C ASP J 498 -72.96 21.18 54.36
N VAL J 499 -72.49 22.30 53.82
CA VAL J 499 -71.53 22.26 52.71
C VAL J 499 -70.23 21.62 53.16
N SER J 500 -69.75 21.97 54.35
CA SER J 500 -68.55 21.35 54.89
C SER J 500 -68.75 19.85 55.07
N ALA J 501 -69.92 19.45 55.56
CA ALA J 501 -70.21 18.02 55.70
C ALA J 501 -70.22 17.31 54.35
N PHE J 502 -70.83 17.94 53.34
CA PHE J 502 -70.87 17.35 52.01
C PHE J 502 -69.46 17.18 51.44
N LEU J 503 -68.62 18.21 51.60
CA LEU J 503 -67.24 18.11 51.13
C LEU J 503 -66.47 17.05 51.89
N ARG J 504 -66.73 16.92 53.20
CA ARG J 504 -66.03 15.92 53.99
C ARG J 504 -66.40 14.49 53.57
N MET J 505 -67.68 14.25 53.28
CA MET J 505 -68.06 12.93 52.78
C MET J 505 -67.81 12.76 51.29
N ASN J 506 -67.46 13.83 50.58
CA ASN J 506 -67.23 13.84 49.14
C ASN J 506 -65.85 14.41 48.84
N VAL J 507 -64.82 13.87 49.51
CA VAL J 507 -63.46 14.41 49.48
C VAL J 507 -63.01 14.75 48.07
N PHE J 508 -63.53 14.06 47.05
CA PHE J 508 -63.13 14.29 45.67
C PHE J 508 -63.87 15.46 45.02
N GLN J 509 -64.40 16.39 45.81
CA GLN J 509 -65.13 17.54 45.27
C GLN J 509 -64.18 18.72 45.01
N LYS J 510 -63.49 19.18 46.05
CA LYS J 510 -62.62 20.35 45.95
C LYS J 510 -61.18 19.98 45.65
N GLU J 511 -60.72 18.82 46.14
CA GLU J 511 -59.31 18.48 46.10
C GLU J 511 -58.79 18.30 44.67
N VAL J 512 -59.68 17.93 43.74
CA VAL J 512 -59.23 17.70 42.36
C VAL J 512 -58.75 19.00 41.71
N ASP J 513 -59.34 20.14 42.09
CA ASP J 513 -58.92 21.41 41.52
C ASP J 513 -57.64 21.93 42.15
N CYS J 514 -57.39 21.62 43.41
CA CYS J 514 -56.11 21.71 44.12
C CYS J 514 -55.73 23.13 44.52
N GLU J 515 -56.45 24.16 44.07
CA GLU J 515 -56.11 25.52 44.50
C GLU J 515 -57.22 26.20 45.30
N ARG J 516 -58.41 26.39 44.72
CA ARG J 516 -59.52 26.99 45.44
C ARG J 516 -60.87 26.38 45.14
N PHE J 517 -60.99 25.55 44.11
CA PHE J 517 -62.23 25.41 43.37
C PHE J 517 -62.99 24.17 43.82
N TYR J 518 -64.32 24.23 43.67
CA TYR J 518 -65.22 23.19 44.15
C TYR J 518 -66.04 22.65 42.99
N SER J 519 -66.28 21.35 43.00
CA SER J 519 -66.97 20.68 41.89
C SER J 519 -67.52 19.35 42.40
N PHE J 520 -67.89 18.46 41.48
CA PHE J 520 -68.35 17.12 41.80
C PHE J 520 -67.35 16.10 41.30
N SER J 521 -67.58 14.83 41.64
CA SER J 521 -66.60 13.79 41.32
C SER J 521 -66.54 13.46 39.84
N HIS J 522 -67.62 12.89 39.29
CA HIS J 522 -67.71 12.62 37.85
C HIS J 522 -69.09 12.98 37.34
N MET J 523 -69.66 14.06 37.86
CA MET J 523 -70.90 14.67 37.35
C MET J 523 -72.06 13.67 37.28
N THR J 524 -71.87 12.48 37.81
CA THR J 524 -72.94 11.48 37.78
C THR J 524 -73.88 11.68 38.95
N PHE J 525 -73.33 11.90 40.14
CA PHE J 525 -74.18 12.36 41.23
C PHE J 525 -74.79 13.71 40.91
N GLN J 526 -74.10 14.54 40.12
CA GLN J 526 -74.69 15.79 39.65
C GLN J 526 -75.93 15.56 38.80
N GLU J 527 -75.87 14.59 37.87
CA GLU J 527 -77.06 14.31 37.08
C GLU J 527 -78.13 13.62 37.93
N PHE J 528 -77.71 12.87 38.95
CA PHE J 528 -78.68 12.31 39.88
C PHE J 528 -79.42 13.42 40.63
N PHE J 529 -78.68 14.45 41.04
CA PHE J 529 -79.32 15.61 41.65
C PHE J 529 -80.18 16.37 40.66
N ALA J 530 -79.83 16.34 39.38
CA ALA J 530 -80.69 16.94 38.36
C ALA J 530 -82.01 16.19 38.26
N ALA J 531 -81.97 14.87 38.35
CA ALA J 531 -83.21 14.08 38.43
C ALA J 531 -83.99 14.41 39.70
N MET J 532 -83.27 14.57 40.81
CA MET J 532 -83.88 15.03 42.06
C MET J 532 -84.60 16.35 41.88
N TYR J 533 -84.00 17.29 41.15
CA TYR J 533 -84.62 18.59 40.90
C TYR J 533 -86.06 18.43 40.40
N TYR J 534 -86.23 17.78 39.25
CA TYR J 534 -87.58 17.58 38.73
C TYR J 534 -88.42 16.72 39.67
N LEU J 535 -87.78 15.92 40.51
CA LEU J 535 -88.52 15.17 41.51
C LEU J 535 -89.14 16.11 42.54
N LEU J 536 -88.42 17.18 42.89
CA LEU J 536 -88.87 18.16 43.86
C LEU J 536 -89.48 19.37 43.14
N GLU J 537 -90.07 20.26 43.93
CA GLU J 537 -90.66 21.48 43.39
C GLU J 537 -90.77 22.56 44.46
N ARG J 558 -89.07 21.82 36.77
CA ARG J 558 -89.81 22.80 35.96
C ARG J 558 -90.56 22.15 34.82
N ASP J 559 -90.51 22.79 33.64
CA ASP J 559 -91.16 22.27 32.45
C ASP J 559 -90.36 21.12 31.83
N VAL J 560 -91.08 20.07 31.45
CA VAL J 560 -90.47 18.90 30.80
C VAL J 560 -90.37 19.07 29.29
N LYS J 561 -91.08 20.05 28.71
CA LYS J 561 -91.14 20.17 27.26
C LYS J 561 -89.76 20.46 26.68
N VAL J 562 -89.11 21.50 27.19
CA VAL J 562 -87.82 21.90 26.66
C VAL J 562 -86.75 20.86 26.93
N LEU J 563 -86.80 20.17 28.08
CA LEU J 563 -85.81 19.13 28.32
C LEU J 563 -85.94 18.00 27.30
N LEU J 564 -87.16 17.47 27.12
CA LEU J 564 -87.30 16.40 26.14
C LEU J 564 -87.03 16.84 24.71
N GLU J 565 -87.31 18.12 24.39
CA GLU J 565 -86.88 18.66 23.11
C GLU J 565 -85.36 18.67 22.98
N ASN J 566 -84.67 19.08 24.03
CA ASN J 566 -83.23 19.19 24.09
C ASN J 566 -82.53 17.85 24.39
N TYR J 567 -83.23 16.72 24.21
CA TYR J 567 -82.66 15.41 24.58
C TYR J 567 -81.45 15.06 23.75
N GLY J 568 -80.31 14.91 24.41
CA GLY J 568 -79.10 14.35 23.83
C GLY J 568 -78.23 15.33 23.11
N LYS J 569 -78.56 16.61 23.20
CA LYS J 569 -77.90 17.72 22.53
C LYS J 569 -76.57 17.96 23.24
N PHE J 570 -76.05 19.16 23.13
CA PHE J 570 -74.67 19.46 23.47
C PHE J 570 -74.63 20.82 24.15
N GLU J 571 -75.76 21.19 24.76
CA GLU J 571 -76.04 22.46 25.41
C GLU J 571 -76.36 22.25 26.88
N LYS J 572 -77.20 21.27 27.19
CA LYS J 572 -77.49 20.89 28.56
C LYS J 572 -76.72 19.65 29.02
N GLY J 573 -75.91 19.05 28.15
CA GLY J 573 -75.00 17.98 28.51
C GLY J 573 -75.49 16.56 28.28
N TYR J 574 -75.87 16.27 27.03
CA TYR J 574 -76.28 14.96 26.55
C TYR J 574 -77.55 14.42 27.21
N LEU J 575 -77.89 14.91 28.41
CA LEU J 575 -79.07 14.45 29.14
C LEU J 575 -79.16 12.93 29.27
N ILE J 576 -78.11 12.21 28.88
CA ILE J 576 -78.17 10.75 28.90
C ILE J 576 -78.44 10.24 30.31
N PHE J 577 -77.52 10.47 31.23
CA PHE J 577 -77.71 9.96 32.59
C PHE J 577 -78.85 10.67 33.27
N VAL J 578 -79.16 11.90 32.84
CA VAL J 578 -80.30 12.64 33.39
C VAL J 578 -81.58 11.84 33.17
N VAL J 579 -81.90 11.58 31.91
CA VAL J 579 -83.11 10.83 31.59
C VAL J 579 -83.00 9.40 32.12
N ARG J 580 -81.80 8.84 32.16
CA ARG J 580 -81.63 7.51 32.73
C ARG J 580 -82.14 7.46 34.17
N PHE J 581 -81.67 8.39 35.01
CA PHE J 581 -82.14 8.43 36.38
C PHE J 581 -83.60 8.84 36.46
N LEU J 582 -84.06 9.72 35.55
CA LEU J 582 -85.49 10.05 35.50
C LEU J 582 -86.35 8.80 35.35
N PHE J 583 -86.00 7.95 34.39
CA PHE J 583 -86.74 6.71 34.22
C PHE J 583 -86.57 5.80 35.42
N GLY J 584 -85.37 5.74 35.99
CA GLY J 584 -85.17 4.85 37.13
C GLY J 584 -86.06 5.26 38.29
N LEU J 585 -86.24 6.56 38.48
CA LEU J 585 -87.02 7.08 39.59
C LEU J 585 -88.53 6.96 39.35
N VAL J 586 -88.99 7.20 38.11
CA VAL J 586 -90.42 7.36 37.88
C VAL J 586 -91.17 6.06 38.11
N ASN J 587 -90.43 4.99 38.45
CA ASN J 587 -91.07 3.74 38.85
C ASN J 587 -92.00 4.06 40.00
N GLN J 588 -93.24 3.55 39.95
CA GLN J 588 -94.27 3.99 40.89
C GLN J 588 -93.92 3.68 42.35
N GLU J 589 -93.35 2.52 42.63
CA GLU J 589 -92.90 2.24 43.99
C GLU J 589 -91.84 3.23 44.47
N ARG J 590 -90.84 3.52 43.62
CA ARG J 590 -89.85 4.53 43.99
C ARG J 590 -90.47 5.92 44.09
N THR J 591 -91.48 6.20 43.26
CA THR J 591 -92.23 7.46 43.36
C THR J 591 -92.83 7.62 44.74
N SER J 592 -93.56 6.60 45.21
CA SER J 592 -94.16 6.68 46.54
C SER J 592 -93.09 6.79 47.61
N TYR J 593 -92.03 5.99 47.50
CA TYR J 593 -90.97 6.01 48.50
C TYR J 593 -90.34 7.39 48.61
N LEU J 594 -90.05 8.02 47.47
CA LEU J 594 -89.39 9.32 47.47
C LEU J 594 -90.36 10.43 47.87
N GLU J 595 -91.62 10.35 47.44
CA GLU J 595 -92.59 11.36 47.86
C GLU J 595 -92.84 11.29 49.36
N LYS J 596 -92.60 10.14 49.97
CA LYS J 596 -92.69 10.04 51.43
C LYS J 596 -91.40 10.45 52.11
N LYS J 597 -90.25 10.09 51.53
CA LYS J 597 -88.97 10.36 52.16
C LYS J 597 -88.60 11.84 52.10
N LEU J 598 -88.79 12.47 50.94
CA LEU J 598 -88.34 13.83 50.69
C LEU J 598 -89.42 14.87 50.92
N SER J 599 -90.63 14.45 51.31
CA SER J 599 -91.76 15.38 51.50
C SER J 599 -92.00 16.22 50.25
N CYS J 600 -91.90 15.59 49.08
CA CYS J 600 -91.95 16.29 47.80
C CYS J 600 -93.04 15.73 46.91
N LYS J 601 -93.66 16.61 46.14
CA LYS J 601 -94.64 16.26 45.13
C LYS J 601 -93.96 16.03 43.79
N ILE J 602 -94.31 14.95 43.11
CA ILE J 602 -93.77 14.64 41.80
C ILE J 602 -94.93 14.46 40.83
N SER J 603 -94.73 14.95 39.61
CA SER J 603 -95.77 14.97 38.59
C SER J 603 -95.79 13.64 37.84
N GLN J 604 -96.99 13.18 37.51
CA GLN J 604 -97.12 11.96 36.72
C GLN J 604 -97.24 12.26 35.24
N GLN J 605 -97.42 13.53 34.88
CA GLN J 605 -97.49 13.92 33.48
C GLN J 605 -96.24 13.49 32.73
N VAL J 606 -95.07 13.56 33.39
CA VAL J 606 -93.81 13.19 32.76
C VAL J 606 -93.88 11.76 32.21
N ARG J 607 -94.57 10.86 32.91
CA ARG J 607 -94.73 9.50 32.41
C ARG J 607 -95.34 9.52 31.01
N LEU J 608 -96.41 10.30 30.84
CA LEU J 608 -97.02 10.44 29.52
C LEU J 608 -96.05 11.09 28.56
N GLU J 609 -95.30 12.08 29.03
CA GLU J 609 -94.34 12.76 28.17
C GLU J 609 -93.36 11.75 27.58
N LEU J 610 -92.80 10.90 28.45
CA LEU J 610 -91.93 9.82 28.00
C LEU J 610 -92.61 8.95 26.95
N LEU J 611 -93.85 8.56 27.23
CA LEU J 611 -94.68 7.86 26.23
C LEU J 611 -94.64 8.56 24.87
N LYS J 612 -95.06 9.83 24.85
CA LYS J 612 -95.03 10.66 23.64
C LYS J 612 -93.67 10.59 22.97
N TRP J 613 -92.63 10.79 23.76
CA TRP J 613 -91.26 10.70 23.28
C TRP J 613 -91.03 9.38 22.55
N ILE J 614 -91.45 8.28 23.17
CA ILE J 614 -91.29 6.96 22.54
C ILE J 614 -91.98 6.88 21.17
N GLU J 615 -93.24 7.32 21.03
CA GLU J 615 -93.79 7.32 19.66
C GLU J 615 -92.96 8.20 18.72
N VAL J 616 -92.50 9.36 19.19
CA VAL J 616 -91.68 10.22 18.35
C VAL J 616 -90.42 9.49 17.87
N LYS J 617 -89.68 8.88 18.79
CA LYS J 617 -88.49 8.16 18.32
C LYS J 617 -88.85 6.89 17.57
N ALA J 618 -90.10 6.43 17.68
CA ALA J 618 -90.59 5.39 16.80
C ALA J 618 -90.67 5.89 15.38
N LYS J 619 -91.08 7.14 15.21
CA LYS J 619 -91.30 7.71 13.89
C LYS J 619 -90.06 8.43 13.37
N ALA J 620 -88.99 8.50 14.16
CA ALA J 620 -87.76 9.13 13.74
C ALA J 620 -87.02 8.15 12.83
N LYS J 621 -87.00 8.44 11.53
CA LYS J 621 -86.32 7.56 10.58
C LYS J 621 -84.81 7.71 10.59
N LYS J 622 -84.28 8.79 11.14
CA LYS J 622 -82.83 8.99 11.20
C LYS J 622 -82.29 8.42 12.51
N LEU J 623 -82.37 7.09 12.63
CA LEU J 623 -81.88 6.42 13.83
C LEU J 623 -80.37 6.19 13.83
N GLN J 624 -79.69 6.42 12.71
CA GLN J 624 -78.24 6.18 12.68
C GLN J 624 -77.47 7.27 13.39
N TRP J 625 -77.90 8.53 13.26
CA TRP J 625 -77.21 9.66 13.88
C TRP J 625 -77.99 10.27 15.03
N GLN J 626 -78.99 9.56 15.54
CA GLN J 626 -79.78 9.98 16.69
C GLN J 626 -79.68 8.87 17.73
N PRO J 627 -80.10 9.10 18.98
CA PRO J 627 -79.96 8.06 20.00
C PRO J 627 -80.69 6.77 19.61
N SER J 628 -80.04 5.65 19.90
CA SER J 628 -80.45 4.34 19.38
C SER J 628 -81.70 3.84 20.12
N GLN J 629 -82.03 2.58 19.86
CA GLN J 629 -83.02 1.84 20.65
C GLN J 629 -82.44 1.31 21.95
N LEU J 630 -81.11 1.31 22.09
CA LEU J 630 -80.49 0.66 23.24
C LEU J 630 -80.70 1.44 24.52
N GLU J 631 -80.57 2.77 24.46
CA GLU J 631 -80.81 3.56 25.66
C GLU J 631 -82.30 3.67 25.98
N LEU J 632 -83.17 3.61 24.97
CA LEU J 632 -84.58 3.46 25.26
C LEU J 632 -84.83 2.17 26.03
N PHE J 633 -84.19 1.07 25.61
CA PHE J 633 -84.32 -0.18 26.35
C PHE J 633 -83.79 -0.01 27.76
N TYR J 634 -82.65 0.68 27.90
CA TYR J 634 -82.11 1.00 29.22
C TYR J 634 -83.16 1.65 30.09
N CYS J 635 -83.82 2.68 29.56
CA CYS J 635 -84.77 3.45 30.34
C CYS J 635 -85.97 2.62 30.74
N LEU J 636 -86.59 1.93 29.76
CA LEU J 636 -87.76 1.13 30.07
C LEU J 636 -87.44 0.04 31.09
N TYR J 637 -86.25 -0.57 30.99
CA TYR J 637 -85.82 -1.50 32.03
C TYR J 637 -85.65 -0.78 33.36
N GLU J 638 -85.05 0.41 33.35
CA GLU J 638 -84.79 1.11 34.59
C GLU J 638 -86.08 1.55 35.27
N MET J 639 -87.19 1.59 34.52
CA MET J 639 -88.45 2.02 35.11
C MET J 639 -89.45 0.90 35.34
N GLN J 640 -89.14 -0.32 34.90
CA GLN J 640 -89.85 -1.53 35.35
C GLN J 640 -91.37 -1.42 35.44
N GLU J 641 -92.04 -0.85 34.45
CA GLU J 641 -93.50 -0.86 34.44
C GLU J 641 -94.00 -1.71 33.29
N GLU J 642 -94.89 -2.66 33.59
CA GLU J 642 -95.36 -3.61 32.59
C GLU J 642 -96.08 -2.90 31.46
N ASP J 643 -97.20 -2.25 31.77
CA ASP J 643 -98.03 -1.67 30.72
C ASP J 643 -97.27 -0.58 29.97
N PHE J 644 -96.44 0.19 30.68
CA PHE J 644 -95.66 1.23 30.04
C PHE J 644 -94.65 0.64 29.06
N VAL J 645 -93.95 -0.43 29.46
CA VAL J 645 -93.01 -1.06 28.55
C VAL J 645 -93.75 -1.66 27.35
N GLN J 646 -94.93 -2.24 27.59
CA GLN J 646 -95.73 -2.77 26.50
C GLN J 646 -96.09 -1.68 25.50
N SER J 647 -96.59 -0.54 25.99
CA SER J 647 -96.98 0.55 25.11
C SER J 647 -95.76 1.11 24.37
N ALA J 648 -94.62 1.19 25.06
CA ALA J 648 -93.40 1.67 24.42
C ALA J 648 -92.98 0.75 23.29
N MET J 649 -93.08 -0.56 23.51
CA MET J 649 -92.68 -1.51 22.47
C MET J 649 -93.70 -1.57 21.35
N ASP J 650 -94.97 -1.23 21.63
CA ASP J 650 -95.99 -1.27 20.59
C ASP J 650 -95.64 -0.36 19.42
N HIS J 651 -95.00 0.77 19.70
CA HIS J 651 -94.63 1.71 18.65
C HIS J 651 -93.51 1.19 17.76
N PHE J 652 -92.87 0.10 18.13
CA PHE J 652 -91.73 -0.44 17.38
C PHE J 652 -92.06 -1.83 16.89
N PRO J 653 -92.28 -2.03 15.59
CA PRO J 653 -92.54 -3.39 15.09
C PRO J 653 -91.27 -4.17 14.82
N LYS J 654 -90.11 -3.52 14.79
CA LYS J 654 -88.86 -4.18 14.46
C LYS J 654 -87.75 -3.57 15.31
N ILE J 655 -86.83 -4.41 15.77
CA ILE J 655 -85.81 -4.01 16.72
C ILE J 655 -84.46 -4.21 16.06
N GLU J 656 -83.58 -3.22 16.20
CA GLU J 656 -82.20 -3.30 15.72
C GLU J 656 -81.31 -2.80 16.85
N ILE J 657 -80.63 -3.72 17.52
CA ILE J 657 -79.68 -3.38 18.56
C ILE J 657 -78.42 -4.22 18.36
N ASN J 658 -77.37 -3.83 19.09
CA ASN J 658 -76.08 -4.52 19.01
C ASN J 658 -75.55 -4.62 20.44
N LEU J 659 -75.55 -5.83 20.97
CA LEU J 659 -75.21 -6.03 22.37
C LEU J 659 -73.71 -5.88 22.58
N SER J 660 -73.34 -5.12 23.61
CA SER J 660 -71.96 -5.00 24.06
C SER J 660 -71.77 -5.38 25.50
N THR J 661 -72.70 -5.00 26.38
CA THR J 661 -72.66 -5.38 27.78
C THR J 661 -73.70 -6.44 28.10
N ARG J 662 -73.43 -7.18 29.18
CA ARG J 662 -74.46 -8.05 29.70
C ARG J 662 -75.64 -7.22 30.20
N MET J 663 -75.38 -5.97 30.59
CA MET J 663 -76.47 -5.05 30.87
C MET J 663 -77.30 -4.84 29.61
N ASP J 664 -76.66 -4.80 28.45
CA ASP J 664 -77.40 -4.75 27.20
C ASP J 664 -78.25 -6.00 27.04
N HIS J 665 -77.67 -7.17 27.34
CA HIS J 665 -78.43 -8.40 27.25
C HIS J 665 -79.65 -8.38 28.16
N VAL J 666 -79.48 -7.94 29.40
CA VAL J 666 -80.58 -7.97 30.36
C VAL J 666 -81.68 -6.99 29.93
N VAL J 667 -81.30 -5.77 29.54
CA VAL J 667 -82.34 -4.80 29.17
C VAL J 667 -83.06 -5.27 27.91
N SER J 668 -82.33 -5.88 26.97
CA SER J 668 -82.98 -6.41 25.78
C SER J 668 -83.95 -7.53 26.16
N SER J 669 -83.53 -8.42 27.06
CA SER J 669 -84.43 -9.48 27.50
C SER J 669 -85.68 -8.90 28.13
N PHE J 670 -85.50 -7.91 29.02
CA PHE J 670 -86.64 -7.32 29.71
C PHE J 670 -87.62 -6.70 28.72
N CYS J 671 -87.12 -5.86 27.82
CA CYS J 671 -88.03 -5.21 26.88
C CYS J 671 -88.70 -6.22 25.97
N ILE J 672 -87.93 -7.19 25.44
CA ILE J 672 -88.47 -8.10 24.45
C ILE J 672 -89.47 -9.05 25.08
N LYS J 673 -89.29 -9.42 26.35
CA LYS J 673 -90.32 -10.27 26.95
C LYS J 673 -91.61 -9.52 27.23
N ASN J 674 -91.71 -8.25 26.85
CA ASN J 674 -92.92 -7.45 27.02
C ASN J 674 -93.29 -6.77 25.72
N CYS J 675 -93.29 -7.54 24.63
CA CYS J 675 -93.61 -7.03 23.31
C CYS J 675 -94.79 -7.80 22.74
N HIS J 676 -95.68 -7.07 22.06
CA HIS J 676 -96.79 -7.70 21.36
C HIS J 676 -96.93 -7.14 19.95
N ARG J 677 -96.51 -5.89 19.74
CA ARG J 677 -96.50 -5.26 18.42
C ARG J 677 -95.10 -5.19 17.82
N VAL J 678 -94.28 -6.20 18.07
CA VAL J 678 -92.94 -6.29 17.47
C VAL J 678 -92.93 -7.50 16.55
N LYS J 679 -92.63 -7.28 15.28
CA LYS J 679 -92.61 -8.38 14.31
C LYS J 679 -91.23 -8.97 14.18
N THR J 680 -90.27 -8.18 13.71
CA THR J 680 -88.93 -8.69 13.42
C THR J 680 -87.98 -8.34 14.56
N LEU J 681 -87.12 -9.29 14.91
CA LEU J 681 -86.15 -9.13 15.99
C LEU J 681 -84.76 -9.42 15.45
N SER J 682 -84.09 -8.36 15.00
CA SER J 682 -82.71 -8.46 14.55
C SER J 682 -81.80 -8.07 15.71
N LEU J 683 -80.78 -8.88 15.95
CA LEU J 683 -79.91 -8.69 17.11
C LEU J 683 -78.47 -8.72 16.66
N GLY J 684 -77.69 -7.76 17.14
CA GLY J 684 -76.27 -7.68 16.87
C GLY J 684 -75.39 -8.14 18.00
N PHE J 685 -74.84 -9.35 17.91
CA PHE J 685 -74.01 -9.87 18.98
C PHE J 685 -72.59 -9.37 18.75
N PHE J 686 -72.01 -8.77 19.80
CA PHE J 686 -70.62 -8.31 19.77
C PHE J 686 -69.90 -8.82 21.01
N HIS J 687 -69.35 -10.03 20.91
CA HIS J 687 -68.61 -10.63 22.02
C HIS J 687 -67.17 -10.13 22.06
N LEU J 726 -71.40 -19.31 27.74
CA LEU J 726 -71.77 -18.01 28.28
C LEU J 726 -72.95 -17.41 27.51
N THR J 727 -72.79 -17.27 26.19
CA THR J 727 -73.86 -16.72 25.37
C THR J 727 -75.07 -17.65 25.33
N SER J 728 -74.89 -18.91 25.72
CA SER J 728 -75.99 -19.87 25.76
C SER J 728 -77.16 -19.32 26.56
N SER J 729 -76.95 -19.08 27.87
CA SER J 729 -78.04 -18.60 28.70
C SER J 729 -78.50 -17.19 28.30
N PHE J 730 -77.59 -16.32 27.85
CA PHE J 730 -78.00 -15.00 27.41
C PHE J 730 -79.04 -15.08 26.31
N CYS J 731 -78.66 -15.64 25.16
CA CYS J 731 -79.60 -15.74 24.05
C CYS J 731 -80.79 -16.62 24.40
N ARG J 732 -80.61 -17.60 25.30
CA ARG J 732 -81.73 -18.41 25.75
C ARG J 732 -82.78 -17.53 26.41
N GLY J 733 -82.35 -16.58 27.25
CA GLY J 733 -83.28 -15.60 27.78
C GLY J 733 -83.84 -14.71 26.69
N LEU J 734 -82.97 -14.28 25.78
CA LEU J 734 -83.38 -13.37 24.72
C LEU J 734 -84.53 -13.95 23.91
N PHE J 735 -84.58 -15.28 23.78
CA PHE J 735 -85.58 -15.90 22.94
C PHE J 735 -86.62 -16.67 23.74
N SER J 736 -86.43 -16.83 25.05
CA SER J 736 -87.57 -17.09 25.92
C SER J 736 -88.47 -15.86 26.00
N SER J 737 -87.87 -14.68 25.85
CA SER J 737 -88.68 -13.50 25.56
C SER J 737 -89.51 -13.69 24.29
N LEU J 738 -88.96 -14.37 23.28
CA LEU J 738 -89.77 -14.71 22.12
C LEU J 738 -90.81 -15.77 22.45
N SER J 739 -90.49 -16.66 23.37
CA SER J 739 -91.49 -17.60 23.88
C SER J 739 -92.65 -16.88 24.58
N THR J 740 -92.42 -15.66 25.07
CA THR J 740 -93.52 -14.83 25.52
C THR J 740 -94.05 -13.90 24.43
N ASN J 741 -93.32 -13.76 23.32
CA ASN J 741 -93.75 -13.02 22.14
C ASN J 741 -94.66 -13.82 21.22
N ARG J 742 -95.29 -14.87 21.74
CA ARG J 742 -96.23 -15.70 21.00
C ARG J 742 -97.36 -14.92 20.33
N SER J 743 -97.54 -13.65 20.69
CA SER J 743 -98.47 -12.82 19.95
C SER J 743 -98.09 -12.75 18.48
N LEU J 744 -96.83 -12.39 18.19
CA LEU J 744 -96.30 -12.40 16.84
C LEU J 744 -94.82 -12.07 16.92
N THR J 745 -94.03 -12.70 16.04
CA THR J 745 -92.60 -12.44 16.02
C THR J 745 -92.04 -12.89 14.68
N GLU J 746 -90.86 -12.36 14.36
CA GLU J 746 -90.03 -12.74 13.23
C GLU J 746 -88.58 -12.51 13.67
N LEU J 747 -87.65 -13.28 13.12
CA LEU J 747 -86.30 -13.29 13.67
C LEU J 747 -85.27 -13.16 12.57
N ASP J 748 -84.20 -12.43 12.88
CA ASP J 748 -82.99 -12.38 12.08
C ASP J 748 -81.79 -12.45 13.00
N LEU J 749 -80.82 -13.27 12.63
CA LEU J 749 -79.49 -13.29 13.25
C LEU J 749 -78.50 -13.47 12.11
N SER J 750 -78.05 -12.35 11.54
CA SER J 750 -77.17 -12.38 10.39
C SER J 750 -75.90 -11.59 10.69
N ASP J 751 -74.83 -11.96 10.01
CA ASP J 751 -73.52 -11.30 10.15
C ASP J 751 -73.07 -11.27 11.59
N ASN J 752 -73.41 -12.32 12.35
CA ASN J 752 -73.01 -12.46 13.74
C ASN J 752 -72.55 -13.89 14.02
N THR J 753 -71.41 -14.02 14.68
CA THR J 753 -70.76 -15.31 14.86
C THR J 753 -71.38 -16.04 16.05
N LEU J 754 -72.34 -16.92 15.77
CA LEU J 754 -72.87 -17.80 16.81
C LEU J 754 -71.88 -18.92 17.08
N GLY J 755 -71.35 -18.97 18.30
CA GLY J 755 -70.30 -19.91 18.64
C GLY J 755 -70.81 -21.34 18.63
N ASP J 756 -69.96 -22.24 19.15
CA ASP J 756 -70.37 -23.64 19.27
C ASP J 756 -71.68 -23.82 20.03
N PRO J 757 -71.90 -23.19 21.19
CA PRO J 757 -73.26 -23.11 21.72
C PRO J 757 -74.08 -21.97 21.13
N GLY J 758 -73.47 -21.10 20.32
CA GLY J 758 -74.25 -20.16 19.55
C GLY J 758 -75.18 -20.86 18.57
N MET J 759 -74.74 -21.98 18.03
CA MET J 759 -75.65 -22.90 17.35
C MET J 759 -76.69 -23.42 18.33
N ARG J 760 -76.27 -23.74 19.55
CA ARG J 760 -77.17 -24.38 20.50
C ARG J 760 -78.27 -23.46 20.97
N VAL J 761 -78.07 -22.14 20.91
CA VAL J 761 -79.18 -21.28 21.26
C VAL J 761 -80.22 -21.32 20.14
N LEU J 762 -81.45 -20.99 20.52
CA LEU J 762 -82.56 -20.87 19.58
C LEU J 762 -83.00 -22.24 19.08
N CYS J 763 -82.23 -23.28 19.39
CA CYS J 763 -82.74 -24.62 19.13
C CYS J 763 -83.67 -25.06 20.25
N GLU J 764 -83.16 -25.08 21.49
CA GLU J 764 -84.06 -25.32 22.61
C GLU J 764 -85.20 -24.32 22.63
N ALA J 765 -84.95 -23.09 22.18
CA ALA J 765 -86.03 -22.11 22.06
C ALA J 765 -87.09 -22.55 21.05
N LEU J 766 -86.67 -22.98 19.86
CA LEU J 766 -87.69 -23.48 18.95
C LEU J 766 -88.25 -24.83 19.37
N GLN J 767 -87.64 -25.51 20.32
CA GLN J 767 -88.05 -26.84 20.73
C GLN J 767 -89.26 -26.86 21.66
N HIS J 768 -89.85 -25.71 21.96
CA HIS J 768 -91.10 -25.80 22.69
C HIS J 768 -92.25 -25.34 21.81
N PRO J 769 -93.42 -25.96 21.94
CA PRO J 769 -94.53 -25.56 21.08
C PRO J 769 -95.05 -24.18 21.39
N GLY J 770 -96.12 -23.77 20.71
CA GLY J 770 -96.66 -22.43 20.87
C GLY J 770 -96.71 -21.70 19.54
N CYS J 771 -96.53 -20.39 19.60
CA CYS J 771 -96.37 -19.56 18.42
C CYS J 771 -94.91 -19.11 18.37
N ASN J 772 -94.20 -19.56 17.34
CA ASN J 772 -92.77 -19.30 17.17
C ASN J 772 -92.52 -18.60 15.84
N ILE J 773 -91.25 -18.53 15.47
CA ILE J 773 -90.83 -17.69 14.35
C ILE J 773 -91.34 -18.29 13.04
N GLN J 774 -92.00 -17.46 12.24
CA GLN J 774 -92.38 -17.89 10.91
C GLN J 774 -91.18 -18.05 9.99
N ARG J 775 -90.10 -17.31 10.22
CA ARG J 775 -89.04 -17.25 9.23
C ARG J 775 -87.70 -16.99 9.89
N LEU J 776 -86.82 -17.99 9.85
CA LEU J 776 -85.55 -17.94 10.56
C LEU J 776 -84.44 -17.58 9.59
N TRP J 777 -83.57 -16.65 9.99
CA TRP J 777 -82.46 -16.20 9.15
C TRP J 777 -81.13 -16.46 9.85
N LEU J 778 -80.23 -17.17 9.18
CA LEU J 778 -78.85 -17.33 9.64
C LEU J 778 -77.98 -17.11 8.40
N GLY J 779 -77.66 -15.86 8.11
CA GLY J 779 -76.91 -15.57 6.91
C GLY J 779 -75.59 -14.90 7.21
N ARG J 780 -74.53 -15.39 6.58
CA ARG J 780 -73.16 -14.94 6.83
C ARG J 780 -72.76 -15.07 8.29
N CYS J 781 -73.58 -15.73 9.10
CA CYS J 781 -73.27 -15.90 10.50
C CYS J 781 -72.12 -16.88 10.69
N GLY J 782 -71.35 -16.66 11.76
CA GLY J 782 -70.38 -17.64 12.16
C GLY J 782 -71.09 -18.95 12.45
N LEU J 783 -70.97 -19.92 11.55
CA LEU J 783 -71.76 -21.12 11.67
C LEU J 783 -70.98 -22.27 11.05
N SER J 784 -71.28 -23.49 11.48
CA SER J 784 -70.52 -24.64 11.03
C SER J 784 -71.43 -25.86 10.99
N HIS J 785 -70.82 -27.03 10.90
CA HIS J 785 -71.58 -28.27 10.72
C HIS J 785 -72.47 -28.56 11.93
N GLN J 786 -72.06 -28.12 13.11
CA GLN J 786 -72.74 -28.52 14.34
C GLN J 786 -74.22 -28.12 14.32
N CYS J 787 -74.52 -26.94 13.78
CA CYS J 787 -75.90 -26.45 13.75
C CYS J 787 -76.83 -27.42 13.04
N CYS J 788 -76.30 -28.21 12.12
CA CYS J 788 -77.13 -28.99 11.22
C CYS J 788 -78.10 -29.91 11.96
N PHE J 789 -77.58 -30.85 12.75
CA PHE J 789 -78.44 -31.69 13.58
C PHE J 789 -79.41 -30.88 14.44
N ASP J 790 -78.91 -29.88 15.14
CA ASP J 790 -79.76 -28.96 15.91
C ASP J 790 -80.95 -28.47 15.10
N ILE J 791 -80.67 -27.82 13.97
CA ILE J 791 -81.74 -27.24 13.18
C ILE J 791 -82.63 -28.33 12.63
N SER J 792 -82.08 -29.49 12.27
CA SER J 792 -82.93 -30.61 11.86
C SER J 792 -83.95 -30.93 12.95
N SER J 793 -83.48 -30.99 14.19
CA SER J 793 -84.36 -31.25 15.32
C SER J 793 -85.47 -30.22 15.40
N VAL J 794 -85.11 -28.93 15.33
CA VAL J 794 -86.13 -27.91 15.44
C VAL J 794 -87.03 -27.87 14.21
N LEU J 795 -86.49 -28.18 13.03
CA LEU J 795 -87.30 -28.31 11.83
C LEU J 795 -88.29 -29.46 11.95
N SER J 796 -87.98 -30.45 12.78
CA SER J 796 -88.94 -31.49 13.09
C SER J 796 -89.98 -31.02 14.10
N SER J 797 -89.54 -30.34 15.16
CA SER J 797 -90.44 -30.02 16.26
C SER J 797 -91.20 -28.71 16.05
N SER J 798 -90.85 -27.95 15.02
CA SER J 798 -91.46 -26.66 14.71
C SER J 798 -92.66 -26.84 13.80
N GLN J 799 -93.78 -26.25 14.20
CA GLN J 799 -94.96 -26.14 13.35
C GLN J 799 -95.26 -24.70 12.95
N LYS J 800 -94.31 -23.78 13.15
CA LYS J 800 -94.53 -22.38 12.79
C LYS J 800 -93.54 -21.86 11.76
N LEU J 801 -92.33 -22.40 11.69
CA LEU J 801 -91.36 -21.93 10.72
C LEU J 801 -91.87 -22.20 9.31
N VAL J 802 -91.72 -21.22 8.43
CA VAL J 802 -92.12 -21.46 7.05
C VAL J 802 -90.90 -21.32 6.15
N GLU J 803 -89.93 -20.50 6.54
CA GLU J 803 -88.68 -20.50 5.80
C GLU J 803 -87.52 -20.50 6.78
N LEU J 804 -86.38 -21.01 6.31
CA LEU J 804 -85.15 -20.97 7.08
C LEU J 804 -83.99 -20.75 6.13
N ASP J 805 -83.19 -19.75 6.43
CA ASP J 805 -82.08 -19.36 5.58
C ASP J 805 -80.76 -19.74 6.23
N LEU J 806 -79.84 -20.26 5.42
CA LEU J 806 -78.49 -20.62 5.83
C LEU J 806 -77.58 -20.07 4.75
N SER J 807 -77.15 -18.83 4.92
CA SER J 807 -76.41 -18.12 3.88
C SER J 807 -74.97 -17.88 4.32
N ASP J 808 -74.04 -18.03 3.36
CA ASP J 808 -72.64 -17.66 3.54
C ASP J 808 -72.01 -18.31 4.76
N ASN J 809 -72.66 -19.36 5.27
CA ASN J 809 -72.24 -20.05 6.48
C ASN J 809 -71.65 -21.41 6.13
N ALA J 810 -70.56 -21.76 6.81
CA ALA J 810 -69.74 -22.91 6.44
C ALA J 810 -70.42 -24.22 6.83
N LEU J 811 -71.58 -24.46 6.22
CA LEU J 811 -72.27 -25.73 6.33
C LEU J 811 -71.76 -26.62 5.20
N GLY J 812 -70.55 -27.13 5.39
CA GLY J 812 -69.82 -27.75 4.30
C GLY J 812 -70.55 -28.90 3.63
N ASP J 813 -70.68 -30.03 4.29
CA ASP J 813 -71.40 -31.15 3.70
C ASP J 813 -71.73 -32.11 4.83
N PHE J 814 -72.68 -33.00 4.57
CA PHE J 814 -73.14 -34.03 5.50
C PHE J 814 -73.93 -33.37 6.62
N GLY J 815 -73.86 -32.05 6.66
CA GLY J 815 -74.74 -31.28 7.48
C GLY J 815 -75.92 -30.95 6.62
N ILE J 816 -75.69 -30.93 5.31
CA ILE J 816 -76.82 -30.90 4.41
C ILE J 816 -77.60 -32.21 4.54
N ARG J 817 -76.89 -33.32 4.81
CA ARG J 817 -77.61 -34.54 5.13
C ARG J 817 -78.40 -34.40 6.41
N LEU J 818 -77.80 -33.81 7.46
CA LEU J 818 -78.58 -33.63 8.67
C LEU J 818 -79.80 -32.76 8.42
N LEU J 819 -79.62 -31.69 7.65
CA LEU J 819 -80.72 -30.83 7.22
C LEU J 819 -81.82 -31.62 6.54
N CYS J 820 -81.45 -32.44 5.56
CA CYS J 820 -82.47 -33.10 4.76
C CYS J 820 -83.18 -34.17 5.55
N VAL J 821 -82.47 -34.88 6.43
CA VAL J 821 -83.15 -35.89 7.23
C VAL J 821 -84.10 -35.21 8.21
N GLY J 822 -83.70 -34.07 8.78
CA GLY J 822 -84.61 -33.30 9.61
C GLY J 822 -85.84 -32.83 8.85
N LEU J 823 -85.64 -32.41 7.60
CA LEU J 823 -86.78 -31.97 6.79
C LEU J 823 -87.74 -33.11 6.51
N LYS J 824 -87.23 -34.24 6.01
CA LYS J 824 -88.13 -35.27 5.53
C LYS J 824 -88.74 -36.08 6.65
N HIS J 825 -88.03 -36.29 7.76
CA HIS J 825 -88.44 -37.30 8.73
C HIS J 825 -89.82 -36.97 9.30
N LEU J 826 -90.05 -35.72 9.65
CA LEU J 826 -91.36 -35.29 10.15
C LEU J 826 -92.08 -34.52 9.04
N LEU J 827 -93.24 -33.99 9.39
CA LEU J 827 -94.03 -33.16 8.49
C LEU J 827 -93.87 -31.69 8.90
N CYS J 828 -93.14 -30.94 8.09
CA CYS J 828 -92.82 -29.54 8.39
C CYS J 828 -93.35 -28.63 7.29
N ASN J 829 -93.84 -27.46 7.69
CA ASN J 829 -94.42 -26.50 6.77
C ASN J 829 -93.36 -25.49 6.29
N LEU J 830 -92.29 -26.04 5.72
CA LEU J 830 -91.19 -25.22 5.23
C LEU J 830 -91.46 -24.78 3.79
N GLN J 831 -91.15 -23.52 3.50
CA GLN J 831 -91.43 -22.91 2.22
C GLN J 831 -90.17 -22.54 1.45
N LYS J 832 -89.27 -21.79 2.06
CA LYS J 832 -87.99 -21.48 1.46
C LYS J 832 -86.93 -22.41 2.01
N LEU J 833 -85.81 -22.52 1.30
CA LEU J 833 -84.65 -23.24 1.78
C LEU J 833 -83.48 -22.73 0.97
N TRP J 834 -82.59 -21.98 1.62
CA TRP J 834 -81.48 -21.33 0.96
C TRP J 834 -80.18 -21.99 1.41
N LEU J 835 -79.48 -22.62 0.48
CA LEU J 835 -78.15 -23.15 0.73
C LEU J 835 -77.11 -22.35 -0.05
N VAL J 836 -77.39 -21.07 -0.26
CA VAL J 836 -76.54 -20.24 -1.10
C VAL J 836 -75.16 -20.11 -0.47
N SER J 837 -74.13 -20.34 -1.29
CA SER J 837 -72.75 -20.14 -0.90
C SER J 837 -72.35 -20.99 0.30
N CYS J 838 -73.07 -22.07 0.54
CA CYS J 838 -72.65 -23.07 1.52
C CYS J 838 -71.75 -24.08 0.81
N CYS J 839 -70.52 -24.24 1.33
CA CYS J 839 -69.48 -24.91 0.57
C CYS J 839 -69.78 -26.41 0.56
N LEU J 840 -70.74 -26.80 -0.27
CA LEU J 840 -71.08 -28.19 -0.46
C LEU J 840 -70.66 -28.67 -1.84
N THR J 841 -70.83 -29.96 -2.07
CA THR J 841 -70.50 -30.61 -3.33
C THR J 841 -71.70 -31.41 -3.81
N SER J 842 -71.54 -32.01 -4.99
CA SER J 842 -72.59 -32.82 -5.58
C SER J 842 -72.93 -34.03 -4.71
N ALA J 843 -72.04 -34.41 -3.80
CA ALA J 843 -72.22 -35.62 -3.01
C ALA J 843 -73.40 -35.55 -2.05
N CYS J 844 -74.04 -34.39 -1.91
CA CYS J 844 -75.24 -34.26 -1.10
C CYS J 844 -76.48 -33.97 -1.93
N CYS J 845 -76.30 -33.63 -3.21
CA CYS J 845 -77.45 -33.30 -4.05
C CYS J 845 -78.45 -34.44 -4.10
N GLN J 846 -77.98 -35.69 -4.03
CA GLN J 846 -78.91 -36.81 -4.06
C GLN J 846 -79.84 -36.75 -2.86
N ASP J 847 -79.29 -36.44 -1.69
CA ASP J 847 -80.09 -36.28 -0.49
C ASP J 847 -81.04 -35.11 -0.63
N LEU J 848 -80.58 -34.01 -1.24
CA LEU J 848 -81.51 -32.91 -1.51
C LEU J 848 -82.68 -33.38 -2.36
N ALA J 849 -82.41 -34.19 -3.37
CA ALA J 849 -83.47 -34.69 -4.24
C ALA J 849 -84.41 -35.61 -3.47
N LEU J 850 -83.86 -36.45 -2.59
CA LEU J 850 -84.71 -37.33 -1.79
C LEU J 850 -85.66 -36.51 -0.93
N VAL J 851 -85.13 -35.52 -0.21
CA VAL J 851 -86.01 -34.73 0.66
C VAL J 851 -86.99 -33.92 -0.17
N LEU J 852 -86.57 -33.44 -1.34
CA LEU J 852 -87.49 -32.70 -2.20
C LEU J 852 -88.62 -33.58 -2.69
N SER J 853 -88.31 -34.83 -3.05
CA SER J 853 -89.35 -35.77 -3.45
C SER J 853 -90.30 -36.07 -2.30
N SER J 854 -89.75 -36.30 -1.11
CA SER J 854 -90.58 -36.65 0.03
C SER J 854 -91.52 -35.49 0.40
N ASN J 855 -90.95 -34.33 0.67
CA ASN J 855 -91.73 -33.18 1.09
C ASN J 855 -92.42 -32.52 -0.09
N HIS J 856 -93.53 -31.86 0.19
CA HIS J 856 -94.22 -31.03 -0.77
C HIS J 856 -94.38 -29.59 -0.32
N SER J 857 -94.27 -29.32 0.98
CA SER J 857 -94.36 -27.95 1.47
C SER J 857 -93.25 -27.08 0.90
N LEU J 858 -92.03 -27.61 0.87
CA LEU J 858 -90.91 -26.86 0.33
C LEU J 858 -91.09 -26.68 -1.18
N THR J 859 -91.04 -25.43 -1.61
CA THR J 859 -91.20 -25.11 -3.02
C THR J 859 -90.26 -24.06 -3.54
N ARG J 860 -89.32 -23.58 -2.73
CA ARG J 860 -88.46 -22.46 -3.08
C ARG J 860 -87.07 -22.79 -2.55
N LEU J 861 -86.20 -23.30 -3.42
CA LEU J 861 -84.97 -23.97 -2.99
C LEU J 861 -83.77 -23.33 -3.69
N TYR J 862 -83.24 -22.27 -3.10
CA TYR J 862 -81.99 -21.70 -3.59
C TYR J 862 -80.81 -22.56 -3.16
N ILE J 863 -79.93 -22.86 -4.11
CA ILE J 863 -78.67 -23.52 -3.84
C ILE J 863 -77.56 -22.60 -4.35
N GLY J 864 -77.80 -21.30 -4.27
CA GLY J 864 -77.09 -20.32 -5.08
C GLY J 864 -75.58 -20.41 -5.16
N GLU J 865 -75.12 -20.77 -6.36
CA GLU J 865 -73.73 -20.65 -6.79
C GLU J 865 -72.73 -21.01 -5.68
N ASN J 866 -73.01 -22.13 -5.04
CA ASN J 866 -72.06 -22.79 -4.14
C ASN J 866 -71.13 -23.69 -4.94
N ALA J 867 -70.43 -24.60 -4.27
CA ALA J 867 -69.39 -25.38 -4.95
C ALA J 867 -69.92 -26.72 -5.49
N LEU J 868 -71.00 -26.70 -6.26
CA LEU J 868 -71.44 -27.91 -6.96
C LEU J 868 -71.46 -27.65 -8.47
N GLY J 869 -71.93 -28.65 -9.21
CA GLY J 869 -72.06 -28.52 -10.64
C GLY J 869 -72.48 -29.81 -11.32
N ASP J 870 -71.77 -30.18 -12.38
CA ASP J 870 -71.98 -31.45 -13.05
C ASP J 870 -71.78 -32.61 -12.07
N SER J 871 -72.17 -33.80 -12.52
CA SER J 871 -72.09 -35.07 -11.81
C SER J 871 -73.14 -35.16 -10.72
N GLY J 872 -73.78 -34.05 -10.40
CA GLY J 872 -75.06 -34.04 -9.75
C GLY J 872 -76.21 -34.03 -10.72
N VAL J 873 -75.89 -34.01 -12.02
CA VAL J 873 -76.86 -33.69 -13.06
C VAL J 873 -78.03 -34.67 -13.08
N GLN J 874 -77.74 -35.97 -12.96
CA GLN J 874 -78.81 -36.96 -12.90
C GLN J 874 -79.74 -36.69 -11.72
N VAL J 875 -79.16 -36.36 -10.57
CA VAL J 875 -79.96 -35.99 -9.41
C VAL J 875 -80.77 -34.73 -9.69
N LEU J 876 -80.14 -33.72 -10.29
CA LEU J 876 -80.83 -32.48 -10.64
C LEU J 876 -82.09 -32.78 -11.43
N CYS J 877 -81.96 -33.65 -12.43
CA CYS J 877 -83.13 -34.03 -13.22
C CYS J 877 -84.13 -34.77 -12.35
N GLU J 878 -83.70 -35.84 -11.68
CA GLU J 878 -84.66 -36.72 -11.05
C GLU J 878 -85.33 -36.10 -9.82
N LYS J 879 -84.86 -34.93 -9.36
CA LYS J 879 -85.66 -34.16 -8.43
C LYS J 879 -87.08 -33.98 -8.94
N MET J 880 -87.21 -33.53 -10.18
CA MET J 880 -88.49 -33.13 -10.75
C MET J 880 -88.92 -34.06 -11.87
N LYS J 881 -88.45 -35.31 -11.87
CA LYS J 881 -88.71 -36.22 -12.98
C LYS J 881 -90.19 -36.47 -13.18
N ASP J 882 -91.01 -36.22 -12.16
CA ASP J 882 -92.45 -36.36 -12.24
C ASP J 882 -93.12 -35.04 -11.91
N PRO J 883 -94.42 -34.90 -12.18
CA PRO J 883 -95.14 -33.72 -11.70
C PRO J 883 -95.33 -33.73 -10.19
N GLN J 884 -96.16 -32.80 -9.71
CA GLN J 884 -96.52 -32.66 -8.29
C GLN J 884 -95.29 -32.57 -7.39
N CYS J 885 -94.17 -32.11 -7.95
CA CYS J 885 -92.99 -31.85 -7.12
C CYS J 885 -93.18 -30.60 -6.28
N ASN J 886 -93.83 -29.58 -6.85
CA ASN J 886 -94.11 -28.32 -6.16
C ASN J 886 -92.82 -27.63 -5.72
N LEU J 887 -92.03 -27.23 -6.72
CA LEU J 887 -90.80 -26.46 -6.51
C LEU J 887 -90.84 -25.25 -7.44
N GLN J 888 -91.40 -24.13 -6.99
CA GLN J 888 -91.64 -23.00 -7.90
C GLN J 888 -90.33 -22.49 -8.46
N LYS J 889 -89.48 -21.90 -7.61
CA LYS J 889 -88.20 -21.37 -8.06
C LYS J 889 -87.08 -22.31 -7.67
N LEU J 890 -86.03 -22.29 -8.48
CA LEU J 890 -84.86 -23.14 -8.25
C LEU J 890 -83.66 -22.34 -8.76
N GLY J 891 -83.02 -21.62 -7.85
CA GLY J 891 -81.77 -20.98 -8.18
C GLY J 891 -80.68 -22.00 -8.44
N LEU J 892 -79.78 -21.65 -9.33
CA LEU J 892 -78.72 -22.58 -9.71
C LEU J 892 -77.34 -21.99 -9.44
N VAL J 893 -76.34 -22.74 -9.88
CA VAL J 893 -75.00 -22.71 -9.33
C VAL J 893 -74.01 -22.47 -10.45
N ASN J 894 -72.83 -21.97 -10.09
CA ASN J 894 -71.72 -21.95 -11.03
C ASN J 894 -71.33 -23.40 -11.29
N SER J 895 -71.78 -23.94 -12.41
CA SER J 895 -71.68 -25.36 -12.69
C SER J 895 -70.43 -25.65 -13.52
N GLY J 896 -70.28 -26.91 -13.92
CA GLY J 896 -69.13 -27.32 -14.70
C GLY J 896 -69.46 -27.66 -16.14
N LEU J 897 -69.48 -28.94 -16.48
CA LEU J 897 -69.82 -29.34 -17.84
C LEU J 897 -71.27 -28.97 -18.13
N THR J 898 -71.45 -28.07 -19.10
CA THR J 898 -72.78 -27.53 -19.38
C THR J 898 -73.74 -28.60 -19.88
N SER J 899 -73.33 -29.36 -20.90
CA SER J 899 -74.27 -30.13 -21.70
C SER J 899 -75.20 -31.00 -20.85
N ILE J 900 -74.64 -31.77 -19.92
CA ILE J 900 -75.47 -32.72 -19.20
C ILE J 900 -76.40 -32.00 -18.23
N CYS J 901 -75.89 -30.98 -17.53
CA CYS J 901 -76.74 -30.28 -16.57
C CYS J 901 -77.88 -29.54 -17.27
N CYS J 902 -77.58 -28.90 -18.40
CA CYS J 902 -78.66 -28.25 -19.13
C CYS J 902 -79.59 -29.27 -19.77
N SER J 903 -79.11 -30.49 -20.05
CA SER J 903 -80.02 -31.54 -20.48
C SER J 903 -81.00 -31.92 -19.37
N ALA J 904 -80.49 -32.04 -18.15
CA ALA J 904 -81.36 -32.25 -17.00
C ALA J 904 -82.35 -31.10 -16.86
N LEU J 905 -81.87 -29.88 -17.11
CA LEU J 905 -82.76 -28.72 -17.08
C LEU J 905 -83.85 -28.83 -18.14
N THR J 906 -83.50 -29.35 -19.31
CA THR J 906 -84.52 -29.56 -20.33
C THR J 906 -85.55 -30.59 -19.87
N SER J 907 -85.08 -31.65 -19.23
CA SER J 907 -85.99 -32.67 -18.71
C SER J 907 -86.97 -32.06 -17.72
N VAL J 908 -86.45 -31.29 -16.75
CA VAL J 908 -87.34 -30.66 -15.77
C VAL J 908 -88.28 -29.69 -16.45
N LEU J 909 -87.78 -28.89 -17.39
CA LEU J 909 -88.63 -27.91 -18.06
C LEU J 909 -89.77 -28.59 -18.83
N LYS J 910 -89.47 -29.67 -19.54
CA LYS J 910 -90.50 -30.35 -20.31
C LYS J 910 -91.44 -31.19 -19.45
N THR J 911 -91.03 -31.63 -18.26
CA THR J 911 -91.90 -32.51 -17.48
C THR J 911 -92.58 -31.78 -16.32
N ASN J 912 -91.79 -31.10 -15.49
CA ASN J 912 -92.29 -30.58 -14.23
C ASN J 912 -93.26 -29.43 -14.46
N GLN J 913 -94.39 -29.46 -13.75
CA GLN J 913 -95.28 -28.33 -13.68
C GLN J 913 -94.75 -27.29 -12.69
N ASN J 914 -95.46 -26.16 -12.63
CA ASN J 914 -95.27 -25.03 -11.72
C ASN J 914 -93.82 -24.81 -11.33
N PHE J 915 -92.93 -24.78 -12.33
CA PHE J 915 -91.51 -24.53 -12.14
C PHE J 915 -91.29 -23.12 -12.68
N THR J 916 -91.41 -22.12 -11.81
CA THR J 916 -91.58 -20.75 -12.28
C THR J 916 -90.26 -20.07 -12.63
N HIS J 917 -89.19 -20.33 -11.90
CA HIS J 917 -87.92 -19.70 -12.19
C HIS J 917 -86.82 -20.74 -12.37
N LEU J 918 -85.75 -20.31 -13.04
CA LEU J 918 -84.55 -21.13 -13.23
C LEU J 918 -83.37 -20.15 -13.34
N TYR J 919 -82.73 -19.89 -12.21
CA TYR J 919 -81.75 -18.82 -12.09
C TYR J 919 -80.33 -19.32 -12.34
N LEU J 920 -80.08 -19.80 -13.55
CA LEU J 920 -78.72 -20.02 -13.99
C LEU J 920 -78.02 -18.67 -14.13
N ARG J 921 -76.94 -18.48 -13.40
CA ARG J 921 -76.25 -17.19 -13.39
C ARG J 921 -74.76 -17.43 -13.19
N SER J 922 -73.95 -16.61 -13.88
CA SER J 922 -72.49 -16.68 -13.81
C SER J 922 -71.99 -18.11 -14.04
N ASN J 923 -72.55 -18.77 -15.05
CA ASN J 923 -72.28 -20.17 -15.34
C ASN J 923 -71.58 -20.29 -16.68
N ALA J 924 -70.61 -21.20 -16.76
CA ALA J 924 -69.93 -21.49 -18.02
C ALA J 924 -70.83 -22.39 -18.86
N LEU J 925 -71.84 -21.78 -19.46
CA LEU J 925 -72.81 -22.47 -20.30
C LEU J 925 -72.53 -22.10 -21.75
N GLY J 926 -72.53 -23.10 -22.63
CA GLY J 926 -72.17 -22.91 -24.02
C GLY J 926 -73.35 -22.74 -24.94
N ASP J 927 -73.03 -22.43 -26.20
CA ASP J 927 -74.07 -22.24 -27.21
C ASP J 927 -74.88 -23.50 -27.41
N THR J 928 -74.22 -24.66 -27.42
CA THR J 928 -74.95 -25.93 -27.52
C THR J 928 -75.83 -26.13 -26.31
N GLY J 929 -75.34 -25.75 -25.14
CA GLY J 929 -76.10 -25.85 -23.91
C GLY J 929 -77.40 -25.09 -23.98
N LEU J 930 -77.30 -23.78 -24.20
CA LEU J 930 -78.51 -22.97 -24.31
C LEU J 930 -79.36 -23.37 -25.51
N ARG J 931 -78.75 -23.91 -26.56
CA ARG J 931 -79.52 -24.42 -27.69
C ARG J 931 -80.42 -25.58 -27.26
N LEU J 932 -79.84 -26.56 -26.57
CA LEU J 932 -80.68 -27.65 -26.11
C LEU J 932 -81.64 -27.16 -25.02
N LEU J 933 -81.30 -26.09 -24.31
CA LEU J 933 -82.27 -25.49 -23.39
C LEU J 933 -83.50 -24.99 -24.13
N CYS J 934 -83.32 -24.22 -25.20
CA CYS J 934 -84.49 -23.79 -25.94
C CYS J 934 -85.20 -24.98 -26.57
N GLU J 935 -84.46 -26.04 -26.90
CA GLU J 935 -85.11 -27.28 -27.31
C GLU J 935 -85.98 -27.84 -26.17
N GLY J 936 -85.54 -27.66 -24.93
CA GLY J 936 -86.37 -28.01 -23.80
C GLY J 936 -87.61 -27.13 -23.74
N LEU J 937 -87.45 -25.86 -24.07
CA LEU J 937 -88.59 -24.96 -24.20
C LEU J 937 -89.52 -25.38 -25.32
N LEU J 938 -89.05 -26.20 -26.26
CA LEU J 938 -89.88 -26.60 -27.39
C LEU J 938 -91.10 -27.40 -26.93
N HIS J 939 -90.99 -28.08 -25.79
CA HIS J 939 -92.16 -28.73 -25.23
C HIS J 939 -93.20 -27.67 -24.89
N PRO J 940 -94.34 -27.66 -25.57
CA PRO J 940 -95.38 -26.67 -25.24
C PRO J 940 -96.04 -27.01 -23.92
N ASP J 941 -96.94 -26.13 -23.46
CA ASP J 941 -97.69 -26.31 -22.22
C ASP J 941 -96.76 -26.39 -21.00
N CYS J 942 -95.48 -26.08 -21.17
CA CYS J 942 -94.55 -26.00 -20.06
C CYS J 942 -94.61 -24.59 -19.48
N LYS J 943 -95.06 -24.48 -18.23
CA LYS J 943 -95.24 -23.17 -17.61
C LYS J 943 -93.95 -22.81 -16.90
N LEU J 944 -93.12 -22.01 -17.55
CA LEU J 944 -91.88 -21.52 -16.99
C LEU J 944 -91.93 -20.01 -17.05
N GLN J 945 -91.96 -19.36 -15.90
CA GLN J 945 -91.88 -17.90 -15.85
C GLN J 945 -90.44 -17.44 -15.97
N MET J 946 -90.16 -16.24 -15.44
CA MET J 946 -88.93 -15.50 -15.55
C MET J 946 -87.74 -16.45 -15.62
N LEU J 947 -86.85 -16.26 -16.60
CA LEU J 947 -85.68 -17.10 -16.79
C LEU J 947 -84.46 -16.22 -17.02
N GLU J 948 -83.28 -16.82 -16.86
CA GLU J 948 -82.04 -16.07 -16.98
C GLU J 948 -80.93 -16.96 -17.51
N LEU J 949 -80.14 -16.39 -18.42
CA LEU J 949 -78.89 -16.97 -18.89
C LEU J 949 -77.84 -15.86 -18.82
N ASP J 950 -76.95 -15.94 -17.85
CA ASP J 950 -76.08 -14.80 -17.54
C ASP J 950 -74.84 -14.76 -18.42
N ASN J 951 -74.03 -15.81 -18.39
CA ASN J 951 -72.72 -15.81 -19.03
C ASN J 951 -72.65 -16.94 -20.05
N CYS J 952 -72.26 -16.60 -21.27
CA CYS J 952 -72.20 -17.55 -22.38
C CYS J 952 -71.60 -16.82 -23.58
N SER J 953 -71.28 -17.60 -24.61
CA SER J 953 -70.77 -17.06 -25.88
C SER J 953 -71.49 -17.82 -26.99
N LEU J 954 -72.54 -17.21 -27.52
CA LEU J 954 -73.45 -17.88 -28.46
C LEU J 954 -73.32 -17.26 -29.84
N THR J 955 -73.73 -18.04 -30.84
CA THR J 955 -73.97 -17.49 -32.16
C THR J 955 -75.34 -16.83 -32.20
N SER J 956 -75.42 -15.71 -32.91
CA SER J 956 -76.63 -14.89 -32.84
C SER J 956 -77.72 -15.45 -33.73
N HIS J 957 -78.01 -16.74 -33.56
CA HIS J 957 -79.22 -17.35 -34.08
C HIS J 957 -79.91 -18.08 -32.94
N SER J 958 -79.12 -18.47 -31.94
CA SER J 958 -79.66 -19.11 -30.74
C SER J 958 -80.68 -18.22 -30.04
N CYS J 959 -80.32 -16.97 -29.80
CA CYS J 959 -81.28 -16.00 -29.28
C CYS J 959 -82.49 -15.90 -30.19
N TRP J 960 -82.26 -16.00 -31.51
CA TRP J 960 -83.39 -16.01 -32.43
C TRP J 960 -84.29 -17.20 -32.19
N ASN J 961 -83.70 -18.37 -31.91
CA ASN J 961 -84.50 -19.55 -31.64
C ASN J 961 -85.33 -19.36 -30.38
N LEU J 962 -84.73 -18.81 -29.32
CA LEU J 962 -85.50 -18.60 -28.10
C LEU J 962 -86.61 -17.60 -28.32
N SER J 963 -86.33 -16.51 -29.04
CA SER J 963 -87.39 -15.55 -29.30
C SER J 963 -88.51 -16.16 -30.14
N THR J 964 -88.16 -16.91 -31.18
CA THR J 964 -89.18 -17.54 -32.00
C THR J 964 -89.99 -18.55 -31.21
N ILE J 965 -89.37 -19.24 -30.26
CA ILE J 965 -90.11 -20.24 -29.53
C ILE J 965 -91.03 -19.57 -28.51
N LEU J 966 -90.62 -18.41 -27.98
CA LEU J 966 -91.56 -17.58 -27.22
C LEU J 966 -92.71 -17.11 -28.09
N THR J 967 -92.44 -16.74 -29.35
CA THR J 967 -93.53 -16.34 -30.23
C THR J 967 -94.49 -17.48 -30.46
N HIS J 968 -93.95 -18.69 -30.65
CA HIS J 968 -94.80 -19.87 -30.83
C HIS J 968 -95.63 -20.13 -29.59
N ASN J 969 -95.05 -19.98 -28.40
CA ASN J 969 -95.78 -20.19 -27.17
C ASN J 969 -95.24 -19.24 -26.11
N HIS J 970 -96.14 -18.51 -25.45
CA HIS J 970 -95.74 -17.50 -24.47
C HIS J 970 -95.24 -18.23 -23.24
N SER J 971 -94.00 -18.73 -23.36
CA SER J 971 -93.42 -19.53 -22.29
C SER J 971 -93.14 -18.70 -21.05
N LEU J 972 -92.30 -17.68 -21.18
CA LEU J 972 -91.82 -16.91 -20.05
C LEU J 972 -92.29 -15.46 -20.15
N ARG J 973 -91.82 -14.63 -19.22
CA ARG J 973 -92.18 -13.23 -19.16
C ARG J 973 -90.99 -12.31 -19.41
N LYS J 974 -89.88 -12.47 -18.69
CA LYS J 974 -88.69 -11.72 -19.05
C LYS J 974 -87.48 -12.65 -19.01
N LEU J 975 -86.33 -12.06 -19.29
CA LEU J 975 -85.08 -12.78 -19.46
C LEU J 975 -83.97 -11.77 -19.26
N ASN J 976 -82.80 -12.27 -18.88
CA ASN J 976 -81.62 -11.43 -18.79
C ASN J 976 -80.50 -12.03 -19.62
N LEU J 977 -79.71 -11.15 -20.23
CA LEU J 977 -78.45 -11.54 -20.86
C LEU J 977 -77.38 -10.64 -20.26
N GLY J 978 -76.41 -11.24 -19.60
CA GLY J 978 -75.50 -10.47 -18.77
C GLY J 978 -74.20 -10.17 -19.48
N ASN J 979 -73.15 -10.91 -19.14
CA ASN J 979 -71.85 -10.71 -19.76
C ASN J 979 -71.75 -11.43 -21.10
N ASN J 980 -72.89 -11.69 -21.74
CA ASN J 980 -72.91 -12.42 -22.99
C ASN J 980 -72.40 -11.56 -24.13
N ASP J 981 -71.28 -11.97 -24.72
CA ASP J 981 -70.76 -11.32 -25.93
C ASP J 981 -71.55 -11.84 -27.13
N LEU J 982 -72.42 -10.99 -27.67
CA LEU J 982 -73.42 -11.44 -28.64
C LEU J 982 -73.31 -10.77 -30.01
N GLY J 983 -72.68 -9.61 -30.11
CA GLY J 983 -72.57 -8.93 -31.38
C GLY J 983 -73.79 -8.10 -31.72
N ASP J 984 -73.59 -7.14 -32.62
CA ASP J 984 -74.67 -6.24 -33.02
C ASP J 984 -75.82 -7.03 -33.63
N LEU J 985 -75.51 -7.96 -34.52
CA LEU J 985 -76.55 -8.71 -35.22
C LEU J 985 -77.47 -9.43 -34.24
N CYS J 986 -76.95 -9.81 -33.08
CA CYS J 986 -77.78 -10.49 -32.08
C CYS J 986 -78.94 -9.59 -31.67
N VAL J 987 -78.63 -8.42 -31.12
CA VAL J 987 -79.69 -7.52 -30.69
C VAL J 987 -80.50 -7.03 -31.87
N VAL J 988 -79.92 -7.01 -33.07
CA VAL J 988 -80.70 -6.65 -34.25
C VAL J 988 -81.81 -7.68 -34.50
N THR J 989 -81.44 -8.96 -34.48
CA THR J 989 -82.45 -10.00 -34.59
C THR J 989 -83.44 -9.95 -33.44
N LEU J 990 -82.93 -9.65 -32.24
CA LEU J 990 -83.80 -9.54 -31.08
C LEU J 990 -84.85 -8.45 -31.28
N CYS J 991 -84.40 -7.26 -31.69
CA CYS J 991 -85.35 -6.16 -31.86
C CYS J 991 -86.29 -6.37 -33.04
N GLU J 992 -85.85 -7.03 -34.12
CA GLU J 992 -86.80 -7.34 -35.18
C GLU J 992 -87.89 -8.30 -34.69
N VAL J 993 -87.48 -9.42 -34.08
CA VAL J 993 -88.47 -10.41 -33.69
C VAL J 993 -89.40 -9.86 -32.61
N LEU J 994 -88.89 -9.04 -31.70
CA LEU J 994 -89.82 -8.43 -30.76
C LEU J 994 -90.65 -7.35 -31.45
N LYS J 995 -90.11 -6.75 -32.51
CA LYS J 995 -90.81 -5.69 -33.20
C LYS J 995 -92.09 -6.23 -33.82
N GLN J 996 -92.03 -7.43 -34.38
CA GLN J 996 -93.19 -8.05 -35.00
C GLN J 996 -93.81 -8.98 -33.95
N GLN J 997 -94.84 -8.50 -33.26
CA GLN J 997 -95.60 -9.27 -32.28
C GLN J 997 -94.65 -9.93 -31.27
N GLY J 998 -94.01 -9.06 -30.48
CA GLY J 998 -92.94 -9.43 -29.58
C GLY J 998 -93.01 -10.76 -28.85
N CYS J 999 -91.88 -11.47 -28.87
CA CYS J 999 -91.82 -12.81 -28.31
C CYS J 999 -92.17 -12.80 -26.82
N LEU J 1000 -91.35 -12.13 -26.02
CA LEU J 1000 -91.66 -11.92 -24.62
C LEU J 1000 -92.79 -10.91 -24.48
N LEU J 1001 -93.34 -10.83 -23.27
CA LEU J 1001 -94.47 -9.95 -23.01
C LEU J 1001 -94.24 -9.01 -21.84
N GLN J 1002 -93.20 -9.20 -21.03
CA GLN J 1002 -92.98 -8.35 -19.87
C GLN J 1002 -91.71 -7.52 -19.96
N SER J 1003 -90.54 -8.14 -20.09
CA SER J 1003 -89.31 -7.36 -19.98
C SER J 1003 -88.15 -8.13 -20.59
N LEU J 1004 -86.99 -7.49 -20.60
CA LEU J 1004 -85.73 -8.05 -21.06
C LEU J 1004 -84.62 -7.16 -20.55
N GLN J 1005 -83.53 -7.76 -20.08
CA GLN J 1005 -82.45 -7.01 -19.46
C GLN J 1005 -81.14 -7.32 -20.16
N LEU J 1006 -80.45 -6.28 -20.62
CA LEU J 1006 -79.16 -6.39 -21.29
C LEU J 1006 -78.17 -5.49 -20.57
N GLY J 1007 -76.99 -6.01 -20.25
CA GLY J 1007 -75.98 -5.20 -19.60
C GLY J 1007 -74.60 -5.43 -20.18
N GLU J 1008 -73.76 -4.42 -20.02
CA GLU J 1008 -72.33 -4.42 -20.36
C GLU J 1008 -72.05 -4.94 -21.77
N MET J 1009 -72.53 -4.16 -22.75
CA MET J 1009 -72.06 -4.27 -24.13
C MET J 1009 -71.52 -2.93 -24.61
N TYR J 1010 -70.50 -3.00 -25.48
CA TYR J 1010 -69.94 -1.86 -26.18
C TYR J 1010 -70.34 -1.86 -27.65
N LEU J 1011 -71.58 -2.26 -27.93
CA LEU J 1011 -72.04 -2.47 -29.29
C LEU J 1011 -72.29 -1.13 -29.98
N ASN J 1012 -72.35 -1.18 -31.31
CA ASN J 1012 -72.56 0.03 -32.08
C ASN J 1012 -73.95 0.60 -31.83
N ARG J 1013 -74.13 1.86 -32.19
CA ARG J 1013 -75.24 2.62 -31.62
C ARG J 1013 -76.54 2.51 -32.42
N GLU J 1014 -76.49 2.10 -33.69
CA GLU J 1014 -77.76 1.89 -34.39
C GLU J 1014 -78.57 0.77 -33.74
N THR J 1015 -77.90 -0.10 -33.00
CA THR J 1015 -78.65 -1.02 -32.14
C THR J 1015 -79.41 -0.24 -31.09
N LYS J 1016 -78.77 0.77 -30.48
CA LYS J 1016 -79.46 1.56 -29.49
C LYS J 1016 -80.63 2.29 -30.12
N ARG J 1017 -80.47 2.82 -31.33
CA ARG J 1017 -81.58 3.55 -31.95
C ARG J 1017 -82.76 2.61 -32.17
N ALA J 1018 -82.49 1.39 -32.67
CA ALA J 1018 -83.60 0.47 -32.89
C ALA J 1018 -84.29 0.11 -31.58
N LEU J 1019 -83.49 -0.15 -30.53
CA LEU J 1019 -84.10 -0.57 -29.28
C LEU J 1019 -84.87 0.57 -28.64
N GLU J 1020 -84.34 1.80 -28.70
CA GLU J 1020 -85.04 2.92 -28.10
C GLU J 1020 -86.30 3.23 -28.89
N ALA J 1021 -86.27 2.99 -30.20
CA ALA J 1021 -87.47 3.18 -31.01
C ALA J 1021 -88.59 2.25 -30.55
N LEU J 1022 -88.31 0.94 -30.58
CA LEU J 1022 -89.39 -0.05 -30.50
C LEU J 1022 -90.29 0.04 -29.27
N GLN J 1023 -89.78 0.44 -28.10
CA GLN J 1023 -90.63 0.39 -26.91
C GLN J 1023 -91.74 1.43 -26.95
N GLU J 1024 -91.49 2.60 -27.55
CA GLU J 1024 -92.49 3.65 -27.52
C GLU J 1024 -93.65 3.33 -28.46
N GLU J 1025 -93.38 2.70 -29.59
CA GLU J 1025 -94.49 2.23 -30.43
C GLU J 1025 -95.15 1.00 -29.81
N LYS J 1026 -94.37 0.06 -29.32
CA LYS J 1026 -94.90 -1.13 -28.65
C LYS J 1026 -94.39 -1.20 -27.22
N PRO J 1027 -95.23 -0.89 -26.23
CA PRO J 1027 -94.82 -1.06 -24.83
C PRO J 1027 -94.97 -2.48 -24.31
N GLU J 1028 -95.24 -3.45 -25.18
CA GLU J 1028 -95.29 -4.85 -24.78
C GLU J 1028 -93.98 -5.29 -24.13
N LEU J 1029 -92.86 -5.01 -24.80
CA LEU J 1029 -91.54 -5.08 -24.17
C LEU J 1029 -91.39 -3.84 -23.32
N THR J 1030 -91.82 -3.94 -22.06
CA THR J 1030 -91.91 -2.76 -21.21
C THR J 1030 -90.56 -2.10 -21.03
N ILE J 1031 -89.47 -2.87 -20.99
CA ILE J 1031 -88.16 -2.27 -20.77
C ILE J 1031 -87.09 -3.21 -21.31
N VAL J 1032 -86.04 -2.59 -21.85
CA VAL J 1032 -84.73 -3.21 -22.02
C VAL J 1032 -83.76 -2.41 -21.17
N PHE J 1033 -83.02 -3.11 -20.32
CA PHE J 1033 -82.04 -2.42 -19.49
C PHE J 1033 -81.02 -1.76 -20.39
N GLU J 1034 -81.05 -0.43 -20.45
CA GLU J 1034 -80.06 0.33 -21.19
C GLU J 1034 -78.66 0.08 -20.63
N ILE J 1035 -77.69 -0.05 -21.53
CA ILE J 1035 -76.35 -0.45 -21.13
C ILE J 1035 -75.70 0.64 -20.29
N SER J 1036 -75.47 1.80 -20.91
CA SER J 1036 -74.87 2.92 -20.22
C SER J 1036 -75.51 4.25 -20.58
N TRP J 1037 -76.32 4.31 -21.64
CA TRP J 1037 -76.81 5.57 -22.15
C TRP J 1037 -78.33 5.55 -22.28
N ASP K 135 -19.66 -21.40 -41.39
CA ASP K 135 -19.04 -22.39 -42.25
C ASP K 135 -19.97 -22.81 -43.38
N TYR K 136 -21.06 -23.49 -43.03
CA TYR K 136 -22.06 -23.86 -44.02
C TYR K 136 -22.78 -22.65 -44.61
N CYS K 137 -22.72 -21.50 -43.94
CA CYS K 137 -23.51 -20.37 -44.37
C CYS K 137 -23.10 -19.93 -45.78
N LYS K 138 -21.80 -19.84 -46.03
CA LYS K 138 -21.29 -19.21 -47.24
C LYS K 138 -21.69 -19.90 -48.54
N MET K 139 -21.56 -21.23 -48.63
CA MET K 139 -21.83 -21.87 -49.91
C MET K 139 -23.31 -21.78 -50.27
N TYR K 140 -24.19 -21.89 -49.29
CA TYR K 140 -25.60 -21.75 -49.61
C TYR K 140 -26.03 -20.29 -49.75
N ARG K 141 -25.34 -19.35 -49.11
CA ARG K 141 -25.69 -17.97 -49.43
C ARG K 141 -25.31 -17.67 -50.88
N ARG K 142 -24.33 -18.40 -51.43
CA ARG K 142 -24.08 -18.18 -52.85
C ARG K 142 -25.07 -18.97 -53.68
N HIS K 143 -25.53 -20.12 -53.18
CA HIS K 143 -26.55 -20.87 -53.89
C HIS K 143 -27.83 -20.05 -54.02
N VAL K 144 -28.23 -19.39 -52.93
CA VAL K 144 -29.43 -18.56 -52.98
C VAL K 144 -29.19 -17.31 -53.83
N ARG K 145 -27.96 -16.79 -53.84
CA ARG K 145 -27.67 -15.68 -54.76
C ARG K 145 -27.86 -16.10 -56.20
N SER K 146 -27.33 -17.27 -56.56
CA SER K 146 -27.50 -17.76 -57.92
C SER K 146 -28.96 -18.00 -58.23
N ARG K 147 -29.72 -18.47 -57.24
CA ARG K 147 -31.13 -18.75 -57.46
C ARG K 147 -31.92 -17.48 -57.73
N PHE K 148 -31.72 -16.45 -56.92
CA PHE K 148 -32.56 -15.26 -56.97
C PHE K 148 -31.97 -14.09 -57.75
N TYR K 149 -30.74 -14.22 -58.27
CA TYR K 149 -30.23 -13.19 -59.17
C TYR K 149 -30.83 -13.33 -60.55
N SER K 150 -30.96 -14.56 -61.04
CA SER K 150 -31.42 -14.82 -62.40
C SER K 150 -32.92 -14.63 -62.56
N ILE K 151 -33.68 -14.66 -61.46
CA ILE K 151 -35.13 -14.56 -61.55
C ILE K 151 -35.52 -13.15 -61.99
N LYS K 152 -36.41 -13.06 -62.96
CA LYS K 152 -36.82 -11.78 -63.51
C LYS K 152 -38.33 -11.74 -63.73
N ASP K 163 -32.44 -11.42 -62.96
CA ASP K 163 -32.55 -9.97 -62.96
C ASP K 163 -33.38 -9.50 -61.77
N LEU K 164 -34.32 -8.59 -62.03
CA LEU K 164 -35.23 -8.04 -61.02
C LEU K 164 -34.48 -7.25 -59.96
N ASN K 165 -33.17 -7.07 -60.15
CA ASN K 165 -32.39 -6.26 -59.23
C ASN K 165 -32.56 -4.77 -59.53
N SER K 166 -32.27 -4.37 -60.75
CA SER K 166 -32.56 -3.02 -61.22
C SER K 166 -33.95 -2.91 -61.83
N ARG K 167 -34.88 -3.79 -61.44
CA ARG K 167 -36.23 -3.84 -61.99
C ARG K 167 -37.25 -3.83 -60.86
N TYR K 168 -36.90 -3.22 -59.73
CA TYR K 168 -37.70 -3.26 -58.52
C TYR K 168 -37.91 -1.87 -57.95
N THR K 169 -39.15 -1.59 -57.52
CA THR K 169 -39.48 -0.37 -56.78
C THR K 169 -40.13 -0.78 -55.47
N GLN K 170 -39.75 -0.11 -54.39
CA GLN K 170 -40.18 -0.49 -53.05
C GLN K 170 -41.69 -0.41 -52.91
N LEU K 171 -42.27 -1.46 -52.32
CA LEU K 171 -43.68 -1.49 -51.98
C LEU K 171 -43.84 -1.04 -50.53
N GLN K 172 -45.08 -0.88 -50.09
CA GLN K 172 -45.33 -0.26 -48.80
C GLN K 172 -45.66 -1.32 -47.75
N LEU K 173 -44.99 -1.24 -46.61
CA LEU K 173 -45.27 -2.07 -45.46
C LEU K 173 -46.00 -1.23 -44.42
N VAL K 174 -47.14 -1.73 -43.94
CA VAL K 174 -47.99 -0.95 -43.04
C VAL K 174 -48.44 -1.83 -41.89
N LYS K 175 -48.26 -1.35 -40.66
CA LYS K 175 -48.97 -1.89 -39.50
C LYS K 175 -49.59 -0.72 -38.74
N GLU K 176 -50.92 -0.56 -38.86
CA GLU K 176 -51.56 0.54 -38.14
C GLU K 176 -51.86 0.17 -36.70
N HIS K 177 -52.71 -0.84 -36.51
CA HIS K 177 -53.15 -1.28 -35.19
C HIS K 177 -53.60 -0.11 -34.30
N PRO K 178 -54.62 0.65 -34.72
CA PRO K 178 -55.06 1.83 -33.98
C PRO K 178 -56.12 1.50 -32.93
N LEU K 203 -43.33 0.51 -43.99
CA LEU K 203 -42.54 0.56 -42.76
C LEU K 203 -41.05 0.45 -43.06
N LYS K 204 -40.32 -0.18 -42.14
CA LYS K 204 -38.87 -0.36 -42.26
C LYS K 204 -38.55 -1.83 -42.06
N LEU K 205 -38.19 -2.52 -43.15
CA LEU K 205 -37.80 -3.92 -43.04
C LEU K 205 -36.57 -4.08 -42.15
N GLU K 206 -35.71 -3.06 -42.09
CA GLU K 206 -34.61 -3.06 -41.15
C GLU K 206 -35.15 -3.09 -39.72
N LEU K 207 -34.58 -3.96 -38.90
CA LEU K 207 -35.03 -4.17 -37.52
C LEU K 207 -36.54 -4.45 -37.47
N LEU K 208 -36.99 -5.30 -38.40
CA LEU K 208 -38.41 -5.65 -38.45
C LEU K 208 -38.85 -6.39 -37.19
N PHE K 209 -37.94 -7.05 -36.51
CA PHE K 209 -38.28 -8.00 -35.45
C PHE K 209 -37.84 -7.48 -34.09
N GLU K 210 -38.13 -6.23 -33.78
CA GLU K 210 -37.92 -5.77 -32.42
C GLU K 210 -38.79 -6.59 -31.47
N PRO K 211 -38.20 -7.25 -30.47
CA PRO K 211 -39.01 -7.81 -29.39
C PRO K 211 -39.19 -6.79 -28.27
N GLU K 212 -38.94 -5.53 -28.58
CA GLU K 212 -38.96 -4.47 -27.58
C GLU K 212 -40.27 -4.46 -26.81
N ASP K 213 -40.20 -4.01 -25.57
CA ASP K 213 -41.35 -4.10 -24.66
C ASP K 213 -42.25 -2.88 -24.74
N GLY K 214 -42.64 -2.51 -25.96
CA GLY K 214 -43.70 -1.54 -26.12
C GLY K 214 -45.04 -2.22 -26.20
N HIS K 215 -45.21 -3.08 -27.21
CA HIS K 215 -46.39 -3.94 -27.30
C HIS K 215 -46.05 -5.32 -27.84
N SER K 216 -44.78 -5.67 -27.99
CA SER K 216 -44.37 -6.89 -28.69
C SER K 216 -43.30 -7.63 -27.89
N GLU K 217 -43.55 -7.85 -26.60
CA GLU K 217 -42.54 -8.45 -25.74
C GLU K 217 -42.18 -9.87 -26.17
N PRO K 218 -43.09 -10.84 -26.17
CA PRO K 218 -42.73 -12.24 -26.44
C PRO K 218 -42.89 -12.68 -27.89
N VAL K 219 -43.11 -11.76 -28.83
CA VAL K 219 -43.47 -12.16 -30.19
C VAL K 219 -42.28 -12.77 -30.90
N HIS K 220 -42.57 -13.68 -31.83
CA HIS K 220 -41.55 -14.30 -32.66
C HIS K 220 -41.86 -14.33 -34.15
N THR K 221 -42.98 -13.76 -34.60
CA THR K 221 -43.41 -14.00 -35.97
C THR K 221 -44.24 -12.84 -36.53
N VAL K 222 -44.17 -12.70 -37.85
CA VAL K 222 -44.94 -11.73 -38.61
C VAL K 222 -45.57 -12.40 -39.83
N VAL K 223 -46.74 -11.90 -40.21
CA VAL K 223 -47.48 -12.37 -41.38
C VAL K 223 -47.53 -11.21 -42.36
N PHE K 224 -47.20 -11.49 -43.61
CA PHE K 224 -47.29 -10.50 -44.68
C PHE K 224 -48.69 -10.58 -45.30
N GLN K 225 -49.32 -9.43 -45.47
CA GLN K 225 -50.62 -9.35 -46.12
C GLN K 225 -50.57 -8.25 -47.17
N GLY K 226 -51.70 -8.02 -47.82
CA GLY K 226 -51.81 -6.95 -48.79
C GLY K 226 -52.99 -7.19 -49.73
N ALA K 227 -52.95 -6.47 -50.85
CA ALA K 227 -54.00 -6.60 -51.84
C ALA K 227 -53.88 -7.92 -52.60
N ALA K 228 -54.98 -8.30 -53.26
CA ALA K 228 -55.04 -9.60 -53.93
C ALA K 228 -54.02 -9.69 -55.06
N GLY K 229 -53.04 -10.57 -54.92
CA GLY K 229 -52.09 -10.84 -55.99
C GLY K 229 -50.99 -9.81 -56.13
N ILE K 230 -50.14 -9.68 -55.12
CA ILE K 230 -48.96 -8.80 -55.20
C ILE K 230 -47.76 -9.50 -55.82
N GLY K 231 -47.84 -10.80 -56.10
CA GLY K 231 -46.66 -11.56 -56.43
C GLY K 231 -45.85 -11.88 -55.21
N LYS K 232 -46.46 -11.79 -54.02
CA LYS K 232 -45.87 -11.75 -52.69
C LYS K 232 -44.60 -12.60 -52.56
N THR K 233 -44.60 -13.78 -53.16
CA THR K 233 -43.39 -14.59 -53.22
C THR K 233 -42.23 -13.77 -53.78
N ILE K 234 -42.51 -12.84 -54.68
CA ILE K 234 -41.43 -12.00 -55.23
C ILE K 234 -40.81 -11.17 -54.11
N LEU K 235 -41.64 -10.65 -53.20
CA LEU K 235 -41.10 -9.85 -52.10
C LEU K 235 -40.33 -10.72 -51.12
N ALA K 236 -40.81 -11.95 -50.90
CA ALA K 236 -40.05 -12.88 -50.10
C ALA K 236 -38.68 -13.12 -50.71
N ARG K 237 -38.64 -13.31 -52.03
CA ARG K 237 -37.37 -13.51 -52.73
C ARG K 237 -36.48 -12.28 -52.62
N LYS K 238 -37.06 -11.09 -52.71
CA LYS K 238 -36.26 -9.88 -52.57
C LYS K 238 -35.63 -9.77 -51.19
N ILE K 239 -36.39 -10.09 -50.14
CA ILE K 239 -35.80 -10.08 -48.80
C ILE K 239 -34.69 -11.11 -48.69
N MET K 240 -34.93 -12.31 -49.22
CA MET K 240 -33.92 -13.37 -49.18
C MET K 240 -32.63 -12.92 -49.87
N LEU K 241 -32.74 -12.42 -51.10
CA LEU K 241 -31.57 -11.98 -51.84
C LEU K 241 -30.90 -10.79 -51.18
N ASP K 242 -31.69 -9.88 -50.59
CA ASP K 242 -31.11 -8.73 -49.92
C ASP K 242 -30.23 -9.17 -48.76
N TRP K 243 -30.69 -10.14 -47.96
CA TRP K 243 -29.81 -10.64 -46.92
C TRP K 243 -28.61 -11.36 -47.52
N ALA K 244 -28.84 -12.19 -48.54
CA ALA K 244 -27.75 -12.96 -49.13
C ALA K 244 -26.64 -12.07 -49.63
N LEU K 245 -26.98 -10.94 -50.25
CA LEU K 245 -26.00 -9.96 -50.66
C LEU K 245 -25.54 -9.06 -49.52
N GLY K 246 -26.24 -9.07 -48.39
CA GLY K 246 -25.88 -8.16 -47.32
C GLY K 246 -26.59 -6.83 -47.46
N LYS K 247 -25.90 -5.86 -48.05
CA LYS K 247 -26.43 -4.52 -48.29
C LYS K 247 -26.84 -3.86 -46.97
N LEU K 248 -25.84 -3.64 -46.12
CA LEU K 248 -25.97 -3.02 -44.81
C LEU K 248 -26.87 -3.84 -43.88
N PHE K 249 -27.03 -5.12 -44.15
CA PHE K 249 -27.83 -6.00 -43.30
C PHE K 249 -26.96 -6.44 -42.13
N LYS K 250 -27.14 -5.80 -40.97
CA LYS K 250 -26.59 -6.35 -39.75
C LYS K 250 -27.17 -7.73 -39.50
N ASP K 251 -26.31 -8.75 -39.53
CA ASP K 251 -26.79 -10.13 -39.51
C ASP K 251 -27.28 -10.50 -38.11
N LYS K 252 -28.56 -10.24 -37.85
CA LYS K 252 -29.20 -10.79 -36.66
C LYS K 252 -29.36 -12.30 -36.72
N PHE K 253 -29.14 -12.90 -37.89
CA PHE K 253 -29.43 -14.31 -38.11
C PHE K 253 -28.31 -14.94 -38.92
N ASP K 254 -28.11 -16.24 -38.71
CA ASP K 254 -27.10 -16.99 -39.46
C ASP K 254 -27.67 -17.66 -40.69
N TYR K 255 -28.98 -17.90 -40.73
CA TYR K 255 -29.61 -18.53 -41.88
C TYR K 255 -31.05 -18.07 -41.99
N LEU K 256 -31.45 -17.73 -43.22
CA LEU K 256 -32.83 -17.51 -43.58
C LEU K 256 -33.12 -18.51 -44.69
N PHE K 257 -34.02 -19.45 -44.44
CA PHE K 257 -34.31 -20.50 -45.40
C PHE K 257 -35.58 -20.18 -46.16
N PHE K 258 -35.49 -20.19 -47.48
CA PHE K 258 -36.64 -19.98 -48.34
C PHE K 258 -37.33 -21.31 -48.55
N ILE K 259 -38.54 -21.44 -48.03
CA ILE K 259 -39.35 -22.65 -48.22
C ILE K 259 -40.34 -22.34 -49.32
N HIS K 260 -40.30 -23.15 -50.38
CA HIS K 260 -41.24 -22.99 -51.48
C HIS K 260 -42.33 -24.06 -51.27
N CYS K 261 -43.26 -23.71 -50.38
CA CYS K 261 -44.31 -24.64 -49.97
C CYS K 261 -45.16 -25.11 -51.15
N ARG K 262 -45.13 -24.35 -52.25
CA ARG K 262 -45.78 -24.78 -53.48
C ARG K 262 -45.24 -26.14 -53.92
N GLU K 263 -44.01 -26.46 -53.54
CA GLU K 263 -43.47 -27.81 -53.68
C GLU K 263 -43.63 -28.67 -52.43
N VAL K 264 -43.54 -28.09 -51.23
CA VAL K 264 -43.53 -28.87 -50.00
C VAL K 264 -44.95 -29.40 -49.75
N SER K 265 -45.88 -28.99 -50.61
CA SER K 265 -47.30 -29.30 -50.49
C SER K 265 -47.61 -30.79 -50.40
N LEU K 266 -46.63 -31.66 -50.62
CA LEU K 266 -46.86 -33.09 -50.64
C LEU K 266 -47.23 -33.62 -49.26
N ARG K 267 -47.89 -34.78 -49.27
CA ARG K 267 -48.35 -35.50 -48.08
C ARG K 267 -47.25 -36.34 -47.45
N THR K 268 -46.08 -36.40 -48.07
CA THR K 268 -45.00 -37.26 -47.59
C THR K 268 -44.49 -36.79 -46.24
N PRO K 269 -44.29 -37.69 -45.27
CA PRO K 269 -43.76 -37.26 -43.97
C PRO K 269 -42.26 -36.98 -44.11
N ARG K 270 -41.87 -35.71 -44.03
CA ARG K 270 -40.48 -35.33 -44.25
C ARG K 270 -39.91 -34.64 -43.02
N SER K 271 -38.64 -34.93 -42.74
CA SER K 271 -37.92 -34.36 -41.62
C SER K 271 -37.49 -32.93 -41.97
N LEU K 272 -36.59 -32.37 -41.16
CA LEU K 272 -35.96 -31.11 -41.50
C LEU K 272 -35.40 -31.16 -42.91
N ALA K 273 -35.89 -30.28 -43.77
CA ALA K 273 -35.61 -30.32 -45.20
C ALA K 273 -34.91 -29.03 -45.59
N ASP K 274 -33.60 -29.00 -45.40
CA ASP K 274 -32.78 -27.89 -45.83
C ASP K 274 -32.13 -28.11 -47.18
N LEU K 275 -32.13 -29.34 -47.68
CA LEU K 275 -31.73 -29.59 -49.06
C LEU K 275 -32.91 -29.35 -49.99
N ILE K 276 -32.63 -28.79 -51.17
CA ILE K 276 -33.64 -28.54 -52.20
C ILE K 276 -33.26 -29.20 -53.51
N VAL K 277 -32.02 -29.00 -53.97
CA VAL K 277 -31.57 -29.55 -55.24
C VAL K 277 -31.02 -30.97 -55.06
N SER K 278 -31.13 -31.53 -53.86
CA SER K 278 -30.59 -32.86 -53.54
C SER K 278 -29.09 -32.91 -53.77
N CYS K 279 -28.39 -31.89 -53.26
CA CYS K 279 -26.93 -31.84 -53.30
C CYS K 279 -26.39 -32.75 -52.20
N TRP K 280 -25.09 -32.64 -51.93
CA TRP K 280 -24.54 -33.39 -50.81
C TRP K 280 -25.17 -32.93 -49.50
N PRO K 281 -25.45 -33.84 -48.57
CA PRO K 281 -26.29 -33.49 -47.42
C PRO K 281 -25.70 -32.34 -46.61
N ASP K 282 -26.57 -31.45 -46.16
CA ASP K 282 -26.12 -30.38 -45.29
C ASP K 282 -25.68 -30.94 -43.95
N PRO K 283 -24.82 -30.21 -43.22
CA PRO K 283 -24.36 -30.68 -41.91
C PRO K 283 -25.46 -30.70 -40.88
N ASN K 284 -26.50 -31.49 -41.10
CA ASN K 284 -27.74 -31.36 -40.33
C ASN K 284 -27.54 -31.53 -38.82
N PRO K 285 -26.81 -32.52 -38.32
CA PRO K 285 -26.60 -32.62 -36.86
C PRO K 285 -25.84 -31.44 -36.26
N PRO K 286 -24.69 -31.03 -36.83
CA PRO K 286 -24.08 -29.78 -36.31
C PRO K 286 -24.93 -28.52 -36.50
N VAL K 287 -25.78 -28.47 -37.53
CA VAL K 287 -26.79 -27.42 -37.62
C VAL K 287 -27.74 -27.47 -36.42
N CYS K 288 -28.15 -28.66 -36.03
CA CYS K 288 -28.94 -28.81 -34.81
C CYS K 288 -28.15 -28.41 -33.57
N LYS K 289 -26.83 -28.62 -33.59
CA LYS K 289 -25.99 -28.25 -32.46
C LYS K 289 -25.69 -26.76 -32.38
N ILE K 290 -25.79 -26.04 -33.50
CA ILE K 290 -25.59 -24.59 -33.49
C ILE K 290 -26.94 -23.93 -33.29
N LEU K 291 -27.93 -24.70 -32.84
CA LEU K 291 -29.23 -24.18 -32.47
C LEU K 291 -29.27 -23.68 -31.03
N ARG K 292 -28.87 -24.52 -30.07
CA ARG K 292 -29.23 -24.30 -28.68
C ARG K 292 -28.80 -22.93 -28.19
N LYS K 293 -27.53 -22.57 -28.37
CA LYS K 293 -27.13 -21.25 -27.91
C LYS K 293 -27.62 -20.16 -28.87
N PRO K 294 -27.23 -20.18 -30.18
CA PRO K 294 -27.70 -19.11 -31.07
C PRO K 294 -29.02 -19.42 -31.76
N SER K 295 -30.03 -18.59 -31.55
CA SER K 295 -31.28 -18.70 -32.30
C SER K 295 -31.21 -17.92 -33.60
N ARG K 296 -30.12 -18.13 -34.34
CA ARG K 296 -29.82 -17.40 -35.57
C ARG K 296 -30.22 -18.19 -36.81
N ILE K 297 -31.08 -19.18 -36.66
CA ILE K 297 -31.72 -19.87 -37.77
C ILE K 297 -33.11 -19.27 -37.95
N LEU K 298 -33.48 -19.05 -39.21
CA LEU K 298 -34.81 -18.59 -39.54
C LEU K 298 -35.25 -19.22 -40.85
N PHE K 299 -36.55 -19.47 -40.96
CA PHE K 299 -37.16 -20.16 -42.09
C PHE K 299 -38.16 -19.20 -42.70
N LEU K 300 -37.80 -18.59 -43.83
CA LEU K 300 -38.77 -17.83 -44.62
C LEU K 300 -39.58 -18.82 -45.44
N MET K 301 -40.68 -19.29 -44.85
CA MET K 301 -41.62 -20.13 -45.56
C MET K 301 -42.67 -19.27 -46.26
N ASP K 302 -43.01 -19.67 -47.48
CA ASP K 302 -43.86 -18.90 -48.38
C ASP K 302 -44.83 -19.83 -49.07
N GLY K 303 -45.87 -19.25 -49.66
CA GLY K 303 -46.93 -20.00 -50.29
C GLY K 303 -47.76 -20.86 -49.36
N PHE K 304 -48.12 -20.32 -48.20
CA PHE K 304 -48.90 -21.10 -47.23
C PHE K 304 -50.24 -21.49 -47.83
N ASP K 305 -50.72 -20.69 -48.78
CA ASP K 305 -52.00 -20.92 -49.44
C ASP K 305 -52.02 -22.27 -50.13
N GLU K 306 -50.84 -22.79 -50.47
CA GLU K 306 -50.70 -24.01 -51.24
C GLU K 306 -50.39 -25.23 -50.37
N LEU K 307 -50.57 -25.15 -49.06
CA LEU K 307 -50.55 -26.38 -48.26
C LEU K 307 -51.80 -27.21 -48.55
N GLN K 308 -51.65 -28.21 -49.42
CA GLN K 308 -52.77 -28.95 -49.95
C GLN K 308 -53.00 -30.17 -49.05
N GLY K 309 -53.80 -31.13 -49.52
CA GLY K 309 -54.20 -32.23 -48.67
C GLY K 309 -55.68 -32.49 -48.58
N ALA K 310 -56.27 -32.24 -47.41
CA ALA K 310 -57.72 -32.33 -47.24
C ALA K 310 -58.27 -31.13 -46.47
N PHE K 311 -57.66 -29.95 -46.65
CA PHE K 311 -57.95 -28.74 -45.87
C PHE K 311 -57.94 -29.01 -44.37
N ASP K 312 -56.92 -29.76 -43.94
CA ASP K 312 -56.78 -30.19 -42.55
C ASP K 312 -55.56 -29.50 -41.96
N GLU K 313 -55.75 -28.28 -41.45
CA GLU K 313 -54.67 -27.57 -40.79
C GLU K 313 -55.08 -27.15 -39.39
N HIS K 314 -55.80 -28.02 -38.69
CA HIS K 314 -56.25 -27.75 -37.32
C HIS K 314 -55.11 -28.02 -36.35
N ILE K 315 -55.42 -28.07 -35.05
CA ILE K 315 -54.39 -28.28 -34.05
C ILE K 315 -53.76 -29.65 -34.24
N GLY K 316 -52.43 -29.71 -34.19
CA GLY K 316 -51.74 -30.95 -34.47
C GLY K 316 -52.01 -32.00 -33.40
N GLU K 317 -52.35 -33.21 -33.85
CA GLU K 317 -52.61 -34.31 -32.92
C GLU K 317 -51.36 -34.74 -32.17
N VAL K 318 -50.23 -34.84 -32.88
CA VAL K 318 -48.98 -35.37 -32.32
C VAL K 318 -47.85 -34.39 -32.61
N CYS K 319 -47.03 -34.13 -31.59
CA CYS K 319 -45.87 -33.27 -31.70
C CYS K 319 -44.70 -34.01 -32.34
N THR K 320 -43.56 -33.32 -32.45
CA THR K 320 -42.36 -33.87 -33.05
C THR K 320 -41.17 -33.64 -32.10
N ASP K 321 -40.06 -34.31 -32.43
CA ASP K 321 -38.85 -34.17 -31.64
C ASP K 321 -38.13 -32.85 -31.93
N TRP K 322 -37.39 -32.38 -30.94
CA TRP K 322 -36.67 -31.12 -31.09
C TRP K 322 -35.52 -31.24 -32.09
N GLN K 323 -34.91 -32.42 -32.20
CA GLN K 323 -33.83 -32.62 -33.16
C GLN K 323 -34.33 -32.48 -34.60
N LYS K 324 -35.63 -32.70 -34.83
CA LYS K 324 -36.26 -32.55 -36.13
C LYS K 324 -35.70 -33.52 -37.15
N ALA K 325 -34.80 -34.41 -36.71
CA ALA K 325 -34.26 -35.44 -37.59
C ALA K 325 -35.29 -36.52 -37.92
N VAL K 326 -36.40 -36.56 -37.20
CA VAL K 326 -37.45 -37.53 -37.48
C VAL K 326 -38.22 -37.09 -38.72
N ARG K 327 -38.44 -38.02 -39.65
CA ARG K 327 -39.13 -37.73 -40.90
C ARG K 327 -40.64 -37.76 -40.68
N GLY K 328 -41.13 -37.00 -39.71
CA GLY K 328 -42.55 -36.93 -39.45
C GLY K 328 -43.29 -36.15 -40.51
N ASP K 329 -44.61 -36.26 -40.45
CA ASP K 329 -45.47 -35.51 -41.35
C ASP K 329 -45.31 -34.02 -41.08
N ILE K 330 -45.20 -33.22 -42.14
CA ILE K 330 -45.16 -31.77 -41.97
C ILE K 330 -46.42 -31.27 -41.28
N LEU K 331 -47.54 -31.96 -41.46
CA LEU K 331 -48.73 -31.68 -40.66
C LEU K 331 -48.47 -31.98 -39.18
N LEU K 332 -47.78 -33.08 -38.89
CA LEU K 332 -47.56 -33.49 -37.51
C LEU K 332 -46.18 -33.15 -36.97
N SER K 333 -45.26 -32.68 -37.81
CA SER K 333 -43.94 -32.28 -37.35
C SER K 333 -43.67 -30.80 -37.55
N SER K 334 -43.87 -30.30 -38.78
CA SER K 334 -43.58 -28.91 -39.06
C SER K 334 -44.58 -27.98 -38.39
N LEU K 335 -45.88 -28.31 -38.52
CA LEU K 335 -46.90 -27.42 -37.96
C LEU K 335 -46.74 -27.28 -36.46
N ILE K 336 -46.51 -28.39 -35.76
CA ILE K 336 -46.29 -28.32 -34.32
C ILE K 336 -44.98 -27.62 -34.01
N ARG K 337 -43.96 -27.77 -34.87
CA ARG K 337 -42.75 -27.00 -34.67
C ARG K 337 -43.04 -25.50 -34.69
N LYS K 338 -43.90 -25.05 -35.62
CA LYS K 338 -44.41 -23.69 -35.57
C LYS K 338 -45.19 -23.43 -34.28
N LYS K 339 -46.01 -24.40 -33.85
CA LYS K 339 -46.95 -24.19 -32.76
C LYS K 339 -46.23 -23.99 -31.43
N LEU K 340 -45.48 -24.99 -31.00
CA LEU K 340 -44.82 -25.00 -29.70
C LEU K 340 -43.34 -25.31 -29.91
N LEU K 341 -42.52 -24.78 -29.00
CA LEU K 341 -41.07 -24.88 -29.08
C LEU K 341 -40.55 -24.54 -30.48
N PRO K 342 -40.88 -23.36 -31.02
CA PRO K 342 -40.34 -23.02 -32.34
C PRO K 342 -38.87 -22.63 -32.27
N LYS K 343 -38.48 -21.85 -31.27
CA LYS K 343 -37.11 -21.46 -30.98
C LYS K 343 -36.52 -20.54 -32.07
N ALA K 344 -37.25 -20.28 -33.15
CA ALA K 344 -36.75 -19.44 -34.23
C ALA K 344 -37.84 -18.48 -34.67
N SER K 345 -37.42 -17.42 -35.34
CA SER K 345 -38.36 -16.41 -35.79
C SER K 345 -39.22 -17.00 -36.91
N LEU K 346 -40.19 -16.21 -37.39
CA LEU K 346 -41.10 -16.78 -38.38
C LEU K 346 -41.75 -15.66 -39.18
N LEU K 347 -41.82 -15.84 -40.49
CA LEU K 347 -42.48 -14.90 -41.39
C LEU K 347 -43.26 -15.68 -42.43
N ILE K 348 -44.59 -15.52 -42.43
CA ILE K 348 -45.41 -16.27 -43.38
C ILE K 348 -46.21 -15.35 -44.28
N THR K 349 -46.39 -15.80 -45.53
CA THR K 349 -46.98 -15.00 -46.59
C THR K 349 -48.18 -15.76 -47.14
N THR K 350 -49.33 -15.08 -47.23
CA THR K 350 -50.58 -15.68 -47.65
C THR K 350 -51.63 -14.58 -47.74
N ARG K 351 -52.78 -14.90 -48.39
CA ARG K 351 -53.80 -13.85 -48.41
C ARG K 351 -54.84 -14.04 -47.32
N PRO K 352 -55.56 -12.95 -46.92
CA PRO K 352 -56.50 -13.03 -45.79
C PRO K 352 -57.80 -13.79 -46.02
N VAL K 353 -57.90 -14.52 -47.13
CA VAL K 353 -59.07 -15.35 -47.45
C VAL K 353 -59.58 -16.26 -46.34
N ALA K 354 -58.78 -17.26 -45.98
CA ALA K 354 -59.21 -18.33 -45.08
C ALA K 354 -58.03 -18.82 -44.22
N LEU K 355 -57.34 -17.88 -43.57
CA LEU K 355 -56.19 -18.24 -42.76
C LEU K 355 -56.48 -18.54 -41.31
N GLU K 356 -57.61 -18.09 -40.76
CA GLU K 356 -57.82 -18.15 -39.31
C GLU K 356 -57.51 -19.51 -38.68
N LYS K 357 -57.51 -20.59 -39.46
CA LYS K 357 -57.01 -21.90 -39.01
C LYS K 357 -55.69 -21.82 -38.26
N LEU K 358 -54.79 -20.97 -38.73
CA LEU K 358 -53.46 -20.78 -38.18
C LEU K 358 -53.41 -19.67 -37.14
N GLN K 359 -54.47 -18.86 -37.05
CA GLN K 359 -54.52 -17.74 -36.14
C GLN K 359 -55.35 -18.03 -34.89
N HIS K 360 -56.47 -18.76 -35.02
CA HIS K 360 -57.04 -19.36 -33.82
C HIS K 360 -56.06 -20.38 -33.24
N LEU K 361 -55.22 -20.96 -34.09
CA LEU K 361 -53.97 -21.55 -33.66
C LEU K 361 -53.10 -20.47 -33.02
N LEU K 362 -52.78 -20.65 -31.75
CA LEU K 362 -52.07 -19.61 -31.01
C LEU K 362 -50.66 -19.43 -31.56
N ASP K 363 -50.32 -18.18 -31.88
CA ASP K 363 -49.00 -17.82 -32.37
C ASP K 363 -48.43 -16.57 -31.72
N HIS K 364 -49.26 -15.70 -31.15
CA HIS K 364 -48.86 -14.36 -30.74
C HIS K 364 -48.08 -13.67 -31.86
N PRO K 365 -48.67 -13.56 -33.07
CA PRO K 365 -47.96 -12.94 -34.18
C PRO K 365 -48.22 -11.45 -34.32
N ARG K 366 -47.57 -10.83 -35.31
CA ARG K 366 -48.04 -9.58 -35.86
C ARG K 366 -48.45 -9.81 -37.32
N HIS K 367 -48.98 -8.76 -37.93
CA HIS K 367 -49.33 -8.79 -39.34
C HIS K 367 -48.90 -7.48 -39.96
N VAL K 368 -48.46 -7.51 -41.21
CA VAL K 368 -48.11 -6.31 -41.95
C VAL K 368 -48.71 -6.39 -43.35
N GLU K 369 -49.26 -5.28 -43.81
CA GLU K 369 -49.86 -5.21 -45.13
C GLU K 369 -48.84 -4.68 -46.14
N ILE K 370 -48.90 -5.23 -47.35
CA ILE K 370 -48.07 -4.79 -48.46
C ILE K 370 -48.94 -4.05 -49.45
N LEU K 371 -48.45 -2.92 -49.93
CA LEU K 371 -49.19 -2.04 -50.82
C LEU K 371 -48.37 -1.84 -52.09
N GLY K 372 -49.05 -1.91 -53.23
CA GLY K 372 -48.39 -1.88 -54.51
C GLY K 372 -48.00 -0.50 -55.01
N PHE K 373 -48.18 -0.27 -56.30
CA PHE K 373 -47.59 0.87 -56.98
C PHE K 373 -48.41 2.14 -56.73
N SER K 374 -47.81 3.08 -56.00
CA SER K 374 -48.31 4.45 -56.02
C SER K 374 -47.90 5.09 -57.34
N GLU K 375 -48.42 6.29 -57.59
CA GLU K 375 -48.21 6.93 -58.89
C GLU K 375 -46.73 7.15 -59.18
N ALA K 376 -46.02 7.79 -58.25
CA ALA K 376 -44.65 8.21 -58.53
C ALA K 376 -43.71 7.02 -58.71
N LYS K 377 -43.73 6.07 -57.79
CA LYS K 377 -42.79 4.96 -57.96
C LYS K 377 -43.32 3.91 -58.93
N ARG K 378 -44.61 3.95 -59.27
CA ARG K 378 -45.07 3.21 -60.45
C ARG K 378 -44.45 3.80 -61.73
N LYS K 379 -44.37 5.12 -61.80
CA LYS K 379 -43.65 5.74 -62.91
C LYS K 379 -42.18 5.34 -62.89
N GLU K 380 -41.60 5.26 -61.70
CA GLU K 380 -40.21 4.80 -61.58
C GLU K 380 -40.06 3.37 -62.08
N TYR K 381 -41.01 2.50 -61.72
CA TYR K 381 -40.97 1.12 -62.21
C TYR K 381 -41.12 1.07 -63.73
N PHE K 382 -41.98 1.94 -64.28
CA PHE K 382 -42.14 1.99 -65.73
C PHE K 382 -40.84 2.42 -66.40
N PHE K 383 -40.15 3.40 -65.82
CA PHE K 383 -38.86 3.83 -66.34
C PHE K 383 -37.82 2.72 -66.25
N LYS K 384 -37.82 1.98 -65.14
CA LYS K 384 -36.81 0.95 -64.96
C LYS K 384 -37.07 -0.26 -65.85
N TYR K 385 -38.34 -0.60 -66.08
CA TYR K 385 -38.67 -1.73 -66.94
C TYR K 385 -38.45 -1.38 -68.40
N PHE K 386 -39.15 -0.35 -68.88
CA PHE K 386 -38.93 0.08 -70.24
C PHE K 386 -37.52 0.62 -70.41
N SER K 387 -37.08 0.72 -71.65
CA SER K 387 -35.88 1.50 -71.92
C SER K 387 -36.18 2.97 -71.66
N ASN K 388 -35.13 3.73 -71.34
CA ASN K 388 -35.33 5.08 -70.85
C ASN K 388 -35.92 6.01 -71.91
N GLU K 389 -35.97 5.59 -73.17
CA GLU K 389 -36.48 6.45 -74.23
C GLU K 389 -37.49 5.79 -75.16
N LEU K 390 -37.50 4.46 -75.30
CA LEU K 390 -38.36 3.86 -76.32
C LEU K 390 -39.83 3.96 -75.94
N GLN K 391 -40.19 3.57 -74.71
CA GLN K 391 -41.59 3.60 -74.29
C GLN K 391 -41.75 4.09 -72.86
N ALA K 392 -40.77 4.80 -72.32
CA ALA K 392 -40.81 5.14 -70.89
C ALA K 392 -41.91 6.16 -70.58
N ARG K 393 -42.17 7.09 -71.47
CA ARG K 393 -43.10 8.18 -71.18
C ARG K 393 -44.43 8.10 -71.92
N GLU K 394 -44.42 7.96 -73.25
CA GLU K 394 -45.66 8.10 -74.01
C GLU K 394 -46.70 7.04 -73.64
N ALA K 395 -46.27 5.78 -73.49
CA ALA K 395 -47.19 4.75 -73.02
C ALA K 395 -47.67 5.03 -71.60
N PHE K 396 -46.75 5.45 -70.73
CA PHE K 396 -47.15 5.80 -69.36
C PHE K 396 -48.25 6.85 -69.37
N ARG K 397 -48.05 7.94 -70.12
CA ARG K 397 -49.03 9.03 -70.09
C ARG K 397 -50.32 8.67 -70.81
N LEU K 398 -50.25 7.86 -71.88
CA LEU K 398 -51.48 7.47 -72.54
C LEU K 398 -52.32 6.56 -71.66
N ILE K 399 -51.69 5.72 -70.84
CA ILE K 399 -52.51 4.95 -69.91
C ILE K 399 -52.84 5.76 -68.66
N GLN K 400 -52.13 6.87 -68.41
CA GLN K 400 -52.58 7.82 -67.41
C GLN K 400 -53.89 8.45 -67.82
N GLU K 401 -54.02 8.79 -69.11
CA GLU K 401 -55.22 9.46 -69.58
C GLU K 401 -56.45 8.57 -69.50
N ASN K 402 -56.27 7.27 -69.27
CA ASN K 402 -57.37 6.37 -69.06
C ASN K 402 -57.98 6.61 -67.68
N GLU K 403 -59.31 6.71 -67.62
CA GLU K 403 -59.98 6.88 -66.34
C GLU K 403 -59.83 5.64 -65.46
N VAL K 404 -59.37 4.54 -66.02
CA VAL K 404 -59.15 3.29 -65.33
C VAL K 404 -57.72 2.85 -65.65
N LEU K 405 -57.31 1.69 -65.13
CA LEU K 405 -55.95 1.17 -65.30
C LEU K 405 -54.97 1.97 -64.45
N PHE K 406 -55.47 3.07 -63.89
CA PHE K 406 -54.81 3.74 -62.79
C PHE K 406 -55.42 3.34 -61.45
N THR K 407 -56.69 2.94 -61.45
CA THR K 407 -57.20 2.16 -60.32
C THR K 407 -56.43 0.85 -60.13
N MET K 408 -56.15 0.13 -61.20
CA MET K 408 -55.40 -1.11 -61.08
C MET K 408 -53.90 -0.90 -61.13
N CYS K 409 -53.42 0.26 -61.57
CA CYS K 409 -51.98 0.44 -61.57
C CYS K 409 -51.41 0.30 -60.17
N PHE K 410 -52.23 0.53 -59.14
CA PHE K 410 -51.79 0.24 -57.78
C PHE K 410 -51.37 -1.21 -57.61
N ILE K 411 -52.15 -2.15 -58.13
CA ILE K 411 -51.79 -3.57 -57.99
C ILE K 411 -50.57 -3.97 -58.83
N PRO K 412 -49.56 -4.53 -58.17
CA PRO K 412 -48.33 -4.91 -58.86
C PRO K 412 -48.50 -5.95 -59.96
N LEU K 413 -49.40 -6.93 -59.82
CA LEU K 413 -49.55 -7.88 -60.91
C LEU K 413 -50.05 -7.20 -62.17
N VAL K 414 -50.92 -6.20 -62.03
CA VAL K 414 -51.37 -5.45 -63.19
C VAL K 414 -50.21 -4.67 -63.80
N CYS K 415 -49.38 -4.03 -62.97
CA CYS K 415 -48.25 -3.33 -63.56
C CYS K 415 -47.28 -4.28 -64.26
N TRP K 416 -46.99 -5.45 -63.66
CA TRP K 416 -46.09 -6.38 -64.30
C TRP K 416 -46.67 -6.95 -65.58
N ILE K 417 -48.00 -7.05 -65.65
CA ILE K 417 -48.61 -7.67 -66.81
C ILE K 417 -48.82 -6.65 -67.90
N VAL K 418 -48.90 -5.37 -67.57
CA VAL K 418 -49.01 -4.38 -68.63
C VAL K 418 -47.61 -4.03 -69.15
N CYS K 419 -46.60 -4.09 -68.28
CA CYS K 419 -45.24 -3.85 -68.74
C CYS K 419 -44.80 -4.97 -69.67
N THR K 420 -45.02 -6.23 -69.29
CA THR K 420 -44.67 -7.31 -70.20
C THR K 420 -45.63 -7.39 -71.38
N GLY K 421 -46.90 -7.01 -71.19
CA GLY K 421 -47.93 -7.08 -72.20
C GLY K 421 -47.92 -6.01 -73.25
N LEU K 422 -47.06 -4.99 -73.12
CA LEU K 422 -47.05 -3.94 -74.14
C LEU K 422 -45.78 -3.89 -74.99
N LYS K 423 -44.74 -4.65 -74.64
CA LYS K 423 -43.56 -4.71 -75.51
C LYS K 423 -43.82 -5.45 -76.83
N GLN K 424 -44.92 -6.19 -76.94
CA GLN K 424 -45.28 -6.78 -78.23
C GLN K 424 -46.08 -5.83 -79.14
N GLN K 425 -46.38 -4.60 -78.72
CA GLN K 425 -47.36 -3.78 -79.41
C GLN K 425 -46.75 -2.67 -80.24
N MET K 426 -45.45 -2.38 -80.10
CA MET K 426 -44.84 -1.42 -81.01
C MET K 426 -44.69 -1.99 -82.41
N GLU K 427 -44.53 -3.32 -82.52
CA GLU K 427 -44.56 -3.96 -83.83
C GLU K 427 -45.92 -3.78 -84.51
N THR K 428 -46.99 -3.72 -83.73
CA THR K 428 -48.31 -3.40 -84.26
C THR K 428 -48.54 -1.89 -84.30
N GLY K 429 -48.43 -1.23 -83.15
CA GLY K 429 -48.51 0.21 -83.08
C GLY K 429 -49.89 0.73 -82.72
N LYS K 430 -49.95 1.59 -81.71
CA LYS K 430 -51.17 2.30 -81.33
C LYS K 430 -52.31 1.32 -81.00
N SER K 431 -52.00 0.35 -80.14
CA SER K 431 -52.98 -0.61 -79.66
C SER K 431 -52.81 -0.85 -78.18
N LEU K 432 -52.59 0.22 -77.40
CA LEU K 432 -52.17 0.11 -76.01
C LEU K 432 -53.35 0.19 -75.06
N ALA K 433 -54.09 1.30 -75.09
CA ALA K 433 -55.14 1.59 -74.12
C ALA K 433 -56.48 0.99 -74.48
N GLN K 434 -56.59 0.30 -75.62
CA GLN K 434 -57.87 -0.24 -76.05
C GLN K 434 -58.29 -1.43 -75.17
N THR K 435 -59.60 -1.65 -75.12
CA THR K 435 -60.26 -2.77 -74.42
C THR K 435 -59.56 -3.10 -73.11
N SER K 436 -59.35 -2.06 -72.31
CA SER K 436 -58.71 -2.16 -70.99
C SER K 436 -59.69 -1.58 -69.96
N LYS K 437 -60.48 -2.44 -69.33
CA LYS K 437 -61.45 -2.01 -68.33
C LYS K 437 -61.16 -2.58 -66.95
N THR K 438 -61.10 -3.90 -66.82
CA THR K 438 -61.06 -4.57 -65.52
C THR K 438 -59.94 -5.61 -65.53
N THR K 439 -59.73 -6.26 -64.38
CA THR K 439 -58.68 -7.27 -64.29
C THR K 439 -58.92 -8.42 -65.26
N THR K 440 -60.15 -8.90 -65.34
CA THR K 440 -60.50 -9.91 -66.34
C THR K 440 -60.28 -9.39 -67.74
N ALA K 441 -60.64 -8.14 -68.00
CA ALA K 441 -60.48 -7.57 -69.34
C ALA K 441 -59.02 -7.53 -69.75
N VAL K 442 -58.15 -7.07 -68.85
CA VAL K 442 -56.74 -6.95 -69.18
C VAL K 442 -56.12 -8.33 -69.31
N TYR K 443 -56.53 -9.29 -68.48
CA TYR K 443 -56.02 -10.64 -68.61
C TYR K 443 -56.41 -11.26 -69.96
N VAL K 444 -57.67 -11.05 -70.37
CA VAL K 444 -58.12 -11.57 -71.67
C VAL K 444 -57.36 -10.90 -72.81
N PHE K 445 -57.16 -9.59 -72.71
CA PHE K 445 -56.41 -8.88 -73.75
C PHE K 445 -54.97 -9.37 -73.84
N PHE K 446 -54.32 -9.56 -72.70
CA PHE K 446 -52.95 -10.05 -72.70
C PHE K 446 -52.86 -11.45 -73.26
N LEU K 447 -53.79 -12.34 -72.87
CA LEU K 447 -53.77 -13.70 -73.42
C LEU K 447 -53.99 -13.68 -74.93
N SER K 448 -54.93 -12.86 -75.41
CA SER K 448 -55.18 -12.76 -76.84
C SER K 448 -53.96 -12.22 -77.58
N SER K 449 -53.28 -11.23 -76.98
CA SER K 449 -52.05 -10.70 -77.57
C SER K 449 -50.97 -11.76 -77.67
N LEU K 450 -50.80 -12.56 -76.61
CA LEU K 450 -49.83 -13.65 -76.67
C LEU K 450 -50.22 -14.69 -77.72
N LEU K 451 -51.51 -15.02 -77.78
CA LEU K 451 -52.03 -16.07 -78.65
C LEU K 451 -52.64 -15.49 -79.93
N GLN K 452 -52.07 -14.40 -80.45
CA GLN K 452 -52.62 -13.76 -81.64
C GLN K 452 -52.20 -14.50 -82.91
N SER K 453 -50.90 -14.79 -83.04
CA SER K 453 -50.37 -15.40 -84.25
C SER K 453 -50.44 -16.92 -84.22
N ARG K 454 -51.18 -17.50 -83.28
CA ARG K 454 -51.34 -18.94 -83.18
C ARG K 454 -52.59 -19.45 -83.89
N GLY K 455 -53.41 -18.57 -84.45
CA GLY K 455 -54.61 -18.97 -85.13
C GLY K 455 -55.57 -17.83 -85.39
N LEU K 461 -55.72 -26.12 -85.08
CA LEU K 461 -54.34 -26.21 -84.60
C LEU K 461 -54.26 -25.86 -83.12
N PHE K 462 -54.04 -24.59 -82.81
CA PHE K 462 -53.95 -24.16 -81.41
C PHE K 462 -55.31 -24.15 -80.73
N SER K 463 -56.41 -24.19 -81.49
CA SER K 463 -57.73 -24.24 -80.87
C SER K 463 -57.88 -25.47 -79.99
N ASP K 464 -57.30 -26.60 -80.40
CA ASP K 464 -57.31 -27.78 -79.56
C ASP K 464 -56.22 -27.75 -78.50
N TYR K 465 -55.08 -27.11 -78.78
CA TYR K 465 -54.00 -27.04 -77.79
C TYR K 465 -54.42 -26.24 -76.57
N LEU K 466 -55.08 -25.10 -76.79
CA LEU K 466 -55.55 -24.28 -75.67
C LEU K 466 -56.58 -25.05 -74.84
N GLN K 467 -57.48 -25.76 -75.51
CA GLN K 467 -58.47 -26.54 -74.78
C GLN K 467 -57.82 -27.68 -73.99
N GLY K 468 -56.82 -28.34 -74.57
CA GLY K 468 -56.14 -29.40 -73.85
C GLY K 468 -55.39 -28.92 -72.62
N LEU K 469 -54.68 -27.80 -72.74
CA LEU K 469 -54.02 -27.23 -71.58
C LEU K 469 -55.03 -26.74 -70.55
N CYS K 470 -56.12 -26.14 -71.03
CA CYS K 470 -57.17 -25.64 -70.16
C CYS K 470 -57.81 -26.75 -69.34
N SER K 471 -58.20 -27.84 -70.01
CA SER K 471 -58.97 -28.89 -69.35
C SER K 471 -58.13 -29.69 -68.39
N LEU K 472 -56.92 -29.21 -68.13
CA LEU K 472 -55.99 -29.86 -67.22
C LEU K 472 -55.39 -28.89 -66.23
N ALA K 473 -55.37 -27.59 -66.53
CA ALA K 473 -54.71 -26.64 -65.64
C ALA K 473 -55.52 -26.52 -64.35
N ALA K 474 -56.84 -26.39 -64.49
CA ALA K 474 -57.71 -26.13 -63.34
C ALA K 474 -57.67 -27.27 -62.33
N ASP K 475 -57.49 -28.50 -62.81
CA ASP K 475 -57.36 -29.65 -61.92
C ASP K 475 -56.20 -29.52 -60.96
N GLY K 476 -55.22 -28.66 -61.26
CA GLY K 476 -54.16 -28.38 -60.30
C GLY K 476 -54.68 -27.91 -58.96
N ILE K 477 -55.77 -27.15 -58.96
CA ILE K 477 -56.40 -26.74 -57.72
C ILE K 477 -57.71 -27.48 -57.46
N TRP K 478 -58.36 -28.00 -58.51
CA TRP K 478 -59.58 -28.79 -58.33
C TRP K 478 -59.27 -30.10 -57.62
N ASN K 479 -58.48 -30.97 -58.26
CA ASN K 479 -58.00 -32.15 -57.56
C ASN K 479 -56.96 -31.80 -56.50
N GLN K 480 -56.55 -30.53 -56.45
CA GLN K 480 -55.60 -30.02 -55.46
C GLN K 480 -54.26 -30.71 -55.59
N LYS K 481 -53.78 -30.80 -56.83
CA LYS K 481 -52.40 -31.16 -57.13
C LYS K 481 -51.87 -30.00 -57.96
N ILE K 482 -51.53 -28.92 -57.27
CA ILE K 482 -51.06 -27.71 -57.95
C ILE K 482 -49.78 -28.00 -58.74
N LEU K 483 -49.01 -28.98 -58.30
CA LEU K 483 -47.79 -29.36 -59.00
C LEU K 483 -48.12 -30.40 -60.06
N PHE K 484 -47.67 -30.15 -61.29
CA PHE K 484 -47.98 -30.96 -62.46
C PHE K 484 -47.04 -32.14 -62.65
N GLU K 485 -46.03 -32.30 -61.80
CA GLU K 485 -45.02 -33.36 -61.93
C GLU K 485 -44.33 -33.27 -63.29
N GLU K 486 -43.59 -32.16 -63.45
CA GLU K 486 -42.90 -31.79 -64.70
C GLU K 486 -43.86 -31.88 -65.89
N CYS K 487 -45.15 -31.71 -65.61
CA CYS K 487 -46.21 -31.73 -66.61
C CYS K 487 -46.32 -33.10 -67.27
N ASP K 488 -46.34 -34.14 -66.44
CA ASP K 488 -46.63 -35.49 -66.94
C ASP K 488 -48.13 -35.69 -67.17
N LEU K 489 -48.97 -35.05 -66.36
CA LEU K 489 -50.39 -34.99 -66.70
C LEU K 489 -50.58 -34.29 -68.03
N ARG K 490 -49.82 -33.22 -68.29
CA ARG K 490 -49.82 -32.59 -69.60
C ARG K 490 -49.28 -33.53 -70.68
N LYS K 491 -48.25 -34.33 -70.35
CA LYS K 491 -47.79 -35.37 -71.26
C LYS K 491 -48.91 -36.31 -71.65
N HIS K 492 -49.84 -36.57 -70.72
CA HIS K 492 -51.06 -37.28 -71.09
C HIS K 492 -51.98 -36.40 -71.94
N GLY K 493 -52.16 -35.14 -71.54
CA GLY K 493 -53.07 -34.24 -72.24
C GLY K 493 -52.39 -33.21 -73.11
N LEU K 494 -52.37 -33.43 -74.42
CA LEU K 494 -51.95 -32.44 -75.41
C LEU K 494 -50.49 -32.00 -75.17
N GLN K 495 -49.59 -32.96 -75.34
CA GLN K 495 -48.15 -32.71 -75.30
C GLN K 495 -47.63 -32.67 -76.74
N LYS K 496 -47.33 -31.47 -77.22
CA LYS K 496 -46.75 -31.28 -78.55
C LYS K 496 -45.67 -30.20 -78.43
N THR K 497 -45.24 -29.68 -79.59
CA THR K 497 -44.35 -28.52 -79.60
C THR K 497 -45.05 -27.27 -79.09
N ASP K 498 -46.39 -27.28 -79.04
CA ASP K 498 -47.11 -26.19 -78.41
C ASP K 498 -46.66 -25.98 -76.97
N VAL K 499 -46.32 -27.07 -76.27
CA VAL K 499 -45.82 -26.96 -74.90
C VAL K 499 -44.50 -26.21 -74.88
N SER K 500 -43.61 -26.52 -75.83
CA SER K 500 -42.35 -25.78 -75.92
C SER K 500 -42.61 -24.30 -76.19
N ALA K 501 -43.56 -24.00 -77.07
CA ALA K 501 -43.89 -22.61 -77.34
C ALA K 501 -44.43 -21.91 -76.10
N PHE K 502 -45.30 -22.60 -75.34
CA PHE K 502 -45.86 -22.02 -74.13
C PHE K 502 -44.75 -21.74 -73.11
N LEU K 503 -43.83 -22.69 -72.94
CA LEU K 503 -42.72 -22.48 -72.02
C LEU K 503 -41.81 -21.34 -72.49
N ARG K 504 -41.61 -21.23 -73.80
CA ARG K 504 -40.76 -20.16 -74.33
C ARG K 504 -41.37 -18.79 -74.10
N MET K 505 -42.68 -18.65 -74.28
CA MET K 505 -43.32 -17.37 -73.98
C MET K 505 -43.62 -17.19 -72.50
N ASN K 506 -43.45 -18.24 -71.69
CA ASN K 506 -43.74 -18.22 -70.25
C ASN K 506 -42.52 -18.69 -69.47
N VAL K 507 -41.37 -18.05 -69.76
CA VAL K 507 -40.07 -18.48 -69.24
C VAL K 507 -40.10 -18.79 -67.75
N PHE K 508 -41.00 -18.15 -67.00
CA PHE K 508 -41.09 -18.35 -65.57
C PHE K 508 -41.91 -19.59 -65.18
N GLN K 509 -42.06 -20.56 -66.08
CA GLN K 509 -42.82 -21.77 -65.81
C GLN K 509 -41.94 -22.86 -65.20
N LYS K 510 -40.89 -23.26 -65.93
CA LYS K 510 -40.03 -24.34 -65.50
C LYS K 510 -38.81 -23.87 -64.73
N GLU K 511 -38.31 -22.66 -65.06
CA GLU K 511 -37.03 -22.21 -64.53
C GLU K 511 -37.07 -22.00 -63.03
N VAL K 512 -38.24 -21.70 -62.46
CA VAL K 512 -38.33 -21.45 -61.02
C VAL K 512 -38.00 -22.71 -60.22
N ASP K 513 -38.32 -23.88 -60.75
CA ASP K 513 -38.03 -25.13 -60.04
C ASP K 513 -36.57 -25.53 -60.17
N CYS K 514 -35.91 -25.17 -61.27
CA CYS K 514 -34.48 -25.16 -61.49
C CYS K 514 -33.86 -26.55 -61.70
N GLU K 515 -34.60 -27.64 -61.51
CA GLU K 515 -34.03 -28.96 -61.76
C GLU K 515 -34.72 -29.72 -62.88
N ARG K 516 -36.01 -30.02 -62.75
CA ARG K 516 -36.75 -30.72 -63.79
C ARG K 516 -38.17 -30.21 -63.99
N PHE K 517 -38.71 -29.41 -63.09
CA PHE K 517 -40.14 -29.37 -62.84
C PHE K 517 -40.79 -28.20 -63.54
N TYR K 518 -42.08 -28.37 -63.88
CA TYR K 518 -42.84 -27.42 -64.66
C TYR K 518 -44.05 -26.96 -63.86
N SER K 519 -44.39 -25.67 -63.98
CA SER K 519 -45.47 -25.08 -63.21
C SER K 519 -45.92 -23.80 -63.91
N PHE K 520 -46.65 -22.95 -63.19
CA PHE K 520 -47.09 -21.65 -63.69
C PHE K 520 -46.41 -20.54 -62.89
N SER K 521 -46.61 -19.30 -63.33
CA SER K 521 -45.89 -18.19 -62.70
C SER K 521 -46.38 -17.87 -61.30
N HIS K 522 -47.62 -17.40 -61.18
CA HIS K 522 -48.23 -17.13 -59.87
C HIS K 522 -49.67 -17.62 -59.86
N MET K 523 -49.94 -18.74 -60.52
CA MET K 523 -51.21 -19.45 -60.47
C MET K 523 -52.40 -18.56 -60.83
N THR K 524 -52.14 -17.34 -61.29
CA THR K 524 -53.22 -16.45 -61.65
C THR K 524 -53.69 -16.71 -63.07
N PHE K 525 -52.75 -16.89 -63.99
CA PHE K 525 -53.11 -17.41 -65.30
C PHE K 525 -53.69 -18.81 -65.17
N GLN K 526 -53.26 -19.57 -64.16
CA GLN K 526 -53.86 -20.88 -63.92
C GLN K 526 -55.34 -20.75 -63.55
N GLU K 527 -55.67 -19.79 -62.68
CA GLU K 527 -57.09 -19.61 -62.36
C GLU K 527 -57.85 -19.01 -63.54
N PHE K 528 -57.16 -18.23 -64.37
CA PHE K 528 -57.79 -17.75 -65.59
C PHE K 528 -58.12 -18.90 -66.53
N PHE K 529 -57.21 -19.87 -66.63
CA PHE K 529 -57.49 -21.08 -67.41
C PHE K 529 -58.58 -21.92 -66.75
N ALA K 530 -58.70 -21.87 -65.43
CA ALA K 530 -59.82 -22.55 -64.77
C ALA K 530 -61.15 -21.91 -65.14
N ALA K 531 -61.19 -20.59 -65.25
CA ALA K 531 -62.38 -19.91 -65.77
C ALA K 531 -62.63 -20.30 -67.23
N MET K 532 -61.56 -20.38 -68.01
CA MET K 532 -61.66 -20.88 -69.39
C MET K 532 -62.30 -22.27 -69.44
N TYR K 533 -61.90 -23.15 -68.51
CA TYR K 533 -62.47 -24.49 -68.47
C TYR K 533 -63.99 -24.47 -68.51
N TYR K 534 -64.60 -23.85 -67.51
CA TYR K 534 -66.06 -23.76 -67.50
C TYR K 534 -66.59 -22.97 -68.69
N LEU K 535 -65.76 -22.10 -69.27
CA LEU K 535 -66.17 -21.41 -70.50
C LEU K 535 -66.31 -22.41 -71.65
N LEU K 536 -65.44 -23.40 -71.70
CA LEU K 536 -65.43 -24.41 -72.74
C LEU K 536 -66.15 -25.67 -72.24
N GLU K 537 -66.35 -26.61 -73.17
CA GLU K 537 -66.99 -27.88 -72.85
C GLU K 537 -66.64 -28.95 -73.87
N ARG K 558 -67.80 -28.13 -66.08
CA ARG K 558 -68.69 -29.17 -65.56
C ARG K 558 -69.85 -28.60 -64.75
N ASP K 559 -70.15 -29.23 -63.63
CA ASP K 559 -71.21 -28.79 -62.75
C ASP K 559 -70.78 -27.59 -61.92
N VAL K 560 -71.67 -26.59 -61.83
CA VAL K 560 -71.43 -25.39 -61.04
C VAL K 560 -71.84 -25.54 -59.59
N LYS K 561 -72.62 -26.58 -59.26
CA LYS K 561 -73.18 -26.73 -57.93
C LYS K 561 -72.08 -26.91 -56.89
N VAL K 562 -71.20 -27.88 -57.12
CA VAL K 562 -70.15 -28.17 -56.16
C VAL K 562 -69.14 -27.03 -56.08
N LEU K 563 -68.84 -26.36 -57.18
CA LEU K 563 -67.92 -25.23 -57.09
C LEU K 563 -68.48 -24.12 -56.21
N LEU K 564 -69.73 -23.69 -56.47
CA LEU K 564 -70.30 -22.64 -55.63
C LEU K 564 -70.51 -23.09 -54.19
N GLU K 565 -70.78 -24.38 -53.96
CA GLU K 565 -70.78 -24.89 -52.59
C GLU K 565 -69.40 -24.77 -51.94
N ASN K 566 -68.36 -25.11 -52.67
CA ASN K 566 -66.98 -25.10 -52.22
C ASN K 566 -66.33 -23.69 -52.29
N TYR K 567 -67.13 -22.63 -52.39
CA TYR K 567 -66.60 -21.29 -52.58
C TYR K 567 -65.77 -20.83 -51.38
N GLY K 568 -64.49 -20.58 -51.61
CA GLY K 568 -63.63 -19.92 -50.66
C GLY K 568 -62.98 -20.84 -49.65
N LYS K 569 -63.13 -22.14 -49.83
CA LYS K 569 -62.66 -23.19 -48.94
C LYS K 569 -61.16 -23.31 -49.14
N PHE K 570 -60.62 -24.47 -48.83
CA PHE K 570 -59.18 -24.64 -48.66
C PHE K 570 -58.80 -25.99 -49.25
N GLU K 571 -59.61 -26.46 -50.20
CA GLU K 571 -59.53 -27.73 -50.88
C GLU K 571 -59.35 -27.55 -52.37
N LYS K 572 -60.11 -26.63 -52.98
CA LYS K 572 -59.93 -26.27 -54.38
C LYS K 572 -59.15 -24.97 -54.57
N GLY K 573 -58.74 -24.32 -53.49
CA GLY K 573 -57.86 -23.16 -53.54
C GLY K 573 -58.52 -21.79 -53.52
N TYR K 574 -59.32 -21.55 -52.49
CA TYR K 574 -59.99 -20.28 -52.21
C TYR K 574 -60.98 -19.84 -53.28
N LEU K 575 -60.84 -20.35 -54.51
CA LEU K 575 -61.73 -19.98 -55.61
C LEU K 575 -61.90 -18.49 -55.80
N ILE K 576 -61.11 -17.67 -55.09
CA ILE K 576 -61.28 -16.23 -55.16
C ILE K 576 -61.08 -15.72 -56.60
N PHE K 577 -59.87 -15.88 -57.13
CA PHE K 577 -59.62 -15.37 -58.48
C PHE K 577 -60.39 -16.18 -59.51
N VAL K 578 -60.74 -17.43 -59.18
CA VAL K 578 -61.53 -18.25 -60.07
C VAL K 578 -62.86 -17.57 -60.33
N VAL K 579 -63.63 -17.34 -59.27
CA VAL K 579 -64.93 -16.70 -59.40
C VAL K 579 -64.78 -15.27 -59.90
N ARG K 580 -63.68 -14.61 -59.53
CA ARG K 580 -63.44 -13.26 -60.04
C ARG K 580 -63.41 -13.25 -61.56
N PHE K 581 -62.61 -14.13 -62.16
CA PHE K 581 -62.56 -14.20 -63.61
C PHE K 581 -63.86 -14.73 -64.18
N LEU K 582 -64.54 -15.65 -63.48
CA LEU K 582 -65.86 -16.10 -63.92
C LEU K 582 -66.82 -14.94 -64.11
N PHE K 583 -66.90 -14.06 -63.09
CA PHE K 583 -67.76 -12.89 -63.23
C PHE K 583 -67.25 -11.97 -64.32
N GLY K 584 -65.93 -11.79 -64.43
CA GLY K 584 -65.43 -10.89 -65.44
C GLY K 584 -65.81 -11.35 -66.84
N LEU K 585 -65.81 -12.66 -67.05
CA LEU K 585 -66.11 -13.24 -68.35
C LEU K 585 -67.60 -13.25 -68.65
N VAL K 586 -68.44 -13.54 -67.65
CA VAL K 586 -69.85 -13.83 -67.92
C VAL K 586 -70.57 -12.59 -68.43
N ASN K 587 -69.86 -11.46 -68.51
CA ASN K 587 -70.42 -10.27 -69.14
C ASN K 587 -70.86 -10.65 -70.54
N GLN K 588 -72.07 -10.25 -70.93
CA GLN K 588 -72.67 -10.77 -72.16
C GLN K 588 -71.87 -10.44 -73.41
N GLU K 589 -71.32 -9.22 -73.51
CA GLU K 589 -70.46 -8.89 -74.63
C GLU K 589 -69.21 -9.79 -74.69
N ARG K 590 -68.56 -9.99 -73.55
CA ARG K 590 -67.43 -10.92 -73.51
C ARG K 590 -67.85 -12.36 -73.80
N THR K 591 -69.06 -12.72 -73.37
CA THR K 591 -69.63 -14.04 -73.69
C THR K 591 -69.69 -14.24 -75.18
N SER K 592 -70.29 -13.29 -75.90
CA SER K 592 -70.38 -13.41 -77.35
C SER K 592 -69.00 -13.41 -77.99
N TYR K 593 -68.11 -12.53 -77.52
CA TYR K 593 -66.77 -12.46 -78.10
C TYR K 593 -66.03 -13.77 -77.95
N LEU K 594 -66.11 -14.38 -76.76
CA LEU K 594 -65.38 -15.63 -76.51
C LEU K 594 -66.05 -16.81 -77.19
N GLU K 595 -67.39 -16.84 -77.23
CA GLU K 595 -68.07 -17.92 -77.94
C GLU K 595 -67.79 -17.87 -79.43
N LYS K 596 -67.44 -16.69 -79.95
CA LYS K 596 -67.03 -16.60 -81.35
C LYS K 596 -65.54 -16.89 -81.53
N LYS K 597 -64.71 -16.44 -80.60
CA LYS K 597 -63.26 -16.59 -80.73
C LYS K 597 -62.83 -18.03 -80.51
N LEU K 598 -63.35 -18.68 -79.48
CA LEU K 598 -62.91 -20.00 -79.07
C LEU K 598 -63.75 -21.13 -79.62
N SER K 599 -64.78 -20.82 -80.42
CA SER K 599 -65.69 -21.83 -80.97
C SER K 599 -66.28 -22.71 -79.86
N CYS K 600 -66.65 -22.07 -78.75
CA CYS K 600 -67.08 -22.78 -77.55
C CYS K 600 -68.45 -22.33 -77.11
N LYS K 601 -69.23 -23.27 -76.58
CA LYS K 601 -70.53 -23.00 -75.99
C LYS K 601 -70.38 -22.73 -74.49
N ILE K 602 -71.04 -21.68 -74.01
CA ILE K 602 -71.01 -21.33 -72.59
C ILE K 602 -72.45 -21.27 -72.09
N SER K 603 -72.65 -21.74 -70.87
CA SER K 603 -73.98 -21.85 -70.28
C SER K 603 -74.37 -20.55 -69.62
N GLN K 604 -75.64 -20.18 -69.74
CA GLN K 604 -76.14 -18.98 -69.07
C GLN K 604 -76.74 -19.29 -67.72
N GLN K 605 -76.92 -20.59 -67.40
CA GLN K 605 -77.46 -21.00 -66.12
C GLN K 605 -76.58 -20.46 -64.98
N VAL K 606 -75.26 -20.43 -65.20
CA VAL K 606 -74.34 -19.96 -64.17
C VAL K 606 -74.69 -18.55 -63.71
N ARG K 607 -75.17 -17.71 -64.63
CA ARG K 607 -75.61 -16.36 -64.25
C ARG K 607 -76.67 -16.44 -63.14
N LEU K 608 -77.66 -17.31 -63.34
CA LEU K 608 -78.68 -17.51 -62.32
C LEU K 608 -78.06 -18.08 -61.06
N GLU K 609 -77.11 -19.00 -61.22
CA GLU K 609 -76.47 -19.60 -60.06
C GLU K 609 -75.83 -18.53 -59.20
N LEU K 610 -75.08 -17.63 -59.83
CA LEU K 610 -74.50 -16.48 -59.14
C LEU K 610 -75.58 -15.69 -58.41
N LEU K 611 -76.68 -15.39 -59.11
CA LEU K 611 -77.85 -14.77 -58.48
C LEU K 611 -78.24 -15.48 -57.17
N LYS K 612 -78.53 -16.78 -57.27
CA LYS K 612 -78.86 -17.59 -56.11
C LYS K 612 -77.83 -17.42 -55.01
N TRP K 613 -76.56 -17.53 -55.38
CA TRP K 613 -75.47 -17.32 -54.45
C TRP K 613 -75.61 -16.00 -53.72
N ILE K 614 -75.87 -14.93 -54.47
CA ILE K 614 -76.06 -13.61 -53.87
C ILE K 614 -77.18 -13.61 -52.81
N GLU K 615 -78.36 -14.14 -53.12
CA GLU K 615 -79.36 -14.20 -52.03
C GLU K 615 -78.84 -15.02 -50.84
N VAL K 616 -78.16 -16.13 -51.09
CA VAL K 616 -77.61 -16.92 -49.99
C VAL K 616 -76.66 -16.09 -49.12
N LYS K 617 -75.70 -15.41 -49.75
CA LYS K 617 -74.82 -14.60 -48.90
C LYS K 617 -75.51 -13.37 -48.35
N ALA K 618 -76.68 -13.02 -48.91
CA ALA K 618 -77.54 -12.01 -48.28
C ALA K 618 -78.06 -12.54 -46.95
N LYS K 619 -78.40 -13.82 -46.92
CA LYS K 619 -79.01 -14.42 -45.75
C LYS K 619 -77.98 -15.03 -44.81
N ALA K 620 -76.71 -15.01 -45.18
CA ALA K 620 -75.64 -15.54 -44.33
C ALA K 620 -75.35 -14.51 -43.25
N LYS K 621 -75.77 -14.80 -42.01
CA LYS K 621 -75.54 -13.87 -40.91
C LYS K 621 -74.11 -13.89 -40.39
N LYS K 622 -73.34 -14.92 -40.69
CA LYS K 622 -71.94 -15.00 -40.24
C LYS K 622 -71.03 -14.37 -41.29
N LEU K 623 -71.17 -13.05 -41.46
CA LEU K 623 -70.35 -12.34 -42.43
C LEU K 623 -68.97 -11.97 -41.91
N GLN K 624 -68.70 -12.15 -40.62
CA GLN K 624 -67.38 -11.79 -40.10
C GLN K 624 -66.31 -12.82 -40.47
N TRP K 625 -66.66 -14.10 -40.47
CA TRP K 625 -65.71 -15.17 -40.78
C TRP K 625 -65.98 -15.82 -42.12
N GLN K 626 -66.81 -15.21 -42.96
CA GLN K 626 -67.10 -15.68 -44.30
C GLN K 626 -66.74 -14.55 -45.27
N PRO K 627 -66.68 -14.81 -46.58
CA PRO K 627 -66.27 -13.76 -47.51
C PRO K 627 -67.19 -12.53 -47.43
N SER K 628 -66.58 -11.36 -47.50
CA SER K 628 -67.25 -10.11 -47.19
C SER K 628 -68.20 -9.70 -48.32
N GLN K 629 -68.71 -8.48 -48.23
CA GLN K 629 -69.41 -7.83 -49.33
C GLN K 629 -68.46 -7.23 -50.35
N LEU K 630 -67.17 -7.12 -50.03
CA LEU K 630 -66.24 -6.41 -50.89
C LEU K 630 -65.94 -7.21 -52.16
N GLU K 631 -65.71 -8.50 -52.02
CA GLU K 631 -65.47 -9.31 -53.21
C GLU K 631 -66.73 -9.55 -54.03
N LEU K 632 -67.90 -9.56 -53.38
CA LEU K 632 -69.13 -9.53 -54.15
C LEU K 632 -69.21 -8.26 -54.99
N PHE K 633 -68.85 -7.12 -54.40
CA PHE K 633 -68.80 -5.88 -55.17
C PHE K 633 -67.80 -5.99 -56.31
N TYR K 634 -66.64 -6.58 -56.03
CA TYR K 634 -65.64 -6.84 -57.06
C TYR K 634 -66.26 -7.58 -58.23
N CYS K 635 -66.98 -8.65 -57.93
CA CYS K 635 -67.52 -9.50 -58.98
C CYS K 635 -68.59 -8.77 -59.79
N LEU K 636 -69.55 -8.15 -59.11
CA LEU K 636 -70.61 -7.44 -59.83
C LEU K 636 -70.04 -6.32 -60.70
N TYR K 637 -69.01 -5.62 -60.21
CA TYR K 637 -68.33 -4.66 -61.05
C TYR K 637 -67.64 -5.34 -62.21
N GLU K 638 -67.00 -6.47 -61.97
CA GLU K 638 -66.27 -7.14 -63.03
C GLU K 638 -67.19 -7.68 -64.10
N MET K 639 -68.48 -7.83 -63.79
CA MET K 639 -69.42 -8.36 -64.76
C MET K 639 -70.37 -7.32 -65.35
N GLN K 640 -70.33 -6.08 -64.86
CA GLN K 640 -70.94 -4.94 -65.56
C GLN K 640 -72.31 -5.18 -66.17
N GLU K 641 -73.24 -5.81 -65.46
CA GLU K 641 -74.60 -5.93 -65.97
C GLU K 641 -75.54 -5.12 -65.08
N GLU K 642 -76.35 -4.26 -65.70
CA GLU K 642 -77.20 -3.35 -64.95
C GLU K 642 -78.22 -4.12 -64.11
N ASP K 643 -79.10 -4.88 -64.78
CA ASP K 643 -80.20 -5.53 -64.07
C ASP K 643 -79.66 -6.55 -63.08
N PHE K 644 -78.58 -7.24 -63.44
CA PHE K 644 -77.98 -8.22 -62.54
C PHE K 644 -77.44 -7.55 -61.28
N VAL K 645 -76.73 -6.43 -61.44
CA VAL K 645 -76.23 -5.72 -60.27
C VAL K 645 -77.38 -5.20 -59.43
N GLN K 646 -78.44 -4.72 -60.08
CA GLN K 646 -79.62 -4.26 -59.34
C GLN K 646 -80.20 -5.39 -58.51
N SER K 647 -80.41 -6.56 -59.11
CA SER K 647 -80.99 -7.69 -58.40
C SER K 647 -80.07 -8.15 -57.27
N ALA K 648 -78.75 -8.13 -57.52
CA ALA K 648 -77.80 -8.51 -56.49
C ALA K 648 -77.88 -7.56 -55.30
N MET K 649 -78.00 -6.26 -55.56
CA MET K 649 -78.07 -5.29 -54.48
C MET K 649 -79.43 -5.32 -53.78
N ASP K 650 -80.47 -5.77 -54.47
CA ASP K 650 -81.80 -5.82 -53.87
C ASP K 650 -81.80 -6.70 -52.62
N HIS K 651 -81.01 -7.78 -52.64
CA HIS K 651 -80.97 -8.69 -51.50
C HIS K 651 -80.27 -8.09 -50.29
N PHE K 652 -79.63 -6.93 -50.44
CA PHE K 652 -78.86 -6.32 -49.36
C PHE K 652 -79.46 -4.96 -49.03
N PRO K 653 -80.14 -4.79 -47.90
CA PRO K 653 -80.66 -3.46 -47.56
C PRO K 653 -79.63 -2.57 -46.88
N LYS K 654 -78.52 -3.12 -46.43
CA LYS K 654 -77.52 -2.36 -45.71
C LYS K 654 -76.14 -2.87 -46.10
N ILE K 655 -75.19 -1.95 -46.23
CA ILE K 655 -73.87 -2.25 -46.75
C ILE K 655 -72.84 -1.94 -45.66
N GLU K 656 -71.90 -2.86 -45.47
CA GLU K 656 -70.79 -2.66 -44.55
C GLU K 656 -69.53 -3.07 -45.28
N ILE K 657 -68.72 -2.09 -45.69
CA ILE K 657 -67.45 -2.35 -46.33
C ILE K 657 -66.41 -1.42 -45.72
N ASN K 658 -65.15 -1.69 -46.04
CA ASN K 658 -64.03 -0.91 -45.52
C ASN K 658 -63.04 -0.74 -46.67
N LEU K 659 -62.96 0.46 -47.21
CA LEU K 659 -62.17 0.69 -48.41
C LEU K 659 -60.68 0.68 -48.08
N SER K 660 -59.92 -0.04 -48.89
CA SER K 660 -58.46 -0.05 -48.82
C SER K 660 -57.81 0.37 -50.12
N THR K 661 -58.35 -0.08 -51.26
CA THR K 661 -57.85 0.30 -52.56
C THR K 661 -58.79 1.28 -53.26
N ARG K 662 -58.22 2.04 -54.20
CA ARG K 662 -59.08 2.83 -55.07
C ARG K 662 -59.93 1.91 -55.92
N MET K 663 -59.45 0.68 -56.16
CA MET K 663 -60.29 -0.32 -56.78
C MET K 663 -61.50 -0.62 -55.90
N ASP K 664 -61.30 -0.61 -54.58
CA ASP K 664 -62.43 -0.73 -53.66
C ASP K 664 -63.38 0.44 -53.83
N HIS K 665 -62.82 1.65 -53.94
CA HIS K 665 -63.67 2.82 -54.15
C HIS K 665 -64.48 2.71 -55.43
N VAL K 666 -63.85 2.29 -56.52
CA VAL K 666 -64.56 2.23 -57.81
C VAL K 666 -65.65 1.16 -57.76
N VAL K 667 -65.33 -0.03 -57.23
CA VAL K 667 -66.35 -1.08 -57.22
C VAL K 667 -67.50 -0.69 -56.31
N SER K 668 -67.19 -0.02 -55.19
CA SER K 668 -68.26 0.45 -54.32
C SER K 668 -69.12 1.48 -55.03
N SER K 669 -68.49 2.41 -55.75
CA SER K 669 -69.27 3.39 -56.51
C SER K 669 -70.16 2.70 -57.52
N PHE K 670 -69.62 1.74 -58.25
CA PHE K 670 -70.37 1.06 -59.29
C PHE K 670 -71.58 0.35 -58.70
N CYS K 671 -71.37 -0.44 -57.64
CA CYS K 671 -72.50 -1.18 -57.08
C CYS K 671 -73.52 -0.23 -56.48
N ILE K 672 -73.05 0.79 -55.74
CA ILE K 672 -73.98 1.64 -55.01
C ILE K 672 -74.78 2.51 -55.97
N LYS K 673 -74.20 2.91 -57.11
CA LYS K 673 -75.02 3.66 -58.05
C LYS K 673 -76.07 2.82 -58.75
N ASN K 674 -76.19 1.54 -58.40
CA ASN K 674 -77.19 0.65 -58.97
C ASN K 674 -77.94 -0.08 -57.86
N CYS K 675 -78.37 0.68 -56.86
CA CYS K 675 -79.09 0.14 -55.72
C CYS K 675 -80.46 0.80 -55.60
N HIS K 676 -81.47 -0.01 -55.26
CA HIS K 676 -82.80 0.52 -55.01
C HIS K 676 -83.39 -0.06 -53.72
N ARG K 677 -82.96 -1.27 -53.35
CA ARG K 677 -83.36 -1.90 -52.10
C ARG K 677 -82.26 -1.87 -51.05
N VAL K 678 -81.47 -0.79 -51.01
CA VAL K 678 -80.45 -0.58 -49.99
C VAL K 678 -80.86 0.63 -49.16
N LYS K 679 -81.01 0.42 -47.86
CA LYS K 679 -81.43 1.50 -46.98
C LYS K 679 -80.21 2.21 -46.37
N THR K 680 -79.42 1.50 -45.59
CA THR K 680 -78.32 2.12 -44.85
C THR K 680 -77.00 1.86 -45.58
N LEU K 681 -76.16 2.88 -45.63
CA LEU K 681 -74.86 2.81 -46.31
C LEU K 681 -73.78 3.21 -45.32
N SER K 682 -73.21 2.22 -44.65
CA SER K 682 -72.10 2.43 -43.75
C SER K 682 -70.81 2.12 -44.50
N LEU K 683 -69.84 3.03 -44.40
CA LEU K 683 -68.61 2.91 -45.16
C LEU K 683 -67.42 3.05 -44.24
N GLY K 684 -66.45 2.17 -44.40
CA GLY K 684 -65.22 2.21 -43.65
C GLY K 684 -64.03 2.76 -44.42
N PHE K 685 -63.65 4.00 -44.16
CA PHE K 685 -62.54 4.60 -44.90
C PHE K 685 -61.26 4.22 -44.18
N PHE K 686 -60.30 3.69 -44.93
CA PHE K 686 -58.98 3.34 -44.42
C PHE K 686 -57.91 3.93 -45.34
N HIS K 687 -57.53 5.17 -45.08
CA HIS K 687 -56.51 5.84 -45.88
C HIS K 687 -55.11 5.46 -45.41
N LEU K 726 -57.82 14.29 -52.41
CA LEU K 726 -57.88 12.97 -53.03
C LEU K 726 -59.20 12.27 -52.69
N THR K 727 -59.49 12.12 -51.40
CA THR K 727 -60.75 11.48 -50.99
C THR K 727 -61.95 12.31 -51.39
N SER K 728 -61.75 13.59 -51.73
CA SER K 728 -62.84 14.44 -52.16
C SER K 728 -63.61 13.81 -53.32
N SER K 729 -62.93 13.59 -54.46
CA SER K 729 -63.63 13.02 -55.61
C SER K 729 -64.08 11.59 -55.36
N PHE K 730 -63.31 10.80 -54.60
CA PHE K 730 -63.75 9.44 -54.31
C PHE K 730 -65.12 9.43 -53.64
N CYS K 731 -65.20 10.01 -52.44
CA CYS K 731 -66.48 10.00 -51.73
C CYS K 731 -67.54 10.80 -52.50
N ARG K 732 -67.13 11.80 -53.30
CA ARG K 732 -68.10 12.50 -54.13
C ARG K 732 -68.77 11.54 -55.09
N GLY K 733 -68.00 10.65 -55.69
CA GLY K 733 -68.60 9.59 -56.51
C GLY K 733 -69.43 8.65 -55.66
N LEU K 734 -68.90 8.27 -54.50
CA LEU K 734 -69.58 7.33 -53.62
C LEU K 734 -70.97 7.81 -53.27
N PHE K 735 -71.17 9.12 -53.20
CA PHE K 735 -72.46 9.66 -52.77
C PHE K 735 -73.21 10.34 -53.91
N SER K 736 -72.60 10.52 -55.07
CA SER K 736 -73.37 10.69 -56.29
C SER K 736 -74.08 9.39 -56.65
N SER K 737 -73.48 8.26 -56.28
CA SER K 737 -74.23 7.02 -56.25
C SER K 737 -75.47 7.13 -55.36
N LEU K 738 -75.36 7.85 -54.23
CA LEU K 738 -76.56 8.11 -53.44
C LEU K 738 -77.50 9.07 -54.13
N SER K 739 -76.96 10.00 -54.91
CA SER K 739 -77.78 10.85 -55.76
C SER K 739 -78.56 10.05 -56.79
N THR K 740 -78.08 8.86 -57.15
CA THR K 740 -78.88 7.93 -57.93
C THR K 740 -79.68 6.96 -57.07
N ASN K 741 -79.38 6.88 -55.78
CA ASN K 741 -80.12 6.09 -54.81
C ASN K 741 -81.37 6.80 -54.28
N ARG K 742 -81.86 7.79 -55.02
CA ARG K 742 -83.06 8.54 -54.66
C ARG K 742 -84.28 7.66 -54.41
N SER K 743 -84.22 6.38 -54.78
CA SER K 743 -85.29 5.47 -54.39
C SER K 743 -85.43 5.43 -52.87
N LEU K 744 -84.33 5.17 -52.17
CA LEU K 744 -84.31 5.21 -50.72
C LEU K 744 -82.87 5.01 -50.26
N THR K 745 -82.50 5.70 -49.18
CA THR K 745 -81.14 5.57 -48.65
C THR K 745 -81.13 6.05 -47.21
N GLU K 746 -80.09 5.62 -46.49
CA GLU K 746 -79.73 6.06 -45.15
C GLU K 746 -78.22 5.95 -45.05
N LEU K 747 -77.61 6.80 -44.24
CA LEU K 747 -76.16 6.93 -44.27
C LEU K 747 -75.56 6.88 -42.88
N ASP K 748 -74.39 6.24 -42.79
CA ASP K 748 -73.54 6.29 -41.61
C ASP K 748 -72.10 6.46 -42.06
N LEU K 749 -71.40 7.38 -41.40
CA LEU K 749 -69.94 7.50 -41.52
C LEU K 749 -69.42 7.76 -40.11
N SER K 750 -69.12 6.69 -39.39
CA SER K 750 -68.70 6.77 -38.01
C SER K 750 -67.35 6.09 -37.83
N ASP K 751 -66.60 6.56 -36.83
CA ASP K 751 -65.30 6.00 -36.48
C ASP K 751 -64.35 6.03 -37.68
N ASN K 752 -64.50 7.05 -38.53
CA ASN K 752 -63.66 7.23 -39.69
C ASN K 752 -63.25 8.70 -39.83
N THR K 753 -61.95 8.92 -40.06
CA THR K 753 -61.40 10.27 -40.03
C THR K 753 -61.62 10.96 -41.37
N LEU K 754 -62.69 11.75 -41.47
CA LEU K 754 -62.89 12.57 -42.65
C LEU K 754 -61.95 13.78 -42.58
N GLY K 755 -61.04 13.89 -43.55
CA GLY K 755 -60.03 14.92 -43.51
C GLY K 755 -60.62 16.30 -43.72
N ASP K 756 -59.73 17.27 -43.94
CA ASP K 756 -60.17 18.63 -44.22
C ASP K 756 -61.15 18.70 -45.39
N PRO K 757 -60.90 18.07 -46.53
CA PRO K 757 -61.98 17.88 -47.51
C PRO K 757 -62.85 16.67 -47.22
N GLY K 758 -62.49 15.85 -46.23
CA GLY K 758 -63.43 14.84 -45.75
C GLY K 758 -64.68 15.45 -45.17
N MET K 759 -64.55 16.60 -44.53
CA MET K 759 -65.72 17.42 -44.24
C MET K 759 -66.39 17.87 -45.53
N ARG K 760 -65.60 18.23 -46.53
CA ARG K 760 -66.15 18.81 -47.75
C ARG K 760 -66.95 17.79 -48.56
N VAL K 761 -66.67 16.50 -48.41
CA VAL K 761 -67.50 15.55 -49.10
C VAL K 761 -68.87 15.49 -48.42
N LEU K 762 -69.87 15.05 -49.18
CA LEU K 762 -71.23 14.84 -48.69
C LEU K 762 -71.92 16.16 -48.41
N CYS K 763 -71.18 17.27 -48.46
CA CYS K 763 -71.85 18.55 -48.42
C CYS K 763 -72.36 18.93 -49.80
N GLU K 764 -71.46 19.01 -50.78
CA GLU K 764 -71.92 19.16 -52.15
C GLU K 764 -72.90 18.07 -52.55
N ALA K 765 -72.73 16.87 -52.01
CA ALA K 765 -73.70 15.80 -52.25
C ALA K 765 -75.08 16.15 -51.68
N LEU K 766 -75.14 16.59 -50.43
CA LEU K 766 -76.45 17.00 -49.94
C LEU K 766 -76.94 18.30 -50.56
N GLN K 767 -76.08 19.04 -51.26
CA GLN K 767 -76.44 20.33 -51.81
C GLN K 767 -77.24 20.25 -53.10
N HIS K 768 -77.58 19.06 -53.57
CA HIS K 768 -78.51 19.05 -54.69
C HIS K 768 -79.85 18.49 -54.26
N PRO K 769 -80.95 19.00 -54.80
CA PRO K 769 -82.26 18.51 -54.37
C PRO K 769 -82.52 17.08 -54.82
N GLY K 770 -83.72 16.58 -54.54
CA GLY K 770 -84.06 15.21 -54.84
C GLY K 770 -84.52 14.47 -53.59
N CYS K 771 -84.21 13.18 -53.56
CA CYS K 771 -84.40 12.35 -52.37
C CYS K 771 -83.03 12.03 -51.81
N ASN K 772 -82.76 12.53 -50.61
CA ASN K 772 -81.47 12.39 -49.96
C ASN K 772 -81.63 11.71 -48.60
N ILE K 773 -80.57 11.75 -47.80
CA ILE K 773 -80.50 10.94 -46.60
C ILE K 773 -81.48 11.48 -45.56
N GLN K 774 -82.31 10.59 -45.02
CA GLN K 774 -83.18 10.97 -43.91
C GLN K 774 -82.39 11.23 -42.63
N ARG K 775 -81.24 10.59 -42.47
CA ARG K 775 -80.59 10.62 -41.16
C ARG K 775 -79.08 10.48 -41.31
N LEU K 776 -78.35 11.54 -40.99
CA LEU K 776 -76.91 11.61 -41.21
C LEU K 776 -76.18 11.33 -39.90
N TRP K 777 -75.16 10.49 -39.96
CA TRP K 777 -74.39 10.13 -38.78
C TRP K 777 -72.93 10.50 -38.97
N LEU K 778 -72.37 11.29 -38.05
CA LEU K 778 -70.93 11.54 -38.00
C LEU K 778 -70.53 11.41 -36.54
N GLY K 779 -70.24 10.17 -36.13
CA GLY K 779 -69.93 9.94 -34.73
C GLY K 779 -68.54 9.39 -34.53
N ARG K 780 -67.80 9.97 -33.58
CA ARG K 780 -66.40 9.64 -33.33
C ARG K 780 -65.53 9.81 -34.57
N CYS K 781 -66.08 10.42 -35.62
CA CYS K 781 -65.32 10.62 -36.84
C CYS K 781 -64.24 11.69 -36.64
N GLY K 782 -63.15 11.54 -37.36
CA GLY K 782 -62.17 12.61 -37.42
C GLY K 782 -62.84 13.85 -37.97
N LEU K 783 -63.12 14.82 -37.11
CA LEU K 783 -63.92 15.95 -37.53
C LEU K 783 -63.49 17.15 -36.70
N SER K 784 -63.73 18.35 -37.22
CA SER K 784 -63.27 19.57 -36.57
C SER K 784 -64.24 20.70 -36.88
N HIS K 785 -63.79 21.92 -36.60
CA HIS K 785 -64.67 23.08 -36.74
C HIS K 785 -65.10 23.31 -38.18
N GLN K 786 -64.27 22.90 -39.14
CA GLN K 786 -64.51 23.26 -40.54
C GLN K 786 -65.86 22.73 -41.02
N CYS K 787 -66.24 21.53 -40.59
CA CYS K 787 -67.49 20.93 -41.03
C CYS K 787 -68.69 21.81 -40.72
N CYS K 788 -68.58 22.64 -39.69
CA CYS K 788 -69.74 23.33 -39.15
C CYS K 788 -70.46 24.18 -40.20
N PHE K 789 -69.78 25.16 -40.78
CA PHE K 789 -70.35 25.93 -41.89
C PHE K 789 -70.90 25.06 -43.01
N ASP K 790 -70.10 24.09 -43.47
CA ASP K 790 -70.55 23.12 -44.46
C ASP K 790 -71.90 22.51 -44.11
N ILE K 791 -71.98 21.89 -42.94
CA ILE K 791 -73.21 21.21 -42.55
C ILE K 791 -74.33 22.22 -42.37
N SER K 792 -74.02 23.42 -41.87
CA SER K 792 -75.05 24.45 -41.81
C SER K 792 -75.65 24.70 -43.19
N SER K 793 -74.79 24.82 -44.19
CA SER K 793 -75.25 25.00 -45.56
C SER K 793 -76.16 23.87 -46.01
N VAL K 794 -75.74 22.62 -45.78
CA VAL K 794 -76.59 21.52 -46.22
C VAL K 794 -77.83 21.40 -45.37
N LEU K 795 -77.77 21.74 -44.08
CA LEU K 795 -78.97 21.80 -43.25
C LEU K 795 -79.94 22.86 -43.73
N SER K 796 -79.44 23.87 -44.43
CA SER K 796 -80.32 24.84 -45.08
C SER K 796 -80.90 24.29 -46.38
N SER K 797 -80.07 23.65 -47.20
CA SER K 797 -80.49 23.26 -48.54
C SER K 797 -81.17 21.89 -48.57
N SER K 798 -81.13 21.15 -47.47
CA SER K 798 -81.70 19.82 -47.36
C SER K 798 -83.15 19.89 -46.93
N GLN K 799 -84.02 19.21 -47.68
CA GLN K 799 -85.41 19.00 -47.28
C GLN K 799 -85.71 17.53 -46.99
N LYS K 800 -84.68 16.70 -46.82
CA LYS K 800 -84.88 15.29 -46.53
C LYS K 800 -84.29 14.85 -45.21
N LEU K 801 -83.21 15.48 -44.74
CA LEU K 801 -82.61 15.10 -43.47
C LEU K 801 -83.61 15.29 -42.34
N VAL K 802 -83.69 14.33 -41.44
CA VAL K 802 -84.56 14.54 -40.29
C VAL K 802 -83.73 14.47 -39.02
N GLU K 803 -82.61 13.76 -39.03
CA GLU K 803 -81.71 13.85 -37.90
C GLU K 803 -80.29 13.96 -38.41
N LEU K 804 -79.43 14.56 -37.59
CA LEU K 804 -78.01 14.63 -37.88
C LEU K 804 -77.24 14.50 -36.58
N ASP K 805 -76.30 13.58 -36.55
CA ASP K 805 -75.52 13.28 -35.37
C ASP K 805 -74.10 13.77 -35.53
N LEU K 806 -73.58 14.36 -34.46
CA LEU K 806 -72.20 14.84 -34.39
C LEU K 806 -71.68 14.36 -33.03
N SER K 807 -71.12 13.15 -33.02
CA SER K 807 -70.73 12.51 -31.77
C SER K 807 -69.22 12.40 -31.66
N ASP K 808 -68.70 12.63 -30.46
CA ASP K 808 -67.29 12.37 -30.13
C ASP K 808 -66.34 13.09 -31.08
N ASN K 809 -66.84 14.08 -31.80
CA ASN K 809 -66.10 14.80 -32.79
C ASN K 809 -65.77 16.21 -32.30
N ALA K 810 -64.55 16.65 -32.57
CA ALA K 810 -64.01 17.86 -31.96
C ALA K 810 -64.61 19.12 -32.60
N LEU K 811 -65.92 19.25 -32.43
CA LEU K 811 -66.64 20.47 -32.81
C LEU K 811 -66.62 21.39 -31.59
N GLY K 812 -65.47 22.00 -31.35
CA GLY K 812 -65.22 22.68 -30.09
C GLY K 812 -66.23 23.75 -29.74
N ASP K 813 -66.22 24.87 -30.45
CA ASP K 813 -67.18 25.92 -30.16
C ASP K 813 -67.17 26.85 -31.36
N PHE K 814 -68.24 27.66 -31.46
CA PHE K 814 -68.42 28.66 -32.51
C PHE K 814 -68.72 27.94 -33.82
N GLY K 815 -68.52 26.63 -33.80
CA GLY K 815 -68.99 25.80 -34.87
C GLY K 815 -70.37 25.36 -34.46
N ILE K 816 -70.61 25.36 -33.16
CA ILE K 816 -71.98 25.22 -32.70
C ILE K 816 -72.76 26.45 -33.12
N ARG K 817 -72.11 27.61 -33.16
CA ARG K 817 -72.76 28.78 -33.74
C ARG K 817 -73.04 28.58 -35.21
N LEU K 818 -72.07 28.05 -35.97
CA LEU K 818 -72.36 27.82 -37.38
C LEU K 818 -73.52 26.83 -37.55
N LEU K 819 -73.53 25.78 -36.73
CA LEU K 819 -74.63 24.83 -36.70
C LEU K 819 -75.96 25.53 -36.47
N CYS K 820 -76.03 26.36 -35.43
CA CYS K 820 -77.31 26.93 -35.05
C CYS K 820 -77.79 27.94 -36.07
N VAL K 821 -76.87 28.72 -36.66
CA VAL K 821 -77.31 29.66 -37.68
C VAL K 821 -77.80 28.91 -38.91
N GLY K 822 -77.13 27.81 -39.27
CA GLY K 822 -77.64 26.99 -40.35
C GLY K 822 -79.00 26.40 -40.05
N LEU K 823 -79.23 25.99 -38.80
CA LEU K 823 -80.53 25.45 -38.43
C LEU K 823 -81.62 26.50 -38.53
N LYS K 824 -81.40 27.67 -37.91
CA LYS K 824 -82.51 28.61 -37.79
C LYS K 824 -82.76 29.38 -39.09
N HIS K 825 -81.72 29.65 -39.88
CA HIS K 825 -81.85 30.63 -40.95
C HIS K 825 -82.90 30.20 -41.95
N LEU K 826 -82.90 28.93 -42.35
CA LEU K 826 -83.90 28.40 -43.24
C LEU K 826 -84.90 27.55 -42.45
N LEU K 827 -85.83 26.93 -43.17
CA LEU K 827 -86.81 26.03 -42.58
C LEU K 827 -86.40 24.59 -42.87
N CYS K 828 -85.93 23.89 -41.84
CA CYS K 828 -85.41 22.53 -41.97
C CYS K 828 -86.23 21.57 -41.11
N ASN K 829 -86.43 20.37 -41.63
CA ASN K 829 -87.23 19.34 -40.94
C ASN K 829 -86.33 18.44 -40.10
N LEU K 830 -85.57 19.07 -39.21
CA LEU K 830 -84.64 18.35 -38.35
C LEU K 830 -85.35 17.87 -37.09
N GLN K 831 -85.07 16.64 -36.68
CA GLN K 831 -85.73 16.00 -35.55
C GLN K 831 -84.79 15.73 -34.39
N LYS K 832 -83.66 15.06 -34.64
CA LYS K 832 -82.66 14.86 -33.60
C LYS K 832 -81.55 15.88 -33.78
N LEU K 833 -80.77 16.07 -32.73
CA LEU K 833 -79.58 16.90 -32.79
C LEU K 833 -78.73 16.49 -31.61
N TRP K 834 -77.61 15.83 -31.90
CA TRP K 834 -76.75 15.26 -30.87
C TRP K 834 -75.44 16.03 -30.86
N LEU K 835 -75.16 16.71 -29.76
CA LEU K 835 -73.87 17.36 -29.54
C LEU K 835 -73.10 16.64 -28.43
N VAL K 836 -73.33 15.34 -28.31
CA VAL K 836 -72.76 14.58 -27.20
C VAL K 836 -71.26 14.57 -27.30
N SER K 837 -70.59 14.89 -26.18
CA SER K 837 -69.14 14.80 -26.07
C SER K 837 -68.42 15.69 -27.06
N CYS K 838 -69.11 16.72 -27.57
CA CYS K 838 -68.45 17.75 -28.37
C CYS K 838 -67.94 18.82 -27.42
N CYS K 839 -66.63 19.09 -27.48
CA CYS K 839 -65.97 19.85 -26.42
C CYS K 839 -66.37 21.31 -26.53
N LEU K 840 -67.60 21.61 -26.10
CA LEU K 840 -68.10 22.97 -26.08
C LEU K 840 -68.23 23.47 -24.66
N THR K 841 -68.57 24.74 -24.53
CA THR K 841 -68.76 25.40 -23.25
C THR K 841 -70.11 26.10 -23.23
N SER K 842 -70.42 26.71 -22.09
CA SER K 842 -71.68 27.42 -21.92
C SER K 842 -71.79 28.60 -22.87
N ALA K 843 -70.67 29.06 -23.44
CA ALA K 843 -70.67 30.26 -24.26
C ALA K 843 -71.43 30.10 -25.56
N CYS K 844 -71.87 28.88 -25.89
CA CYS K 844 -72.71 28.66 -27.07
C CYS K 844 -74.12 28.26 -26.71
N CYS K 845 -74.38 27.92 -25.45
CA CYS K 845 -75.71 27.50 -25.05
C CYS K 845 -76.76 28.55 -25.39
N GLN K 846 -76.40 29.84 -25.31
CA GLN K 846 -77.38 30.87 -25.63
C GLN K 846 -77.82 30.74 -27.08
N ASP K 847 -76.86 30.48 -27.98
CA ASP K 847 -77.18 30.26 -29.38
C ASP K 847 -78.03 29.01 -29.55
N LEU K 848 -77.72 27.96 -28.79
CA LEU K 848 -78.58 26.77 -28.83
C LEU K 848 -80.01 27.15 -28.46
N ALA K 849 -80.18 27.97 -27.43
CA ALA K 849 -81.51 28.36 -27.01
C ALA K 849 -82.20 29.21 -28.07
N LEU K 850 -81.45 30.09 -28.73
CA LEU K 850 -82.04 30.90 -29.79
C LEU K 850 -82.56 30.01 -30.91
N VAL K 851 -81.73 29.08 -31.38
CA VAL K 851 -82.18 28.23 -32.48
C VAL K 851 -83.32 27.32 -32.02
N LEU K 852 -83.30 26.87 -30.77
CA LEU K 852 -84.38 26.05 -30.27
C LEU K 852 -85.69 26.83 -30.23
N SER K 853 -85.63 28.10 -29.81
CA SER K 853 -86.81 28.94 -29.82
C SER K 853 -87.33 29.18 -31.23
N SER K 854 -86.42 29.45 -32.16
CA SER K 854 -86.83 29.75 -33.53
C SER K 854 -87.47 28.52 -34.17
N ASN K 855 -86.76 27.40 -34.20
CA ASN K 855 -87.24 26.20 -34.84
C ASN K 855 -88.24 25.47 -33.95
N HIS K 856 -89.13 24.72 -34.61
CA HIS K 856 -90.04 23.83 -33.92
C HIS K 856 -89.91 22.38 -34.36
N SER K 857 -89.33 22.14 -35.54
CA SER K 857 -89.14 20.76 -35.99
C SER K 857 -88.23 19.99 -35.05
N LEU K 858 -87.14 20.63 -34.61
CA LEU K 858 -86.23 19.96 -33.69
C LEU K 858 -86.90 19.75 -32.34
N THR K 859 -86.91 18.51 -31.88
CA THR K 859 -87.53 18.17 -30.62
C THR K 859 -86.73 17.19 -29.78
N ARG K 860 -85.54 16.81 -30.21
CA ARG K 860 -84.76 15.76 -29.55
C ARG K 860 -83.31 16.22 -29.56
N LEU K 861 -82.84 16.80 -28.46
CA LEU K 861 -81.60 17.56 -28.45
C LEU K 861 -80.67 17.03 -27.36
N TYR K 862 -79.89 16.02 -27.71
CA TYR K 862 -78.84 15.55 -26.80
C TYR K 862 -77.66 16.51 -26.81
N ILE K 863 -77.20 16.87 -25.61
CA ILE K 863 -75.98 17.65 -25.44
C ILE K 863 -75.05 16.83 -24.56
N GLY K 864 -75.13 15.51 -24.69
CA GLY K 864 -74.68 14.58 -23.67
C GLY K 864 -73.31 14.80 -23.06
N GLU K 865 -73.31 15.19 -21.79
CA GLU K 865 -72.16 15.19 -20.90
C GLU K 865 -70.88 15.63 -21.59
N ASN K 866 -71.00 16.73 -22.33
CA ASN K 866 -69.86 17.47 -22.85
C ASN K 866 -69.33 18.45 -21.81
N ALA K 867 -68.52 19.42 -22.20
CA ALA K 867 -67.86 20.29 -21.22
C ALA K 867 -68.65 21.56 -20.93
N LEU K 868 -69.93 21.46 -20.59
CA LEU K 868 -70.68 22.61 -20.11
C LEU K 868 -71.20 22.34 -18.70
N GLY K 869 -71.97 23.29 -18.19
CA GLY K 869 -72.60 23.14 -16.89
C GLY K 869 -73.33 24.38 -16.43
N ASP K 870 -73.06 24.81 -15.20
CA ASP K 870 -73.59 26.05 -14.67
C ASP K 870 -73.16 27.23 -15.55
N SER K 871 -73.79 28.37 -15.29
CA SER K 871 -73.56 29.66 -15.95
C SER K 871 -74.17 29.67 -17.35
N GLY K 872 -74.56 28.49 -17.84
CA GLY K 872 -75.54 28.39 -18.90
C GLY K 872 -76.94 28.28 -18.39
N VAL K 873 -77.10 28.27 -17.06
CA VAL K 873 -78.34 27.86 -16.41
C VAL K 873 -79.52 28.74 -16.83
N GLN K 874 -79.31 30.07 -16.86
CA GLN K 874 -80.37 30.96 -17.32
C GLN K 874 -80.80 30.61 -18.74
N VAL K 875 -79.84 30.35 -19.61
CA VAL K 875 -80.15 29.92 -20.97
C VAL K 875 -80.90 28.60 -20.95
N LEU K 876 -80.43 27.63 -20.15
CA LEU K 876 -81.10 26.34 -20.04
C LEU K 876 -82.57 26.53 -19.74
N CYS K 877 -82.88 27.40 -18.78
CA CYS K 877 -84.27 27.67 -18.45
C CYS K 877 -84.98 28.33 -19.63
N GLU K 878 -84.42 29.43 -20.13
CA GLU K 878 -85.17 30.24 -21.08
C GLU K 878 -85.31 29.57 -22.45
N LYS K 879 -84.62 28.44 -22.69
CA LYS K 879 -84.98 27.62 -23.84
C LYS K 879 -86.47 27.32 -23.84
N MET K 880 -86.98 26.84 -22.70
CA MET K 880 -88.34 26.34 -22.61
C MET K 880 -89.22 27.22 -21.74
N LYS K 881 -88.88 28.51 -21.60
CA LYS K 881 -89.58 29.38 -20.68
C LYS K 881 -91.05 29.51 -21.01
N ASP K 882 -91.44 29.19 -22.24
CA ASP K 882 -92.83 29.22 -22.67
C ASP K 882 -93.23 27.84 -23.19
N PRO K 883 -94.52 27.59 -23.38
CA PRO K 883 -94.93 26.35 -24.06
C PRO K 883 -94.59 26.35 -25.53
N GLN K 884 -95.12 25.37 -26.26
CA GLN K 884 -94.95 25.21 -27.71
C GLN K 884 -93.48 25.22 -28.12
N CYS K 885 -92.58 24.87 -27.20
CA CYS K 885 -91.18 24.72 -27.56
C CYS K 885 -90.96 23.45 -28.38
N ASN K 886 -91.68 22.37 -28.05
CA ASN K 886 -91.60 21.10 -28.76
C ASN K 886 -90.18 20.53 -28.70
N LEU K 887 -89.76 20.19 -27.49
CA LEU K 887 -88.47 19.52 -27.24
C LEU K 887 -88.74 18.31 -26.35
N GLN K 888 -89.02 17.15 -26.94
CA GLN K 888 -89.46 16.00 -26.16
C GLN K 888 -88.39 15.59 -25.15
N LYS K 889 -87.25 15.09 -25.64
CA LYS K 889 -86.18 14.67 -24.77
C LYS K 889 -85.06 15.71 -24.76
N LEU K 890 -84.37 15.77 -23.63
CA LEU K 890 -83.27 16.71 -23.45
C LEU K 890 -82.26 16.02 -22.55
N GLY K 891 -81.29 15.35 -23.16
CA GLY K 891 -80.18 14.82 -22.40
C GLY K 891 -79.34 15.93 -21.81
N LEU K 892 -78.76 15.66 -20.65
CA LEU K 892 -78.00 16.67 -19.94
C LEU K 892 -76.56 16.20 -19.70
N VAL K 893 -75.85 17.02 -18.96
CA VAL K 893 -74.40 17.12 -19.01
C VAL K 893 -73.85 16.95 -17.61
N ASN K 894 -72.58 16.56 -17.53
CA ASN K 894 -71.87 16.63 -16.25
C ASN K 894 -71.71 18.10 -15.91
N SER K 895 -72.57 18.59 -15.02
CA SER K 895 -72.69 20.02 -14.76
C SER K 895 -71.84 20.41 -13.56
N GLY K 896 -71.94 21.67 -13.16
CA GLY K 896 -71.17 22.17 -12.03
C GLY K 896 -72.02 22.46 -10.82
N LEU K 897 -72.27 23.74 -10.53
CA LEU K 897 -73.08 24.10 -9.39
C LEU K 897 -74.50 23.61 -9.60
N THR K 898 -74.94 22.69 -8.75
CA THR K 898 -76.23 22.03 -8.93
C THR K 898 -77.39 23.01 -8.82
N SER K 899 -77.43 23.79 -7.74
CA SER K 899 -78.66 24.48 -7.33
C SER K 899 -79.29 25.28 -8.46
N ILE K 900 -78.50 26.10 -9.17
CA ILE K 900 -79.10 26.98 -10.15
C ILE K 900 -79.58 26.19 -11.37
N CYS K 901 -78.78 25.22 -11.83
CA CYS K 901 -79.18 24.46 -13.01
C CYS K 901 -80.42 23.62 -12.72
N CYS K 902 -80.48 23.00 -11.54
CA CYS K 902 -81.69 22.25 -11.22
C CYS K 902 -82.87 23.19 -10.98
N SER K 903 -82.62 24.43 -10.58
CA SER K 903 -83.71 25.41 -10.52
C SER K 903 -84.25 25.71 -11.91
N ALA K 904 -83.37 25.87 -12.87
CA ALA K 904 -83.80 26.03 -14.27
C ALA K 904 -84.58 24.79 -14.71
N LEU K 905 -84.12 23.62 -14.28
CA LEU K 905 -84.84 22.39 -14.59
C LEU K 905 -86.24 22.40 -13.97
N THR K 906 -86.37 22.94 -12.77
CA THR K 906 -87.69 23.05 -12.18
C THR K 906 -88.57 23.99 -12.99
N SER K 907 -87.99 25.10 -13.46
CA SER K 907 -88.75 26.03 -14.27
C SER K 907 -89.27 25.35 -15.54
N VAL K 908 -88.39 24.64 -16.24
CA VAL K 908 -88.82 23.94 -17.45
C VAL K 908 -89.86 22.89 -17.12
N LEU K 909 -89.66 22.13 -16.05
CA LEU K 909 -90.61 21.08 -15.70
C LEU K 909 -91.98 21.65 -15.39
N LYS K 910 -92.05 22.75 -14.64
CA LYS K 910 -93.33 23.34 -14.29
C LYS K 910 -93.98 24.09 -15.44
N THR K 911 -93.22 24.57 -16.42
CA THR K 911 -93.83 25.38 -17.47
C THR K 911 -93.99 24.62 -18.78
N ASN K 912 -92.92 24.00 -19.28
CA ASN K 912 -92.90 23.45 -20.62
C ASN K 912 -93.78 22.22 -20.72
N GLN K 913 -94.59 22.16 -21.77
CA GLN K 913 -95.32 20.95 -22.13
C GLN K 913 -94.39 19.97 -22.84
N ASN K 914 -94.94 18.79 -23.12
CA ASN K 914 -94.35 17.68 -23.88
C ASN K 914 -92.84 17.59 -23.73
N PHE K 915 -92.36 17.62 -22.50
CA PHE K 915 -90.94 17.50 -22.17
C PHE K 915 -90.80 16.12 -21.54
N THR K 916 -90.54 15.12 -22.39
CA THR K 916 -90.75 13.73 -21.97
C THR K 916 -89.58 13.17 -21.17
N HIS K 917 -88.35 13.53 -21.49
CA HIS K 917 -87.22 12.99 -20.75
C HIS K 917 -86.33 14.12 -20.23
N LEU K 918 -85.54 13.77 -19.22
CA LEU K 918 -84.55 14.69 -18.64
C LEU K 918 -83.41 13.83 -18.11
N TYR K 919 -82.39 13.64 -18.93
CA TYR K 919 -81.35 12.64 -18.67
C TYR K 919 -80.14 13.25 -17.96
N LEU K 920 -80.39 13.75 -16.76
CA LEU K 920 -79.28 14.08 -15.87
C LEU K 920 -78.57 12.80 -15.46
N ARG K 921 -77.28 12.70 -15.77
CA ARG K 921 -76.53 11.48 -15.51
C ARG K 921 -75.09 11.84 -15.19
N SER K 922 -74.52 11.10 -14.24
CA SER K 922 -73.14 11.29 -13.79
C SER K 922 -72.86 12.75 -13.44
N ASN K 923 -73.79 13.35 -12.70
CA ASN K 923 -73.75 14.77 -12.38
C ASN K 923 -73.57 14.94 -10.87
N ALA K 924 -72.77 15.92 -10.48
CA ALA K 924 -72.60 16.27 -9.07
C ALA K 924 -73.81 17.08 -8.61
N LEU K 925 -74.92 16.37 -8.40
CA LEU K 925 -76.17 16.99 -7.96
C LEU K 925 -76.39 16.63 -6.49
N GLY K 926 -76.77 17.62 -5.69
CA GLY K 926 -76.90 17.44 -4.26
C GLY K 926 -78.32 17.17 -3.80
N ASP K 927 -78.43 16.88 -2.51
CA ASP K 927 -79.73 16.59 -1.92
C ASP K 927 -80.67 17.79 -2.05
N THR K 928 -80.15 19.00 -1.82
CA THR K 928 -80.96 20.20 -2.02
C THR K 928 -81.37 20.34 -3.47
N GLY K 929 -80.48 20.00 -4.39
CA GLY K 929 -80.77 20.05 -5.80
C GLY K 929 -81.95 19.17 -6.16
N LEU K 930 -81.82 17.87 -5.90
CA LEU K 930 -82.93 16.96 -6.20
C LEU K 930 -84.17 17.29 -5.38
N ARG K 931 -84.02 17.87 -4.19
CA ARG K 931 -85.17 18.31 -3.41
C ARG K 931 -85.95 19.38 -4.16
N LEU K 932 -85.25 20.41 -4.62
CA LEU K 932 -85.96 21.43 -5.38
C LEU K 932 -86.45 20.87 -6.71
N LEU K 933 -85.79 19.84 -7.24
CA LEU K 933 -86.32 19.16 -8.43
C LEU K 933 -87.69 18.56 -8.16
N CYS K 934 -87.83 17.80 -7.07
CA CYS K 934 -89.15 17.26 -6.77
C CYS K 934 -90.13 18.39 -6.46
N GLU K 935 -89.64 19.49 -5.91
CA GLU K 935 -90.49 20.68 -5.79
C GLU K 935 -90.95 21.17 -7.16
N GLY K 936 -90.09 21.05 -8.17
CA GLY K 936 -90.51 21.33 -9.53
C GLY K 936 -91.57 20.35 -10.00
N LEU K 937 -91.42 19.08 -9.61
CA LEU K 937 -92.46 18.09 -9.86
C LEU K 937 -93.76 18.43 -9.15
N LEU K 938 -93.70 19.28 -8.12
CA LEU K 938 -94.92 19.60 -7.36
C LEU K 938 -95.95 20.29 -8.23
N HIS K 939 -95.52 20.99 -9.27
CA HIS K 939 -96.47 21.55 -10.22
C HIS K 939 -97.23 20.39 -10.88
N PRO K 940 -98.53 20.28 -10.64
CA PRO K 940 -99.30 19.22 -11.29
C PRO K 940 -99.49 19.51 -12.76
N ASP K 941 -100.09 18.56 -13.49
CA ASP K 941 -100.38 18.68 -14.92
C ASP K 941 -99.09 18.84 -15.73
N CYS K 942 -97.94 18.64 -15.12
CA CYS K 942 -96.67 18.66 -15.84
C CYS K 942 -96.41 17.25 -16.37
N LYS K 943 -96.38 17.11 -17.70
CA LYS K 943 -96.23 15.80 -18.31
C LYS K 943 -94.74 15.55 -18.52
N LEU K 944 -94.14 14.81 -17.60
CA LEU K 944 -92.73 14.44 -17.69
C LEU K 944 -92.68 12.93 -17.60
N GLN K 945 -92.25 12.29 -18.69
CA GLN K 945 -92.04 10.85 -18.68
C GLN K 945 -90.70 10.50 -18.05
N MET K 946 -90.17 9.34 -18.42
CA MET K 946 -88.98 8.70 -17.86
C MET K 946 -87.96 9.75 -17.40
N LEU K 947 -87.47 9.63 -16.18
CA LEU K 947 -86.51 10.56 -15.60
C LEU K 947 -85.38 9.79 -14.94
N GLU K 948 -84.27 10.48 -14.71
CA GLU K 948 -83.10 9.84 -14.14
C GLU K 948 -82.32 10.82 -13.28
N LEU K 949 -81.86 10.31 -12.13
CA LEU K 949 -80.90 10.99 -11.27
C LEU K 949 -79.81 9.98 -10.94
N ASP K 950 -78.63 10.13 -11.55
CA ASP K 950 -77.63 9.08 -11.51
C ASP K 950 -76.77 9.15 -10.24
N ASN K 951 -76.10 10.26 -10.03
CA ASN K 951 -75.09 10.37 -8.97
C ASN K 951 -75.47 11.49 -8.02
N CYS K 952 -75.50 11.18 -6.72
CA CYS K 952 -75.92 12.11 -5.69
C CYS K 952 -75.72 11.43 -4.34
N SER K 953 -75.84 12.23 -3.27
CA SER K 953 -75.77 11.73 -1.90
C SER K 953 -76.88 12.40 -1.11
N LEU K 954 -78.01 11.71 -0.98
CA LEU K 954 -79.23 12.30 -0.43
C LEU K 954 -79.54 11.69 0.92
N THR K 955 -80.34 12.42 1.70
CA THR K 955 -80.98 11.85 2.87
C THR K 955 -82.22 11.07 2.43
N SER K 956 -82.45 9.94 3.11
CA SER K 956 -83.48 9.01 2.65
C SER K 956 -84.87 9.47 3.07
N HIS K 957 -85.18 10.74 2.79
CA HIS K 957 -86.53 11.25 2.84
C HIS K 957 -86.84 11.91 1.52
N SER K 958 -85.79 12.38 0.84
CA SER K 958 -85.92 12.98 -0.48
C SER K 958 -86.56 12.02 -1.47
N CYS K 959 -86.03 10.80 -1.55
CA CYS K 959 -86.67 9.75 -2.34
C CYS K 959 -88.12 9.54 -1.91
N TRP K 960 -88.37 9.66 -0.60
CA TRP K 960 -89.75 9.56 -0.13
C TRP K 960 -90.60 10.68 -0.70
N ASN K 961 -90.05 11.89 -0.78
CA ASN K 961 -90.80 13.00 -1.34
C ASN K 961 -91.12 12.75 -2.81
N LEU K 962 -90.14 12.27 -3.57
CA LEU K 962 -90.42 12.00 -4.98
C LEU K 962 -91.45 10.89 -5.15
N SER K 963 -91.36 9.84 -4.34
CA SER K 963 -92.35 8.78 -4.44
C SER K 963 -93.74 9.29 -4.06
N THR K 964 -93.84 10.06 -2.99
CA THR K 964 -95.13 10.60 -2.58
C THR K 964 -95.70 11.54 -3.64
N ILE K 965 -94.83 12.29 -4.31
CA ILE K 965 -95.36 13.23 -5.29
C ILE K 965 -95.80 12.49 -6.54
N LEU K 966 -95.14 11.36 -6.86
CA LEU K 966 -95.68 10.47 -7.89
C LEU K 966 -97.03 9.90 -7.47
N THR K 967 -97.18 9.55 -6.19
CA THR K 967 -98.47 9.04 -5.73
C THR K 967 -99.55 10.11 -5.87
N HIS K 968 -99.20 11.35 -5.54
CA HIS K 968 -100.16 12.45 -5.69
C HIS K 968 -100.53 12.65 -7.15
N ASN K 969 -99.55 12.55 -8.05
CA ASN K 969 -99.82 12.71 -9.47
C ASN K 969 -98.87 11.82 -10.26
N HIS K 970 -99.42 11.02 -11.17
CA HIS K 970 -98.63 10.06 -11.92
C HIS K 970 -97.77 10.83 -12.92
N SER K 971 -96.71 11.43 -12.39
CA SER K 971 -95.85 12.29 -13.20
C SER K 971 -95.09 11.50 -14.25
N LEU K 972 -94.27 10.54 -13.81
CA LEU K 972 -93.37 9.82 -14.69
C LEU K 972 -93.72 8.34 -14.72
N ARG K 973 -92.89 7.57 -15.41
CA ARG K 973 -93.09 6.14 -15.56
C ARG K 973 -92.00 5.31 -14.89
N LYS K 974 -90.72 5.57 -15.18
CA LYS K 974 -89.67 4.93 -14.41
C LYS K 974 -88.60 5.96 -14.06
N LEU K 975 -87.58 5.47 -13.38
CA LEU K 975 -86.53 6.29 -12.80
C LEU K 975 -85.34 5.38 -12.57
N ASN K 976 -84.16 5.97 -12.54
CA ASN K 976 -82.95 5.24 -12.19
C ASN K 976 -82.25 5.93 -11.04
N LEU K 977 -81.65 5.12 -10.17
CA LEU K 977 -80.73 5.60 -9.15
C LEU K 977 -79.45 4.80 -9.32
N GLY K 978 -78.35 5.49 -9.61
CA GLY K 978 -77.16 4.81 -10.05
C GLY K 978 -76.16 4.62 -8.93
N ASN K 979 -75.12 5.45 -8.90
CA ASN K 979 -74.12 5.36 -7.86
C ASN K 979 -74.55 6.06 -6.58
N ASN K 980 -75.85 6.23 -6.39
CA ASN K 980 -76.38 6.95 -5.25
C ASN K 980 -76.22 6.11 -3.98
N ASP K 981 -75.43 6.62 -3.04
CA ASP K 981 -75.30 6.01 -1.72
C ASP K 981 -76.50 6.45 -0.88
N LEU K 982 -77.44 5.53 -0.65
CA LEU K 982 -78.74 5.88 -0.10
C LEU K 982 -79.05 5.21 1.23
N GLY K 983 -78.41 4.11 1.58
CA GLY K 983 -78.69 3.44 2.83
C GLY K 983 -79.89 2.50 2.73
N ASP K 984 -79.93 1.55 3.67
CA ASP K 984 -81.01 0.57 3.69
C ASP K 984 -82.37 1.24 3.83
N LEU K 985 -82.47 2.19 4.76
CA LEU K 985 -83.73 2.85 5.03
C LEU K 985 -84.31 3.49 3.79
N CYS K 986 -83.45 3.94 2.86
CA CYS K 986 -83.94 4.54 1.63
C CYS K 986 -84.80 3.55 0.86
N VAL K 987 -84.22 2.42 0.48
CA VAL K 987 -84.99 1.43 -0.28
C VAL K 987 -86.12 0.87 0.57
N VAL K 988 -86.00 0.88 1.90
CA VAL K 988 -87.11 0.45 2.73
C VAL K 988 -88.30 1.37 2.55
N THR K 989 -88.07 2.68 2.62
CA THR K 989 -89.14 3.64 2.36
C THR K 989 -89.64 3.51 0.94
N LEU K 990 -88.73 3.27 0.00
CA LEU K 990 -89.13 3.09 -1.39
C LEU K 990 -90.08 1.91 -1.54
N CYS K 991 -89.72 0.76 -0.97
CA CYS K 991 -90.57 -0.41 -1.12
C CYS K 991 -91.87 -0.29 -0.35
N GLU K 992 -91.89 0.39 0.80
CA GLU K 992 -93.18 0.62 1.46
C GLU K 992 -94.10 1.49 0.59
N VAL K 993 -93.60 2.63 0.13
CA VAL K 993 -94.47 3.54 -0.59
C VAL K 993 -94.91 2.92 -1.91
N LEU K 994 -94.05 2.16 -2.57
CA LEU K 994 -94.54 1.47 -3.76
C LEU K 994 -95.47 0.33 -3.38
N LYS K 995 -95.28 -0.24 -2.19
CA LYS K 995 -96.10 -1.36 -1.75
C LYS K 995 -97.55 -0.93 -1.63
N GLN K 996 -97.78 0.27 -1.11
CA GLN K 996 -99.15 0.78 -0.96
C GLN K 996 -99.42 1.67 -2.16
N GLN K 997 -100.11 1.10 -3.16
CA GLN K 997 -100.53 1.81 -4.36
C GLN K 997 -99.35 2.55 -5.00
N GLY K 998 -98.41 1.75 -5.50
CA GLY K 998 -97.13 2.21 -5.97
C GLY K 998 -97.04 3.53 -6.70
N CYS K 999 -96.06 4.34 -6.32
CA CYS K 999 -95.90 5.69 -6.86
C CYS K 999 -95.73 5.66 -8.37
N LEU K 1000 -94.63 5.06 -8.82
CA LEU K 1000 -94.40 4.85 -10.23
C LEU K 1000 -95.33 3.74 -10.74
N LEU K 1001 -95.42 3.63 -12.06
CA LEU K 1001 -96.30 2.65 -12.67
C LEU K 1001 -95.60 1.74 -13.67
N GLN K 1002 -94.36 2.02 -14.06
CA GLN K 1002 -93.69 1.20 -15.06
C GLN K 1002 -92.46 0.48 -14.52
N SER K 1003 -91.47 1.19 -14.00
CA SER K 1003 -90.22 0.53 -13.66
C SER K 1003 -89.41 1.39 -12.70
N LEU K 1004 -88.27 0.84 -12.27
CA LEU K 1004 -87.31 1.52 -11.41
C LEU K 1004 -86.02 0.72 -11.48
N GLN K 1005 -84.90 1.42 -11.55
CA GLN K 1005 -83.60 0.76 -11.74
C GLN K 1005 -82.64 1.19 -10.64
N LEU K 1006 -82.09 0.20 -9.94
CA LEU K 1006 -81.13 0.42 -8.87
C LEU K 1006 -79.87 -0.39 -9.18
N GLY K 1007 -78.69 0.23 -9.09
CA GLY K 1007 -77.47 -0.49 -9.33
C GLY K 1007 -76.40 -0.14 -8.31
N GLU K 1008 -75.46 -1.09 -8.15
CA GLU K 1008 -74.25 -0.97 -7.32
C GLU K 1008 -74.54 -0.43 -5.90
N MET K 1009 -75.26 -1.25 -5.14
CA MET K 1009 -75.30 -1.12 -3.69
C MET K 1009 -74.86 -2.41 -3.01
N TYR K 1010 -74.22 -2.25 -1.85
CA TYR K 1010 -73.85 -3.35 -0.97
C TYR K 1010 -74.74 -3.40 0.27
N LEU K 1011 -76.03 -3.10 0.08
CA LEU K 1011 -76.95 -2.93 1.19
C LEU K 1011 -77.30 -4.30 1.79
N ASN K 1012 -77.83 -4.27 3.01
CA ASN K 1012 -78.19 -5.51 3.69
C ASN K 1012 -79.36 -6.17 2.98
N ARG K 1013 -79.55 -7.46 3.27
CA ARG K 1013 -80.32 -8.31 2.38
C ARG K 1013 -81.82 -8.31 2.67
N GLU K 1014 -82.27 -7.90 3.87
CA GLU K 1014 -83.70 -7.81 4.09
C GLU K 1014 -84.33 -6.77 3.17
N THR K 1015 -83.52 -5.83 2.67
CA THR K 1015 -83.99 -4.98 1.60
C THR K 1015 -84.27 -5.81 0.36
N LYS K 1016 -83.37 -6.74 0.04
CA LYS K 1016 -83.61 -7.60 -1.11
C LYS K 1016 -84.87 -8.43 -0.91
N ARG K 1017 -85.09 -8.95 0.29
CA ARG K 1017 -86.27 -9.76 0.50
C ARG K 1017 -87.54 -8.93 0.28
N ALA K 1018 -87.57 -7.70 0.81
CA ALA K 1018 -88.75 -6.88 0.62
C ALA K 1018 -88.96 -6.57 -0.86
N LEU K 1019 -87.88 -6.23 -1.57
CA LEU K 1019 -88.03 -5.86 -2.98
C LEU K 1019 -88.44 -7.06 -3.81
N GLU K 1020 -87.87 -8.24 -3.53
CA GLU K 1020 -88.22 -9.41 -4.33
C GLU K 1020 -89.64 -9.84 -4.01
N ALA K 1021 -90.10 -9.60 -2.79
CA ALA K 1021 -91.48 -9.90 -2.44
C ALA K 1021 -92.44 -9.07 -3.27
N LEU K 1022 -92.30 -7.73 -3.19
CA LEU K 1022 -93.36 -6.83 -3.66
C LEU K 1022 -93.76 -6.99 -5.13
N GLN K 1023 -92.85 -7.35 -6.03
CA GLN K 1023 -93.23 -7.36 -7.45
C GLN K 1023 -94.20 -8.49 -7.77
N GLU K 1024 -94.08 -9.62 -7.10
CA GLU K 1024 -94.92 -10.77 -7.45
C GLU K 1024 -96.35 -10.56 -6.98
N GLU K 1025 -96.55 -9.91 -5.83
CA GLU K 1025 -97.91 -9.53 -5.45
C GLU K 1025 -98.42 -8.37 -6.28
N LYS K 1026 -97.58 -7.36 -6.50
CA LYS K 1026 -97.95 -6.21 -7.33
C LYS K 1026 -96.99 -6.09 -8.51
N PRO K 1027 -97.39 -6.47 -9.72
CA PRO K 1027 -96.54 -6.25 -10.89
C PRO K 1027 -96.61 -4.84 -11.46
N GLU K 1028 -97.25 -3.90 -10.75
CA GLU K 1028 -97.27 -2.51 -11.17
C GLU K 1028 -95.85 -1.97 -11.35
N LEU K 1029 -95.02 -2.14 -10.32
CA LEU K 1029 -93.58 -1.97 -10.45
C LEU K 1029 -93.04 -3.18 -11.17
N THR K 1030 -93.02 -3.10 -12.50
CA THR K 1030 -92.69 -4.28 -13.31
C THR K 1030 -91.32 -4.83 -12.98
N ILE K 1031 -90.36 -3.97 -12.66
CA ILE K 1031 -89.01 -4.44 -12.40
C ILE K 1031 -88.26 -3.44 -11.54
N VAL K 1032 -87.42 -3.96 -10.66
CA VAL K 1032 -86.32 -3.24 -10.05
C VAL K 1032 -85.04 -3.93 -10.51
N PHE K 1033 -84.11 -3.17 -11.05
CA PHE K 1033 -82.86 -3.78 -11.48
C PHE K 1033 -82.15 -4.35 -10.25
N GLU K 1034 -82.10 -5.67 -10.19
CA GLU K 1034 -81.37 -6.35 -9.12
C GLU K 1034 -79.89 -5.98 -9.17
N ILE K 1035 -79.31 -5.77 -7.98
CA ILE K 1035 -77.95 -5.26 -7.91
C ILE K 1035 -76.97 -6.29 -8.44
N SER K 1036 -76.88 -7.42 -7.75
CA SER K 1036 -75.98 -8.49 -8.16
C SER K 1036 -76.60 -9.87 -8.02
N TRP K 1037 -77.71 -10.01 -7.31
CA TRP K 1037 -78.25 -11.31 -6.97
C TRP K 1037 -79.72 -11.42 -7.38
N ASP L 135 -25.40 40.61 15.24
CA ASP L 135 -25.29 41.28 16.54
C ASP L 135 -26.19 42.51 16.60
N TYR L 136 -25.84 43.53 15.82
CA TYR L 136 -26.68 44.73 15.74
C TYR L 136 -28.02 44.45 15.10
N CYS L 137 -28.18 43.34 14.39
CA CYS L 137 -29.40 43.11 13.65
C CYS L 137 -30.60 43.03 14.58
N LYS L 138 -30.45 42.29 15.68
CA LYS L 138 -31.59 41.92 16.52
C LYS L 138 -32.29 43.12 17.19
N MET L 139 -31.55 44.05 17.78
CA MET L 139 -32.23 45.12 18.51
C MET L 139 -33.00 46.03 17.55
N TYR L 140 -32.44 46.30 16.38
CA TYR L 140 -33.19 47.13 15.44
C TYR L 140 -34.25 46.35 14.70
N ARG L 141 -34.12 45.03 14.54
CA ARG L 141 -35.28 44.33 13.97
C ARG L 141 -36.43 44.38 14.97
N ARG L 142 -36.14 44.54 16.26
CA ARG L 142 -37.26 44.70 17.18
C ARG L 142 -37.73 46.15 17.16
N HIS L 143 -36.82 47.09 16.92
CA HIS L 143 -37.23 48.49 16.81
C HIS L 143 -38.18 48.66 15.62
N VAL L 144 -37.85 48.04 14.49
CA VAL L 144 -38.72 48.16 13.32
C VAL L 144 -40.01 47.37 13.55
N ARG L 145 -39.98 46.27 14.30
CA ARG L 145 -41.22 45.59 14.65
C ARG L 145 -42.13 46.51 15.46
N SER L 146 -41.57 47.18 16.46
CA SER L 146 -42.36 48.11 17.26
C SER L 146 -42.89 49.25 16.40
N ARG L 147 -42.09 49.69 15.44
CA ARG L 147 -42.50 50.81 14.59
C ARG L 147 -43.69 50.42 13.71
N PHE L 148 -43.61 49.26 13.06
CA PHE L 148 -44.58 48.89 12.03
C PHE L 148 -45.68 47.94 12.52
N TYR L 149 -45.64 47.50 13.78
CA TYR L 149 -46.77 46.74 14.31
C TYR L 149 -47.92 47.67 14.68
N SER L 150 -47.61 48.82 15.28
CA SER L 150 -48.63 49.73 15.77
C SER L 150 -49.30 50.53 14.66
N ILE L 151 -48.68 50.62 13.48
CA ILE L 151 -49.23 51.43 12.40
C ILE L 151 -50.49 50.75 11.86
N LYS L 152 -51.54 51.54 11.70
CA LYS L 152 -52.83 51.02 11.25
C LYS L 152 -53.46 51.95 10.21
N ASP L 163 -51.33 48.02 14.15
CA ASP L 163 -52.20 47.01 13.56
C ASP L 163 -51.82 46.74 12.10
N LEU L 164 -52.82 46.71 11.23
CA LEU L 164 -52.64 46.49 9.80
C LEU L 164 -52.08 45.12 9.49
N ASN L 165 -51.94 44.28 10.53
CA ASN L 165 -51.47 42.91 10.33
C ASN L 165 -52.61 42.01 9.86
N SER L 166 -53.70 41.96 10.63
CA SER L 166 -54.92 41.30 10.20
C SER L 166 -55.86 42.23 9.44
N ARG L 167 -55.32 43.29 8.83
CA ARG L 167 -56.10 44.30 8.13
C ARG L 167 -55.56 44.51 6.72
N TYR L 168 -54.94 43.46 6.15
CA TYR L 168 -54.24 43.56 4.88
C TYR L 168 -54.68 42.46 3.92
N THR L 169 -54.87 42.82 2.66
CA THR L 169 -55.11 41.88 1.58
C THR L 169 -54.09 42.12 0.50
N GLN L 170 -53.54 41.03 -0.03
CA GLN L 170 -52.43 41.11 -0.97
C GLN L 170 -52.80 41.88 -2.24
N LEU L 171 -51.92 42.80 -2.63
CA LEU L 171 -52.06 43.52 -3.88
C LEU L 171 -51.27 42.79 -4.96
N GLN L 172 -51.40 43.25 -6.21
CA GLN L 172 -50.84 42.51 -7.33
C GLN L 172 -49.54 43.12 -7.79
N LEU L 173 -48.52 42.28 -7.94
CA LEU L 173 -47.24 42.67 -8.52
C LEU L 173 -47.16 42.13 -9.94
N VAL L 174 -46.84 42.99 -10.89
CA VAL L 174 -46.85 42.61 -12.30
C VAL L 174 -45.60 43.14 -12.98
N LYS L 175 -44.89 42.25 -13.70
CA LYS L 175 -43.92 42.68 -14.69
C LYS L 175 -44.20 41.93 -15.99
N GLU L 176 -44.77 42.61 -16.97
CA GLU L 176 -45.06 41.94 -18.23
C GLU L 176 -43.83 41.89 -19.15
N HIS L 177 -43.34 43.06 -19.54
CA HIS L 177 -42.22 43.21 -20.46
C HIS L 177 -42.36 42.30 -21.69
N PRO L 178 -43.42 42.48 -22.49
CA PRO L 178 -43.68 41.62 -23.64
C PRO L 178 -42.99 42.12 -24.91
N LEU L 203 -47.05 39.13 -8.75
CA LEU L 203 -45.91 38.22 -8.85
C LEU L 203 -45.64 37.54 -7.52
N LYS L 204 -44.36 37.26 -7.26
CA LYS L 204 -43.94 36.59 -6.03
C LYS L 204 -42.83 37.42 -5.39
N LEU L 205 -43.15 38.09 -4.28
CA LEU L 205 -42.14 38.85 -3.57
C LEU L 205 -41.01 37.95 -3.08
N GLU L 206 -41.31 36.68 -2.81
CA GLU L 206 -40.25 35.72 -2.50
C GLU L 206 -39.32 35.58 -3.69
N LEU L 207 -38.02 35.61 -3.42
CA LEU L 207 -36.98 35.56 -4.46
C LEU L 207 -37.24 36.63 -5.51
N LEU L 208 -37.56 37.84 -5.06
CA LEU L 208 -37.82 38.94 -5.98
C LEU L 208 -36.58 39.32 -6.77
N PHE L 209 -35.40 39.04 -6.23
CA PHE L 209 -34.15 39.59 -6.74
C PHE L 209 -33.28 38.49 -7.36
N GLU L 210 -33.87 37.62 -8.17
CA GLU L 210 -33.03 36.70 -8.92
C GLU L 210 -32.09 37.49 -9.83
N PRO L 211 -30.78 37.30 -9.71
CA PRO L 211 -29.86 37.81 -10.73
C PRO L 211 -29.66 36.80 -11.85
N GLU L 212 -30.57 35.82 -11.93
CA GLU L 212 -30.42 34.70 -12.84
C GLU L 212 -30.23 35.20 -14.28
N ASP L 213 -29.53 34.41 -15.07
CA ASP L 213 -29.11 34.84 -16.40
C ASP L 213 -30.15 34.49 -17.46
N GLY L 214 -31.40 34.85 -17.21
CA GLY L 214 -32.41 34.81 -18.26
C GLY L 214 -32.47 36.13 -19.00
N HIS L 215 -32.78 37.20 -18.27
CA HIS L 215 -32.71 38.55 -18.81
C HIS L 215 -32.21 39.56 -17.79
N SER L 216 -31.74 39.13 -16.62
CA SER L 216 -31.44 40.02 -15.50
C SER L 216 -30.10 39.68 -14.87
N GLU L 217 -29.07 39.55 -15.70
CA GLU L 217 -27.77 39.11 -15.21
C GLU L 217 -27.16 40.10 -14.21
N PRO L 218 -26.86 41.34 -14.58
CA PRO L 218 -26.15 42.25 -13.67
C PRO L 218 -27.04 43.16 -12.83
N VAL L 219 -28.36 42.93 -12.79
CA VAL L 219 -29.25 43.89 -12.18
C VAL L 219 -29.10 43.89 -10.67
N HIS L 220 -29.37 45.05 -10.05
CA HIS L 220 -29.33 45.19 -8.61
C HIS L 220 -30.53 45.91 -8.00
N THR L 221 -31.54 46.29 -8.80
CA THR L 221 -32.56 47.17 -8.28
C THR L 221 -33.90 46.99 -9.00
N VAL L 222 -34.97 47.29 -8.25
CA VAL L 222 -36.34 47.28 -8.75
C VAL L 222 -37.06 48.56 -8.32
N VAL L 223 -37.98 49.01 -9.18
CA VAL L 223 -38.81 50.18 -8.92
C VAL L 223 -40.25 49.69 -8.81
N PHE L 224 -40.94 50.13 -7.76
CA PHE L 224 -42.35 49.82 -7.58
C PHE L 224 -43.17 50.89 -8.27
N GLN L 225 -44.17 50.47 -9.05
CA GLN L 225 -45.09 51.38 -9.69
C GLN L 225 -46.52 50.90 -9.45
N GLY L 226 -47.47 51.62 -10.03
CA GLY L 226 -48.86 51.22 -9.93
C GLY L 226 -49.78 52.40 -10.22
N ALA L 227 -51.03 52.24 -9.82
CA ALA L 227 -52.03 53.28 -10.02
C ALA L 227 -51.80 54.43 -9.06
N ALA L 228 -52.40 55.58 -9.38
CA ALA L 228 -52.17 56.79 -8.62
C ALA L 228 -52.68 56.65 -7.19
N GLY L 229 -51.78 56.68 -6.22
CA GLY L 229 -52.16 56.68 -4.82
C GLY L 229 -52.54 55.34 -4.25
N ILE L 230 -51.59 54.40 -4.22
CA ILE L 230 -51.81 53.09 -3.59
C ILE L 230 -51.52 53.11 -2.09
N GLY L 231 -51.00 54.21 -1.56
CA GLY L 231 -50.47 54.21 -0.21
C GLY L 231 -49.11 53.55 -0.16
N LYS L 232 -48.45 53.44 -1.32
CA LYS L 232 -47.29 52.61 -1.62
C LYS L 232 -46.32 52.46 -0.45
N THR L 233 -46.09 53.54 0.29
CA THR L 233 -45.31 53.44 1.51
C THR L 233 -45.87 52.36 2.43
N ILE L 234 -47.19 52.13 2.41
CA ILE L 234 -47.76 51.07 3.23
C ILE L 234 -47.21 49.72 2.80
N LEU L 235 -47.08 49.50 1.49
CA LEU L 235 -46.54 48.23 1.01
C LEU L 235 -45.07 48.10 1.36
N ALA L 236 -44.33 49.20 1.28
CA ALA L 236 -42.94 49.17 1.73
C ALA L 236 -42.88 48.76 3.20
N ARG L 237 -43.76 49.32 4.03
CA ARG L 237 -43.79 48.97 5.44
C ARG L 237 -44.17 47.51 5.64
N LYS L 238 -45.10 47.00 4.83
CA LYS L 238 -45.46 45.58 4.94
C LYS L 238 -44.29 44.68 4.61
N ILE L 239 -43.53 45.00 3.56
CA ILE L 239 -42.35 44.19 3.27
C ILE L 239 -41.34 44.26 4.40
N MET L 240 -41.11 45.47 4.93
CA MET L 240 -40.17 45.65 6.04
C MET L 240 -40.57 44.80 7.23
N LEU L 241 -41.84 44.91 7.66
CA LEU L 241 -42.30 44.15 8.81
C LEU L 241 -42.30 42.66 8.54
N ASP L 242 -42.61 42.25 7.31
CA ASP L 242 -42.60 40.84 6.98
C ASP L 242 -41.20 40.25 7.15
N TRP L 243 -40.18 40.96 6.69
CA TRP L 243 -38.84 40.47 6.95
C TRP L 243 -38.52 40.51 8.44
N ALA L 244 -38.88 41.60 9.12
CA ALA L 244 -38.55 41.73 10.54
C ALA L 244 -39.12 40.59 11.35
N LEU L 245 -40.35 40.17 11.04
CA LEU L 245 -40.95 39.01 11.68
C LEU L 245 -40.47 37.70 11.09
N GLY L 246 -39.81 37.73 9.93
CA GLY L 246 -39.42 36.49 9.28
C GLY L 246 -40.51 35.97 8.38
N LYS L 247 -41.31 35.03 8.90
CA LYS L 247 -42.43 34.45 8.16
C LYS L 247 -41.93 33.75 6.90
N LEU L 248 -41.12 32.72 7.11
CA LEU L 248 -40.52 31.89 6.06
C LEU L 248 -39.60 32.70 5.15
N PHE L 249 -39.11 33.85 5.62
CA PHE L 249 -38.19 34.66 4.84
C PHE L 249 -36.79 34.10 4.99
N LYS L 250 -36.34 33.33 4.00
CA LYS L 250 -34.93 33.00 3.93
C LYS L 250 -34.11 34.27 3.82
N ASP L 251 -33.30 34.54 4.84
CA ASP L 251 -32.61 35.82 4.95
C ASP L 251 -31.48 35.91 3.92
N LYS L 252 -31.80 36.37 2.71
CA LYS L 252 -30.77 36.75 1.75
C LYS L 252 -29.99 37.98 2.19
N PHE L 253 -30.46 38.70 3.21
CA PHE L 253 -29.90 39.97 3.60
C PHE L 253 -29.83 40.07 5.11
N ASP L 254 -28.85 40.83 5.59
CA ASP L 254 -28.69 41.05 7.03
C ASP L 254 -29.40 42.30 7.51
N TYR L 255 -29.67 43.25 6.62
CA TYR L 255 -30.36 44.47 7.00
C TYR L 255 -31.15 45.01 5.83
N LEU L 256 -32.38 45.41 6.09
CA LEU L 256 -33.19 46.18 5.16
C LEU L 256 -33.55 47.46 5.91
N PHE L 257 -33.07 48.59 5.40
CA PHE L 257 -33.27 49.86 6.08
C PHE L 257 -34.41 50.63 5.43
N PHE L 258 -35.37 51.03 6.24
CA PHE L 258 -36.49 51.83 5.77
C PHE L 258 -36.08 53.29 5.83
N ILE L 259 -35.97 53.92 4.67
CA ILE L 259 -35.64 55.34 4.57
C ILE L 259 -36.95 56.07 4.33
N HIS L 260 -37.28 57.01 5.22
CA HIS L 260 -38.47 57.81 5.07
C HIS L 260 -38.02 59.15 4.50
N CYS L 261 -37.82 59.15 3.18
CA CYS L 261 -37.28 60.31 2.47
C CYS L 261 -38.16 61.54 2.65
N ARG L 262 -39.42 61.35 3.01
CA ARG L 262 -40.29 62.45 3.36
C ARG L 262 -39.68 63.29 4.47
N GLU L 263 -38.84 62.68 5.31
CA GLU L 263 -38.01 63.42 6.26
C GLU L 263 -36.60 63.71 5.74
N VAL L 264 -36.00 62.82 4.94
CA VAL L 264 -34.61 62.98 4.53
C VAL L 264 -34.53 64.10 3.51
N SER L 265 -35.70 64.64 3.13
CA SER L 265 -35.85 65.66 2.10
C SER L 265 -35.00 66.90 2.32
N LEU L 266 -34.38 67.05 3.48
CA LEU L 266 -33.62 68.26 3.81
C LEU L 266 -32.37 68.40 2.95
N ARG L 267 -31.91 69.64 2.85
CA ARG L 267 -30.72 70.04 2.10
C ARG L 267 -29.43 69.80 2.87
N THR L 268 -29.53 69.37 4.12
CA THR L 268 -28.35 69.20 4.96
C THR L 268 -27.44 68.10 4.42
N PRO L 269 -26.13 68.32 4.35
CA PRO L 269 -25.24 67.26 3.89
C PRO L 269 -25.06 66.22 5.00
N ARG L 270 -25.63 65.04 4.82
CA ARG L 270 -25.60 64.01 5.86
C ARG L 270 -24.89 62.76 5.37
N SER L 271 -24.14 62.14 6.27
CA SER L 271 -23.42 60.91 6.00
C SER L 271 -24.38 59.74 6.04
N LEU L 272 -23.83 58.52 6.08
CA LEU L 272 -24.64 57.33 6.30
C LEU L 272 -25.51 57.52 7.53
N ALA L 273 -26.82 57.44 7.34
CA ALA L 273 -27.81 57.81 8.36
C ALA L 273 -28.64 56.58 8.66
N ASP L 274 -28.13 55.73 9.54
CA ASP L 274 -28.85 54.57 10.02
C ASP L 274 -29.56 54.81 11.34
N LEU L 275 -29.23 55.89 12.04
CA LEU L 275 -30.01 56.31 13.19
C LEU L 275 -31.21 57.14 12.73
N ILE L 276 -32.34 56.95 13.41
CA ILE L 276 -33.56 57.70 13.12
C ILE L 276 -34.07 58.42 14.38
N VAL L 277 -34.18 57.70 15.50
CA VAL L 277 -34.68 58.27 16.74
C VAL L 277 -33.56 58.94 17.53
N SER L 278 -32.35 59.01 16.98
CA SER L 278 -31.18 59.57 17.66
C SER L 278 -30.89 58.81 18.95
N CYS L 279 -30.87 57.48 18.84
CA CYS L 279 -30.52 56.61 19.95
C CYS L 279 -28.99 56.58 20.07
N TRP L 280 -28.46 55.65 20.85
CA TRP L 280 -27.02 55.51 20.92
C TRP L 280 -26.49 55.09 19.54
N PRO L 281 -25.33 55.61 19.13
CA PRO L 281 -24.91 55.45 17.74
C PRO L 281 -24.79 53.99 17.34
N ASP L 282 -25.21 53.68 16.12
CA ASP L 282 -25.05 52.34 15.61
C ASP L 282 -23.57 52.03 15.40
N PRO L 283 -23.19 50.75 15.38
CA PRO L 283 -21.79 50.39 15.17
C PRO L 283 -21.31 50.70 13.76
N ASN L 284 -21.33 51.96 13.37
CA ASN L 284 -21.18 52.32 11.97
C ASN L 284 -19.89 51.83 11.33
N PRO L 285 -18.71 51.95 11.95
CA PRO L 285 -17.48 51.42 11.34
C PRO L 285 -17.50 49.90 11.17
N PRO L 286 -17.82 49.11 12.21
CA PRO L 286 -17.98 47.67 11.96
C PRO L 286 -19.10 47.30 10.99
N VAL L 287 -20.16 48.10 10.90
CA VAL L 287 -21.14 47.95 9.82
C VAL L 287 -20.48 48.12 8.46
N CYS L 288 -19.61 49.12 8.33
CA CYS L 288 -18.83 49.27 7.10
C CYS L 288 -17.88 48.10 6.89
N LYS L 289 -17.39 47.49 7.96
CA LYS L 289 -16.50 46.35 7.86
C LYS L 289 -17.22 45.05 7.52
N ILE L 290 -18.51 44.94 7.82
CA ILE L 290 -19.29 43.77 7.47
C ILE L 290 -19.92 43.99 6.10
N LEU L 291 -19.42 44.99 5.37
CA LEU L 291 -19.83 45.22 4.00
C LEU L 291 -19.04 44.40 3.00
N ARG L 292 -17.70 44.47 3.05
CA ARG L 292 -16.87 44.04 1.93
C ARG L 292 -17.18 42.61 1.52
N LYS L 293 -17.15 41.67 2.46
CA LYS L 293 -17.45 40.30 2.06
C LYS L 293 -18.95 40.11 1.85
N PRO L 294 -19.82 40.34 2.87
CA PRO L 294 -21.26 40.13 2.65
C PRO L 294 -21.98 41.36 2.14
N SER L 295 -22.61 41.26 0.97
CA SER L 295 -23.48 42.33 0.47
C SER L 295 -24.91 42.15 0.98
N ARG L 296 -25.02 41.92 2.30
CA ARG L 296 -26.29 41.63 2.94
C ARG L 296 -26.89 42.86 3.61
N ILE L 297 -26.44 44.05 3.22
CA ILE L 297 -27.08 45.30 3.58
C ILE L 297 -27.98 45.74 2.43
N LEU L 298 -29.17 46.20 2.77
CA LEU L 298 -30.08 46.77 1.79
C LEU L 298 -30.84 47.92 2.41
N PHE L 299 -31.16 48.90 1.57
CA PHE L 299 -31.79 50.15 1.97
C PHE L 299 -33.12 50.24 1.22
N LEU L 300 -34.21 49.95 1.91
CA LEU L 300 -35.54 50.22 1.36
C LEU L 300 -35.82 51.71 1.54
N MET L 301 -35.42 52.50 0.54
CA MET L 301 -35.76 53.91 0.51
C MET L 301 -37.10 54.12 -0.19
N ASP L 302 -37.89 55.03 0.38
CA ASP L 302 -39.27 55.25 -0.04
C ASP L 302 -39.53 56.75 -0.07
N GLY L 303 -40.62 57.11 -0.73
CA GLY L 303 -40.99 58.51 -0.93
C GLY L 303 -40.02 59.31 -1.78
N PHE L 304 -39.56 58.74 -2.89
CA PHE L 304 -38.60 59.44 -3.73
C PHE L 304 -39.23 60.71 -4.29
N ASP L 305 -40.56 60.72 -4.40
CA ASP L 305 -41.30 61.86 -4.93
C ASP L 305 -41.04 63.10 -4.09
N GLU L 306 -40.66 62.91 -2.83
CA GLU L 306 -40.49 64.00 -1.89
C GLU L 306 -39.03 64.42 -1.70
N LEU L 307 -38.13 64.02 -2.60
CA LEU L 307 -36.81 64.65 -2.61
C LEU L 307 -36.92 66.08 -3.10
N GLN L 308 -36.95 67.02 -2.17
CA GLN L 308 -37.24 68.41 -2.46
C GLN L 308 -35.92 69.14 -2.72
N GLY L 309 -35.95 70.47 -2.73
CA GLY L 309 -34.79 71.23 -3.13
C GLY L 309 -35.00 72.27 -4.21
N ALA L 310 -34.44 72.03 -5.39
CA ALA L 310 -34.68 72.88 -6.55
C ALA L 310 -34.95 72.05 -7.81
N PHE L 311 -35.60 70.89 -7.65
CA PHE L 311 -35.80 69.90 -8.73
C PHE L 311 -34.49 69.57 -9.45
N ASP L 312 -33.44 69.40 -8.68
CA ASP L 312 -32.09 69.16 -9.19
C ASP L 312 -31.68 67.74 -8.84
N GLU L 313 -32.06 66.78 -9.68
CA GLU L 313 -31.66 65.39 -9.47
C GLU L 313 -30.95 64.84 -10.71
N HIS L 314 -30.12 65.68 -11.34
CA HIS L 314 -29.39 65.28 -12.53
C HIS L 314 -28.15 64.48 -12.10
N ILE L 315 -27.23 64.26 -13.04
CA ILE L 315 -26.03 63.47 -12.76
C ILE L 315 -25.21 64.18 -11.71
N GLY L 316 -24.74 63.43 -10.71
CA GLY L 316 -24.03 64.04 -9.60
C GLY L 316 -22.69 64.61 -10.04
N GLU L 317 -22.42 65.86 -9.63
CA GLU L 317 -21.16 66.50 -9.97
C GLU L 317 -19.97 65.84 -9.28
N VAL L 318 -20.11 65.50 -8.00
CA VAL L 318 -19.02 64.96 -7.20
C VAL L 318 -19.47 63.68 -6.51
N CYS L 319 -18.60 62.67 -6.55
CA CYS L 319 -18.86 61.39 -5.90
C CYS L 319 -18.57 61.48 -4.40
N THR L 320 -18.71 60.34 -3.72
CA THR L 320 -18.50 60.24 -2.29
C THR L 320 -17.57 59.06 -1.98
N ASP L 321 -17.10 59.01 -0.75
CA ASP L 321 -16.22 57.94 -0.30
C ASP L 321 -17.00 56.65 -0.06
N TRP L 322 -16.30 55.52 -0.21
CA TRP L 322 -16.94 54.22 -0.01
C TRP L 322 -17.29 53.99 1.46
N GLN L 323 -16.50 54.54 2.38
CA GLN L 323 -16.80 54.39 3.80
C GLN L 323 -18.11 55.05 4.18
N LYS L 324 -18.55 56.05 3.40
CA LYS L 324 -19.82 56.75 3.58
C LYS L 324 -19.86 57.49 4.92
N ALA L 325 -18.75 57.47 5.65
CA ALA L 325 -18.66 58.21 6.90
C ALA L 325 -18.58 59.71 6.69
N VAL L 326 -18.33 60.17 5.46
CA VAL L 326 -18.30 61.58 5.15
C VAL L 326 -19.72 62.13 5.10
N ARG L 327 -19.94 63.25 5.78
CA ARG L 327 -21.26 63.88 5.84
C ARG L 327 -21.53 64.70 4.59
N GLY L 328 -21.38 64.09 3.42
CA GLY L 328 -21.63 64.79 2.18
C GLY L 328 -23.11 65.00 1.93
N ASP L 329 -23.39 65.83 0.95
CA ASP L 329 -24.77 66.07 0.54
C ASP L 329 -25.37 64.79 -0.01
N ILE L 330 -26.62 64.51 0.39
CA ILE L 330 -27.33 63.36 -0.17
C ILE L 330 -27.45 63.48 -1.68
N LEU L 331 -27.52 64.71 -2.19
CA LEU L 331 -27.41 64.92 -3.63
C LEU L 331 -26.06 64.49 -4.16
N LEU L 332 -24.98 64.79 -3.42
CA LEU L 332 -23.63 64.51 -3.87
C LEU L 332 -23.02 63.27 -3.25
N SER L 333 -23.65 62.68 -2.24
CA SER L 333 -23.15 61.45 -1.63
C SER L 333 -24.09 60.27 -1.83
N SER L 334 -25.36 60.43 -1.47
CA SER L 334 -26.31 59.32 -1.57
C SER L 334 -26.62 59.02 -3.03
N LEU L 335 -26.92 60.04 -3.83
CA LEU L 335 -27.31 59.79 -5.21
C LEU L 335 -26.20 59.08 -5.97
N ILE L 336 -24.96 59.53 -5.80
CA ILE L 336 -23.85 58.87 -6.47
C ILE L 336 -23.63 57.48 -5.88
N ARG L 337 -23.90 57.29 -4.58
CA ARG L 337 -23.84 55.94 -4.03
C ARG L 337 -24.81 55.01 -4.76
N LYS L 338 -26.02 55.51 -5.05
CA LYS L 338 -26.92 54.77 -5.93
C LYS L 338 -26.33 54.61 -7.34
N LYS L 339 -25.68 55.65 -7.85
CA LYS L 339 -25.25 55.67 -9.25
C LYS L 339 -24.14 54.66 -9.51
N LEU L 340 -23.01 54.82 -8.83
CA LEU L 340 -21.84 54.00 -9.05
C LEU L 340 -21.37 53.43 -7.71
N LEU L 341 -20.76 52.26 -7.78
CA LEU L 341 -20.33 51.51 -6.61
C LEU L 341 -21.43 51.43 -5.55
N PRO L 342 -22.63 50.94 -5.91
CA PRO L 342 -23.67 50.81 -4.89
C PRO L 342 -23.41 49.65 -3.94
N LYS L 343 -22.99 48.51 -4.47
CA LYS L 343 -22.60 47.31 -3.72
C LYS L 343 -23.78 46.66 -3.00
N ALA L 344 -24.96 47.26 -3.03
CA ALA L 344 -26.12 46.72 -2.34
C ALA L 344 -27.33 46.79 -3.24
N SER L 345 -28.35 45.99 -2.91
CA SER L 345 -29.55 45.96 -3.73
C SER L 345 -30.31 47.27 -3.56
N LEU L 346 -31.40 47.42 -4.29
CA LEU L 346 -32.10 48.70 -4.23
C LEU L 346 -33.55 48.52 -4.67
N LEU L 347 -34.46 49.14 -3.94
CA LEU L 347 -35.88 49.13 -4.26
C LEU L 347 -36.44 50.51 -4.01
N ILE L 348 -36.93 51.18 -5.05
CA ILE L 348 -37.45 52.53 -4.89
C ILE L 348 -38.91 52.62 -5.31
N THR L 349 -39.64 53.48 -4.61
CA THR L 349 -41.09 53.59 -4.74
C THR L 349 -41.43 55.03 -5.08
N THR L 350 -42.22 55.23 -6.13
CA THR L 350 -42.56 56.56 -6.64
C THR L 350 -43.58 56.39 -7.77
N ARG L 351 -44.24 57.51 -8.16
CA ARG L 351 -45.16 57.34 -9.29
C ARG L 351 -44.51 57.72 -10.61
N PRO L 352 -45.06 57.20 -11.75
CA PRO L 352 -44.43 57.42 -13.07
C PRO L 352 -44.55 58.83 -13.66
N VAL L 353 -44.99 59.80 -12.88
CA VAL L 353 -45.10 61.19 -13.29
C VAL L 353 -43.88 61.79 -13.98
N ALA L 354 -42.78 61.94 -13.23
CA ALA L 354 -41.60 62.68 -13.70
C ALA L 354 -40.33 62.06 -13.11
N LEU L 355 -40.18 60.75 -13.28
CA LEU L 355 -39.02 60.07 -12.73
C LEU L 355 -37.82 59.97 -13.65
N GLU L 356 -38.00 60.10 -14.97
CA GLU L 356 -36.93 59.78 -15.91
C GLU L 356 -35.58 60.38 -15.56
N LYS L 357 -35.53 61.46 -14.77
CA LYS L 357 -34.28 61.97 -14.18
C LYS L 357 -33.37 60.89 -13.63
N LEU L 358 -33.96 59.89 -12.97
CA LEU L 358 -33.26 58.80 -12.32
C LEU L 358 -33.11 57.60 -13.25
N GLN L 359 -33.81 57.59 -14.38
CA GLN L 359 -33.79 56.48 -15.32
C GLN L 359 -32.92 56.75 -16.53
N HIS L 360 -32.92 57.99 -17.06
CA HIS L 360 -31.83 58.37 -17.95
C HIS L 360 -30.51 58.34 -17.19
N LEU L 361 -30.56 58.58 -15.88
CA LEU L 361 -29.52 58.13 -14.97
C LEU L 361 -29.42 56.61 -15.04
N LEU L 362 -28.25 56.12 -15.44
CA LEU L 362 -28.09 54.69 -15.67
C LEU L 362 -28.19 53.92 -14.37
N ASP L 363 -29.06 52.92 -14.35
CA ASP L 363 -29.25 52.03 -13.20
C ASP L 363 -29.32 50.56 -13.56
N HIS L 364 -29.64 50.21 -14.80
CA HIS L 364 -29.98 48.85 -15.19
C HIS L 364 -31.02 48.27 -14.22
N PRO L 365 -32.16 48.95 -14.03
CA PRO L 365 -33.17 48.45 -13.08
C PRO L 365 -34.21 47.55 -13.71
N ARG L 366 -35.12 47.04 -12.89
CA ARG L 366 -36.41 46.58 -13.36
C ARG L 366 -37.50 47.49 -12.79
N HIS L 367 -38.73 47.23 -13.20
CA HIS L 367 -39.89 47.93 -12.68
C HIS L 367 -40.99 46.91 -12.46
N VAL L 368 -41.80 47.11 -11.42
CA VAL L 368 -42.96 46.27 -11.16
C VAL L 368 -44.14 47.15 -10.80
N GLU L 369 -45.31 46.81 -11.35
CA GLU L 369 -46.53 47.55 -11.10
C GLU L 369 -47.29 46.92 -9.95
N ILE L 370 -47.91 47.76 -9.13
CA ILE L 370 -48.77 47.33 -8.02
C ILE L 370 -50.20 47.63 -8.39
N LEU L 371 -51.08 46.67 -8.15
CA LEU L 371 -52.48 46.76 -8.51
C LEU L 371 -53.32 46.55 -7.26
N GLY L 372 -54.35 47.39 -7.12
CA GLY L 372 -55.14 47.42 -5.91
C GLY L 372 -56.20 46.34 -5.81
N PHE L 373 -57.38 46.71 -5.31
CA PHE L 373 -58.38 45.76 -4.89
C PHE L 373 -59.17 45.22 -6.08
N SER L 374 -58.98 43.92 -6.35
CA SER L 374 -59.94 43.21 -7.17
C SER L 374 -61.19 42.94 -6.36
N GLU L 375 -62.24 42.45 -7.02
CA GLU L 375 -63.53 42.30 -6.36
C GLU L 375 -63.44 41.37 -5.16
N ALA L 376 -62.90 40.16 -5.35
CA ALA L 376 -62.95 39.15 -4.31
C ALA L 376 -62.13 39.54 -3.08
N LYS L 377 -60.87 39.94 -3.28
CA LYS L 377 -60.09 40.27 -2.11
C LYS L 377 -60.36 41.68 -1.61
N ARG L 378 -61.03 42.53 -2.39
CA ARG L 378 -61.64 43.73 -1.84
C ARG L 378 -62.75 43.37 -0.87
N LYS L 379 -63.56 42.37 -1.21
CA LYS L 379 -64.55 41.87 -0.27
C LYS L 379 -63.87 41.30 0.98
N GLU L 380 -62.75 40.61 0.78
CA GLU L 380 -61.98 40.10 1.91
C GLU L 380 -61.49 41.25 2.80
N TYR L 381 -60.99 42.33 2.19
CA TYR L 381 -60.56 43.49 2.96
C TYR L 381 -61.71 44.12 3.70
N PHE L 382 -62.89 44.17 3.07
CA PHE L 382 -64.07 44.71 3.73
C PHE L 382 -64.44 43.87 4.94
N PHE L 383 -64.36 42.55 4.80
CA PHE L 383 -64.64 41.65 5.92
C PHE L 383 -63.62 41.83 7.04
N LYS L 384 -62.34 42.00 6.68
CA LYS L 384 -61.30 42.11 7.70
C LYS L 384 -61.36 43.46 8.40
N TYR L 385 -61.72 44.52 7.69
CA TYR L 385 -61.80 45.84 8.30
C TYR L 385 -63.05 45.95 9.16
N PHE L 386 -64.21 45.77 8.55
CA PHE L 386 -65.45 45.79 9.32
C PHE L 386 -65.46 44.61 10.30
N SER L 387 -66.34 44.70 11.28
CA SER L 387 -66.64 43.52 12.07
C SER L 387 -67.38 42.52 11.20
N ASN L 388 -67.27 41.24 11.56
CA ASN L 388 -67.75 40.20 10.67
C ASN L 388 -69.26 40.21 10.49
N GLU L 389 -69.99 40.97 11.30
CA GLU L 389 -71.45 41.00 11.22
C GLU L 389 -72.07 42.39 11.19
N LEU L 390 -71.41 43.42 11.71
CA LEU L 390 -72.09 44.72 11.84
C LEU L 390 -72.29 45.38 10.48
N GLN L 391 -71.24 45.45 9.65
CA GLN L 391 -71.34 46.10 8.36
C GLN L 391 -70.58 45.35 7.27
N ALA L 392 -70.29 44.07 7.47
CA ALA L 392 -69.43 43.36 6.53
C ALA L 392 -70.10 43.14 5.17
N ARG L 393 -71.41 42.91 5.15
CA ARG L 393 -72.08 42.55 3.91
C ARG L 393 -73.00 43.64 3.34
N GLU L 394 -73.91 44.19 4.14
CA GLU L 394 -74.94 45.06 3.56
C GLU L 394 -74.35 46.32 2.94
N ALA L 395 -73.38 46.95 3.61
CA ALA L 395 -72.68 48.09 3.01
C ALA L 395 -71.91 47.69 1.77
N PHE L 396 -71.22 46.55 1.82
CA PHE L 396 -70.52 46.05 0.65
C PHE L 396 -71.45 45.92 -0.54
N ARG L 397 -72.60 45.26 -0.36
CA ARG L 397 -73.49 45.01 -1.48
C ARG L 397 -74.21 46.28 -1.93
N LEU L 398 -74.52 47.20 -1.01
CA LEU L 398 -75.17 48.43 -1.44
C LEU L 398 -74.22 49.29 -2.26
N ILE L 399 -72.92 49.26 -1.94
CA ILE L 399 -72.01 49.99 -2.82
C ILE L 399 -71.62 49.17 -4.04
N GLN L 400 -71.87 47.85 -4.01
CA GLN L 400 -71.80 47.07 -5.24
C GLN L 400 -72.86 47.51 -6.22
N GLU L 401 -74.08 47.78 -5.72
CA GLU L 401 -75.18 48.14 -6.60
C GLU L 401 -74.96 49.49 -7.27
N ASN L 402 -73.98 50.25 -6.80
CA ASN L 402 -73.62 51.50 -7.46
C ASN L 402 -72.89 51.20 -8.76
N GLU L 403 -73.29 51.88 -9.84
CA GLU L 403 -72.61 51.72 -11.12
C GLU L 403 -71.18 52.24 -11.07
N VAL L 404 -70.84 52.99 -10.03
CA VAL L 404 -69.52 53.55 -9.82
C VAL L 404 -69.09 53.15 -8.41
N LEU L 405 -67.90 53.59 -7.98
CA LEU L 405 -67.32 53.23 -6.68
C LEU L 405 -66.86 51.78 -6.70
N PHE L 406 -67.21 51.07 -7.75
CA PHE L 406 -66.58 49.81 -8.10
C PHE L 406 -65.51 50.01 -9.16
N THR L 407 -65.65 51.06 -9.98
CA THR L 407 -64.49 51.55 -10.74
C THR L 407 -63.36 51.99 -9.82
N MET L 408 -63.68 52.72 -8.75
CA MET L 408 -62.64 53.16 -7.83
C MET L 408 -62.36 52.15 -6.73
N CYS L 409 -63.23 51.17 -6.52
CA CYS L 409 -62.91 50.19 -5.50
C CYS L 409 -61.59 49.48 -5.80
N PHE L 410 -61.19 49.45 -7.07
CA PHE L 410 -59.86 48.94 -7.40
C PHE L 410 -58.76 49.71 -6.67
N ILE L 411 -58.83 51.03 -6.65
CA ILE L 411 -57.81 51.84 -5.96
C ILE L 411 -57.85 51.70 -4.44
N PRO L 412 -56.72 51.30 -3.85
CA PRO L 412 -56.66 51.10 -2.40
C PRO L 412 -56.96 52.33 -1.57
N LEU L 413 -56.54 53.53 -1.99
CA LEU L 413 -56.86 54.69 -1.17
C LEU L 413 -58.35 54.90 -1.08
N VAL L 414 -59.08 54.63 -2.16
CA VAL L 414 -60.54 54.73 -2.12
C VAL L 414 -61.11 53.69 -1.16
N CYS L 415 -60.60 52.45 -1.22
CA CYS L 415 -61.13 51.47 -0.28
C CYS L 415 -60.82 51.85 1.18
N TRP L 416 -59.60 52.33 1.45
CA TRP L 416 -59.28 52.71 2.83
C TRP L 416 -60.09 53.92 3.28
N ILE L 417 -60.48 54.78 2.34
CA ILE L 417 -61.18 55.99 2.75
C ILE L 417 -62.67 55.73 2.84
N VAL L 418 -63.18 54.71 2.16
CA VAL L 418 -64.59 54.40 2.34
C VAL L 418 -64.78 53.52 3.55
N CYS L 419 -63.80 52.67 3.86
CA CYS L 419 -63.87 51.86 5.07
C CYS L 419 -63.80 52.74 6.30
N THR L 420 -62.84 53.67 6.35
CA THR L 420 -62.81 54.57 7.49
C THR L 420 -63.94 55.60 7.45
N GLY L 421 -64.38 55.99 6.25
CA GLY L 421 -65.42 56.99 6.06
C GLY L 421 -66.84 56.53 6.28
N LEU L 422 -67.07 55.24 6.51
CA LEU L 422 -68.45 54.80 6.73
C LEU L 422 -68.75 54.31 8.14
N LYS L 423 -67.74 54.14 9.00
CA LYS L 423 -68.01 53.80 10.39
C LYS L 423 -68.67 54.94 11.18
N GLN L 424 -68.65 56.17 10.67
CA GLN L 424 -69.40 57.25 11.31
C GLN L 424 -70.86 57.32 10.88
N GLN L 425 -71.34 56.44 10.00
CA GLN L 425 -72.64 56.66 9.36
C GLN L 425 -73.74 55.76 9.91
N MET L 426 -73.42 54.74 10.71
CA MET L 426 -74.49 53.98 11.35
C MET L 426 -75.18 54.79 12.43
N GLU L 427 -74.44 55.71 13.08
CA GLU L 427 -75.06 56.64 14.00
C GLU L 427 -76.08 57.53 13.29
N THR L 428 -75.85 57.85 12.01
CA THR L 428 -76.82 58.57 11.20
C THR L 428 -77.80 57.60 10.53
N GLY L 429 -77.28 56.66 9.75
CA GLY L 429 -78.08 55.61 9.16
C GLY L 429 -78.52 55.92 7.75
N LYS L 430 -78.27 54.97 6.83
CA LYS L 430 -78.75 55.04 5.45
C LYS L 430 -78.27 56.30 4.76
N SER L 431 -76.96 56.55 4.84
CA SER L 431 -76.33 57.68 4.16
C SER L 431 -75.00 57.25 3.55
N LEU L 432 -74.98 56.08 2.92
CA LEU L 432 -73.74 55.44 2.50
C LEU L 432 -73.40 55.74 1.04
N ALA L 433 -74.29 55.37 0.13
CA ALA L 433 -74.03 55.43 -1.30
C ALA L 433 -74.35 56.79 -1.92
N GLN L 434 -74.84 57.74 -1.13
CA GLN L 434 -75.23 59.03 -1.68
C GLN L 434 -74.00 59.86 -2.07
N THR L 435 -74.22 60.77 -3.02
CA THR L 435 -73.23 61.74 -3.52
C THR L 435 -71.84 61.13 -3.61
N SER L 436 -71.76 59.96 -4.25
CA SER L 436 -70.52 59.23 -4.47
C SER L 436 -70.37 59.02 -5.98
N LYS L 437 -69.63 59.91 -6.63
CA LYS L 437 -69.40 59.81 -8.07
C LYS L 437 -67.93 59.60 -8.41
N THR L 438 -67.04 60.49 -7.99
CA THR L 438 -65.66 60.53 -8.45
C THR L 438 -64.73 60.64 -7.25
N THR L 439 -63.42 60.62 -7.51
CA THR L 439 -62.47 60.71 -6.41
C THR L 439 -62.60 62.02 -5.65
N THR L 440 -62.74 63.13 -6.39
CA THR L 440 -63.01 64.42 -5.75
C THR L 440 -64.32 64.38 -4.97
N ALA L 441 -65.35 63.75 -5.53
CA ALA L 441 -66.65 63.70 -4.86
C ALA L 441 -66.55 62.95 -3.55
N VAL L 442 -65.88 61.80 -3.55
CA VAL L 442 -65.79 61.01 -2.33
C VAL L 442 -64.91 61.70 -1.31
N TYR L 443 -63.84 62.36 -1.77
CA TYR L 443 -63.00 63.12 -0.84
C TYR L 443 -63.78 64.25 -0.18
N VAL L 444 -64.58 64.97 -0.97
CA VAL L 444 -65.40 66.05 -0.41
C VAL L 444 -66.43 65.50 0.56
N PHE L 445 -67.07 64.39 0.21
CA PHE L 445 -68.04 63.78 1.11
C PHE L 445 -67.41 63.33 2.42
N PHE L 446 -66.24 62.72 2.35
CA PHE L 446 -65.54 62.27 3.54
C PHE L 446 -65.13 63.45 4.42
N LEU L 447 -64.60 64.50 3.80
CA LEU L 447 -64.22 65.68 4.59
C LEU L 447 -65.44 66.31 5.25
N SER L 448 -66.56 66.41 4.52
CA SER L 448 -67.77 66.98 5.10
C SER L 448 -68.29 66.11 6.25
N SER L 449 -68.21 64.78 6.10
CA SER L 449 -68.61 63.88 7.16
C SER L 449 -67.74 64.05 8.40
N LEU L 450 -66.43 64.19 8.23
CA LEU L 450 -65.56 64.46 9.36
C LEU L 450 -65.86 65.81 9.99
N LEU L 451 -66.10 66.82 9.17
CA LEU L 451 -66.31 68.19 9.62
C LEU L 451 -67.79 68.55 9.67
N GLN L 452 -68.64 67.60 10.02
CA GLN L 452 -70.08 67.84 10.05
C GLN L 452 -70.49 68.56 11.32
N SER L 453 -70.04 68.07 12.47
CA SER L 453 -70.44 68.62 13.76
C SER L 453 -69.56 69.77 14.21
N ARG L 454 -68.73 70.32 13.33
CA ARG L 454 -67.87 71.44 13.65
C ARG L 454 -68.48 72.79 13.27
N GLY L 455 -69.66 72.80 12.66
CA GLY L 455 -70.30 74.04 12.28
C GLY L 455 -71.44 73.83 11.30
N LEU L 461 -66.42 79.94 13.86
CA LEU L 461 -65.61 79.04 14.66
C LEU L 461 -64.65 78.24 13.79
N PHE L 462 -65.10 77.06 13.34
CA PHE L 462 -64.26 76.23 12.49
C PHE L 462 -64.14 76.77 11.07
N SER L 463 -65.02 77.70 10.68
CA SER L 463 -64.92 78.30 9.35
C SER L 463 -63.58 79.00 9.17
N ASP L 464 -63.06 79.63 10.22
CA ASP L 464 -61.74 80.22 10.16
C ASP L 464 -60.63 79.20 10.38
N TYR L 465 -60.88 78.16 11.18
CA TYR L 465 -59.86 77.15 11.42
C TYR L 465 -59.51 76.38 10.15
N LEU L 466 -60.54 76.00 9.37
CA LEU L 466 -60.30 75.30 8.13
C LEU L 466 -59.53 76.17 7.16
N GLN L 467 -59.88 77.46 7.07
CA GLN L 467 -59.17 78.37 6.19
C GLN L 467 -57.73 78.56 6.63
N GLY L 468 -57.48 78.66 7.94
CA GLY L 468 -56.12 78.81 8.42
C GLY L 468 -55.25 77.60 8.14
N LEU L 469 -55.78 76.40 8.37
CA LEU L 469 -55.03 75.19 8.02
C LEU L 469 -54.84 75.07 6.51
N CYS L 470 -55.86 75.44 5.75
CA CYS L 470 -55.81 75.37 4.29
C CYS L 470 -54.73 76.29 3.74
N SER L 471 -54.72 77.55 4.20
CA SER L 471 -53.82 78.55 3.60
C SER L 471 -52.39 78.33 3.98
N LEU L 472 -52.12 77.18 4.59
CA LEU L 472 -50.79 76.81 5.02
C LEU L 472 -50.41 75.40 4.58
N ALA L 473 -51.39 74.53 4.32
CA ALA L 473 -51.07 73.15 3.98
C ALA L 473 -50.40 73.09 2.62
N ALA L 474 -50.96 73.82 1.65
CA ALA L 474 -50.50 73.74 0.28
C ALA L 474 -49.07 74.22 0.13
N ASP L 475 -48.66 75.18 0.95
CA ASP L 475 -47.29 75.66 0.95
C ASP L 475 -46.28 74.55 1.25
N GLY L 476 -46.72 73.45 1.87
CA GLY L 476 -45.85 72.30 2.04
C GLY L 476 -45.25 71.81 0.74
N ILE L 477 -46.02 71.89 -0.35
CA ILE L 477 -45.50 71.53 -1.65
C ILE L 477 -45.26 72.75 -2.53
N TRP L 478 -45.94 73.87 -2.27
CA TRP L 478 -45.70 75.09 -3.02
C TRP L 478 -44.31 75.65 -2.73
N ASN L 479 -44.05 76.04 -1.48
CA ASN L 479 -42.70 76.40 -1.09
C ASN L 479 -41.80 75.18 -1.02
N GLN L 480 -42.37 73.99 -1.18
CA GLN L 480 -41.64 72.72 -1.18
C GLN L 480 -40.95 72.49 0.16
N LYS L 481 -41.69 72.70 1.23
CA LYS L 481 -41.30 72.26 2.57
C LYS L 481 -42.45 71.37 3.03
N ILE L 482 -42.46 70.14 2.53
CA ILE L 482 -43.53 69.20 2.86
C ILE L 482 -43.59 68.94 4.36
N LEU L 483 -42.46 69.06 5.03
CA LEU L 483 -42.42 68.87 6.47
C LEU L 483 -42.71 70.19 7.17
N PHE L 484 -43.66 70.16 8.11
CA PHE L 484 -44.17 71.33 8.80
C PHE L 484 -43.35 71.72 10.03
N GLU L 485 -42.31 70.97 10.38
CA GLU L 485 -41.50 71.18 11.58
C GLU L 485 -42.39 71.18 12.83
N GLU L 486 -42.93 70.00 13.09
CA GLU L 486 -43.89 69.74 14.18
C GLU L 486 -45.02 70.77 14.16
N CYS L 487 -45.29 71.30 12.96
CA CYS L 487 -46.36 72.28 12.72
C CYS L 487 -46.09 73.58 13.47
N ASP L 488 -44.86 74.07 13.36
CA ASP L 488 -44.54 75.41 13.87
C ASP L 488 -45.04 76.50 12.94
N LEU L 489 -45.04 76.26 11.63
CA LEU L 489 -45.75 77.15 10.72
C LEU L 489 -47.23 77.20 11.08
N ARG L 490 -47.82 76.05 11.43
CA ARG L 490 -49.18 76.03 11.95
C ARG L 490 -49.29 76.78 13.28
N LYS L 491 -48.28 76.66 14.13
CA LYS L 491 -48.23 77.46 15.35
C LYS L 491 -48.31 78.94 15.04
N HIS L 492 -47.73 79.36 13.92
CA HIS L 492 -47.96 80.72 13.44
C HIS L 492 -49.38 80.90 12.91
N GLY L 493 -49.87 79.94 12.13
CA GLY L 493 -51.18 80.04 11.51
C GLY L 493 -52.24 79.17 12.16
N LEU L 494 -53.10 79.77 12.98
CA LEU L 494 -54.30 79.13 13.51
C LEU L 494 -53.95 77.88 14.32
N GLN L 495 -53.26 78.11 15.43
CA GLN L 495 -52.95 77.07 16.41
C GLN L 495 -53.91 77.23 17.59
N LYS L 496 -54.88 76.34 17.68
CA LYS L 496 -55.83 76.30 18.79
C LYS L 496 -56.06 74.84 19.16
N THR L 497 -57.11 74.59 19.96
CA THR L 497 -57.53 73.23 20.24
C THR L 497 -58.08 72.53 19.00
N ASP L 498 -58.43 73.30 17.97
CA ASP L 498 -58.79 72.71 16.69
C ASP L 498 -57.69 71.81 16.16
N VAL L 499 -56.43 72.18 16.40
CA VAL L 499 -55.31 71.34 15.98
C VAL L 499 -55.33 70.00 16.72
N SER L 500 -55.61 70.03 18.02
CA SER L 500 -55.74 68.79 18.77
C SER L 500 -56.88 67.94 18.23
N ALA L 501 -58.00 68.57 17.89
CA ALA L 501 -59.12 67.82 17.31
C ALA L 501 -58.73 67.20 15.96
N PHE L 502 -58.02 67.96 15.13
CA PHE L 502 -57.59 67.44 13.83
C PHE L 502 -56.66 66.25 14.01
N LEU L 503 -55.71 66.35 14.94
CA LEU L 503 -54.80 65.24 15.20
C LEU L 503 -55.55 64.04 15.74
N ARG L 504 -56.56 64.28 16.59
CA ARG L 504 -57.34 63.17 17.17
C ARG L 504 -58.13 62.43 16.10
N MET L 505 -58.73 63.17 15.16
CA MET L 505 -59.43 62.48 14.07
C MET L 505 -58.50 62.03 12.95
N ASN L 506 -57.23 62.43 12.99
CA ASN L 506 -56.24 62.10 11.97
C ASN L 506 -55.02 61.46 12.62
N VAL L 507 -55.26 60.43 13.43
CA VAL L 507 -54.24 59.80 14.28
C VAL L 507 -52.94 59.54 13.53
N PHE L 508 -53.01 59.35 12.22
CA PHE L 508 -51.82 59.07 11.43
C PHE L 508 -51.06 60.32 11.01
N GLN L 509 -51.23 61.43 11.74
CA GLN L 509 -50.53 62.68 11.42
C GLN L 509 -49.18 62.76 12.12
N LYS L 510 -49.19 62.69 13.45
CA LYS L 510 -47.98 62.85 14.25
C LYS L 510 -47.32 61.52 14.58
N GLU L 511 -48.11 60.45 14.73
CA GLU L 511 -47.60 59.19 15.25
C GLU L 511 -46.59 58.54 14.30
N VAL L 512 -46.68 58.82 13.00
CA VAL L 512 -45.75 58.19 12.05
C VAL L 512 -44.32 58.66 12.29
N ASP L 513 -44.14 59.90 12.74
CA ASP L 513 -42.80 60.41 13.00
C ASP L 513 -42.22 59.89 14.31
N CYS L 514 -43.09 59.63 15.30
CA CYS L 514 -42.84 58.84 16.50
C CYS L 514 -42.01 59.58 17.56
N GLU L 515 -41.45 60.75 17.27
CA GLU L 515 -40.69 61.48 18.29
C GLU L 515 -41.31 62.83 18.65
N ARG L 516 -41.41 63.75 17.70
CA ARG L 516 -42.02 65.05 17.96
C ARG L 516 -42.89 65.58 16.83
N PHE L 517 -42.82 64.99 15.64
CA PHE L 517 -43.07 65.72 14.40
C PHE L 517 -44.48 65.47 13.89
N TYR L 518 -45.01 66.47 13.17
CA TYR L 518 -46.39 66.46 12.70
C TYR L 518 -46.41 66.56 11.18
N SER L 519 -47.35 65.86 10.56
CA SER L 519 -47.41 65.78 9.10
C SER L 519 -48.83 65.34 8.71
N PHE L 520 -48.99 64.90 7.46
CA PHE L 520 -50.25 64.36 6.97
C PHE L 520 -50.08 62.87 6.66
N SER L 521 -51.19 62.22 6.32
CA SER L 521 -51.16 60.77 6.15
C SER L 521 -50.42 60.34 4.88
N HIS L 522 -50.96 60.68 3.71
CA HIS L 522 -50.30 60.40 2.44
C HIS L 522 -50.43 61.59 1.50
N MET L 523 -50.37 62.80 2.05
CA MET L 523 -50.28 64.05 1.29
C MET L 523 -51.43 64.21 0.29
N THR L 524 -52.40 63.31 0.33
CA THR L 524 -53.53 63.41 -0.60
C THR L 524 -54.58 64.36 -0.07
N PHE L 525 -54.90 64.24 1.22
CA PHE L 525 -55.69 65.29 1.84
C PHE L 525 -54.96 66.62 1.82
N GLN L 526 -53.63 66.59 1.85
CA GLN L 526 -52.86 67.82 1.70
C GLN L 526 -53.08 68.46 0.33
N GLU L 527 -53.08 67.66 -0.73
CA GLU L 527 -53.36 68.25 -2.04
C GLU L 527 -54.83 68.64 -2.17
N PHE L 528 -55.71 67.94 -1.45
CA PHE L 528 -57.11 68.36 -1.41
C PHE L 528 -57.23 69.74 -0.75
N PHE L 529 -56.49 69.95 0.32
CA PHE L 529 -56.46 71.27 0.96
C PHE L 529 -55.80 72.30 0.06
N ALA L 530 -54.86 71.88 -0.79
CA ALA L 530 -54.29 72.82 -1.76
C ALA L 530 -55.34 73.26 -2.78
N ALA L 531 -56.19 72.33 -3.21
CA ALA L 531 -57.34 72.70 -4.04
C ALA L 531 -58.30 73.63 -3.30
N MET L 532 -58.52 73.34 -2.02
CA MET L 532 -59.30 74.22 -1.17
C MET L 532 -58.72 75.63 -1.14
N TYR L 533 -57.39 75.75 -1.05
CA TYR L 533 -56.75 77.06 -1.04
C TYR L 533 -57.23 77.94 -2.18
N TYR L 534 -57.02 77.50 -3.42
CA TYR L 534 -57.49 78.28 -4.55
C TYR L 534 -59.00 78.40 -4.57
N LEU L 535 -59.71 77.49 -3.92
CA LEU L 535 -61.16 77.63 -3.78
C LEU L 535 -61.51 78.82 -2.91
N LEU L 536 -60.70 79.08 -1.87
CA LEU L 536 -60.90 80.17 -0.94
C LEU L 536 -60.02 81.35 -1.33
N GLU L 537 -60.24 82.47 -0.65
CA GLU L 537 -59.44 83.67 -0.88
C GLU L 537 -59.48 84.60 0.33
N ARG L 558 -54.39 82.03 -5.16
CA ARG L 558 -53.65 83.14 -5.76
C ARG L 558 -53.72 83.13 -7.29
N ASP L 559 -52.58 83.40 -7.91
CA ASP L 559 -52.49 83.39 -9.37
C ASP L 559 -52.42 81.96 -9.92
N VAL L 560 -53.20 81.72 -10.98
CA VAL L 560 -53.22 80.42 -11.65
C VAL L 560 -52.14 80.29 -12.72
N LYS L 561 -51.53 81.40 -13.13
CA LYS L 561 -50.60 81.38 -14.25
C LYS L 561 -49.39 80.51 -13.92
N VAL L 562 -48.74 80.80 -12.80
CA VAL L 562 -47.52 80.08 -12.43
C VAL L 562 -47.82 78.62 -12.11
N LEU L 563 -48.97 78.32 -11.50
CA LEU L 563 -49.28 76.92 -11.25
C LEU L 563 -49.42 76.14 -12.54
N LEU L 564 -50.23 76.64 -13.49
CA LEU L 564 -50.38 75.91 -14.74
C LEU L 564 -49.08 75.87 -15.56
N GLU L 565 -48.24 76.89 -15.45
CA GLU L 565 -46.90 76.81 -16.03
C GLU L 565 -46.07 75.70 -15.39
N ASN L 566 -46.13 75.59 -14.07
CA ASN L 566 -45.38 74.63 -13.27
C ASN L 566 -46.06 73.23 -13.24
N TYR L 567 -46.99 72.96 -14.16
CA TYR L 567 -47.76 71.71 -14.10
C TYR L 567 -46.87 70.49 -14.30
N GLY L 568 -46.81 69.63 -13.29
CA GLY L 568 -46.22 68.32 -13.39
C GLY L 568 -44.73 68.28 -13.15
N LYS L 569 -44.16 69.39 -12.71
CA LYS L 569 -42.73 69.59 -12.50
C LYS L 569 -42.38 68.87 -11.21
N PHE L 570 -41.30 69.30 -10.56
CA PHE L 570 -40.65 68.54 -9.52
C PHE L 570 -40.21 69.52 -8.44
N GLU L 571 -40.91 70.64 -8.36
CA GLU L 571 -40.65 71.77 -7.48
C GLU L 571 -41.84 72.03 -6.58
N LYS L 572 -43.05 72.00 -7.13
CA LYS L 572 -44.27 72.11 -6.34
C LYS L 572 -44.94 70.76 -6.09
N GLY L 573 -44.38 69.67 -6.61
CA GLY L 573 -44.82 68.32 -6.32
C GLY L 573 -45.80 67.69 -7.29
N TYR L 574 -45.41 67.63 -8.56
CA TYR L 574 -46.12 66.98 -9.64
C TYR L 574 -47.48 67.61 -9.96
N LEU L 575 -48.07 68.32 -8.99
CA LEU L 575 -49.39 68.94 -9.17
C LEU L 575 -50.46 68.00 -9.71
N ILE L 576 -50.15 66.69 -9.79
CA ILE L 576 -51.10 65.74 -10.38
C ILE L 576 -52.42 65.74 -9.61
N PHE L 577 -52.38 65.33 -8.34
CA PHE L 577 -53.62 65.28 -7.57
C PHE L 577 -54.16 66.67 -7.31
N VAL L 578 -53.28 67.68 -7.32
CA VAL L 578 -53.71 69.06 -7.15
C VAL L 578 -54.71 69.42 -8.25
N VAL L 579 -54.25 69.35 -9.49
CA VAL L 579 -55.11 69.67 -10.62
C VAL L 579 -56.26 68.69 -10.72
N ARG L 580 -56.06 67.44 -10.32
CA ARG L 580 -57.15 66.47 -10.31
C ARG L 580 -58.31 66.97 -9.46
N PHE L 581 -58.01 67.34 -8.22
CA PHE L 581 -59.06 67.86 -7.35
C PHE L 581 -59.56 69.21 -7.84
N LEU L 582 -58.70 70.04 -8.42
CA LEU L 582 -59.16 71.30 -9.02
C LEU L 582 -60.27 71.05 -10.04
N PHE L 583 -60.03 70.12 -10.96
CA PHE L 583 -61.05 69.79 -11.94
C PHE L 583 -62.28 69.19 -11.28
N GLY L 584 -62.08 68.33 -10.27
CA GLY L 584 -63.22 67.71 -9.63
C GLY L 584 -64.12 68.75 -8.99
N LEU L 585 -63.52 69.79 -8.42
CA LEU L 585 -64.25 70.83 -7.73
C LEU L 585 -64.92 71.81 -8.70
N VAL L 586 -64.23 72.18 -9.78
CA VAL L 586 -64.70 73.30 -10.60
C VAL L 586 -66.01 72.98 -11.29
N ASN L 587 -66.52 71.77 -11.09
CA ASN L 587 -67.85 71.42 -11.57
C ASN L 587 -68.82 72.44 -11.00
N GLN L 588 -69.71 72.97 -11.83
CA GLN L 588 -70.52 74.12 -11.43
C GLN L 588 -71.43 73.83 -10.24
N GLU L 589 -72.05 72.64 -10.20
CA GLU L 589 -72.84 72.29 -9.01
C GLU L 589 -71.99 72.23 -7.75
N ARG L 590 -70.81 71.62 -7.81
CA ARG L 590 -69.92 71.63 -6.66
C ARG L 590 -69.42 73.04 -6.33
N THR L 591 -69.24 73.87 -7.36
CA THR L 591 -68.89 75.27 -7.16
C THR L 591 -69.92 75.98 -6.30
N SER L 592 -71.20 75.86 -6.68
CA SER L 592 -72.25 76.49 -5.90
C SER L 592 -72.33 75.91 -4.50
N TYR L 593 -72.22 74.58 -4.39
CA TYR L 593 -72.32 73.94 -3.08
C TYR L 593 -71.22 74.42 -2.15
N LEU L 594 -69.98 74.52 -2.66
CA LEU L 594 -68.87 74.93 -1.83
C LEU L 594 -68.88 76.43 -1.55
N GLU L 595 -69.28 77.24 -2.52
CA GLU L 595 -69.40 78.68 -2.28
C GLU L 595 -70.48 78.98 -1.26
N LYS L 596 -71.45 78.08 -1.10
CA LYS L 596 -72.45 78.25 -0.04
C LYS L 596 -71.98 77.66 1.28
N LYS L 597 -71.29 76.52 1.23
CA LYS L 597 -70.88 75.84 2.46
C LYS L 597 -69.75 76.57 3.16
N LEU L 598 -68.74 77.00 2.41
CA LEU L 598 -67.52 77.57 2.97
C LEU L 598 -67.54 79.10 3.03
N SER L 599 -68.63 79.74 2.60
CA SER L 599 -68.73 81.20 2.55
C SER L 599 -67.55 81.81 1.79
N CYS L 600 -67.19 81.18 0.66
CA CYS L 600 -65.99 81.56 -0.08
C CYS L 600 -66.32 81.87 -1.52
N LYS L 601 -65.60 82.84 -2.08
CA LYS L 601 -65.70 83.20 -3.49
C LYS L 601 -64.67 82.41 -4.29
N ILE L 602 -65.10 81.85 -5.41
CA ILE L 602 -64.22 81.10 -6.31
C ILE L 602 -64.31 81.71 -7.69
N SER L 603 -63.16 81.78 -8.37
CA SER L 603 -63.04 82.43 -9.65
C SER L 603 -63.41 81.47 -10.77
N GLN L 604 -64.08 81.98 -11.80
CA GLN L 604 -64.43 81.16 -12.95
C GLN L 604 -63.38 81.29 -14.05
N GLN L 605 -62.46 82.24 -13.91
CA GLN L 605 -61.40 82.41 -14.90
C GLN L 605 -60.59 81.13 -15.05
N VAL L 606 -60.39 80.41 -13.94
CA VAL L 606 -59.60 79.17 -13.97
C VAL L 606 -60.18 78.19 -14.98
N ARG L 607 -61.51 78.16 -15.13
CA ARG L 607 -62.13 77.28 -16.13
C ARG L 607 -61.56 77.59 -17.51
N LEU L 608 -61.49 78.88 -17.87
CA LEU L 608 -60.91 79.28 -19.13
C LEU L 608 -59.42 78.91 -19.17
N GLU L 609 -58.74 79.09 -18.04
CA GLU L 609 -57.32 78.76 -18.00
C GLU L 609 -57.09 77.31 -18.36
N LEU L 610 -57.88 76.41 -17.76
CA LEU L 610 -57.86 75.00 -18.10
C LEU L 610 -58.09 74.79 -19.59
N LEU L 611 -59.11 75.45 -20.13
CA LEU L 611 -59.34 75.47 -21.58
C LEU L 611 -58.04 75.77 -22.36
N LYS L 612 -57.44 76.94 -22.08
CA LYS L 612 -56.19 77.33 -22.69
C LYS L 612 -55.14 76.23 -22.58
N TRP L 613 -55.00 75.70 -21.39
CA TRP L 613 -54.09 74.60 -21.14
C TRP L 613 -54.34 73.45 -22.11
N ILE L 614 -55.61 73.07 -22.26
CA ILE L 614 -55.96 72.00 -23.19
C ILE L 614 -55.51 72.29 -24.62
N GLU L 615 -55.78 73.48 -25.16
CA GLU L 615 -55.21 73.74 -26.50
C GLU L 615 -53.68 73.63 -26.50
N VAL L 616 -53.02 74.15 -25.45
CA VAL L 616 -51.56 74.04 -25.38
C VAL L 616 -51.11 72.59 -25.43
N LYS L 617 -51.69 71.72 -24.59
CA LYS L 617 -51.27 70.33 -24.66
C LYS L 617 -51.77 69.64 -25.92
N ALA L 618 -52.74 70.25 -26.62
CA ALA L 618 -53.10 69.80 -27.96
C ALA L 618 -51.94 70.03 -28.91
N LYS L 619 -51.26 71.17 -28.75
CA LYS L 619 -50.21 71.57 -29.66
C LYS L 619 -48.83 71.10 -29.20
N ALA L 620 -48.76 70.47 -28.02
CA ALA L 620 -47.50 69.96 -27.51
C ALA L 620 -47.19 68.65 -28.25
N LYS L 621 -46.21 68.69 -29.14
CA LYS L 621 -45.83 67.50 -29.91
C LYS L 621 -45.01 66.51 -29.11
N LYS L 622 -44.41 66.92 -27.99
CA LYS L 622 -43.62 66.01 -27.16
C LYS L 622 -44.51 65.37 -26.10
N LEU L 623 -45.44 64.54 -26.57
CA LEU L 623 -46.35 63.86 -25.66
C LEU L 623 -45.76 62.61 -25.02
N GLN L 624 -44.60 62.15 -25.48
CA GLN L 624 -44.03 60.93 -24.89
C GLN L 624 -43.40 61.19 -23.52
N TRP L 625 -42.76 62.35 -23.34
CA TRP L 625 -42.09 62.68 -22.09
C TRP L 625 -42.81 63.78 -21.33
N GLN L 626 -44.05 64.08 -21.69
CA GLN L 626 -44.88 65.06 -21.02
C GLN L 626 -46.16 64.36 -20.58
N PRO L 627 -46.98 64.95 -19.72
CA PRO L 627 -48.18 64.25 -19.26
C PRO L 627 -49.11 63.86 -20.42
N SER L 628 -49.66 62.65 -20.32
CA SER L 628 -50.35 62.01 -21.44
C SER L 628 -51.73 62.65 -21.66
N GLN L 629 -52.51 62.01 -22.52
CA GLN L 629 -53.93 62.31 -22.67
C GLN L 629 -54.77 61.67 -21.58
N LEU L 630 -54.21 60.73 -20.81
CA LEU L 630 -55.01 59.95 -19.88
C LEU L 630 -55.42 60.79 -18.67
N GLU L 631 -54.49 61.58 -18.13
CA GLU L 631 -54.86 62.42 -17.00
C GLU L 631 -55.71 63.61 -17.43
N LEU L 632 -55.55 64.09 -18.66
CA LEU L 632 -56.53 65.04 -19.18
C LEU L 632 -57.92 64.43 -19.21
N PHE L 633 -58.03 63.18 -19.65
CA PHE L 633 -59.32 62.49 -19.62
C PHE L 633 -59.83 62.38 -18.20
N TYR L 634 -58.92 62.05 -17.26
CA TYR L 634 -59.27 62.01 -15.85
C TYR L 634 -59.91 63.31 -15.42
N CYS L 635 -59.27 64.43 -15.75
CA CYS L 635 -59.74 65.72 -15.29
C CYS L 635 -61.09 66.08 -15.89
N LEU L 636 -61.22 65.95 -17.22
CA LEU L 636 -62.48 66.29 -17.86
C LEU L 636 -63.62 65.43 -17.34
N TYR L 637 -63.36 64.14 -17.08
CA TYR L 637 -64.35 63.31 -16.42
C TYR L 637 -64.64 63.82 -15.02
N GLU L 638 -63.60 64.18 -14.27
CA GLU L 638 -63.81 64.61 -12.90
C GLU L 638 -64.58 65.92 -12.81
N MET L 639 -64.64 66.67 -13.92
CA MET L 639 -65.34 67.94 -13.91
C MET L 639 -66.66 67.92 -14.65
N GLN L 640 -67.02 66.83 -15.32
CA GLN L 640 -68.39 66.58 -15.77
C GLN L 640 -69.11 67.75 -16.40
N GLU L 641 -68.48 68.53 -17.28
CA GLU L 641 -69.19 69.58 -18.00
C GLU L 641 -69.26 69.22 -19.47
N GLU L 642 -70.47 69.27 -20.04
CA GLU L 642 -70.68 68.85 -21.42
C GLU L 642 -69.90 69.74 -22.38
N ASP L 643 -70.22 71.03 -22.42
CA ASP L 643 -69.63 71.91 -23.42
C ASP L 643 -68.12 72.01 -23.22
N PHE L 644 -67.68 72.02 -21.96
CA PHE L 644 -66.25 72.09 -21.67
C PHE L 644 -65.53 70.85 -22.19
N VAL L 645 -66.09 69.66 -21.95
CA VAL L 645 -65.47 68.44 -22.46
C VAL L 645 -65.47 68.45 -23.99
N GLN L 646 -66.55 68.93 -24.59
CA GLN L 646 -66.61 69.04 -26.05
C GLN L 646 -65.49 69.92 -26.57
N SER L 647 -65.34 71.11 -25.99
CA SER L 647 -64.30 72.03 -26.44
C SER L 647 -62.92 71.46 -26.20
N ALA L 648 -62.73 70.77 -25.08
CA ALA L 648 -61.45 70.14 -24.80
C ALA L 648 -61.11 69.09 -25.85
N MET L 649 -62.10 68.29 -26.24
CA MET L 649 -61.86 67.24 -27.23
C MET L 649 -61.71 67.82 -28.63
N ASP L 650 -62.29 69.00 -28.89
CA ASP L 650 -62.18 69.60 -30.21
C ASP L 650 -60.73 69.83 -30.61
N HIS L 651 -59.89 70.18 -29.63
CA HIS L 651 -58.48 70.43 -29.91
C HIS L 651 -57.71 69.17 -30.26
N PHE L 652 -58.30 67.99 -30.09
CA PHE L 652 -57.61 66.73 -30.32
C PHE L 652 -58.33 65.97 -31.42
N PRO L 653 -57.77 65.85 -32.62
CA PRO L 653 -58.43 65.05 -33.66
C PRO L 653 -58.14 63.57 -33.58
N LYS L 654 -57.15 63.17 -32.78
CA LYS L 654 -56.74 61.78 -32.69
C LYS L 654 -56.34 61.49 -31.26
N ILE L 655 -56.70 60.30 -30.78
CA ILE L 655 -56.52 59.93 -29.38
C ILE L 655 -55.58 58.74 -29.31
N GLU L 656 -54.62 58.80 -28.39
CA GLU L 656 -53.71 57.70 -28.14
C GLU L 656 -53.65 57.51 -26.63
N ILE L 657 -54.30 56.45 -26.14
CA ILE L 657 -54.27 56.11 -24.72
C ILE L 657 -54.04 54.62 -24.60
N ASN L 658 -53.74 54.18 -23.37
CA ASN L 658 -53.48 52.79 -23.08
C ASN L 658 -54.16 52.48 -21.75
N LEU L 659 -55.24 51.72 -21.80
CA LEU L 659 -56.05 51.49 -20.61
C LEU L 659 -55.35 50.52 -19.67
N SER L 660 -55.34 50.88 -18.39
CA SER L 660 -54.85 50.01 -17.33
C SER L 660 -55.88 49.78 -16.25
N THR L 661 -56.64 50.80 -15.87
CA THR L 661 -57.72 50.67 -14.90
C THR L 661 -59.08 50.73 -15.57
N ARG L 662 -60.07 50.15 -14.88
CA ARG L 662 -61.44 50.37 -15.31
C ARG L 662 -61.80 51.83 -15.16
N MET L 663 -61.13 52.53 -14.25
CA MET L 663 -61.27 53.99 -14.20
C MET L 663 -60.78 54.61 -15.49
N ASP L 664 -59.72 54.04 -16.08
CA ASP L 664 -59.30 54.47 -17.41
C ASP L 664 -60.39 54.22 -18.42
N HIS L 665 -61.00 53.04 -18.37
CA HIS L 665 -62.10 52.74 -19.29
C HIS L 665 -63.23 53.74 -19.15
N VAL L 666 -63.64 54.05 -17.93
CA VAL L 666 -64.78 54.94 -17.72
C VAL L 666 -64.45 56.34 -18.21
N VAL L 667 -63.27 56.86 -17.86
CA VAL L 667 -62.95 58.23 -18.27
C VAL L 667 -62.82 58.30 -19.78
N SER L 668 -62.27 57.25 -20.40
CA SER L 668 -62.19 57.22 -21.85
C SER L 668 -63.58 57.22 -22.46
N SER L 669 -64.48 56.40 -21.91
CA SER L 669 -65.85 56.38 -22.42
C SER L 669 -66.49 57.75 -22.30
N PHE L 670 -66.33 58.39 -21.13
CA PHE L 670 -66.94 59.69 -20.91
C PHE L 670 -66.43 60.72 -21.91
N CYS L 671 -65.12 60.83 -22.05
CA CYS L 671 -64.58 61.83 -22.97
C CYS L 671 -64.98 61.52 -24.41
N ILE L 672 -64.88 60.26 -24.82
CA ILE L 672 -65.09 59.92 -26.21
C ILE L 672 -66.56 60.06 -26.59
N LYS L 673 -67.48 59.82 -25.65
CA LYS L 673 -68.88 60.06 -26.01
C LYS L 673 -69.22 61.54 -26.12
N ASN L 674 -68.25 62.44 -25.97
CA ASN L 674 -68.46 63.86 -26.10
C ASN L 674 -67.41 64.46 -27.04
N CYS L 675 -67.23 63.82 -28.18
CA CYS L 675 -66.25 64.24 -29.17
C CYS L 675 -66.95 64.52 -30.50
N HIS L 676 -66.52 65.59 -31.18
CA HIS L 676 -67.02 65.89 -32.51
C HIS L 676 -65.89 66.22 -33.46
N ARG L 677 -64.78 66.74 -32.93
CA ARG L 677 -63.58 67.02 -33.71
C ARG L 677 -62.48 65.99 -33.48
N VAL L 678 -62.85 64.73 -33.27
CA VAL L 678 -61.88 63.64 -33.15
C VAL L 678 -62.08 62.70 -34.33
N LYS L 679 -61.01 62.50 -35.09
CA LYS L 679 -61.09 61.64 -36.27
C LYS L 679 -60.69 60.21 -35.93
N THR L 680 -59.45 60.00 -35.52
CA THR L 680 -58.93 58.65 -35.31
C THR L 680 -58.95 58.33 -33.82
N LEU L 681 -59.33 57.10 -33.50
CA LEU L 681 -59.42 56.62 -32.11
C LEU L 681 -58.58 55.37 -31.98
N SER L 682 -57.33 55.53 -31.60
CA SER L 682 -56.44 54.42 -31.32
C SER L 682 -56.46 54.16 -29.83
N LEU L 683 -56.62 52.89 -29.45
CA LEU L 683 -56.78 52.51 -28.06
C LEU L 683 -55.81 51.40 -27.72
N GLY L 684 -55.13 51.53 -26.59
CA GLY L 684 -54.22 50.53 -26.09
C GLY L 684 -54.78 49.70 -24.95
N PHE L 685 -55.19 48.48 -25.23
CA PHE L 685 -55.77 47.64 -24.19
C PHE L 685 -54.63 46.93 -23.49
N PHE L 686 -54.61 47.01 -22.16
CA PHE L 686 -53.63 46.33 -21.32
C PHE L 686 -54.35 45.58 -20.20
N HIS L 687 -54.76 44.35 -20.49
CA HIS L 687 -55.46 43.53 -19.50
C HIS L 687 -54.46 42.84 -18.58
N LEU L 726 -65.71 40.27 -19.77
CA LEU L 726 -65.42 41.50 -19.02
C LEU L 726 -65.15 42.67 -19.96
N THR L 727 -64.18 42.50 -20.85
CA THR L 727 -63.86 43.56 -21.80
C THR L 727 -65.01 43.80 -22.78
N SER L 728 -65.94 42.85 -22.88
CA SER L 728 -67.09 43.01 -23.77
C SER L 728 -67.81 44.32 -23.48
N SER L 729 -68.36 44.46 -22.26
CA SER L 729 -69.11 45.68 -21.95
C SER L 729 -68.22 46.92 -21.94
N PHE L 730 -66.96 46.80 -21.51
CA PHE L 730 -66.07 47.96 -21.53
C PHE L 730 -65.96 48.54 -22.94
N CYS L 731 -65.41 47.76 -23.87
CA CYS L 731 -65.25 48.25 -25.23
C CYS L 731 -66.60 48.55 -25.88
N ARG L 732 -67.66 47.85 -25.46
CA ARG L 732 -68.99 48.17 -25.98
C ARG L 732 -69.36 49.60 -25.63
N GLY L 733 -69.08 50.02 -24.39
CA GLY L 733 -69.26 51.41 -24.04
C GLY L 733 -68.32 52.31 -24.82
N LEU L 734 -67.05 51.88 -24.93
CA LEU L 734 -66.04 52.67 -25.61
C LEU L 734 -66.46 53.02 -27.03
N PHE L 735 -67.23 52.15 -27.67
CA PHE L 735 -67.60 52.36 -29.06
C PHE L 735 -69.08 52.68 -29.24
N SER L 736 -69.89 52.58 -28.18
CA SER L 736 -71.13 53.32 -28.16
C SER L 736 -70.86 54.81 -28.04
N SER L 737 -69.74 55.17 -27.40
CA SER L 737 -69.23 56.52 -27.56
C SER L 737 -68.98 56.85 -29.03
N LEU L 738 -68.51 55.88 -29.82
CA LEU L 738 -68.41 56.12 -31.26
C LEU L 738 -69.78 56.19 -31.92
N SER L 739 -70.75 55.45 -31.39
CA SER L 739 -72.12 55.59 -31.84
C SER L 739 -72.68 56.99 -31.57
N THR L 740 -72.11 57.71 -30.61
CA THR L 740 -72.40 59.12 -30.46
C THR L 740 -71.42 60.02 -31.21
N ASN L 741 -70.30 59.46 -31.67
CA ASN L 741 -69.32 60.16 -32.50
C ASN L 741 -69.71 60.17 -33.98
N ARG L 742 -70.99 59.98 -34.29
CA ARG L 742 -71.51 60.01 -35.65
C ARG L 742 -71.16 61.28 -36.41
N SER L 743 -70.68 62.31 -35.72
CA SER L 743 -70.17 63.48 -36.44
C SER L 743 -69.04 63.09 -37.37
N LEU L 744 -68.02 62.39 -36.84
CA LEU L 744 -66.93 61.86 -37.64
C LEU L 744 -66.06 61.00 -36.73
N THR L 745 -65.52 59.92 -37.30
CA THR L 745 -64.66 59.05 -36.51
C THR L 745 -63.83 58.20 -37.47
N GLU L 746 -62.73 57.66 -36.94
CA GLU L 746 -61.86 56.68 -37.57
C GLU L 746 -61.28 55.84 -36.44
N LEU L 747 -60.97 54.57 -36.72
CA LEU L 747 -60.65 53.65 -35.64
C LEU L 747 -59.39 52.86 -35.95
N ASP L 748 -58.61 52.62 -34.90
CA ASP L 748 -57.49 51.69 -34.93
C ASP L 748 -57.51 50.87 -33.65
N LEU L 749 -57.32 49.57 -33.78
CA LEU L 749 -57.06 48.67 -32.67
C LEU L 749 -55.99 47.70 -33.15
N SER L 750 -54.74 48.06 -32.95
CA SER L 750 -53.61 47.29 -33.42
C SER L 750 -52.68 46.95 -32.27
N ASP L 751 -51.97 45.83 -32.43
CA ASP L 751 -51.00 45.36 -31.43
C ASP L 751 -51.66 45.20 -30.07
N ASN L 752 -52.93 44.81 -30.05
CA ASN L 752 -53.67 44.58 -28.82
C ASN L 752 -54.50 43.31 -28.94
N THR L 753 -54.43 42.46 -27.92
CA THR L 753 -55.03 41.13 -27.98
C THR L 753 -56.52 41.22 -27.64
N LEU L 754 -57.36 41.28 -28.66
CA LEU L 754 -58.80 41.18 -28.45
C LEU L 754 -59.17 39.73 -28.19
N GLY L 755 -59.69 39.45 -27.00
CA GLY L 755 -59.97 38.08 -26.60
C GLY L 755 -61.10 37.47 -27.41
N ASP L 756 -61.57 36.31 -26.95
CA ASP L 756 -62.71 35.66 -27.59
C ASP L 756 -63.92 36.58 -27.71
N PRO L 757 -64.35 37.29 -26.66
CA PRO L 757 -65.29 38.39 -26.87
C PRO L 757 -64.63 39.70 -27.28
N GLY L 758 -63.29 39.75 -27.28
CA GLY L 758 -62.62 40.87 -27.89
C GLY L 758 -62.91 40.97 -29.39
N MET L 759 -63.05 39.82 -30.04
CA MET L 759 -63.65 39.80 -31.36
C MET L 759 -65.09 40.30 -31.32
N ARG L 760 -65.83 39.91 -30.28
CA ARG L 760 -67.25 40.22 -30.22
C ARG L 760 -67.50 41.71 -30.02
N VAL L 761 -66.56 42.44 -29.45
CA VAL L 761 -66.77 43.88 -29.38
C VAL L 761 -66.63 44.48 -30.76
N LEU L 762 -67.24 45.65 -30.95
CA LEU L 762 -67.15 46.43 -32.17
C LEU L 762 -67.90 45.76 -33.32
N CYS L 763 -68.36 44.53 -33.10
CA CYS L 763 -69.28 43.96 -34.08
C CYS L 763 -70.69 44.46 -33.82
N GLU L 764 -71.22 44.20 -32.62
CA GLU L 764 -72.50 44.81 -32.26
C GLU L 764 -72.45 46.33 -32.41
N ALA L 765 -71.28 46.94 -32.16
CA ALA L 765 -71.13 48.37 -32.39
C ALA L 765 -71.30 48.73 -33.87
N LEU L 766 -70.63 48.00 -34.76
CA LEU L 766 -70.88 48.30 -36.17
C LEU L 766 -72.26 47.84 -36.64
N GLN L 767 -72.96 47.03 -35.86
CA GLN L 767 -74.24 46.47 -36.27
C GLN L 767 -75.41 47.44 -36.13
N HIS L 768 -75.17 48.68 -35.73
CA HIS L 768 -76.29 49.60 -35.79
C HIS L 768 -76.03 50.65 -36.86
N PRO L 769 -77.06 51.09 -37.57
CA PRO L 769 -76.83 52.08 -38.63
C PRO L 769 -76.42 53.44 -38.10
N GLY L 770 -76.27 54.41 -38.98
CA GLY L 770 -75.81 55.73 -38.60
C GLY L 770 -74.57 56.12 -39.38
N CYS L 771 -73.69 56.88 -38.72
CA CYS L 771 -72.38 57.21 -39.24
C CYS L 771 -71.35 56.45 -38.41
N ASN L 772 -70.65 55.52 -39.04
CA ASN L 772 -69.70 54.65 -38.38
C ASN L 772 -68.32 54.79 -39.03
N ILE L 773 -67.42 53.86 -38.68
CA ILE L 773 -66.01 54.01 -39.03
C ILE L 773 -65.83 53.83 -40.52
N GLN L 774 -65.15 54.79 -41.15
CA GLN L 774 -64.78 54.63 -42.55
C GLN L 774 -63.74 53.56 -42.75
N ARG L 775 -62.89 53.31 -41.75
CA ARG L 775 -61.73 52.46 -41.99
C ARG L 775 -61.31 51.73 -40.71
N LEU L 776 -61.48 50.41 -40.71
CA LEU L 776 -61.26 49.60 -39.52
C LEU L 776 -59.89 48.93 -39.61
N TRP L 777 -59.14 48.98 -38.52
CA TRP L 777 -57.81 48.39 -38.46
C TRP L 777 -57.75 47.34 -37.37
N LEU L 778 -57.33 46.12 -37.74
CA LEU L 778 -57.04 45.07 -36.77
C LEU L 778 -55.72 44.44 -37.23
N GLY L 779 -54.61 45.03 -36.81
CA GLY L 779 -53.32 44.56 -37.28
C GLY L 779 -52.44 44.08 -36.14
N ARG L 780 -51.84 42.91 -36.30
CA ARG L 780 -51.05 42.24 -35.28
C ARG L 780 -51.83 42.04 -33.99
N CYS L 781 -53.14 42.26 -34.02
CA CYS L 781 -53.96 42.08 -32.83
C CYS L 781 -54.10 40.60 -32.51
N GLY L 782 -54.25 40.32 -31.22
CA GLY L 782 -54.63 38.98 -30.82
C GLY L 782 -55.97 38.64 -31.44
N LEU L 783 -55.96 37.79 -32.46
CA LEU L 783 -57.17 37.56 -33.23
C LEU L 783 -57.12 36.15 -33.78
N SER L 784 -58.28 35.58 -34.08
CA SER L 784 -58.35 34.20 -34.50
C SER L 784 -59.53 34.02 -35.46
N HIS L 785 -59.91 32.77 -35.70
CA HIS L 785 -60.93 32.47 -36.68
C HIS L 785 -62.28 33.04 -36.29
N GLN L 786 -62.53 33.18 -34.98
CA GLN L 786 -63.87 33.54 -34.51
C GLN L 786 -64.33 34.88 -35.08
N CYS L 787 -63.41 35.84 -35.20
CA CYS L 787 -63.78 37.16 -35.70
C CYS L 787 -64.39 37.11 -37.07
N CYS L 788 -64.06 36.08 -37.85
CA CYS L 788 -64.40 36.05 -39.27
C CYS L 788 -65.90 36.22 -39.51
N PHE L 789 -66.71 35.29 -39.02
CA PHE L 789 -68.17 35.42 -39.11
C PHE L 789 -68.66 36.77 -38.60
N ASP L 790 -68.22 37.17 -37.40
CA ASP L 790 -68.54 38.49 -36.85
C ASP L 790 -68.32 39.61 -37.87
N ILE L 791 -67.09 39.72 -38.36
CA ILE L 791 -66.77 40.81 -39.28
C ILE L 791 -67.55 40.65 -40.57
N SER L 792 -67.77 39.42 -41.03
CA SER L 792 -68.64 39.23 -42.20
C SER L 792 -70.00 39.87 -41.97
N SER L 793 -70.57 39.62 -40.79
CA SER L 793 -71.86 40.21 -40.43
C SER L 793 -71.80 41.73 -40.51
N VAL L 794 -70.78 42.33 -39.87
CA VAL L 794 -70.73 43.78 -39.89
C VAL L 794 -70.37 44.32 -41.28
N LEU L 795 -69.58 43.59 -42.06
CA LEU L 795 -69.33 43.97 -43.44
C LEU L 795 -70.60 43.91 -44.28
N SER L 796 -71.58 43.10 -43.85
CA SER L 796 -72.88 43.14 -44.50
C SER L 796 -73.72 44.31 -44.02
N SER L 797 -73.73 44.57 -42.73
CA SER L 797 -74.64 45.56 -42.16
C SER L 797 -74.07 46.98 -42.18
N SER L 798 -72.79 47.13 -42.52
CA SER L 798 -72.11 48.41 -42.56
C SER L 798 -72.25 49.07 -43.92
N GLN L 799 -72.67 50.33 -43.92
CA GLN L 799 -72.66 51.15 -45.12
C GLN L 799 -71.67 52.30 -45.01
N LYS L 800 -70.77 52.27 -44.03
CA LYS L 800 -69.79 53.34 -43.87
C LYS L 800 -68.34 52.87 -44.00
N LEU L 801 -68.05 51.61 -43.67
CA LEU L 801 -66.68 51.12 -43.78
C LEU L 801 -66.23 51.16 -45.23
N VAL L 802 -65.01 51.62 -45.47
CA VAL L 802 -64.52 51.59 -46.83
C VAL L 802 -63.27 50.72 -46.89
N GLU L 803 -62.53 50.61 -45.79
CA GLU L 803 -61.47 49.62 -45.77
C GLU L 803 -61.49 48.88 -44.45
N LEU L 804 -60.97 47.66 -44.46
CA LEU L 804 -60.82 46.88 -43.24
C LEU L 804 -59.54 46.09 -43.35
N ASP L 805 -58.69 46.21 -42.33
CA ASP L 805 -57.39 45.58 -42.30
C ASP L 805 -57.38 44.44 -41.30
N LEU L 806 -56.76 43.34 -41.69
CA LEU L 806 -56.58 42.14 -40.87
C LEU L 806 -55.12 41.74 -41.06
N SER L 807 -54.24 42.30 -40.23
CA SER L 807 -52.80 42.13 -40.40
C SER L 807 -52.22 41.30 -39.27
N ASP L 808 -51.27 40.41 -39.63
CA ASP L 808 -50.45 39.67 -38.66
C ASP L 808 -51.31 38.91 -37.66
N ASN L 809 -52.58 38.71 -37.99
CA ASN L 809 -53.55 38.08 -37.11
C ASN L 809 -53.89 36.68 -37.63
N ALA L 810 -54.00 35.74 -36.70
CA ALA L 810 -54.07 34.32 -37.05
C ALA L 810 -55.47 33.96 -37.58
N LEU L 811 -55.80 34.57 -38.71
CA LEU L 811 -57.01 34.21 -39.47
C LEU L 811 -56.61 33.11 -40.45
N GLY L 812 -56.45 31.91 -39.91
CA GLY L 812 -55.81 30.85 -40.66
C GLY L 812 -56.46 30.52 -41.99
N ASP L 813 -57.65 29.92 -41.97
CA ASP L 813 -58.32 29.62 -43.22
C ASP L 813 -59.77 29.32 -42.87
N PHE L 814 -60.63 29.38 -43.89
CA PHE L 814 -62.06 29.12 -43.78
C PHE L 814 -62.73 30.26 -43.03
N GLY L 815 -61.89 31.11 -42.45
CA GLY L 815 -62.36 32.36 -41.93
C GLY L 815 -62.20 33.34 -43.04
N ILE L 816 -61.28 33.04 -43.96
CA ILE L 816 -61.26 33.79 -45.19
C ILE L 816 -62.52 33.48 -45.98
N ARG L 817 -63.03 32.25 -45.86
CA ARG L 817 -64.34 31.97 -46.43
C ARG L 817 -65.43 32.78 -45.75
N LEU L 818 -65.41 32.86 -44.42
CA LEU L 818 -66.43 33.67 -43.77
C LEU L 818 -66.33 35.14 -44.22
N LEU L 819 -65.10 35.64 -44.31
CA LEU L 819 -64.85 36.98 -44.84
C LEU L 819 -65.46 37.17 -46.22
N CYS L 820 -65.18 36.24 -47.13
CA CYS L 820 -65.60 36.44 -48.51
C CYS L 820 -67.11 36.31 -48.66
N VAL L 821 -67.73 35.40 -47.90
CA VAL L 821 -69.18 35.31 -48.00
C VAL L 821 -69.82 36.56 -47.43
N GLY L 822 -69.27 37.10 -46.34
CA GLY L 822 -69.75 38.37 -45.84
C GLY L 822 -69.59 39.50 -46.84
N LEU L 823 -68.47 39.51 -47.56
CA LEU L 823 -68.25 40.55 -48.56
C LEU L 823 -69.27 40.43 -49.70
N LYS L 824 -69.41 39.24 -50.27
CA LYS L 824 -70.19 39.15 -51.50
C LYS L 824 -71.68 39.17 -51.23
N HIS L 825 -72.13 38.62 -50.10
CA HIS L 825 -73.56 38.35 -49.94
C HIS L 825 -74.38 39.62 -50.03
N LEU L 826 -73.94 40.69 -49.38
CA LEU L 826 -74.62 41.97 -49.45
C LEU L 826 -73.81 42.91 -50.36
N LEU L 827 -74.27 44.15 -50.44
CA LEU L 827 -73.58 45.20 -51.21
C LEU L 827 -72.85 46.11 -50.24
N CYS L 828 -71.52 46.00 -50.22
CA CYS L 828 -70.68 46.75 -49.29
C CYS L 828 -69.71 47.64 -50.05
N ASN L 829 -69.46 48.83 -49.51
CA ASN L 829 -68.58 49.81 -50.14
C ASN L 829 -67.16 49.67 -49.61
N LEU L 830 -66.62 48.47 -49.75
CA LEU L 830 -65.28 48.17 -49.28
C LEU L 830 -64.25 48.50 -50.36
N GLN L 831 -63.14 49.10 -49.94
CA GLN L 831 -62.11 49.59 -50.85
C GLN L 831 -60.80 48.84 -50.70
N LYS L 832 -60.26 48.77 -49.48
CA LYS L 832 -59.06 47.98 -49.22
C LYS L 832 -59.48 46.63 -48.64
N LEU L 833 -58.55 45.68 -48.70
CA LEU L 833 -58.73 44.39 -48.04
C LEU L 833 -57.34 43.80 -47.90
N TRP L 834 -56.84 43.74 -46.68
CA TRP L 834 -55.49 43.30 -46.40
C TRP L 834 -55.54 41.97 -45.68
N LEU L 835 -55.02 40.93 -46.32
CA LEU L 835 -54.85 39.63 -45.68
C LEU L 835 -53.37 39.33 -45.48
N VAL L 836 -52.58 40.38 -45.26
CA VAL L 836 -51.13 40.24 -45.20
C VAL L 836 -50.76 39.40 -43.99
N SER L 837 -49.90 38.41 -44.22
CA SER L 837 -49.33 37.58 -43.16
C SER L 837 -50.40 36.85 -42.36
N CYS L 838 -51.58 36.65 -42.95
CA CYS L 838 -52.59 35.78 -42.37
C CYS L 838 -52.34 34.36 -42.87
N CYS L 839 -52.16 33.42 -41.94
CA CYS L 839 -51.60 32.12 -42.30
C CYS L 839 -52.66 31.32 -43.04
N LEU L 840 -52.86 31.67 -44.31
CA LEU L 840 -53.79 30.94 -45.16
C LEU L 840 -53.02 30.16 -46.23
N THR L 841 -53.78 29.38 -46.99
CA THR L 841 -53.24 28.58 -48.07
C THR L 841 -54.03 28.84 -49.34
N SER L 842 -53.60 28.18 -50.43
CA SER L 842 -54.26 28.33 -51.71
C SER L 842 -55.70 27.86 -51.68
N ALA L 843 -56.06 27.05 -50.67
CA ALA L 843 -57.39 26.44 -50.62
C ALA L 843 -58.50 27.45 -50.42
N CYS L 844 -58.19 28.71 -50.16
CA CYS L 844 -59.19 29.76 -50.06
C CYS L 844 -59.10 30.77 -51.19
N CYS L 845 -58.02 30.74 -51.97
CA CYS L 845 -57.87 31.70 -53.05
C CYS L 845 -59.05 31.65 -54.02
N GLN L 846 -59.63 30.46 -54.24
CA GLN L 846 -60.76 30.37 -55.15
C GLN L 846 -61.91 31.22 -54.63
N ASP L 847 -62.16 31.15 -53.33
CA ASP L 847 -63.19 31.98 -52.71
C ASP L 847 -62.85 33.46 -52.83
N LEU L 848 -61.56 33.80 -52.65
CA LEU L 848 -61.16 35.19 -52.88
C LEU L 848 -61.52 35.62 -54.30
N ALA L 849 -61.27 34.76 -55.27
CA ALA L 849 -61.57 35.10 -56.66
C ALA L 849 -63.06 35.24 -56.88
N LEU L 850 -63.85 34.37 -56.25
CA LEU L 850 -65.30 34.48 -56.38
C LEU L 850 -65.80 35.82 -55.84
N VAL L 851 -65.36 36.18 -54.64
CA VAL L 851 -65.84 37.45 -54.08
C VAL L 851 -65.30 38.63 -54.88
N LEU L 852 -64.08 38.52 -55.40
CA LEU L 852 -63.54 39.60 -56.23
C LEU L 852 -64.34 39.76 -57.51
N SER L 853 -64.75 38.65 -58.12
CA SER L 853 -65.59 38.73 -59.32
C SER L 853 -66.95 39.32 -58.99
N SER L 854 -67.55 38.91 -57.88
CA SER L 854 -68.88 39.40 -57.53
C SER L 854 -68.85 40.90 -57.24
N ASN L 855 -68.00 41.31 -56.30
CA ASN L 855 -67.94 42.70 -55.89
C ASN L 855 -67.14 43.52 -56.89
N HIS L 856 -67.45 44.81 -56.94
CA HIS L 856 -66.68 45.77 -57.72
C HIS L 856 -66.14 46.91 -56.88
N SER L 857 -66.71 47.15 -55.70
CA SER L 857 -66.21 48.21 -54.83
C SER L 857 -64.78 47.92 -54.40
N LEU L 858 -64.49 46.68 -54.04
CA LEU L 858 -63.14 46.32 -53.62
C LEU L 858 -62.19 46.41 -54.81
N THR L 859 -61.12 47.18 -54.64
CA THR L 859 -60.16 47.36 -55.71
C THR L 859 -58.71 47.33 -55.24
N ARG L 860 -58.46 47.06 -53.96
CA ARG L 860 -57.13 47.16 -53.38
C ARG L 860 -56.98 45.98 -52.43
N LEU L 861 -56.33 44.92 -52.88
CA LEU L 861 -56.40 43.62 -52.21
C LEU L 861 -55.00 43.10 -51.93
N TYR L 862 -54.44 43.50 -50.80
CA TYR L 862 -53.18 42.94 -50.35
C TYR L 862 -53.39 41.54 -49.78
N ILE L 863 -52.57 40.60 -50.22
CA ILE L 863 -52.52 39.26 -49.66
C ILE L 863 -51.10 39.02 -49.16
N GLY L 864 -50.46 40.08 -48.70
CA GLY L 864 -49.02 40.16 -48.61
C GLY L 864 -48.28 38.99 -47.98
N GLU L 865 -47.54 38.28 -48.83
CA GLU L 865 -46.52 37.30 -48.44
C GLU L 865 -46.93 36.46 -47.24
N ASN L 866 -48.16 35.96 -47.30
CA ASN L 866 -48.66 34.93 -46.40
C ASN L 866 -48.27 33.55 -46.93
N ALA L 867 -48.89 32.49 -46.42
CA ALA L 867 -48.46 31.14 -46.76
C ALA L 867 -49.22 30.56 -47.96
N LEU L 868 -49.27 31.27 -49.08
CA LEU L 868 -49.79 30.70 -50.32
C LEU L 868 -48.73 30.72 -51.40
N GLY L 869 -49.12 30.30 -52.60
CA GLY L 869 -48.23 30.33 -53.74
C GLY L 869 -48.82 29.69 -54.97
N ASP L 870 -48.05 28.81 -55.60
CA ASP L 870 -48.53 28.02 -56.72
C ASP L 870 -49.75 27.19 -56.31
N SER L 871 -50.40 26.62 -57.33
CA SER L 871 -51.59 25.76 -57.23
C SER L 871 -52.82 26.58 -56.92
N GLY L 872 -52.64 27.84 -56.54
CA GLY L 872 -53.66 28.85 -56.65
C GLY L 872 -53.62 29.58 -57.95
N VAL L 873 -52.66 29.22 -58.81
CA VAL L 873 -52.30 30.03 -59.98
C VAL L 873 -53.47 30.21 -60.94
N GLN L 874 -54.21 29.13 -61.22
CA GLN L 874 -55.38 29.24 -62.07
C GLN L 874 -56.39 30.22 -61.49
N VAL L 875 -56.60 30.16 -60.18
CA VAL L 875 -57.49 31.11 -59.52
C VAL L 875 -56.93 32.53 -59.64
N LEU L 876 -55.62 32.69 -59.40
CA LEU L 876 -54.98 33.99 -59.53
C LEU L 876 -55.30 34.61 -60.87
N CYS L 877 -55.15 33.83 -61.93
CA CYS L 877 -55.48 34.32 -63.26
C CYS L 877 -56.96 34.64 -63.37
N GLU L 878 -57.82 33.68 -63.04
CA GLU L 878 -59.23 33.86 -63.37
C GLU L 878 -59.91 34.88 -62.48
N LYS L 879 -59.24 35.39 -61.44
CA LYS L 879 -59.75 36.60 -60.79
C LYS L 879 -60.00 37.69 -61.82
N MET L 880 -59.02 37.96 -62.66
CA MET L 880 -59.05 39.10 -63.58
C MET L 880 -59.16 38.66 -65.03
N LYS L 881 -59.71 37.47 -65.29
CA LYS L 881 -59.72 36.92 -66.63
C LYS L 881 -60.48 37.80 -67.60
N ASP L 882 -61.34 38.67 -67.11
CA ASP L 882 -62.09 39.61 -67.93
C ASP L 882 -61.80 41.03 -67.47
N PRO L 883 -62.18 42.04 -68.25
CA PRO L 883 -62.09 43.42 -67.77
C PRO L 883 -63.12 43.72 -66.69
N GLN L 884 -63.25 45.00 -66.35
CA GLN L 884 -64.22 45.50 -65.36
C GLN L 884 -64.10 44.78 -64.02
N CYS L 885 -62.93 44.21 -63.73
CA CYS L 885 -62.70 43.62 -62.41
C CYS L 885 -62.52 44.70 -61.35
N ASN L 886 -61.86 45.80 -61.71
CA ASN L 886 -61.64 46.94 -60.83
C ASN L 886 -60.85 46.52 -59.59
N LEU L 887 -59.61 46.11 -59.83
CA LEU L 887 -58.65 45.77 -58.76
C LEU L 887 -57.34 46.51 -59.04
N GLN L 888 -57.21 47.74 -58.52
CA GLN L 888 -56.07 48.58 -58.91
C GLN L 888 -54.76 47.92 -58.51
N LYS L 889 -54.50 47.80 -57.21
CA LYS L 889 -53.28 47.18 -56.72
C LYS L 889 -53.55 45.75 -56.25
N LEU L 890 -52.52 44.93 -56.37
CA LEU L 890 -52.62 43.53 -55.96
C LEU L 890 -51.22 43.14 -55.46
N GLY L 891 -51.03 43.27 -54.15
CA GLY L 891 -49.81 42.76 -53.56
C GLY L 891 -49.75 41.25 -53.63
N LEU L 892 -48.55 40.73 -53.75
CA LEU L 892 -48.37 39.30 -53.91
C LEU L 892 -47.50 38.72 -52.80
N VAL L 893 -47.20 37.43 -52.95
CA VAL L 893 -46.87 36.55 -51.86
C VAL L 893 -45.54 35.87 -52.16
N ASN L 894 -44.88 35.39 -51.11
CA ASN L 894 -43.75 34.50 -51.30
C ASN L 894 -44.30 33.21 -51.89
N SER L 895 -44.16 33.05 -53.20
CA SER L 895 -44.82 31.97 -53.92
C SER L 895 -43.88 30.78 -54.08
N GLY L 896 -44.35 29.77 -54.81
CA GLY L 896 -43.55 28.57 -55.02
C GLY L 896 -43.05 28.44 -56.44
N LEU L 897 -43.65 27.54 -57.22
CA LEU L 897 -43.23 27.36 -58.60
C LEU L 897 -43.53 28.63 -59.40
N THR L 898 -42.47 29.27 -59.88
CA THR L 898 -42.61 30.57 -60.53
C THR L 898 -43.44 30.49 -61.81
N SER L 899 -43.08 29.57 -62.71
CA SER L 899 -43.53 29.64 -64.10
C SER L 899 -45.04 29.81 -64.22
N ILE L 900 -45.81 28.97 -63.52
CA ILE L 900 -47.26 29.01 -63.72
C ILE L 900 -47.85 30.28 -63.14
N CYS L 901 -47.41 30.69 -61.94
CA CYS L 901 -47.98 31.88 -61.33
C CYS L 901 -47.64 33.13 -62.14
N CYS L 902 -46.40 33.23 -62.63
CA CYS L 902 -46.08 34.37 -63.47
C CYS L 902 -46.78 34.28 -64.82
N SER L 903 -47.14 33.09 -65.28
CA SER L 903 -47.97 32.98 -66.47
C SER L 903 -49.36 33.55 -66.21
N ALA L 904 -49.93 33.22 -65.06
CA ALA L 904 -51.20 33.85 -64.67
C ALA L 904 -51.05 35.36 -64.58
N LEU L 905 -49.91 35.82 -64.09
CA LEU L 905 -49.64 37.25 -64.03
C LEU L 905 -49.59 37.85 -65.42
N THR L 906 -49.02 37.12 -66.39
CA THR L 906 -49.04 37.61 -67.76
C THR L 906 -50.45 37.70 -68.29
N SER L 907 -51.28 36.70 -67.98
CA SER L 907 -52.67 36.73 -68.42
C SER L 907 -53.38 37.97 -67.87
N VAL L 908 -53.25 38.21 -66.56
CA VAL L 908 -53.89 39.40 -65.98
C VAL L 908 -53.33 40.67 -66.60
N LEU L 909 -52.01 40.74 -66.77
CA LEU L 909 -51.42 41.96 -67.32
C LEU L 909 -51.92 42.23 -68.73
N LYS L 910 -52.00 41.20 -69.57
CA LYS L 910 -52.46 41.40 -70.94
C LYS L 910 -53.97 41.62 -71.06
N THR L 911 -54.77 41.14 -70.11
CA THR L 911 -56.21 41.27 -70.25
C THR L 911 -56.81 42.37 -69.40
N ASN L 912 -56.52 42.36 -68.10
CA ASN L 912 -57.21 43.21 -67.14
C ASN L 912 -56.82 44.68 -67.33
N GLN L 913 -57.83 45.54 -67.33
CA GLN L 913 -57.61 46.97 -67.28
C GLN L 913 -57.32 47.41 -65.84
N ASN L 914 -57.00 48.69 -65.70
CA ASN L 914 -56.76 49.42 -64.44
C ASN L 914 -56.16 48.55 -63.35
N PHE L 915 -55.09 47.83 -63.69
CA PHE L 915 -54.35 46.99 -62.76
C PHE L 915 -53.03 47.72 -62.52
N THR L 916 -53.02 48.59 -61.51
CA THR L 916 -51.97 49.59 -61.42
C THR L 916 -50.68 49.06 -60.79
N HIS L 917 -50.76 48.17 -59.81
CA HIS L 917 -49.56 47.66 -59.17
C HIS L 917 -49.56 46.14 -59.18
N LEU L 918 -48.36 45.58 -59.02
CA LEU L 918 -48.16 44.14 -58.91
C LEU L 918 -46.92 43.93 -58.05
N TYR L 919 -47.14 43.75 -56.75
CA TYR L 919 -46.06 43.79 -55.77
C TYR L 919 -45.52 42.39 -55.46
N LEU L 920 -44.97 41.76 -56.48
CA LEU L 920 -44.15 40.57 -56.24
C LEU L 920 -42.89 40.97 -55.50
N ARG L 921 -42.70 40.39 -54.31
CA ARG L 921 -41.57 40.77 -53.47
C ARG L 921 -41.10 39.55 -52.69
N SER L 922 -39.78 39.44 -52.53
CA SER L 922 -39.15 38.34 -51.80
C SER L 922 -39.65 36.98 -52.28
N ASN L 923 -39.71 36.84 -53.60
CA ASN L 923 -40.27 35.65 -54.24
C ASN L 923 -39.18 34.92 -55.00
N ALA L 924 -39.23 33.58 -54.95
CA ALA L 924 -38.30 32.76 -55.73
C ALA L 924 -38.78 32.70 -57.18
N LEU L 925 -38.53 33.80 -57.89
CA LEU L 925 -38.92 33.93 -59.30
C LEU L 925 -37.66 33.83 -60.15
N GLY L 926 -37.75 33.05 -61.23
CA GLY L 926 -36.59 32.77 -62.06
C GLY L 926 -36.51 33.65 -63.30
N ASP L 927 -35.39 33.48 -64.00
CA ASP L 927 -35.16 34.26 -65.21
C ASP L 927 -36.22 33.96 -66.25
N THR L 928 -36.60 32.69 -66.41
CA THR L 928 -37.69 32.34 -67.32
C THR L 928 -38.99 32.97 -66.88
N GLY L 929 -39.23 33.01 -65.57
CA GLY L 929 -40.42 33.63 -65.02
C GLY L 929 -40.53 35.08 -65.42
N LEU L 930 -39.54 35.88 -65.02
CA LEU L 930 -39.56 37.29 -65.38
C LEU L 930 -39.50 37.51 -66.90
N ARG L 931 -38.88 36.58 -67.63
CA ARG L 931 -38.89 36.66 -69.09
C ARG L 931 -40.30 36.59 -69.63
N LEU L 932 -41.05 35.57 -69.20
CA LEU L 932 -42.43 35.49 -69.66
C LEU L 932 -43.25 36.64 -69.10
N LEU L 933 -42.86 37.20 -67.95
CA LEU L 933 -43.53 38.41 -67.46
C LEU L 933 -43.37 39.57 -68.45
N CYS L 934 -42.15 39.83 -68.90
CA CYS L 934 -41.99 40.90 -69.87
C CYS L 934 -42.70 40.54 -71.17
N GLU L 935 -42.78 39.25 -71.50
CA GLU L 935 -43.64 38.82 -72.61
C GLU L 935 -45.09 39.19 -72.36
N GLY L 936 -45.53 39.13 -71.11
CA GLY L 936 -46.85 39.63 -70.76
C GLY L 936 -46.95 41.13 -70.97
N LEU L 937 -45.88 41.84 -70.65
CA LEU L 937 -45.80 43.27 -70.95
C LEU L 937 -45.83 43.54 -72.44
N LEU L 938 -45.53 42.54 -73.27
CA LEU L 938 -45.50 42.74 -74.72
C LEU L 938 -46.86 43.12 -75.25
N HIS L 939 -47.93 42.71 -74.58
CA HIS L 939 -49.26 43.18 -74.97
C HIS L 939 -49.30 44.69 -74.79
N PRO L 940 -49.44 45.45 -75.86
CA PRO L 940 -49.55 46.91 -75.73
C PRO L 940 -50.89 47.30 -75.14
N ASP L 941 -51.07 48.60 -74.87
CA ASP L 941 -52.30 49.16 -74.33
C ASP L 941 -52.64 48.57 -72.97
N CYS L 942 -51.72 47.83 -72.36
CA CYS L 942 -51.90 47.33 -71.00
C CYS L 942 -51.41 48.40 -70.03
N LYS L 943 -52.33 48.93 -69.22
CA LYS L 943 -51.99 50.01 -68.31
C LYS L 943 -51.56 49.41 -66.99
N LEU L 944 -50.26 49.28 -66.79
CA LEU L 944 -49.70 48.77 -65.55
C LEU L 944 -48.74 49.82 -65.04
N GLN L 945 -49.07 50.42 -63.90
CA GLN L 945 -48.16 51.36 -63.24
C GLN L 945 -47.09 50.61 -62.46
N MET L 946 -46.53 51.28 -61.45
CA MET L 946 -45.39 50.88 -60.65
C MET L 946 -45.37 49.36 -60.49
N LEU L 947 -44.21 48.74 -60.75
CA LEU L 947 -44.04 47.31 -60.67
C LEU L 947 -42.76 46.99 -59.92
N GLU L 948 -42.65 45.74 -59.44
CA GLU L 948 -41.51 45.34 -58.65
C GLU L 948 -41.19 43.88 -58.88
N LEU L 949 -39.89 43.59 -58.99
CA LEU L 949 -39.35 42.23 -58.98
C LEU L 949 -38.19 42.24 -57.98
N ASP L 950 -38.39 41.64 -56.81
CA ASP L 950 -37.46 41.82 -55.71
C ASP L 950 -36.28 40.85 -55.79
N ASN L 951 -36.56 39.55 -55.78
CA ASN L 951 -35.52 38.54 -55.65
C ASN L 951 -35.57 37.60 -56.85
N CYS L 952 -34.41 37.42 -57.48
CA CYS L 952 -34.29 36.61 -58.69
C CYS L 952 -32.81 36.54 -59.06
N SER L 953 -32.51 35.66 -60.01
CA SER L 953 -31.15 35.53 -60.55
C SER L 953 -31.29 35.41 -62.06
N LEU L 954 -31.10 36.53 -62.76
CA LEU L 954 -31.38 36.62 -64.18
C LEU L 954 -30.09 36.81 -64.97
N THR L 955 -30.16 36.47 -66.26
CA THR L 955 -29.13 36.87 -67.20
C THR L 955 -29.37 38.31 -67.62
N SER L 956 -28.28 39.06 -67.78
CA SER L 956 -28.39 40.49 -67.98
C SER L 956 -28.75 40.82 -69.43
N HIS L 957 -29.79 40.16 -69.93
CA HIS L 957 -30.43 40.56 -71.17
C HIS L 957 -31.92 40.70 -70.89
N SER L 958 -32.40 39.97 -69.89
CA SER L 958 -33.78 40.04 -69.45
C SER L 958 -34.17 41.47 -69.06
N CYS L 959 -33.36 42.09 -68.19
CA CYS L 959 -33.55 43.50 -67.88
C CYS L 959 -33.52 44.35 -69.14
N TRP L 960 -32.66 43.97 -70.10
CA TRP L 960 -32.65 44.68 -71.37
C TRP L 960 -33.99 44.55 -72.08
N ASN L 961 -34.59 43.36 -72.04
CA ASN L 961 -35.89 43.17 -72.67
C ASN L 961 -36.95 44.04 -72.02
N LEU L 962 -36.96 44.09 -70.69
CA LEU L 962 -37.96 44.92 -70.02
C LEU L 962 -37.74 46.40 -70.34
N SER L 963 -36.49 46.84 -70.35
CA SER L 963 -36.24 48.24 -70.68
C SER L 963 -36.67 48.55 -72.12
N THR L 964 -36.32 47.66 -73.06
CA THR L 964 -36.70 47.89 -74.45
C THR L 964 -38.22 47.88 -74.61
N ILE L 965 -38.92 47.05 -73.85
CA ILE L 965 -40.36 47.00 -74.01
C ILE L 965 -41.01 48.23 -73.39
N LEU L 966 -40.41 48.78 -72.33
CA LEU L 966 -40.82 50.09 -71.86
C LEU L 966 -40.57 51.17 -72.93
N THR L 967 -39.44 51.08 -73.63
CA THR L 967 -39.16 52.05 -74.68
C THR L 967 -40.22 51.94 -75.79
N HIS L 968 -40.58 50.71 -76.15
CA HIS L 968 -41.61 50.51 -77.15
C HIS L 968 -42.95 51.07 -76.69
N ASN L 969 -43.29 50.87 -75.42
CA ASN L 969 -44.54 51.39 -74.88
C ASN L 969 -44.35 51.77 -73.43
N HIS L 970 -44.74 52.99 -73.06
CA HIS L 970 -44.51 53.50 -71.71
C HIS L 970 -45.46 52.77 -70.78
N SER L 971 -45.11 51.52 -70.47
CA SER L 971 -45.96 50.66 -69.67
C SER L 971 -46.07 51.16 -68.23
N LEU L 972 -44.95 51.23 -67.53
CA LEU L 972 -44.93 51.53 -66.11
C LEU L 972 -44.20 52.85 -65.85
N ARG L 973 -44.03 53.17 -64.58
CA ARG L 973 -43.36 54.39 -64.15
C ARG L 973 -42.06 54.13 -63.41
N LYS L 974 -42.06 53.29 -62.37
CA LYS L 974 -40.79 52.89 -61.79
C LYS L 974 -40.81 51.40 -61.53
N LEU L 975 -39.70 50.93 -60.97
CA LEU L 975 -39.43 49.51 -60.77
C LEU L 975 -38.39 49.41 -59.68
N ASN L 976 -38.35 48.27 -59.01
CA ASN L 976 -37.31 48.00 -58.04
C ASN L 976 -36.62 46.68 -58.39
N LEU L 977 -35.32 46.64 -58.14
CA LEU L 977 -34.56 45.40 -58.18
C LEU L 977 -33.85 45.30 -56.84
N GLY L 978 -34.15 44.24 -56.08
CA GLY L 978 -33.73 44.21 -54.70
C GLY L 978 -32.48 43.39 -54.50
N ASN L 979 -32.64 42.16 -54.01
CA ASN L 979 -31.49 41.29 -53.80
C ASN L 979 -31.06 40.58 -55.08
N ASN L 980 -31.39 41.16 -56.22
CA ASN L 980 -31.09 40.54 -57.51
C ASN L 980 -29.60 40.63 -57.81
N ASP L 981 -28.95 39.48 -57.90
CA ASP L 981 -27.56 39.42 -58.34
C ASP L 981 -27.53 39.51 -59.86
N LEU L 982 -27.09 40.65 -60.38
CA LEU L 982 -27.25 40.97 -61.80
C LEU L 982 -25.95 41.20 -62.55
N GLY L 983 -24.86 41.52 -61.87
CA GLY L 983 -23.61 41.76 -62.55
C GLY L 983 -23.49 43.17 -63.08
N ASP L 984 -22.24 43.58 -63.31
CA ASP L 984 -21.97 44.93 -63.80
C ASP L 984 -22.65 45.18 -65.14
N LEU L 985 -22.53 44.21 -66.05
CA LEU L 985 -23.08 44.38 -67.39
C LEU L 985 -24.57 44.67 -67.35
N CYS L 986 -25.27 44.15 -66.34
CA CYS L 986 -26.70 44.41 -66.22
C CYS L 986 -26.97 45.89 -66.11
N VAL L 987 -26.43 46.53 -65.07
CA VAL L 987 -26.66 47.96 -64.89
C VAL L 987 -26.02 48.75 -66.02
N VAL L 988 -24.99 48.21 -66.68
CA VAL L 988 -24.41 48.90 -67.84
C VAL L 988 -25.44 48.98 -68.96
N THR L 989 -26.08 47.85 -69.27
CA THR L 989 -27.15 47.86 -70.27
C THR L 989 -28.30 48.73 -69.81
N LEU L 990 -28.61 48.69 -68.51
CA LEU L 990 -29.67 49.53 -67.98
C LEU L 990 -29.38 51.00 -68.22
N CYS L 991 -28.18 51.45 -67.87
CA CYS L 991 -27.86 52.86 -68.02
C CYS L 991 -27.72 53.26 -69.48
N GLU L 992 -27.26 52.39 -70.36
CA GLU L 992 -27.27 52.75 -71.78
C GLU L 992 -28.70 52.94 -72.30
N VAL L 993 -29.56 51.96 -72.05
CA VAL L 993 -30.90 52.03 -72.62
C VAL L 993 -31.67 53.20 -72.02
N LEU L 994 -31.48 53.49 -70.73
CA LEU L 994 -32.13 54.68 -70.20
C LEU L 994 -31.44 55.93 -70.72
N LYS L 995 -30.16 55.84 -71.06
CA LYS L 995 -29.41 57.00 -71.53
C LYS L 995 -30.00 57.49 -72.84
N GLN L 996 -30.37 56.56 -73.72
CA GLN L 996 -30.95 56.93 -75.01
C GLN L 996 -32.47 56.85 -74.86
N GLN L 997 -33.09 58.00 -74.62
CA GLN L 997 -34.55 58.13 -74.53
C GLN L 997 -35.11 57.11 -73.53
N GLY L 998 -34.74 57.32 -72.28
CA GLY L 998 -35.00 56.39 -71.19
C GLY L 998 -36.30 55.62 -71.18
N CYS L 999 -36.18 54.31 -70.92
CA CYS L 999 -37.33 53.41 -70.96
C CYS L 999 -38.40 53.85 -69.98
N LEU L 1000 -38.07 53.79 -68.69
CA LEU L 1000 -38.96 54.31 -67.66
C LEU L 1000 -38.97 55.83 -67.70
N LEU L 1001 -39.94 56.41 -67.00
CA LEU L 1001 -40.10 57.86 -66.99
C LEU L 1001 -40.12 58.46 -65.59
N GLN L 1002 -40.22 57.67 -64.54
CA GLN L 1002 -40.30 58.21 -63.19
C GLN L 1002 -39.11 57.84 -62.32
N SER L 1003 -38.83 56.57 -62.09
CA SER L 1003 -37.82 56.21 -61.11
C SER L 1003 -37.36 54.77 -61.33
N LEU L 1004 -36.39 54.37 -60.52
CA LEU L 1004 -35.84 53.02 -60.50
C LEU L 1004 -35.04 52.88 -59.21
N GLN L 1005 -35.18 51.73 -58.55
CA GLN L 1005 -34.55 51.52 -57.25
C GLN L 1005 -33.68 50.28 -57.28
N LEU L 1006 -32.42 50.45 -56.90
CA LEU L 1006 -31.45 49.36 -56.85
C LEU L 1006 -30.85 49.34 -55.45
N GLY L 1007 -30.79 48.16 -54.83
CA GLY L 1007 -30.20 48.06 -53.51
C GLY L 1007 -29.31 46.84 -53.39
N GLU L 1008 -28.37 46.93 -52.46
CA GLU L 1008 -27.45 45.84 -52.03
C GLU L 1008 -26.77 45.15 -53.22
N MET L 1009 -25.93 45.92 -53.91
CA MET L 1009 -24.91 45.34 -54.79
C MET L 1009 -23.53 45.81 -54.39
N TYR L 1010 -22.54 44.93 -54.60
CA TYR L 1010 -21.13 45.23 -54.43
C TYR L 1010 -20.43 45.36 -55.78
N LEU L 1011 -21.12 45.95 -56.75
CA LEU L 1011 -20.63 46.00 -58.13
C LEU L 1011 -19.50 47.00 -58.26
N ASN L 1012 -18.74 46.88 -59.36
CA ASN L 1012 -17.62 47.77 -59.57
C ASN L 1012 -18.11 49.19 -59.84
N ARG L 1013 -17.19 50.14 -59.70
CA ARG L 1013 -17.60 51.52 -59.50
C ARG L 1013 -17.81 52.30 -60.80
N GLU L 1014 -17.29 51.85 -61.94
CA GLU L 1014 -17.59 52.55 -63.18
C GLU L 1014 -19.08 52.45 -63.50
N THR L 1015 -19.77 51.46 -62.93
CA THR L 1015 -21.21 51.46 -62.98
C THR L 1015 -21.75 52.66 -62.23
N LYS L 1016 -21.19 52.95 -61.05
CA LYS L 1016 -21.64 54.09 -60.29
C LYS L 1016 -21.38 55.38 -61.07
N ARG L 1017 -20.22 55.48 -61.73
CA ARG L 1017 -19.94 56.71 -62.46
C ARG L 1017 -20.96 56.90 -63.58
N ALA L 1018 -21.27 55.84 -64.31
CA ALA L 1018 -22.26 55.98 -65.39
C ALA L 1018 -23.62 56.38 -64.83
N LEU L 1019 -24.04 55.74 -63.73
CA LEU L 1019 -25.36 56.03 -63.20
C LEU L 1019 -25.42 57.44 -62.63
N GLU L 1020 -24.36 57.88 -61.95
CA GLU L 1020 -24.37 59.22 -61.37
C GLU L 1020 -24.31 60.26 -62.48
N ALA L 1021 -23.65 59.93 -63.58
CA ALA L 1021 -23.62 60.84 -64.72
C ALA L 1021 -25.02 61.06 -65.28
N LEU L 1022 -25.69 59.97 -65.67
CA LEU L 1022 -26.87 60.09 -66.52
C LEU L 1022 -28.02 60.94 -65.95
N GLN L 1023 -28.24 60.97 -64.64
CA GLN L 1023 -29.41 61.69 -64.14
C GLN L 1023 -29.29 63.20 -64.30
N GLU L 1024 -28.08 63.74 -64.20
CA GLU L 1024 -27.93 65.19 -64.24
C GLU L 1024 -28.12 65.71 -65.66
N GLU L 1025 -27.68 64.95 -66.67
CA GLU L 1025 -28.00 65.34 -68.04
C GLU L 1025 -29.46 65.06 -68.36
N LYS L 1026 -29.97 63.90 -67.96
CA LYS L 1026 -31.38 63.55 -68.16
C LYS L 1026 -32.05 63.30 -66.83
N PRO L 1027 -32.88 64.22 -66.33
CA PRO L 1027 -33.65 63.96 -65.11
C PRO L 1027 -34.92 63.16 -65.32
N GLU L 1028 -35.10 62.59 -66.53
CA GLU L 1028 -36.25 61.72 -66.79
C GLU L 1028 -36.28 60.56 -65.81
N LEU L 1029 -35.15 59.86 -65.68
CA LEU L 1029 -34.93 58.92 -64.58
C LEU L 1029 -34.61 59.75 -63.35
N THR L 1030 -35.66 60.14 -62.62
CA THR L 1030 -35.50 61.08 -61.53
C THR L 1030 -34.53 60.58 -60.47
N ILE L 1031 -34.49 59.27 -60.22
CA ILE L 1031 -33.62 58.74 -59.19
C ILE L 1031 -33.33 57.27 -59.45
N VAL L 1032 -32.11 56.88 -59.12
CA VAL L 1032 -31.75 55.49 -58.87
C VAL L 1032 -31.31 55.41 -57.42
N PHE L 1033 -31.89 54.48 -56.66
CA PHE L 1033 -31.50 54.35 -55.27
C PHE L 1033 -30.03 53.95 -55.22
N GLU L 1034 -29.20 54.87 -54.76
CA GLU L 1034 -27.78 54.59 -54.57
C GLU L 1034 -27.60 53.47 -53.55
N ILE L 1035 -26.65 52.57 -53.84
CA ILE L 1035 -26.49 51.37 -53.03
C ILE L 1035 -26.01 51.75 -51.64
N SER L 1036 -24.80 52.29 -51.56
CA SER L 1036 -24.23 52.70 -50.29
C SER L 1036 -23.50 54.03 -50.37
N TRP L 1037 -23.20 54.53 -51.56
CA TRP L 1037 -22.35 55.71 -51.70
C TRP L 1037 -23.03 56.78 -52.53
#